data_9QCC
#
_entry.id   9QCC
#
_cell.length_a   1.00
_cell.length_b   1.00
_cell.length_c   1.00
_cell.angle_alpha   90.00
_cell.angle_beta   90.00
_cell.angle_gamma   90.00
#
_symmetry.space_group_name_H-M   'P 1'
#
loop_
_entity.id
_entity.type
_entity.pdbx_description
1 polymer 'DUF4365 domain-containing protein'
2 polymer 'Protein argonaute'
3 polymer "DNA (5'-D(*AP*TP*TP*CP*GP*GP*CP*CP*GP*TP*GP*TP*AP*CP*AP*AP*T)-3')"
4 polymer "RNA (5'-R(P*AP*UP*UP*GP*UP*AP*CP*AP*CP*GP*GP*CP*CP*GP*AP*AP*U)-3')"
5 polymer 'dsDNA substrate, first strand'
6 polymer 'dsDNA substrate, second strand'
7 non-polymer 'CALCIUM ION'
#
loop_
_entity_poly.entity_id
_entity_poly.type
_entity_poly.pdbx_seq_one_letter_code
_entity_poly.pdbx_strand_id
1 'polypeptide(L)'
;MGGSHHHHHHGMASMSKRITDSQVLGELGETAIKKIVLETGFLYEQRGRLEAGTDGIIELRDPKSGAPLGKLLGVQVKST
ESGQYVRENDNSFEYLLKPDDLKYWRTSNIPVIIVLWRKSDETAYWKDVSDCVRGEERRLKFDKGTDVFDPRSADRIGAL
TIDRRTPGVFLPPLNKGEDAIINLLRIRLPDEIFISTSPFGSGRDAVPELVKHGNVRFDWVIRKRRFVSFFDPREYGTRA
IVDLDQVEAVDTKLIAFNDEQDDLNDTMDLLRRTVERQTATQLSFLRKDRLFHFKAVGVGKSRSYRYMSNVNETSAKVVS
AYSSKKKDGWGYVRHHAARLRFERLADEWFLVIDPDFHFTTDGFQPHRYPEALLAGKKRLERNAAVRGQVTMWQHLLVES
GKHEVGLFDADKPAPLLQFERLPVIQLSQAVPESSWNRTDPRAKEMEAQDLFEEGGVG
;
A,E,I,M,Q,U,W,Y
2 'polypeptide(L)'
;MTFKAHVFDEPMLEFGDGGQHCDPRQGLREHGPLQPRSGDVIRVGVIGTDDTVAGFTEFLAETGRGIESGNKQLINLNPD
FPGLGNQNPFRCKFEVPDGATVTISRRQVNDITGIGRHDEAVRHAVELISSQLSALVEGSAKPDVIVLALPIPLIEKLVN
AKSEGEDSDDDVDGGDMLNFRDLLKAKTLHLPVPTQIVWPDTWDDAAKIPRKIKRDSNRQTQVKATRAWNLLNALFYKAG
KVPWRLLPDQAEYRTSFLGIGFYRDLDGQQLWTSTAQMFDERGRGLILRGARAQTETRGRHPYLTAKDAEDLVVQSIAAY
KAHHRHVPARLVVLKTSRFRSEEAEGIDAALGKSGIEMSDLVWVQESSPIAIFRDGNYPVLRGTFVDLDGKGLLYTRGSV
PFYGTFPGLRVPRPLLLVPHENSDSTILTLAKDVLALTKVNWNTTQFDQKLPAPIKAAREVGRILKHVEFGTAVSSDFRR
YT
;
B,F,J,N,R,V,X,Z
3 'polydeoxyribonucleotide' (DA)(DT)(DT)(DC)(DG)(DG)(DC)(DC)(DG)(DT)(DG)(DT)(DA)(DC)(DA)(DA)(DT) C,G,K,O,1,3,5,7
4 'polyribonucleotide' AUUGUACACGGCCGAAU D,H,L,P,2,4,6,8
5 'polydeoxyribonucleotide'
;(DA)(DT)(DA)(DA)(DT)(DG)(DG)(DT)(DT)(DT)(DC)(DT)(DT)(DA)(DG)(DA)(DC)(DG)(DT)(DC)
(DG)(DT)(DT)(DT)(DT)(DA)(DG)(DA)(DG)(DC)(DT)(DG)(DT)(DG)(DT)(DT)(DG)(DT)(DT)(DT)
(DC)(DG)
;
S
6 'polydeoxyribonucleotide'
;(DC)(DG)(DA)(DA)(DA)(DC)(DA)(DA)(DC)(DA)(DC)(DA)(DG)(DC)(DT)(DC)(DT)(DA)(DA)(DA)
(DA)(DC)(DG)(DA)(DC)(DG)(DT)(DC)(DT)(DA)(DA)(DG)(DA)(DA)(DA)(DC)(DC)(DA)(DT)(DT)
(DA)(DT)
;
T
#
loop_
_chem_comp.id
_chem_comp.type
_chem_comp.name
_chem_comp.formula
A RNA linking ADENOSINE-5'-MONOPHOSPHATE 'C10 H14 N5 O7 P'
C RNA linking CYTIDINE-5'-MONOPHOSPHATE 'C9 H14 N3 O8 P'
CA non-polymer 'CALCIUM ION' 'Ca 2'
DA DNA linking 2'-DEOXYADENOSINE-5'-MONOPHOSPHATE 'C10 H14 N5 O6 P'
DC DNA linking 2'-DEOXYCYTIDINE-5'-MONOPHOSPHATE 'C9 H14 N3 O7 P'
DG DNA linking 2'-DEOXYGUANOSINE-5'-MONOPHOSPHATE 'C10 H14 N5 O7 P'
DT DNA linking THYMIDINE-5'-MONOPHOSPHATE 'C10 H15 N2 O8 P'
G RNA linking GUANOSINE-5'-MONOPHOSPHATE 'C10 H14 N5 O8 P'
U RNA linking URIDINE-5'-MONOPHOSPHATE 'C9 H13 N2 O9 P'
#
# COMPACT_ATOMS: atom_id res chain seq x y z
N SER A 16 33.34 -29.23 -29.00
CA SER A 16 33.32 -28.86 -30.41
C SER A 16 32.54 -27.57 -30.62
N LYS A 17 31.57 -27.31 -29.74
CA LYS A 17 30.81 -26.07 -29.79
C LYS A 17 31.74 -24.88 -29.57
N ARG A 18 31.59 -23.86 -30.41
CA ARG A 18 32.43 -22.68 -30.34
C ARG A 18 31.58 -21.43 -30.43
N ILE A 19 31.90 -20.43 -29.62
CA ILE A 19 31.30 -19.10 -29.69
C ILE A 19 32.42 -18.14 -30.08
N THR A 20 32.48 -17.79 -31.36
CA THR A 20 33.58 -16.98 -31.86
C THR A 20 33.52 -15.57 -31.27
N ASP A 21 34.68 -14.90 -31.28
CA ASP A 21 34.76 -13.56 -30.74
C ASP A 21 33.89 -12.56 -31.50
N SER A 22 33.52 -12.88 -32.74
CA SER A 22 32.65 -11.99 -33.50
C SER A 22 31.26 -11.91 -32.88
N GLN A 23 30.67 -13.06 -32.54
CA GLN A 23 29.35 -13.07 -31.93
C GLN A 23 29.38 -12.42 -30.54
N VAL A 24 30.41 -12.70 -29.77
CA VAL A 24 30.55 -12.08 -28.44
C VAL A 24 30.68 -10.57 -28.58
N LEU A 25 31.46 -10.12 -29.56
CA LEU A 25 31.63 -8.69 -29.79
C LEU A 25 30.32 -8.04 -30.21
N GLY A 26 29.55 -8.70 -31.07
CA GLY A 26 28.25 -8.16 -31.47
C GLY A 26 27.30 -8.05 -30.30
N GLU A 27 27.23 -9.10 -29.48
CA GLU A 27 26.37 -9.05 -28.29
C GLU A 27 26.84 -7.96 -27.33
N LEU A 28 28.15 -7.79 -27.17
CA LEU A 28 28.68 -6.74 -26.32
C LEU A 28 28.32 -5.36 -26.85
N GLY A 29 28.38 -5.18 -28.17
CA GLY A 29 27.98 -3.90 -28.75
C GLY A 29 26.50 -3.62 -28.53
N GLU A 30 25.66 -4.63 -28.71
CA GLU A 30 24.23 -4.45 -28.44
C GLU A 30 23.99 -4.08 -26.98
N THR A 31 24.68 -4.77 -26.06
CA THR A 31 24.53 -4.47 -24.64
C THR A 31 25.01 -3.07 -24.31
N ALA A 32 26.11 -2.63 -24.92
CA ALA A 32 26.62 -1.28 -24.69
C ALA A 32 25.65 -0.23 -25.20
N ILE A 33 25.04 -0.46 -26.36
CA ILE A 33 24.07 0.48 -26.89
C ILE A 33 22.84 0.53 -25.99
N LYS A 34 22.39 -0.62 -25.49
CA LYS A 34 21.28 -0.65 -24.55
C LYS A 34 21.62 0.12 -23.28
N LYS A 35 22.85 -0.04 -22.79
CA LYS A 35 23.29 0.68 -21.59
C LYS A 35 23.30 2.19 -21.84
N ILE A 36 23.77 2.61 -23.02
CA ILE A 36 23.76 4.03 -23.36
C ILE A 36 22.34 4.56 -23.41
N VAL A 37 21.43 3.79 -24.01
CA VAL A 37 20.03 4.21 -24.10
C VAL A 37 19.42 4.35 -22.71
N LEU A 38 19.69 3.38 -21.84
CA LEU A 38 19.16 3.46 -20.48
C LEU A 38 19.78 4.60 -19.69
N GLU A 39 21.06 4.91 -19.94
CA GLU A 39 21.67 6.09 -19.34
C GLU A 39 20.97 7.37 -19.81
N THR A 40 20.57 7.40 -21.08
CA THR A 40 19.82 8.55 -21.59
C THR A 40 18.51 8.72 -20.84
N GLY A 41 17.81 7.62 -20.59
CA GLY A 41 16.51 7.66 -19.93
C GLY A 41 15.39 7.00 -20.71
N PHE A 42 15.65 6.48 -21.90
CA PHE A 42 14.63 5.84 -22.70
C PHE A 42 14.49 4.37 -22.29
N LEU A 43 13.69 3.63 -23.04
CA LEU A 43 13.51 2.20 -22.84
C LEU A 43 14.01 1.46 -24.08
N TYR A 44 14.68 0.34 -23.87
CA TYR A 44 15.25 -0.45 -24.96
C TYR A 44 14.71 -1.86 -24.89
N GLU A 45 14.22 -2.36 -26.01
CA GLU A 45 13.72 -3.73 -26.12
C GLU A 45 14.54 -4.47 -27.16
N GLN A 46 15.10 -5.61 -26.76
CA GLN A 46 15.95 -6.41 -27.62
C GLN A 46 15.13 -7.48 -28.33
N ARG A 47 15.29 -7.58 -29.65
CA ARG A 47 14.53 -8.54 -30.43
C ARG A 47 15.18 -9.92 -30.36
N GLY A 48 14.35 -10.95 -30.49
CA GLY A 48 14.78 -12.33 -30.32
C GLY A 48 15.49 -12.90 -31.52
N ARG A 49 15.42 -14.23 -31.65
CA ARG A 49 16.10 -14.92 -32.73
C ARG A 49 15.55 -14.51 -34.09
N LEU A 50 14.24 -14.27 -34.18
CA LEU A 50 13.58 -13.95 -35.43
C LEU A 50 13.76 -12.50 -35.85
N GLU A 51 14.73 -11.79 -35.27
CA GLU A 51 15.03 -10.43 -35.71
C GLU A 51 15.55 -10.44 -37.14
N ALA A 52 15.22 -9.39 -37.89
CA ALA A 52 15.67 -9.26 -39.27
C ALA A 52 15.84 -7.79 -39.56
N GLY A 53 17.09 -7.33 -39.64
CA GLY A 53 17.37 -5.94 -40.01
C GLY A 53 17.08 -4.92 -38.93
N THR A 54 16.81 -5.36 -37.71
CA THR A 54 16.55 -4.43 -36.60
C THR A 54 17.03 -5.09 -35.32
N ASP A 55 18.05 -4.51 -34.69
CA ASP A 55 18.60 -5.11 -33.48
C ASP A 55 17.69 -4.88 -32.27
N GLY A 56 16.98 -3.75 -32.23
CA GLY A 56 16.13 -3.48 -31.09
C GLY A 56 15.18 -2.34 -31.38
N ILE A 57 14.41 -1.98 -30.35
CA ILE A 57 13.44 -0.89 -30.43
C ILE A 57 13.66 0.05 -29.26
N ILE A 58 13.78 1.35 -29.55
CA ILE A 58 13.88 2.38 -28.54
C ILE A 58 12.52 3.04 -28.37
N GLU A 59 12.04 3.12 -27.14
CA GLU A 59 10.83 3.82 -26.78
C GLU A 59 11.20 5.05 -25.94
N LEU A 60 10.72 6.21 -26.36
CA LEU A 60 11.03 7.44 -25.64
C LEU A 60 10.31 7.48 -24.31
N ARG A 61 10.87 8.25 -23.38
CA ARG A 61 10.30 8.40 -22.04
C ARG A 61 10.67 9.78 -21.52
N ASP A 62 9.68 10.49 -20.97
CA ASP A 62 9.89 11.83 -20.47
C ASP A 62 10.85 11.80 -19.28
N PRO A 63 11.97 12.52 -19.34
CA PRO A 63 12.89 12.53 -18.19
C PRO A 63 12.29 13.08 -16.92
N LYS A 64 11.36 14.04 -17.03
CA LYS A 64 10.81 14.68 -15.84
C LYS A 64 9.70 13.83 -15.23
N SER A 65 8.66 13.51 -16.01
CA SER A 65 7.51 12.78 -15.50
C SER A 65 7.72 11.27 -15.50
N GLY A 66 8.74 10.77 -16.18
CA GLY A 66 8.94 9.34 -16.27
C GLY A 66 7.89 8.60 -17.06
N ALA A 67 7.03 9.30 -17.78
CA ALA A 67 5.96 8.67 -18.54
C ALA A 67 6.47 8.28 -19.92
N PRO A 68 6.35 7.02 -20.32
CA PRO A 68 6.72 6.64 -21.69
C PRO A 68 5.88 7.39 -22.71
N LEU A 69 6.52 7.78 -23.81
CA LEU A 69 5.88 8.58 -24.85
C LEU A 69 5.26 7.75 -25.95
N GLY A 70 5.41 6.43 -25.91
CA GLY A 70 4.78 5.55 -26.87
C GLY A 70 5.31 5.65 -28.29
N LYS A 71 6.39 6.38 -28.50
CA LYS A 71 6.95 6.55 -29.84
C LYS A 71 8.20 5.68 -29.97
N LEU A 72 8.14 4.72 -30.89
CA LEU A 72 9.20 3.74 -31.05
C LEU A 72 10.06 4.05 -32.27
N LEU A 73 11.30 3.57 -32.22
CA LEU A 73 12.20 3.67 -33.37
C LEU A 73 13.12 2.47 -33.39
N GLY A 74 13.28 1.86 -34.56
CA GLY A 74 14.15 0.70 -34.68
C GLY A 74 15.62 1.08 -34.63
N VAL A 75 16.44 0.15 -34.17
CA VAL A 75 17.87 0.36 -34.00
C VAL A 75 18.61 -0.85 -34.55
N GLN A 76 19.59 -0.61 -35.41
CA GLN A 76 20.50 -1.65 -35.89
C GLN A 76 21.91 -1.28 -35.44
N VAL A 77 22.54 -2.18 -34.69
CA VAL A 77 23.84 -1.93 -34.08
C VAL A 77 24.89 -2.78 -34.80
N LYS A 78 25.94 -2.13 -35.28
CA LYS A 78 27.08 -2.80 -35.87
C LYS A 78 28.32 -2.51 -35.02
N SER A 79 29.00 -3.55 -34.59
CA SER A 79 30.11 -3.44 -33.66
C SER A 79 31.40 -3.91 -34.32
N THR A 80 32.47 -3.16 -34.07
CA THR A 80 33.81 -3.51 -34.54
C THR A 80 34.76 -3.48 -33.36
N GLU A 81 35.64 -4.49 -33.30
CA GLU A 81 36.66 -4.51 -32.25
C GLU A 81 37.62 -3.32 -32.39
N SER A 82 38.06 -3.06 -33.61
CA SER A 82 38.95 -1.94 -33.92
C SER A 82 38.94 -1.77 -35.43
N GLY A 83 39.81 -0.90 -35.94
CA GLY A 83 39.88 -0.68 -37.37
C GLY A 83 39.12 0.55 -37.81
N GLN A 84 39.75 1.39 -38.63
CA GLN A 84 39.13 2.62 -39.10
C GLN A 84 37.99 2.31 -40.05
N TYR A 85 37.00 3.21 -40.08
CA TYR A 85 35.88 3.10 -41.00
C TYR A 85 36.32 3.55 -42.39
N VAL A 86 35.36 3.71 -43.29
CA VAL A 86 35.65 4.11 -44.66
C VAL A 86 35.95 5.61 -44.68
N ARG A 87 37.12 5.97 -45.20
CA ARG A 87 37.55 7.37 -45.33
C ARG A 87 37.48 8.09 -43.98
N GLU A 88 37.93 7.41 -42.93
CA GLU A 88 37.90 8.00 -41.59
C GLU A 88 38.98 9.08 -41.47
N ASN A 89 38.63 10.16 -40.77
CA ASN A 89 39.57 11.23 -40.46
C ASN A 89 39.28 11.71 -39.05
N ASP A 90 39.87 12.86 -38.69
CA ASP A 90 39.69 13.38 -37.34
C ASP A 90 38.30 13.99 -37.15
N ASN A 91 37.67 14.46 -38.22
CA ASN A 91 36.42 15.19 -38.12
C ASN A 91 35.19 14.35 -38.46
N SER A 92 35.32 13.35 -39.34
CA SER A 92 34.16 12.59 -39.78
C SER A 92 34.64 11.29 -40.42
N PHE A 93 33.69 10.42 -40.75
CA PHE A 93 33.98 9.20 -41.48
C PHE A 93 32.75 8.82 -42.30
N GLU A 94 32.83 7.69 -43.00
CA GLU A 94 31.77 7.27 -43.90
C GLU A 94 31.47 5.80 -43.68
N TYR A 95 30.23 5.42 -43.97
CA TYR A 95 29.78 4.05 -43.83
C TYR A 95 28.87 3.70 -45.01
N LEU A 96 28.89 2.41 -45.39
CA LEU A 96 28.11 1.92 -46.52
C LEU A 96 27.14 0.86 -46.03
N LEU A 97 25.87 1.00 -46.41
CA LEU A 97 24.83 0.08 -46.00
C LEU A 97 24.61 -1.02 -47.02
N LYS A 98 24.06 -2.14 -46.56
CA LYS A 98 23.63 -3.19 -47.47
C LYS A 98 22.33 -2.77 -48.15
N PRO A 99 22.13 -3.16 -49.42
CA PRO A 99 20.92 -2.72 -50.12
C PRO A 99 19.65 -3.35 -49.58
N ASP A 100 19.67 -4.65 -49.27
CA ASP A 100 18.49 -5.31 -48.74
C ASP A 100 18.10 -4.74 -47.38
N ASP A 101 19.10 -4.44 -46.54
CA ASP A 101 18.82 -3.83 -45.25
C ASP A 101 18.16 -2.46 -45.42
N LEU A 102 18.65 -1.67 -46.37
CA LEU A 102 18.06 -0.36 -46.62
C LEU A 102 16.62 -0.50 -47.12
N LYS A 103 16.37 -1.45 -48.01
CA LYS A 103 15.01 -1.68 -48.50
C LYS A 103 14.08 -2.08 -47.35
N TYR A 104 14.54 -2.99 -46.49
CA TYR A 104 13.72 -3.42 -45.37
C TYR A 104 13.45 -2.26 -44.42
N TRP A 105 14.45 -1.42 -44.18
CA TRP A 105 14.25 -0.26 -43.30
C TRP A 105 13.27 0.73 -43.92
N ARG A 106 13.31 0.89 -45.24
CA ARG A 106 12.40 1.81 -45.90
C ARG A 106 10.97 1.28 -45.97
N THR A 107 10.78 -0.04 -45.96
CA THR A 107 9.41 -0.56 -46.01
C THR A 107 8.76 -0.70 -44.64
N SER A 108 9.43 -0.27 -43.58
CA SER A 108 8.86 -0.33 -42.23
C SER A 108 7.95 0.87 -42.01
N ASN A 109 7.45 1.02 -40.78
CA ASN A 109 6.59 2.15 -40.43
C ASN A 109 7.11 2.95 -39.24
N ILE A 110 8.34 2.69 -38.80
CA ILE A 110 8.94 3.45 -37.71
C ILE A 110 10.32 3.92 -38.17
N PRO A 111 10.84 5.03 -37.63
CA PRO A 111 12.21 5.44 -37.97
C PRO A 111 13.21 4.38 -37.53
N VAL A 112 14.24 4.18 -38.36
CA VAL A 112 15.28 3.21 -38.09
C VAL A 112 16.62 3.95 -38.07
N ILE A 113 17.36 3.78 -36.98
CA ILE A 113 18.70 4.36 -36.85
C ILE A 113 19.71 3.24 -36.84
N ILE A 114 20.92 3.55 -37.26
CA ILE A 114 22.05 2.62 -37.23
C ILE A 114 23.12 3.21 -36.33
N VAL A 115 23.62 2.41 -35.40
CA VAL A 115 24.64 2.83 -34.45
C VAL A 115 25.86 1.93 -34.64
N LEU A 116 27.01 2.56 -34.86
CA LEU A 116 28.28 1.86 -34.99
C LEU A 116 29.04 2.01 -33.68
N TRP A 117 29.47 0.87 -33.13
CA TRP A 117 30.14 0.82 -31.83
C TRP A 117 31.53 0.25 -32.01
N ARG A 118 32.54 1.03 -31.67
CA ARG A 118 33.94 0.62 -31.74
C ARG A 118 34.42 0.35 -30.32
N LYS A 119 34.91 -0.89 -30.10
CA LYS A 119 35.32 -1.34 -28.77
C LYS A 119 36.69 -0.78 -28.37
N SER A 120 37.59 -0.59 -29.34
CA SER A 120 38.96 -0.18 -29.02
C SER A 120 38.97 1.17 -28.31
N ASP A 121 38.22 2.13 -28.83
CA ASP A 121 38.10 3.45 -28.21
C ASP A 121 36.77 3.65 -27.48
N GLU A 122 35.91 2.62 -27.46
CA GLU A 122 34.63 2.65 -26.76
C GLU A 122 33.79 3.85 -27.21
N THR A 123 33.53 3.89 -28.52
CA THR A 123 32.79 5.00 -29.11
C THR A 123 31.55 4.49 -29.82
N ALA A 124 30.51 5.32 -29.83
CA ALA A 124 29.26 4.99 -30.50
C ALA A 124 28.83 6.18 -31.36
N TYR A 125 28.54 5.90 -32.62
CA TYR A 125 28.10 6.93 -33.56
C TYR A 125 26.81 6.48 -34.23
N TRP A 126 25.78 7.33 -34.15
CA TRP A 126 24.46 6.97 -34.65
C TRP A 126 24.08 7.86 -35.82
N LYS A 127 23.25 7.31 -36.71
CA LYS A 127 22.72 8.09 -37.82
C LYS A 127 21.43 7.46 -38.31
N ASP A 128 20.51 8.31 -38.77
CA ASP A 128 19.29 7.83 -39.42
C ASP A 128 19.65 7.15 -40.73
N VAL A 129 19.06 5.98 -40.97
CA VAL A 129 19.36 5.22 -42.18
C VAL A 129 18.87 5.93 -43.43
N SER A 130 17.90 6.82 -43.31
CA SER A 130 17.42 7.58 -44.46
C SER A 130 18.22 8.85 -44.72
N ASP A 131 19.15 9.20 -43.83
CA ASP A 131 19.98 10.39 -44.01
C ASP A 131 21.19 10.00 -44.87
N CYS A 132 20.92 9.80 -46.15
CA CYS A 132 21.94 9.36 -47.09
C CYS A 132 22.72 10.55 -47.64
N VAL A 133 23.97 10.29 -48.06
CA VAL A 133 24.78 11.32 -48.67
C VAL A 133 24.13 11.76 -49.97
N ARG A 134 24.14 13.08 -50.22
CA ARG A 134 23.53 13.64 -51.41
C ARG A 134 24.05 12.98 -52.67
N GLY A 135 23.13 12.38 -53.44
CA GLY A 135 23.47 11.70 -54.67
C GLY A 135 23.79 10.22 -54.53
N GLU A 136 23.89 9.71 -53.31
CA GLU A 136 24.18 8.29 -53.08
C GLU A 136 23.15 7.71 -52.13
N GLU A 137 22.63 6.53 -52.48
CA GLU A 137 21.55 5.93 -51.70
C GLU A 137 22.06 5.28 -50.42
N ARG A 138 23.23 4.65 -50.45
CA ARG A 138 23.66 3.77 -49.37
C ARG A 138 24.90 4.27 -48.63
N ARG A 139 25.21 5.55 -48.71
CA ARG A 139 26.35 6.12 -48.00
C ARG A 139 25.87 7.04 -46.89
N LEU A 140 26.41 6.85 -45.69
CA LEU A 140 26.13 7.71 -44.55
C LEU A 140 27.43 8.37 -44.11
N LYS A 141 27.45 9.69 -44.08
CA LYS A 141 28.64 10.46 -43.68
C LYS A 141 28.47 10.84 -42.22
N PHE A 142 29.07 10.06 -41.34
CA PHE A 142 28.98 10.29 -39.90
C PHE A 142 29.89 11.45 -39.52
N ASP A 143 29.32 12.46 -38.88
CA ASP A 143 30.10 13.59 -38.36
C ASP A 143 30.53 13.24 -36.95
N LYS A 144 31.85 13.12 -36.74
CA LYS A 144 32.38 12.66 -35.46
C LYS A 144 32.09 13.63 -34.32
N GLY A 145 31.69 14.86 -34.62
CA GLY A 145 31.41 15.83 -33.59
C GLY A 145 29.97 15.89 -33.13
N THR A 146 29.03 15.65 -34.06
CA THR A 146 27.61 15.79 -33.77
C THR A 146 26.85 14.48 -33.77
N ASP A 147 27.44 13.38 -34.24
CA ASP A 147 26.74 12.11 -34.34
C ASP A 147 27.10 11.16 -33.20
N VAL A 148 27.74 11.65 -32.15
CA VAL A 148 28.09 10.80 -31.02
C VAL A 148 26.82 10.32 -30.33
N PHE A 149 26.74 9.02 -30.07
CA PHE A 149 25.58 8.43 -29.41
C PHE A 149 25.78 8.52 -27.90
N ASP A 150 25.01 9.39 -27.26
CA ASP A 150 25.10 9.67 -25.83
C ASP A 150 23.84 10.42 -25.39
N PRO A 151 23.65 10.67 -24.09
CA PRO A 151 22.44 11.40 -23.67
C PRO A 151 22.25 12.75 -24.34
N ARG A 152 23.34 13.47 -24.65
CA ARG A 152 23.21 14.79 -25.26
C ARG A 152 22.47 14.75 -26.58
N SER A 153 22.50 13.60 -27.27
CA SER A 153 21.84 13.45 -28.56
C SER A 153 20.37 13.07 -28.44
N ALA A 154 19.88 12.88 -27.21
CA ALA A 154 18.54 12.32 -27.00
C ALA A 154 17.48 13.08 -27.79
N ASP A 155 17.45 14.40 -27.62
CA ASP A 155 16.47 15.22 -28.34
C ASP A 155 16.49 14.93 -29.83
N ARG A 156 17.67 14.91 -30.42
CA ARG A 156 17.78 14.65 -31.86
C ARG A 156 17.15 13.30 -32.21
N ILE A 157 17.42 12.27 -31.40
CA ILE A 157 16.82 10.97 -31.64
C ILE A 157 15.31 11.09 -31.59
N GLY A 158 14.78 11.80 -30.59
CA GLY A 158 13.35 12.01 -30.51
C GLY A 158 12.81 12.72 -31.73
N ALA A 159 13.60 13.62 -32.32
CA ALA A 159 13.17 14.34 -33.51
C ALA A 159 12.86 13.41 -34.66
N LEU A 160 13.40 12.19 -34.64
CA LEU A 160 13.07 11.25 -35.71
C LEU A 160 11.66 10.70 -35.59
N THR A 161 11.15 10.57 -34.37
CA THR A 161 9.86 9.91 -34.17
C THR A 161 8.71 10.73 -34.77
N ILE A 162 8.76 12.04 -34.63
CA ILE A 162 7.67 12.91 -35.07
C ILE A 162 7.87 13.26 -36.53
N ASP A 163 6.77 13.37 -37.26
CA ASP A 163 6.78 13.80 -38.65
C ASP A 163 6.62 15.32 -38.69
N ARG A 164 7.63 16.02 -39.20
CA ARG A 164 7.60 17.47 -39.22
C ARG A 164 6.56 18.02 -40.18
N ARG A 165 6.02 17.19 -41.09
CA ARG A 165 5.04 17.67 -42.04
C ARG A 165 3.68 17.85 -41.40
N THR A 166 3.17 16.82 -40.71
CA THR A 166 1.87 16.92 -40.08
C THR A 166 1.90 17.93 -38.94
N PRO A 167 0.89 18.77 -38.81
CA PRO A 167 0.87 19.78 -37.75
C PRO A 167 0.37 19.21 -36.43
N GLY A 168 0.70 19.94 -35.35
CA GLY A 168 0.20 19.61 -34.03
C GLY A 168 0.96 18.53 -33.29
N VAL A 169 2.02 17.98 -33.88
CA VAL A 169 2.81 16.94 -33.25
C VAL A 169 4.08 17.56 -32.68
N PHE A 170 4.43 17.17 -31.46
CA PHE A 170 5.58 17.74 -30.77
C PHE A 170 6.15 16.69 -29.82
N LEU A 171 7.18 17.10 -29.07
CA LEU A 171 7.84 16.24 -28.11
C LEU A 171 8.35 17.09 -26.95
N PRO A 172 8.19 16.63 -25.71
CA PRO A 172 8.73 17.37 -24.57
C PRO A 172 10.24 17.36 -24.59
N PRO A 173 10.89 18.33 -23.94
CA PRO A 173 12.36 18.33 -23.87
C PRO A 173 12.86 17.08 -23.18
N LEU A 174 13.73 16.34 -23.88
CA LEU A 174 14.19 15.04 -23.41
C LEU A 174 15.59 15.07 -22.83
N ASN A 175 16.16 16.26 -22.60
CA ASN A 175 17.50 16.33 -22.04
C ASN A 175 17.40 16.29 -20.52
N LYS A 176 18.46 15.78 -19.90
CA LYS A 176 18.46 15.62 -18.44
C LYS A 176 18.37 16.95 -17.72
N GLY A 177 18.97 18.01 -18.27
CA GLY A 177 18.91 19.31 -17.65
C GLY A 177 19.85 20.27 -18.35
N GLU A 178 19.97 21.47 -17.77
CA GLU A 178 20.83 22.47 -18.35
C GLU A 178 21.35 23.39 -17.24
N ASP A 179 22.29 24.25 -17.62
CA ASP A 179 22.91 25.18 -16.71
C ASP A 179 22.86 26.58 -17.31
N ALA A 180 22.36 27.54 -16.52
CA ALA A 180 22.24 28.92 -16.95
C ALA A 180 22.78 29.83 -15.85
N ILE A 181 23.37 30.95 -16.25
CA ILE A 181 23.94 31.91 -15.32
C ILE A 181 22.98 33.08 -15.15
N ILE A 182 23.13 33.79 -14.03
CA ILE A 182 22.39 35.01 -13.78
C ILE A 182 23.36 36.18 -13.90
N ASN A 183 22.81 37.37 -14.10
CA ASN A 183 23.62 38.57 -14.25
C ASN A 183 23.98 39.21 -12.91
N LEU A 184 23.55 38.61 -11.81
CA LEU A 184 23.84 39.16 -10.49
C LEU A 184 25.27 38.82 -10.05
N LEU A 185 25.93 39.79 -9.43
CA LEU A 185 27.25 39.60 -8.85
C LEU A 185 27.16 39.90 -7.36
N ARG A 186 27.55 38.95 -6.52
CA ARG A 186 27.46 39.16 -5.09
C ARG A 186 28.56 40.09 -4.61
N ILE A 187 28.17 41.13 -3.88
CA ILE A 187 29.12 42.12 -3.36
C ILE A 187 29.57 41.70 -1.97
N ARG A 188 30.86 41.83 -1.69
CA ARG A 188 31.40 41.57 -0.36
C ARG A 188 31.69 42.93 0.27
N LEU A 189 30.75 43.42 1.06
CA LEU A 189 30.89 44.74 1.66
C LEU A 189 32.00 44.72 2.71
N PRO A 190 32.71 45.84 2.88
CA PRO A 190 33.69 45.92 3.96
C PRO A 190 33.03 45.80 5.32
N ASP A 191 33.77 45.23 6.27
CA ASP A 191 33.23 44.99 7.60
C ASP A 191 32.94 46.28 8.36
N GLU A 192 33.42 47.43 7.89
CA GLU A 192 33.21 48.68 8.59
C GLU A 192 32.80 49.76 7.59
N ILE A 193 32.11 50.76 8.11
CA ILE A 193 31.65 51.91 7.33
C ILE A 193 31.93 53.16 8.15
N PHE A 194 32.40 54.21 7.49
CA PHE A 194 32.72 55.47 8.16
C PHE A 194 31.48 56.36 8.12
N ILE A 195 30.87 56.57 9.28
CA ILE A 195 29.73 57.46 9.42
C ILE A 195 30.14 58.62 10.31
N SER A 196 29.58 59.79 10.02
CA SER A 196 29.95 61.00 10.75
C SER A 196 28.92 62.08 10.48
N THR A 197 29.11 63.23 11.13
CA THR A 197 28.32 64.41 10.84
C THR A 197 29.03 65.25 9.76
N SER A 198 28.42 66.38 9.40
CA SER A 198 28.97 67.22 8.34
C SER A 198 28.40 68.61 8.47
N PRO A 199 29.14 69.65 8.08
CA PRO A 199 28.56 71.00 8.04
C PRO A 199 27.40 71.13 7.06
N PHE A 200 27.40 70.37 5.98
CA PHE A 200 26.43 70.51 4.90
C PHE A 200 25.46 69.34 4.90
N GLY A 201 24.19 69.64 4.63
CA GLY A 201 23.18 68.60 4.51
C GLY A 201 23.13 67.93 3.15
N SER A 202 23.60 68.62 2.10
CA SER A 202 23.61 68.09 0.75
C SER A 202 25.04 68.15 0.21
N GLY A 203 25.45 67.07 -0.47
CA GLY A 203 26.80 66.99 -1.01
C GLY A 203 27.05 67.85 -2.23
N ARG A 204 26.00 68.37 -2.86
CA ARG A 204 26.17 69.21 -4.05
C ARG A 204 26.97 70.46 -3.71
N ASP A 205 26.66 71.10 -2.58
CA ASP A 205 27.45 72.26 -2.15
C ASP A 205 28.81 71.84 -1.61
N ALA A 206 28.91 70.60 -1.11
CA ALA A 206 30.15 70.13 -0.51
C ALA A 206 31.21 69.78 -1.56
N VAL A 207 30.79 69.40 -2.77
CA VAL A 207 31.75 68.99 -3.79
C VAL A 207 32.79 70.07 -4.10
N PRO A 208 32.41 71.33 -4.33
CA PRO A 208 33.47 72.36 -4.52
C PRO A 208 34.41 72.50 -3.35
N GLU A 209 33.91 72.31 -2.12
CA GLU A 209 34.80 72.36 -0.95
C GLU A 209 35.84 71.25 -1.02
N LEU A 210 35.45 70.05 -1.44
CA LEU A 210 36.40 68.98 -1.62
C LEU A 210 37.38 69.29 -2.75
N VAL A 211 36.89 69.91 -3.83
CA VAL A 211 37.76 70.28 -4.94
C VAL A 211 38.82 71.27 -4.48
N LYS A 212 38.44 72.17 -3.56
CA LYS A 212 39.40 73.17 -3.07
C LYS A 212 40.56 72.50 -2.34
N HIS A 213 40.29 71.44 -1.58
CA HIS A 213 41.33 70.80 -0.78
C HIS A 213 42.28 69.99 -1.67
N GLY A 214 43.23 69.33 -1.03
CA GLY A 214 44.29 68.63 -1.73
C GLY A 214 43.87 67.37 -2.47
N ASN A 215 43.50 66.34 -1.72
CA ASN A 215 43.16 65.05 -2.32
C ASN A 215 41.67 64.97 -2.62
N VAL A 216 41.33 64.38 -3.77
CA VAL A 216 39.96 64.33 -4.26
C VAL A 216 39.64 62.88 -4.62
N ARG A 217 38.52 62.37 -4.11
CA ARG A 217 37.98 61.08 -4.52
C ARG A 217 36.48 61.08 -4.26
N PHE A 218 35.73 60.58 -5.24
CA PHE A 218 34.26 60.57 -5.18
C PHE A 218 33.79 59.19 -4.76
N ASP A 219 33.91 58.90 -3.47
CA ASP A 219 33.47 57.64 -2.88
C ASP A 219 32.74 57.90 -1.57
N TRP A 220 31.83 58.87 -1.56
CA TRP A 220 31.19 59.30 -0.33
C TRP A 220 29.78 59.77 -0.63
N VAL A 221 28.94 59.78 0.41
CA VAL A 221 27.53 60.16 0.28
C VAL A 221 27.17 61.10 1.42
N ILE A 222 26.52 62.21 1.07
CA ILE A 222 25.93 63.14 2.02
C ILE A 222 24.44 63.16 1.76
N ARG A 223 23.65 62.74 2.74
CA ARG A 223 22.21 62.59 2.57
C ARG A 223 21.40 63.54 3.44
N LYS A 224 21.58 63.49 4.76
CA LYS A 224 20.78 64.24 5.72
C LYS A 224 21.68 64.87 6.77
N ARG A 225 22.72 65.58 6.31
CA ARG A 225 23.81 66.14 7.10
C ARG A 225 24.72 65.04 7.64
N ARG A 226 24.43 63.78 7.35
CA ARG A 226 25.27 62.66 7.74
C ARG A 226 26.17 62.25 6.58
N PHE A 227 27.43 61.99 6.90
CA PHE A 227 28.45 61.62 5.93
C PHE A 227 28.71 60.13 6.04
N VAL A 228 28.60 59.42 4.91
CA VAL A 228 28.81 57.98 4.85
C VAL A 228 29.88 57.70 3.80
N SER A 229 30.82 56.83 4.14
CA SER A 229 31.89 56.50 3.20
C SER A 229 32.47 55.14 3.54
N PHE A 230 33.22 54.59 2.58
CA PHE A 230 33.96 53.36 2.80
C PHE A 230 35.40 53.64 3.25
N PHE A 231 36.05 54.59 2.60
CA PHE A 231 37.39 55.00 2.99
C PHE A 231 37.32 55.95 4.18
N ASP A 232 38.43 56.08 4.89
CA ASP A 232 38.50 57.00 6.01
C ASP A 232 38.55 58.43 5.49
N PRO A 233 37.61 59.30 5.88
CA PRO A 233 37.67 60.70 5.41
C PRO A 233 38.92 61.44 5.85
N ARG A 234 39.47 61.09 7.02
CA ARG A 234 40.64 61.79 7.53
C ARG A 234 41.86 61.58 6.64
N GLU A 235 42.06 60.36 6.12
CA GLU A 235 43.27 60.02 5.40
C GLU A 235 43.36 60.69 4.04
N TYR A 236 42.30 61.32 3.57
CA TYR A 236 42.30 61.99 2.27
C TYR A 236 41.88 63.45 2.44
N GLY A 237 41.66 64.12 1.31
CA GLY A 237 41.35 65.54 1.31
C GLY A 237 39.94 65.90 1.72
N THR A 238 39.10 64.92 2.04
CA THR A 238 37.72 65.18 2.47
C THR A 238 37.73 65.55 3.96
N ARG A 239 38.29 66.74 4.24
CA ARG A 239 38.42 67.23 5.60
C ARG A 239 37.33 68.24 5.95
N ALA A 240 37.20 69.31 5.15
CA ALA A 240 36.17 70.31 5.42
C ALA A 240 34.77 69.76 5.21
N ILE A 241 34.62 68.67 4.45
CA ILE A 241 33.31 68.09 4.21
C ILE A 241 32.73 67.49 5.48
N VAL A 242 33.59 67.07 6.41
CA VAL A 242 33.16 66.29 7.57
C VAL A 242 33.71 66.91 8.84
N ASP A 243 32.89 66.89 9.89
CA ASP A 243 33.34 67.27 11.23
C ASP A 243 34.29 66.20 11.74
N LEU A 244 35.57 66.55 11.89
CA LEU A 244 36.58 65.55 12.21
C LEU A 244 36.35 64.92 13.58
N ASP A 245 35.78 65.68 14.53
CA ASP A 245 35.56 65.15 15.87
C ASP A 245 34.55 64.01 15.86
N GLN A 246 33.50 64.11 15.05
CA GLN A 246 32.41 63.16 15.03
C GLN A 246 32.63 61.99 14.09
N VAL A 247 33.80 61.90 13.46
CA VAL A 247 34.08 60.78 12.57
C VAL A 247 34.12 59.48 13.36
N GLU A 248 33.39 58.47 12.86
CA GLU A 248 33.37 57.18 13.53
C GLU A 248 33.31 56.08 12.48
N ALA A 249 33.83 54.91 12.86
CA ALA A 249 33.75 53.70 12.04
C ALA A 249 32.91 52.68 12.78
N VAL A 250 31.85 52.18 12.13
CA VAL A 250 30.89 51.29 12.75
C VAL A 250 30.67 50.08 11.85
N ASP A 251 30.13 49.02 12.44
CA ASP A 251 29.85 47.82 11.67
C ASP A 251 28.89 48.13 10.53
N THR A 252 29.16 47.55 9.35
CA THR A 252 28.35 47.83 8.17
C THR A 252 26.93 47.29 8.29
N LYS A 253 26.66 46.40 9.26
CA LYS A 253 25.32 45.88 9.44
C LYS A 253 24.35 46.95 9.94
N LEU A 254 24.86 48.06 10.48
CA LEU A 254 24.02 49.14 10.97
C LEU A 254 23.67 50.16 9.89
N ILE A 255 24.25 50.03 8.69
CA ILE A 255 23.97 50.93 7.59
C ILE A 255 23.45 50.20 6.36
N ALA A 256 24.07 49.08 6.01
CA ALA A 256 23.66 48.33 4.82
C ALA A 256 22.43 47.47 5.09
N PHE A 257 22.51 46.56 6.06
CA PHE A 257 21.45 45.60 6.32
C PHE A 257 20.53 46.13 7.42
N ASN A 258 19.62 47.02 7.01
CA ASN A 258 18.58 47.52 7.90
C ASN A 258 17.33 47.78 7.08
N ASP A 259 16.33 48.39 7.72
CA ASP A 259 15.03 48.60 7.10
C ASP A 259 14.75 50.05 6.72
N GLU A 260 15.56 51.00 7.17
CA GLU A 260 15.29 52.40 6.88
C GLU A 260 15.49 52.69 5.40
N GLN A 261 14.58 53.49 4.83
CA GLN A 261 14.58 53.74 3.39
C GLN A 261 15.79 54.58 2.98
N ASP A 262 16.03 55.69 3.69
CA ASP A 262 17.14 56.56 3.31
C ASP A 262 18.49 55.88 3.50
N ASP A 263 18.60 54.98 4.47
CA ASP A 263 19.82 54.18 4.60
C ASP A 263 20.03 53.33 3.36
N LEU A 264 18.96 52.71 2.85
CA LEU A 264 19.06 51.92 1.62
C LEU A 264 19.47 52.80 0.44
N ASN A 265 18.88 53.99 0.33
CA ASN A 265 19.22 54.89 -0.78
C ASN A 265 20.69 55.31 -0.71
N ASP A 266 21.16 55.67 0.48
CA ASP A 266 22.56 56.05 0.64
C ASP A 266 23.48 54.88 0.34
N THR A 267 23.10 53.67 0.77
CA THR A 267 23.92 52.50 0.46
C THR A 267 24.03 52.27 -1.02
N MET A 268 22.90 52.39 -1.75
CA MET A 268 22.95 52.19 -3.19
C MET A 268 23.79 53.25 -3.88
N ASP A 269 23.62 54.52 -3.49
CA ASP A 269 24.40 55.59 -4.10
C ASP A 269 25.89 55.43 -3.82
N LEU A 270 26.24 55.09 -2.58
CA LEU A 270 27.64 54.88 -2.22
C LEU A 270 28.22 53.69 -2.97
N LEU A 271 27.45 52.62 -3.13
CA LEU A 271 27.92 51.48 -3.91
C LEU A 271 28.17 51.87 -5.36
N ARG A 272 27.27 52.66 -5.95
CA ARG A 272 27.47 53.09 -7.33
C ARG A 272 28.72 53.93 -7.46
N ARG A 273 28.93 54.88 -6.54
CA ARG A 273 30.11 55.73 -6.62
C ARG A 273 31.39 54.93 -6.39
N THR A 274 31.35 53.95 -5.48
CA THR A 274 32.52 53.10 -5.24
C THR A 274 32.84 52.27 -6.46
N VAL A 275 31.82 51.72 -7.13
CA VAL A 275 32.06 50.97 -8.35
C VAL A 275 32.61 51.87 -9.45
N GLU A 276 32.09 53.10 -9.53
CA GLU A 276 32.59 54.05 -10.52
C GLU A 276 34.06 54.36 -10.31
N ARG A 277 34.46 54.60 -9.06
CA ARG A 277 35.87 54.91 -8.79
C ARG A 277 36.76 53.68 -8.98
N GLN A 278 36.28 52.51 -8.56
CA GLN A 278 37.10 51.30 -8.63
C GLN A 278 37.36 50.87 -10.07
N THR A 279 36.41 51.12 -10.97
CA THR A 279 36.51 50.69 -12.37
C THR A 279 36.82 51.87 -13.29
N ALA A 280 37.40 52.94 -12.75
CA ALA A 280 37.73 54.10 -13.57
C ALA A 280 38.83 53.82 -14.59
N THR A 281 39.62 52.76 -14.38
CA THR A 281 40.69 52.44 -15.32
C THR A 281 40.14 52.06 -16.69
N GLN A 282 39.08 51.26 -16.71
CA GLN A 282 38.51 50.75 -17.96
C GLN A 282 37.21 51.43 -18.35
N LEU A 283 36.37 51.78 -17.38
CA LEU A 283 35.05 52.31 -17.64
C LEU A 283 35.01 53.82 -17.44
N SER A 284 33.88 54.42 -17.83
CA SER A 284 33.59 55.82 -17.59
C SER A 284 32.09 55.98 -17.45
N PHE A 285 31.68 56.90 -16.58
CA PHE A 285 30.28 57.05 -16.23
C PHE A 285 29.62 58.14 -17.06
N LEU A 286 28.35 57.91 -17.39
CA LEU A 286 27.50 58.89 -18.06
C LEU A 286 26.31 59.14 -17.15
N ARG A 287 26.25 60.35 -16.58
CA ARG A 287 25.23 60.68 -15.59
C ARG A 287 23.86 60.91 -16.23
N LYS A 288 23.82 61.33 -17.49
CA LYS A 288 22.55 61.57 -18.14
C LYS A 288 21.74 60.29 -18.29
N ASP A 289 22.42 59.17 -18.56
CA ASP A 289 21.76 57.88 -18.69
C ASP A 289 22.18 56.87 -17.63
N ARG A 290 23.00 57.27 -16.67
CA ARG A 290 23.50 56.37 -15.63
C ARG A 290 24.15 55.13 -16.25
N LEU A 291 25.01 55.36 -17.23
CA LEU A 291 25.55 54.30 -18.06
C LEU A 291 27.05 54.17 -17.85
N PHE A 292 27.52 52.98 -17.54
CA PHE A 292 28.95 52.68 -17.43
C PHE A 292 29.42 52.19 -18.79
N HIS A 293 30.08 53.04 -19.56
CA HIS A 293 30.52 52.68 -20.90
C HIS A 293 32.04 52.64 -20.94
N PHE A 294 32.58 51.70 -21.73
CA PHE A 294 34.02 51.55 -21.85
C PHE A 294 34.63 52.79 -22.48
N LYS A 295 35.40 53.54 -21.68
CA LYS A 295 36.01 54.77 -22.17
C LYS A 295 37.04 54.46 -23.26
N ALA A 296 37.11 55.36 -24.24
CA ALA A 296 38.07 55.23 -25.32
C ALA A 296 39.38 55.88 -24.93
N VAL A 297 40.50 55.18 -25.15
CA VAL A 297 41.83 55.73 -24.90
C VAL A 297 42.28 56.47 -26.15
N GLY A 298 42.43 57.80 -26.03
CA GLY A 298 42.81 58.61 -27.16
C GLY A 298 41.66 58.86 -28.12
N VAL A 299 41.57 60.08 -28.67
CA VAL A 299 40.52 60.40 -29.62
C VAL A 299 40.80 59.69 -30.93
N GLY A 300 39.80 58.97 -31.44
CA GLY A 300 39.97 58.21 -32.66
C GLY A 300 40.93 57.05 -32.52
N LYS A 301 41.17 56.59 -31.29
CA LYS A 301 42.01 55.44 -31.03
C LYS A 301 41.18 54.37 -30.31
N SER A 302 41.39 53.12 -30.69
CA SER A 302 40.50 52.02 -30.35
C SER A 302 40.98 51.25 -29.13
N ARG A 303 40.15 50.30 -28.69
CA ARG A 303 40.44 49.48 -27.52
C ARG A 303 39.77 48.13 -27.66
N SER A 304 40.43 47.09 -27.13
CA SER A 304 39.90 45.73 -27.06
C SER A 304 40.06 45.20 -25.65
N TYR A 305 39.15 44.31 -25.26
CA TYR A 305 39.18 43.77 -23.90
C TYR A 305 39.30 42.26 -23.96
N ARG A 306 40.08 41.69 -23.04
CA ARG A 306 40.30 40.26 -22.94
C ARG A 306 39.69 39.77 -21.62
N TYR A 307 38.83 38.76 -21.70
CA TYR A 307 38.17 38.24 -20.52
C TYR A 307 38.14 36.72 -20.59
N MET A 308 37.97 36.11 -19.42
CA MET A 308 37.96 34.66 -19.28
C MET A 308 36.53 34.19 -19.06
N SER A 309 36.14 33.16 -19.81
CA SER A 309 34.80 32.60 -19.71
C SER A 309 34.82 31.08 -19.67
N LYS A 317 39.96 29.24 -22.36
CA LYS A 317 38.64 29.86 -22.43
C LYS A 317 38.74 31.37 -22.55
N VAL A 318 39.98 31.88 -22.57
CA VAL A 318 40.20 33.32 -22.67
C VAL A 318 39.81 33.77 -24.08
N VAL A 319 38.97 34.81 -24.14
CA VAL A 319 38.49 35.32 -25.43
C VAL A 319 38.44 36.84 -25.33
N SER A 320 38.55 37.49 -26.48
CA SER A 320 38.57 38.94 -26.55
C SER A 320 37.25 39.44 -27.11
N ALA A 321 36.62 40.36 -26.39
CA ALA A 321 35.48 41.12 -26.88
C ALA A 321 35.95 42.55 -27.16
N TYR A 322 35.49 43.10 -28.29
CA TYR A 322 36.06 44.34 -28.81
C TYR A 322 35.11 45.46 -28.40
N SER A 323 35.42 46.08 -27.26
CA SER A 323 34.48 46.98 -26.58
C SER A 323 34.18 48.21 -27.41
N SER A 324 35.20 48.79 -28.06
CA SER A 324 35.04 50.05 -28.78
C SER A 324 35.31 49.82 -30.28
N LYS A 325 34.34 50.25 -31.11
CA LYS A 325 34.37 50.10 -32.57
C LYS A 325 33.99 51.42 -33.22
N LYS A 326 34.82 51.94 -34.12
CA LYS A 326 34.32 52.95 -35.03
C LYS A 326 33.83 52.27 -36.29
N LYS A 327 32.97 52.97 -37.02
CA LYS A 327 32.59 52.60 -38.37
C LYS A 327 32.74 53.82 -39.27
N ASP A 328 33.13 53.57 -40.51
CA ASP A 328 33.46 54.67 -41.41
C ASP A 328 32.19 55.39 -41.85
N GLY A 329 32.36 56.35 -42.76
CA GLY A 329 31.28 57.24 -43.13
C GLY A 329 31.49 58.59 -42.47
N TRP A 330 30.43 59.14 -41.86
CA TRP A 330 30.61 60.35 -41.07
C TRP A 330 31.37 60.06 -39.79
N GLY A 331 31.18 58.86 -39.22
CA GLY A 331 31.94 58.44 -38.05
C GLY A 331 31.13 58.30 -36.78
N TYR A 332 31.04 57.07 -36.26
CA TYR A 332 30.41 56.84 -34.97
C TYR A 332 31.16 55.72 -34.26
N VAL A 333 31.26 55.85 -32.94
CA VAL A 333 32.03 54.94 -32.10
C VAL A 333 31.07 54.28 -31.12
N ARG A 334 31.00 52.95 -31.17
CA ARG A 334 30.17 52.16 -30.27
C ARG A 334 31.05 51.64 -29.15
N HIS A 335 30.65 51.94 -27.91
CA HIS A 335 31.27 51.42 -26.70
C HIS A 335 30.27 50.49 -26.01
N HIS A 336 30.75 49.32 -25.59
CA HIS A 336 29.94 48.47 -24.74
C HIS A 336 29.66 49.19 -23.42
N ALA A 337 28.46 48.96 -22.88
CA ALA A 337 28.05 49.68 -21.69
C ALA A 337 27.10 48.81 -20.88
N ALA A 338 26.87 49.22 -19.64
CA ALA A 338 25.97 48.47 -18.78
C ALA A 338 25.34 49.42 -17.77
N ARG A 339 24.03 49.28 -17.57
CA ARG A 339 23.32 50.03 -16.54
C ARG A 339 23.41 49.26 -15.23
N LEU A 340 24.60 49.30 -14.65
CA LEU A 340 24.85 48.60 -13.39
C LEU A 340 23.95 49.15 -12.30
N ARG A 341 23.20 48.26 -11.65
CA ARG A 341 22.28 48.65 -10.59
C ARG A 341 22.52 47.77 -9.38
N PHE A 342 21.83 48.08 -8.29
CA PHE A 342 22.07 47.40 -7.01
C PHE A 342 20.76 46.93 -6.41
N GLU A 343 20.77 45.70 -5.88
CA GLU A 343 19.61 45.10 -5.26
C GLU A 343 20.02 44.46 -3.94
N ARG A 344 19.09 44.34 -3.02
CA ARG A 344 19.32 43.72 -1.72
C ARG A 344 18.34 42.56 -1.55
N LEU A 345 18.86 41.34 -1.58
CA LEU A 345 18.05 40.13 -1.42
C LEU A 345 18.65 39.26 -0.33
N ALA A 346 17.81 38.81 0.60
CA ALA A 346 18.20 37.88 1.66
C ALA A 346 19.41 38.40 2.45
N ASP A 347 19.34 39.68 2.81
CA ASP A 347 20.38 40.37 3.57
C ASP A 347 21.71 40.42 2.84
N GLU A 348 21.72 40.18 1.54
CA GLU A 348 22.93 40.25 0.73
C GLU A 348 22.75 41.28 -0.36
N TRP A 349 23.87 41.85 -0.82
CA TRP A 349 23.85 42.87 -1.86
C TRP A 349 24.34 42.28 -3.17
N PHE A 350 23.58 42.53 -4.23
CA PHE A 350 23.90 42.03 -5.56
C PHE A 350 23.95 43.20 -6.53
N LEU A 351 24.85 43.09 -7.51
CA LEU A 351 24.97 44.06 -8.59
C LEU A 351 24.35 43.44 -9.84
N VAL A 352 23.45 44.18 -10.47
CA VAL A 352 22.72 43.75 -11.66
C VAL A 352 23.36 44.39 -12.87
N ILE A 353 23.72 43.56 -13.85
CA ILE A 353 24.35 44.00 -15.09
C ILE A 353 23.33 43.93 -16.21
N ASP A 354 23.15 45.04 -16.92
CA ASP A 354 22.19 45.12 -18.02
C ASP A 354 22.97 45.63 -19.22
N PRO A 355 23.36 44.76 -20.15
CA PRO A 355 24.17 45.19 -21.29
C PRO A 355 23.44 46.19 -22.17
N ASP A 356 24.21 47.08 -22.78
CA ASP A 356 23.70 48.14 -23.65
C ASP A 356 24.88 48.70 -24.43
N PHE A 357 24.61 49.70 -25.26
CA PHE A 357 25.63 50.32 -26.08
C PHE A 357 25.53 51.85 -25.98
N HIS A 358 26.69 52.49 -26.05
CA HIS A 358 26.77 53.95 -26.09
C HIS A 358 27.48 54.37 -27.37
N PHE A 359 27.13 55.54 -27.88
CA PHE A 359 27.69 56.00 -29.14
C PHE A 359 28.29 57.39 -28.97
N THR A 360 29.46 57.59 -29.56
CA THR A 360 30.21 58.84 -29.47
C THR A 360 30.69 59.24 -30.85
N THR A 361 30.65 60.55 -31.13
CA THR A 361 31.10 61.03 -32.44
C THR A 361 32.57 60.75 -32.69
N ASP A 362 33.42 60.98 -31.68
CA ASP A 362 34.86 60.82 -31.84
C ASP A 362 35.47 59.93 -30.75
N GLY A 363 34.65 59.25 -29.96
CA GLY A 363 35.11 58.47 -28.84
C GLY A 363 34.89 59.11 -27.49
N PHE A 364 34.77 60.43 -27.44
CA PHE A 364 34.46 61.15 -26.21
C PHE A 364 33.13 61.88 -26.29
N GLN A 365 32.92 62.71 -27.30
CA GLN A 365 31.69 63.48 -27.43
C GLN A 365 30.56 62.54 -27.82
N PRO A 366 29.46 62.50 -27.07
CA PRO A 366 28.37 61.56 -27.38
C PRO A 366 27.80 61.79 -28.77
N HIS A 367 27.42 60.70 -29.43
CA HIS A 367 26.90 60.76 -30.79
C HIS A 367 25.42 61.11 -30.75
N ARG A 368 25.10 62.33 -31.14
CA ARG A 368 23.71 62.75 -31.23
C ARG A 368 23.03 62.04 -32.39
N TYR A 369 21.74 61.80 -32.26
CA TYR A 369 20.96 60.91 -33.12
C TYR A 369 21.55 59.50 -33.15
N PRO A 370 21.55 58.78 -32.03
CA PRO A 370 22.01 57.38 -32.03
C PRO A 370 20.89 56.33 -32.12
N GLU A 371 19.64 56.73 -32.35
CA GLU A 371 18.54 55.77 -32.33
C GLU A 371 18.68 54.73 -33.43
N ALA A 372 19.07 55.16 -34.64
CA ALA A 372 19.20 54.21 -35.74
C ALA A 372 20.30 53.19 -35.45
N LEU A 373 21.46 53.64 -34.99
CA LEU A 373 22.55 52.73 -34.70
C LEU A 373 22.20 51.79 -33.54
N LEU A 374 21.59 52.34 -32.49
CA LEU A 374 21.20 51.51 -31.36
C LEU A 374 20.20 50.44 -31.78
N ALA A 375 19.19 50.82 -32.57
CA ALA A 375 18.19 49.86 -33.02
C ALA A 375 18.81 48.80 -33.91
N GLY A 376 19.70 49.21 -34.83
CA GLY A 376 20.34 48.24 -35.69
C GLY A 376 21.21 47.26 -34.93
N LYS A 377 21.93 47.75 -33.92
CA LYS A 377 22.79 46.86 -33.14
C LYS A 377 21.97 45.92 -32.26
N LYS A 378 20.89 46.42 -31.66
CA LYS A 378 20.08 45.61 -30.76
C LYS A 378 19.28 44.56 -31.53
N ARG A 379 18.81 44.91 -32.74
CA ARG A 379 17.92 44.02 -33.47
C ARG A 379 18.59 42.69 -33.81
N LEU A 380 19.85 42.74 -34.22
CA LEU A 380 20.57 41.54 -34.65
C LEU A 380 21.18 40.76 -33.50
N GLU A 381 21.03 41.23 -32.26
CA GLU A 381 21.64 40.60 -31.10
C GLU A 381 20.76 39.46 -30.62
N ARG A 382 21.34 38.25 -30.54
CA ARG A 382 20.65 37.08 -30.07
C ARG A 382 21.07 36.76 -28.64
N ASN A 383 20.62 35.61 -28.12
CA ASN A 383 20.87 35.27 -26.73
C ASN A 383 22.36 35.05 -26.48
N ALA A 384 23.07 34.44 -27.42
CA ALA A 384 24.49 34.16 -27.23
C ALA A 384 25.30 35.44 -27.07
N ALA A 385 25.00 36.46 -27.87
CA ALA A 385 25.73 37.72 -27.77
C ALA A 385 25.51 38.38 -26.41
N VAL A 386 24.26 38.38 -25.93
CA VAL A 386 23.97 39.01 -24.63
C VAL A 386 24.65 38.22 -23.51
N ARG A 387 24.64 36.88 -23.60
CA ARG A 387 25.33 36.09 -22.60
C ARG A 387 26.83 36.38 -22.61
N GLY A 388 27.42 36.50 -23.79
CA GLY A 388 28.82 36.87 -23.87
C GLY A 388 29.11 38.21 -23.25
N GLN A 389 28.26 39.20 -23.53
CA GLN A 389 28.46 40.53 -22.97
C GLN A 389 28.35 40.52 -21.44
N VAL A 390 27.35 39.81 -20.90
CA VAL A 390 27.19 39.80 -19.44
C VAL A 390 28.33 39.03 -18.79
N THR A 391 28.82 37.96 -19.44
CA THR A 391 29.99 37.26 -18.91
C THR A 391 31.22 38.16 -18.92
N MET A 392 31.40 38.94 -19.99
CA MET A 392 32.53 39.86 -20.04
C MET A 392 32.44 40.91 -18.93
N TRP A 393 31.25 41.45 -18.71
CA TRP A 393 31.08 42.44 -17.64
C TRP A 393 31.32 41.82 -16.26
N GLN A 394 30.84 40.59 -16.05
CA GLN A 394 31.10 39.90 -14.79
C GLN A 394 32.59 39.70 -14.59
N HIS A 395 33.30 39.27 -15.63
CA HIS A 395 34.74 39.09 -15.52
C HIS A 395 35.45 40.39 -15.20
N LEU A 396 35.04 41.48 -15.87
CA LEU A 396 35.66 42.77 -15.62
C LEU A 396 35.46 43.21 -14.18
N LEU A 397 34.23 43.08 -13.67
CA LEU A 397 33.97 43.53 -12.31
C LEU A 397 34.60 42.62 -11.27
N VAL A 398 34.77 41.33 -11.58
CA VAL A 398 35.46 40.43 -10.66
C VAL A 398 36.95 40.76 -10.63
N GLU A 399 37.57 40.99 -11.79
CA GLU A 399 38.98 41.30 -11.84
C GLU A 399 39.28 42.66 -11.22
N SER A 400 38.39 43.62 -11.36
CA SER A 400 38.62 44.95 -10.79
C SER A 400 38.64 44.95 -9.26
N GLY A 401 38.13 43.89 -8.64
CA GLY A 401 38.11 43.76 -7.20
C GLY A 401 39.36 43.14 -6.60
N LYS A 402 40.39 42.91 -7.40
CA LYS A 402 41.62 42.28 -6.93
C LYS A 402 42.75 43.32 -6.93
N HIS A 403 43.59 43.26 -5.90
CA HIS A 403 44.71 44.20 -5.77
C HIS A 403 45.99 43.62 -6.37
N GLU A 404 46.43 42.48 -5.85
CA GLU A 404 47.65 41.80 -6.31
C GLU A 404 48.87 42.73 -6.20
N VAL A 405 49.18 43.10 -4.97
CA VAL A 405 50.32 43.97 -4.69
C VAL A 405 51.63 43.27 -5.02
N ASP A 411 51.68 49.39 -1.32
CA ASP A 411 51.94 50.24 -2.46
C ASP A 411 50.69 51.02 -2.85
N LYS A 412 49.57 50.31 -2.98
CA LYS A 412 48.29 50.92 -3.32
C LYS A 412 47.22 50.41 -2.36
N PRO A 413 46.17 51.20 -2.13
CA PRO A 413 45.06 50.71 -1.29
C PRO A 413 44.30 49.61 -1.99
N ALA A 414 43.96 48.58 -1.22
CA ALA A 414 43.19 47.46 -1.77
C ALA A 414 41.80 47.93 -2.17
N PRO A 415 41.25 47.40 -3.26
CA PRO A 415 39.88 47.80 -3.66
C PRO A 415 38.88 47.47 -2.57
N LEU A 416 37.94 48.40 -2.36
CA LEU A 416 37.00 48.26 -1.25
C LEU A 416 35.93 47.21 -1.55
N LEU A 417 35.43 47.18 -2.78
CA LEU A 417 34.36 46.27 -3.18
C LEU A 417 34.93 45.09 -3.95
N GLN A 418 34.52 43.89 -3.56
CA GLN A 418 34.92 42.66 -4.24
C GLN A 418 33.67 41.91 -4.67
N PHE A 419 33.57 41.62 -5.96
CA PHE A 419 32.39 40.95 -6.51
C PHE A 419 32.73 39.51 -6.86
N GLU A 420 31.83 38.59 -6.50
CA GLU A 420 31.98 37.19 -6.80
C GLU A 420 30.80 36.69 -7.62
N ARG A 421 31.08 35.78 -8.55
CA ARG A 421 30.03 35.19 -9.35
C ARG A 421 29.13 34.31 -8.49
N LEU A 422 27.83 34.40 -8.74
CA LEU A 422 26.89 33.54 -8.04
C LEU A 422 27.06 32.10 -8.51
N PRO A 423 26.72 31.12 -7.67
CA PRO A 423 26.74 29.72 -8.13
C PRO A 423 25.81 29.54 -9.30
N VAL A 424 26.25 28.71 -10.26
CA VAL A 424 25.54 28.58 -11.52
C VAL A 424 24.18 27.94 -11.30
N ILE A 425 23.17 28.46 -12.00
CA ILE A 425 21.79 28.05 -11.80
C ILE A 425 21.50 26.80 -12.61
N GLN A 426 20.86 25.82 -11.98
CA GLN A 426 20.55 24.54 -12.61
C GLN A 426 19.08 24.52 -13.02
N LEU A 427 18.81 24.14 -14.27
CA LEU A 427 17.46 24.03 -14.79
C LEU A 427 17.15 22.58 -15.08
N SER A 428 15.97 22.13 -14.63
CA SER A 428 15.61 20.72 -14.78
C SER A 428 15.39 20.34 -16.24
N GLN A 429 15.02 21.29 -17.09
CA GLN A 429 14.80 21.04 -18.50
C GLN A 429 15.67 21.95 -19.34
N ALA A 430 15.99 21.50 -20.54
CA ALA A 430 16.89 22.20 -21.43
C ALA A 430 16.20 22.50 -22.76
N VAL A 431 16.65 23.56 -23.42
CA VAL A 431 16.13 23.90 -24.74
C VAL A 431 16.66 22.90 -25.76
N PRO A 432 15.81 22.24 -26.55
CA PRO A 432 16.31 21.31 -27.57
C PRO A 432 16.98 22.04 -28.72
N GLU A 433 18.05 22.79 -28.42
CA GLU A 433 18.73 23.58 -29.44
C GLU A 433 19.40 22.70 -30.48
N SER A 434 19.94 21.56 -30.04
CA SER A 434 20.66 20.68 -30.97
C SER A 434 19.76 20.15 -32.08
N SER A 435 18.45 20.10 -31.86
CA SER A 435 17.51 19.65 -32.87
C SER A 435 16.90 20.81 -33.67
N TRP A 436 17.33 22.04 -33.42
CA TRP A 436 16.77 23.22 -34.07
C TRP A 436 17.74 23.87 -35.04
N ASN A 437 18.79 23.16 -35.46
CA ASN A 437 19.78 23.75 -36.36
C ASN A 437 19.18 24.11 -37.71
N ARG A 438 18.18 23.35 -38.16
CA ARG A 438 17.44 23.64 -39.39
C ARG A 438 15.96 23.50 -39.05
N THR A 439 15.36 24.61 -38.63
CA THR A 439 13.95 24.62 -38.25
C THR A 439 13.05 24.59 -39.48
N PHE B 3 19.85 30.39 -5.41
CA PHE B 3 18.61 30.67 -6.09
C PHE B 3 18.05 29.42 -6.77
N LYS B 4 16.97 28.87 -6.19
CA LYS B 4 16.37 27.64 -6.71
C LYS B 4 15.53 27.99 -7.93
N ALA B 5 15.77 27.28 -9.02
CA ALA B 5 15.06 27.50 -10.27
C ALA B 5 14.09 26.36 -10.55
N HIS B 6 12.98 26.70 -11.20
CA HIS B 6 11.95 25.73 -11.57
C HIS B 6 11.43 26.04 -12.96
N VAL B 7 10.97 25.00 -13.65
CA VAL B 7 10.41 25.13 -14.98
C VAL B 7 9.03 24.48 -14.98
N PHE B 8 8.00 25.27 -15.26
CA PHE B 8 6.64 24.75 -15.29
C PHE B 8 6.34 24.13 -16.65
N ASP B 9 5.71 22.96 -16.63
CA ASP B 9 5.16 22.41 -17.87
C ASP B 9 4.02 23.28 -18.35
N GLU B 10 3.78 23.26 -19.66
CA GLU B 10 2.78 24.15 -20.24
C GLU B 10 1.40 23.85 -19.66
N PRO B 11 0.69 24.87 -19.18
CA PRO B 11 -0.65 24.62 -18.62
C PRO B 11 -1.60 24.04 -19.65
N MET B 12 -2.51 23.21 -19.16
CA MET B 12 -3.40 22.43 -20.01
C MET B 12 -4.63 23.27 -20.35
N LEU B 13 -4.98 23.33 -21.64
CA LEU B 13 -6.16 24.03 -22.08
C LEU B 13 -7.27 23.05 -22.43
N GLU B 14 -8.51 23.53 -22.34
CA GLU B 14 -9.69 22.71 -22.54
C GLU B 14 -10.48 23.22 -23.75
N PHE B 15 -10.82 22.30 -24.65
CA PHE B 15 -11.56 22.62 -25.87
C PHE B 15 -12.73 21.66 -26.01
N GLY B 16 -13.61 21.97 -26.98
CA GLY B 16 -14.67 21.08 -27.42
C GLY B 16 -15.42 20.32 -26.35
N ASP B 17 -15.58 19.02 -26.54
CA ASP B 17 -16.27 18.15 -25.60
C ASP B 17 -15.33 17.65 -24.51
N GLY B 18 -14.68 18.58 -23.82
CA GLY B 18 -13.73 18.23 -22.80
C GLY B 18 -12.34 17.88 -23.30
N GLY B 19 -12.10 17.98 -24.61
CA GLY B 19 -10.78 17.67 -25.13
C GLY B 19 -9.74 18.65 -24.61
N GLN B 20 -8.52 18.15 -24.45
CA GLN B 20 -7.43 18.92 -23.88
C GLN B 20 -6.26 19.00 -24.87
N HIS B 21 -5.67 20.19 -24.96
CA HIS B 21 -4.45 20.38 -25.74
C HIS B 21 -3.74 21.62 -25.23
N CYS B 22 -2.43 21.67 -25.45
CA CYS B 22 -1.59 22.75 -24.94
C CYS B 22 -1.42 23.89 -25.94
N ASP B 23 -2.07 23.81 -27.10
CA ASP B 23 -1.97 24.84 -28.12
C ASP B 23 -3.38 25.18 -28.58
N PRO B 24 -3.78 26.46 -28.51
CA PRO B 24 -5.12 26.83 -28.97
C PRO B 24 -5.38 26.48 -30.43
N ARG B 25 -4.39 26.63 -31.30
CA ARG B 25 -4.60 26.35 -32.71
C ARG B 25 -4.86 24.87 -32.96
N GLN B 26 -3.99 24.01 -32.41
CA GLN B 26 -4.17 22.57 -32.59
C GLN B 26 -5.36 22.06 -31.80
N GLY B 27 -5.60 22.62 -30.61
CA GLY B 27 -6.74 22.20 -29.82
C GLY B 27 -8.06 22.49 -30.50
N LEU B 28 -8.18 23.66 -31.13
CA LEU B 28 -9.40 23.98 -31.87
C LEU B 28 -9.56 23.05 -33.07
N ARG B 29 -8.46 22.72 -33.76
CA ARG B 29 -8.54 21.86 -34.93
C ARG B 29 -9.04 20.46 -34.57
N GLU B 30 -8.56 19.92 -33.45
CA GLU B 30 -8.94 18.56 -33.06
C GLU B 30 -10.33 18.51 -32.44
N HIS B 31 -10.53 19.24 -31.34
CA HIS B 31 -11.76 19.12 -30.55
C HIS B 31 -12.80 20.18 -30.88
N GLY B 32 -12.41 21.31 -31.44
CA GLY B 32 -13.35 22.37 -31.72
C GLY B 32 -13.43 23.37 -30.60
N PRO B 33 -14.25 24.41 -30.77
CA PRO B 33 -14.39 25.42 -29.72
C PRO B 33 -14.98 24.84 -28.44
N LEU B 34 -14.58 25.44 -27.31
CA LEU B 34 -15.05 24.95 -26.02
C LEU B 34 -16.56 25.04 -25.90
N GLN B 35 -17.14 26.16 -26.34
CA GLN B 35 -18.59 26.33 -26.33
C GLN B 35 -19.10 26.20 -27.75
N PRO B 36 -19.71 25.08 -28.13
CA PRO B 36 -20.19 24.92 -29.50
C PRO B 36 -21.27 25.94 -29.84
N ARG B 37 -21.23 26.43 -31.08
CA ARG B 37 -22.19 27.42 -31.53
C ARG B 37 -23.47 26.75 -32.00
N SER B 38 -24.60 27.30 -31.56
CA SER B 38 -25.91 26.83 -31.99
C SER B 38 -26.18 27.41 -33.38
N GLY B 39 -26.19 26.55 -34.39
CA GLY B 39 -26.22 27.00 -35.76
C GLY B 39 -24.84 26.97 -36.38
N ASP B 40 -24.76 26.60 -37.66
CA ASP B 40 -23.48 26.37 -38.32
C ASP B 40 -23.02 27.56 -39.14
N VAL B 41 -23.65 28.72 -38.97
CA VAL B 41 -23.27 29.93 -39.69
C VAL B 41 -23.10 31.07 -38.70
N ILE B 42 -22.02 31.81 -38.85
CA ILE B 42 -21.76 33.02 -38.06
C ILE B 42 -21.94 34.20 -39.00
N ARG B 43 -23.07 34.88 -38.89
CA ARG B 43 -23.36 36.00 -39.78
C ARG B 43 -22.45 37.17 -39.45
N VAL B 44 -21.62 37.56 -40.42
CA VAL B 44 -20.63 38.61 -40.25
C VAL B 44 -21.04 39.79 -41.13
N GLY B 45 -21.20 40.96 -40.52
CA GLY B 45 -21.48 42.17 -41.26
C GLY B 45 -20.19 42.91 -41.61
N VAL B 46 -20.18 43.52 -42.79
CA VAL B 46 -19.01 44.21 -43.30
C VAL B 46 -19.39 45.65 -43.64
N ILE B 47 -18.56 46.59 -43.19
CA ILE B 47 -18.72 48.00 -43.49
C ILE B 47 -17.43 48.50 -44.13
N GLY B 48 -17.56 49.17 -45.27
CA GLY B 48 -16.41 49.67 -45.99
C GLY B 48 -16.79 49.99 -47.41
N THR B 49 -15.80 50.43 -48.18
CA THR B 49 -16.04 50.69 -49.59
C THR B 49 -16.35 49.38 -50.32
N ASP B 50 -17.02 49.51 -51.46
CA ASP B 50 -17.43 48.33 -52.22
C ASP B 50 -16.24 47.47 -52.61
N ASP B 51 -15.06 48.09 -52.78
CA ASP B 51 -13.86 47.31 -53.05
C ASP B 51 -13.46 46.48 -51.84
N THR B 52 -13.45 47.09 -50.65
CA THR B 52 -13.04 46.37 -49.46
C THR B 52 -14.11 45.41 -48.96
N VAL B 53 -15.39 45.77 -49.09
CA VAL B 53 -16.46 44.88 -48.65
C VAL B 53 -16.44 43.60 -49.49
N ALA B 54 -16.30 43.74 -50.81
CA ALA B 54 -16.16 42.57 -51.66
C ALA B 54 -14.84 41.85 -51.41
N GLY B 55 -13.79 42.61 -51.13
CA GLY B 55 -12.50 42.00 -50.86
C GLY B 55 -12.50 41.15 -49.60
N PHE B 56 -13.08 41.67 -48.52
CA PHE B 56 -13.13 40.90 -47.28
C PHE B 56 -14.11 39.74 -47.39
N THR B 57 -15.14 39.86 -48.23
CA THR B 57 -16.13 38.80 -48.36
C THR B 57 -15.50 37.52 -48.93
N GLU B 58 -14.63 37.66 -49.93
CA GLU B 58 -14.00 36.47 -50.50
C GLU B 58 -12.95 35.89 -49.59
N PHE B 59 -12.33 36.73 -48.74
CA PHE B 59 -11.36 36.20 -47.78
C PHE B 59 -12.02 35.26 -46.78
N LEU B 60 -13.23 35.60 -46.33
CA LEU B 60 -13.98 34.70 -45.47
C LEU B 60 -14.29 33.40 -46.19
N ALA B 61 -14.65 33.47 -47.47
CA ALA B 61 -14.82 32.27 -48.27
C ALA B 61 -13.48 31.58 -48.52
N GLU B 62 -12.42 32.37 -48.70
CA GLU B 62 -11.10 31.79 -48.91
C GLU B 62 -10.65 30.98 -47.69
N THR B 63 -10.91 31.50 -46.49
CA THR B 63 -10.58 30.75 -45.28
C THR B 63 -11.38 29.45 -45.20
N GLY B 64 -12.61 29.45 -45.72
CA GLY B 64 -13.38 28.23 -45.74
C GLY B 64 -12.78 27.16 -46.63
N ARG B 65 -12.26 27.56 -47.79
CA ARG B 65 -11.61 26.60 -48.68
C ARG B 65 -10.34 26.04 -48.06
N GLY B 66 -9.55 26.89 -47.42
CA GLY B 66 -8.31 26.46 -46.80
C GLY B 66 -7.13 27.28 -47.24
N ILE B 67 -6.26 27.66 -46.30
CA ILE B 67 -5.08 28.46 -46.58
C ILE B 67 -3.86 27.66 -46.16
N GLU B 68 -2.90 27.53 -47.08
CA GLU B 68 -1.70 26.76 -46.81
C GLU B 68 -0.80 27.49 -45.81
N SER B 69 0.09 26.72 -45.20
CA SER B 69 1.01 27.28 -44.21
C SER B 69 1.99 28.25 -44.87
N GLY B 70 2.29 29.33 -44.15
CA GLY B 70 3.23 30.32 -44.65
C GLY B 70 4.69 29.99 -44.46
N ASN B 71 4.99 28.97 -43.65
CA ASN B 71 6.37 28.53 -43.45
C ASN B 71 6.33 27.04 -43.10
N LYS B 72 6.61 26.20 -44.11
CA LYS B 72 6.59 24.76 -43.89
C LYS B 72 7.67 24.29 -42.94
N GLN B 73 8.75 25.06 -42.77
CA GLN B 73 9.82 24.67 -41.87
C GLN B 73 9.33 24.60 -40.42
N LEU B 74 8.52 25.57 -40.00
CA LEU B 74 7.94 25.62 -38.67
C LEU B 74 6.44 25.49 -38.81
N ILE B 75 5.96 24.24 -38.83
CA ILE B 75 4.54 24.00 -39.08
C ILE B 75 3.71 24.27 -37.83
N ASN B 76 4.30 24.13 -36.64
CA ASN B 76 3.53 24.40 -35.42
C ASN B 76 3.36 25.89 -35.18
N LEU B 77 4.40 26.69 -35.47
CA LEU B 77 4.30 28.13 -35.28
C LEU B 77 3.46 28.79 -36.36
N ASN B 78 3.50 28.27 -37.59
CA ASN B 78 2.76 28.83 -38.72
C ASN B 78 1.94 27.73 -39.38
N PRO B 79 0.90 27.26 -38.70
CA PRO B 79 0.09 26.18 -39.26
C PRO B 79 -0.85 26.68 -40.35
N ASP B 80 -1.21 25.76 -41.24
CA ASP B 80 -2.19 26.05 -42.28
C ASP B 80 -3.59 26.13 -41.66
N PHE B 81 -4.41 26.99 -42.26
CA PHE B 81 -5.81 27.04 -41.85
C PHE B 81 -6.56 25.86 -42.47
N PRO B 82 -7.16 24.98 -41.66
CA PRO B 82 -7.73 23.74 -42.22
C PRO B 82 -8.79 23.97 -43.27
N GLY B 83 -9.84 24.72 -42.93
CA GLY B 83 -10.91 24.96 -43.87
C GLY B 83 -12.28 24.58 -43.34
N LEU B 84 -13.10 23.98 -44.19
CA LEU B 84 -14.47 23.65 -43.85
C LEU B 84 -14.71 22.15 -43.70
N GLY B 85 -13.64 21.35 -43.67
CA GLY B 85 -13.77 19.91 -43.55
C GLY B 85 -13.99 19.48 -42.11
N ASN B 86 -13.55 18.25 -41.80
CA ASN B 86 -13.67 17.74 -40.45
C ASN B 86 -12.82 18.51 -39.47
N GLN B 87 -11.71 19.10 -39.91
CA GLN B 87 -10.76 19.78 -39.03
C GLN B 87 -11.04 21.28 -38.90
N ASN B 88 -12.28 21.70 -39.12
CA ASN B 88 -12.61 23.12 -39.04
C ASN B 88 -12.35 23.63 -37.63
N PRO B 89 -11.55 24.69 -37.46
CA PRO B 89 -11.21 25.13 -36.10
C PRO B 89 -12.40 25.56 -35.26
N PHE B 90 -13.42 26.16 -35.87
CA PHE B 90 -14.54 26.71 -35.13
C PHE B 90 -15.85 25.99 -35.42
N ARG B 91 -15.83 24.94 -36.22
CA ARG B 91 -16.99 24.11 -36.52
C ARG B 91 -18.13 24.91 -37.12
N CYS B 92 -17.85 26.07 -37.71
CA CYS B 92 -18.88 26.94 -38.24
C CYS B 92 -18.35 27.66 -39.46
N LYS B 93 -19.28 28.21 -40.25
CA LYS B 93 -18.95 28.94 -41.46
C LYS B 93 -19.08 30.43 -41.22
N PHE B 94 -18.05 31.18 -41.64
CA PHE B 94 -18.07 32.64 -41.55
C PHE B 94 -18.66 33.17 -42.85
N GLU B 95 -19.95 33.45 -42.83
CA GLU B 95 -20.70 33.89 -44.00
C GLU B 95 -21.11 35.35 -43.83
N VAL B 96 -21.05 36.09 -44.94
CA VAL B 96 -21.58 37.45 -44.99
C VAL B 96 -22.96 37.38 -45.64
N PRO B 97 -24.04 37.36 -44.87
CA PRO B 97 -25.37 37.17 -45.46
C PRO B 97 -25.76 38.36 -46.31
N ASP B 98 -26.63 38.10 -47.28
CA ASP B 98 -27.09 39.14 -48.18
C ASP B 98 -27.85 40.22 -47.41
N GLY B 99 -27.55 41.47 -47.73
CA GLY B 99 -28.15 42.59 -47.03
C GLY B 99 -27.48 42.98 -45.73
N ALA B 100 -26.37 42.33 -45.37
CA ALA B 100 -25.65 42.61 -44.14
C ALA B 100 -24.40 43.45 -44.39
N THR B 101 -24.34 44.14 -45.52
CA THR B 101 -23.20 44.96 -45.87
C THR B 101 -23.62 46.41 -46.04
N VAL B 102 -22.78 47.31 -45.56
CA VAL B 102 -22.99 48.75 -45.71
C VAL B 102 -21.76 49.31 -46.41
N THR B 103 -21.98 50.10 -47.45
CA THR B 103 -20.91 50.59 -48.31
C THR B 103 -20.64 52.06 -48.02
N ILE B 104 -19.37 52.38 -47.78
CA ILE B 104 -18.94 53.77 -47.64
C ILE B 104 -18.71 54.34 -49.03
N SER B 105 -19.48 55.36 -49.38
CA SER B 105 -19.40 55.94 -50.72
C SER B 105 -18.07 56.67 -50.91
N ARG B 106 -17.65 56.76 -52.17
CA ARG B 106 -16.43 57.51 -52.49
C ARG B 106 -16.58 58.97 -52.09
N ARG B 107 -17.78 59.53 -52.19
CA ARG B 107 -18.00 60.90 -51.75
C ARG B 107 -17.86 61.02 -50.23
N GLN B 108 -18.30 60.00 -49.50
CA GLN B 108 -18.15 60.02 -48.04
C GLN B 108 -16.68 59.98 -47.65
N VAL B 109 -15.88 59.15 -48.34
CA VAL B 109 -14.45 59.08 -48.05
C VAL B 109 -13.78 60.42 -48.34
N ASN B 110 -14.13 61.03 -49.48
CA ASN B 110 -13.59 62.34 -49.81
C ASN B 110 -14.00 63.39 -48.81
N ASP B 111 -15.19 63.24 -48.21
CA ASP B 111 -15.63 64.18 -47.18
C ASP B 111 -14.73 64.09 -45.95
N ILE B 112 -14.37 62.87 -45.53
CA ILE B 112 -13.48 62.71 -44.39
C ILE B 112 -12.06 63.15 -44.73
N THR B 113 -11.58 62.76 -45.91
CA THR B 113 -10.21 63.10 -46.31
C THR B 113 -10.04 64.61 -46.47
N GLY B 114 -11.04 65.28 -47.02
CA GLY B 114 -10.93 66.71 -47.29
C GLY B 114 -10.77 67.57 -46.06
N ILE B 115 -11.18 67.07 -44.90
CA ILE B 115 -11.07 67.84 -43.66
C ILE B 115 -9.59 68.04 -43.33
N GLY B 116 -9.24 69.28 -42.98
CA GLY B 116 -7.86 69.63 -42.74
C GLY B 116 -7.29 69.07 -41.44
N ARG B 117 -7.86 69.46 -40.30
CA ARG B 117 -7.34 69.02 -39.02
C ARG B 117 -7.53 67.52 -38.84
N HIS B 118 -6.50 66.87 -38.30
CA HIS B 118 -6.56 65.43 -38.09
C HIS B 118 -7.62 65.06 -37.05
N ASP B 119 -7.70 65.83 -35.96
CA ASP B 119 -8.67 65.53 -34.91
C ASP B 119 -10.10 65.68 -35.42
N GLU B 120 -10.36 66.74 -36.18
CA GLU B 120 -11.70 66.94 -36.73
C GLU B 120 -12.08 65.87 -37.74
N ALA B 121 -11.10 65.42 -38.54
CA ALA B 121 -11.36 64.34 -39.49
C ALA B 121 -11.72 63.04 -38.79
N VAL B 122 -11.02 62.73 -37.70
CA VAL B 122 -11.28 61.49 -36.97
C VAL B 122 -12.67 61.52 -36.36
N ARG B 123 -13.02 62.64 -35.72
CA ARG B 123 -14.33 62.75 -35.09
C ARG B 123 -15.45 62.70 -36.11
N HIS B 124 -15.25 63.35 -37.26
CA HIS B 124 -16.25 63.28 -38.33
C HIS B 124 -16.39 61.86 -38.86
N ALA B 125 -15.26 61.16 -39.02
CA ALA B 125 -15.30 59.79 -39.49
C ALA B 125 -16.03 58.88 -38.51
N VAL B 126 -15.79 59.07 -37.21
CA VAL B 126 -16.44 58.25 -36.20
C VAL B 126 -17.95 58.43 -36.27
N GLU B 127 -18.42 59.66 -36.43
CA GLU B 127 -19.85 59.90 -36.57
C GLU B 127 -20.40 59.22 -37.81
N LEU B 128 -19.66 59.26 -38.91
CA LEU B 128 -20.11 58.63 -40.14
C LEU B 128 -20.23 57.12 -39.97
N ILE B 129 -19.19 56.48 -39.43
CA ILE B 129 -19.22 55.03 -39.25
C ILE B 129 -20.27 54.63 -38.22
N SER B 130 -20.46 55.44 -37.18
CA SER B 130 -21.46 55.11 -36.16
C SER B 130 -22.86 55.08 -36.75
N SER B 131 -23.17 56.01 -37.65
CA SER B 131 -24.47 56.00 -38.30
C SER B 131 -24.65 54.76 -39.16
N GLN B 132 -23.60 54.36 -39.88
CA GLN B 132 -23.67 53.14 -40.68
C GLN B 132 -23.85 51.91 -39.80
N LEU B 133 -23.15 51.87 -38.66
CA LEU B 133 -23.31 50.75 -37.73
C LEU B 133 -24.72 50.68 -37.18
N SER B 134 -25.32 51.83 -36.88
CA SER B 134 -26.69 51.85 -36.39
C SER B 134 -27.65 51.29 -37.44
N ALA B 135 -27.45 51.66 -38.70
CA ALA B 135 -28.28 51.14 -39.78
C ALA B 135 -28.13 49.64 -39.93
N LEU B 136 -26.90 49.13 -39.77
CA LEU B 136 -26.66 47.70 -39.94
C LEU B 136 -27.41 46.88 -38.90
N VAL B 137 -27.44 47.35 -37.64
CA VAL B 137 -28.09 46.60 -36.58
C VAL B 137 -29.59 46.89 -36.48
N GLU B 138 -30.06 48.00 -37.06
CA GLU B 138 -31.49 48.30 -37.00
C GLU B 138 -32.28 47.41 -37.96
N GLY B 139 -31.67 47.03 -39.07
CA GLY B 139 -32.36 46.29 -40.10
C GLY B 139 -32.48 44.81 -39.80
N SER B 140 -32.87 44.06 -40.83
CA SER B 140 -33.07 42.62 -40.73
C SER B 140 -31.81 41.82 -41.00
N ALA B 141 -30.67 42.49 -41.19
CA ALA B 141 -29.42 41.77 -41.43
C ALA B 141 -29.05 40.90 -40.25
N LYS B 142 -29.16 41.43 -39.04
CA LYS B 142 -28.86 40.71 -37.81
C LYS B 142 -27.49 40.04 -37.81
N PRO B 143 -26.41 40.82 -37.97
CA PRO B 143 -25.08 40.22 -37.93
C PRO B 143 -24.68 39.84 -36.51
N ASP B 144 -23.81 38.84 -36.41
CA ASP B 144 -23.29 38.45 -35.10
C ASP B 144 -22.10 39.33 -34.71
N VAL B 145 -21.23 39.63 -35.65
CA VAL B 145 -20.11 40.55 -35.45
C VAL B 145 -19.94 41.37 -36.73
N ILE B 146 -19.63 42.65 -36.57
CA ILE B 146 -19.50 43.56 -37.69
C ILE B 146 -18.02 43.84 -37.93
N VAL B 147 -17.57 43.69 -39.17
CA VAL B 147 -16.18 43.90 -39.55
C VAL B 147 -16.11 45.21 -40.31
N LEU B 148 -15.25 46.12 -39.85
CA LEU B 148 -15.03 47.40 -40.54
C LEU B 148 -13.79 47.25 -41.40
N ALA B 149 -13.98 47.09 -42.71
CA ALA B 149 -12.88 46.95 -43.65
C ALA B 149 -12.51 48.35 -44.15
N LEU B 150 -11.60 48.99 -43.43
CA LEU B 150 -11.21 50.35 -43.78
C LEU B 150 -10.47 50.37 -45.11
N PRO B 151 -10.78 51.32 -45.98
CA PRO B 151 -10.03 51.46 -47.23
C PRO B 151 -8.68 52.14 -46.99
N ILE B 152 -7.80 51.99 -47.99
CA ILE B 152 -6.46 52.58 -47.89
C ILE B 152 -6.51 54.10 -47.76
N PRO B 153 -7.28 54.84 -48.58
CA PRO B 153 -7.31 56.30 -48.42
C PRO B 153 -7.78 56.75 -47.04
N LEU B 154 -8.72 56.03 -46.42
CA LEU B 154 -9.17 56.39 -45.09
C LEU B 154 -8.07 56.14 -44.05
N ILE B 155 -7.32 55.04 -44.21
CA ILE B 155 -6.28 54.71 -43.25
C ILE B 155 -5.19 55.78 -43.24
N GLU B 156 -4.83 56.30 -44.41
CA GLU B 156 -3.79 57.32 -44.49
C GLU B 156 -4.19 58.57 -43.71
N LYS B 157 -5.43 59.01 -43.85
CA LYS B 157 -5.87 60.22 -43.16
C LYS B 157 -6.09 59.97 -41.67
N LEU B 158 -6.72 58.85 -41.32
CA LEU B 158 -7.08 58.62 -39.93
C LEU B 158 -5.89 58.20 -39.08
N VAL B 159 -4.97 57.41 -39.64
CA VAL B 159 -3.84 56.88 -38.89
C VAL B 159 -2.55 57.64 -39.19
N ASN B 160 -2.16 57.69 -40.46
CA ASN B 160 -0.91 58.32 -40.86
C ASN B 160 -1.00 59.84 -40.93
N ALA B 161 -2.19 60.41 -40.75
CA ALA B 161 -2.41 61.85 -40.76
C ALA B 161 -1.96 62.51 -42.06
N LYS B 162 -2.09 61.80 -43.18
CA LYS B 162 -1.74 62.37 -44.48
C LYS B 162 -2.87 63.28 -44.92
N SER B 163 -2.55 64.56 -45.16
CA SER B 163 -3.53 65.54 -45.63
C SER B 163 -2.94 66.28 -46.83
N GLU B 164 -3.07 65.68 -48.01
CA GLU B 164 -2.65 66.30 -49.27
C GLU B 164 -1.21 66.78 -49.21
N GLY B 165 -0.34 65.96 -48.62
CA GLY B 165 1.08 66.23 -48.57
C GLY B 165 1.58 67.02 -47.37
N GLU B 166 0.93 68.12 -47.04
CA GLU B 166 1.34 68.98 -45.93
C GLU B 166 0.52 68.66 -44.69
N ASP B 167 1.17 68.74 -43.53
CA ASP B 167 0.54 68.42 -42.25
C ASP B 167 0.09 69.72 -41.58
N SER B 168 -1.16 70.10 -41.86
CA SER B 168 -1.70 71.31 -41.24
C SER B 168 -1.86 71.13 -39.73
N ASP B 169 -2.19 69.91 -39.29
CA ASP B 169 -2.31 69.66 -37.86
C ASP B 169 -0.97 69.82 -37.16
N ASP B 170 0.11 69.39 -37.80
CA ASP B 170 1.43 69.57 -37.20
C ASP B 170 1.83 71.04 -37.16
N ASP B 171 1.28 71.86 -38.06
CA ASP B 171 1.49 73.30 -37.96
C ASP B 171 0.85 73.86 -36.69
N VAL B 172 -0.32 73.34 -36.32
CA VAL B 172 -0.92 73.68 -35.04
C VAL B 172 -0.09 73.17 -33.88
N ASP B 173 0.78 72.18 -34.15
CA ASP B 173 1.70 71.62 -33.15
C ASP B 173 0.95 70.97 -31.98
N GLY B 174 -0.22 70.39 -32.26
CA GLY B 174 -0.93 69.66 -31.24
C GLY B 174 -0.23 68.37 -30.87
N GLY B 175 -0.51 67.90 -29.65
CA GLY B 175 0.08 66.68 -29.14
C GLY B 175 -0.98 65.64 -28.86
N ASP B 176 -0.59 64.37 -28.97
CA ASP B 176 -1.45 63.23 -28.69
C ASP B 176 -2.71 63.26 -29.55
N MET B 177 -2.48 63.08 -30.86
CA MET B 177 -3.58 63.01 -31.81
C MET B 177 -4.55 61.90 -31.44
N LEU B 178 -5.83 62.13 -31.71
CA LEU B 178 -6.86 61.17 -31.35
C LEU B 178 -6.65 59.85 -32.05
N ASN B 179 -6.91 58.76 -31.33
CA ASN B 179 -6.84 57.41 -31.90
C ASN B 179 -8.21 57.06 -32.48
N PHE B 180 -8.25 56.79 -33.78
CA PHE B 180 -9.52 56.49 -34.43
C PHE B 180 -10.15 55.22 -33.88
N ARG B 181 -9.33 54.18 -33.67
CA ARG B 181 -9.88 52.90 -33.22
C ARG B 181 -10.45 53.01 -31.82
N ASP B 182 -9.71 53.61 -30.89
CA ASP B 182 -10.17 53.73 -29.52
C ASP B 182 -11.42 54.60 -29.43
N LEU B 183 -11.43 55.72 -30.17
CA LEU B 183 -12.59 56.60 -30.17
C LEU B 183 -13.80 55.90 -30.79
N LEU B 184 -13.59 55.16 -31.89
CA LEU B 184 -14.70 54.49 -32.54
C LEU B 184 -15.33 53.44 -31.64
N LYS B 185 -14.51 52.65 -30.95
CA LYS B 185 -15.04 51.63 -30.04
C LYS B 185 -15.81 52.26 -28.88
N ALA B 186 -15.33 53.38 -28.35
CA ALA B 186 -16.05 54.04 -27.27
C ALA B 186 -17.40 54.58 -27.72
N LYS B 187 -17.46 55.15 -28.92
CA LYS B 187 -18.70 55.75 -29.40
C LYS B 187 -19.72 54.74 -29.87
N THR B 188 -19.34 53.47 -30.03
CA THR B 188 -20.26 52.42 -30.43
C THR B 188 -20.46 51.38 -29.34
N LEU B 189 -20.23 51.76 -28.08
CA LEU B 189 -20.47 50.83 -26.97
C LEU B 189 -21.95 50.57 -26.76
N HIS B 190 -22.81 51.54 -27.11
CA HIS B 190 -24.24 51.37 -26.93
C HIS B 190 -24.84 50.42 -27.95
N LEU B 191 -24.16 50.18 -29.06
CA LEU B 191 -24.66 49.24 -30.05
C LEU B 191 -24.51 47.80 -29.57
N PRO B 192 -25.45 46.92 -29.90
CA PRO B 192 -25.47 45.58 -29.32
C PRO B 192 -24.55 44.57 -30.01
N VAL B 193 -23.82 44.96 -31.04
CA VAL B 193 -23.00 44.02 -31.82
C VAL B 193 -21.55 44.48 -31.72
N PRO B 194 -20.63 43.59 -31.33
CA PRO B 194 -19.20 43.98 -31.31
C PRO B 194 -18.70 44.25 -32.71
N THR B 195 -17.72 45.15 -32.81
CA THR B 195 -17.17 45.57 -34.08
C THR B 195 -15.68 45.21 -34.16
N GLN B 196 -15.25 44.82 -35.36
CA GLN B 196 -13.88 44.44 -35.62
C GLN B 196 -13.33 45.30 -36.76
N ILE B 197 -12.15 45.87 -36.56
CA ILE B 197 -11.50 46.69 -37.57
C ILE B 197 -10.47 45.84 -38.29
N VAL B 198 -10.51 45.85 -39.63
CA VAL B 198 -9.62 45.04 -40.45
C VAL B 198 -9.05 45.93 -41.55
N TRP B 199 -7.71 45.91 -41.68
CA TRP B 199 -7.02 46.62 -42.74
C TRP B 199 -6.89 45.73 -43.98
N PRO B 200 -6.77 46.32 -45.17
CA PRO B 200 -6.69 45.50 -46.39
C PRO B 200 -5.45 44.60 -46.45
N ASP B 201 -4.42 44.88 -45.66
CA ASP B 201 -3.21 44.06 -45.70
C ASP B 201 -3.50 42.62 -45.27
N THR B 202 -4.47 42.43 -44.39
CA THR B 202 -4.71 41.09 -43.85
C THR B 202 -5.40 40.19 -44.87
N TRP B 203 -6.39 40.70 -45.58
CA TRP B 203 -7.14 39.90 -46.55
C TRP B 203 -6.65 40.10 -47.97
N ASP B 204 -5.55 40.81 -48.18
CA ASP B 204 -5.01 41.03 -49.52
C ASP B 204 -3.51 41.25 -49.40
N ASP B 205 -2.73 40.25 -49.81
CA ASP B 205 -1.27 40.40 -49.79
C ASP B 205 -0.81 41.46 -50.79
N ALA B 206 -1.57 41.67 -51.87
CA ALA B 206 -1.18 42.67 -52.86
C ALA B 206 -1.21 44.08 -52.30
N ALA B 207 -2.21 44.39 -51.48
CA ALA B 207 -2.36 45.74 -50.95
C ALA B 207 -1.24 46.06 -49.96
N LYS B 208 -0.72 47.28 -50.06
CA LYS B 208 0.35 47.76 -49.19
C LYS B 208 -0.07 49.08 -48.57
N ILE B 209 0.22 49.24 -47.28
CA ILE B 209 -0.08 50.44 -46.52
C ILE B 209 1.22 51.02 -45.99
N PRO B 210 1.60 52.23 -46.38
CA PRO B 210 2.85 52.81 -45.86
C PRO B 210 2.74 53.16 -44.38
N ARG B 211 3.91 53.26 -43.75
CA ARG B 211 3.99 53.61 -42.34
C ARG B 211 3.66 55.09 -42.14
N LYS B 212 3.42 55.46 -40.88
CA LYS B 212 3.05 56.83 -40.57
C LYS B 212 4.23 57.78 -40.78
N ILE B 213 5.39 57.42 -40.24
CA ILE B 213 6.58 58.26 -40.35
C ILE B 213 7.49 57.80 -41.47
N LYS B 214 7.84 56.51 -41.49
CA LYS B 214 8.66 55.93 -42.56
C LYS B 214 7.77 55.76 -43.78
N ARG B 215 7.64 56.84 -44.56
CA ARG B 215 6.71 56.85 -45.68
C ARG B 215 7.10 55.83 -46.74
N ASP B 216 8.39 55.68 -47.01
CA ASP B 216 8.84 54.73 -48.02
C ASP B 216 8.50 53.30 -47.63
N SER B 217 8.70 52.95 -46.37
CA SER B 217 8.49 51.58 -45.92
C SER B 217 7.00 51.25 -45.83
N ASN B 218 6.67 50.00 -46.14
CA ASN B 218 5.33 49.48 -45.98
C ASN B 218 5.23 48.67 -44.68
N ARG B 219 3.99 48.46 -44.24
CA ARG B 219 3.77 47.63 -43.06
C ARG B 219 4.03 46.16 -43.39
N GLN B 220 4.65 45.46 -42.45
CA GLN B 220 4.90 44.03 -42.59
C GLN B 220 3.94 43.25 -41.71
N THR B 221 3.32 42.23 -42.29
CA THR B 221 2.30 41.45 -41.61
C THR B 221 2.72 39.99 -41.58
N GLN B 222 2.06 39.23 -40.70
CA GLN B 222 2.28 37.80 -40.64
C GLN B 222 1.82 37.12 -41.93
N VAL B 223 2.10 35.82 -42.03
CA VAL B 223 1.63 35.07 -43.18
C VAL B 223 0.10 35.00 -43.15
N LYS B 224 -0.48 34.70 -44.32
CA LYS B 224 -1.93 34.76 -44.45
C LYS B 224 -2.62 33.74 -43.55
N ALA B 225 -2.03 32.55 -43.41
CA ALA B 225 -2.63 31.53 -42.55
C ALA B 225 -2.67 31.98 -41.10
N THR B 226 -1.58 32.59 -40.61
CA THR B 226 -1.56 33.09 -39.25
C THR B 226 -2.57 34.22 -39.05
N ARG B 227 -2.69 35.10 -40.05
CA ARG B 227 -3.66 36.19 -39.96
C ARG B 227 -5.08 35.64 -39.87
N ALA B 228 -5.40 34.63 -40.67
CA ALA B 228 -6.73 34.03 -40.62
C ALA B 228 -7.01 33.39 -39.27
N TRP B 229 -6.00 32.72 -38.70
CA TRP B 229 -6.17 32.10 -37.39
C TRP B 229 -6.49 33.12 -36.31
N ASN B 230 -5.75 34.24 -36.31
CA ASN B 230 -5.97 35.25 -35.28
C ASN B 230 -7.24 36.05 -35.52
N LEU B 231 -7.54 36.38 -36.78
CA LEU B 231 -8.70 37.19 -37.08
C LEU B 231 -10.00 36.43 -36.81
N LEU B 232 -10.09 35.19 -37.31
CA LEU B 232 -11.34 34.44 -37.16
C LEU B 232 -11.58 34.04 -35.71
N ASN B 233 -10.53 33.78 -34.94
CA ASN B 233 -10.70 33.50 -33.52
C ASN B 233 -11.29 34.70 -32.79
N ALA B 234 -10.82 35.90 -33.11
CA ALA B 234 -11.41 37.11 -32.54
C ALA B 234 -12.86 37.27 -33.00
N LEU B 235 -13.13 36.98 -34.27
CA LEU B 235 -14.51 37.04 -34.76
C LEU B 235 -15.39 36.04 -34.04
N PHE B 236 -14.88 34.82 -33.83
CA PHE B 236 -15.66 33.82 -33.11
C PHE B 236 -15.90 34.24 -31.66
N TYR B 237 -14.87 34.78 -31.00
CA TYR B 237 -15.05 35.24 -29.63
C TYR B 237 -16.01 36.42 -29.56
N LYS B 238 -15.88 37.37 -30.48
CA LYS B 238 -16.79 38.51 -30.51
C LYS B 238 -18.21 38.09 -30.89
N ALA B 239 -18.37 36.92 -31.54
CA ALA B 239 -19.69 36.39 -31.81
C ALA B 239 -20.42 35.96 -30.53
N GLY B 240 -19.70 35.73 -29.44
CA GLY B 240 -20.33 35.47 -28.16
C GLY B 240 -20.05 34.11 -27.56
N LYS B 241 -19.09 33.37 -28.12
CA LYS B 241 -18.76 32.04 -27.64
C LYS B 241 -17.28 31.96 -27.30
N VAL B 242 -16.99 31.46 -26.11
CA VAL B 242 -15.61 31.35 -25.63
C VAL B 242 -14.91 30.24 -26.40
N PRO B 243 -13.77 30.51 -27.04
CA PRO B 243 -13.08 29.48 -27.83
C PRO B 243 -12.48 28.38 -26.97
N TRP B 244 -11.73 28.76 -25.93
CA TRP B 244 -11.07 27.78 -25.09
C TRP B 244 -10.96 28.33 -23.67
N ARG B 245 -10.70 27.42 -22.73
CA ARG B 245 -10.59 27.76 -21.32
C ARG B 245 -9.44 26.94 -20.73
N LEU B 246 -8.78 27.52 -19.73
CA LEU B 246 -7.78 26.77 -18.96
C LEU B 246 -8.43 25.54 -18.34
N LEU B 247 -7.79 24.40 -18.49
CA LEU B 247 -8.34 23.17 -17.93
C LEU B 247 -8.27 23.26 -16.40
N PRO B 248 -9.39 23.20 -15.70
CA PRO B 248 -9.35 23.41 -14.25
C PRO B 248 -8.93 22.16 -13.50
N ASP B 249 -8.06 22.35 -12.51
CA ASP B 249 -7.72 21.27 -11.61
C ASP B 249 -8.96 20.84 -10.82
N GLN B 250 -9.05 19.54 -10.56
CA GLN B 250 -10.22 19.03 -9.83
C GLN B 250 -10.27 19.60 -8.41
N ALA B 251 -9.12 19.68 -7.74
CA ALA B 251 -9.06 20.20 -6.37
C ALA B 251 -8.30 21.52 -6.37
N GLU B 252 -9.05 22.60 -6.60
CA GLU B 252 -8.49 23.94 -6.54
C GLU B 252 -9.51 24.87 -5.90
N TYR B 253 -9.00 25.91 -5.24
CA TYR B 253 -9.86 26.89 -4.61
C TYR B 253 -10.60 27.69 -5.68
N ARG B 254 -11.89 27.95 -5.43
CA ARG B 254 -12.66 28.77 -6.36
C ARG B 254 -12.10 30.19 -6.34
N THR B 255 -11.34 30.55 -7.36
CA THR B 255 -10.57 31.79 -7.37
C THR B 255 -11.01 32.69 -8.51
N SER B 256 -10.95 33.99 -8.26
CA SER B 256 -11.21 35.00 -9.28
C SER B 256 -10.00 35.92 -9.35
N PHE B 257 -9.50 36.15 -10.57
CA PHE B 257 -8.34 36.98 -10.79
C PHE B 257 -8.78 38.39 -11.17
N LEU B 258 -8.23 39.39 -10.49
CA LEU B 258 -8.57 40.78 -10.73
C LEU B 258 -7.30 41.53 -11.11
N GLY B 259 -7.28 42.09 -12.31
CA GLY B 259 -6.16 42.86 -12.80
C GLY B 259 -6.45 44.35 -12.74
N ILE B 260 -5.46 45.13 -12.32
CA ILE B 260 -5.60 46.56 -12.12
C ILE B 260 -4.57 47.29 -12.98
N GLY B 261 -5.05 48.24 -13.79
CA GLY B 261 -4.18 49.01 -14.64
C GLY B 261 -4.56 50.48 -14.59
N PHE B 262 -3.74 51.30 -15.25
CA PHE B 262 -3.93 52.75 -15.25
C PHE B 262 -3.76 53.29 -16.66
N TYR B 263 -4.38 54.44 -16.91
CA TYR B 263 -4.31 55.08 -18.21
C TYR B 263 -4.46 56.58 -18.05
N ARG B 264 -3.95 57.32 -19.04
CA ARG B 264 -4.01 58.78 -19.00
C ARG B 264 -5.42 59.27 -19.35
N ASP B 265 -5.67 60.54 -19.04
CA ASP B 265 -7.02 61.12 -19.15
C ASP B 265 -7.14 62.00 -20.39
N LEU B 266 -6.54 61.60 -21.50
CA LEU B 266 -6.72 62.26 -22.79
C LEU B 266 -6.13 63.67 -22.80
N ASP B 267 -5.59 64.10 -21.66
CA ASP B 267 -4.87 65.36 -21.56
C ASP B 267 -3.40 65.14 -21.19
N GLY B 268 -3.00 63.91 -20.91
CA GLY B 268 -1.62 63.58 -20.64
C GLY B 268 -1.14 63.80 -19.22
N GLN B 269 -2.02 64.23 -18.30
CA GLN B 269 -1.60 64.52 -16.94
C GLN B 269 -2.28 63.63 -15.91
N GLN B 270 -3.61 63.57 -15.90
CA GLN B 270 -4.30 62.78 -14.89
C GLN B 270 -4.18 61.28 -15.20
N LEU B 271 -4.61 60.47 -14.24
CA LEU B 271 -4.42 59.02 -14.33
C LEU B 271 -5.60 58.33 -13.66
N TRP B 272 -6.43 57.66 -14.46
CA TRP B 272 -7.48 56.81 -13.95
C TRP B 272 -7.00 55.37 -13.79
N THR B 273 -7.84 54.54 -13.18
CA THR B 273 -7.55 53.13 -12.98
C THR B 273 -8.62 52.29 -13.66
N SER B 274 -8.17 51.33 -14.48
CA SER B 274 -9.05 50.42 -15.18
C SER B 274 -8.76 49.00 -14.73
N THR B 275 -9.82 48.20 -14.57
CA THR B 275 -9.72 46.87 -14.00
C THR B 275 -10.27 45.82 -14.94
N ALA B 276 -9.82 44.58 -14.73
CA ALA B 276 -10.31 43.42 -15.45
C ALA B 276 -10.46 42.26 -14.49
N GLN B 277 -11.58 41.55 -14.59
CA GLN B 277 -11.89 40.43 -13.71
C GLN B 277 -12.06 39.18 -14.54
N MET B 278 -11.45 38.08 -14.09
CA MET B 278 -11.50 36.82 -14.80
C MET B 278 -11.81 35.70 -13.82
N PHE B 279 -12.82 34.89 -14.15
CA PHE B 279 -13.19 33.75 -13.33
C PHE B 279 -14.01 32.78 -14.17
N ASP B 280 -14.12 31.56 -13.68
CA ASP B 280 -14.92 30.55 -14.37
C ASP B 280 -16.40 30.84 -14.20
N GLU B 281 -17.20 30.26 -15.10
CA GLU B 281 -18.63 30.53 -15.20
C GLU B 281 -19.46 29.45 -14.51
N ARG B 282 -18.96 28.88 -13.42
CA ARG B 282 -19.67 27.84 -12.66
C ARG B 282 -19.89 26.60 -13.50
N GLY B 283 -19.35 26.60 -14.72
CA GLY B 283 -19.50 25.51 -15.65
C GLY B 283 -18.33 25.42 -16.60
N ARG B 284 -18.61 25.26 -17.88
CA ARG B 284 -17.55 25.18 -18.88
C ARG B 284 -16.99 26.55 -19.28
N GLY B 285 -17.70 27.62 -18.97
CA GLY B 285 -17.34 28.93 -19.47
C GLY B 285 -16.25 29.63 -18.69
N LEU B 286 -15.86 30.79 -19.20
CA LEU B 286 -14.87 31.65 -18.55
C LEU B 286 -15.29 33.09 -18.77
N ILE B 287 -15.48 33.83 -17.68
CA ILE B 287 -15.98 35.20 -17.74
C ILE B 287 -14.81 36.16 -17.63
N LEU B 288 -14.74 37.13 -18.53
CA LEU B 288 -13.73 38.17 -18.51
C LEU B 288 -14.43 39.52 -18.62
N ARG B 289 -14.47 40.27 -17.51
CA ARG B 289 -15.13 41.56 -17.46
C ARG B 289 -14.09 42.68 -17.43
N GLY B 290 -14.50 43.84 -17.93
CA GLY B 290 -13.66 45.02 -17.86
C GLY B 290 -14.44 46.22 -17.37
N ALA B 291 -14.02 46.79 -16.24
CA ALA B 291 -14.75 47.87 -15.61
C ALA B 291 -13.78 48.95 -15.12
N ARG B 292 -14.31 50.16 -14.98
CA ARG B 292 -13.58 51.30 -14.45
C ARG B 292 -14.02 51.56 -13.01
N ALA B 293 -13.07 52.00 -12.19
CA ALA B 293 -13.39 52.40 -10.83
C ALA B 293 -14.42 53.52 -10.84
N GLN B 294 -15.43 53.39 -10.00
CA GLN B 294 -16.52 54.35 -9.94
C GLN B 294 -16.15 55.62 -9.18
N THR B 295 -14.96 55.69 -8.61
CA THR B 295 -14.54 56.84 -7.82
C THR B 295 -14.24 58.03 -8.74
N GLU B 296 -13.96 59.17 -8.12
CA GLU B 296 -13.60 60.38 -8.86
C GLU B 296 -12.36 61.04 -8.26
N THR B 297 -11.57 60.31 -7.47
CA THR B 297 -10.36 60.88 -6.90
C THR B 297 -9.30 61.06 -7.99
N ARG B 298 -9.27 62.24 -8.59
CA ARG B 298 -8.37 62.52 -9.71
C ARG B 298 -6.94 62.71 -9.18
N GLY B 299 -5.98 62.43 -10.05
CA GLY B 299 -4.58 62.60 -9.69
C GLY B 299 -3.65 62.02 -10.74
N ARG B 300 -2.35 62.03 -10.46
CA ARG B 300 -1.35 61.46 -11.35
C ARG B 300 -0.65 60.25 -10.77
N HIS B 301 -1.06 59.78 -9.59
CA HIS B 301 -0.40 58.66 -8.95
C HIS B 301 -0.82 57.35 -9.61
N PRO B 302 0.13 56.53 -10.06
CA PRO B 302 -0.18 55.20 -10.62
C PRO B 302 -0.45 54.14 -9.56
N TYR B 303 -1.26 54.50 -8.56
CA TYR B 303 -1.63 53.57 -7.52
C TYR B 303 -2.96 54.01 -6.91
N LEU B 304 -3.63 53.06 -6.28
CA LEU B 304 -4.93 53.31 -5.67
C LEU B 304 -4.77 53.91 -4.29
N THR B 305 -5.88 54.41 -3.74
CA THR B 305 -5.93 54.92 -2.39
C THR B 305 -6.59 53.88 -1.48
N ALA B 306 -6.87 54.27 -0.23
CA ALA B 306 -7.42 53.33 0.74
C ALA B 306 -8.84 52.92 0.36
N LYS B 307 -9.76 53.90 0.30
CA LYS B 307 -11.16 53.56 0.03
C LYS B 307 -11.40 53.22 -1.43
N ASP B 308 -10.63 53.80 -2.36
CA ASP B 308 -10.85 53.53 -3.77
C ASP B 308 -10.51 52.07 -4.11
N ALA B 309 -9.44 51.54 -3.52
CA ALA B 309 -9.12 50.13 -3.72
C ALA B 309 -10.15 49.22 -3.11
N GLU B 310 -10.75 49.63 -1.98
CA GLU B 310 -11.78 48.82 -1.34
C GLU B 310 -13.00 48.66 -2.22
N ASP B 311 -13.43 49.75 -2.87
CA ASP B 311 -14.59 49.68 -3.76
C ASP B 311 -14.30 48.82 -4.98
N LEU B 312 -13.05 48.77 -5.42
CA LEU B 312 -12.70 47.93 -6.56
C LEU B 312 -12.90 46.45 -6.24
N VAL B 313 -12.51 46.02 -5.05
CA VAL B 313 -12.68 44.62 -4.66
C VAL B 313 -14.17 44.33 -4.44
N VAL B 314 -14.89 45.27 -3.84
CA VAL B 314 -16.31 45.06 -3.58
C VAL B 314 -17.06 44.81 -4.89
N GLN B 315 -16.74 45.58 -5.93
CA GLN B 315 -17.34 45.34 -7.23
C GLN B 315 -16.96 43.97 -7.77
N SER B 316 -15.69 43.59 -7.66
CA SER B 316 -15.25 42.30 -8.18
C SER B 316 -15.91 41.14 -7.45
N ILE B 317 -16.05 41.24 -6.13
CA ILE B 317 -16.73 40.20 -5.37
C ILE B 317 -18.19 40.11 -5.79
N ALA B 318 -18.85 41.27 -5.93
CA ALA B 318 -20.25 41.28 -6.34
C ALA B 318 -20.44 40.68 -7.72
N ALA B 319 -19.55 41.02 -8.66
CA ALA B 319 -19.65 40.45 -10.01
C ALA B 319 -19.45 38.94 -9.99
N TYR B 320 -18.49 38.47 -9.18
CA TYR B 320 -18.30 37.03 -9.02
C TYR B 320 -19.52 36.39 -8.37
N LYS B 321 -20.08 37.05 -7.34
CA LYS B 321 -21.23 36.50 -6.65
C LYS B 321 -22.48 36.44 -7.53
N ALA B 322 -22.56 37.27 -8.56
CA ALA B 322 -23.70 37.23 -9.46
C ALA B 322 -23.75 35.97 -10.30
N HIS B 323 -22.62 35.28 -10.46
CA HIS B 323 -22.56 34.06 -11.25
C HIS B 323 -22.54 32.79 -10.41
N HIS B 324 -21.73 32.76 -9.35
CA HIS B 324 -21.58 31.57 -8.54
C HIS B 324 -22.50 31.55 -7.33
N ARG B 325 -23.11 32.69 -6.98
CA ARG B 325 -23.95 32.83 -5.80
C ARG B 325 -23.18 32.53 -4.51
N HIS B 326 -21.86 32.66 -4.54
CA HIS B 326 -21.04 32.53 -3.35
C HIS B 326 -19.74 33.29 -3.57
N VAL B 327 -19.21 33.87 -2.51
CA VAL B 327 -17.98 34.65 -2.58
C VAL B 327 -16.81 33.72 -2.93
N PRO B 328 -15.82 34.19 -3.66
CA PRO B 328 -14.71 33.31 -4.05
C PRO B 328 -13.88 32.89 -2.84
N ALA B 329 -13.29 31.69 -2.94
CA ALA B 329 -12.40 31.21 -1.90
C ALA B 329 -11.09 32.00 -1.90
N ARG B 330 -10.54 32.25 -3.08
CA ARG B 330 -9.28 32.97 -3.23
C ARG B 330 -9.49 34.15 -4.18
N LEU B 331 -8.88 35.28 -3.86
CA LEU B 331 -8.92 36.46 -4.71
C LEU B 331 -7.48 36.87 -5.03
N VAL B 332 -7.06 36.68 -6.26
CA VAL B 332 -5.72 37.03 -6.72
C VAL B 332 -5.82 38.38 -7.42
N VAL B 333 -5.06 39.36 -6.93
CA VAL B 333 -5.05 40.70 -7.47
C VAL B 333 -3.70 40.94 -8.14
N LEU B 334 -3.74 41.29 -9.43
CA LEU B 334 -2.54 41.60 -10.20
C LEU B 334 -2.56 43.08 -10.55
N LYS B 335 -1.48 43.78 -10.21
CA LYS B 335 -1.39 45.21 -10.45
C LYS B 335 -0.13 45.52 -11.23
N THR B 336 -0.19 46.60 -12.01
CA THR B 336 0.94 47.04 -12.81
C THR B 336 1.93 47.89 -12.03
N SER B 337 1.61 48.24 -10.78
CA SER B 337 2.48 49.04 -9.94
C SER B 337 2.58 48.40 -8.56
N ARG B 338 3.64 48.78 -7.83
CA ARG B 338 3.91 48.18 -6.54
C ARG B 338 2.77 48.46 -5.56
N PHE B 339 2.36 47.41 -4.85
CA PHE B 339 1.31 47.55 -3.85
C PHE B 339 1.82 48.34 -2.65
N ARG B 340 1.05 49.31 -2.20
CA ARG B 340 1.42 50.16 -1.07
C ARG B 340 0.58 49.82 0.14
N SER B 341 0.97 50.39 1.28
CA SER B 341 0.29 50.09 2.54
C SER B 341 -1.18 50.52 2.50
N GLU B 342 -1.45 51.71 1.95
CA GLU B 342 -2.83 52.17 1.86
C GLU B 342 -3.66 51.27 0.95
N GLU B 343 -3.06 50.80 -0.15
CA GLU B 343 -3.77 49.91 -1.07
C GLU B 343 -4.08 48.57 -0.40
N ALA B 344 -3.06 47.95 0.20
CA ALA B 344 -3.23 46.62 0.77
C ALA B 344 -4.26 46.62 1.90
N GLU B 345 -4.20 47.62 2.78
CA GLU B 345 -5.20 47.71 3.84
C GLU B 345 -6.58 48.01 3.28
N GLY B 346 -6.65 48.68 2.12
CA GLY B 346 -7.92 48.86 1.47
C GLY B 346 -8.49 47.55 0.93
N ILE B 347 -7.62 46.71 0.35
CA ILE B 347 -8.06 45.39 -0.11
C ILE B 347 -8.51 44.54 1.06
N ASP B 348 -7.75 44.57 2.16
CA ASP B 348 -8.08 43.73 3.32
C ASP B 348 -9.42 44.13 3.93
N ALA B 349 -9.72 45.43 3.94
CA ALA B 349 -10.98 45.88 4.50
C ALA B 349 -12.17 45.34 3.70
N ALA B 350 -12.07 45.32 2.38
CA ALA B 350 -13.15 44.79 1.56
C ALA B 350 -13.33 43.29 1.79
N LEU B 351 -12.23 42.55 1.91
CA LEU B 351 -12.32 41.12 2.14
C LEU B 351 -12.91 40.81 3.51
N GLY B 352 -12.55 41.60 4.52
CA GLY B 352 -13.13 41.40 5.84
C GLY B 352 -14.63 41.58 5.85
N LYS B 353 -15.13 42.53 5.07
CA LYS B 353 -16.56 42.75 4.96
C LYS B 353 -17.26 41.64 4.17
N SER B 354 -16.51 40.80 3.46
CA SER B 354 -17.08 39.75 2.62
C SER B 354 -16.72 38.34 3.07
N GLY B 355 -15.72 38.16 3.92
CA GLY B 355 -15.38 36.85 4.41
C GLY B 355 -14.49 36.04 3.49
N ILE B 356 -13.80 36.67 2.55
CA ILE B 356 -12.87 35.95 1.69
C ILE B 356 -11.72 35.40 2.52
N GLU B 357 -11.42 34.11 2.34
CA GLU B 357 -10.39 33.47 3.15
C GLU B 357 -8.99 33.88 2.69
N MET B 358 -8.66 33.60 1.43
CA MET B 358 -7.30 33.75 0.93
C MET B 358 -7.23 34.84 -0.12
N SER B 359 -6.15 35.62 -0.08
CA SER B 359 -5.91 36.67 -1.05
C SER B 359 -4.44 36.72 -1.41
N ASP B 360 -4.16 37.19 -2.63
CA ASP B 360 -2.80 37.38 -3.10
C ASP B 360 -2.70 38.71 -3.82
N LEU B 361 -1.71 39.51 -3.45
CA LEU B 361 -1.50 40.84 -4.01
C LEU B 361 -0.15 40.82 -4.74
N VAL B 362 -0.19 40.71 -6.06
CA VAL B 362 1.01 40.55 -6.87
C VAL B 362 1.16 41.77 -7.77
N TRP B 363 2.37 42.33 -7.80
CA TRP B 363 2.71 43.44 -8.68
C TRP B 363 3.49 42.85 -9.85
N VAL B 364 2.87 42.82 -11.03
CA VAL B 364 3.50 42.29 -12.23
C VAL B 364 4.38 43.39 -12.82
N GLN B 365 5.69 43.21 -12.77
CA GLN B 365 6.65 44.21 -13.20
C GLN B 365 7.39 43.72 -14.43
N GLU B 366 7.43 44.54 -15.48
CA GLU B 366 8.19 44.23 -16.68
C GLU B 366 9.49 45.02 -16.78
N SER B 367 9.65 46.06 -15.96
CA SER B 367 10.86 46.90 -16.00
C SER B 367 11.89 46.41 -14.99
N SER B 368 12.29 45.15 -15.11
CA SER B 368 13.28 44.57 -14.21
C SER B 368 14.53 44.22 -14.99
N PRO B 369 15.71 44.65 -14.53
CA PRO B 369 16.95 44.33 -15.25
C PRO B 369 17.48 42.93 -14.99
N ILE B 370 16.83 42.16 -14.11
CA ILE B 370 17.31 40.83 -13.77
C ILE B 370 16.92 39.86 -14.88
N ALA B 371 17.86 39.00 -15.26
CA ALA B 371 17.61 37.98 -16.28
C ALA B 371 18.64 36.88 -16.13
N ILE B 372 18.32 35.73 -16.71
CA ILE B 372 19.23 34.59 -16.74
C ILE B 372 19.47 34.20 -18.19
N PHE B 373 20.65 33.66 -18.46
CA PHE B 373 21.05 33.34 -19.82
C PHE B 373 21.64 31.94 -19.86
N ARG B 374 21.05 31.07 -20.68
CA ARG B 374 21.62 29.76 -20.93
C ARG B 374 22.76 29.87 -21.94
N ASP B 375 23.39 28.74 -22.23
CA ASP B 375 24.49 28.68 -23.17
C ASP B 375 23.99 28.15 -24.51
N GLY B 376 24.03 29.00 -25.52
CA GLY B 376 23.55 28.62 -26.84
C GLY B 376 23.01 29.85 -27.56
N ASN B 377 22.44 29.60 -28.73
CA ASN B 377 21.86 30.66 -29.56
C ASN B 377 20.39 30.90 -29.27
N TYR B 378 19.81 30.20 -28.31
CA TYR B 378 18.39 30.33 -27.98
C TYR B 378 18.24 30.66 -26.51
N PRO B 379 17.19 31.40 -26.15
CA PRO B 379 16.97 31.77 -24.75
C PRO B 379 16.40 30.60 -23.95
N VAL B 380 16.18 30.85 -22.66
CA VAL B 380 15.67 29.81 -21.78
C VAL B 380 14.26 29.41 -22.18
N LEU B 381 13.83 28.25 -21.69
CA LEU B 381 12.51 27.74 -21.99
C LEU B 381 11.43 28.63 -21.39
N ARG B 382 10.32 28.76 -22.10
CA ARG B 382 9.16 29.47 -21.55
C ARG B 382 8.62 28.71 -20.35
N GLY B 383 8.36 29.44 -19.26
CA GLY B 383 7.97 28.82 -18.01
C GLY B 383 9.09 28.69 -17.00
N THR B 384 10.32 29.04 -17.38
CA THR B 384 11.43 29.03 -16.43
C THR B 384 11.17 30.04 -15.32
N PHE B 385 11.38 29.61 -14.09
CA PHE B 385 11.08 30.41 -12.91
C PHE B 385 12.26 30.39 -11.96
N VAL B 386 12.60 31.56 -11.43
CA VAL B 386 13.68 31.70 -10.45
C VAL B 386 13.12 32.44 -9.25
N ASP B 387 13.34 31.88 -8.06
CA ASP B 387 12.83 32.45 -6.81
C ASP B 387 13.90 33.36 -6.23
N LEU B 388 13.75 34.67 -6.43
CA LEU B 388 14.72 35.65 -5.96
C LEU B 388 14.24 36.27 -4.64
N ASP B 389 14.27 35.43 -3.60
CA ASP B 389 13.95 35.84 -2.23
C ASP B 389 12.55 36.49 -2.20
N GLY B 390 11.54 35.64 -2.41
CA GLY B 390 10.17 36.07 -2.34
C GLY B 390 9.67 36.84 -3.56
N LYS B 391 10.54 37.11 -4.53
CA LYS B 391 10.16 37.79 -5.76
C LYS B 391 10.36 36.81 -6.91
N GLY B 392 9.31 36.62 -7.71
CA GLY B 392 9.33 35.62 -8.75
C GLY B 392 9.80 36.19 -10.08
N LEU B 393 10.81 35.55 -10.65
CA LEU B 393 11.32 35.90 -11.98
C LEU B 393 10.76 34.86 -12.95
N LEU B 394 9.64 35.20 -13.57
CA LEU B 394 8.90 34.28 -14.43
C LEU B 394 9.19 34.58 -15.90
N TYR B 395 9.52 33.55 -16.67
CA TYR B 395 9.81 33.68 -18.08
C TYR B 395 8.58 33.26 -18.89
N THR B 396 7.65 34.19 -19.04
CA THR B 396 6.45 33.93 -19.83
C THR B 396 6.76 33.81 -21.31
N ARG B 397 7.85 34.40 -21.77
CA ARG B 397 8.28 34.29 -23.16
C ARG B 397 9.68 33.69 -23.23
N GLY B 398 9.90 32.89 -24.26
CA GLY B 398 11.17 32.21 -24.42
C GLY B 398 11.03 31.07 -25.43
N SER B 399 12.01 30.18 -25.40
CA SER B 399 11.98 29.04 -26.29
C SER B 399 10.78 28.15 -25.97
N VAL B 400 10.02 27.79 -27.00
CA VAL B 400 8.83 26.97 -26.86
C VAL B 400 9.11 25.64 -27.57
N PRO B 401 9.21 24.53 -26.83
CA PRO B 401 9.45 23.24 -27.49
C PRO B 401 8.38 22.85 -28.49
N PHE B 402 7.12 23.23 -28.23
CA PHE B 402 6.05 22.93 -29.18
C PHE B 402 6.27 23.65 -30.51
N TYR B 403 6.65 24.93 -30.45
CA TYR B 403 6.86 25.69 -31.67
C TYR B 403 8.16 25.34 -32.38
N GLY B 404 9.13 24.77 -31.66
CA GLY B 404 10.40 24.45 -32.24
C GLY B 404 11.34 25.62 -32.39
N THR B 405 11.01 26.78 -31.82
CA THR B 405 11.85 27.97 -31.94
C THR B 405 11.42 28.94 -30.84
N PHE B 406 11.94 30.16 -30.91
CA PHE B 406 11.51 31.23 -30.01
C PHE B 406 10.93 32.36 -30.85
N PRO B 407 9.61 32.58 -30.81
CA PRO B 407 8.99 33.63 -31.65
C PRO B 407 9.18 35.03 -31.08
N GLY B 408 10.42 35.54 -31.18
CA GLY B 408 10.75 36.86 -30.69
C GLY B 408 11.85 37.49 -31.51
N LEU B 409 12.14 38.74 -31.19
CA LEU B 409 13.13 39.52 -31.92
C LEU B 409 14.49 39.60 -31.24
N ARG B 410 14.52 39.59 -29.91
CA ARG B 410 15.76 39.65 -29.14
C ARG B 410 15.62 38.70 -27.97
N VAL B 411 16.57 38.75 -27.04
CA VAL B 411 16.43 37.92 -25.84
C VAL B 411 15.20 38.38 -25.05
N PRO B 412 14.28 37.48 -24.69
CA PRO B 412 13.05 37.92 -24.03
C PRO B 412 13.31 38.49 -22.66
N ARG B 413 12.50 39.47 -22.28
CA ARG B 413 12.58 40.13 -20.99
C ARG B 413 11.60 39.50 -20.03
N PRO B 414 12.06 38.95 -18.91
CA PRO B 414 11.16 38.22 -18.01
C PRO B 414 10.28 39.15 -17.19
N LEU B 415 9.21 38.56 -16.65
CA LEU B 415 8.38 39.23 -15.67
C LEU B 415 8.98 39.06 -14.29
N LEU B 416 8.79 40.07 -13.44
CA LEU B 416 9.18 40.00 -12.04
C LEU B 416 7.94 40.14 -11.19
N LEU B 417 7.53 39.05 -10.54
CA LEU B 417 6.35 39.05 -9.69
C LEU B 417 6.76 39.40 -8.27
N VAL B 418 6.24 40.52 -7.77
CA VAL B 418 6.59 40.99 -6.44
C VAL B 418 5.35 40.96 -5.57
N PRO B 419 5.09 39.86 -4.85
CA PRO B 419 3.91 39.81 -3.99
C PRO B 419 4.05 40.76 -2.81
N HIS B 420 2.89 41.26 -2.37
CA HIS B 420 2.87 42.09 -1.17
C HIS B 420 3.01 41.21 0.07
N GLU B 421 3.27 41.86 1.21
CA GLU B 421 3.38 41.13 2.46
C GLU B 421 2.06 40.45 2.82
N ASN B 422 0.94 41.12 2.58
CA ASN B 422 -0.38 40.55 2.84
C ASN B 422 -0.80 39.62 1.70
N SER B 423 -0.01 38.56 1.51
CA SER B 423 -0.27 37.56 0.49
C SER B 423 -0.27 36.19 1.12
N ASP B 424 -1.10 35.30 0.57
CA ASP B 424 -1.28 33.95 1.12
C ASP B 424 -0.47 32.91 0.35
N SER B 425 -0.70 32.79 -0.95
CA SER B 425 -0.04 31.76 -1.74
C SER B 425 1.45 32.02 -1.85
N THR B 426 2.22 30.94 -1.92
CA THR B 426 3.65 31.05 -2.16
C THR B 426 3.93 31.50 -3.59
N ILE B 427 5.12 32.06 -3.80
CA ILE B 427 5.47 32.61 -5.11
C ILE B 427 5.49 31.52 -6.17
N LEU B 428 5.80 30.28 -5.78
CA LEU B 428 5.83 29.19 -6.76
C LEU B 428 4.44 28.93 -7.33
N THR B 429 3.41 28.95 -6.50
CA THR B 429 2.06 28.74 -6.99
C THR B 429 1.53 29.97 -7.73
N LEU B 430 1.91 31.16 -7.27
CA LEU B 430 1.48 32.39 -7.94
C LEU B 430 2.03 32.46 -9.36
N ALA B 431 3.30 32.09 -9.53
CA ALA B 431 3.89 32.09 -10.87
C ALA B 431 3.20 31.07 -11.78
N LYS B 432 2.84 29.91 -11.23
CA LYS B 432 2.13 28.91 -12.01
C LYS B 432 0.77 29.44 -12.47
N ASP B 433 0.09 30.19 -11.61
CA ASP B 433 -1.18 30.78 -11.99
C ASP B 433 -0.99 31.89 -13.03
N VAL B 434 0.03 32.73 -12.83
CA VAL B 434 0.29 33.82 -13.78
C VAL B 434 0.65 33.27 -15.15
N LEU B 435 1.49 32.23 -15.19
CA LEU B 435 1.87 31.63 -16.46
C LEU B 435 0.65 31.05 -17.18
N ALA B 436 -0.26 30.44 -16.43
CA ALA B 436 -1.47 29.88 -17.04
C ALA B 436 -2.36 30.98 -17.61
N LEU B 437 -2.43 32.13 -16.93
CA LEU B 437 -3.29 33.21 -17.37
C LEU B 437 -2.84 33.82 -18.70
N THR B 438 -1.57 33.64 -19.07
CA THR B 438 -1.09 34.19 -20.33
C THR B 438 -1.63 33.45 -21.54
N LYS B 439 -2.08 32.21 -21.37
CA LYS B 439 -2.57 31.39 -22.47
C LYS B 439 -4.05 31.58 -22.76
N VAL B 440 -4.75 32.43 -22.00
CA VAL B 440 -6.19 32.53 -22.12
C VAL B 440 -6.58 33.89 -22.70
N ASN B 441 -5.61 34.58 -23.30
CA ASN B 441 -5.87 35.84 -23.99
C ASN B 441 -6.41 35.50 -25.37
N TRP B 442 -7.69 35.79 -25.60
CA TRP B 442 -8.38 35.37 -26.81
C TRP B 442 -8.13 36.28 -28.01
N ASN B 443 -7.43 37.40 -27.83
CA ASN B 443 -7.16 38.27 -28.96
C ASN B 443 -6.19 37.66 -29.96
N THR B 444 -5.52 36.57 -29.60
CA THR B 444 -4.59 35.91 -30.51
C THR B 444 -4.60 34.41 -30.21
N THR B 445 -4.17 33.63 -31.19
CA THR B 445 -4.09 32.19 -31.05
C THR B 445 -2.72 31.70 -30.59
N GLN B 446 -1.69 32.52 -30.74
CA GLN B 446 -0.37 32.17 -30.23
C GLN B 446 -0.39 32.24 -28.70
N PHE B 447 0.10 31.19 -28.06
CA PHE B 447 -0.14 30.98 -26.63
C PHE B 447 1.00 31.44 -25.73
N ASP B 448 2.04 32.07 -26.28
CA ASP B 448 3.13 32.59 -25.47
C ASP B 448 2.98 34.11 -25.42
N GLN B 449 2.19 34.59 -24.45
CA GLN B 449 2.01 36.01 -24.22
C GLN B 449 2.79 36.42 -22.97
N LYS B 450 3.45 37.58 -23.05
CA LYS B 450 4.26 38.03 -21.94
C LYS B 450 3.43 38.31 -20.70
N LEU B 451 2.26 38.91 -20.85
CA LEU B 451 1.49 39.38 -19.72
C LEU B 451 0.29 38.47 -19.44
N PRO B 452 -0.11 38.35 -18.17
CA PRO B 452 -1.34 37.61 -17.86
C PRO B 452 -2.57 38.33 -18.37
N ALA B 453 -3.63 37.55 -18.59
CA ALA B 453 -4.84 38.11 -19.18
C ALA B 453 -5.46 39.24 -18.37
N PRO B 454 -5.63 39.14 -17.04
CA PRO B 454 -6.22 40.27 -16.31
C PRO B 454 -5.41 41.56 -16.45
N ILE B 455 -4.08 41.47 -16.45
CA ILE B 455 -3.27 42.65 -16.68
C ILE B 455 -3.39 43.12 -18.12
N LYS B 456 -3.35 42.19 -19.07
CA LYS B 456 -3.49 42.54 -20.47
C LYS B 456 -4.86 43.14 -20.76
N ALA B 457 -5.91 42.55 -20.20
CA ALA B 457 -7.26 43.04 -20.46
C ALA B 457 -7.50 44.40 -19.81
N ALA B 458 -6.85 44.66 -18.66
CA ALA B 458 -7.01 45.96 -18.00
C ALA B 458 -6.51 47.10 -18.88
N ARG B 459 -5.35 46.90 -19.52
CA ARG B 459 -4.80 47.95 -20.38
C ARG B 459 -5.67 48.16 -21.62
N GLU B 460 -6.19 47.06 -22.20
CA GLU B 460 -7.05 47.18 -23.36
C GLU B 460 -8.33 47.94 -23.03
N VAL B 461 -8.89 47.69 -21.83
CA VAL B 461 -10.07 48.41 -21.40
C VAL B 461 -9.77 49.90 -21.24
N GLY B 462 -8.57 50.22 -20.77
CA GLY B 462 -8.22 51.62 -20.56
C GLY B 462 -8.20 52.42 -21.86
N ARG B 463 -7.81 51.79 -22.97
CA ARG B 463 -7.78 52.49 -24.25
C ARG B 463 -9.15 52.99 -24.65
N ILE B 464 -10.16 52.12 -24.57
CA ILE B 464 -11.51 52.49 -24.97
C ILE B 464 -12.12 53.47 -23.96
N LEU B 465 -11.95 53.18 -22.67
CA LEU B 465 -12.56 53.99 -21.63
C LEU B 465 -11.91 55.37 -21.49
N LYS B 466 -10.78 55.61 -22.16
CA LYS B 466 -10.18 56.94 -22.14
C LYS B 466 -11.11 57.98 -22.74
N HIS B 467 -11.94 57.58 -23.71
CA HIS B 467 -12.84 58.49 -24.39
C HIS B 467 -14.28 58.40 -23.88
N VAL B 468 -14.54 57.60 -22.86
CA VAL B 468 -15.88 57.46 -22.30
C VAL B 468 -16.00 58.42 -21.12
N GLU B 469 -16.99 59.31 -21.19
CA GLU B 469 -17.20 60.27 -20.11
C GLU B 469 -17.58 59.54 -18.82
N PHE B 470 -17.02 60.00 -17.71
CA PHE B 470 -17.26 59.36 -16.43
C PHE B 470 -18.75 59.45 -16.07
N GLY B 471 -19.25 58.39 -15.43
CA GLY B 471 -20.65 58.30 -15.07
C GLY B 471 -21.53 57.70 -16.13
N THR B 472 -20.99 57.41 -17.32
CA THR B 472 -21.75 56.78 -18.39
C THR B 472 -21.66 55.26 -18.24
N ALA B 473 -22.81 54.62 -18.09
CA ALA B 473 -22.83 53.16 -17.95
C ALA B 473 -22.53 52.51 -19.29
N VAL B 474 -21.54 51.61 -19.29
CA VAL B 474 -21.10 50.93 -20.49
C VAL B 474 -21.03 49.43 -20.21
N SER B 475 -21.08 48.65 -21.28
CA SER B 475 -21.02 47.20 -21.15
C SER B 475 -19.67 46.77 -20.61
N SER B 476 -19.71 45.84 -19.66
CA SER B 476 -18.50 45.29 -19.06
C SER B 476 -17.97 44.06 -19.80
N ASP B 477 -18.68 43.61 -20.83
CA ASP B 477 -18.20 42.50 -21.63
C ASP B 477 -16.90 42.86 -22.33
N PHE B 478 -15.91 41.96 -22.25
CA PHE B 478 -14.61 42.23 -22.85
C PHE B 478 -14.65 42.14 -24.38
N ARG B 479 -15.71 41.56 -24.95
CA ARG B 479 -15.81 41.46 -26.39
C ARG B 479 -15.86 42.82 -27.05
N ARG B 480 -16.42 43.82 -26.35
CA ARG B 480 -16.50 45.17 -26.89
C ARG B 480 -15.17 45.91 -26.85
N TYR B 481 -14.17 45.38 -26.15
CA TYR B 481 -12.88 46.06 -26.01
C TYR B 481 -11.74 45.37 -26.74
N THR B 482 -11.79 44.05 -26.88
CA THR B 482 -10.73 43.31 -27.56
C THR B 482 -10.83 43.48 -29.07
N ILE E 19 49.40 -12.55 41.78
CA ILE E 19 50.45 -13.00 40.86
C ILE E 19 49.98 -14.24 40.10
N THR E 20 49.59 -14.04 38.85
CA THR E 20 49.16 -15.14 38.01
C THR E 20 50.36 -15.97 37.55
N ASP E 21 50.10 -17.24 37.25
CA ASP E 21 51.16 -18.11 36.73
C ASP E 21 51.63 -17.69 35.35
N SER E 22 50.81 -16.94 34.61
CA SER E 22 51.17 -16.44 33.29
C SER E 22 51.72 -15.02 33.33
N GLN E 23 51.90 -14.43 34.51
CA GLN E 23 52.38 -13.06 34.60
C GLN E 23 53.81 -12.94 34.05
N VAL E 24 54.66 -13.92 34.34
CA VAL E 24 56.01 -13.91 33.79
C VAL E 24 55.97 -14.02 32.27
N LEU E 25 55.07 -14.85 31.76
CA LEU E 25 55.01 -15.14 30.32
C LEU E 25 54.01 -14.24 29.60
N GLY E 26 52.74 -14.31 29.98
CA GLY E 26 51.72 -13.57 29.25
C GLY E 26 51.80 -12.06 29.46
N GLU E 27 51.97 -11.63 30.72
CA GLU E 27 51.96 -10.20 31.01
C GLU E 27 53.20 -9.50 30.44
N LEU E 28 54.36 -10.14 30.56
CA LEU E 28 55.60 -9.58 30.05
C LEU E 28 55.83 -9.88 28.58
N GLY E 29 54.98 -10.72 27.97
CA GLY E 29 55.11 -10.98 26.55
C GLY E 29 54.82 -9.75 25.70
N GLU E 30 53.78 -9.01 26.05
CA GLU E 30 53.43 -7.80 25.31
C GLU E 30 54.48 -6.71 25.45
N THR E 31 55.30 -6.75 26.51
CA THR E 31 56.36 -5.75 26.67
C THR E 31 57.38 -5.86 25.55
N ALA E 32 57.77 -7.09 25.18
CA ALA E 32 58.74 -7.26 24.10
C ALA E 32 58.12 -6.97 22.74
N ILE E 33 56.81 -7.17 22.59
CA ILE E 33 56.15 -6.89 21.32
C ILE E 33 56.18 -5.41 21.01
N LYS E 34 56.07 -4.56 22.04
CA LYS E 34 56.06 -3.12 21.82
C LYS E 34 57.37 -2.63 21.24
N LYS E 35 58.48 -3.34 21.52
CA LYS E 35 59.78 -2.89 21.01
C LYS E 35 59.82 -2.90 19.49
N ILE E 36 59.21 -3.91 18.87
CA ILE E 36 59.17 -3.96 17.40
C ILE E 36 58.41 -2.76 16.85
N VAL E 37 57.27 -2.43 17.47
CA VAL E 37 56.49 -1.28 17.02
C VAL E 37 57.12 0.04 17.43
N LEU E 38 57.85 0.07 18.54
CA LEU E 38 58.45 1.33 19.01
C LEU E 38 59.46 1.85 18.00
N GLU E 39 60.32 0.98 17.47
CA GLU E 39 61.27 1.40 16.45
C GLU E 39 60.60 1.62 15.10
N THR E 40 59.49 0.93 14.84
CA THR E 40 58.80 1.09 13.56
C THR E 40 58.22 2.49 13.40
N GLY E 41 57.88 3.15 14.51
CA GLY E 41 57.32 4.48 14.45
C GLY E 41 55.82 4.58 14.61
N PHE E 42 55.15 3.48 14.97
CA PHE E 42 53.70 3.48 15.13
C PHE E 42 53.35 3.54 16.62
N LEU E 43 52.30 4.29 16.93
CA LEU E 43 51.86 4.45 18.30
C LEU E 43 51.35 3.13 18.87
N TYR E 44 51.49 2.97 20.18
CA TYR E 44 50.95 1.82 20.90
C TYR E 44 50.26 2.33 22.16
N GLU E 45 48.94 2.23 22.20
CA GLU E 45 48.15 2.68 23.34
C GLU E 45 47.73 1.47 24.16
N GLN E 46 48.01 1.52 25.46
CA GLN E 46 47.70 0.40 26.34
C GLN E 46 46.20 0.19 26.45
N ARG E 47 45.78 -1.08 26.44
CA ARG E 47 44.38 -1.45 26.56
C ARG E 47 44.30 -2.65 27.48
N GLY E 48 43.14 -3.30 27.50
CA GLY E 48 42.94 -4.43 28.39
C GLY E 48 43.83 -5.60 28.02
N ARG E 49 44.20 -6.39 29.04
CA ARG E 49 45.05 -7.55 28.83
C ARG E 49 44.27 -8.68 28.18
N LEU E 50 43.20 -9.13 28.83
CA LEU E 50 42.32 -10.17 28.31
C LEU E 50 40.94 -9.55 28.15
N GLU E 51 40.72 -8.92 26.99
CA GLU E 51 39.47 -8.26 26.67
C GLU E 51 39.04 -8.65 25.26
N ALA E 52 37.78 -8.37 24.94
CA ALA E 52 37.19 -8.81 23.68
C ALA E 52 37.49 -7.77 22.60
N GLY E 53 38.46 -8.08 21.74
CA GLY E 53 38.69 -7.28 20.55
C GLY E 53 40.05 -6.64 20.40
N THR E 54 40.60 -6.05 21.46
CA THR E 54 41.87 -5.34 21.33
C THR E 54 42.71 -5.51 22.59
N ASP E 55 44.02 -5.42 22.41
CA ASP E 55 44.98 -5.28 23.50
C ASP E 55 45.84 -4.03 23.37
N GLY E 56 46.00 -3.51 22.15
CA GLY E 56 46.72 -2.27 21.92
C GLY E 56 46.19 -1.59 20.69
N ILE E 57 46.56 -0.32 20.52
CA ILE E 57 46.08 0.52 19.43
C ILE E 57 47.27 1.03 18.65
N ILE E 58 47.20 0.94 17.32
CA ILE E 58 48.24 1.43 16.42
C ILE E 58 47.68 2.59 15.62
N GLU E 59 48.41 3.71 15.59
CA GLU E 59 48.04 4.88 14.80
C GLU E 59 49.23 5.30 13.94
N LEU E 60 48.99 5.48 12.65
CA LEU E 60 50.02 5.97 11.76
C LEU E 60 50.31 7.44 12.05
N ARG E 61 51.57 7.83 11.87
CA ARG E 61 51.99 9.19 12.20
C ARG E 61 52.98 9.68 11.15
N ASP E 62 52.99 10.99 10.95
CA ASP E 62 53.94 11.61 10.03
C ASP E 62 55.29 11.78 10.70
N PRO E 63 56.38 11.26 10.13
CA PRO E 63 57.69 11.39 10.79
C PRO E 63 58.15 12.82 10.95
N LYS E 64 57.83 13.71 10.00
CA LYS E 64 58.36 15.07 10.06
C LYS E 64 57.69 15.89 11.15
N SER E 65 56.37 15.81 11.26
CA SER E 65 55.61 16.65 12.19
C SER E 65 55.13 15.92 13.43
N GLY E 66 54.64 14.69 13.29
CA GLY E 66 54.09 13.96 14.41
C GLY E 66 52.64 14.23 14.72
N ALA E 67 51.96 15.01 13.89
CA ALA E 67 50.55 15.26 14.11
C ALA E 67 49.73 14.00 13.84
N PRO E 68 48.60 13.83 14.51
CA PRO E 68 47.76 12.65 14.27
C PRO E 68 47.17 12.65 12.87
N LEU E 69 46.97 11.45 12.34
CA LEU E 69 46.39 11.27 11.02
C LEU E 69 44.94 10.81 11.07
N GLY E 70 44.38 10.58 12.26
CA GLY E 70 43.00 10.17 12.37
C GLY E 70 42.72 8.74 11.98
N LYS E 71 43.73 7.87 11.99
CA LYS E 71 43.56 6.47 11.62
C LYS E 71 44.05 5.58 12.75
N LEU E 72 43.29 4.53 13.05
CA LEU E 72 43.54 3.66 14.18
C LEU E 72 43.52 2.19 13.73
N LEU E 73 44.11 1.34 14.57
CA LEU E 73 44.09 -0.10 14.34
C LEU E 73 44.38 -0.79 15.66
N GLY E 74 43.66 -1.89 15.91
CA GLY E 74 43.82 -2.63 17.14
C GLY E 74 44.72 -3.84 17.03
N VAL E 75 45.28 -4.28 18.16
CA VAL E 75 46.21 -5.40 18.21
C VAL E 75 45.83 -6.30 19.37
N GLN E 76 45.83 -7.62 19.13
CA GLN E 76 45.62 -8.60 20.17
C GLN E 76 46.79 -9.58 20.17
N VAL E 77 47.37 -9.81 21.35
CA VAL E 77 48.54 -10.68 21.50
C VAL E 77 48.23 -11.72 22.57
N LYS E 78 48.52 -12.98 22.25
CA LYS E 78 48.39 -14.08 23.19
C LYS E 78 49.71 -14.84 23.26
N SER E 79 50.14 -15.18 24.48
CA SER E 79 51.43 -15.82 24.68
C SER E 79 51.27 -17.33 24.79
N THR E 80 52.37 -18.03 24.49
CA THR E 80 52.40 -19.49 24.47
C THR E 80 53.73 -19.95 25.07
N GLU E 81 54.05 -21.22 24.86
CA GLU E 81 55.30 -21.79 25.33
C GLU E 81 56.31 -21.84 24.18
N SER E 82 57.55 -22.20 24.52
CA SER E 82 58.59 -22.33 23.51
C SER E 82 58.41 -23.61 22.72
N GLY E 83 58.86 -23.57 21.46
CA GLY E 83 58.83 -24.73 20.59
C GLY E 83 57.91 -24.49 19.39
N GLN E 84 57.22 -25.54 18.98
CA GLN E 84 56.33 -25.50 17.82
C GLN E 84 54.89 -25.79 18.27
N TYR E 85 54.00 -25.90 17.29
CA TYR E 85 52.60 -26.20 17.52
C TYR E 85 52.16 -27.30 16.56
N VAL E 86 50.87 -27.64 16.63
CA VAL E 86 50.33 -28.70 15.78
C VAL E 86 50.46 -28.29 14.31
N ARG E 87 50.92 -29.24 13.48
CA ARG E 87 51.13 -29.01 12.05
C ARG E 87 52.10 -27.86 11.83
N GLU E 88 53.35 -28.08 12.22
CA GLU E 88 54.43 -27.13 11.98
C GLU E 88 55.61 -27.84 11.33
N ASN E 89 55.73 -27.70 10.02
CA ASN E 89 56.94 -28.04 9.28
C ASN E 89 57.60 -26.73 8.84
N ASP E 90 58.65 -26.84 8.03
CA ASP E 90 59.37 -25.63 7.64
C ASP E 90 58.67 -24.92 6.49
N ASN E 91 57.36 -24.72 6.63
CA ASN E 91 56.60 -23.88 5.70
C ASN E 91 55.75 -22.88 6.48
N SER E 92 55.17 -23.33 7.59
CA SER E 92 54.23 -22.54 8.38
C SER E 92 53.98 -23.28 9.69
N PHE E 93 53.03 -22.79 10.47
CA PHE E 93 52.53 -23.53 11.64
C PHE E 93 51.02 -23.38 11.66
N GLU E 94 50.38 -23.86 12.73
CA GLU E 94 48.92 -23.86 12.81
C GLU E 94 48.51 -23.54 14.25
N TYR E 95 48.05 -22.30 14.47
CA TYR E 95 47.55 -21.87 15.76
C TYR E 95 46.04 -21.61 15.71
N LEU E 96 45.36 -21.97 16.79
CA LEU E 96 43.92 -21.82 16.93
C LEU E 96 43.57 -20.53 17.66
N LEU E 97 42.42 -19.97 17.33
CA LEU E 97 41.89 -18.76 17.97
C LEU E 97 40.71 -19.17 18.83
N LYS E 98 40.84 -18.94 20.14
CA LYS E 98 39.79 -19.26 21.09
C LYS E 98 38.60 -18.33 20.89
N PRO E 99 37.37 -18.77 21.24
CA PRO E 99 36.17 -17.97 20.95
C PRO E 99 36.21 -16.55 21.47
N ASP E 100 36.42 -16.38 22.77
CA ASP E 100 36.48 -15.05 23.35
C ASP E 100 37.77 -14.35 22.94
N ASP E 101 37.61 -13.23 22.23
CA ASP E 101 38.76 -12.49 21.72
C ASP E 101 39.50 -11.77 22.84
N ASN E 109 32.55 -3.46 13.76
CA ASN E 109 33.51 -3.42 14.85
C ASN E 109 34.87 -2.92 14.38
N ILE E 110 35.94 -3.52 14.89
CA ILE E 110 37.30 -3.13 14.55
C ILE E 110 38.10 -4.37 14.16
N PRO E 111 38.46 -4.54 12.88
CA PRO E 111 39.37 -5.63 12.52
C PRO E 111 40.73 -5.44 13.20
N VAL E 112 41.32 -6.55 13.63
CA VAL E 112 42.49 -6.50 14.50
C VAL E 112 43.48 -7.59 14.08
N ILE E 113 44.77 -7.24 14.08
CA ILE E 113 45.84 -8.19 13.83
C ILE E 113 46.09 -8.99 15.10
N ILE E 114 46.13 -10.31 14.95
CA ILE E 114 46.41 -11.21 16.06
C ILE E 114 47.91 -11.51 16.02
N VAL E 115 48.66 -10.72 16.78
CA VAL E 115 50.11 -10.87 16.81
C VAL E 115 50.49 -11.95 17.81
N LEU E 116 51.32 -12.90 17.38
CA LEU E 116 51.79 -13.99 18.20
C LEU E 116 53.21 -13.69 18.68
N TRP E 117 53.84 -14.66 19.34
CA TRP E 117 55.16 -14.47 19.92
C TRP E 117 55.82 -15.82 20.16
N ARG E 118 57.00 -16.02 19.57
CA ARG E 118 57.75 -17.25 19.82
C ARG E 118 58.73 -17.05 20.97
N LYS E 119 59.08 -18.16 21.62
CA LYS E 119 60.00 -18.13 22.75
C LYS E 119 61.33 -18.82 22.48
N SER E 120 61.36 -19.86 21.65
CA SER E 120 62.62 -20.52 21.34
C SER E 120 63.56 -19.59 20.57
N ASP E 121 63.02 -18.82 19.62
CA ASP E 121 63.84 -17.89 18.86
C ASP E 121 63.20 -16.52 18.65
N GLU E 122 62.10 -16.21 19.34
CA GLU E 122 61.51 -14.87 19.34
C GLU E 122 61.11 -14.40 17.94
N THR E 123 60.15 -15.07 17.31
CA THR E 123 59.63 -14.63 16.01
C THR E 123 58.13 -14.38 16.18
N ALA E 124 57.75 -13.11 16.23
CA ALA E 124 56.34 -12.75 16.34
C ALA E 124 55.61 -13.07 15.04
N TYR E 125 54.33 -13.43 15.15
CA TYR E 125 53.52 -13.83 14.00
C TYR E 125 52.18 -13.08 14.05
N TRP E 126 52.05 -12.06 13.22
CA TRP E 126 50.82 -11.31 13.07
C TRP E 126 49.94 -11.94 11.99
N LYS E 127 48.67 -11.51 11.95
CA LYS E 127 47.75 -11.91 10.90
C LYS E 127 46.49 -11.07 11.02
N ASP E 128 45.83 -10.69 9.93
CA ASP E 128 44.63 -9.80 9.93
C ASP E 128 43.34 -10.50 10.41
N VAL E 129 42.26 -9.74 10.60
CA VAL E 129 40.94 -10.32 10.97
C VAL E 129 39.89 -9.66 10.07
N SER E 130 40.26 -8.63 9.29
CA SER E 130 39.33 -8.03 8.29
C SER E 130 39.40 -8.90 7.05
N ASP E 131 40.46 -9.70 6.94
CA ASP E 131 40.63 -10.63 5.80
C ASP E 131 39.48 -11.64 5.84
N CYS E 132 39.00 -12.09 4.68
CA CYS E 132 37.93 -13.11 4.65
C CYS E 132 38.40 -14.32 3.85
N VAL E 133 39.07 -15.28 4.47
CA VAL E 133 39.44 -16.53 3.75
C VAL E 133 38.24 -17.47 3.88
N ARG E 134 37.16 -17.24 3.12
CA ARG E 134 35.88 -18.00 3.30
C ARG E 134 35.36 -17.73 4.71
N GLY E 135 35.18 -18.78 5.52
CA GLY E 135 34.78 -18.58 6.93
C GLY E 135 36.01 -18.59 7.81
N GLU E 136 36.11 -17.63 8.74
CA GLU E 136 37.34 -17.51 9.58
C GLU E 136 37.16 -18.38 10.82
N GLU E 137 36.00 -19.02 10.99
CA GLU E 137 35.71 -19.83 12.21
C GLU E 137 36.50 -21.13 12.18
N ARG E 138 37.80 -21.07 12.46
CA ARG E 138 38.68 -22.27 12.34
C ARG E 138 40.02 -21.96 13.00
N ARG E 139 41.07 -22.65 12.57
CA ARG E 139 42.43 -22.40 13.06
C ARG E 139 43.14 -21.46 12.10
N LEU E 140 43.69 -20.38 12.64
CA LEU E 140 44.44 -19.40 11.86
C LEU E 140 45.87 -19.89 11.67
N LYS E 141 46.14 -20.51 10.52
CA LYS E 141 47.48 -21.01 10.20
C LYS E 141 48.34 -19.84 9.77
N PHE E 142 49.01 -19.21 10.73
CA PHE E 142 49.91 -18.10 10.43
C PHE E 142 51.10 -18.61 9.61
N ASP E 143 51.27 -18.05 8.42
CA ASP E 143 52.39 -18.45 7.58
C ASP E 143 53.71 -18.01 8.20
N LYS E 144 54.74 -18.85 8.04
CA LYS E 144 56.07 -18.52 8.53
C LYS E 144 56.90 -17.76 7.50
N GLY E 145 56.30 -17.38 6.38
CA GLY E 145 57.00 -16.63 5.36
C GLY E 145 56.45 -15.24 5.12
N THR E 146 55.15 -15.05 5.34
CA THR E 146 54.51 -13.77 5.08
C THR E 146 53.80 -13.19 6.29
N ASP E 147 53.94 -13.79 7.46
CA ASP E 147 53.32 -13.28 8.69
C ASP E 147 54.38 -12.95 9.73
N VAL E 148 55.51 -12.42 9.29
CA VAL E 148 56.59 -12.01 10.18
C VAL E 148 56.42 -10.53 10.50
N PHE E 149 56.36 -10.21 11.79
CA PHE E 149 56.13 -8.83 12.24
C PHE E 149 57.46 -8.08 12.23
N ASP E 150 57.77 -7.53 11.08
CA ASP E 150 58.99 -6.78 10.82
C ASP E 150 58.68 -5.30 10.60
N PRO E 151 59.70 -4.43 10.55
CA PRO E 151 59.45 -3.01 10.28
C PRO E 151 58.86 -2.72 8.90
N ARG E 152 58.58 -3.77 8.12
CA ARG E 152 57.89 -3.60 6.86
C ARG E 152 56.45 -3.14 7.01
N SER E 153 56.00 -2.90 8.24
CA SER E 153 54.61 -2.56 8.52
C SER E 153 54.26 -1.13 8.14
N ALA E 154 55.20 -0.37 7.56
CA ALA E 154 54.95 1.03 7.21
C ALA E 154 53.75 1.17 6.28
N ASP E 155 53.72 0.37 5.21
CA ASP E 155 52.58 0.33 4.30
C ASP E 155 51.81 -0.97 4.37
N ARG E 156 52.43 -2.03 4.88
CA ARG E 156 51.76 -3.33 4.98
C ARG E 156 50.63 -3.29 6.01
N ILE E 157 50.98 -3.00 7.27
CA ILE E 157 49.98 -2.89 8.32
C ILE E 157 49.09 -1.66 8.10
N GLY E 158 49.66 -0.56 7.59
CA GLY E 158 48.88 0.64 7.39
C GLY E 158 47.74 0.46 6.40
N ALA E 159 47.83 -0.54 5.53
CA ALA E 159 46.75 -0.80 4.58
C ALA E 159 45.49 -1.25 5.29
N LEU E 160 45.61 -1.88 6.46
CA LEU E 160 44.46 -2.37 7.21
C LEU E 160 43.88 -1.33 8.16
N THR E 161 44.66 -0.33 8.57
CA THR E 161 44.25 0.61 9.59
C THR E 161 42.93 1.30 9.22
N ILE E 162 42.12 1.57 10.24
CA ILE E 162 40.77 2.07 10.07
C ILE E 162 40.75 3.52 10.50
N ASP E 163 39.69 4.26 10.13
CA ASP E 163 39.60 5.69 10.38
C ASP E 163 38.29 5.99 11.11
N ARG E 164 38.27 7.10 11.85
CA ARG E 164 37.14 7.50 12.67
C ARG E 164 36.19 8.44 11.92
N ARG E 165 36.20 8.33 10.58
CA ARG E 165 35.33 9.13 9.73
C ARG E 165 33.95 8.51 9.60
N THR E 166 33.21 8.92 8.56
CA THR E 166 31.81 8.57 8.33
C THR E 166 31.37 7.16 8.74
N PRO E 167 32.15 6.06 8.50
CA PRO E 167 31.66 4.75 8.95
C PRO E 167 31.33 4.69 10.44
N GLY E 168 32.07 5.43 11.26
CA GLY E 168 31.74 5.53 12.67
C GLY E 168 32.28 4.41 13.51
N VAL E 169 33.60 4.23 13.48
CA VAL E 169 34.25 3.21 14.30
C VAL E 169 34.54 3.80 15.67
N PHE E 170 33.86 3.30 16.70
CA PHE E 170 34.06 3.80 18.05
C PHE E 170 35.22 3.06 18.72
N LEU E 171 35.63 3.57 19.88
CA LEU E 171 36.73 3.02 20.66
C LEU E 171 36.14 2.34 21.89
N PRO E 172 35.89 1.05 21.85
CA PRO E 172 35.31 0.35 23.01
C PRO E 172 36.26 0.42 24.20
N PRO E 173 35.72 0.60 25.40
CA PRO E 173 36.59 0.67 26.59
C PRO E 173 37.05 -0.71 27.03
N LEU E 174 38.31 -1.03 26.75
CA LEU E 174 38.94 -2.29 27.18
C LEU E 174 40.18 -1.90 27.98
N ASN E 175 39.99 -1.67 29.28
CA ASN E 175 41.06 -1.23 30.16
C ASN E 175 40.91 -1.91 31.51
N LYS E 176 41.88 -1.64 32.39
CA LYS E 176 41.86 -2.16 33.74
C LYS E 176 40.96 -1.37 34.67
N GLY E 177 40.08 -0.52 34.12
CA GLY E 177 39.19 0.27 34.94
C GLY E 177 39.87 1.49 35.53
N GLU E 178 39.11 2.21 36.35
CA GLU E 178 39.61 3.41 36.99
C GLU E 178 39.26 3.43 38.47
N ASP E 179 39.80 4.39 39.21
CA ASP E 179 39.49 4.59 40.61
C ASP E 179 38.68 5.86 40.74
N ALA E 180 37.42 5.73 41.16
CA ALA E 180 36.52 6.86 41.30
C ALA E 180 36.26 7.12 42.78
N ILE E 181 36.14 8.39 43.13
CA ILE E 181 35.87 8.80 44.50
C ILE E 181 34.38 9.07 44.65
N ILE E 182 33.90 9.00 45.89
CA ILE E 182 32.48 9.18 46.18
C ILE E 182 32.33 10.36 47.13
N ASN E 183 31.12 10.92 47.15
CA ASN E 183 30.82 12.08 47.98
C ASN E 183 30.71 11.74 49.46
N LEU E 184 30.71 10.45 49.81
CA LEU E 184 30.43 10.05 51.18
C LEU E 184 31.69 10.12 52.04
N LEU E 185 31.49 10.53 53.30
CA LEU E 185 32.52 10.50 54.32
C LEU E 185 31.97 9.74 55.52
N ARG E 186 32.69 8.71 55.96
CA ARG E 186 32.21 7.90 57.07
C ARG E 186 32.32 8.67 58.37
N ILE E 187 31.21 8.73 59.11
CA ILE E 187 31.16 9.46 60.37
C ILE E 187 31.29 8.48 61.52
N ARG E 188 32.27 8.71 62.39
CA ARG E 188 32.49 7.90 63.58
C ARG E 188 31.95 8.68 64.77
N LEU E 189 30.74 8.32 65.21
CA LEU E 189 30.12 8.99 66.34
C LEU E 189 30.84 8.61 67.63
N PRO E 190 30.77 9.48 68.64
CA PRO E 190 31.33 9.11 69.95
C PRO E 190 30.62 7.91 70.53
N ASP E 191 31.35 7.13 71.32
CA ASP E 191 30.80 5.91 71.88
C ASP E 191 29.69 6.17 72.88
N GLU E 192 29.57 7.40 73.39
CA GLU E 192 28.54 7.74 74.36
C GLU E 192 27.78 8.97 73.91
N ILE E 193 26.50 9.02 74.28
CA ILE E 193 25.62 10.14 73.96
C ILE E 193 24.80 10.47 75.20
N PHE E 194 24.64 11.76 75.47
CA PHE E 194 23.91 12.23 76.65
C PHE E 194 22.48 12.54 76.26
N ILE E 195 21.54 11.83 76.88
CA ILE E 195 20.12 12.01 76.63
C ILE E 195 19.44 12.37 77.95
N SER E 196 18.59 13.39 77.91
CA SER E 196 17.98 13.92 79.11
C SER E 196 16.67 14.61 78.76
N THR E 197 15.81 14.76 79.77
CA THR E 197 14.54 15.44 79.61
C THR E 197 14.72 16.95 79.77
N SER E 198 13.64 17.69 79.56
CA SER E 198 13.67 19.15 79.63
C SER E 198 12.26 19.66 79.81
N PRO E 199 12.07 20.83 80.44
CA PRO E 199 10.74 21.43 80.50
C PRO E 199 10.39 22.20 79.24
N PHE E 200 11.17 21.99 78.18
CA PHE E 200 10.97 22.66 76.91
C PHE E 200 10.63 21.63 75.84
N GLY E 201 9.84 22.06 74.84
CA GLY E 201 9.42 21.18 73.78
C GLY E 201 10.36 21.16 72.60
N SER E 202 10.72 22.34 72.10
CA SER E 202 11.57 22.47 70.93
C SER E 202 12.72 23.41 71.24
N GLY E 203 13.78 23.32 70.43
CA GLY E 203 14.93 24.17 70.62
C GLY E 203 14.60 25.65 70.49
N ARG E 204 13.63 25.99 69.65
CA ARG E 204 13.18 27.38 69.54
C ARG E 204 12.56 27.84 70.86
N ASP E 205 11.81 26.97 71.53
CA ASP E 205 11.25 27.32 72.82
C ASP E 205 12.32 27.48 73.89
N ALA E 206 13.49 26.88 73.68
CA ALA E 206 14.54 26.88 74.69
C ALA E 206 15.75 27.74 74.33
N VAL E 207 15.88 28.18 73.07
CA VAL E 207 17.01 29.04 72.71
C VAL E 207 17.01 30.36 73.49
N PRO E 208 15.87 31.03 73.75
CA PRO E 208 15.96 32.23 74.60
C PRO E 208 16.43 31.92 76.00
N GLU E 209 16.14 30.72 76.51
CA GLU E 209 16.64 30.32 77.81
C GLU E 209 18.16 30.17 77.80
N LEU E 210 18.71 29.70 76.68
CA LEU E 210 20.15 29.48 76.58
C LEU E 210 20.90 30.79 76.47
N VAL E 211 20.38 31.73 75.68
CA VAL E 211 21.16 32.92 75.32
C VAL E 211 21.42 33.81 76.53
N LYS E 212 20.47 33.88 77.47
CA LYS E 212 20.66 34.74 78.63
C LYS E 212 21.76 34.23 79.56
N HIS E 213 22.05 32.94 79.52
CA HIS E 213 23.15 32.40 80.31
C HIS E 213 24.48 32.57 79.57
N GLY E 214 25.56 32.23 80.26
CA GLY E 214 26.89 32.26 79.68
C GLY E 214 27.29 30.90 79.13
N ASN E 215 28.48 30.87 78.51
CA ASN E 215 29.01 29.68 77.87
C ASN E 215 28.01 29.11 76.86
N VAL E 216 27.59 29.98 75.93
CA VAL E 216 26.53 29.65 74.99
C VAL E 216 27.03 28.59 74.02
N ARG E 217 26.23 27.54 73.82
CA ARG E 217 26.56 26.46 72.90
C ARG E 217 25.29 26.00 72.22
N PHE E 218 25.28 25.99 70.89
CA PHE E 218 24.11 25.63 70.11
C PHE E 218 24.09 24.17 69.67
N ASP E 219 25.13 23.40 69.99
CA ASP E 219 25.28 22.04 69.47
C ASP E 219 24.44 21.08 70.31
N TRP E 220 23.14 21.10 70.07
CA TRP E 220 22.21 20.23 70.77
C TRP E 220 20.89 20.20 70.02
N VAL E 221 20.06 19.21 70.35
CA VAL E 221 18.76 19.02 69.73
C VAL E 221 17.73 18.76 70.82
N ILE E 222 16.56 19.38 70.68
CA ILE E 222 15.45 19.18 71.61
C ILE E 222 14.21 18.77 70.82
N ARG E 223 13.62 17.65 71.21
CA ARG E 223 12.38 17.17 70.61
C ARG E 223 11.72 16.19 71.56
N LYS E 224 10.39 16.24 71.63
CA LYS E 224 9.61 15.40 72.54
C LYS E 224 10.03 15.61 73.98
N ARG E 225 10.35 16.86 74.35
CA ARG E 225 10.84 17.22 75.68
C ARG E 225 12.10 16.44 76.05
N ARG E 226 12.90 16.07 75.06
CA ARG E 226 14.12 15.30 75.27
C ARG E 226 15.31 16.09 74.72
N PHE E 227 16.43 16.01 75.43
CA PHE E 227 17.63 16.78 75.08
C PHE E 227 18.73 15.83 74.66
N VAL E 228 19.26 16.04 73.46
CA VAL E 228 20.33 15.20 72.91
C VAL E 228 21.49 16.10 72.51
N SER E 229 22.69 15.74 72.95
CA SER E 229 23.89 16.48 72.59
C SER E 229 25.10 15.59 72.80
N PHE E 230 26.09 15.73 71.90
CA PHE E 230 27.31 14.93 72.01
C PHE E 230 28.18 15.32 73.18
N PHE E 231 27.94 16.48 73.78
CA PHE E 231 28.69 16.93 74.94
C PHE E 231 27.84 16.80 76.20
N ASP E 232 28.50 16.75 77.34
CA ASP E 232 27.79 16.66 78.61
C ASP E 232 27.13 18.00 78.91
N PRO E 233 25.80 18.07 79.03
CA PRO E 233 25.15 19.35 79.29
C PRO E 233 25.53 19.98 80.62
N ARG E 234 25.89 19.16 81.61
CA ARG E 234 26.20 19.70 82.94
C ARG E 234 27.44 20.58 82.91
N GLU E 235 28.47 20.19 82.16
CA GLU E 235 29.71 20.95 82.13
C GLU E 235 29.50 22.34 81.53
N TYR E 236 28.75 22.43 80.44
CA TYR E 236 28.61 23.67 79.70
C TYR E 236 27.36 24.44 80.17
N GLY E 237 27.13 25.59 79.54
CA GLY E 237 26.13 26.54 79.99
C GLY E 237 24.69 26.16 79.75
N THR E 238 24.43 25.01 79.13
CA THR E 238 23.07 24.58 78.84
C THR E 238 22.37 23.96 80.05
N ARG E 239 22.89 24.18 81.25
CA ARG E 239 22.30 23.56 82.45
C ARG E 239 20.87 24.01 82.68
N ALA E 240 20.51 25.21 82.26
CA ALA E 240 19.18 25.74 82.54
C ALA E 240 18.10 24.93 81.84
N ILE E 241 18.30 24.62 80.55
CA ILE E 241 17.29 23.90 79.79
C ILE E 241 17.20 22.45 80.24
N VAL E 242 18.33 21.79 80.44
CA VAL E 242 18.35 20.38 80.77
C VAL E 242 18.01 20.19 82.24
N ASP E 243 17.24 19.14 82.54
CA ASP E 243 17.08 18.69 83.92
C ASP E 243 18.41 18.13 84.38
N LEU E 244 19.13 18.90 85.20
CA LEU E 244 20.52 18.59 85.50
C LEU E 244 20.69 17.27 86.26
N ASP E 245 19.61 16.76 86.87
CA ASP E 245 19.69 15.49 87.58
C ASP E 245 19.30 14.30 86.71
N GLN E 246 18.90 14.52 85.46
CA GLN E 246 18.46 13.45 84.57
C GLN E 246 19.39 13.29 83.38
N VAL E 247 20.67 13.61 83.55
CA VAL E 247 21.65 13.50 82.48
C VAL E 247 22.27 12.11 82.56
N GLU E 248 21.88 11.23 81.63
CA GLU E 248 22.39 9.87 81.58
C GLU E 248 23.07 9.65 80.24
N ALA E 249 24.26 9.04 80.29
CA ALA E 249 25.05 8.77 79.09
C ALA E 249 24.89 7.31 78.70
N VAL E 250 24.43 7.09 77.48
CA VAL E 250 24.28 5.74 76.92
C VAL E 250 25.03 5.68 75.60
N ASP E 251 25.15 4.47 75.07
CA ASP E 251 25.84 4.27 73.80
C ASP E 251 24.99 4.82 72.65
N THR E 252 25.69 5.33 71.62
CA THR E 252 25.00 5.89 70.47
C THR E 252 24.26 4.83 69.66
N LYS E 253 24.62 3.55 69.81
CA LYS E 253 23.96 2.49 69.05
C LYS E 253 22.50 2.32 69.46
N LEU E 254 22.09 2.85 70.60
CA LEU E 254 20.71 2.77 71.05
C LEU E 254 19.88 4.00 70.67
N ILE E 255 20.52 5.05 70.12
CA ILE E 255 19.82 6.25 69.72
C ILE E 255 19.93 6.51 68.22
N ALA E 256 21.09 6.22 67.63
CA ALA E 256 21.33 6.51 66.22
C ALA E 256 20.96 5.32 65.33
N PHE E 257 21.53 4.14 65.62
CA PHE E 257 21.31 2.96 64.80
C PHE E 257 20.10 2.15 65.25
N ASN E 258 18.93 2.80 65.23
CA ASN E 258 17.67 2.15 65.56
C ASN E 258 16.62 2.54 64.53
N ASP E 259 15.62 1.67 64.37
CA ASP E 259 14.63 1.84 63.32
C ASP E 259 13.64 2.98 63.58
N GLU E 260 13.67 3.57 64.77
CA GLU E 260 12.71 4.63 65.10
C GLU E 260 12.91 5.82 64.16
N GLN E 261 11.80 6.28 63.58
CA GLN E 261 11.86 7.40 62.65
C GLN E 261 12.28 8.70 63.36
N ASP E 262 11.75 8.94 64.55
CA ASP E 262 12.11 10.15 65.28
C ASP E 262 13.60 10.17 65.62
N ASP E 263 14.15 9.05 66.08
CA ASP E 263 15.55 8.99 66.46
C ASP E 263 16.46 9.31 65.28
N LEU E 264 16.06 8.90 64.08
CA LEU E 264 16.81 9.26 62.88
C LEU E 264 16.81 10.77 62.68
N ASN E 265 15.65 11.40 62.88
CA ASN E 265 15.53 12.83 62.63
C ASN E 265 16.40 13.64 63.59
N ASP E 266 16.42 13.25 64.88
CA ASP E 266 17.29 13.95 65.83
C ASP E 266 18.76 13.76 65.46
N THR E 267 19.12 12.56 65.00
CA THR E 267 20.49 12.34 64.56
C THR E 267 20.84 13.21 63.37
N MET E 268 19.88 13.42 62.46
CA MET E 268 20.11 14.36 61.35
C MET E 268 20.34 15.76 61.88
N ASP E 269 19.54 16.18 62.86
CA ASP E 269 19.70 17.51 63.44
C ASP E 269 21.01 17.63 64.20
N LEU E 270 21.35 16.62 65.00
CA LEU E 270 22.55 16.69 65.84
C LEU E 270 23.82 16.67 65.00
N LEU E 271 23.84 15.89 63.93
CA LEU E 271 25.03 15.82 63.08
C LEU E 271 25.33 17.17 62.43
N ARG E 272 24.30 17.86 61.94
CA ARG E 272 24.54 19.13 61.26
C ARG E 272 25.03 20.19 62.23
N ARG E 273 24.36 20.30 63.39
CA ARG E 273 24.75 21.32 64.36
C ARG E 273 26.17 21.06 64.88
N THR E 274 26.51 19.79 65.13
CA THR E 274 27.88 19.46 65.51
C THR E 274 28.85 19.84 64.40
N VAL E 275 28.50 19.55 63.15
CA VAL E 275 29.30 20.02 62.02
C VAL E 275 29.23 21.54 61.92
N GLU E 276 28.08 22.14 62.26
CA GLU E 276 27.97 23.59 62.21
C GLU E 276 28.89 24.26 63.22
N ARG E 277 28.86 23.81 64.47
CA ARG E 277 29.76 24.38 65.48
C ARG E 277 31.21 24.09 65.15
N GLN E 278 31.49 22.87 64.69
CA GLN E 278 32.82 22.57 64.18
C GLN E 278 33.06 23.33 62.87
N THR E 279 34.34 23.45 62.50
CA THR E 279 34.73 24.13 61.27
C THR E 279 34.24 25.57 61.21
N ALA E 280 33.78 26.10 62.35
CA ALA E 280 33.26 27.46 62.39
C ALA E 280 34.33 28.49 62.06
N THR E 281 35.61 28.14 62.21
CA THR E 281 36.68 29.06 61.85
C THR E 281 36.76 29.25 60.33
N GLN E 282 36.08 28.40 59.56
CA GLN E 282 36.23 28.41 58.11
C GLN E 282 34.93 28.49 57.34
N LEU E 283 33.81 28.05 57.90
CA LEU E 283 32.55 27.98 57.18
C LEU E 283 31.47 28.78 57.89
N SER E 284 30.42 29.11 57.13
CA SER E 284 29.24 29.77 57.65
C SER E 284 28.01 29.04 57.15
N PHE E 285 26.91 29.16 57.89
CA PHE E 285 25.68 28.46 57.60
C PHE E 285 24.58 29.44 57.24
N LEU E 286 23.86 29.14 56.17
CA LEU E 286 22.71 29.93 55.73
C LEU E 286 21.45 29.29 56.30
N ARG E 287 20.71 30.05 57.11
CA ARG E 287 19.56 29.49 57.81
C ARG E 287 18.40 29.21 56.87
N LYS E 288 18.09 30.15 55.98
CA LYS E 288 16.94 29.98 55.09
C LYS E 288 17.15 28.79 54.16
N ASP E 289 18.36 28.60 53.66
CA ASP E 289 18.72 27.45 52.85
C ASP E 289 19.28 26.35 53.75
N ARG E 290 19.83 25.31 53.15
CA ARG E 290 20.59 24.29 53.87
C ARG E 290 22.05 24.28 53.43
N LEU E 291 22.58 25.47 53.14
CA LEU E 291 23.86 25.61 52.44
C LEU E 291 24.96 26.02 53.40
N PHE E 292 26.05 25.25 53.39
CA PHE E 292 27.29 25.67 54.04
C PHE E 292 28.16 26.40 53.03
N HIS E 293 28.81 27.48 53.48
CA HIS E 293 29.67 28.25 52.60
C HIS E 293 30.81 28.86 53.40
N PHE E 294 31.92 29.11 52.72
CA PHE E 294 33.08 29.71 53.35
C PHE E 294 32.77 31.14 53.80
N LYS E 295 33.22 31.48 54.99
CA LYS E 295 33.09 32.84 55.49
C LYS E 295 34.28 33.68 55.02
N ALA E 296 34.07 34.98 54.93
CA ALA E 296 35.06 35.91 54.39
C ALA E 296 35.79 36.60 55.53
N VAL E 297 37.11 36.47 55.54
CA VAL E 297 37.93 37.24 56.48
C VAL E 297 38.04 38.67 56.00
N GLY E 298 38.15 39.60 56.94
CA GLY E 298 38.10 41.00 56.54
C GLY E 298 36.71 41.35 56.03
N VAL E 299 36.67 42.33 55.13
CA VAL E 299 35.42 42.74 54.49
C VAL E 299 35.68 42.92 53.00
N GLY E 300 34.93 42.18 52.19
CA GLY E 300 35.00 42.33 50.74
C GLY E 300 36.38 42.12 50.14
N LYS E 301 37.07 41.08 50.58
CA LYS E 301 38.41 40.78 50.07
C LYS E 301 38.52 39.29 49.77
N SER E 302 39.47 38.95 48.90
CA SER E 302 39.64 37.58 48.46
C SER E 302 40.17 36.71 49.61
N ARG E 303 40.27 35.42 49.34
CA ARG E 303 40.72 34.44 50.33
C ARG E 303 41.23 33.22 49.57
N SER E 304 41.71 32.23 50.32
CA SER E 304 42.23 31.01 49.72
C SER E 304 42.16 29.88 50.73
N TYR E 305 42.26 28.65 50.22
CA TYR E 305 42.29 27.46 51.05
C TYR E 305 43.36 26.52 50.53
N ARG E 306 43.90 25.71 51.44
CA ARG E 306 44.97 24.76 51.13
C ARG E 306 44.46 23.36 51.47
N TYR E 307 44.24 22.54 50.45
CA TYR E 307 43.65 21.22 50.64
C TYR E 307 44.49 20.16 49.92
N MET E 308 44.23 18.91 50.29
CA MET E 308 44.93 17.75 49.74
C MET E 308 44.22 17.25 48.48
N SER E 309 44.96 16.50 47.68
CA SER E 309 44.41 15.92 46.45
C SER E 309 44.05 14.46 46.66
N ALA E 316 47.10 13.42 46.95
CA ALA E 316 48.49 13.33 47.36
C ALA E 316 49.30 14.51 46.82
N LYS E 317 48.69 15.69 46.82
CA LYS E 317 49.35 16.90 46.34
C LYS E 317 48.76 18.10 47.06
N VAL E 318 49.55 19.17 47.11
CA VAL E 318 49.16 20.42 47.75
C VAL E 318 48.51 21.31 46.70
N VAL E 319 47.23 21.60 46.87
CA VAL E 319 46.45 22.35 45.90
C VAL E 319 45.75 23.50 46.61
N SER E 320 45.75 24.67 45.98
CA SER E 320 45.06 25.84 46.49
C SER E 320 43.90 26.21 45.56
N ALA E 321 42.94 26.95 46.11
CA ALA E 321 41.79 27.39 45.34
C ALA E 321 41.14 28.57 46.05
N TYR E 322 40.54 29.47 45.28
CA TYR E 322 39.90 30.67 45.80
C TYR E 322 38.55 30.28 46.40
N SER E 323 38.57 29.87 47.67
CA SER E 323 37.35 29.44 48.34
C SER E 323 36.37 30.60 48.51
N SER E 324 36.85 31.72 49.06
CA SER E 324 36.03 32.92 49.23
C SER E 324 36.69 34.04 48.41
N LYS E 325 36.26 34.20 47.16
CA LYS E 325 36.92 35.05 46.21
C LYS E 325 36.00 36.17 45.77
N LYS E 326 36.48 37.41 45.86
CA LYS E 326 35.83 38.52 45.20
C LYS E 326 36.25 38.57 43.74
N LYS E 327 35.33 38.99 42.88
CA LYS E 327 35.59 38.96 41.45
C LYS E 327 36.67 39.99 41.08
N ASP E 328 37.28 39.77 39.92
CA ASP E 328 38.26 40.71 39.38
C ASP E 328 37.59 41.72 38.44
N GLY E 329 36.60 41.26 37.65
CA GLY E 329 35.88 42.19 36.80
C GLY E 329 35.05 43.19 37.57
N TRP E 330 34.46 42.75 38.69
CA TRP E 330 33.64 43.62 39.52
C TRP E 330 33.96 43.30 40.98
N GLY E 331 33.14 43.81 41.89
CA GLY E 331 33.41 43.67 43.31
C GLY E 331 32.63 42.59 44.02
N TYR E 332 31.79 41.84 43.31
CA TYR E 332 30.99 40.82 43.96
C TYR E 332 31.89 39.67 44.45
N VAL E 333 31.46 39.02 45.52
CA VAL E 333 32.25 37.98 46.18
C VAL E 333 31.55 36.64 46.01
N ARG E 334 32.28 35.65 45.52
CA ARG E 334 31.78 34.28 45.38
C ARG E 334 32.45 33.39 46.41
N HIS E 335 31.63 32.70 47.20
CA HIS E 335 32.12 31.78 48.22
C HIS E 335 31.85 30.35 47.79
N HIS E 336 32.86 29.50 47.90
CA HIS E 336 32.66 28.07 47.67
C HIS E 336 31.65 27.53 48.69
N ALA E 337 30.66 26.79 48.21
CA ALA E 337 29.55 26.35 49.04
C ALA E 337 29.30 24.87 48.83
N ALA E 338 28.59 24.27 49.79
CA ALA E 338 28.23 22.86 49.72
C ALA E 338 27.02 22.61 50.60
N ARG E 339 26.12 21.77 50.10
CA ARG E 339 24.94 21.34 50.86
C ARG E 339 25.30 20.01 51.53
N LEU E 340 25.59 20.06 52.83
CA LEU E 340 26.01 18.89 53.56
C LEU E 340 24.79 18.17 54.11
N ARG E 341 24.62 16.91 53.70
CA ARG E 341 23.50 16.08 54.14
C ARG E 341 24.02 14.73 54.60
N PHE E 342 23.29 14.12 55.52
CA PHE E 342 23.73 12.89 56.17
C PHE E 342 22.83 11.73 55.75
N GLU E 343 23.43 10.57 55.52
CA GLU E 343 22.72 9.36 55.17
C GLU E 343 23.22 8.21 56.03
N ARG E 344 22.35 7.23 56.25
CA ARG E 344 22.68 6.03 57.00
C ARG E 344 22.66 4.84 56.03
N LEU E 345 23.84 4.28 55.77
CA LEU E 345 23.98 3.15 54.87
C LEU E 345 24.72 2.02 55.57
N ALA E 346 24.17 0.81 55.48
CA ALA E 346 24.77 -0.38 56.09
C ALA E 346 25.01 -0.18 57.58
N ASP E 347 24.03 0.43 58.26
CA ASP E 347 24.11 0.73 59.69
C ASP E 347 25.33 1.57 60.03
N GLU E 348 25.74 2.43 59.10
CA GLU E 348 26.82 3.38 59.32
C GLU E 348 26.39 4.74 58.79
N TRP E 349 26.87 5.80 59.45
CA TRP E 349 26.48 7.16 59.12
C TRP E 349 27.48 7.77 58.16
N PHE E 350 26.98 8.35 57.06
CA PHE E 350 27.80 8.96 56.04
C PHE E 350 27.36 10.40 55.83
N LEU E 351 28.30 11.23 55.40
CA LEU E 351 28.06 12.63 55.09
C LEU E 351 28.31 12.85 53.60
N VAL E 352 27.32 13.40 52.92
CA VAL E 352 27.42 13.67 51.48
C VAL E 352 27.84 15.12 51.29
N ILE E 353 28.56 15.38 50.20
CA ILE E 353 29.02 16.71 49.85
C ILE E 353 28.44 17.06 48.49
N ASP E 354 27.69 18.15 48.43
CA ASP E 354 27.07 18.62 47.19
C ASP E 354 27.61 20.02 46.89
N PRO E 355 28.63 20.14 46.04
CA PRO E 355 29.23 21.45 45.78
C PRO E 355 28.22 22.44 45.20
N ASP E 356 28.36 23.69 45.60
CA ASP E 356 27.50 24.77 45.12
C ASP E 356 28.26 26.09 45.33
N PHE E 357 27.59 27.20 45.03
CA PHE E 357 28.20 28.51 45.17
C PHE E 357 27.23 29.47 45.86
N HIS E 358 27.80 30.38 46.63
CA HIS E 358 27.05 31.45 47.28
C HIS E 358 27.67 32.78 46.90
N PHE E 359 26.85 33.69 46.39
CA PHE E 359 27.32 34.99 45.89
C PHE E 359 26.88 36.08 46.86
N THR E 360 27.82 36.96 47.21
CA THR E 360 27.57 38.07 48.13
C THR E 360 28.16 39.34 47.57
N THR E 361 27.52 40.47 47.88
CA THR E 361 28.02 41.76 47.41
C THR E 361 29.36 42.10 48.04
N ASP E 362 29.52 41.83 49.35
CA ASP E 362 30.74 42.19 50.04
C ASP E 362 31.23 41.10 50.99
N GLY E 363 30.78 39.86 50.80
CA GLY E 363 31.22 38.75 51.63
C GLY E 363 30.33 38.43 52.81
N PHE E 364 29.43 39.33 53.19
CA PHE E 364 28.53 39.08 54.31
C PHE E 364 27.06 39.26 53.93
N GLN E 365 26.74 40.28 53.13
CA GLN E 365 25.36 40.51 52.71
C GLN E 365 25.07 39.68 51.48
N PRO E 366 24.03 38.84 51.48
CA PRO E 366 23.72 38.04 50.28
C PRO E 366 23.47 38.92 49.07
N HIS E 367 23.95 38.47 47.92
CA HIS E 367 23.86 39.24 46.69
C HIS E 367 22.46 39.08 46.11
N ARG E 368 21.70 40.18 46.09
CA ARG E 368 20.36 40.14 45.50
C ARG E 368 20.45 39.90 44.01
N TYR E 369 19.49 39.14 43.48
CA TYR E 369 19.47 38.71 42.09
C TYR E 369 20.79 38.03 41.70
N PRO E 370 21.14 36.90 42.32
CA PRO E 370 22.37 36.19 41.94
C PRO E 370 22.18 35.12 40.86
N GLU E 371 21.02 35.09 40.20
CA GLU E 371 20.73 34.01 39.26
C GLU E 371 21.70 34.00 38.09
N ALA E 372 22.00 35.18 37.53
CA ALA E 372 22.89 35.25 36.38
C ALA E 372 24.28 34.76 36.73
N LEU E 373 24.80 35.18 37.89
CA LEU E 373 26.14 34.77 38.28
C LEU E 373 26.18 33.30 38.68
N LEU E 374 25.18 32.84 39.43
CA LEU E 374 25.16 31.45 39.88
C LEU E 374 25.04 30.51 38.69
N ALA E 375 24.15 30.82 37.74
CA ALA E 375 23.99 29.97 36.57
C ALA E 375 25.18 30.05 35.63
N GLY E 376 25.85 31.21 35.59
CA GLY E 376 27.00 31.35 34.71
C GLY E 376 28.15 30.44 35.09
N LYS E 377 28.47 30.37 36.38
CA LYS E 377 29.58 29.54 36.83
C LYS E 377 29.25 28.06 36.72
N LYS E 378 28.01 27.68 37.03
CA LYS E 378 27.61 26.28 36.95
C LYS E 378 27.69 25.76 35.52
N ARG E 379 27.44 26.61 34.53
CA ARG E 379 27.43 26.18 33.15
C ARG E 379 28.81 25.84 32.62
N LEU E 380 29.87 26.26 33.31
CA LEU E 380 31.22 26.11 32.81
C LEU E 380 32.01 24.96 33.44
N GLU E 381 31.63 24.52 34.64
CA GLU E 381 32.39 23.48 35.32
C GLU E 381 32.19 22.13 34.63
N ARG E 382 33.23 21.31 34.72
CA ARG E 382 33.24 19.96 34.15
C ARG E 382 33.62 18.97 35.25
N ASN E 383 33.90 17.72 34.84
CA ASN E 383 34.18 16.67 35.81
C ASN E 383 35.38 17.00 36.67
N ALA E 384 36.43 17.56 36.06
CA ALA E 384 37.63 17.89 36.83
C ALA E 384 37.33 18.96 37.87
N ALA E 385 36.52 19.97 37.51
CA ALA E 385 36.23 21.06 38.43
C ALA E 385 35.42 20.58 39.63
N VAL E 386 34.35 19.80 39.38
CA VAL E 386 33.49 19.34 40.45
C VAL E 386 34.23 18.35 41.34
N ARG E 387 35.07 17.49 40.74
CA ARG E 387 35.85 16.54 41.53
C ARG E 387 36.81 17.28 42.47
N GLY E 388 37.45 18.34 41.97
CA GLY E 388 38.34 19.11 42.83
C GLY E 388 37.61 19.77 43.99
N GLN E 389 36.39 20.27 43.73
CA GLN E 389 35.60 20.85 44.80
C GLN E 389 35.22 19.81 45.85
N VAL E 390 34.86 18.60 45.40
CA VAL E 390 34.53 17.53 46.33
C VAL E 390 35.72 17.17 47.19
N THR E 391 36.90 17.05 46.58
CA THR E 391 38.10 16.72 47.34
C THR E 391 38.43 17.81 48.34
N MET E 392 38.20 19.07 47.99
CA MET E 392 38.45 20.17 48.91
C MET E 392 37.59 20.05 50.16
N TRP E 393 36.29 19.82 49.97
CA TRP E 393 35.39 19.70 51.12
C TRP E 393 35.67 18.43 51.92
N GLN E 394 36.10 17.36 51.25
CA GLN E 394 36.50 16.15 51.96
C GLN E 394 37.69 16.42 52.86
N HIS E 395 38.69 17.15 52.34
CA HIS E 395 39.87 17.47 53.14
C HIS E 395 39.51 18.37 54.30
N LEU E 396 38.61 19.33 54.10
CA LEU E 396 38.26 20.26 55.16
C LEU E 396 37.62 19.53 56.34
N LEU E 397 36.71 18.60 56.06
CA LEU E 397 36.03 17.89 57.14
C LEU E 397 36.94 16.84 57.79
N VAL E 398 37.70 16.09 56.99
CA VAL E 398 38.55 15.05 57.56
C VAL E 398 39.66 15.64 58.41
N GLU E 399 40.19 16.81 58.03
CA GLU E 399 41.19 17.48 58.84
C GLU E 399 40.59 18.12 60.08
N SER E 400 39.31 18.50 60.01
CA SER E 400 38.65 19.15 61.14
C SER E 400 38.59 18.23 62.35
N GLY E 401 38.31 16.94 62.14
CA GLY E 401 38.25 16.00 63.25
C GLY E 401 39.56 15.87 64.00
N LYS E 402 40.68 16.14 63.32
CA LYS E 402 41.98 16.08 63.97
C LYS E 402 42.11 17.20 64.99
N HIS E 403 42.91 16.95 66.03
CA HIS E 403 43.16 17.93 67.08
C HIS E 403 44.54 18.57 66.89
N GLU E 404 44.63 19.85 67.25
CA GLU E 404 45.92 20.52 67.29
C GLU E 404 46.75 19.99 68.46
N VAL E 405 48.07 20.15 68.35
CA VAL E 405 48.97 19.60 69.35
C VAL E 405 48.76 20.26 70.70
N GLY E 406 48.68 21.59 70.72
CA GLY E 406 48.56 22.30 71.98
C GLY E 406 47.18 22.17 72.59
N LEU E 407 47.13 22.26 73.92
CA LEU E 407 45.86 22.24 74.64
C LEU E 407 45.19 23.61 74.54
N PHE E 408 43.86 23.58 74.40
CA PHE E 408 43.05 24.77 74.20
C PHE E 408 43.44 25.54 72.94
N ASP E 409 44.15 24.88 72.01
CA ASP E 409 44.52 25.53 70.75
C ASP E 409 43.28 25.91 69.95
N ALA E 410 42.32 25.00 69.87
CA ALA E 410 40.99 25.26 69.33
C ALA E 410 39.88 25.00 70.34
N ASP E 411 39.99 23.91 71.09
CA ASP E 411 39.09 23.57 72.18
C ASP E 411 39.70 22.40 72.94
N LYS E 412 39.57 22.43 74.27
CA LYS E 412 40.12 21.34 75.08
C LYS E 412 39.49 19.99 74.74
N PRO E 413 38.17 19.83 74.67
CA PRO E 413 37.62 18.56 74.20
C PRO E 413 37.92 18.33 72.73
N ALA E 414 38.11 17.06 72.38
CA ALA E 414 38.36 16.70 70.99
C ALA E 414 37.12 16.95 70.15
N PRO E 415 37.28 17.19 68.85
CA PRO E 415 36.12 17.28 67.97
C PRO E 415 35.28 16.01 68.05
N LEU E 416 33.97 16.19 68.19
CA LEU E 416 33.10 15.06 68.50
C LEU E 416 32.86 14.17 67.29
N LEU E 417 33.17 14.63 66.08
CA LEU E 417 32.94 13.86 64.87
C LEU E 417 34.26 13.62 64.15
N GLN E 418 34.54 12.35 63.85
CA GLN E 418 35.72 11.96 63.10
C GLN E 418 35.28 11.44 61.74
N PHE E 419 35.76 12.08 60.68
CA PHE E 419 35.48 11.66 59.31
C PHE E 419 36.67 10.94 58.71
N GLU E 420 36.40 10.14 57.69
CA GLU E 420 37.46 9.42 56.99
C GLU E 420 36.99 9.13 55.58
N ARG E 421 37.89 9.26 54.61
CA ARG E 421 37.55 9.00 53.22
C ARG E 421 37.26 7.52 53.00
N LEU E 422 36.24 7.25 52.19
CA LEU E 422 35.96 5.88 51.80
C LEU E 422 37.04 5.38 50.84
N PRO E 423 37.27 4.07 50.77
CA PRO E 423 38.18 3.53 49.76
C PRO E 423 37.66 3.85 48.37
N VAL E 424 38.60 4.07 47.43
CA VAL E 424 38.22 4.47 46.09
C VAL E 424 37.36 3.40 45.43
N ILE E 425 36.41 3.84 44.61
CA ILE E 425 35.51 2.93 43.92
C ILE E 425 36.23 2.35 42.71
N GLN E 426 36.27 1.02 42.63
CA GLN E 426 37.04 0.32 41.59
C GLN E 426 36.09 -0.04 40.45
N LEU E 427 35.96 0.88 39.48
CA LEU E 427 35.18 0.59 38.30
C LEU E 427 35.92 -0.40 37.41
N SER E 428 35.16 -1.27 36.73
CA SER E 428 35.74 -2.29 35.88
C SER E 428 36.05 -1.81 34.47
N GLN E 429 35.59 -0.62 34.10
CA GLN E 429 35.84 -0.06 32.78
C GLN E 429 36.29 1.38 32.90
N ALA E 430 37.16 1.79 31.99
CA ALA E 430 37.78 3.11 32.02
C ALA E 430 37.31 3.95 30.84
N VAL E 431 37.10 5.24 31.09
CA VAL E 431 36.73 6.17 30.01
C VAL E 431 37.93 6.36 29.10
N PRO E 432 37.78 6.17 27.79
CA PRO E 432 38.91 6.43 26.87
C PRO E 432 39.20 7.91 26.71
N GLU E 433 39.57 8.57 27.82
CA GLU E 433 39.82 10.00 27.79
C GLU E 433 41.05 10.33 26.94
N SER E 434 42.06 9.47 26.98
CA SER E 434 43.27 9.72 26.19
C SER E 434 42.97 9.69 24.70
N SER E 435 42.13 8.76 24.26
CA SER E 435 41.79 8.67 22.83
C SER E 435 41.03 9.89 22.35
N TRP E 436 40.19 10.47 23.21
CA TRP E 436 39.42 11.65 22.84
C TRP E 436 40.35 12.87 22.75
N ASN E 437 39.79 13.97 22.27
CA ASN E 437 40.57 15.17 22.05
C ASN E 437 41.13 15.71 23.36
N ARG E 438 42.27 16.39 23.26
CA ARG E 438 43.01 16.88 24.41
C ARG E 438 43.38 15.74 25.36
N THR F 2 32.64 -0.20 51.16
CA THR F 2 31.95 -1.48 51.02
C THR F 2 30.88 -1.39 49.94
N PHE F 3 31.07 -0.46 49.01
CA PHE F 3 30.14 -0.24 47.91
C PHE F 3 30.68 -0.92 46.66
N LYS F 4 29.92 -1.88 46.12
CA LYS F 4 30.38 -2.67 44.98
C LYS F 4 30.00 -1.97 43.67
N ALA F 5 30.99 -1.76 42.82
CA ALA F 5 30.79 -1.04 41.57
C ALA F 5 30.46 -2.01 40.43
N HIS F 6 30.00 -1.44 39.32
CA HIS F 6 29.67 -2.20 38.12
C HIS F 6 29.50 -1.23 36.96
N VAL F 7 29.86 -1.69 35.77
CA VAL F 7 29.69 -0.93 34.54
C VAL F 7 28.95 -1.83 33.57
N PHE F 8 27.65 -1.61 33.40
CA PHE F 8 26.85 -2.43 32.51
C PHE F 8 27.22 -2.18 31.05
N ASP F 9 27.25 -3.26 30.27
CA ASP F 9 27.40 -3.11 28.83
C ASP F 9 26.15 -2.46 28.25
N GLU F 10 26.32 -1.78 27.13
CA GLU F 10 25.20 -1.12 26.48
C GLU F 10 24.19 -2.17 26.03
N PRO F 11 22.92 -2.07 26.46
CA PRO F 11 21.93 -3.07 26.06
C PRO F 11 21.75 -3.10 24.56
N MET F 12 21.56 -4.30 24.02
CA MET F 12 21.44 -4.49 22.58
C MET F 12 20.01 -4.22 22.14
N LEU F 13 19.86 -3.40 21.11
CA LEU F 13 18.57 -3.14 20.49
C LEU F 13 18.37 -4.06 19.30
N GLU F 14 17.12 -4.23 18.89
CA GLU F 14 16.76 -5.12 17.79
C GLU F 14 16.09 -4.32 16.69
N PHE F 15 16.59 -4.48 15.47
CA PHE F 15 16.09 -3.78 14.30
C PHE F 15 15.78 -4.78 13.19
N GLY F 16 15.12 -4.29 12.15
CA GLY F 16 14.91 -5.03 10.91
C GLY F 16 14.57 -6.49 11.03
N ASP F 17 15.32 -7.33 10.33
CA ASP F 17 15.11 -8.77 10.36
C ASP F 17 16.06 -9.41 11.37
N GLY F 18 15.84 -9.08 12.63
CA GLY F 18 16.64 -9.61 13.71
C GLY F 18 18.00 -8.96 13.88
N GLY F 19 18.27 -7.86 13.18
CA GLY F 19 19.54 -7.19 13.35
C GLY F 19 19.68 -6.60 14.75
N GLN F 20 20.92 -6.59 15.24
CA GLN F 20 21.22 -6.12 16.58
C GLN F 20 22.26 -5.01 16.53
N HIS F 21 22.03 -3.96 17.32
CA HIS F 21 22.99 -2.87 17.45
C HIS F 21 22.70 -2.13 18.74
N CYS F 22 23.71 -1.41 19.22
CA CYS F 22 23.59 -0.63 20.45
C CYS F 22 23.13 0.80 20.21
N ASP F 23 23.13 1.27 18.97
CA ASP F 23 22.74 2.63 18.64
C ASP F 23 21.50 2.62 17.74
N PRO F 24 20.44 3.33 18.10
CA PRO F 24 19.24 3.34 17.24
C PRO F 24 19.51 3.87 15.84
N ARG F 25 20.37 4.87 15.70
CA ARG F 25 20.65 5.43 14.38
C ARG F 25 21.36 4.44 13.48
N GLN F 26 22.44 3.83 13.99
CA GLN F 26 23.20 2.88 13.18
C GLN F 26 22.38 1.63 12.90
N GLY F 27 21.63 1.13 13.89
CA GLY F 27 20.82 -0.05 13.68
C GLY F 27 19.74 0.17 12.63
N LEU F 28 19.07 1.32 12.69
CA LEU F 28 18.08 1.65 11.67
C LEU F 28 18.74 1.81 10.30
N ARG F 29 19.95 2.39 10.28
CA ARG F 29 20.64 2.62 9.02
C ARG F 29 20.98 1.30 8.31
N GLU F 30 21.41 0.30 9.07
CA GLU F 30 21.84 -0.97 8.50
C GLU F 30 20.69 -1.93 8.27
N HIS F 31 19.86 -2.14 9.29
CA HIS F 31 18.82 -3.17 9.23
C HIS F 31 17.43 -2.63 8.96
N GLY F 32 17.17 -1.36 9.26
CA GLY F 32 15.86 -0.78 9.05
C GLY F 32 14.97 -0.93 10.27
N PRO F 33 13.72 -0.47 10.16
CA PRO F 33 12.81 -0.52 11.30
C PRO F 33 12.46 -1.96 11.67
N LEU F 34 12.15 -2.16 12.96
CA LEU F 34 11.78 -3.49 13.44
C LEU F 34 10.54 -4.01 12.74
N GLN F 35 9.52 -3.15 12.57
CA GLN F 35 8.29 -3.54 11.90
C GLN F 35 8.24 -2.84 10.54
N PRO F 36 8.52 -3.53 9.45
CA PRO F 36 8.53 -2.87 8.14
C PRO F 36 7.12 -2.58 7.65
N ARG F 37 6.95 -1.40 7.06
CA ARG F 37 5.67 -1.01 6.50
C ARG F 37 5.40 -1.73 5.19
N SER F 38 4.12 -2.00 4.93
CA SER F 38 3.68 -2.55 3.66
C SER F 38 3.43 -1.38 2.72
N GLY F 39 4.42 -1.05 1.92
CA GLY F 39 4.39 0.12 1.08
C GLY F 39 5.58 1.02 1.37
N ASP F 40 6.04 1.70 0.31
CA ASP F 40 7.27 2.50 0.39
C ASP F 40 7.00 3.98 0.61
N VAL F 41 5.76 4.38 0.86
CA VAL F 41 5.40 5.78 1.03
C VAL F 41 4.67 5.94 2.35
N ILE F 42 5.05 6.97 3.11
CA ILE F 42 4.36 7.34 4.34
C ILE F 42 3.66 8.67 4.06
N ARG F 43 2.36 8.61 3.83
CA ARG F 43 1.59 9.80 3.48
C ARG F 43 1.51 10.73 4.68
N VAL F 44 2.14 11.90 4.58
CA VAL F 44 2.22 12.86 5.67
C VAL F 44 1.38 14.08 5.30
N GLY F 45 0.36 14.37 6.11
CA GLY F 45 -0.39 15.59 5.93
C GLY F 45 0.26 16.77 6.63
N VAL F 46 0.09 17.95 6.05
CA VAL F 46 0.71 19.17 6.56
C VAL F 46 -0.36 20.24 6.75
N ILE F 47 -0.34 20.88 7.92
CA ILE F 47 -1.22 22.01 8.22
C ILE F 47 -0.36 23.20 8.56
N GLY F 48 -0.63 24.33 7.91
CA GLY F 48 0.13 25.54 8.14
C GLY F 48 -0.12 26.53 7.02
N THR F 49 0.55 27.67 7.14
CA THR F 49 0.47 28.66 6.08
C THR F 49 1.14 28.11 4.83
N ASP F 50 0.75 28.68 3.67
CA ASP F 50 1.26 28.18 2.40
C ASP F 50 2.78 28.28 2.32
N ASP F 51 3.39 29.19 3.09
CA ASP F 51 4.84 29.27 3.16
C ASP F 51 5.41 28.08 3.91
N THR F 52 4.82 27.74 5.07
CA THR F 52 5.34 26.64 5.86
C THR F 52 5.01 25.29 5.25
N VAL F 53 3.82 25.16 4.66
CA VAL F 53 3.44 23.90 4.03
C VAL F 53 4.39 23.57 2.88
N ALA F 54 4.67 24.56 2.04
CA ALA F 54 5.64 24.37 0.97
C ALA F 54 7.05 24.22 1.52
N GLY F 55 7.38 24.96 2.58
CA GLY F 55 8.70 24.88 3.17
C GLY F 55 8.99 23.51 3.78
N PHE F 56 8.03 22.96 4.53
CA PHE F 56 8.24 21.65 5.14
C PHE F 56 8.25 20.55 4.09
N THR F 57 7.44 20.69 3.05
CA THR F 57 7.39 19.67 1.99
C THR F 57 8.74 19.54 1.30
N GLU F 58 9.42 20.66 1.06
CA GLU F 58 10.76 20.61 0.50
C GLU F 58 11.73 19.94 1.45
N PHE F 59 11.56 20.17 2.76
CA PHE F 59 12.43 19.53 3.75
C PHE F 59 12.29 18.02 3.71
N LEU F 60 11.06 17.52 3.59
CA LEU F 60 10.85 16.08 3.50
C LEU F 60 11.56 15.50 2.28
N ALA F 61 11.47 16.17 1.14
CA ALA F 61 12.21 15.76 -0.04
C ALA F 61 13.71 15.95 0.16
N GLU F 62 14.11 16.97 0.92
CA GLU F 62 15.53 17.21 1.17
C GLU F 62 16.15 16.06 1.97
N THR F 63 15.43 15.54 2.96
CA THR F 63 15.93 14.39 3.71
C THR F 63 16.05 13.16 2.83
N GLY F 64 15.22 13.06 1.79
CA GLY F 64 15.36 11.96 0.84
C GLY F 64 16.67 12.02 0.09
N ARG F 65 17.16 13.22 -0.20
CA ARG F 65 18.44 13.38 -0.89
C ARG F 65 19.63 13.22 0.03
N GLY F 66 19.42 13.19 1.34
CA GLY F 66 20.52 13.07 2.28
C GLY F 66 20.99 14.40 2.82
N ILE F 67 21.32 14.46 4.10
CA ILE F 67 21.77 15.68 4.76
C ILE F 67 23.16 15.43 5.33
N GLU F 68 24.10 16.32 4.98
CA GLU F 68 25.47 16.19 5.47
C GLU F 68 25.51 16.38 6.98
N SER F 69 26.37 15.61 7.64
CA SER F 69 26.49 15.66 9.09
C SER F 69 26.91 17.05 9.55
N GLY F 70 26.36 17.48 10.68
CA GLY F 70 26.64 18.80 11.20
C GLY F 70 27.95 18.94 11.95
N ASN F 71 28.61 17.82 12.26
CA ASN F 71 29.90 17.87 12.95
C ASN F 71 30.65 16.59 12.59
N LYS F 72 31.61 16.70 11.68
CA LYS F 72 32.38 15.54 11.25
C LYS F 72 33.35 15.06 12.31
N GLN F 73 33.67 15.89 13.30
CA GLN F 73 34.58 15.47 14.36
C GLN F 73 34.00 14.32 15.17
N LEU F 74 32.71 14.39 15.49
CA LEU F 74 32.00 13.33 16.20
C LEU F 74 30.94 12.80 15.24
N ILE F 75 31.32 11.83 14.41
CA ILE F 75 30.41 11.31 13.40
C ILE F 75 29.37 10.37 13.98
N ASN F 76 29.56 9.89 15.21
CA ASN F 76 28.57 9.03 15.85
C ASN F 76 27.53 9.83 16.61
N LEU F 77 27.95 10.91 17.27
CA LEU F 77 27.00 11.77 17.98
C LEU F 77 26.20 12.64 17.02
N ASN F 78 26.79 13.04 15.90
CA ASN F 78 26.13 13.88 14.90
C ASN F 78 26.29 13.23 13.52
N PRO F 79 25.59 12.12 13.28
CA PRO F 79 25.72 11.45 11.99
C PRO F 79 24.92 12.17 10.92
N ASP F 80 25.19 11.78 9.67
CA ASP F 80 24.52 12.34 8.51
C ASP F 80 23.33 11.47 8.14
N PHE F 81 22.22 12.11 7.79
CA PHE F 81 21.06 11.37 7.35
C PHE F 81 21.32 10.76 5.98
N PRO F 82 21.22 9.44 5.82
CA PRO F 82 21.63 8.80 4.56
C PRO F 82 20.82 9.25 3.36
N GLY F 83 19.49 9.12 3.44
CA GLY F 83 18.63 9.46 2.32
C GLY F 83 17.82 8.26 1.85
N LEU F 84 17.62 8.18 0.54
CA LEU F 84 16.79 7.16 -0.07
C LEU F 84 17.59 6.00 -0.66
N GLY F 85 18.90 5.93 -0.39
CA GLY F 85 19.71 4.84 -0.88
C GLY F 85 19.47 3.55 -0.14
N ASN F 86 20.41 2.61 -0.23
CA ASN F 86 20.31 1.35 0.51
C ASN F 86 20.49 1.55 2.01
N GLN F 87 20.92 2.74 2.43
CA GLN F 87 21.07 3.06 3.84
C GLN F 87 19.85 3.77 4.42
N ASN F 88 18.73 3.76 3.70
CA ASN F 88 17.51 4.43 4.13
C ASN F 88 17.11 3.94 5.52
N PRO F 89 17.10 4.83 6.52
CA PRO F 89 16.83 4.37 7.90
C PRO F 89 15.47 3.73 8.09
N PHE F 90 14.48 4.11 7.27
CA PHE F 90 13.11 3.62 7.44
C PHE F 90 12.61 2.82 6.25
N ARG F 91 13.40 2.71 5.18
CA ARG F 91 13.02 1.94 3.99
C ARG F 91 11.70 2.41 3.40
N CYS F 92 11.40 3.70 3.55
CA CYS F 92 10.16 4.26 3.07
C CYS F 92 10.39 5.70 2.65
N LYS F 93 9.46 6.22 1.86
CA LYS F 93 9.54 7.60 1.37
C LYS F 93 8.56 8.46 2.15
N PHE F 94 9.05 9.59 2.66
CA PHE F 94 8.22 10.58 3.33
C PHE F 94 7.75 11.59 2.29
N GLU F 95 6.51 11.44 1.85
CA GLU F 95 5.93 12.30 0.83
C GLU F 95 4.63 12.90 1.33
N VAL F 96 4.30 14.07 0.79
CA VAL F 96 3.03 14.75 1.09
C VAL F 96 2.14 14.59 -0.14
N PRO F 97 1.13 13.73 -0.11
CA PRO F 97 0.28 13.54 -1.29
C PRO F 97 -0.57 14.77 -1.56
N ASP F 98 -0.98 14.91 -2.82
CA ASP F 98 -1.81 16.03 -3.24
C ASP F 98 -3.15 15.98 -2.51
N GLY F 99 -3.62 17.15 -2.08
CA GLY F 99 -4.85 17.24 -1.33
C GLY F 99 -4.75 16.91 0.14
N ALA F 100 -3.55 16.62 0.64
CA ALA F 100 -3.33 16.31 2.04
C ALA F 100 -2.83 17.52 2.82
N THR F 101 -2.88 18.71 2.24
CA THR F 101 -2.43 19.93 2.89
C THR F 101 -3.62 20.85 3.14
N VAL F 102 -3.64 21.44 4.33
CA VAL F 102 -4.65 22.43 4.71
C VAL F 102 -3.92 23.72 5.05
N THR F 103 -4.34 24.81 4.40
CA THR F 103 -3.64 26.08 4.49
C THR F 103 -4.29 26.97 5.54
N ILE F 104 -3.49 27.46 6.49
CA ILE F 104 -3.94 28.47 7.44
C ILE F 104 -3.80 29.83 6.77
N SER F 105 -4.92 30.43 6.41
CA SER F 105 -4.89 31.69 5.68
C SER F 105 -4.34 32.81 6.57
N ARG F 106 -3.83 33.85 5.91
CA ARG F 106 -3.30 35.00 6.64
C ARG F 106 -4.38 35.67 7.47
N ARG F 107 -5.64 35.60 7.03
CA ARG F 107 -6.74 36.10 7.85
C ARG F 107 -6.86 35.31 9.14
N GLN F 108 -6.78 33.98 9.04
CA GLN F 108 -6.93 33.14 10.23
C GLN F 108 -5.82 33.40 11.25
N VAL F 109 -4.61 33.65 10.77
CA VAL F 109 -3.51 33.98 11.66
C VAL F 109 -3.79 35.28 12.40
N ASN F 110 -4.34 36.27 11.70
CA ASN F 110 -4.64 37.56 12.32
C ASN F 110 -5.76 37.46 13.34
N ASP F 111 -6.68 36.50 13.19
CA ASP F 111 -7.70 36.28 14.22
C ASP F 111 -7.05 35.85 15.53
N ILE F 112 -6.11 34.91 15.47
CA ILE F 112 -5.45 34.44 16.69
C ILE F 112 -4.54 35.53 17.25
N THR F 113 -3.77 36.18 16.37
CA THR F 113 -2.84 37.22 16.84
C THR F 113 -3.59 38.45 17.33
N GLY F 114 -4.80 38.68 16.84
CA GLY F 114 -5.57 39.86 17.20
C GLY F 114 -6.31 39.79 18.52
N ILE F 115 -6.17 38.70 19.26
CA ILE F 115 -6.83 38.54 20.54
C ILE F 115 -5.88 38.99 21.65
N GLY F 116 -6.39 39.83 22.56
CA GLY F 116 -5.58 40.37 23.62
C GLY F 116 -5.09 39.34 24.63
N ARG F 117 -6.02 38.72 25.35
CA ARG F 117 -5.64 37.74 26.36
C ARG F 117 -4.96 36.53 25.73
N HIS F 118 -3.85 36.09 26.35
CA HIS F 118 -3.11 34.96 25.81
C HIS F 118 -3.92 33.67 25.88
N ASP F 119 -4.65 33.46 26.98
CA ASP F 119 -5.43 32.23 27.14
C ASP F 119 -6.50 32.12 26.06
N GLU F 120 -7.19 33.22 25.77
CA GLU F 120 -8.23 33.18 24.74
C GLU F 120 -7.63 32.91 23.37
N ALA F 121 -6.45 33.46 23.10
CA ALA F 121 -5.79 33.20 21.83
C ALA F 121 -5.44 31.73 21.66
N VAL F 122 -4.95 31.09 22.72
CA VAL F 122 -4.61 29.67 22.65
C VAL F 122 -5.86 28.84 22.41
N ARG F 123 -6.93 29.15 23.16
CA ARG F 123 -8.18 28.41 22.98
C ARG F 123 -8.76 28.63 21.59
N HIS F 124 -8.73 29.88 21.10
CA HIS F 124 -9.23 30.16 19.76
C HIS F 124 -8.37 29.46 18.70
N ALA F 125 -7.06 29.44 18.90
CA ALA F 125 -6.18 28.76 17.95
C ALA F 125 -6.45 27.27 17.91
N VAL F 126 -6.67 26.64 19.07
CA VAL F 126 -6.90 25.20 19.12
C VAL F 126 -8.15 24.82 18.35
N GLU F 127 -9.24 25.58 18.55
CA GLU F 127 -10.46 25.31 17.79
C GLU F 127 -10.24 25.51 16.30
N LEU F 128 -9.48 26.54 15.93
CA LEU F 128 -9.20 26.78 14.51
C LEU F 128 -8.38 25.64 13.93
N ILE F 129 -7.35 25.18 14.65
CA ILE F 129 -6.52 24.09 14.15
C ILE F 129 -7.28 22.78 14.16
N SER F 130 -8.07 22.54 15.21
CA SER F 130 -8.82 21.29 15.30
C SER F 130 -9.83 21.17 14.16
N SER F 131 -10.48 22.29 13.81
CA SER F 131 -11.41 22.27 12.68
C SER F 131 -10.70 21.92 11.38
N GLN F 132 -9.50 22.48 11.17
CA GLN F 132 -8.71 22.11 10.01
C GLN F 132 -8.26 20.66 10.09
N LEU F 133 -7.92 20.19 11.30
CA LEU F 133 -7.53 18.79 11.47
C LEU F 133 -8.66 17.84 11.12
N SER F 134 -9.88 18.18 11.52
CA SER F 134 -11.03 17.34 11.18
C SER F 134 -11.26 17.30 9.67
N ALA F 135 -10.92 18.39 8.98
CA ALA F 135 -11.09 18.41 7.52
C ALA F 135 -10.15 17.40 6.85
N LEU F 136 -8.93 17.28 7.33
CA LEU F 136 -7.96 16.38 6.70
C LEU F 136 -8.38 14.93 6.85
N VAL F 137 -8.80 14.53 8.05
CA VAL F 137 -9.05 13.12 8.32
C VAL F 137 -10.26 12.62 7.55
N GLU F 138 -11.29 13.44 7.40
CA GLU F 138 -12.51 13.05 6.72
C GLU F 138 -12.45 13.27 5.21
N GLY F 139 -11.35 13.82 4.70
CA GLY F 139 -11.20 14.05 3.28
C GLY F 139 -10.76 12.80 2.54
N SER F 140 -10.65 12.95 1.22
CA SER F 140 -10.22 11.83 0.38
C SER F 140 -8.77 11.46 0.64
N ALA F 141 -7.90 12.46 0.76
CA ALA F 141 -6.49 12.23 1.04
C ALA F 141 -6.34 11.92 2.52
N LYS F 142 -6.22 10.63 2.85
CA LYS F 142 -6.11 10.20 4.23
C LYS F 142 -4.64 10.06 4.59
N PRO F 143 -4.10 10.91 5.47
CA PRO F 143 -2.69 10.78 5.85
C PRO F 143 -2.50 9.73 6.93
N ASP F 144 -1.23 9.41 7.17
CA ASP F 144 -0.84 8.55 8.28
C ASP F 144 -0.40 9.33 9.51
N VAL F 145 0.22 10.49 9.31
CA VAL F 145 0.59 11.40 10.39
C VAL F 145 0.50 12.82 9.85
N ILE F 146 0.03 13.74 10.69
CA ILE F 146 -0.21 15.13 10.29
C ILE F 146 0.83 16.00 10.96
N VAL F 147 1.53 16.82 10.16
CA VAL F 147 2.56 17.72 10.66
C VAL F 147 1.99 19.13 10.67
N LEU F 148 1.99 19.75 11.85
CA LEU F 148 1.50 21.13 12.00
C LEU F 148 2.71 22.06 11.97
N ALA F 149 2.93 22.69 10.82
CA ALA F 149 4.04 23.61 10.63
C ALA F 149 3.57 25.00 11.01
N LEU F 150 3.77 25.35 12.27
CA LEU F 150 3.33 26.65 12.77
C LEU F 150 4.15 27.77 12.13
N PRO F 151 3.51 28.84 11.69
CA PRO F 151 4.26 30.01 11.22
C PRO F 151 4.88 30.77 12.38
N ILE F 152 5.90 31.57 12.04
CA ILE F 152 6.59 32.35 13.06
C ILE F 152 5.65 33.31 13.81
N PRO F 153 4.80 34.09 13.14
CA PRO F 153 3.89 34.97 13.91
C PRO F 153 2.96 34.22 14.85
N LEU F 154 2.51 33.02 14.48
CA LEU F 154 1.65 32.26 15.37
C LEU F 154 2.41 31.75 16.58
N ILE F 155 3.67 31.35 16.39
CA ILE F 155 4.49 30.89 17.50
C ILE F 155 4.73 32.04 18.48
N GLU F 156 4.92 33.24 17.96
CA GLU F 156 5.16 34.40 18.82
C GLU F 156 3.97 34.65 19.75
N LYS F 157 2.75 34.55 19.21
CA LYS F 157 1.56 34.79 20.04
C LYS F 157 1.29 33.62 20.98
N LEU F 158 1.42 32.39 20.49
CA LEU F 158 1.02 31.22 21.27
C LEU F 158 2.04 30.87 22.36
N VAL F 159 3.33 30.98 22.05
CA VAL F 159 4.36 30.53 22.98
C VAL F 159 4.93 31.71 23.76
N ASN F 160 5.53 32.68 23.05
CA ASN F 160 6.12 33.83 23.71
C ASN F 160 5.07 34.81 24.23
N ALA F 161 3.81 34.69 23.79
CA ALA F 161 2.69 35.49 24.25
C ALA F 161 2.89 36.98 24.04
N LYS F 162 3.85 37.39 23.20
CA LYS F 162 4.17 38.78 23.00
C LYS F 162 3.78 39.19 21.58
N SER F 163 2.97 40.23 21.47
CA SER F 163 2.53 40.73 20.17
C SER F 163 2.18 42.22 20.25
N ASP F 169 2.88 41.70 26.04
CA ASP F 169 1.94 40.73 26.58
C ASP F 169 1.04 41.37 27.63
N ASP F 170 -0.11 40.74 27.88
CA ASP F 170 -1.00 41.22 28.91
C ASP F 170 -0.44 40.89 30.30
N ASP F 171 -1.08 41.44 31.32
CA ASP F 171 -0.62 41.25 32.69
C ASP F 171 -0.76 39.79 33.11
N VAL F 172 0.13 39.37 33.99
CA VAL F 172 0.16 37.98 34.46
C VAL F 172 -0.95 37.76 35.47
N ASP F 173 -1.74 36.70 35.26
CA ASP F 173 -2.84 36.34 36.15
C ASP F 173 -2.56 34.93 36.66
N GLY F 174 -1.81 34.84 37.76
CA GLY F 174 -1.46 33.57 38.37
C GLY F 174 -0.22 32.91 37.78
N GLY F 175 0.07 33.16 36.51
CA GLY F 175 1.21 32.56 35.86
C GLY F 175 0.97 31.18 35.28
N ASP F 176 -0.24 30.63 35.41
CA ASP F 176 -0.56 29.32 34.84
C ASP F 176 -1.10 29.48 33.42
N MET F 177 -0.25 30.02 32.55
CA MET F 177 -0.62 30.22 31.16
C MET F 177 -0.81 28.88 30.47
N LEU F 178 -1.81 28.81 29.59
CA LEU F 178 -2.09 27.58 28.87
C LEU F 178 -0.95 27.21 27.93
N ASN F 179 -0.70 25.91 27.82
CA ASN F 179 0.28 25.38 26.88
C ASN F 179 -0.44 24.96 25.62
N PHE F 180 -0.08 25.58 24.49
CA PHE F 180 -0.80 25.32 23.25
C PHE F 180 -0.63 23.88 22.78
N ARG F 181 0.57 23.33 22.93
CA ARG F 181 0.83 21.98 22.44
C ARG F 181 0.01 20.94 23.22
N ASP F 182 0.05 21.03 24.56
CA ASP F 182 -0.69 20.07 25.37
C ASP F 182 -2.19 20.21 25.17
N LEU F 183 -2.70 21.45 25.09
CA LEU F 183 -4.12 21.65 24.85
C LEU F 183 -4.53 21.13 23.48
N LEU F 184 -3.69 21.37 22.46
CA LEU F 184 -4.00 20.89 21.12
C LEU F 184 -4.02 19.36 21.07
N LYS F 185 -3.03 18.72 21.70
CA LYS F 185 -2.98 17.26 21.70
C LYS F 185 -4.20 16.68 22.41
N ALA F 186 -4.61 17.29 23.52
CA ALA F 186 -5.76 16.79 24.27
C ALA F 186 -7.06 16.98 23.49
N LYS F 187 -7.24 18.16 22.90
CA LYS F 187 -8.50 18.46 22.21
C LYS F 187 -8.67 17.70 20.91
N THR F 188 -7.60 17.12 20.36
CA THR F 188 -7.69 16.30 19.16
C THR F 188 -7.40 14.83 19.44
N LEU F 189 -7.61 14.39 20.68
CA LEU F 189 -7.43 12.98 21.01
C LEU F 189 -8.47 12.10 20.35
N HIS F 190 -9.63 12.65 19.98
CA HIS F 190 -10.67 11.88 19.31
C HIS F 190 -10.40 11.71 17.82
N LEU F 191 -9.48 12.46 17.25
CA LEU F 191 -9.13 12.27 15.85
C LEU F 191 -8.37 10.97 15.67
N PRO F 192 -8.51 10.32 14.50
CA PRO F 192 -7.91 8.99 14.32
C PRO F 192 -6.45 9.00 13.90
N VAL F 193 -5.87 10.16 13.61
CA VAL F 193 -4.52 10.25 13.07
C VAL F 193 -3.68 11.08 14.04
N PRO F 194 -2.49 10.62 14.43
CA PRO F 194 -1.64 11.42 15.31
C PRO F 194 -1.13 12.67 14.60
N THR F 195 -0.78 13.66 15.42
CA THR F 195 -0.33 14.95 14.91
C THR F 195 1.05 15.28 15.48
N GLN F 196 1.81 16.04 14.69
CA GLN F 196 3.18 16.43 15.05
C GLN F 196 3.34 17.93 14.83
N ILE F 197 3.91 18.61 15.81
CA ILE F 197 4.15 20.05 15.73
C ILE F 197 5.61 20.28 15.36
N VAL F 198 5.83 21.09 14.33
CA VAL F 198 7.17 21.37 13.81
C VAL F 198 7.32 22.87 13.65
N TRP F 199 8.32 23.45 14.31
CA TRP F 199 8.60 24.87 14.16
C TRP F 199 9.43 25.11 12.89
N PRO F 200 9.33 26.30 12.29
CA PRO F 200 10.03 26.54 11.02
C PRO F 200 11.53 26.43 11.11
N ASP F 201 12.14 26.74 12.26
CA ASP F 201 13.59 26.73 12.36
C ASP F 201 14.20 25.34 12.28
N THR F 202 13.40 24.28 12.35
CA THR F 202 13.93 22.92 12.23
C THR F 202 14.01 22.44 10.78
N TRP F 203 13.06 22.82 9.93
CA TRP F 203 13.13 22.49 8.52
C TRP F 203 13.73 23.61 7.69
N ASP F 204 14.19 24.69 8.32
CA ASP F 204 14.82 25.80 7.61
C ASP F 204 15.83 26.45 8.55
N ASP F 205 17.12 26.31 8.22
CA ASP F 205 18.17 26.89 9.06
C ASP F 205 18.13 28.41 9.06
N ALA F 206 17.48 29.02 8.07
CA ALA F 206 17.42 30.48 8.01
C ALA F 206 16.43 31.05 9.03
N ALA F 207 15.39 30.31 9.37
CA ALA F 207 14.37 30.81 10.28
C ALA F 207 14.92 31.00 11.68
N LYS F 208 14.42 32.02 12.37
CA LYS F 208 14.85 32.35 13.72
C LYS F 208 13.65 32.85 14.51
N ILE F 209 13.31 32.16 15.58
CA ILE F 209 12.25 32.58 16.50
C ILE F 209 12.91 33.05 17.79
N PRO F 210 12.67 34.27 18.24
CA PRO F 210 13.27 34.73 19.50
C PRO F 210 12.67 33.99 20.69
N ARG F 211 13.46 33.93 21.76
CA ARG F 211 13.00 33.28 22.98
C ARG F 211 11.92 34.11 23.66
N LYS F 212 11.22 33.49 24.61
CA LYS F 212 10.07 34.14 25.24
C LYS F 212 10.52 35.28 26.14
N ILE F 213 11.33 34.97 27.16
CA ILE F 213 11.80 36.00 28.09
C ILE F 213 13.02 36.73 27.55
N LYS F 214 14.02 35.98 27.10
CA LYS F 214 15.22 36.57 26.50
C LYS F 214 14.86 37.01 25.09
N ARG F 215 14.26 38.20 25.01
CA ARG F 215 13.69 38.68 23.75
C ARG F 215 14.74 38.99 22.69
N ASP F 216 16.00 39.13 23.08
CA ASP F 216 17.05 39.54 22.14
C ASP F 216 17.83 38.36 21.58
N SER F 217 17.47 37.12 21.91
CA SER F 217 18.23 35.96 21.48
C SER F 217 17.30 34.94 20.85
N ASN F 218 17.74 34.35 19.74
CA ASN F 218 17.02 33.25 19.13
C ASN F 218 17.32 31.95 19.86
N ARG F 219 16.46 30.96 19.66
CA ARG F 219 16.69 29.64 20.25
C ARG F 219 17.73 28.89 19.45
N GLN F 220 18.56 28.13 20.16
CA GLN F 220 19.60 27.32 19.51
C GLN F 220 19.09 25.90 19.33
N THR F 221 19.22 25.40 18.10
CA THR F 221 18.73 24.08 17.74
C THR F 221 19.88 23.19 17.33
N GLN F 222 19.64 21.88 17.35
CA GLN F 222 20.62 20.92 16.89
C GLN F 222 20.89 21.10 15.40
N VAL F 223 21.95 20.45 14.91
CA VAL F 223 22.27 20.52 13.50
C VAL F 223 21.16 19.87 12.68
N LYS F 224 21.14 20.21 11.39
CA LYS F 224 20.03 19.81 10.53
C LYS F 224 19.93 18.29 10.41
N ALA F 225 21.08 17.60 10.35
CA ALA F 225 21.05 16.15 10.26
C ALA F 225 20.43 15.51 11.50
N THR F 226 20.78 16.02 12.68
CA THR F 226 20.21 15.49 13.91
C THR F 226 18.72 15.75 13.99
N ARG F 227 18.28 16.95 13.58
CA ARG F 227 16.86 17.27 13.59
C ARG F 227 16.08 16.35 12.65
N ALA F 228 16.64 16.06 11.48
CA ALA F 228 15.98 15.13 10.56
C ALA F 228 15.88 13.73 11.16
N TRP F 229 16.92 13.29 11.87
CA TRP F 229 16.90 11.97 12.49
C TRP F 229 15.77 11.86 13.51
N ASN F 230 15.70 12.81 14.44
CA ASN F 230 14.70 12.73 15.50
C ASN F 230 13.29 12.93 14.96
N LEU F 231 13.11 13.86 14.02
CA LEU F 231 11.77 14.18 13.53
C LEU F 231 11.20 13.02 12.73
N LEU F 232 11.98 12.49 11.78
CA LEU F 232 11.47 11.41 10.94
C LEU F 232 11.26 10.13 11.73
N ASN F 233 12.07 9.88 12.75
CA ASN F 233 11.83 8.73 13.61
C ASN F 233 10.52 8.85 14.35
N ALA F 234 10.21 10.05 14.86
CA ALA F 234 8.91 10.27 15.48
C ALA F 234 7.79 10.14 14.46
N LEU F 235 7.99 10.67 13.26
CA LEU F 235 6.98 10.54 12.22
C LEU F 235 6.73 9.08 11.87
N PHE F 236 7.79 8.28 11.76
CA PHE F 236 7.63 6.86 11.48
C PHE F 236 6.88 6.15 12.60
N TYR F 237 7.22 6.46 13.85
CA TYR F 237 6.55 5.82 14.97
C TYR F 237 5.07 6.20 15.01
N LYS F 238 4.75 7.47 14.81
CA LYS F 238 3.36 7.90 14.81
C LYS F 238 2.59 7.38 13.61
N ALA F 239 3.28 6.93 12.56
CA ALA F 239 2.60 6.34 11.41
C ALA F 239 2.01 4.97 11.72
N GLY F 240 2.39 4.35 12.83
CA GLY F 240 1.83 3.09 13.25
C GLY F 240 2.76 1.90 13.28
N LYS F 241 4.08 2.11 13.37
CA LYS F 241 5.04 1.03 13.41
C LYS F 241 6.11 1.33 14.45
N VAL F 242 6.65 0.27 15.04
CA VAL F 242 7.67 0.38 16.08
C VAL F 242 9.03 0.37 15.40
N PRO F 243 9.87 1.41 15.58
CA PRO F 243 11.17 1.43 14.92
C PRO F 243 12.12 0.35 15.41
N TRP F 244 12.31 0.28 16.72
CA TRP F 244 13.25 -0.68 17.29
C TRP F 244 12.72 -1.18 18.62
N ARG F 245 13.32 -2.27 19.10
CA ARG F 245 12.92 -2.91 20.35
C ARG F 245 14.17 -3.44 21.05
N LEU F 246 14.08 -3.53 22.38
CA LEU F 246 15.15 -4.16 23.14
C LEU F 246 15.29 -5.62 22.75
N LEU F 247 16.52 -6.07 22.57
CA LEU F 247 16.76 -7.46 22.22
C LEU F 247 16.45 -8.34 23.42
N PRO F 248 15.52 -9.27 23.33
CA PRO F 248 15.14 -10.06 24.51
C PRO F 248 16.08 -11.24 24.72
N ASP F 249 16.45 -11.46 25.98
CA ASP F 249 17.18 -12.65 26.34
C ASP F 249 16.30 -13.87 26.15
N GLN F 250 16.89 -14.97 25.69
CA GLN F 250 16.11 -16.17 25.39
C GLN F 250 15.44 -16.72 26.66
N ALA F 251 16.18 -16.80 27.75
CA ALA F 251 15.65 -17.28 29.02
C ALA F 251 15.41 -16.10 29.97
N GLU F 252 14.26 -15.46 29.78
CA GLU F 252 13.87 -14.33 30.59
C GLU F 252 12.42 -14.49 31.03
N TYR F 253 12.10 -13.98 32.21
CA TYR F 253 10.73 -14.04 32.70
C TYR F 253 9.84 -13.11 31.89
N ARG F 254 8.64 -13.56 31.58
CA ARG F 254 7.68 -12.70 30.90
C ARG F 254 7.31 -11.55 31.82
N THR F 255 7.83 -10.36 31.54
CA THR F 255 7.74 -9.23 32.45
C THR F 255 6.92 -8.10 31.82
N SER F 256 6.29 -7.31 32.68
CA SER F 256 5.54 -6.14 32.29
C SER F 256 5.99 -4.97 33.15
N PHE F 257 6.34 -3.85 32.49
CA PHE F 257 6.82 -2.67 33.18
C PHE F 257 5.70 -1.65 33.28
N LEU F 258 5.50 -1.11 34.47
CA LEU F 258 4.44 -0.14 34.74
C LEU F 258 5.05 1.06 35.43
N GLY F 259 5.09 2.20 34.74
CA GLY F 259 5.60 3.44 35.29
C GLY F 259 4.46 4.30 35.79
N ILE F 260 4.66 4.89 36.97
CA ILE F 260 3.65 5.69 37.63
C ILE F 260 4.20 7.09 37.86
N GLY F 261 3.43 8.10 37.45
CA GLY F 261 3.83 9.48 37.65
C GLY F 261 2.65 10.34 38.03
N PHE F 262 2.95 11.57 38.44
CA PHE F 262 1.93 12.50 38.90
C PHE F 262 2.09 13.83 38.16
N TYR F 263 0.97 14.54 38.01
CA TYR F 263 0.96 15.82 37.34
C TYR F 263 -0.02 16.75 38.05
N ARG F 264 0.35 18.03 38.13
CA ARG F 264 -0.53 19.02 38.75
C ARG F 264 -1.80 19.19 37.94
N ASP F 265 -2.91 19.39 38.64
CA ASP F 265 -4.17 19.70 37.98
C ASP F 265 -4.12 21.13 37.44
N LEU F 266 -5.05 21.42 36.53
CA LEU F 266 -5.08 22.74 35.90
C LEU F 266 -5.26 23.86 36.91
N ASP F 267 -5.92 23.58 38.04
CA ASP F 267 -6.03 24.59 39.10
C ASP F 267 -4.71 24.83 39.82
N GLY F 268 -3.71 23.97 39.61
CA GLY F 268 -2.39 24.17 40.17
C GLY F 268 -2.16 23.60 41.55
N GLN F 269 -3.19 23.05 42.19
CA GLN F 269 -3.10 22.56 43.55
C GLN F 269 -3.23 21.05 43.66
N GLN F 270 -4.29 20.48 43.09
CA GLN F 270 -4.52 19.05 43.21
C GLN F 270 -3.47 18.28 42.41
N LEU F 271 -3.42 16.96 42.66
CA LEU F 271 -2.42 16.10 42.04
C LEU F 271 -3.10 14.83 41.55
N TRP F 272 -2.97 14.56 40.26
CA TRP F 272 -3.49 13.36 39.63
C TRP F 272 -2.37 12.37 39.35
N THR F 273 -2.75 11.14 39.01
CA THR F 273 -1.79 10.07 38.74
C THR F 273 -1.91 9.66 37.28
N SER F 274 -0.78 9.70 36.57
CA SER F 274 -0.69 9.25 35.19
C SER F 274 0.30 8.11 35.10
N THR F 275 -0.09 7.04 34.40
CA THR F 275 0.69 5.81 34.35
C THR F 275 0.96 5.39 32.91
N ALA F 276 2.09 4.75 32.71
CA ALA F 276 2.45 4.16 31.43
C ALA F 276 2.89 2.73 31.62
N GLN F 277 2.57 1.87 30.66
CA GLN F 277 2.85 0.45 30.74
C GLN F 277 3.61 0.01 29.50
N MET F 278 4.71 -0.71 29.71
CA MET F 278 5.53 -1.25 28.63
C MET F 278 5.57 -2.77 28.75
N PHE F 279 5.29 -3.44 27.63
CA PHE F 279 5.46 -4.89 27.54
C PHE F 279 5.53 -5.26 26.07
N ASP F 280 6.32 -6.29 25.78
CA ASP F 280 6.46 -6.78 24.41
C ASP F 280 5.37 -7.80 24.12
N GLU F 281 4.65 -7.60 23.02
CA GLU F 281 3.61 -8.52 22.63
C GLU F 281 4.24 -9.83 22.14
N ARG F 282 3.38 -10.84 21.95
CA ARG F 282 3.83 -12.10 21.39
C ARG F 282 4.45 -11.88 20.02
N GLY F 283 5.74 -12.14 19.89
CA GLY F 283 6.44 -11.89 18.65
C GLY F 283 7.24 -10.59 18.71
N ARG F 284 7.63 -10.14 17.52
CA ARG F 284 8.46 -8.95 17.38
C ARG F 284 7.58 -7.71 17.48
N GLY F 285 7.45 -7.18 18.69
CA GLY F 285 6.67 -5.98 18.91
C GLY F 285 6.88 -5.46 20.31
N LEU F 286 6.45 -4.21 20.52
CA LEU F 286 6.58 -3.57 21.82
C LEU F 286 5.41 -2.61 22.00
N ILE F 287 4.66 -2.79 23.09
CA ILE F 287 3.46 -2.01 23.36
C ILE F 287 3.78 -1.00 24.46
N LEU F 288 3.46 0.26 24.21
CA LEU F 288 3.62 1.34 25.19
C LEU F 288 2.25 2.00 25.35
N ARG F 289 1.56 1.69 26.44
CA ARG F 289 0.25 2.24 26.73
C ARG F 289 0.36 3.44 27.65
N GLY F 290 -0.55 4.38 27.48
CA GLY F 290 -0.64 5.52 28.37
C GLY F 290 -2.04 5.70 28.90
N ALA F 291 -2.21 5.56 30.22
CA ALA F 291 -3.52 5.60 30.83
C ALA F 291 -3.47 6.39 32.12
N ARG F 292 -4.65 6.87 32.53
CA ARG F 292 -4.83 7.56 33.80
C ARG F 292 -5.68 6.70 34.70
N ALA F 293 -5.26 6.59 35.97
CA ALA F 293 -5.95 5.73 36.94
C ALA F 293 -7.42 6.13 37.08
N GLN F 294 -8.32 5.24 36.67
CA GLN F 294 -9.74 5.53 36.75
C GLN F 294 -10.15 5.38 38.21
N THR F 295 -9.90 6.42 39.00
CA THR F 295 -10.22 6.45 40.41
C THR F 295 -10.55 7.88 40.82
N GLU F 296 -11.34 8.01 41.88
CA GLU F 296 -11.72 9.32 42.41
C GLU F 296 -11.26 9.41 43.86
N THR F 297 -9.99 9.80 44.03
CA THR F 297 -9.42 10.12 45.35
C THR F 297 -8.52 11.34 45.13
N ARG F 298 -9.10 12.52 45.27
CA ARG F 298 -8.41 13.75 44.90
C ARG F 298 -7.75 14.39 46.12
N GLY F 299 -6.51 14.81 45.92
CA GLY F 299 -5.75 15.45 46.96
C GLY F 299 -4.48 16.04 46.40
N ARG F 300 -3.55 16.36 47.30
CA ARG F 300 -2.26 16.92 46.92
C ARG F 300 -1.11 15.96 47.16
N HIS F 301 -1.40 14.72 47.55
CA HIS F 301 -0.36 13.76 47.88
C HIS F 301 0.30 13.24 46.62
N PRO F 302 1.63 13.30 46.51
CA PRO F 302 2.35 12.69 45.38
C PRO F 302 2.56 11.19 45.54
N TYR F 303 1.50 10.49 45.94
CA TYR F 303 1.55 9.05 46.12
C TYR F 303 0.13 8.49 46.03
N LEU F 304 0.04 7.18 45.81
CA LEU F 304 -1.23 6.51 45.65
C LEU F 304 -1.76 6.02 47.00
N THR F 305 -3.04 5.65 47.00
CA THR F 305 -3.65 5.03 48.17
C THR F 305 -3.72 3.52 47.97
N ALA F 306 -4.08 2.81 49.04
CA ALA F 306 -4.11 1.36 48.99
C ALA F 306 -5.10 0.85 47.95
N LYS F 307 -6.32 1.39 47.96
CA LYS F 307 -7.30 0.99 46.95
C LYS F 307 -6.91 1.50 45.57
N ASP F 308 -6.36 2.71 45.51
CA ASP F 308 -6.02 3.31 44.21
C ASP F 308 -4.96 2.48 43.49
N ALA F 309 -3.93 2.05 44.22
CA ALA F 309 -2.86 1.26 43.59
C ALA F 309 -3.37 -0.10 43.15
N GLU F 310 -4.24 -0.72 43.94
CA GLU F 310 -4.75 -2.05 43.59
C GLU F 310 -5.55 -2.00 42.30
N ASP F 311 -6.45 -1.03 42.17
CA ASP F 311 -7.23 -0.90 40.95
C ASP F 311 -6.35 -0.53 39.76
N LEU F 312 -5.24 0.16 40.02
CA LEU F 312 -4.33 0.52 38.94
C LEU F 312 -3.56 -0.70 38.43
N VAL F 313 -3.05 -1.53 39.34
CA VAL F 313 -2.29 -2.71 38.94
C VAL F 313 -3.18 -3.71 38.23
N VAL F 314 -4.42 -3.85 38.70
CA VAL F 314 -5.37 -4.77 38.06
C VAL F 314 -5.63 -4.34 36.63
N GLN F 315 -5.77 -3.03 36.39
CA GLN F 315 -5.97 -2.53 35.03
C GLN F 315 -4.77 -2.84 34.15
N SER F 316 -3.57 -2.66 34.68
CA SER F 316 -2.36 -2.92 33.90
C SER F 316 -2.24 -4.40 33.55
N ILE F 317 -2.60 -5.29 34.48
CA ILE F 317 -2.53 -6.72 34.24
C ILE F 317 -3.52 -7.11 33.14
N ALA F 318 -4.73 -6.55 33.19
CA ALA F 318 -5.74 -6.86 32.18
C ALA F 318 -5.28 -6.43 30.79
N ALA F 319 -4.62 -5.27 30.70
CA ALA F 319 -4.09 -4.83 29.41
C ALA F 319 -3.02 -5.80 28.91
N TYR F 320 -2.15 -6.28 29.80
CA TYR F 320 -1.18 -7.28 29.42
C TYR F 320 -1.85 -8.58 28.98
N LYS F 321 -2.88 -9.00 29.71
CA LYS F 321 -3.57 -10.25 29.39
C LYS F 321 -4.33 -10.17 28.07
N ALA F 322 -4.60 -8.96 27.58
CA ALA F 322 -5.30 -8.83 26.30
C ALA F 322 -4.42 -9.27 25.13
N HIS F 323 -3.10 -9.06 25.23
CA HIS F 323 -2.19 -9.43 24.16
C HIS F 323 -1.60 -10.82 24.34
N HIS F 324 -1.29 -11.22 25.58
CA HIS F 324 -0.61 -12.46 25.84
C HIS F 324 -1.53 -13.60 26.26
N ARG F 325 -2.75 -13.28 26.70
CA ARG F 325 -3.72 -14.25 27.21
C ARG F 325 -3.19 -14.99 28.44
N HIS F 326 -2.20 -14.43 29.12
CA HIS F 326 -1.69 -14.99 30.37
C HIS F 326 -1.08 -13.85 31.19
N VAL F 327 -1.25 -13.93 32.50
CA VAL F 327 -0.72 -12.91 33.41
C VAL F 327 0.81 -12.94 33.34
N PRO F 328 1.47 -11.79 33.48
CA PRO F 328 2.93 -11.78 33.38
C PRO F 328 3.59 -12.54 34.51
N ALA F 329 4.75 -13.12 34.21
CA ALA F 329 5.53 -13.79 35.24
C ALA F 329 6.09 -12.79 36.24
N ARG F 330 6.54 -11.63 35.75
CA ARG F 330 7.10 -10.57 36.59
C ARG F 330 6.39 -9.27 36.28
N LEU F 331 6.21 -8.44 37.30
CA LEU F 331 5.64 -7.11 37.14
C LEU F 331 6.53 -6.11 37.86
N VAL F 332 7.22 -5.27 37.10
CA VAL F 332 8.13 -4.27 37.65
C VAL F 332 7.42 -2.93 37.61
N VAL F 333 7.24 -2.33 38.78
CA VAL F 333 6.54 -1.05 38.92
C VAL F 333 7.58 0.01 39.25
N LEU F 334 7.73 0.99 38.35
CA LEU F 334 8.62 2.12 38.56
C LEU F 334 7.79 3.35 38.93
N LYS F 335 8.21 4.04 39.98
CA LYS F 335 7.44 5.16 40.51
C LYS F 335 8.37 6.35 40.73
N THR F 336 7.81 7.55 40.57
CA THR F 336 8.57 8.78 40.73
C THR F 336 8.67 9.24 42.18
N SER F 337 7.99 8.56 43.10
CA SER F 337 8.03 8.91 44.51
C SER F 337 8.17 7.64 45.33
N ARG F 338 8.57 7.81 46.59
CA ARG F 338 8.86 6.67 47.45
C ARG F 338 7.60 5.81 47.66
N PHE F 339 7.80 4.50 47.67
CA PHE F 339 6.71 3.56 47.87
C PHE F 339 6.37 3.50 49.36
N ARG F 340 5.12 3.80 49.70
CA ARG F 340 4.67 3.76 51.08
C ARG F 340 4.03 2.40 51.40
N SER F 341 3.75 2.19 52.68
CA SER F 341 3.23 0.91 53.12
C SER F 341 1.87 0.61 52.51
N GLU F 342 0.99 1.62 52.44
CA GLU F 342 -0.34 1.39 51.89
C GLU F 342 -0.28 1.05 50.40
N GLU F 343 0.65 1.64 49.66
CA GLU F 343 0.78 1.32 48.24
C GLU F 343 1.29 -0.10 48.05
N ALA F 344 2.30 -0.50 48.81
CA ALA F 344 2.88 -1.83 48.64
C ALA F 344 1.86 -2.93 48.95
N GLU F 345 1.12 -2.77 50.06
CA GLU F 345 0.09 -3.75 50.38
C GLU F 345 -1.08 -3.68 49.41
N GLY F 346 -1.35 -2.50 48.85
CA GLY F 346 -2.36 -2.40 47.81
C GLY F 346 -1.94 -3.11 46.54
N ILE F 347 -0.69 -2.93 46.11
CA ILE F 347 -0.20 -3.63 44.92
C ILE F 347 -0.16 -5.13 45.15
N ASP F 348 0.32 -5.55 46.34
CA ASP F 348 0.40 -6.97 46.64
C ASP F 348 -0.98 -7.64 46.62
N ALA F 349 -2.02 -6.90 47.03
CA ALA F 349 -3.37 -7.44 46.97
C ALA F 349 -3.79 -7.72 45.53
N ALA F 350 -3.46 -6.82 44.62
CA ALA F 350 -3.80 -7.02 43.21
C ALA F 350 -3.06 -8.23 42.63
N LEU F 351 -1.78 -8.39 42.99
CA LEU F 351 -1.00 -9.52 42.47
C LEU F 351 -1.56 -10.85 42.95
N GLY F 352 -1.98 -10.92 44.22
CA GLY F 352 -2.51 -12.16 44.75
C GLY F 352 -3.78 -12.60 44.05
N LYS F 353 -4.63 -11.64 43.70
CA LYS F 353 -5.86 -11.99 42.99
C LYS F 353 -5.56 -12.53 41.59
N SER F 354 -4.57 -11.96 40.92
CA SER F 354 -4.20 -12.39 39.58
C SER F 354 -3.19 -13.52 39.56
N GLY F 355 -2.63 -13.88 40.71
CA GLY F 355 -1.67 -14.97 40.76
C GLY F 355 -0.29 -14.64 40.21
N ILE F 356 0.07 -13.36 40.18
CA ILE F 356 1.40 -12.98 39.69
C ILE F 356 2.45 -13.54 40.64
N GLU F 357 3.52 -14.11 40.08
CA GLU F 357 4.53 -14.76 40.89
C GLU F 357 5.45 -13.76 41.58
N MET F 358 6.11 -12.89 40.81
CA MET F 358 7.10 -11.97 41.35
C MET F 358 6.77 -10.54 40.94
N SER F 359 7.13 -9.60 41.80
CA SER F 359 6.89 -8.18 41.54
C SER F 359 8.01 -7.37 42.15
N ASP F 360 8.34 -6.26 41.47
CA ASP F 360 9.39 -5.35 41.92
C ASP F 360 8.79 -3.95 42.06
N LEU F 361 9.05 -3.32 43.20
CA LEU F 361 8.58 -1.96 43.48
C LEU F 361 9.81 -1.07 43.64
N VAL F 362 10.07 -0.23 42.65
CA VAL F 362 11.28 0.58 42.58
C VAL F 362 10.89 2.04 42.49
N TRP F 363 11.50 2.87 43.34
CA TRP F 363 11.31 4.32 43.30
C TRP F 363 12.51 4.93 42.59
N VAL F 364 12.26 5.58 41.46
CA VAL F 364 13.32 6.16 40.63
C VAL F 364 13.48 7.61 41.06
N GLN F 365 14.43 7.86 41.95
CA GLN F 365 14.68 9.19 42.47
C GLN F 365 15.77 9.88 41.66
N GLU F 366 15.48 11.10 41.21
CA GLU F 366 16.45 11.89 40.47
C GLU F 366 17.10 12.99 41.32
N SER F 367 16.53 13.31 42.47
CA SER F 367 17.00 14.42 43.29
C SER F 367 18.07 14.00 44.30
N SER F 368 18.53 12.77 44.25
CA SER F 368 19.54 12.31 45.20
C SER F 368 20.84 13.07 44.97
N PRO F 369 21.53 13.50 46.04
CA PRO F 369 22.80 14.21 45.90
C PRO F 369 24.02 13.32 45.82
N ILE F 370 23.87 12.01 46.03
CA ILE F 370 25.01 11.11 45.98
C ILE F 370 25.51 10.98 44.55
N ALA F 371 26.82 11.04 44.38
CA ALA F 371 27.43 10.92 43.07
C ALA F 371 28.88 10.46 43.23
N ILE F 372 29.45 9.98 42.14
CA ILE F 372 30.84 9.55 42.10
C ILE F 372 31.54 10.33 40.99
N PHE F 373 32.87 10.46 41.12
CA PHE F 373 33.65 11.25 40.19
C PHE F 373 34.93 10.51 39.85
N ARG F 374 35.13 10.23 38.56
CA ARG F 374 36.38 9.66 38.10
C ARG F 374 37.43 10.76 37.92
N ASP F 375 38.68 10.34 37.78
CA ASP F 375 39.80 11.27 37.65
C ASP F 375 39.98 11.63 36.18
N GLY F 376 39.67 12.87 35.84
CA GLY F 376 39.79 13.34 34.48
C GLY F 376 38.84 14.49 34.23
N ASN F 377 38.73 14.87 32.95
CA ASN F 377 37.84 15.94 32.55
C ASN F 377 36.46 15.44 32.15
N TYR F 378 36.31 14.14 31.88
CA TYR F 378 35.03 13.57 31.50
C TYR F 378 34.45 12.74 32.63
N PRO F 379 33.13 12.66 32.75
CA PRO F 379 32.51 11.92 33.85
C PRO F 379 32.59 10.42 33.64
N VAL F 380 32.00 9.68 34.58
CA VAL F 380 32.06 8.23 34.51
C VAL F 380 31.30 7.70 33.30
N LEU F 381 31.57 6.45 32.94
CA LEU F 381 30.93 5.82 31.80
C LEU F 381 29.43 5.67 32.04
N ARG F 382 28.67 5.71 30.94
CA ARG F 382 27.25 5.43 31.03
C ARG F 382 27.04 3.95 31.35
N GLY F 383 26.19 3.67 32.33
CA GLY F 383 26.01 2.33 32.83
C GLY F 383 26.76 2.03 34.09
N THR F 384 27.46 3.00 34.66
CA THR F 384 28.15 2.80 35.94
C THR F 384 27.13 2.63 37.05
N PHE F 385 27.31 1.59 37.86
CA PHE F 385 26.36 1.26 38.92
C PHE F 385 27.12 1.04 40.22
N VAL F 386 26.59 1.65 41.29
CA VAL F 386 27.16 1.51 42.63
C VAL F 386 26.05 1.06 43.57
N ASP F 387 26.30 -0.02 44.31
CA ASP F 387 25.30 -0.59 45.21
C ASP F 387 25.46 0.03 46.59
N LEU F 388 24.44 0.75 47.04
CA LEU F 388 24.43 1.35 48.38
C LEU F 388 23.40 0.64 49.26
N ASP F 389 23.86 -0.43 49.90
CA ASP F 389 23.09 -1.23 50.86
C ASP F 389 21.69 -1.60 50.35
N GLY F 390 21.61 -1.73 49.03
CA GLY F 390 20.35 -2.04 48.39
C GLY F 390 19.85 -0.92 47.50
N LYS F 391 20.03 0.32 47.94
CA LYS F 391 19.73 1.46 47.08
C LYS F 391 20.77 1.53 45.97
N GLY F 392 20.29 1.61 44.72
CA GLY F 392 21.16 1.54 43.57
C GLY F 392 21.42 2.92 42.99
N LEU F 393 22.69 3.21 42.75
CA LEU F 393 23.12 4.44 42.10
C LEU F 393 23.50 4.12 40.66
N LEU F 394 22.65 4.52 39.72
CA LEU F 394 22.82 4.19 38.31
C LEU F 394 23.10 5.46 37.51
N TYR F 395 24.07 5.37 36.60
CA TYR F 395 24.46 6.47 35.74
C TYR F 395 23.93 6.19 34.34
N THR F 396 22.68 6.58 34.10
CA THR F 396 22.11 6.43 32.76
C THR F 396 22.67 7.44 31.77
N ARG F 397 23.27 8.52 32.28
CA ARG F 397 23.92 9.52 31.45
C ARG F 397 25.37 9.66 31.88
N GLY F 398 26.26 9.83 30.91
CA GLY F 398 27.68 9.94 31.20
C GLY F 398 28.48 9.82 29.92
N SER F 399 29.77 9.50 30.09
CA SER F 399 30.64 9.29 28.96
C SER F 399 30.17 8.07 28.16
N VAL F 400 29.89 8.27 26.88
CA VAL F 400 29.42 7.21 26.00
C VAL F 400 30.57 6.83 25.08
N PRO F 401 31.12 5.62 25.18
CA PRO F 401 32.23 5.25 24.29
C PRO F 401 31.85 5.28 22.82
N PHE F 402 30.61 4.93 22.48
CA PHE F 402 30.19 4.96 21.09
C PHE F 402 30.20 6.36 20.52
N TYR F 403 29.71 7.33 21.30
CA TYR F 403 29.70 8.72 20.83
C TYR F 403 31.08 9.34 20.86
N GLY F 404 32.00 8.83 21.67
CA GLY F 404 33.31 9.41 21.80
C GLY F 404 33.39 10.64 22.68
N THR F 405 32.30 10.98 23.37
CA THR F 405 32.27 12.14 24.25
C THR F 405 31.10 11.97 25.21
N PHE F 406 30.85 13.01 26.01
CA PHE F 406 29.70 13.04 26.90
C PHE F 406 28.75 14.16 26.48
N PRO F 407 27.59 13.85 25.93
CA PRO F 407 26.66 14.91 25.46
C PRO F 407 25.89 15.57 26.60
N GLY F 408 26.54 16.54 27.24
CA GLY F 408 25.91 17.26 28.34
C GLY F 408 26.73 18.47 28.73
N LEU F 409 26.10 19.35 29.50
CA LEU F 409 26.74 20.58 29.93
C LEU F 409 27.61 20.35 31.16
N ARG F 410 27.00 19.96 32.27
CA ARG F 410 27.67 19.74 33.53
C ARG F 410 27.80 18.22 33.75
N VAL F 411 28.37 17.83 34.87
CA VAL F 411 28.46 16.39 35.16
C VAL F 411 27.05 15.81 35.28
N PRO F 412 26.80 14.60 34.82
CA PRO F 412 25.45 14.04 34.92
C PRO F 412 25.08 13.70 36.35
N ARG F 413 23.78 13.83 36.64
CA ARG F 413 23.27 13.44 37.94
C ARG F 413 22.78 12.01 37.87
N PRO F 414 23.34 11.09 38.66
CA PRO F 414 22.95 9.68 38.56
C PRO F 414 21.54 9.45 39.08
N LEU F 415 20.91 8.40 38.55
CA LEU F 415 19.63 7.95 39.05
C LEU F 415 19.82 7.07 40.27
N LEU F 416 19.10 7.38 41.35
CA LEU F 416 19.13 6.57 42.55
C LEU F 416 17.87 5.70 42.59
N LEU F 417 18.06 4.40 42.51
CA LEU F 417 16.96 3.44 42.55
C LEU F 417 16.79 2.94 43.98
N VAL F 418 15.60 3.14 44.54
CA VAL F 418 15.32 2.74 45.92
C VAL F 418 14.22 1.70 45.91
N PRO F 419 14.55 0.41 45.83
CA PRO F 419 13.50 -0.62 45.84
C PRO F 419 12.83 -0.71 47.19
N HIS F 420 11.53 -0.97 47.17
CA HIS F 420 10.81 -1.24 48.41
C HIS F 420 11.19 -2.62 48.93
N GLU F 421 10.97 -2.84 50.23
CA GLU F 421 11.29 -4.12 50.83
C GLU F 421 10.48 -5.26 50.24
N ASN F 422 9.34 -4.96 49.62
CA ASN F 422 8.52 -5.96 48.95
C ASN F 422 8.91 -6.12 47.48
N SER F 423 10.19 -6.39 47.23
CA SER F 423 10.72 -6.56 45.90
C SER F 423 11.44 -7.89 45.80
N ASP F 424 11.43 -8.48 44.61
CA ASP F 424 12.03 -9.79 44.40
C ASP F 424 13.48 -9.68 43.90
N SER F 425 13.68 -9.04 42.76
CA SER F 425 15.00 -9.04 42.14
C SER F 425 15.98 -8.17 42.91
N THR F 426 17.25 -8.48 42.77
CA THR F 426 18.31 -7.66 43.35
C THR F 426 18.39 -6.31 42.62
N ILE F 427 19.01 -5.34 43.29
CA ILE F 427 19.12 -4.01 42.69
C ILE F 427 19.98 -4.04 41.44
N LEU F 428 20.98 -4.92 41.40
CA LEU F 428 21.81 -5.05 40.21
C LEU F 428 20.99 -5.51 39.02
N THR F 429 20.09 -6.49 39.24
CA THR F 429 19.20 -6.92 38.17
C THR F 429 18.25 -5.81 37.77
N LEU F 430 17.71 -5.07 38.75
CA LEU F 430 16.79 -3.98 38.44
C LEU F 430 17.48 -2.86 37.68
N ALA F 431 18.73 -2.55 38.05
CA ALA F 431 19.45 -1.49 37.36
C ALA F 431 19.70 -1.85 35.90
N LYS F 432 20.00 -3.13 35.63
CA LYS F 432 20.18 -3.56 34.25
C LYS F 432 18.91 -3.39 33.43
N ASP F 433 17.75 -3.62 34.04
CA ASP F 433 16.48 -3.40 33.35
C ASP F 433 16.18 -1.92 33.20
N VAL F 434 16.46 -1.12 34.24
CA VAL F 434 16.21 0.31 34.18
C VAL F 434 17.08 0.96 33.10
N LEU F 435 18.36 0.57 33.05
CA LEU F 435 19.25 1.11 32.02
C LEU F 435 18.79 0.72 30.63
N ALA F 436 18.31 -0.52 30.46
CA ALA F 436 17.83 -0.95 29.16
C ALA F 436 16.57 -0.19 28.75
N LEU F 437 15.72 0.15 29.72
CA LEU F 437 14.47 0.85 29.41
C LEU F 437 14.69 2.25 28.87
N THR F 438 15.88 2.82 29.05
CA THR F 438 16.14 4.18 28.59
C THR F 438 16.33 4.27 27.08
N LYS F 439 16.42 3.15 26.37
CA LYS F 439 16.74 3.14 24.96
C LYS F 439 15.51 2.96 24.07
N VAL F 440 14.30 2.97 24.63
CA VAL F 440 13.10 2.70 23.85
C VAL F 440 12.11 3.86 23.96
N ASN F 441 12.62 5.08 24.11
CA ASN F 441 11.73 6.24 24.24
C ASN F 441 11.05 6.57 22.92
N TRP F 442 11.75 6.38 21.80
CA TRP F 442 11.19 6.50 20.44
C TRP F 442 10.94 7.95 20.05
N ASN F 443 11.07 8.89 20.99
CA ASN F 443 10.94 10.30 20.68
C ASN F 443 12.25 10.91 20.21
N THR F 444 13.37 10.20 20.38
CA THR F 444 14.68 10.69 19.97
C THR F 444 15.52 9.49 19.57
N THR F 445 16.49 9.73 18.69
CA THR F 445 17.39 8.69 18.22
C THR F 445 18.69 8.63 19.02
N GLN F 446 18.83 9.49 20.03
CA GLN F 446 20.01 9.48 20.89
C GLN F 446 19.70 8.64 22.12
N PHE F 447 20.53 7.63 22.38
CA PHE F 447 20.16 6.57 23.32
C PHE F 447 20.65 6.79 24.74
N ASP F 448 21.32 7.91 25.04
CA ASP F 448 21.80 8.15 26.40
C ASP F 448 20.76 8.91 27.22
N GLN F 449 19.54 8.38 27.18
CA GLN F 449 18.42 8.98 27.91
C GLN F 449 18.57 8.75 29.41
N LYS F 450 18.24 9.77 30.19
CA LYS F 450 18.42 9.70 31.64
C LYS F 450 17.37 8.81 32.30
N LEU F 451 16.11 8.91 31.88
CA LEU F 451 15.05 8.23 32.61
C LEU F 451 14.56 7.00 31.86
N PRO F 452 14.09 5.98 32.56
CA PRO F 452 13.50 4.83 31.88
C PRO F 452 12.22 5.21 31.16
N ALA F 453 11.92 4.48 30.10
CA ALA F 453 10.77 4.82 29.25
C ALA F 453 9.45 4.82 30.00
N PRO F 454 9.10 3.80 30.80
CA PRO F 454 7.80 3.87 31.52
C PRO F 454 7.68 5.08 32.41
N ILE F 455 8.75 5.48 33.09
CA ILE F 455 8.71 6.69 33.91
C ILE F 455 8.56 7.93 33.04
N LYS F 456 9.35 8.01 31.96
CA LYS F 456 9.26 9.15 31.06
C LYS F 456 7.92 9.19 30.35
N ALA F 457 7.43 8.04 29.89
CA ALA F 457 6.16 8.03 29.16
C ALA F 457 5.00 8.44 30.05
N ALA F 458 5.08 8.11 31.35
CA ALA F 458 4.03 8.52 32.28
C ALA F 458 3.94 10.03 32.39
N ARG F 459 5.09 10.71 32.44
CA ARG F 459 5.07 12.17 32.53
C ARG F 459 4.56 12.80 31.25
N GLU F 460 4.92 12.23 30.09
CA GLU F 460 4.43 12.78 28.82
C GLU F 460 2.92 12.64 28.71
N VAL F 461 2.38 11.52 29.19
CA VAL F 461 0.92 11.36 29.21
C VAL F 461 0.28 12.39 30.13
N GLY F 462 0.95 12.71 31.23
CA GLY F 462 0.38 13.64 32.20
C GLY F 462 0.15 15.02 31.63
N ARG F 463 1.08 15.50 30.80
CA ARG F 463 0.94 16.84 30.23
C ARG F 463 -0.32 16.96 29.38
N ILE F 464 -0.59 15.94 28.55
CA ILE F 464 -1.77 15.99 27.70
C ILE F 464 -3.04 15.87 28.52
N LEU F 465 -3.03 15.03 29.56
CA LEU F 465 -4.24 14.69 30.29
C LEU F 465 -4.65 15.74 31.31
N LYS F 466 -3.86 16.79 31.51
CA LYS F 466 -4.31 17.88 32.37
C LYS F 466 -5.54 18.56 31.80
N HIS F 467 -5.66 18.59 30.47
CA HIS F 467 -6.77 19.27 29.80
C HIS F 467 -7.91 18.33 29.42
N VAL F 468 -7.76 17.03 29.66
CA VAL F 468 -8.83 16.07 29.40
C VAL F 468 -9.62 15.88 30.69
N GLU F 469 -10.91 16.20 30.64
CA GLU F 469 -11.75 16.13 31.83
C GLU F 469 -11.96 14.69 32.27
N PHE F 470 -11.99 14.49 33.59
CA PHE F 470 -12.01 13.14 34.15
C PHE F 470 -13.29 12.40 33.72
N GLY F 471 -13.14 11.10 33.49
CA GLY F 471 -14.24 10.29 33.03
C GLY F 471 -14.37 10.21 31.52
N THR F 472 -13.58 10.96 30.77
CA THR F 472 -13.62 10.91 29.32
C THR F 472 -12.68 9.82 28.83
N ALA F 473 -13.21 8.91 28.01
CA ALA F 473 -12.41 7.83 27.47
C ALA F 473 -11.50 8.37 26.37
N VAL F 474 -10.20 8.05 26.48
CA VAL F 474 -9.21 8.50 25.52
C VAL F 474 -8.37 7.30 25.09
N SER F 475 -7.76 7.43 23.92
CA SER F 475 -6.92 6.36 23.40
C SER F 475 -5.67 6.19 24.26
N SER F 476 -5.30 4.94 24.50
CA SER F 476 -4.11 4.62 25.30
C SER F 476 -2.86 4.49 24.45
N ASP F 477 -2.96 4.69 23.13
CA ASP F 477 -1.78 4.61 22.27
C ASP F 477 -0.84 5.76 22.60
N PHE F 478 0.44 5.43 22.80
CA PHE F 478 1.42 6.44 23.15
C PHE F 478 1.75 7.36 21.98
N ARG F 479 1.40 6.96 20.75
CA ARG F 479 1.64 7.81 19.59
C ARG F 479 0.85 9.11 19.66
N ARG F 480 -0.23 9.13 20.44
CA ARG F 480 -1.04 10.34 20.59
C ARG F 480 -0.50 11.29 21.65
N TYR F 481 0.54 10.91 22.39
CA TYR F 481 1.11 11.74 23.43
C TYR F 481 2.57 12.10 23.19
N THR F 482 3.32 11.28 22.47
CA THR F 482 4.72 11.57 22.20
C THR F 482 4.86 12.66 21.14
N ASN I 175 -77.11 46.79 -48.15
CA ASN I 175 -76.06 47.26 -47.26
C ASN I 175 -75.51 48.61 -47.73
N LYS I 176 -76.42 49.53 -48.06
CA LYS I 176 -76.00 50.84 -48.53
C LYS I 176 -75.38 51.69 -47.44
N GLY I 177 -75.57 51.32 -46.18
CA GLY I 177 -75.02 52.07 -45.07
C GLY I 177 -76.10 52.87 -44.34
N GLU I 178 -75.86 53.13 -43.07
CA GLU I 178 -76.81 53.82 -42.21
C GLU I 178 -76.43 55.29 -42.12
N ASP I 179 -77.30 56.06 -41.45
CA ASP I 179 -77.09 57.48 -41.24
C ASP I 179 -76.58 57.72 -39.83
N ALA I 180 -76.01 58.92 -39.60
CA ALA I 180 -75.39 59.22 -38.32
C ALA I 180 -75.54 60.70 -38.02
N ILE I 181 -75.81 61.02 -36.75
CA ILE I 181 -75.90 62.41 -36.32
C ILE I 181 -74.49 62.99 -36.17
N ILE I 182 -74.31 64.22 -36.64
CA ILE I 182 -72.98 64.82 -36.73
C ILE I 182 -72.55 65.51 -35.43
N ASN I 183 -73.47 65.72 -34.49
CA ASN I 183 -73.23 66.29 -33.16
C ASN I 183 -73.07 67.80 -33.25
N LEU I 184 -72.91 68.35 -34.45
CA LEU I 184 -72.73 69.79 -34.64
C LEU I 184 -74.08 70.46 -34.91
N LEU I 185 -74.17 71.74 -34.55
CA LEU I 185 -75.33 72.56 -34.83
C LEU I 185 -74.88 73.90 -35.38
N ARG I 186 -75.33 74.22 -36.58
CA ARG I 186 -74.95 75.46 -37.25
C ARG I 186 -75.62 76.64 -36.58
N ILE I 187 -74.89 77.75 -36.45
CA ILE I 187 -75.37 78.94 -35.77
C ILE I 187 -75.76 79.96 -36.84
N ARG I 188 -77.02 80.37 -36.83
CA ARG I 188 -77.50 81.44 -37.71
C ARG I 188 -77.54 82.76 -36.93
N LEU I 189 -76.35 83.27 -36.65
CA LEU I 189 -76.23 84.49 -35.87
C LEU I 189 -76.76 85.69 -36.65
N PRO I 190 -77.25 86.72 -35.95
CA PRO I 190 -77.81 87.89 -36.61
C PRO I 190 -76.78 88.61 -37.48
N ASP I 191 -77.29 89.53 -38.30
CA ASP I 191 -76.49 90.22 -39.31
C ASP I 191 -76.07 91.62 -38.88
N GLU I 192 -76.26 91.97 -37.62
CA GLU I 192 -75.88 93.29 -37.11
C GLU I 192 -75.17 93.12 -35.78
N ILE I 193 -74.05 93.82 -35.61
CA ILE I 193 -73.23 93.73 -34.40
C ILE I 193 -72.98 95.14 -33.89
N PHE I 194 -73.12 95.31 -32.57
CA PHE I 194 -73.04 96.64 -31.95
C PHE I 194 -71.58 96.96 -31.61
N ILE I 195 -70.87 97.47 -32.60
CA ILE I 195 -69.49 97.90 -32.41
C ILE I 195 -69.49 99.17 -31.56
N SER I 196 -68.60 99.22 -30.56
CA SER I 196 -68.57 100.34 -29.64
C SER I 196 -67.20 100.44 -29.00
N THR I 197 -67.06 101.43 -28.10
CA THR I 197 -65.86 101.65 -27.32
C THR I 197 -66.28 101.94 -25.88
N SER I 198 -65.53 101.41 -24.92
CA SER I 198 -65.89 101.52 -23.52
C SER I 198 -64.71 101.96 -22.69
N PRO I 199 -64.95 102.69 -21.58
CA PRO I 199 -63.85 103.16 -20.74
C PRO I 199 -63.41 102.12 -19.70
N PHE I 200 -64.31 101.25 -19.28
CA PHE I 200 -64.00 100.29 -18.23
C PHE I 200 -63.01 99.25 -18.71
N GLY I 201 -62.18 98.76 -17.78
CA GLY I 201 -61.09 97.86 -18.10
C GLY I 201 -61.51 96.46 -18.50
N SER I 202 -62.08 95.71 -17.56
CA SER I 202 -62.45 94.32 -17.79
C SER I 202 -63.95 94.15 -17.59
N GLY I 203 -64.47 93.04 -18.12
CA GLY I 203 -65.88 92.77 -17.98
C GLY I 203 -66.31 92.63 -16.53
N ARG I 204 -65.45 92.03 -15.70
CA ARG I 204 -65.71 91.96 -14.27
C ARG I 204 -65.69 93.35 -13.65
N ASP I 205 -64.82 94.23 -14.14
CA ASP I 205 -64.80 95.61 -13.66
C ASP I 205 -66.09 96.35 -13.99
N ALA I 206 -66.79 95.93 -15.04
CA ALA I 206 -68.08 96.51 -15.40
C ALA I 206 -69.25 95.72 -14.85
N VAL I 207 -68.99 94.58 -14.20
CA VAL I 207 -70.07 93.80 -13.58
C VAL I 207 -70.83 94.60 -12.52
N PRO I 208 -70.20 95.31 -11.60
CA PRO I 208 -70.97 96.05 -10.59
C PRO I 208 -71.91 97.10 -11.18
N GLU I 209 -71.67 97.55 -12.41
CA GLU I 209 -72.60 98.45 -13.08
C GLU I 209 -73.88 97.77 -13.53
N LEU I 210 -74.09 96.50 -13.14
CA LEU I 210 -75.38 95.85 -13.34
C LEU I 210 -76.49 96.60 -12.62
N VAL I 211 -76.17 97.27 -11.50
CA VAL I 211 -77.18 98.02 -10.75
C VAL I 211 -77.59 99.30 -11.44
N LYS I 212 -76.93 99.68 -12.54
CA LYS I 212 -77.27 100.91 -13.25
C LYS I 212 -78.71 100.88 -13.76
N HIS I 213 -79.09 99.76 -14.36
CA HIS I 213 -80.47 99.55 -14.80
C HIS I 213 -80.89 98.12 -14.45
N GLY I 214 -82.19 97.93 -14.26
CA GLY I 214 -82.72 96.67 -13.75
C GLY I 214 -82.39 95.44 -14.56
N ASN I 215 -82.66 95.48 -15.86
CA ASN I 215 -82.41 94.33 -16.72
C ASN I 215 -81.07 94.45 -17.42
N VAL I 216 -80.34 93.33 -17.47
CA VAL I 216 -79.05 93.27 -18.15
C VAL I 216 -78.93 91.94 -18.87
N ARG I 217 -78.50 91.96 -20.13
CA ARG I 217 -78.35 90.75 -20.92
C ARG I 217 -77.07 89.98 -20.63
N PHE I 218 -75.97 90.65 -20.27
CA PHE I 218 -74.68 90.02 -20.02
C PHE I 218 -74.15 89.30 -21.25
N ASP I 219 -74.73 89.57 -22.42
CA ASP I 219 -74.26 88.99 -23.67
C ASP I 219 -73.36 90.01 -24.39
N TRP I 220 -72.21 90.27 -23.77
CA TRP I 220 -71.30 91.28 -24.26
C TRP I 220 -69.90 90.99 -23.74
N VAL I 221 -68.93 91.77 -24.22
CA VAL I 221 -67.58 91.78 -23.68
C VAL I 221 -66.90 93.03 -24.19
N ILE I 222 -65.89 93.49 -23.45
CA ILE I 222 -65.03 94.59 -23.89
C ILE I 222 -63.59 94.08 -23.87
N ARG I 223 -62.82 94.46 -24.88
CA ARG I 223 -61.46 93.97 -25.03
C ARG I 223 -60.70 94.92 -25.95
N LYS I 224 -59.51 95.33 -25.52
CA LYS I 224 -58.71 96.32 -26.25
C LYS I 224 -59.51 97.61 -26.45
N ARG I 225 -60.31 97.96 -25.43
CA ARG I 225 -61.18 99.12 -25.47
C ARG I 225 -62.13 99.06 -26.67
N ARG I 226 -62.79 97.91 -26.82
CA ARG I 226 -63.74 97.70 -27.90
C ARG I 226 -64.90 96.86 -27.38
N PHE I 227 -66.12 97.35 -27.61
CA PHE I 227 -67.33 96.72 -27.08
C PHE I 227 -68.06 96.00 -28.20
N VAL I 228 -68.36 94.72 -27.98
CA VAL I 228 -69.02 93.87 -28.96
C VAL I 228 -70.17 93.13 -28.27
N SER I 229 -71.36 93.18 -28.87
CA SER I 229 -72.53 92.57 -28.24
C SER I 229 -73.66 92.46 -29.25
N PHE I 230 -74.38 91.35 -29.18
CA PHE I 230 -75.56 91.14 -30.02
C PHE I 230 -76.80 91.86 -29.51
N PHE I 231 -76.76 92.41 -28.30
CA PHE I 231 -77.86 93.17 -27.74
C PHE I 231 -77.48 94.65 -27.66
N ASP I 232 -78.42 95.51 -28.00
CA ASP I 232 -78.16 96.95 -27.95
C ASP I 232 -78.14 97.42 -26.51
N PRO I 233 -77.05 98.02 -26.04
CA PRO I 233 -77.05 98.63 -24.70
C PRO I 233 -78.02 99.80 -24.58
N ARG I 234 -78.47 100.37 -25.70
CA ARG I 234 -79.40 101.49 -25.64
C ARG I 234 -80.73 101.06 -25.01
N GLU I 235 -81.23 99.88 -25.36
CA GLU I 235 -82.57 99.47 -24.96
C GLU I 235 -82.58 98.64 -23.67
N TYR I 236 -81.88 97.51 -23.68
CA TYR I 236 -82.06 96.53 -22.60
C TYR I 236 -81.34 96.93 -21.32
N GLY I 237 -80.28 97.72 -21.40
CA GLY I 237 -79.59 98.18 -20.22
C GLY I 237 -78.11 98.39 -20.50
N THR I 238 -77.36 98.68 -19.43
CA THR I 238 -75.94 98.98 -19.51
C THR I 238 -75.67 100.15 -20.46
N ARG I 239 -76.37 101.26 -20.21
CA ARG I 239 -76.20 102.45 -21.05
C ARG I 239 -74.81 103.04 -20.88
N ALA I 240 -74.45 103.45 -19.66
CA ALA I 240 -73.14 104.06 -19.44
C ALA I 240 -71.99 103.06 -19.64
N ILE I 241 -72.28 101.77 -19.68
CA ILE I 241 -71.27 100.80 -20.07
C ILE I 241 -70.79 101.07 -21.49
N VAL I 242 -71.70 101.46 -22.36
CA VAL I 242 -71.37 101.80 -23.73
C VAL I 242 -71.23 103.31 -23.85
N ASP I 243 -70.57 103.75 -24.92
CA ASP I 243 -70.61 105.14 -25.33
C ASP I 243 -71.77 105.29 -26.31
N LEU I 244 -72.83 105.97 -25.87
CA LEU I 244 -74.08 106.00 -26.63
C LEU I 244 -73.89 106.59 -28.03
N ASP I 245 -72.87 107.42 -28.22
CA ASP I 245 -72.56 107.92 -29.55
C ASP I 245 -71.84 106.89 -30.39
N GLN I 246 -71.00 106.06 -29.76
CA GLN I 246 -70.13 105.14 -30.47
C GLN I 246 -70.71 103.75 -30.64
N VAL I 247 -71.95 103.52 -30.22
CA VAL I 247 -72.61 102.22 -30.42
C VAL I 247 -73.20 102.25 -31.83
N GLU I 248 -72.40 101.78 -32.79
CA GLU I 248 -72.77 101.81 -34.18
C GLU I 248 -73.29 100.45 -34.63
N ALA I 249 -73.91 100.43 -35.81
CA ALA I 249 -74.50 99.23 -36.39
C ALA I 249 -73.70 98.83 -37.62
N VAL I 250 -73.00 97.70 -37.53
CA VAL I 250 -72.26 97.14 -38.67
C VAL I 250 -72.56 95.66 -38.76
N ASP I 251 -72.22 95.08 -39.91
CA ASP I 251 -72.50 93.68 -40.18
C ASP I 251 -71.60 92.77 -39.36
N THR I 252 -72.12 91.59 -39.01
CA THR I 252 -71.35 90.63 -38.23
C THR I 252 -70.22 90.01 -39.05
N LYS I 253 -70.40 89.91 -40.36
CA LYS I 253 -69.41 89.25 -41.22
C LYS I 253 -68.05 89.94 -41.15
N LEU I 254 -68.04 91.26 -40.98
CA LEU I 254 -66.78 91.99 -40.86
C LEU I 254 -66.06 91.69 -39.55
N ILE I 255 -66.71 91.04 -38.59
CA ILE I 255 -66.13 90.74 -37.30
C ILE I 255 -66.15 89.24 -37.01
N ALA I 256 -67.32 88.61 -37.13
CA ALA I 256 -67.46 87.21 -36.76
C ALA I 256 -66.86 86.26 -37.79
N PHE I 257 -66.56 86.75 -38.99
CA PHE I 257 -66.02 85.91 -40.06
C PHE I 257 -64.63 86.33 -40.53
N ASN I 258 -63.93 87.15 -39.75
CA ASN I 258 -62.61 87.63 -40.14
C ASN I 258 -61.56 86.58 -39.78
N ASP I 259 -60.28 86.93 -39.93
CA ASP I 259 -59.18 85.99 -39.77
C ASP I 259 -58.42 86.14 -38.46
N GLU I 260 -58.32 87.36 -37.92
CA GLU I 260 -57.55 87.58 -36.70
C GLU I 260 -58.15 86.80 -35.54
N GLN I 261 -57.29 86.13 -34.77
CA GLN I 261 -57.80 85.28 -33.70
C GLN I 261 -58.32 86.09 -32.53
N ASP I 262 -57.89 87.36 -32.40
CA ASP I 262 -58.35 88.20 -31.30
C ASP I 262 -59.85 88.48 -31.42
N ASP I 263 -60.36 88.55 -32.64
CA ASP I 263 -61.81 88.58 -32.83
C ASP I 263 -62.43 87.21 -32.60
N LEU I 264 -61.69 86.14 -32.89
CA LEU I 264 -62.24 84.79 -32.72
C LEU I 264 -62.48 84.47 -31.25
N ASN I 265 -61.48 84.67 -30.38
CA ASN I 265 -61.78 84.27 -29.00
C ASN I 265 -62.79 85.19 -28.34
N ASP I 266 -63.28 86.20 -29.07
CA ASP I 266 -64.31 87.09 -28.60
C ASP I 266 -65.70 86.69 -29.06
N THR I 267 -65.83 86.16 -30.29
CA THR I 267 -67.13 85.77 -30.79
C THR I 267 -67.63 84.49 -30.13
N MET I 268 -66.77 83.50 -29.94
CA MET I 268 -67.17 82.33 -29.16
C MET I 268 -67.46 82.72 -27.71
N ASP I 269 -66.76 83.72 -27.18
CA ASP I 269 -67.13 84.26 -25.87
C ASP I 269 -68.53 84.86 -25.91
N LEU I 270 -68.86 85.58 -26.97
CA LEU I 270 -70.20 86.13 -27.13
C LEU I 270 -71.22 85.02 -27.33
N LEU I 271 -70.90 84.04 -28.19
CA LEU I 271 -71.84 82.95 -28.45
C LEU I 271 -72.09 82.12 -27.18
N ARG I 272 -71.05 81.91 -26.39
CA ARG I 272 -71.23 81.16 -25.14
C ARG I 272 -72.16 81.91 -24.19
N ARG I 273 -71.97 83.23 -24.07
CA ARG I 273 -72.85 84.02 -23.22
C ARG I 273 -74.24 84.15 -23.84
N THR I 274 -74.31 84.24 -25.17
CA THR I 274 -75.60 84.33 -25.84
C THR I 274 -76.43 83.08 -25.58
N VAL I 275 -75.81 81.90 -25.68
CA VAL I 275 -76.53 80.66 -25.40
C VAL I 275 -76.93 80.61 -23.92
N GLU I 276 -76.08 81.15 -23.04
CA GLU I 276 -76.41 81.16 -21.61
C GLU I 276 -77.71 81.90 -21.35
N ARG I 277 -77.85 83.11 -21.89
CA ARG I 277 -79.08 83.88 -21.68
C ARG I 277 -80.23 83.36 -22.53
N GLN I 278 -79.94 82.87 -23.73
CA GLN I 278 -81.00 82.36 -24.59
C GLN I 278 -81.61 81.08 -24.05
N THR I 279 -80.92 80.38 -23.14
CA THR I 279 -81.43 79.16 -22.54
C THR I 279 -81.37 79.21 -21.02
N ALA I 280 -81.34 80.42 -20.44
CA ALA I 280 -81.24 80.55 -18.99
C ALA I 280 -82.46 80.01 -18.25
N THR I 281 -83.60 79.88 -18.94
CA THR I 281 -84.80 79.40 -18.27
C THR I 281 -84.67 77.96 -17.83
N GLN I 282 -83.88 77.15 -18.56
CA GLN I 282 -83.81 75.73 -18.31
C GLN I 282 -82.42 75.20 -17.96
N LEU I 283 -81.36 75.90 -18.33
CA LEU I 283 -80.00 75.43 -18.11
C LEU I 283 -79.23 76.40 -17.23
N SER I 284 -78.34 75.85 -16.40
CA SER I 284 -77.44 76.61 -15.57
C SER I 284 -76.01 76.35 -16.01
N PHE I 285 -75.25 77.41 -16.26
CA PHE I 285 -73.87 77.32 -16.73
C PHE I 285 -72.93 77.46 -15.54
N LEU I 286 -72.24 76.38 -15.21
CA LEU I 286 -71.26 76.42 -14.14
C LEU I 286 -69.97 77.07 -14.63
N ARG I 287 -69.42 77.96 -13.81
CA ARG I 287 -68.33 78.83 -14.24
C ARG I 287 -66.96 78.19 -14.08
N LYS I 288 -66.75 77.39 -13.03
CA LYS I 288 -65.42 76.85 -12.76
C LYS I 288 -64.91 76.02 -13.93
N ASP I 289 -65.71 75.05 -14.37
CA ASP I 289 -65.48 74.34 -15.61
C ASP I 289 -66.70 74.53 -16.50
N ARG I 290 -66.48 74.94 -17.74
CA ARG I 290 -67.57 75.31 -18.64
C ARG I 290 -68.43 74.08 -18.91
N LEU I 291 -69.62 74.06 -18.31
CA LEU I 291 -70.51 72.92 -18.40
C LEU I 291 -71.94 73.41 -18.22
N PHE I 292 -72.83 72.98 -19.10
CA PHE I 292 -74.24 73.35 -19.07
C PHE I 292 -75.03 72.18 -18.51
N HIS I 293 -75.63 72.37 -17.33
CA HIS I 293 -76.44 71.34 -16.69
C HIS I 293 -77.84 71.87 -16.43
N PHE I 294 -78.82 70.99 -16.53
CA PHE I 294 -80.20 71.38 -16.28
C PHE I 294 -80.38 71.80 -14.83
N LYS I 295 -80.98 72.98 -14.65
CA LYS I 295 -81.25 73.47 -13.30
C LYS I 295 -82.43 72.73 -12.70
N ALA I 296 -82.47 72.71 -11.36
CA ALA I 296 -83.52 72.01 -10.63
C ALA I 296 -84.65 73.00 -10.34
N VAL I 297 -85.85 72.68 -10.83
CA VAL I 297 -87.02 73.53 -10.55
C VAL I 297 -87.32 73.52 -9.06
N GLY I 298 -87.31 72.33 -8.46
CA GLY I 298 -87.48 72.19 -7.03
C GLY I 298 -86.17 71.98 -6.31
N VAL I 299 -86.27 71.55 -5.05
CA VAL I 299 -85.11 71.24 -4.21
C VAL I 299 -85.16 69.76 -3.90
N GLY I 300 -84.18 69.01 -4.39
CA GLY I 300 -84.18 67.56 -4.22
C GLY I 300 -85.38 66.90 -4.84
N LYS I 301 -85.78 67.35 -6.03
CA LYS I 301 -86.97 66.85 -6.70
C LYS I 301 -86.62 66.41 -8.12
N SER I 302 -87.37 65.43 -8.62
CA SER I 302 -87.13 64.90 -9.96
C SER I 302 -87.54 65.92 -11.01
N ARG I 303 -87.14 65.63 -12.25
CA ARG I 303 -87.47 66.48 -13.39
C ARG I 303 -87.43 65.64 -14.65
N SER I 304 -88.04 66.15 -15.72
CA SER I 304 -88.07 65.45 -17.00
C SER I 304 -88.39 66.43 -18.13
N TYR I 305 -87.56 66.44 -19.17
CA TYR I 305 -87.74 67.31 -20.31
C TYR I 305 -88.11 66.48 -21.53
N ARG I 306 -89.25 66.80 -22.15
CA ARG I 306 -89.72 66.09 -23.33
C ARG I 306 -89.00 66.61 -24.56
N TYR I 307 -88.64 65.69 -25.45
CA TYR I 307 -87.81 66.03 -26.60
C TYR I 307 -88.12 65.09 -27.76
N MET I 308 -87.93 65.59 -28.98
CA MET I 308 -88.29 64.84 -30.17
C MET I 308 -87.33 63.68 -30.36
N SER I 309 -87.90 62.50 -30.61
CA SER I 309 -87.16 61.24 -30.67
C SER I 309 -86.34 61.00 -29.40
N LYS I 317 -93.03 59.69 -31.25
CA LYS I 317 -91.58 59.85 -31.34
C LYS I 317 -91.03 60.66 -30.17
N VAL I 318 -91.68 61.78 -29.88
CA VAL I 318 -91.20 62.68 -28.83
C VAL I 318 -91.33 61.99 -27.48
N VAL I 319 -90.22 61.94 -26.75
CA VAL I 319 -90.15 61.29 -25.44
C VAL I 319 -89.44 62.24 -24.47
N SER I 320 -89.27 61.78 -23.24
CA SER I 320 -88.68 62.59 -22.18
C SER I 320 -87.63 61.78 -21.44
N ALA I 321 -86.69 62.50 -20.82
CA ALA I 321 -85.63 61.88 -20.03
C ALA I 321 -85.43 62.68 -18.76
N TYR I 322 -84.85 62.03 -17.76
CA TYR I 322 -84.66 62.66 -16.44
C TYR I 322 -83.53 63.67 -16.49
N SER I 323 -83.85 64.92 -16.85
CA SER I 323 -82.83 65.97 -16.89
C SER I 323 -82.34 66.35 -15.50
N SER I 324 -83.06 65.97 -14.44
CA SER I 324 -82.61 66.21 -13.08
C SER I 324 -83.26 65.14 -12.20
N LYS I 325 -82.49 64.12 -11.85
CA LYS I 325 -83.00 62.94 -11.17
C LYS I 325 -82.46 62.88 -9.74
N LYS I 326 -83.35 62.74 -8.78
CA LYS I 326 -82.97 62.52 -7.39
C LYS I 326 -82.75 61.04 -7.13
N LYS I 327 -82.14 60.74 -5.99
CA LYS I 327 -81.79 59.38 -5.62
C LYS I 327 -82.46 58.99 -4.31
N ASP I 328 -82.61 57.68 -4.12
CA ASP I 328 -83.38 57.12 -3.02
C ASP I 328 -82.53 56.56 -1.89
N GLY I 329 -81.56 55.70 -2.22
CA GLY I 329 -80.75 55.09 -1.17
C GLY I 329 -79.95 56.11 -0.38
N TRP I 330 -79.29 57.03 -1.08
CA TRP I 330 -78.58 58.13 -0.45
C TRP I 330 -78.90 59.41 -1.21
N GLY I 331 -78.97 60.52 -0.48
CA GLY I 331 -79.42 61.77 -1.05
C GLY I 331 -78.43 62.46 -1.97
N TYR I 332 -78.70 62.41 -3.28
CA TYR I 332 -77.98 63.21 -4.25
C TYR I 332 -78.81 63.29 -5.52
N VAL I 333 -78.59 64.36 -6.28
CA VAL I 333 -79.37 64.64 -7.49
C VAL I 333 -78.38 64.81 -8.64
N ARG I 334 -78.66 64.13 -9.75
CA ARG I 334 -77.81 64.16 -10.94
C ARG I 334 -78.57 64.84 -12.08
N HIS I 335 -77.95 65.84 -12.69
CA HIS I 335 -78.53 66.56 -13.82
C HIS I 335 -77.78 66.23 -15.09
N HIS I 336 -78.52 66.09 -16.19
CA HIS I 336 -77.90 65.95 -17.49
C HIS I 336 -77.08 67.19 -17.81
N ALA I 337 -75.84 66.98 -18.26
CA ALA I 337 -74.91 68.07 -18.50
C ALA I 337 -74.24 67.91 -19.85
N ALA I 338 -73.81 69.03 -20.42
CA ALA I 338 -73.12 69.01 -21.70
C ALA I 338 -72.14 70.17 -21.75
N ARG I 339 -71.08 69.99 -22.54
CA ARG I 339 -70.08 71.02 -22.77
C ARG I 339 -70.36 71.71 -24.09
N LEU I 340 -70.36 73.04 -24.08
CA LEU I 340 -70.70 73.84 -25.25
C LEU I 340 -69.47 74.58 -25.74
N ARG I 341 -69.00 74.22 -26.93
CA ARG I 341 -67.88 74.89 -27.57
C ARG I 341 -68.25 75.18 -29.02
N PHE I 342 -67.61 76.20 -29.58
CA PHE I 342 -67.93 76.70 -30.91
C PHE I 342 -66.71 76.58 -31.82
N GLU I 343 -66.89 75.97 -32.99
CA GLU I 343 -65.83 75.78 -33.97
C GLU I 343 -66.26 76.40 -35.27
N ARG I 344 -65.40 77.26 -35.84
CA ARG I 344 -65.69 77.92 -37.11
C ARG I 344 -65.20 77.03 -38.24
N LEU I 345 -66.15 76.41 -38.94
CA LEU I 345 -65.85 75.51 -40.05
C LEU I 345 -66.54 75.99 -41.30
N ALA I 346 -65.80 76.03 -42.41
CA ALA I 346 -66.34 76.36 -43.73
C ALA I 346 -67.04 77.73 -43.72
N ASP I 347 -66.36 78.72 -43.12
CA ASP I 347 -66.84 80.09 -43.05
C ASP I 347 -68.19 80.22 -42.33
N GLU I 348 -68.54 79.23 -41.51
CA GLU I 348 -69.77 79.24 -40.74
C GLU I 348 -69.42 78.97 -39.28
N TRP I 349 -70.44 79.04 -38.43
CA TRP I 349 -70.28 78.80 -36.99
C TRP I 349 -71.09 77.59 -36.58
N PHE I 350 -70.46 76.68 -35.85
CA PHE I 350 -71.08 75.44 -35.44
C PHE I 350 -70.99 75.29 -33.93
N LEU I 351 -71.96 74.59 -33.36
CA LEU I 351 -72.02 74.34 -31.92
C LEU I 351 -71.81 72.86 -31.65
N VAL I 352 -70.85 72.55 -30.79
CA VAL I 352 -70.57 71.18 -30.38
C VAL I 352 -71.17 70.96 -29.00
N ILE I 353 -71.66 69.74 -28.76
CA ILE I 353 -72.19 69.36 -27.46
C ILE I 353 -71.52 68.05 -27.03
N ASP I 354 -70.99 68.03 -25.82
CA ASP I 354 -70.32 66.85 -25.27
C ASP I 354 -71.15 66.38 -24.08
N PRO I 355 -71.91 65.30 -24.22
CA PRO I 355 -72.77 64.85 -23.11
C PRO I 355 -71.95 64.50 -21.87
N ASP I 356 -72.52 64.79 -20.71
CA ASP I 356 -71.87 64.58 -19.43
C ASP I 356 -72.95 64.53 -18.35
N PHE I 357 -72.52 64.41 -17.10
CA PHE I 357 -73.43 64.44 -15.96
C PHE I 357 -72.83 65.31 -14.87
N HIS I 358 -73.62 66.22 -14.34
CA HIS I 358 -73.23 67.05 -13.20
C HIS I 358 -74.05 66.62 -11.99
N PHE I 359 -73.35 66.24 -10.92
CA PHE I 359 -73.99 65.69 -9.73
C PHE I 359 -74.11 66.77 -8.67
N THR I 360 -75.23 66.75 -7.95
CA THR I 360 -75.50 67.72 -6.90
C THR I 360 -76.04 67.00 -5.66
N THR I 361 -75.70 67.53 -4.49
CA THR I 361 -76.15 66.92 -3.25
C THR I 361 -77.67 67.01 -3.10
N ASP I 362 -78.24 68.17 -3.46
CA ASP I 362 -79.68 68.37 -3.32
C ASP I 362 -80.30 69.04 -4.54
N GLY I 363 -79.58 69.10 -5.66
CA GLY I 363 -80.07 69.71 -6.87
C GLY I 363 -79.57 71.12 -7.11
N PHE I 364 -79.08 71.81 -6.08
CA PHE I 364 -78.57 73.17 -6.22
C PHE I 364 -77.07 73.25 -5.94
N GLN I 365 -76.63 72.83 -4.75
CA GLN I 365 -75.21 72.91 -4.44
C GLN I 365 -74.44 71.79 -5.15
N PRO I 366 -73.22 72.07 -5.61
CA PRO I 366 -72.43 71.01 -6.26
C PRO I 366 -72.15 69.86 -5.30
N HIS I 367 -72.20 68.65 -5.84
CA HIS I 367 -71.95 67.46 -5.02
C HIS I 367 -70.47 67.39 -4.62
N ARG I 368 -70.23 66.76 -3.48
CA ARG I 368 -68.89 66.56 -2.96
C ARG I 368 -68.41 65.17 -3.36
N TYR I 369 -67.21 65.12 -3.95
CA TYR I 369 -66.60 63.88 -4.43
C TYR I 369 -67.54 63.11 -5.35
N PRO I 370 -67.84 63.63 -6.55
CA PRO I 370 -68.70 62.89 -7.49
C PRO I 370 -67.95 61.98 -8.44
N GLU I 371 -66.66 61.72 -8.22
CA GLU I 371 -65.87 60.93 -9.15
C GLU I 371 -66.40 59.50 -9.26
N ALA I 372 -66.75 58.88 -8.14
CA ALA I 372 -67.29 57.53 -8.17
C ALA I 372 -68.63 57.49 -8.90
N LEU I 373 -69.50 58.45 -8.62
CA LEU I 373 -70.77 58.53 -9.31
C LEU I 373 -70.59 58.82 -10.80
N LEU I 374 -69.65 59.71 -11.13
CA LEU I 374 -69.36 59.99 -12.54
C LEU I 374 -68.85 58.75 -13.25
N ALA I 375 -67.86 58.08 -12.67
CA ALA I 375 -67.28 56.89 -13.30
C ALA I 375 -68.31 55.77 -13.40
N GLY I 376 -69.12 55.58 -12.36
CA GLY I 376 -70.11 54.53 -12.38
C GLY I 376 -71.18 54.75 -13.43
N LYS I 377 -71.64 56.00 -13.58
CA LYS I 377 -72.68 56.29 -14.57
C LYS I 377 -72.13 56.18 -15.99
N LYS I 378 -70.93 56.72 -16.22
CA LYS I 378 -70.35 56.67 -17.57
C LYS I 378 -70.04 55.25 -18.00
N ARG I 379 -69.54 54.42 -17.07
CA ARG I 379 -68.98 53.12 -17.44
C ARG I 379 -70.01 52.24 -18.14
N LEU I 380 -71.26 52.24 -17.66
CA LEU I 380 -72.26 51.32 -18.15
C LEU I 380 -73.04 51.84 -19.35
N GLU I 381 -72.80 53.08 -19.79
CA GLU I 381 -73.53 53.59 -20.93
C GLU I 381 -72.91 53.09 -22.24
N ARG I 382 -73.68 53.24 -23.32
CA ARG I 382 -73.29 52.69 -24.61
C ARG I 382 -73.58 53.73 -25.69
N ASN I 383 -73.48 53.31 -26.95
CA ASN I 383 -73.71 54.23 -28.06
C ASN I 383 -75.14 54.73 -28.09
N ALA I 384 -76.11 53.85 -27.83
CA ALA I 384 -77.51 54.26 -27.87
C ALA I 384 -77.81 55.31 -26.81
N ALA I 385 -77.26 55.15 -25.61
CA ALA I 385 -77.50 56.12 -24.55
C ALA I 385 -76.88 57.47 -24.88
N VAL I 386 -75.63 57.47 -25.34
CA VAL I 386 -74.96 58.74 -25.64
C VAL I 386 -75.56 59.40 -26.87
N ARG I 387 -76.05 58.60 -27.83
CA ARG I 387 -76.71 59.17 -29.00
C ARG I 387 -77.97 59.92 -28.61
N GLY I 388 -78.74 59.37 -27.67
CA GLY I 388 -79.96 60.03 -27.24
C GLY I 388 -79.70 61.37 -26.59
N GLN I 389 -78.66 61.46 -25.75
CA GLN I 389 -78.33 62.73 -25.12
C GLN I 389 -77.94 63.78 -26.15
N VAL I 390 -77.24 63.37 -27.21
CA VAL I 390 -76.90 64.30 -28.28
C VAL I 390 -78.17 64.81 -28.96
N THR I 391 -79.11 63.90 -29.25
CA THR I 391 -80.38 64.31 -29.81
C THR I 391 -81.20 65.11 -28.79
N MET I 392 -81.03 64.80 -27.50
CA MET I 392 -81.71 65.55 -26.45
C MET I 392 -81.32 67.02 -26.48
N TRP I 393 -80.01 67.29 -26.56
CA TRP I 393 -79.54 68.68 -26.54
C TRP I 393 -79.77 69.35 -27.89
N GLN I 394 -79.71 68.57 -28.98
CA GLN I 394 -79.99 69.13 -30.30
C GLN I 394 -81.42 69.65 -30.38
N HIS I 395 -82.37 68.91 -29.82
CA HIS I 395 -83.75 69.38 -29.76
C HIS I 395 -83.87 70.62 -28.87
N LEU I 396 -83.24 70.59 -27.69
CA LEU I 396 -83.37 71.70 -26.76
C LEU I 396 -82.77 72.98 -27.31
N LEU I 397 -81.61 72.89 -27.96
CA LEU I 397 -80.95 74.08 -28.48
C LEU I 397 -81.77 74.74 -29.58
N VAL I 398 -82.33 73.95 -30.50
CA VAL I 398 -83.08 74.51 -31.61
C VAL I 398 -84.42 75.06 -31.13
N GLU I 399 -85.14 74.29 -30.31
CA GLU I 399 -86.45 74.72 -29.85
C GLU I 399 -86.36 75.97 -28.99
N SER I 400 -85.23 76.19 -28.32
CA SER I 400 -85.08 77.39 -27.50
C SER I 400 -85.06 78.66 -28.33
N GLY I 401 -84.83 78.56 -29.63
CA GLY I 401 -84.82 79.73 -30.49
C GLY I 401 -86.02 79.82 -31.40
N LYS I 402 -86.68 78.69 -31.64
CA LYS I 402 -87.83 78.62 -32.52
C LYS I 402 -89.16 78.74 -31.79
N HIS I 403 -89.15 78.96 -30.48
CA HIS I 403 -90.37 79.05 -29.69
C HIS I 403 -90.80 80.49 -29.42
N GLU I 404 -89.91 81.28 -28.83
CA GLU I 404 -90.28 82.62 -28.37
C GLU I 404 -90.69 83.52 -29.53
N VAL I 405 -90.13 83.32 -30.71
CA VAL I 405 -90.51 84.12 -31.87
C VAL I 405 -91.94 83.81 -32.29
N GLY I 406 -92.35 82.54 -32.19
CA GLY I 406 -93.66 82.14 -32.64
C GLY I 406 -94.69 81.97 -31.54
N LEU I 407 -94.27 82.13 -30.28
CA LEU I 407 -95.20 81.94 -29.16
C LEU I 407 -95.92 83.23 -28.80
N PHE I 408 -95.18 84.26 -28.40
CA PHE I 408 -95.79 85.51 -27.98
C PHE I 408 -94.76 86.63 -28.06
N ASP I 409 -95.27 87.86 -28.04
CA ASP I 409 -94.47 89.08 -28.05
C ASP I 409 -94.43 89.75 -26.69
N ALA I 410 -94.31 88.95 -25.62
CA ALA I 410 -94.50 89.43 -24.25
C ALA I 410 -93.67 90.68 -23.95
N ASP I 411 -92.34 90.56 -24.02
CA ASP I 411 -91.47 91.68 -23.69
C ASP I 411 -90.13 91.48 -24.36
N LYS I 412 -89.87 92.26 -25.41
CA LYS I 412 -88.60 92.25 -26.13
C LYS I 412 -88.11 90.84 -26.46
N PRO I 413 -88.84 90.09 -27.27
CA PRO I 413 -88.41 88.73 -27.62
C PRO I 413 -87.18 88.78 -28.51
N ALA I 414 -86.04 88.33 -27.99
CA ALA I 414 -84.76 88.37 -28.71
C ALA I 414 -84.07 87.02 -28.64
N PRO I 415 -84.60 86.02 -29.36
CA PRO I 415 -83.81 84.79 -29.55
C PRO I 415 -82.72 85.02 -30.59
N LEU I 416 -81.59 85.59 -30.16
CA LEU I 416 -80.57 86.04 -31.10
C LEU I 416 -80.01 84.89 -31.92
N LEU I 417 -79.76 83.75 -31.28
CA LEU I 417 -79.13 82.61 -31.94
C LEU I 417 -80.20 81.61 -32.36
N GLN I 418 -80.26 81.35 -33.67
CA GLN I 418 -81.12 80.32 -34.22
C GLN I 418 -80.26 79.19 -34.76
N PHE I 419 -80.55 77.97 -34.33
CA PHE I 419 -79.73 76.81 -34.66
C PHE I 419 -80.44 75.94 -35.69
N GLU I 420 -79.64 75.30 -36.55
CA GLU I 420 -80.14 74.44 -37.60
C GLU I 420 -79.60 73.03 -37.40
N ARG I 421 -80.47 72.03 -37.52
CA ARG I 421 -80.07 70.65 -37.44
C ARG I 421 -79.34 70.26 -38.72
N LEU I 422 -78.07 69.85 -38.58
CA LEU I 422 -77.29 69.49 -39.76
C LEU I 422 -77.89 68.26 -40.44
N PRO I 423 -77.80 68.18 -41.76
CA PRO I 423 -78.34 67.01 -42.46
C PRO I 423 -77.56 65.76 -42.11
N VAL I 424 -78.27 64.63 -42.11
CA VAL I 424 -77.62 63.35 -41.86
C VAL I 424 -76.73 62.97 -43.05
N ILE I 425 -75.67 62.23 -42.74
CA ILE I 425 -74.67 61.85 -43.74
C ILE I 425 -74.86 60.40 -44.14
N GLN I 426 -74.14 60.02 -45.20
CA GLN I 426 -74.22 58.66 -45.74
C GLN I 426 -72.92 57.91 -45.45
N LEU I 427 -73.06 56.69 -44.93
CA LEU I 427 -71.95 55.78 -44.74
C LEU I 427 -71.97 54.74 -45.85
N SER I 428 -70.78 54.36 -46.33
CA SER I 428 -70.69 53.46 -47.47
C SER I 428 -71.27 52.08 -47.14
N GLN I 429 -70.87 51.51 -46.01
CA GLN I 429 -71.50 50.31 -45.47
C GLN I 429 -71.91 50.57 -44.03
N ALA I 430 -72.62 49.61 -43.44
CA ALA I 430 -73.24 49.76 -42.14
C ALA I 430 -72.75 48.68 -41.18
N VAL I 431 -72.93 48.95 -39.89
CA VAL I 431 -72.55 48.02 -38.82
C VAL I 431 -73.53 46.85 -38.80
N PRO I 432 -73.05 45.61 -38.86
CA PRO I 432 -73.97 44.47 -38.79
C PRO I 432 -74.48 44.22 -37.38
N GLU I 433 -75.13 45.22 -36.79
CA GLU I 433 -75.64 45.10 -35.43
C GLU I 433 -76.72 44.03 -35.33
N SER I 434 -77.52 43.86 -36.39
CA SER I 434 -78.61 42.89 -36.35
C SER I 434 -78.09 41.48 -36.14
N SER I 435 -77.05 41.08 -36.88
CA SER I 435 -76.50 39.75 -36.74
C SER I 435 -75.64 39.61 -35.49
N TRP I 436 -75.27 40.72 -34.85
CA TRP I 436 -74.43 40.70 -33.66
C TRP I 436 -75.22 40.55 -32.37
N ASN I 437 -76.44 40.02 -32.44
CA ASN I 437 -77.28 39.87 -31.26
C ASN I 437 -76.59 39.00 -30.20
N ARG I 438 -76.37 37.73 -30.52
CA ARG I 438 -75.66 36.82 -29.64
C ARG I 438 -74.89 35.77 -30.44
N THR J 2 -71.26 70.78 -47.36
CA THR J 2 -71.64 69.72 -46.42
C THR J 2 -70.40 68.99 -45.90
N PHE J 3 -70.63 67.89 -45.20
CA PHE J 3 -69.55 67.07 -44.63
C PHE J 3 -69.60 65.70 -45.29
N LYS J 4 -68.70 65.48 -46.25
CA LYS J 4 -68.63 64.19 -46.93
C LYS J 4 -68.12 63.13 -45.95
N ALA J 5 -68.80 61.98 -45.95
CA ALA J 5 -68.46 60.88 -45.06
C ALA J 5 -67.89 59.72 -45.86
N HIS J 6 -66.76 59.19 -45.40
CA HIS J 6 -66.11 58.06 -46.03
C HIS J 6 -65.75 57.04 -44.96
N VAL J 7 -65.81 55.76 -45.33
CA VAL J 7 -65.45 54.67 -44.43
C VAL J 7 -64.41 53.82 -45.14
N PHE J 8 -63.17 53.90 -44.68
CA PHE J 8 -62.08 53.15 -45.29
C PHE J 8 -62.24 51.67 -45.01
N ASP J 9 -61.90 50.84 -46.00
CA ASP J 9 -61.77 49.42 -45.76
C ASP J 9 -60.53 49.15 -44.92
N GLU J 10 -60.49 47.98 -44.30
CA GLU J 10 -59.39 47.65 -43.41
C GLU J 10 -58.08 47.59 -44.19
N PRO J 11 -57.02 48.23 -43.70
CA PRO J 11 -55.74 48.21 -44.43
C PRO J 11 -55.19 46.81 -44.56
N MET J 12 -54.29 46.66 -45.53
CA MET J 12 -53.77 45.35 -45.94
C MET J 12 -52.42 45.13 -45.26
N LEU J 13 -52.30 44.02 -44.55
CA LEU J 13 -51.05 43.64 -43.90
C LEU J 13 -50.36 42.54 -44.68
N GLU J 14 -49.06 42.37 -44.42
CA GLU J 14 -48.24 41.38 -45.10
C GLU J 14 -47.55 40.50 -44.08
N PHE J 15 -47.63 39.18 -44.28
CA PHE J 15 -47.04 38.20 -43.38
C PHE J 15 -46.22 37.20 -44.19
N GLY J 16 -45.59 36.28 -43.47
CA GLY J 16 -44.93 35.12 -44.04
C GLY J 16 -44.11 35.35 -45.29
N ASP J 17 -44.21 34.42 -46.23
CA ASP J 17 -43.50 34.51 -47.51
C ASP J 17 -44.45 35.06 -48.57
N GLY J 18 -44.69 36.36 -48.49
CA GLY J 18 -45.56 37.05 -49.41
C GLY J 18 -47.04 36.97 -49.10
N GLY J 19 -47.42 36.30 -48.03
CA GLY J 19 -48.82 36.21 -47.67
C GLY J 19 -49.37 37.53 -47.16
N GLN J 20 -50.70 37.59 -47.08
CA GLN J 20 -51.37 38.80 -46.63
C GLN J 20 -52.69 38.43 -45.96
N HIS J 21 -53.02 39.19 -44.91
CA HIS J 21 -54.27 39.02 -44.17
C HIS J 21 -54.51 40.31 -43.40
N CYS J 22 -55.76 40.50 -42.97
CA CYS J 22 -56.15 41.71 -42.26
C CYS J 22 -55.97 41.62 -40.75
N ASP J 23 -56.10 40.43 -40.18
CA ASP J 23 -55.92 40.23 -38.74
C ASP J 23 -54.52 39.70 -38.47
N PRO J 24 -53.73 40.39 -37.64
CA PRO J 24 -52.38 39.90 -37.34
C PRO J 24 -52.37 38.50 -36.76
N ARG J 25 -53.35 38.15 -35.92
CA ARG J 25 -53.40 36.81 -35.35
C ARG J 25 -53.67 35.77 -36.43
N GLN J 26 -54.65 36.03 -37.30
CA GLN J 26 -54.94 35.11 -38.40
C GLN J 26 -53.81 35.11 -39.42
N GLY J 27 -53.23 36.27 -39.71
CA GLY J 27 -52.14 36.32 -40.67
C GLY J 27 -50.92 35.54 -40.23
N LEU J 28 -50.53 35.71 -38.96
CA LEU J 28 -49.42 34.93 -38.43
C LEU J 28 -49.77 33.45 -38.38
N ARG J 29 -51.04 33.13 -38.12
CA ARG J 29 -51.46 31.74 -38.05
C ARG J 29 -51.30 31.03 -39.38
N GLU J 30 -51.64 31.70 -40.49
CA GLU J 30 -51.57 31.07 -41.80
C GLU J 30 -50.17 31.09 -42.38
N HIS J 31 -49.63 32.29 -42.60
CA HIS J 31 -48.36 32.44 -43.31
C HIS J 31 -47.15 32.52 -42.39
N GLY J 32 -47.32 32.91 -41.13
CA GLY J 32 -46.22 33.05 -40.23
C GLY J 32 -45.64 34.45 -40.22
N PRO J 33 -44.55 34.64 -39.50
CA PRO J 33 -43.95 35.98 -39.41
C PRO J 33 -43.41 36.46 -40.74
N LEU J 34 -43.42 37.78 -40.92
CA LEU J 34 -42.91 38.36 -42.16
C LEU J 34 -41.45 38.04 -42.38
N GLN J 35 -40.64 38.15 -41.32
CA GLN J 35 -39.22 37.82 -41.40
C GLN J 35 -38.97 36.49 -40.71
N PRO J 36 -38.81 35.40 -41.45
CA PRO J 36 -38.55 34.11 -40.81
C PRO J 36 -37.26 34.13 -40.01
N ARG J 37 -37.26 33.42 -38.88
CA ARG J 37 -36.11 33.39 -37.99
C ARG J 37 -35.26 32.17 -38.29
N SER J 38 -33.95 32.38 -38.41
CA SER J 38 -33.03 31.27 -38.60
C SER J 38 -33.07 30.34 -37.40
N GLY J 39 -33.06 29.04 -37.66
CA GLY J 39 -33.27 28.08 -36.61
C GLY J 39 -34.74 27.94 -36.26
N ASP J 40 -35.00 27.17 -35.20
CA ASP J 40 -36.38 26.94 -34.79
C ASP J 40 -36.58 27.07 -33.29
N VAL J 41 -35.67 27.75 -32.59
CA VAL J 41 -35.79 27.95 -31.15
C VAL J 41 -35.43 29.39 -30.82
N ILE J 42 -36.24 30.02 -29.98
CA ILE J 42 -35.98 31.38 -29.50
C ILE J 42 -35.52 31.24 -28.05
N ARG J 43 -34.22 31.35 -27.84
CA ARG J 43 -33.65 31.21 -26.50
C ARG J 43 -34.02 32.42 -25.66
N VAL J 44 -34.97 32.23 -24.73
CA VAL J 44 -35.45 33.30 -23.86
C VAL J 44 -34.98 33.02 -22.45
N GLY J 45 -34.34 34.01 -21.84
CA GLY J 45 -33.86 33.90 -20.47
C GLY J 45 -34.87 34.49 -19.49
N VAL J 46 -34.89 33.92 -18.29
CA VAL J 46 -35.85 34.31 -17.25
C VAL J 46 -35.08 34.72 -16.02
N ILE J 47 -35.45 35.87 -15.45
CA ILE J 47 -34.88 36.36 -14.19
C ILE J 47 -36.02 36.50 -13.19
N GLY J 48 -35.85 35.89 -12.03
CA GLY J 48 -36.87 35.92 -11.01
C GLY J 48 -36.64 34.81 -10.00
N THR J 49 -37.56 34.75 -9.03
CA THR J 49 -37.52 33.68 -8.05
C THR J 49 -37.80 32.34 -8.71
N ASP J 50 -37.37 31.27 -8.05
CA ASP J 50 -37.58 29.93 -8.59
C ASP J 50 -39.06 29.65 -8.81
N ASP J 51 -39.93 30.18 -7.95
CA ASP J 51 -41.37 30.04 -8.16
C ASP J 51 -41.79 30.73 -9.45
N THR J 52 -41.27 31.93 -9.70
CA THR J 52 -41.64 32.65 -10.92
C THR J 52 -40.91 32.09 -12.13
N VAL J 53 -39.66 31.68 -11.95
CA VAL J 53 -38.89 31.15 -13.08
C VAL J 53 -39.50 29.84 -13.58
N ALA J 54 -39.80 28.93 -12.66
CA ALA J 54 -40.42 27.66 -13.04
C ALA J 54 -41.82 27.88 -13.60
N GLY J 55 -42.56 28.83 -13.02
CA GLY J 55 -43.91 29.09 -13.51
C GLY J 55 -43.92 29.61 -14.94
N PHE J 56 -43.05 30.58 -15.24
CA PHE J 56 -43.00 31.12 -16.59
C PHE J 56 -42.47 30.10 -17.59
N THR J 57 -41.51 29.28 -17.17
CA THR J 57 -40.99 28.24 -18.04
C THR J 57 -42.08 27.23 -18.39
N GLU J 58 -42.94 26.91 -17.43
CA GLU J 58 -44.09 26.06 -17.71
C GLU J 58 -45.05 26.75 -18.67
N PHE J 59 -45.22 28.06 -18.53
CA PHE J 59 -46.14 28.80 -19.39
C PHE J 59 -45.73 28.72 -20.85
N LEU J 60 -44.43 28.86 -21.13
CA LEU J 60 -43.95 28.74 -22.50
C LEU J 60 -44.23 27.36 -23.08
N ALA J 61 -44.03 26.32 -22.26
CA ALA J 61 -44.41 24.97 -22.69
C ALA J 61 -45.92 24.85 -22.85
N GLU J 62 -46.68 25.54 -21.99
CA GLU J 62 -48.14 25.49 -22.09
C GLU J 62 -48.63 26.06 -23.41
N THR J 63 -48.04 27.17 -23.85
CA THR J 63 -48.38 27.71 -25.16
C THR J 63 -47.94 26.80 -26.30
N GLY J 64 -46.94 25.95 -26.07
CA GLY J 64 -46.55 24.98 -27.08
C GLY J 64 -47.63 23.94 -27.32
N ARG J 65 -48.27 23.46 -26.25
CA ARG J 65 -49.35 22.50 -26.38
C ARG J 65 -50.64 23.13 -26.88
N GLY J 66 -50.73 24.46 -26.88
CA GLY J 66 -51.93 25.13 -27.34
C GLY J 66 -52.82 25.59 -26.21
N ILE J 67 -53.37 26.80 -26.33
CA ILE J 67 -54.26 27.37 -25.32
C ILE J 67 -55.62 27.61 -25.97
N GLU J 68 -56.66 27.03 -25.38
CA GLU J 68 -58.00 27.15 -25.93
C GLU J 68 -58.54 28.57 -25.71
N SER J 69 -59.41 28.98 -26.63
CA SER J 69 -60.01 30.31 -26.54
C SER J 69 -60.86 30.43 -25.29
N GLY J 70 -60.93 31.65 -24.74
CA GLY J 70 -61.66 31.89 -23.52
C GLY J 70 -63.04 32.47 -23.73
N ASN J 71 -63.38 32.80 -24.97
CA ASN J 71 -64.71 33.29 -25.29
C ASN J 71 -65.02 32.84 -26.72
N LYS J 72 -65.71 31.71 -26.85
CA LYS J 72 -66.00 31.16 -28.16
C LYS J 72 -67.12 31.91 -28.89
N GLN J 73 -67.88 32.74 -28.19
CA GLN J 73 -68.88 33.57 -28.87
C GLN J 73 -68.20 34.58 -29.79
N LEU J 74 -67.23 35.32 -29.26
CA LEU J 74 -66.41 36.21 -30.06
C LEU J 74 -65.06 35.54 -30.33
N ILE J 75 -65.10 34.58 -31.26
CA ILE J 75 -63.93 33.75 -31.52
C ILE J 75 -62.81 34.57 -32.15
N ASN J 76 -63.14 35.50 -33.03
CA ASN J 76 -62.12 36.32 -33.67
C ASN J 76 -61.44 37.24 -32.66
N LEU J 77 -62.21 37.86 -31.77
CA LEU J 77 -61.63 38.76 -30.78
C LEU J 77 -60.81 38.01 -29.74
N ASN J 78 -61.21 36.79 -29.39
CA ASN J 78 -60.52 35.97 -28.39
C ASN J 78 -60.21 34.62 -29.01
N PRO J 79 -59.21 34.53 -29.87
CA PRO J 79 -58.89 33.27 -30.53
C PRO J 79 -57.97 32.39 -29.70
N ASP J 80 -58.04 31.09 -29.97
CA ASP J 80 -57.17 30.14 -29.31
C ASP J 80 -55.75 30.22 -29.85
N PHE J 81 -54.77 30.00 -28.99
CA PHE J 81 -53.38 29.95 -29.43
C PHE J 81 -53.12 28.59 -30.06
N PRO J 82 -52.67 28.54 -31.32
CA PRO J 82 -52.60 27.25 -32.04
C PRO J 82 -51.71 26.21 -31.37
N GLY J 83 -50.43 26.54 -31.17
CA GLY J 83 -49.52 25.58 -30.60
C GLY J 83 -48.25 25.38 -31.41
N LEU J 84 -47.70 24.16 -31.37
CA LEU J 84 -46.43 23.86 -32.01
C LEU J 84 -46.59 23.07 -33.31
N GLY J 85 -47.81 22.96 -33.83
CA GLY J 85 -48.02 22.24 -35.08
C GLY J 85 -47.59 23.05 -36.29
N ASN J 86 -48.08 22.68 -37.47
CA ASN J 86 -47.79 23.45 -38.68
C ASN J 86 -48.49 24.80 -38.67
N GLN J 87 -49.40 25.03 -37.74
CA GLN J 87 -50.14 26.29 -37.63
C GLN J 87 -49.54 27.22 -36.59
N ASN J 88 -48.26 27.02 -36.25
CA ASN J 88 -47.61 27.86 -35.26
C ASN J 88 -47.59 29.31 -35.72
N PRO J 89 -48.09 30.26 -34.91
CA PRO J 89 -48.09 31.67 -35.35
C PRO J 89 -46.72 32.21 -35.66
N PHE J 90 -45.69 31.77 -34.95
CA PHE J 90 -44.33 32.26 -35.14
C PHE J 90 -43.41 31.22 -35.74
N ARG J 91 -43.86 29.97 -35.88
CA ARG J 91 -43.09 28.90 -36.50
C ARG J 91 -41.75 28.68 -35.80
N CYS J 92 -41.71 28.94 -34.48
CA CYS J 92 -40.50 28.75 -33.70
C CYS J 92 -40.90 28.29 -32.31
N LYS J 93 -39.96 27.66 -31.62
CA LYS J 93 -40.17 27.13 -30.28
C LYS J 93 -39.61 28.09 -29.24
N PHE J 94 -40.47 28.55 -28.33
CA PHE J 94 -40.05 29.39 -27.22
C PHE J 94 -39.64 28.48 -26.06
N GLU J 95 -38.33 28.38 -25.83
CA GLU J 95 -37.79 27.53 -24.78
C GLU J 95 -36.77 28.30 -23.97
N VAL J 96 -36.58 27.88 -22.73
CA VAL J 96 -35.59 28.47 -21.83
C VAL J 96 -34.40 27.52 -21.78
N PRO J 97 -33.28 27.85 -22.40
CA PRO J 97 -32.12 26.94 -22.37
C PRO J 97 -31.53 26.83 -20.98
N ASP J 98 -30.87 25.70 -20.74
CA ASP J 98 -30.24 25.48 -19.45
C ASP J 98 -29.13 26.50 -19.22
N GLY J 99 -29.09 27.03 -18.00
CA GLY J 99 -28.15 28.07 -17.65
C GLY J 99 -28.61 29.48 -17.94
N ALA J 100 -29.75 29.66 -18.60
CA ALA J 100 -30.30 30.98 -18.92
C ALA J 100 -31.24 31.49 -17.85
N THR J 101 -31.05 31.05 -16.60
CA THR J 101 -31.92 31.43 -15.50
C THR J 101 -31.08 32.05 -14.39
N VAL J 102 -31.50 33.21 -13.90
CA VAL J 102 -30.88 33.87 -12.77
C VAL J 102 -31.92 34.00 -11.68
N THR J 103 -31.58 33.55 -10.48
CA THR J 103 -32.52 33.50 -9.36
C THR J 103 -32.39 34.74 -8.50
N ILE J 104 -33.52 35.40 -8.24
CA ILE J 104 -33.59 36.42 -7.21
C ILE J 104 -33.87 35.71 -5.89
N SER J 105 -32.86 35.67 -5.02
CA SER J 105 -32.99 34.92 -3.78
C SER J 105 -33.99 35.61 -2.84
N ARG J 106 -34.49 34.83 -1.88
CA ARG J 106 -35.45 35.37 -0.92
C ARG J 106 -34.82 36.48 -0.08
N ARG J 107 -33.53 36.34 0.24
CA ARG J 107 -32.84 37.41 0.95
C ARG J 107 -32.77 38.68 0.10
N GLN J 108 -32.54 38.53 -1.20
CA GLN J 108 -32.53 39.69 -2.08
C GLN J 108 -33.90 40.36 -2.13
N VAL J 109 -34.96 39.57 -2.21
CA VAL J 109 -36.31 40.13 -2.24
C VAL J 109 -36.62 40.82 -0.91
N ASN J 110 -36.29 40.16 0.20
CA ASN J 110 -36.53 40.75 1.52
C ASN J 110 -35.67 41.97 1.78
N ASP J 111 -34.54 42.10 1.07
CA ASP J 111 -33.72 43.30 1.21
C ASP J 111 -34.40 44.50 0.55
N ILE J 112 -35.01 44.29 -0.61
CA ILE J 112 -35.71 45.38 -1.30
C ILE J 112 -36.93 45.82 -0.48
N THR J 113 -37.69 44.85 0.01
CA THR J 113 -38.90 45.17 0.78
C THR J 113 -38.55 45.85 2.09
N GLY J 114 -37.41 45.51 2.70
CA GLY J 114 -37.04 46.09 3.97
C GLY J 114 -36.82 47.59 3.90
N ILE J 115 -36.37 48.10 2.74
CA ILE J 115 -36.12 49.53 2.61
C ILE J 115 -37.43 50.30 2.73
N GLY J 116 -37.42 51.35 3.53
CA GLY J 116 -38.62 52.12 3.81
C GLY J 116 -39.09 53.00 2.67
N ARG J 117 -38.24 53.94 2.25
CA ARG J 117 -38.63 54.87 1.20
C ARG J 117 -38.80 54.15 -0.13
N HIS J 118 -39.87 54.49 -0.85
CA HIS J 118 -40.17 53.83 -2.11
C HIS J 118 -39.10 54.11 -3.15
N ASP J 119 -38.65 55.36 -3.25
CA ASP J 119 -37.64 55.71 -4.25
C ASP J 119 -36.34 54.97 -4.02
N GLU J 120 -35.89 54.88 -2.76
CA GLU J 120 -34.69 54.12 -2.45
C GLU J 120 -34.88 52.64 -2.76
N ALA J 121 -36.07 52.09 -2.48
CA ALA J 121 -36.33 50.70 -2.78
C ALA J 121 -36.30 50.44 -4.28
N VAL J 122 -36.89 51.35 -5.07
CA VAL J 122 -36.87 51.19 -6.52
C VAL J 122 -35.44 51.29 -7.06
N ARG J 123 -34.67 52.27 -6.58
CA ARG J 123 -33.30 52.41 -7.03
C ARG J 123 -32.46 51.19 -6.65
N HIS J 124 -32.64 50.67 -5.43
CA HIS J 124 -31.92 49.48 -5.01
C HIS J 124 -32.32 48.27 -5.86
N ALA J 125 -33.61 48.14 -6.17
CA ALA J 125 -34.07 47.01 -6.98
C ALA J 125 -33.49 47.07 -8.38
N VAL J 126 -33.44 48.27 -8.97
CA VAL J 126 -32.92 48.41 -10.33
C VAL J 126 -31.46 48.00 -10.39
N GLU J 127 -30.66 48.43 -9.40
CA GLU J 127 -29.26 48.04 -9.36
C GLU J 127 -29.11 46.53 -9.19
N LEU J 128 -29.95 45.92 -8.36
CA LEU J 128 -29.88 44.48 -8.15
C LEU J 128 -30.22 43.72 -9.42
N ILE J 129 -31.28 44.13 -10.12
CA ILE J 129 -31.68 43.45 -11.34
C ILE J 129 -30.64 43.69 -12.44
N SER J 130 -30.07 44.90 -12.50
CA SER J 130 -29.07 45.18 -13.52
C SER J 130 -27.84 44.30 -13.37
N SER J 131 -27.39 44.08 -12.13
CA SER J 131 -26.24 43.21 -11.90
C SER J 131 -26.54 41.78 -12.34
N GLN J 132 -27.74 41.29 -12.03
CA GLN J 132 -28.12 39.96 -12.49
C GLN J 132 -28.35 39.92 -13.99
N LEU J 133 -28.85 41.01 -14.57
CA LEU J 133 -28.98 41.09 -16.02
C LEU J 133 -27.62 41.03 -16.69
N SER J 134 -26.63 41.73 -16.12
CA SER J 134 -25.28 41.68 -16.67
C SER J 134 -24.70 40.27 -16.60
N ALA J 135 -24.96 39.56 -15.50
CA ALA J 135 -24.48 38.19 -15.36
C ALA J 135 -25.10 37.28 -16.42
N LEU J 136 -26.38 37.45 -16.70
CA LEU J 136 -27.04 36.61 -17.69
C LEU J 136 -26.46 36.81 -19.09
N VAL J 137 -26.18 38.07 -19.47
CA VAL J 137 -25.67 38.34 -20.80
C VAL J 137 -24.18 38.09 -20.91
N GLU J 138 -23.44 38.11 -19.79
CA GLU J 138 -22.00 37.87 -19.84
C GLU J 138 -21.69 36.38 -20.03
N GLY J 139 -22.54 35.50 -19.52
CA GLY J 139 -22.28 34.08 -19.52
C GLY J 139 -22.54 33.44 -20.87
N SER J 140 -22.45 32.12 -20.88
CA SER J 140 -22.62 31.31 -22.08
C SER J 140 -24.07 30.94 -22.36
N ALA J 141 -25.00 31.38 -21.51
CA ALA J 141 -26.41 31.11 -21.76
C ALA J 141 -26.90 31.84 -23.01
N LYS J 142 -26.51 33.10 -23.17
CA LYS J 142 -26.87 33.84 -24.35
C LYS J 142 -28.37 33.77 -24.68
N PRO J 143 -29.21 34.40 -23.89
CA PRO J 143 -30.62 34.51 -24.27
C PRO J 143 -30.81 35.54 -25.36
N ASP J 144 -31.89 35.37 -26.12
CA ASP J 144 -32.23 36.33 -27.16
C ASP J 144 -33.17 37.42 -26.66
N VAL J 145 -34.06 37.08 -25.75
CA VAL J 145 -34.88 38.06 -25.04
C VAL J 145 -34.94 37.62 -23.57
N ILE J 146 -34.85 38.59 -22.67
CA ILE J 146 -34.81 38.31 -21.24
C ILE J 146 -36.15 38.69 -20.63
N VAL J 147 -36.75 37.75 -19.90
CA VAL J 147 -38.03 37.95 -19.25
C VAL J 147 -37.80 38.10 -17.76
N LEU J 148 -38.28 39.20 -17.19
CA LEU J 148 -38.17 39.46 -15.76
C LEU J 148 -39.50 39.10 -15.12
N ALA J 149 -39.58 37.89 -14.57
CA ALA J 149 -40.78 37.40 -13.91
C ALA J 149 -40.76 37.91 -12.48
N LEU J 150 -41.39 39.05 -12.25
CA LEU J 150 -41.36 39.68 -10.93
C LEU J 150 -42.19 38.87 -9.94
N PRO J 151 -41.67 38.57 -8.75
CA PRO J 151 -42.48 37.93 -7.73
C PRO J 151 -43.52 38.88 -7.17
N ILE J 152 -44.57 38.29 -6.58
CA ILE J 152 -45.65 39.08 -5.99
C ILE J 152 -45.14 40.05 -4.92
N PRO J 153 -44.28 39.64 -3.97
CA PRO J 153 -43.80 40.61 -2.98
C PRO J 153 -43.07 41.79 -3.59
N LEU J 154 -42.32 41.59 -4.67
CA LEU J 154 -41.62 42.71 -5.31
C LEU J 154 -42.60 43.66 -5.97
N ILE J 155 -43.62 43.13 -6.65
CA ILE J 155 -44.64 43.97 -7.27
C ILE J 155 -45.40 44.74 -6.20
N GLU J 156 -45.63 44.10 -5.05
CA GLU J 156 -46.31 44.78 -3.95
C GLU J 156 -45.51 46.00 -3.47
N LYS J 157 -44.18 45.87 -3.41
CA LYS J 157 -43.37 46.95 -2.87
C LYS J 157 -42.99 47.96 -3.96
N LEU J 158 -42.70 47.50 -5.17
CA LEU J 158 -42.19 48.38 -6.21
C LEU J 158 -43.30 49.12 -6.95
N VAL J 159 -44.42 48.46 -7.23
CA VAL J 159 -45.52 49.09 -7.97
C VAL J 159 -46.43 49.81 -6.98
N ASN J 160 -47.01 49.07 -6.05
CA ASN J 160 -47.85 49.67 -5.03
C ASN J 160 -46.99 50.37 -3.98
N ALA J 161 -47.67 51.08 -3.06
CA ALA J 161 -46.95 51.83 -2.04
C ALA J 161 -46.14 50.91 -1.14
N LYS J 162 -46.72 49.78 -0.75
CA LYS J 162 -46.03 48.84 0.14
C LYS J 162 -46.61 47.44 0.00
N ASP J 176 -44.31 61.59 -9.61
CA ASP J 176 -43.70 61.89 -8.33
C ASP J 176 -42.88 60.70 -7.82
N MET J 177 -43.44 59.50 -7.95
CA MET J 177 -42.76 58.28 -7.54
C MET J 177 -42.05 57.66 -8.74
N LEU J 178 -40.86 57.13 -8.49
CA LEU J 178 -40.09 56.49 -9.55
C LEU J 178 -40.84 55.28 -10.11
N ASN J 179 -40.91 55.20 -11.43
CA ASN J 179 -41.52 54.05 -12.08
C ASN J 179 -40.46 52.98 -12.28
N PHE J 180 -40.66 51.83 -11.64
CA PHE J 180 -39.62 50.79 -11.67
C PHE J 180 -39.37 50.28 -13.08
N ARG J 181 -40.44 50.11 -13.86
CA ARG J 181 -40.27 49.61 -15.23
C ARG J 181 -39.47 50.58 -16.07
N ASP J 182 -39.86 51.87 -16.07
CA ASP J 182 -39.17 52.85 -16.90
C ASP J 182 -37.72 53.02 -16.46
N LEU J 183 -37.48 53.04 -15.14
CA LEU J 183 -36.10 53.16 -14.67
C LEU J 183 -35.28 51.93 -15.01
N LEU J 184 -35.89 50.75 -14.96
CA LEU J 184 -35.16 49.53 -15.30
C LEU J 184 -34.75 49.51 -16.76
N LYS J 185 -35.66 49.87 -17.67
CA LYS J 185 -35.32 49.90 -19.08
C LYS J 185 -34.25 50.95 -19.36
N ALA J 186 -34.35 52.12 -18.72
CA ALA J 186 -33.36 53.16 -18.94
C ALA J 186 -31.98 52.74 -18.44
N LYS J 187 -31.93 52.07 -17.29
CA LYS J 187 -30.65 51.68 -16.70
C LYS J 187 -30.05 50.44 -17.35
N THR J 188 -30.79 49.75 -18.22
CA THR J 188 -30.28 48.59 -18.92
C THR J 188 -30.20 48.79 -20.43
N LEU J 189 -30.22 50.05 -20.88
CA LEU J 189 -30.10 50.33 -22.31
C LEU J 189 -28.73 49.94 -22.85
N HIS J 190 -27.73 49.79 -21.98
CA HIS J 190 -26.38 49.44 -22.39
C HIS J 190 -26.15 47.93 -22.41
N LEU J 191 -27.22 47.13 -22.47
CA LEU J 191 -27.10 45.69 -22.54
C LEU J 191 -27.57 45.17 -23.90
N PRO J 192 -26.90 44.16 -24.45
CA PRO J 192 -27.21 43.73 -25.83
C PRO J 192 -28.56 43.05 -25.98
N VAL J 193 -29.17 42.57 -24.90
CA VAL J 193 -30.39 41.76 -24.96
C VAL J 193 -31.56 42.60 -24.46
N PRO J 194 -32.62 42.76 -25.24
CA PRO J 194 -33.81 43.45 -24.73
C PRO J 194 -34.46 42.67 -23.60
N THR J 195 -35.12 43.39 -22.71
CA THR J 195 -35.74 42.80 -21.53
C THR J 195 -37.24 43.03 -21.55
N GLN J 196 -37.97 42.07 -21.00
CA GLN J 196 -39.42 42.09 -20.94
C GLN J 196 -39.87 41.76 -19.53
N ILE J 197 -40.82 42.54 -19.01
CA ILE J 197 -41.35 42.37 -17.66
C ILE J 197 -42.66 41.63 -17.73
N VAL J 198 -42.78 40.55 -16.95
CA VAL J 198 -43.97 39.71 -16.95
C VAL J 198 -44.40 39.49 -15.49
N TRP J 199 -45.66 39.78 -15.20
CA TRP J 199 -46.22 39.57 -13.88
C TRP J 199 -46.76 38.15 -13.75
N PRO J 200 -46.90 37.64 -12.52
CA PRO J 200 -47.43 36.28 -12.34
C PRO J 200 -48.85 36.10 -12.82
N ASP J 201 -49.61 37.18 -13.01
CA ASP J 201 -51.00 37.05 -13.46
C ASP J 201 -51.07 36.43 -14.85
N THR J 202 -50.17 36.84 -15.75
CA THR J 202 -50.27 36.41 -17.14
C THR J 202 -50.00 34.92 -17.30
N TRP J 203 -48.96 34.41 -16.64
CA TRP J 203 -48.59 33.01 -16.78
C TRP J 203 -49.24 32.11 -15.74
N ASP J 204 -50.11 32.65 -14.90
CA ASP J 204 -50.81 31.84 -13.89
C ASP J 204 -52.14 32.51 -13.60
N ASP J 205 -53.23 31.88 -14.04
CA ASP J 205 -54.56 32.43 -13.80
C ASP J 205 -54.91 32.37 -12.31
N ALA J 206 -54.36 31.40 -11.57
CA ALA J 206 -54.66 31.28 -10.16
C ALA J 206 -54.15 32.48 -9.36
N ALA J 207 -52.98 32.99 -9.72
CA ALA J 207 -52.37 34.07 -8.98
C ALA J 207 -53.18 35.35 -9.10
N LYS J 208 -53.19 36.14 -8.01
CA LYS J 208 -53.89 37.41 -7.96
C LYS J 208 -52.97 38.47 -7.39
N ILE J 209 -53.14 39.71 -7.86
CA ILE J 209 -52.33 40.84 -7.43
C ILE J 209 -53.25 41.97 -7.00
N PRO J 210 -53.16 42.47 -5.78
CA PRO J 210 -54.00 43.61 -5.38
C PRO J 210 -53.57 44.89 -6.07
N ARG J 211 -54.51 45.81 -6.18
CA ARG J 211 -54.25 47.10 -6.80
C ARG J 211 -53.55 48.03 -5.81
N LYS J 212 -53.24 49.25 -6.28
CA LYS J 212 -52.47 50.20 -5.48
C LYS J 212 -53.34 51.01 -4.52
N ILE J 213 -54.34 51.71 -5.05
CA ILE J 213 -55.16 52.58 -4.21
C ILE J 213 -56.11 51.75 -3.35
N LYS J 214 -57.00 51.00 -4.00
CA LYS J 214 -57.97 50.15 -3.30
C LYS J 214 -57.40 48.74 -3.24
N ARG J 215 -56.96 48.35 -2.04
CA ARG J 215 -56.33 47.05 -1.84
C ARG J 215 -57.30 45.89 -1.90
N ASP J 216 -58.61 46.15 -1.81
CA ASP J 216 -59.58 45.07 -1.78
C ASP J 216 -59.63 44.31 -3.11
N SER J 217 -59.56 45.03 -4.22
CA SER J 217 -59.79 44.45 -5.53
C SER J 217 -58.46 44.13 -6.23
N ASN J 218 -58.44 43.01 -6.93
CA ASN J 218 -57.31 42.62 -7.76
C ASN J 218 -57.47 43.17 -9.17
N ARG J 219 -56.36 43.28 -9.88
CA ARG J 219 -56.41 43.71 -11.28
C ARG J 219 -57.02 42.61 -12.14
N GLN J 220 -57.77 43.02 -13.16
CA GLN J 220 -58.40 42.09 -14.07
C GLN J 220 -57.60 42.03 -15.36
N THR J 221 -57.14 40.83 -15.71
CA THR J 221 -56.32 40.62 -16.88
C THR J 221 -57.14 40.02 -18.01
N GLN J 222 -56.58 40.08 -19.22
CA GLN J 222 -57.23 39.49 -20.38
C GLN J 222 -57.24 37.97 -20.25
N VAL J 223 -57.88 37.33 -21.23
CA VAL J 223 -57.91 35.88 -21.27
C VAL J 223 -56.50 35.34 -21.52
N LYS J 224 -56.24 34.14 -21.02
CA LYS J 224 -54.91 33.53 -21.14
C LYS J 224 -54.51 33.39 -22.60
N ALA J 225 -55.45 32.98 -23.46
CA ALA J 225 -55.14 32.86 -24.88
C ALA J 225 -54.75 34.20 -25.48
N THR J 226 -55.48 35.27 -25.14
CA THR J 226 -55.11 36.60 -25.62
C THR J 226 -53.78 37.04 -25.02
N ARG J 227 -53.55 36.72 -23.75
CA ARG J 227 -52.27 37.06 -23.12
C ARG J 227 -51.12 36.35 -23.80
N ALA J 228 -51.30 35.08 -24.15
CA ALA J 228 -50.25 34.33 -24.83
C ALA J 228 -49.97 34.93 -26.21
N TRP J 229 -51.01 35.43 -26.88
CA TRP J 229 -50.81 36.05 -28.19
C TRP J 229 -49.98 37.32 -28.08
N ASN J 230 -50.35 38.21 -27.16
CA ASN J 230 -49.66 39.49 -27.04
C ASN J 230 -48.24 39.31 -26.49
N LEU J 231 -48.08 38.44 -25.48
CA LEU J 231 -46.77 38.28 -24.85
C LEU J 231 -45.77 37.65 -25.82
N LEU J 232 -46.15 36.56 -26.47
CA LEU J 232 -45.21 35.87 -27.36
C LEU J 232 -44.90 36.72 -28.59
N ASN J 233 -45.85 37.54 -29.05
CA ASN J 233 -45.57 38.44 -30.15
C ASN J 233 -44.51 39.47 -29.75
N ALA J 234 -44.62 40.01 -28.53
CA ALA J 234 -43.61 40.94 -28.05
C ALA J 234 -42.25 40.26 -27.93
N LEU J 235 -42.23 39.02 -27.44
CA LEU J 235 -40.97 38.29 -27.34
C LEU J 235 -40.36 38.06 -28.72
N PHE J 236 -41.18 37.72 -29.71
CA PHE J 236 -40.66 37.51 -31.06
C PHE J 236 -40.09 38.80 -31.64
N TYR J 237 -40.79 39.92 -31.46
CA TYR J 237 -40.29 41.17 -31.99
C TYR J 237 -39.03 41.62 -31.26
N LYS J 238 -38.99 41.46 -29.93
CA LYS J 238 -37.80 41.82 -29.18
C LYS J 238 -36.65 40.88 -29.47
N ALA J 239 -36.93 39.68 -29.98
CA ALA J 239 -35.88 38.75 -30.37
C ALA J 239 -35.09 39.23 -31.58
N GLY J 240 -35.64 40.15 -32.37
CA GLY J 240 -34.90 40.72 -33.47
C GLY J 240 -35.54 40.57 -34.83
N LYS J 241 -36.80 40.16 -34.88
CA LYS J 241 -37.48 39.94 -36.15
C LYS J 241 -38.84 40.66 -36.14
N VAL J 242 -39.21 41.17 -37.32
CA VAL J 242 -40.47 41.89 -37.48
C VAL J 242 -41.56 40.87 -37.77
N PRO J 243 -42.64 40.82 -36.97
CA PRO J 243 -43.70 39.84 -37.22
C PRO J 243 -44.48 40.10 -38.49
N TRP J 244 -44.96 41.34 -38.68
CA TRP J 244 -45.77 41.66 -39.83
C TRP J 244 -45.48 43.09 -40.27
N ARG J 245 -45.86 43.39 -41.50
CA ARG J 245 -45.66 44.70 -42.10
C ARG J 245 -46.91 45.12 -42.87
N LEU J 246 -47.10 46.43 -42.98
CA LEU J 246 -48.12 46.95 -43.88
C LEU J 246 -47.82 46.53 -45.31
N LEU J 247 -48.83 46.04 -46.01
CA LEU J 247 -48.62 45.64 -47.40
C LEU J 247 -48.39 46.89 -48.24
N PRO J 248 -47.27 47.00 -48.94
CA PRO J 248 -47.00 48.22 -49.70
C PRO J 248 -47.89 48.31 -50.93
N ASP J 249 -48.43 49.50 -51.16
CA ASP J 249 -49.18 49.74 -52.39
C ASP J 249 -48.23 49.63 -53.57
N GLN J 250 -48.75 49.11 -54.69
CA GLN J 250 -47.87 48.79 -55.82
C GLN J 250 -47.24 50.06 -56.39
N ALA J 251 -48.03 51.13 -56.51
CA ALA J 251 -47.54 52.44 -56.95
C ALA J 251 -47.67 53.41 -55.79
N GLU J 252 -46.66 53.43 -54.93
CA GLU J 252 -46.65 54.30 -53.76
C GLU J 252 -45.31 55.01 -53.66
N TYR J 253 -45.33 56.22 -53.10
CA TYR J 253 -44.12 56.99 -52.93
C TYR J 253 -43.31 56.44 -51.76
N ARG J 254 -42.01 56.70 -51.79
CA ARG J 254 -41.11 56.25 -50.73
C ARG J 254 -41.26 57.22 -49.55
N THR J 255 -42.14 56.86 -48.63
CA THR J 255 -42.50 57.74 -47.52
C THR J 255 -41.73 57.35 -46.26
N SER J 256 -41.40 58.36 -45.46
CA SER J 256 -40.80 58.19 -44.15
C SER J 256 -41.68 58.89 -43.13
N PHE J 257 -42.15 58.15 -42.13
CA PHE J 257 -43.08 58.67 -41.15
C PHE J 257 -42.32 59.11 -39.90
N LEU J 258 -42.46 60.37 -39.55
CA LEU J 258 -41.85 60.93 -38.35
C LEU J 258 -42.93 61.26 -37.33
N GLY J 259 -42.77 60.72 -36.13
CA GLY J 259 -43.72 60.99 -35.07
C GLY J 259 -43.09 61.75 -33.92
N ILE J 260 -43.53 62.99 -33.70
CA ILE J 260 -42.95 63.86 -32.68
C ILE J 260 -43.87 63.88 -31.47
N GLY J 261 -43.29 63.64 -30.29
CA GLY J 261 -44.04 63.71 -29.06
C GLY J 261 -43.23 64.42 -27.99
N PHE J 262 -43.90 64.75 -26.89
CA PHE J 262 -43.29 65.47 -25.79
C PHE J 262 -43.51 64.71 -24.50
N TYR J 263 -42.48 64.66 -23.66
CA TYR J 263 -42.57 64.01 -22.36
C TYR J 263 -42.04 64.95 -21.29
N ARG J 264 -42.63 64.84 -20.09
CA ARG J 264 -42.28 65.73 -19.00
C ARG J 264 -41.03 65.25 -18.29
N ASP J 265 -40.18 66.22 -17.91
CA ASP J 265 -38.95 65.91 -17.20
C ASP J 265 -39.26 65.40 -15.80
N LEU J 266 -38.23 64.87 -15.14
CA LEU J 266 -38.38 64.39 -13.76
C LEU J 266 -38.76 65.51 -12.80
N ASP J 267 -38.44 66.76 -13.14
CA ASP J 267 -38.87 67.88 -12.31
C ASP J 267 -40.38 68.06 -12.35
N GLY J 268 -41.04 67.58 -13.40
CA GLY J 268 -42.45 67.77 -13.59
C GLY J 268 -42.85 69.08 -14.21
N GLN J 269 -41.89 69.95 -14.53
CA GLN J 269 -42.17 71.24 -15.14
C GLN J 269 -41.59 71.35 -16.55
N GLN J 270 -40.30 71.12 -16.72
CA GLN J 270 -39.69 71.20 -18.03
C GLN J 270 -40.18 70.10 -18.94
N LEU J 271 -40.20 70.38 -20.24
CA LEU J 271 -40.72 69.47 -21.25
C LEU J 271 -39.65 69.19 -22.28
N TRP J 272 -39.35 67.90 -22.48
CA TRP J 272 -38.48 67.46 -23.55
C TRP J 272 -39.32 67.06 -24.76
N THR J 273 -38.63 66.82 -25.87
CA THR J 273 -39.28 66.31 -27.08
C THR J 273 -38.64 64.98 -27.46
N SER J 274 -39.49 64.03 -27.85
CA SER J 274 -39.05 62.70 -28.26
C SER J 274 -39.71 62.35 -29.59
N THR J 275 -38.96 61.68 -30.45
CA THR J 275 -39.41 61.37 -31.79
C THR J 275 -39.24 59.89 -32.10
N ALA J 276 -40.08 59.40 -33.00
CA ALA J 276 -40.00 58.04 -33.51
C ALA J 276 -40.16 58.07 -35.02
N GLN J 277 -39.30 57.36 -35.73
CA GLN J 277 -39.32 57.34 -37.19
C GLN J 277 -39.62 55.93 -37.67
N MET J 278 -40.55 55.81 -38.61
CA MET J 278 -40.94 54.52 -39.18
C MET J 278 -40.84 54.61 -40.69
N PHE J 279 -40.13 53.64 -41.29
CA PHE J 279 -39.97 53.60 -42.73
C PHE J 279 -39.58 52.18 -43.14
N ASP J 280 -39.70 51.90 -44.43
CA ASP J 280 -39.37 50.59 -44.95
C ASP J 280 -37.87 50.37 -44.94
N GLU J 281 -37.46 49.13 -45.17
CA GLU J 281 -36.05 48.74 -45.20
C GLU J 281 -35.71 48.27 -46.61
N ARG J 282 -35.39 49.24 -47.48
CA ARG J 282 -35.09 48.98 -48.88
C ARG J 282 -36.10 48.02 -49.51
N GLY J 283 -37.37 48.18 -49.14
CA GLY J 283 -38.43 47.39 -49.73
C GLY J 283 -38.47 45.92 -49.33
N ARG J 284 -38.13 45.61 -48.08
CA ARG J 284 -38.31 44.24 -47.61
C ARG J 284 -38.85 44.20 -46.19
N GLY J 285 -38.55 45.18 -45.35
CA GLY J 285 -38.95 45.13 -43.96
C GLY J 285 -39.34 46.49 -43.43
N LEU J 286 -39.60 46.53 -42.13
CA LEU J 286 -40.06 47.75 -41.48
C LEU J 286 -39.12 48.11 -40.34
N ILE J 287 -38.80 49.40 -40.23
CA ILE J 287 -37.85 49.89 -39.24
C ILE J 287 -38.56 50.95 -38.40
N LEU J 288 -38.52 50.78 -37.08
CA LEU J 288 -39.10 51.72 -36.14
C LEU J 288 -37.99 52.22 -35.22
N ARG J 289 -37.58 53.47 -35.42
CA ARG J 289 -36.53 54.09 -34.62
C ARG J 289 -37.14 54.95 -33.53
N GLY J 290 -36.32 55.26 -32.53
CA GLY J 290 -36.73 56.13 -31.45
C GLY J 290 -35.55 56.88 -30.86
N ALA J 291 -35.66 58.21 -30.79
CA ALA J 291 -34.54 59.01 -30.31
C ALA J 291 -35.08 60.35 -29.80
N ARG J 292 -34.19 61.09 -29.15
CA ARG J 292 -34.50 62.41 -28.62
C ARG J 292 -34.11 63.48 -29.63
N ALA J 293 -34.15 64.74 -29.21
CA ALA J 293 -33.63 65.85 -29.97
C ALA J 293 -32.46 66.48 -29.20
N GLN J 294 -31.37 66.73 -29.90
CA GLN J 294 -30.15 67.24 -29.27
C GLN J 294 -30.16 68.75 -29.10
N THR J 295 -31.33 69.39 -29.10
CA THR J 295 -31.38 70.85 -29.10
C THR J 295 -30.96 71.43 -27.76
N GLU J 296 -31.45 70.87 -26.66
CA GLU J 296 -31.19 71.35 -25.30
C GLU J 296 -31.71 72.78 -25.07
N THR J 297 -32.74 73.17 -25.83
CA THR J 297 -33.39 74.47 -25.67
C THR J 297 -34.56 74.36 -24.71
N ARG J 298 -34.25 74.46 -23.41
CA ARG J 298 -35.24 74.16 -22.39
C ARG J 298 -36.32 75.23 -22.29
N GLY J 299 -37.53 74.77 -22.08
CA GLY J 299 -38.64 75.64 -21.74
C GLY J 299 -39.71 74.72 -21.21
N ARG J 300 -40.96 75.19 -21.24
CA ARG J 300 -42.10 74.32 -20.92
C ARG J 300 -43.05 74.17 -22.10
N HIS J 301 -42.67 74.63 -23.27
CA HIS J 301 -43.58 74.69 -24.40
C HIS J 301 -43.79 73.32 -25.01
N PRO J 302 -45.04 72.89 -25.22
CA PRO J 302 -45.26 71.64 -25.95
C PRO J 302 -45.14 71.82 -27.45
N TYR J 303 -44.09 72.52 -27.89
CA TYR J 303 -43.79 72.68 -29.31
C TYR J 303 -42.28 72.87 -29.45
N LEU J 304 -41.86 73.27 -30.64
CA LEU J 304 -40.44 73.40 -30.96
C LEU J 304 -40.16 74.78 -31.53
N THR J 305 -38.89 75.19 -31.47
CA THR J 305 -38.45 76.39 -32.13
C THR J 305 -38.07 76.08 -33.58
N ALA J 306 -37.76 77.13 -34.34
CA ALA J 306 -37.38 76.96 -35.73
C ALA J 306 -36.10 76.15 -35.86
N LYS J 307 -35.09 76.44 -35.02
CA LYS J 307 -33.84 75.70 -35.09
C LYS J 307 -34.02 74.26 -34.64
N ASP J 308 -34.81 74.04 -33.59
CA ASP J 308 -35.01 72.68 -33.09
C ASP J 308 -35.70 71.81 -34.12
N ALA J 309 -36.74 72.33 -34.78
CA ALA J 309 -37.47 71.57 -35.77
C ALA J 309 -36.58 71.23 -36.97
N GLU J 310 -35.77 72.20 -37.42
CA GLU J 310 -34.88 71.95 -38.56
C GLU J 310 -33.83 70.91 -38.21
N ASP J 311 -33.17 71.07 -37.05
CA ASP J 311 -32.16 70.12 -36.62
C ASP J 311 -32.76 68.76 -36.26
N LEU J 312 -34.08 68.66 -36.14
CA LEU J 312 -34.74 67.40 -35.84
C LEU J 312 -35.06 66.62 -37.11
N VAL J 313 -35.57 67.29 -38.13
CA VAL J 313 -35.86 66.64 -39.40
C VAL J 313 -34.56 66.18 -40.07
N VAL J 314 -33.49 66.97 -39.91
CA VAL J 314 -32.21 66.62 -40.54
C VAL J 314 -31.72 65.27 -40.05
N GLN J 315 -31.80 65.03 -38.74
CA GLN J 315 -31.42 63.73 -38.20
C GLN J 315 -32.31 62.62 -38.73
N SER J 316 -33.61 62.89 -38.83
CA SER J 316 -34.54 61.88 -39.35
C SER J 316 -34.27 61.57 -40.82
N ILE J 317 -33.86 62.58 -41.61
CA ILE J 317 -33.53 62.33 -43.00
C ILE J 317 -32.24 61.52 -43.11
N ALA J 318 -31.25 61.81 -42.26
CA ALA J 318 -30.00 61.08 -42.29
C ALA J 318 -30.21 59.61 -41.97
N ALA J 319 -31.10 59.32 -41.01
CA ALA J 319 -31.39 57.92 -40.68
C ALA J 319 -32.00 57.18 -41.86
N TYR J 320 -32.89 57.85 -42.60
CA TYR J 320 -33.46 57.25 -43.79
C TYR J 320 -32.39 57.00 -44.85
N LYS J 321 -31.48 57.96 -45.03
CA LYS J 321 -30.41 57.80 -46.02
C LYS J 321 -29.46 56.68 -45.64
N ALA J 322 -29.33 56.37 -44.34
CA ALA J 322 -28.44 55.31 -43.91
C ALA J 322 -28.90 53.94 -44.39
N HIS J 323 -30.16 53.81 -44.79
CA HIS J 323 -30.71 52.54 -45.26
C HIS J 323 -30.98 52.50 -46.76
N HIS J 324 -31.64 53.53 -47.29
CA HIS J 324 -31.99 53.57 -48.70
C HIS J 324 -30.94 54.23 -49.57
N ARG J 325 -30.00 54.96 -48.98
CA ARG J 325 -28.97 55.72 -49.68
C ARG J 325 -29.55 56.82 -50.57
N HIS J 326 -30.85 57.08 -50.48
CA HIS J 326 -31.49 58.16 -51.22
C HIS J 326 -32.45 58.89 -50.29
N VAL J 327 -32.61 60.20 -50.55
CA VAL J 327 -33.50 61.00 -49.70
C VAL J 327 -34.94 60.52 -49.90
N PRO J 328 -35.80 60.56 -48.89
CA PRO J 328 -37.17 60.07 -49.07
C PRO J 328 -37.97 60.96 -50.01
N ALA J 329 -38.91 60.33 -50.71
CA ALA J 329 -39.78 61.07 -51.62
C ALA J 329 -40.81 61.89 -50.86
N ARG J 330 -41.45 61.29 -49.86
CA ARG J 330 -42.45 61.96 -49.03
C ARG J 330 -42.05 61.83 -47.58
N LEU J 331 -42.21 62.91 -46.82
CA LEU J 331 -41.96 62.91 -45.38
C LEU J 331 -43.23 63.36 -44.67
N VAL J 332 -43.81 62.46 -43.88
CA VAL J 332 -45.03 62.73 -43.12
C VAL J 332 -44.63 62.90 -41.66
N VAL J 333 -44.96 64.06 -41.10
CA VAL J 333 -44.62 64.39 -39.71
C VAL J 333 -45.91 64.39 -38.91
N LEU J 334 -45.98 63.53 -37.89
CA LEU J 334 -47.11 63.45 -36.99
C LEU J 334 -46.69 63.96 -35.62
N LYS J 335 -47.39 64.95 -35.10
CA LYS J 335 -47.08 65.53 -33.78
C LYS J 335 -48.29 65.48 -32.88
N THR J 336 -48.09 65.60 -31.57
CA THR J 336 -49.16 65.59 -30.58
C THR J 336 -49.76 66.97 -30.34
N SER J 337 -49.13 68.04 -30.83
CA SER J 337 -49.61 69.39 -30.60
C SER J 337 -49.81 70.10 -31.93
N ARG J 338 -50.39 71.29 -31.87
CA ARG J 338 -50.64 72.07 -33.08
C ARG J 338 -49.33 72.54 -33.70
N PHE J 339 -49.25 72.47 -35.03
CA PHE J 339 -48.07 72.88 -35.76
C PHE J 339 -48.05 74.40 -35.86
N ARG J 340 -47.16 75.04 -35.12
CA ARG J 340 -47.03 76.48 -35.16
C ARG J 340 -46.22 76.92 -36.38
N SER J 341 -46.21 78.22 -36.62
CA SER J 341 -45.55 78.77 -37.81
C SER J 341 -44.04 78.51 -37.76
N GLU J 342 -43.42 78.73 -36.61
CA GLU J 342 -41.96 78.58 -36.50
C GLU J 342 -41.53 77.15 -36.74
N GLU J 343 -42.31 76.18 -36.23
CA GLU J 343 -41.98 74.77 -36.46
C GLU J 343 -42.06 74.42 -37.94
N ALA J 344 -43.15 74.80 -38.59
CA ALA J 344 -43.28 74.56 -40.02
C ALA J 344 -42.27 75.37 -40.82
N GLU J 345 -41.88 76.54 -40.33
CA GLU J 345 -40.85 77.33 -40.99
C GLU J 345 -39.51 76.59 -40.94
N GLY J 346 -39.13 76.11 -39.75
CA GLY J 346 -37.88 75.38 -39.62
C GLY J 346 -37.89 74.06 -40.35
N ILE J 347 -39.03 73.37 -40.35
CA ILE J 347 -39.12 72.09 -41.05
C ILE J 347 -38.89 72.28 -42.53
N ASP J 348 -39.50 73.31 -43.13
CA ASP J 348 -39.32 73.56 -44.55
C ASP J 348 -37.87 73.87 -44.89
N ALA J 349 -37.11 74.43 -43.94
CA ALA J 349 -35.69 74.66 -44.17
C ALA J 349 -34.94 73.34 -44.30
N ALA J 350 -35.20 72.40 -43.39
CA ALA J 350 -34.57 71.08 -43.49
C ALA J 350 -35.04 70.34 -44.74
N LEU J 351 -36.33 70.47 -45.07
CA LEU J 351 -36.86 69.81 -46.25
C LEU J 351 -36.20 70.32 -47.52
N GLY J 352 -36.00 71.64 -47.61
CA GLY J 352 -35.37 72.21 -48.79
C GLY J 352 -33.91 71.82 -48.93
N LYS J 353 -33.20 71.75 -47.80
CA LYS J 353 -31.76 71.46 -47.85
C LYS J 353 -31.50 70.08 -48.44
N SER J 354 -32.30 69.07 -48.03
CA SER J 354 -32.12 67.71 -48.51
C SER J 354 -32.88 67.43 -49.81
N GLY J 355 -33.69 68.37 -50.28
CA GLY J 355 -34.34 68.22 -51.56
C GLY J 355 -35.56 67.33 -51.60
N ILE J 356 -36.16 67.01 -50.45
CA ILE J 356 -37.39 66.23 -50.45
C ILE J 356 -38.48 67.05 -51.11
N GLU J 357 -39.26 66.39 -51.98
CA GLU J 357 -40.24 67.10 -52.80
C GLU J 357 -41.49 67.45 -52.00
N MET J 358 -42.21 66.44 -51.51
CA MET J 358 -43.48 66.64 -50.84
C MET J 358 -43.38 66.26 -49.37
N SER J 359 -43.99 67.07 -48.51
CA SER J 359 -43.99 66.84 -47.08
C SER J 359 -45.39 67.08 -46.52
N ASP J 360 -45.67 66.46 -45.38
CA ASP J 360 -46.94 66.64 -44.68
C ASP J 360 -46.68 66.94 -43.22
N LEU J 361 -47.55 67.76 -42.64
CA LEU J 361 -47.45 68.15 -41.23
C LEU J 361 -48.85 68.00 -40.61
N VAL J 362 -49.09 66.85 -40.00
CA VAL J 362 -50.41 66.49 -39.48
C VAL J 362 -50.35 66.52 -37.96
N TRP J 363 -51.30 67.21 -37.34
CA TRP J 363 -51.42 67.27 -35.89
C TRP J 363 -52.50 66.26 -35.48
N VAL J 364 -52.05 65.15 -34.91
CA VAL J 364 -52.96 64.08 -34.48
C VAL J 364 -53.38 64.43 -33.05
N GLN J 365 -54.53 65.08 -32.93
CA GLN J 365 -55.07 65.46 -31.62
C GLN J 365 -56.17 64.50 -31.21
N GLU J 366 -56.31 64.32 -29.90
CA GLU J 366 -57.28 63.39 -29.34
C GLU J 366 -58.35 64.05 -28.49
N SER J 367 -58.04 65.19 -27.87
CA SER J 367 -59.00 65.90 -27.02
C SER J 367 -59.91 66.79 -27.87
N SER J 368 -60.69 66.13 -28.73
CA SER J 368 -61.63 66.82 -29.61
C SER J 368 -63.06 66.42 -29.25
N PRO J 369 -63.92 67.39 -28.95
CA PRO J 369 -65.30 67.05 -28.58
C PRO J 369 -66.16 66.60 -29.76
N ILE J 370 -65.70 66.82 -30.99
CA ILE J 370 -66.50 66.47 -32.16
C ILE J 370 -66.56 64.95 -32.31
N ALA J 371 -67.75 64.45 -32.64
CA ALA J 371 -67.96 63.03 -32.85
C ALA J 371 -69.22 62.85 -33.70
N ILE J 372 -69.44 61.62 -34.15
CA ILE J 372 -70.68 61.27 -34.83
C ILE J 372 -71.26 60.03 -34.15
N PHE J 373 -72.58 59.89 -34.26
CA PHE J 373 -73.29 58.80 -33.58
C PHE J 373 -74.30 58.20 -34.55
N ARG J 374 -74.18 56.90 -34.78
CA ARG J 374 -75.13 56.18 -35.62
C ARG J 374 -76.38 55.88 -34.82
N ASP J 375 -77.31 55.13 -35.40
CA ASP J 375 -78.56 54.75 -34.75
C ASP J 375 -78.48 53.29 -34.34
N GLY J 376 -78.13 53.06 -33.08
CA GLY J 376 -78.03 51.71 -32.57
C GLY J 376 -77.23 51.69 -31.29
N ASN J 377 -77.23 50.51 -30.66
CA ASN J 377 -76.49 50.32 -29.42
C ASN J 377 -74.99 50.21 -29.65
N TYR J 378 -74.57 49.85 -30.85
CA TYR J 378 -73.19 49.69 -31.29
C TYR J 378 -72.69 50.97 -31.93
N PRO J 379 -71.43 51.34 -31.72
CA PRO J 379 -70.91 52.61 -32.24
C PRO J 379 -70.64 52.52 -33.74
N VAL J 380 -70.15 53.62 -34.29
CA VAL J 380 -69.88 53.69 -35.72
C VAL J 380 -68.76 52.71 -36.10
N LEU J 381 -68.75 52.33 -37.37
CA LEU J 381 -67.79 51.37 -37.87
C LEU J 381 -66.38 51.95 -37.84
N ARG J 382 -65.40 51.08 -37.62
CA ARG J 382 -64.01 51.49 -37.63
C ARG J 382 -63.61 51.93 -39.03
N GLY J 383 -62.81 52.99 -39.11
CA GLY J 383 -62.42 53.58 -40.38
C GLY J 383 -63.38 54.61 -40.92
N THR J 384 -64.41 54.98 -40.16
CA THR J 384 -65.33 56.03 -40.58
C THR J 384 -64.60 57.37 -40.56
N PHE J 385 -64.73 58.13 -41.64
CA PHE J 385 -64.02 59.38 -41.80
C PHE J 385 -64.96 60.44 -42.36
N VAL J 386 -64.87 61.66 -41.82
CA VAL J 386 -65.65 62.79 -42.28
C VAL J 386 -64.72 63.98 -42.43
N ASP J 387 -64.87 64.72 -43.53
CA ASP J 387 -64.00 65.85 -43.83
C ASP J 387 -64.63 67.10 -43.23
N LEU J 388 -64.05 67.58 -42.14
CA LEU J 388 -64.55 68.77 -41.45
C LEU J 388 -63.73 69.99 -41.86
N ASP J 389 -63.90 70.39 -43.13
CA ASP J 389 -63.25 71.56 -43.70
C ASP J 389 -61.73 71.50 -43.50
N GLY J 390 -61.12 70.50 -44.11
CA GLY J 390 -59.69 70.30 -43.95
C GLY J 390 -59.36 69.40 -42.77
N LYS J 391 -59.82 69.78 -41.59
CA LYS J 391 -59.65 68.92 -40.43
C LYS J 391 -60.37 67.60 -40.64
N GLY J 392 -59.68 66.49 -40.37
CA GLY J 392 -60.20 65.17 -40.64
C GLY J 392 -60.49 64.43 -39.35
N LEU J 393 -61.73 63.97 -39.22
CA LEU J 393 -62.19 63.21 -38.06
C LEU J 393 -62.14 61.72 -38.43
N LEU J 394 -61.19 60.99 -37.84
CA LEU J 394 -60.97 59.59 -38.18
C LEU J 394 -61.42 58.71 -37.02
N TYR J 395 -62.26 57.72 -37.34
CA TYR J 395 -62.71 56.73 -36.35
C TYR J 395 -61.85 55.49 -36.49
N THR J 396 -60.62 55.59 -35.98
CA THR J 396 -59.71 54.45 -35.96
C THR J 396 -60.17 53.36 -35.01
N ARG J 397 -60.99 53.70 -34.02
CA ARG J 397 -61.58 52.74 -33.11
C ARG J 397 -63.09 52.69 -33.34
N GLY J 398 -63.67 51.52 -33.16
CA GLY J 398 -65.10 51.38 -33.35
C GLY J 398 -65.46 49.93 -33.62
N SER J 399 -66.67 49.75 -34.17
CA SER J 399 -67.15 48.42 -34.51
C SER J 399 -66.27 47.79 -35.57
N VAL J 400 -65.72 46.62 -35.27
CA VAL J 400 -64.85 45.89 -36.19
C VAL J 400 -65.66 44.71 -36.74
N PRO J 401 -66.00 44.71 -38.03
CA PRO J 401 -66.77 43.58 -38.58
C PRO J 401 -66.08 42.24 -38.40
N PHE J 402 -64.75 42.21 -38.49
CA PHE J 402 -64.03 40.95 -38.27
C PHE J 402 -64.18 40.48 -36.83
N TYR J 403 -64.07 41.39 -35.86
CA TYR J 403 -64.24 41.03 -34.47
C TYR J 403 -65.70 40.77 -34.11
N GLY J 404 -66.64 41.34 -34.87
CA GLY J 404 -68.05 41.16 -34.58
C GLY J 404 -68.54 41.93 -33.37
N THR J 405 -67.83 42.98 -32.97
CA THR J 405 -68.19 43.78 -31.80
C THR J 405 -67.32 45.03 -31.80
N PHE J 406 -67.54 45.87 -30.79
CA PHE J 406 -66.66 47.01 -30.52
C PHE J 406 -65.84 46.70 -29.28
N PRO J 407 -64.55 46.38 -29.40
CA PRO J 407 -63.76 46.05 -28.22
C PRO J 407 -63.40 47.26 -27.39
N GLY J 408 -64.40 47.95 -26.85
CA GLY J 408 -64.17 49.13 -26.04
C GLY J 408 -65.14 49.23 -24.88
N LEU J 409 -65.10 50.35 -24.16
CA LEU J 409 -65.90 50.52 -22.95
C LEU J 409 -67.17 51.32 -23.20
N ARG J 410 -67.05 52.56 -23.66
CA ARG J 410 -68.20 53.44 -23.84
C ARG J 410 -68.51 53.73 -25.29
N VAL J 411 -67.58 54.36 -26.00
CA VAL J 411 -67.77 54.87 -27.34
C VAL J 411 -66.42 55.36 -27.83
N PRO J 412 -66.04 55.12 -29.08
CA PRO J 412 -64.71 55.55 -29.55
C PRO J 412 -64.64 57.07 -29.66
N ARG J 413 -63.68 57.67 -28.98
CA ARG J 413 -63.37 59.07 -29.20
C ARG J 413 -62.53 59.20 -30.47
N PRO J 414 -62.97 59.93 -31.47
CA PRO J 414 -62.26 59.96 -32.75
C PRO J 414 -60.98 60.79 -32.68
N LEU J 415 -60.15 60.62 -33.69
CA LEU J 415 -58.96 61.43 -33.89
C LEU J 415 -59.28 62.55 -34.86
N LEU J 416 -58.91 63.77 -34.50
CA LEU J 416 -59.03 64.91 -35.40
C LEU J 416 -57.65 65.22 -35.97
N LEU J 417 -57.51 65.04 -37.28
CA LEU J 417 -56.25 65.29 -37.97
C LEU J 417 -56.28 66.70 -38.52
N VAL J 418 -55.46 67.58 -37.95
CA VAL J 418 -55.42 68.98 -38.37
C VAL J 418 -54.11 69.22 -39.10
N PRO J 419 -54.11 69.21 -40.43
CA PRO J 419 -52.85 69.40 -41.18
C PRO J 419 -52.49 70.87 -41.28
N HIS J 420 -51.18 71.15 -41.26
CA HIS J 420 -50.68 72.48 -41.51
C HIS J 420 -50.91 72.84 -42.98
N GLU J 421 -50.95 74.15 -43.26
CA GLU J 421 -51.15 74.59 -44.63
C GLU J 421 -50.00 74.15 -45.53
N ASN J 422 -48.81 73.99 -44.96
CA ASN J 422 -47.66 73.50 -45.72
C ASN J 422 -47.70 71.96 -45.76
N SER J 423 -48.71 71.45 -46.44
CA SER J 423 -48.89 70.01 -46.60
C SER J 423 -49.35 69.73 -48.02
N ASP J 424 -48.77 68.69 -48.62
CA ASP J 424 -48.99 68.37 -50.03
C ASP J 424 -50.01 67.26 -50.25
N SER J 425 -50.61 66.71 -49.19
CA SER J 425 -51.48 65.55 -49.29
C SER J 425 -52.91 65.92 -48.90
N THR J 426 -53.87 65.33 -49.60
CA THR J 426 -55.28 65.52 -49.24
C THR J 426 -55.60 64.80 -47.95
N ILE J 427 -56.67 65.25 -47.29
CA ILE J 427 -57.02 64.70 -45.98
C ILE J 427 -57.48 63.25 -46.10
N LEU J 428 -58.24 62.93 -47.15
CA LEU J 428 -58.70 61.56 -47.33
C LEU J 428 -57.53 60.60 -47.54
N THR J 429 -56.47 61.06 -48.20
CA THR J 429 -55.27 60.24 -48.33
C THR J 429 -54.50 60.17 -47.02
N LEU J 430 -54.40 61.30 -46.31
CA LEU J 430 -53.67 61.32 -45.04
C LEU J 430 -54.33 60.40 -44.02
N ALA J 431 -55.66 60.39 -43.96
CA ALA J 431 -56.35 59.53 -43.02
C ALA J 431 -56.09 58.06 -43.33
N LYS J 432 -55.99 57.71 -44.61
CA LYS J 432 -55.75 56.32 -44.98
C LYS J 432 -54.41 55.81 -44.44
N ASP J 433 -53.37 56.63 -44.55
CA ASP J 433 -52.07 56.23 -44.00
C ASP J 433 -52.10 56.22 -42.47
N VAL J 434 -52.75 57.20 -41.86
CA VAL J 434 -52.83 57.26 -40.40
C VAL J 434 -53.58 56.05 -39.86
N LEU J 435 -54.68 55.68 -40.52
CA LEU J 435 -55.42 54.49 -40.10
C LEU J 435 -54.57 53.23 -40.25
N ALA J 436 -53.81 53.14 -41.34
CA ALA J 436 -52.96 51.97 -41.55
C ALA J 436 -51.85 51.90 -40.51
N LEU J 437 -51.32 53.05 -40.09
CA LEU J 437 -50.21 53.06 -39.13
C LEU J 437 -50.62 52.53 -37.77
N THR J 438 -51.92 52.40 -37.50
CA THR J 438 -52.36 51.88 -36.20
C THR J 438 -52.24 50.37 -36.11
N LYS J 439 -51.97 49.68 -37.22
CA LYS J 439 -51.90 48.23 -37.25
C LYS J 439 -50.48 47.70 -37.17
N VAL J 440 -49.47 48.56 -36.99
CA VAL J 440 -48.10 48.11 -36.93
C VAL J 440 -47.52 48.40 -35.55
N ASN J 441 -48.37 48.39 -34.53
CA ASN J 441 -47.93 48.48 -33.14
C ASN J 441 -47.68 47.06 -32.65
N TRP J 442 -46.43 46.62 -32.74
CA TRP J 442 -46.09 45.23 -32.47
C TRP J 442 -46.25 44.85 -31.00
N ASN J 443 -46.45 45.81 -30.11
CA ASN J 443 -46.71 45.49 -28.71
C ASN J 443 -48.06 44.82 -28.50
N THR J 444 -48.93 44.82 -29.51
CA THR J 444 -50.26 44.24 -29.40
C THR J 444 -50.63 43.55 -30.70
N THR J 445 -51.24 42.37 -30.59
CA THR J 445 -51.73 41.67 -31.77
C THR J 445 -53.12 42.14 -32.20
N GLN J 446 -53.87 42.80 -31.31
CA GLN J 446 -55.13 43.41 -31.70
C GLN J 446 -54.83 44.63 -32.57
N PHE J 447 -55.53 44.74 -33.70
CA PHE J 447 -55.21 45.71 -34.73
C PHE J 447 -56.07 46.97 -34.65
N ASP J 448 -56.78 47.16 -33.55
CA ASP J 448 -57.74 48.25 -33.41
C ASP J 448 -57.14 49.30 -32.47
N GLN J 449 -55.87 49.62 -32.69
CA GLN J 449 -55.22 50.67 -31.90
C GLN J 449 -55.76 52.05 -32.26
N LYS J 450 -55.84 52.92 -31.25
CA LYS J 450 -56.35 54.27 -31.46
C LYS J 450 -55.34 55.20 -32.11
N LEU J 451 -54.04 54.96 -31.90
CA LEU J 451 -53.07 55.93 -32.34
C LEU J 451 -52.12 55.33 -33.38
N PRO J 452 -51.60 56.15 -34.30
CA PRO J 452 -50.61 55.65 -35.25
C PRO J 452 -49.32 55.28 -34.56
N ALA J 453 -48.59 54.33 -35.17
CA ALA J 453 -47.37 53.83 -34.56
C ALA J 453 -46.33 54.92 -34.31
N PRO J 454 -46.00 55.81 -35.26
CA PRO J 454 -44.99 56.84 -34.95
C PRO J 454 -45.36 57.72 -33.76
N ILE J 455 -46.64 58.07 -33.63
CA ILE J 455 -47.07 58.87 -32.48
C ILE J 455 -47.02 58.02 -31.21
N LYS J 456 -47.52 56.79 -31.29
CA LYS J 456 -47.49 55.91 -30.12
C LYS J 456 -46.07 55.57 -29.70
N ALA J 457 -45.20 55.28 -30.68
CA ALA J 457 -43.82 54.91 -30.36
C ALA J 457 -43.07 56.08 -29.72
N ALA J 458 -43.32 57.30 -30.19
CA ALA J 458 -42.62 58.46 -29.65
C ALA J 458 -42.95 58.68 -28.18
N ARG J 459 -44.15 58.28 -27.75
CA ARG J 459 -44.50 58.40 -26.34
C ARG J 459 -43.80 57.35 -25.50
N GLU J 460 -43.65 56.14 -26.05
CA GLU J 460 -43.02 55.06 -25.29
C GLU J 460 -41.55 55.37 -25.00
N VAL J 461 -40.83 55.91 -25.97
CA VAL J 461 -39.43 56.25 -25.75
C VAL J 461 -39.32 57.41 -24.76
N GLY J 462 -40.36 58.24 -24.66
CA GLY J 462 -40.34 59.32 -23.68
C GLY J 462 -40.33 58.81 -22.25
N ARG J 463 -41.03 57.71 -22.00
CA ARG J 463 -41.04 57.12 -20.67
C ARG J 463 -39.65 56.63 -20.27
N ILE J 464 -38.92 56.02 -21.21
CA ILE J 464 -37.61 55.47 -20.90
C ILE J 464 -36.54 56.56 -20.89
N LEU J 465 -36.54 57.42 -21.91
CA LEU J 465 -35.52 58.47 -22.01
C LEU J 465 -35.66 59.52 -20.94
N LYS J 466 -36.78 59.55 -20.19
CA LYS J 466 -36.93 60.50 -19.11
C LYS J 466 -35.88 60.31 -18.03
N HIS J 467 -35.45 59.08 -17.80
CA HIS J 467 -34.46 58.76 -16.79
C HIS J 467 -33.04 58.72 -17.33
N VAL J 468 -32.83 59.04 -18.61
CA VAL J 468 -31.52 59.04 -19.23
C VAL J 468 -31.03 60.47 -19.30
N GLU J 469 -29.85 60.72 -18.73
CA GLU J 469 -29.29 62.07 -18.73
C GLU J 469 -28.96 62.50 -20.15
N PHE J 470 -29.04 63.81 -20.40
CA PHE J 470 -28.81 64.35 -21.72
C PHE J 470 -27.38 64.13 -22.17
N GLY J 471 -27.20 63.91 -23.47
CA GLY J 471 -25.89 63.68 -24.05
C GLY J 471 -25.40 62.25 -24.00
N THR J 472 -26.14 61.36 -23.35
CA THR J 472 -25.73 59.96 -23.26
C THR J 472 -26.28 59.19 -24.46
N ALA J 473 -25.39 58.64 -25.27
CA ALA J 473 -25.82 57.89 -26.44
C ALA J 473 -26.48 56.58 -26.03
N VAL J 474 -27.68 56.35 -26.57
CA VAL J 474 -28.44 55.13 -26.29
C VAL J 474 -28.91 54.56 -27.62
N SER J 475 -29.26 53.26 -27.58
CA SER J 475 -29.71 52.59 -28.78
C SER J 475 -31.05 53.16 -29.24
N SER J 476 -31.17 53.39 -30.54
CA SER J 476 -32.40 53.90 -31.13
C SER J 476 -33.36 52.79 -31.55
N ASP J 477 -32.97 51.53 -31.38
CA ASP J 477 -33.86 50.42 -31.70
C ASP J 477 -35.08 50.43 -30.79
N PHE J 478 -36.26 50.28 -31.39
CA PHE J 478 -37.50 50.35 -30.62
C PHE J 478 -37.72 49.11 -29.77
N ARG J 479 -36.99 48.03 -30.02
CA ARG J 479 -37.12 46.83 -29.19
C ARG J 479 -36.71 47.09 -27.75
N ARG J 480 -35.86 48.08 -27.52
CA ARG J 480 -35.45 48.43 -26.17
C ARG J 480 -36.46 49.31 -25.44
N TYR J 481 -37.43 49.87 -26.16
CA TYR J 481 -38.46 50.71 -25.57
C TYR J 481 -39.86 50.12 -25.66
N THR J 482 -40.04 49.03 -26.38
CA THR J 482 -41.35 48.43 -26.58
C THR J 482 -41.98 47.97 -25.27
N LYS M 17 11.42 -14.52 -1.56
CA LYS M 17 10.17 -13.87 -1.97
C LYS M 17 9.18 -14.88 -2.51
N ARG M 18 8.12 -14.37 -3.15
CA ARG M 18 7.07 -15.22 -3.69
C ARG M 18 6.65 -14.71 -5.06
N ILE M 19 6.11 -15.62 -5.86
CA ILE M 19 5.55 -15.29 -7.18
C ILE M 19 4.08 -15.69 -7.15
N THR M 20 3.20 -14.70 -7.17
CA THR M 20 1.77 -14.96 -7.08
C THR M 20 1.27 -15.66 -8.35
N ASP M 21 0.17 -16.39 -8.21
CA ASP M 21 -0.41 -17.07 -9.36
C ASP M 21 -0.90 -16.08 -10.40
N SER M 22 -1.26 -14.86 -9.98
CA SER M 22 -1.62 -13.83 -10.95
C SER M 22 -0.41 -13.35 -11.74
N GLN M 23 0.77 -13.31 -11.10
CA GLN M 23 1.98 -12.89 -11.79
C GLN M 23 2.35 -13.87 -12.91
N VAL M 24 2.29 -15.17 -12.63
CA VAL M 24 2.58 -16.16 -13.65
C VAL M 24 1.46 -16.25 -14.68
N LEU M 25 0.24 -15.86 -14.31
CA LEU M 25 -0.87 -15.86 -15.26
C LEU M 25 -0.62 -14.85 -16.38
N GLY M 26 -0.10 -13.67 -16.04
CA GLY M 26 0.19 -12.68 -17.05
C GLY M 26 1.21 -13.14 -18.07
N GLU M 27 2.28 -13.79 -17.60
CA GLU M 27 3.27 -14.33 -18.51
C GLU M 27 2.70 -15.48 -19.33
N LEU M 28 1.78 -16.25 -18.76
CA LEU M 28 1.12 -17.31 -19.52
C LEU M 28 0.29 -16.73 -20.66
N GLY M 29 -0.42 -15.63 -20.40
CA GLY M 29 -1.22 -15.01 -21.45
C GLY M 29 -0.37 -14.43 -22.55
N GLU M 30 0.71 -13.74 -22.20
CA GLU M 30 1.61 -13.19 -23.22
C GLU M 30 2.26 -14.30 -24.04
N THR M 31 2.66 -15.39 -23.39
CA THR M 31 3.18 -16.53 -24.12
C THR M 31 2.11 -17.18 -25.00
N ALA M 32 0.88 -17.26 -24.50
CA ALA M 32 -0.21 -17.82 -25.31
C ALA M 32 -0.48 -16.96 -26.53
N ILE M 33 -0.46 -15.63 -26.37
CA ILE M 33 -0.69 -14.74 -27.50
C ILE M 33 0.46 -14.85 -28.49
N LYS M 34 1.69 -14.86 -27.99
CA LYS M 34 2.84 -15.02 -28.88
C LYS M 34 2.77 -16.33 -29.65
N LYS M 35 2.27 -17.38 -29.00
CA LYS M 35 2.06 -18.64 -29.71
C LYS M 35 1.01 -18.49 -30.80
N ILE M 36 -0.04 -17.70 -30.55
CA ILE M 36 -1.12 -17.53 -31.51
C ILE M 36 -0.64 -16.75 -32.73
N VAL M 37 0.26 -15.78 -32.53
CA VAL M 37 0.75 -14.98 -33.64
C VAL M 37 1.63 -15.78 -34.56
N LEU M 38 2.36 -16.78 -34.03
CA LEU M 38 3.44 -17.41 -34.78
C LEU M 38 2.92 -18.24 -35.95
N GLU M 39 1.94 -19.12 -35.71
CA GLU M 39 1.43 -19.88 -36.85
C GLU M 39 0.45 -19.09 -37.69
N THR M 40 0.04 -17.91 -37.23
CA THR M 40 -0.65 -16.96 -38.10
C THR M 40 0.26 -16.50 -39.22
N GLY M 41 1.57 -16.51 -39.01
CA GLY M 41 2.54 -16.12 -40.02
C GLY M 41 3.35 -14.89 -39.67
N PHE M 42 2.96 -14.15 -38.65
CA PHE M 42 3.62 -12.90 -38.30
C PHE M 42 4.80 -13.18 -37.35
N LEU M 43 5.40 -12.11 -36.83
CA LEU M 43 6.49 -12.21 -35.88
C LEU M 43 6.11 -11.43 -34.62
N TYR M 44 6.42 -12.00 -33.47
CA TYR M 44 6.09 -11.39 -32.18
C TYR M 44 7.37 -11.19 -31.37
N GLU M 45 7.48 -10.01 -30.74
CA GLU M 45 8.63 -9.66 -29.93
C GLU M 45 8.13 -9.23 -28.55
N GLN M 46 8.26 -10.11 -27.57
CA GLN M 46 7.88 -9.77 -26.21
C GLN M 46 8.80 -8.69 -25.65
N ARG M 47 8.22 -7.72 -24.98
CA ARG M 47 8.99 -6.60 -24.46
C ARG M 47 9.65 -6.96 -23.13
N GLY M 48 10.46 -6.04 -22.63
CA GLY M 48 11.28 -6.29 -21.46
C GLY M 48 10.50 -6.19 -20.15
N ARG M 49 11.27 -6.15 -19.06
CA ARG M 49 10.67 -6.11 -17.73
C ARG M 49 9.88 -4.82 -17.51
N LEU M 50 10.36 -3.70 -18.03
CA LEU M 50 9.63 -2.45 -17.91
C LEU M 50 8.28 -2.55 -18.61
N GLU M 51 7.23 -2.10 -17.92
CA GLU M 51 5.87 -2.31 -18.42
C GLU M 51 5.62 -1.56 -19.72
N ALA M 52 6.07 -0.30 -19.81
CA ALA M 52 6.14 0.43 -21.08
C ALA M 52 4.79 0.65 -21.75
N GLY M 53 3.69 0.24 -21.11
CA GLY M 53 2.37 0.44 -21.67
C GLY M 53 1.97 -0.52 -22.76
N THR M 54 2.86 -1.42 -23.19
CA THR M 54 2.55 -2.38 -24.23
C THR M 54 3.28 -3.67 -23.92
N ASP M 55 2.64 -4.80 -24.20
CA ASP M 55 3.22 -6.11 -23.89
C ASP M 55 4.12 -6.63 -24.99
N GLY M 56 3.75 -6.44 -26.25
CA GLY M 56 4.55 -6.95 -27.36
C GLY M 56 4.30 -6.17 -28.62
N ILE M 57 5.12 -6.46 -29.63
CA ILE M 57 5.04 -5.81 -30.93
C ILE M 57 4.95 -6.90 -31.99
N ILE M 58 3.99 -6.75 -32.91
CA ILE M 58 3.77 -7.72 -33.98
C ILE M 58 4.35 -7.16 -35.27
N GLU M 59 5.17 -7.97 -35.94
CA GLU M 59 5.75 -7.63 -37.23
C GLU M 59 5.06 -8.45 -38.31
N LEU M 60 4.44 -7.77 -39.27
CA LEU M 60 3.76 -8.47 -40.35
C LEU M 60 4.77 -9.13 -41.29
N ARG M 61 4.38 -10.26 -41.86
CA ARG M 61 5.23 -11.00 -42.78
C ARG M 61 4.36 -11.82 -43.71
N ASP M 62 4.63 -11.71 -45.01
CA ASP M 62 3.82 -12.43 -46.00
C ASP M 62 4.04 -13.93 -45.85
N PRO M 63 2.99 -14.74 -45.86
CA PRO M 63 3.14 -16.19 -45.63
C PRO M 63 3.88 -16.91 -46.74
N LYS M 64 3.55 -16.61 -47.99
CA LYS M 64 4.10 -17.36 -49.11
C LYS M 64 5.60 -17.16 -49.25
N SER M 65 6.08 -15.92 -49.06
CA SER M 65 7.49 -15.62 -49.27
C SER M 65 8.28 -15.58 -47.97
N GLY M 66 7.65 -15.16 -46.87
CA GLY M 66 8.34 -15.05 -45.61
C GLY M 66 9.14 -13.78 -45.42
N ALA M 67 8.99 -12.81 -46.31
CA ALA M 67 9.74 -11.57 -46.19
C ALA M 67 9.09 -10.66 -45.14
N PRO M 68 9.83 -10.24 -44.11
CA PRO M 68 9.24 -9.35 -43.10
C PRO M 68 8.86 -8.00 -43.70
N LEU M 69 7.56 -7.70 -43.71
CA LEU M 69 7.09 -6.46 -44.32
C LEU M 69 7.58 -5.22 -43.61
N GLY M 70 7.95 -5.33 -42.33
CA GLY M 70 8.46 -4.20 -41.58
C GLY M 70 7.44 -3.45 -40.76
N LYS M 71 6.15 -3.61 -41.05
CA LYS M 71 5.12 -2.92 -40.30
C LYS M 71 5.03 -3.47 -38.89
N LEU M 72 4.91 -2.57 -37.92
CA LEU M 72 4.83 -2.93 -36.52
C LEU M 72 3.54 -2.39 -35.91
N LEU M 73 2.88 -3.22 -35.10
CA LEU M 73 1.70 -2.81 -34.37
C LEU M 73 1.80 -3.32 -32.93
N GLY M 74 1.50 -2.44 -31.98
CA GLY M 74 1.61 -2.80 -30.59
C GLY M 74 0.47 -3.68 -30.12
N VAL M 75 0.77 -4.60 -29.20
CA VAL M 75 -0.20 -5.54 -28.66
C VAL M 75 -0.13 -5.49 -27.15
N GLN M 76 -1.28 -5.28 -26.51
CA GLN M 76 -1.41 -5.37 -25.07
C GLN M 76 -2.31 -6.53 -24.72
N VAL M 77 -1.85 -7.41 -23.83
CA VAL M 77 -2.55 -8.64 -23.48
C VAL M 77 -3.05 -8.52 -22.06
N LYS M 78 -4.35 -8.77 -21.87
CA LYS M 78 -4.96 -8.80 -20.55
C LYS M 78 -5.35 -10.24 -20.25
N SER M 79 -4.75 -10.81 -19.21
CA SER M 79 -4.95 -12.22 -18.88
C SER M 79 -5.89 -12.34 -17.69
N THR M 80 -6.94 -13.14 -17.85
CA THR M 80 -7.91 -13.40 -16.81
C THR M 80 -7.94 -14.90 -16.53
N GLU M 81 -7.86 -15.26 -15.24
CA GLU M 81 -7.85 -16.67 -14.88
C GLU M 81 -9.16 -17.34 -15.24
N SER M 82 -10.28 -16.75 -14.83
CA SER M 82 -11.61 -17.32 -15.09
C SER M 82 -12.63 -16.20 -14.93
N GLY M 83 -13.90 -16.57 -14.93
CA GLY M 83 -14.98 -15.62 -14.75
C GLY M 83 -15.63 -15.22 -16.06
N GLN M 84 -16.32 -14.09 -16.00
CA GLN M 84 -17.02 -13.53 -17.15
C GLN M 84 -16.70 -12.05 -17.29
N TYR M 85 -16.75 -11.57 -18.52
CA TYR M 85 -16.54 -10.15 -18.77
C TYR M 85 -17.84 -9.38 -18.52
N VAL M 86 -17.78 -8.07 -18.73
CA VAL M 86 -18.94 -7.23 -18.46
C VAL M 86 -20.07 -7.57 -19.41
N ARG M 87 -21.25 -7.85 -18.84
CA ARG M 87 -22.47 -8.25 -19.56
C ARG M 87 -22.16 -9.23 -20.69
N GLU M 88 -21.32 -10.21 -20.38
CA GLU M 88 -20.98 -11.25 -21.34
C GLU M 88 -22.18 -12.14 -21.62
N ASN M 89 -22.38 -12.50 -22.89
CA ASN M 89 -23.41 -13.44 -23.28
C ASN M 89 -22.82 -14.38 -24.34
N ASP M 90 -23.69 -15.12 -25.00
CA ASP M 90 -23.25 -16.20 -25.89
C ASP M 90 -22.57 -15.69 -27.16
N ASN M 91 -22.67 -14.40 -27.49
CA ASN M 91 -22.11 -13.91 -28.73
C ASN M 91 -21.32 -12.62 -28.62
N SER M 92 -21.27 -11.99 -27.45
CA SER M 92 -20.58 -10.72 -27.30
C SER M 92 -20.26 -10.49 -25.83
N PHE M 93 -19.47 -9.46 -25.56
CA PHE M 93 -19.19 -8.98 -24.22
C PHE M 93 -18.58 -7.59 -24.35
N GLU M 94 -18.35 -6.95 -23.20
CA GLU M 94 -17.82 -5.60 -23.16
C GLU M 94 -16.63 -5.53 -22.22
N TYR M 95 -15.68 -4.65 -22.56
CA TYR M 95 -14.49 -4.43 -21.77
C TYR M 95 -14.30 -2.93 -21.54
N LEU M 96 -13.74 -2.59 -20.39
CA LEU M 96 -13.53 -1.20 -19.99
C LEU M 96 -12.04 -0.91 -19.97
N LEU M 97 -11.62 0.12 -20.69
CA LEU M 97 -10.22 0.50 -20.77
C LEU M 97 -9.88 1.54 -19.69
N LYS M 98 -8.70 1.39 -19.10
CA LYS M 98 -8.23 2.37 -18.13
C LYS M 98 -7.90 3.68 -18.84
N PRO M 99 -8.21 4.83 -18.22
CA PRO M 99 -7.91 6.11 -18.88
C PRO M 99 -6.44 6.30 -19.20
N ASP M 100 -5.54 5.84 -18.32
CA ASP M 100 -4.11 5.96 -18.59
C ASP M 100 -3.71 5.15 -19.81
N ASP M 101 -4.23 3.92 -19.93
CA ASP M 101 -3.93 3.12 -21.11
C ASP M 101 -4.49 3.75 -22.37
N LEU M 102 -5.72 4.29 -22.30
CA LEU M 102 -6.31 4.95 -23.46
C LEU M 102 -5.50 6.18 -23.86
N LYS M 103 -5.03 6.95 -22.89
CA LYS M 103 -4.21 8.11 -23.19
C LYS M 103 -2.87 7.71 -23.82
N TYR M 104 -2.27 6.63 -23.30
CA TYR M 104 -0.96 6.21 -23.79
C TYR M 104 -1.03 5.77 -25.25
N TRP M 105 -2.08 5.03 -25.62
CA TRP M 105 -2.20 4.56 -27.01
C TRP M 105 -2.43 5.70 -27.99
N ARG M 106 -2.92 6.84 -27.53
CA ARG M 106 -3.17 7.97 -28.42
C ARG M 106 -1.86 8.51 -29.01
N THR M 107 -0.83 8.63 -28.18
CA THR M 107 0.44 9.20 -28.63
C THR M 107 1.35 8.18 -29.30
N SER M 108 0.95 6.91 -29.34
CA SER M 108 1.75 5.91 -30.03
C SER M 108 1.78 6.17 -31.53
N ASN M 109 2.93 5.90 -32.14
CA ASN M 109 3.12 6.10 -33.57
C ASN M 109 2.80 4.85 -34.39
N ILE M 110 2.34 3.79 -33.75
CA ILE M 110 1.98 2.56 -34.44
C ILE M 110 0.58 2.14 -33.99
N PRO M 111 -0.19 1.43 -34.82
CA PRO M 111 -1.49 0.94 -34.38
C PRO M 111 -1.35 -0.01 -33.20
N VAL M 112 -2.32 0.06 -32.30
CA VAL M 112 -2.30 -0.73 -31.06
C VAL M 112 -3.58 -1.55 -31.00
N ILE M 113 -3.44 -2.84 -30.75
CA ILE M 113 -4.58 -3.73 -30.53
C ILE M 113 -4.48 -4.32 -29.14
N ILE M 114 -5.65 -4.53 -28.53
CA ILE M 114 -5.73 -5.14 -27.20
C ILE M 114 -6.33 -6.52 -27.35
N VAL M 115 -5.65 -7.52 -26.78
CA VAL M 115 -6.05 -8.92 -26.89
C VAL M 115 -6.39 -9.43 -25.50
N LEU M 116 -7.57 -10.03 -25.36
CA LEU M 116 -8.03 -10.58 -24.10
C LEU M 116 -7.89 -12.10 -24.14
N TRP M 117 -7.23 -12.66 -23.13
CA TRP M 117 -7.00 -14.10 -23.05
C TRP M 117 -7.55 -14.61 -21.73
N ARG M 118 -8.35 -15.66 -21.79
CA ARG M 118 -8.93 -16.28 -20.60
C ARG M 118 -8.43 -17.72 -20.52
N LYS M 119 -7.89 -18.07 -19.35
CA LYS M 119 -7.27 -19.39 -19.19
C LYS M 119 -8.30 -20.50 -19.10
N SER M 120 -9.46 -20.21 -18.52
CA SER M 120 -10.44 -21.26 -18.24
C SER M 120 -10.95 -21.93 -19.51
N ASP M 121 -11.30 -21.13 -20.51
CA ASP M 121 -11.84 -21.65 -21.76
C ASP M 121 -10.84 -21.62 -22.91
N GLU M 122 -9.64 -21.10 -22.68
CA GLU M 122 -8.59 -21.03 -23.69
C GLU M 122 -9.09 -20.31 -24.95
N THR M 123 -9.59 -19.10 -24.74
CA THR M 123 -10.13 -18.28 -25.83
C THR M 123 -9.43 -16.93 -25.84
N ALA M 124 -9.14 -16.44 -27.04
CA ALA M 124 -8.47 -15.15 -27.21
C ALA M 124 -9.31 -14.27 -28.11
N TYR M 125 -9.57 -13.04 -27.67
CA TYR M 125 -10.32 -12.06 -28.44
C TYR M 125 -9.47 -10.81 -28.62
N TRP M 126 -9.47 -10.26 -29.83
CA TRP M 126 -8.69 -9.08 -30.15
C TRP M 126 -9.61 -7.98 -30.65
N LYS M 127 -9.16 -6.74 -30.48
CA LYS M 127 -9.95 -5.59 -30.88
C LYS M 127 -9.03 -4.38 -30.98
N ASP M 128 -9.10 -3.66 -32.10
CA ASP M 128 -8.34 -2.43 -32.25
C ASP M 128 -8.82 -1.39 -31.25
N VAL M 129 -7.87 -0.68 -30.65
CA VAL M 129 -8.20 0.41 -29.73
C VAL M 129 -8.79 1.56 -30.54
N SER M 130 -9.43 2.50 -29.86
CA SER M 130 -10.10 3.67 -30.45
C SER M 130 -11.32 3.29 -31.28
N ASP M 131 -11.75 2.02 -31.24
CA ASP M 131 -12.97 1.57 -31.88
C ASP M 131 -14.04 1.38 -30.80
N CYS M 132 -14.02 2.32 -29.86
CA CYS M 132 -14.94 2.31 -28.72
C CYS M 132 -16.38 2.52 -29.19
N VAL M 133 -17.32 2.09 -28.33
CA VAL M 133 -18.71 2.46 -28.52
C VAL M 133 -18.82 3.97 -28.48
N ARG M 134 -19.57 4.53 -29.42
CA ARG M 134 -19.57 5.98 -29.61
C ARG M 134 -19.99 6.74 -28.35
N GLY M 135 -20.75 6.11 -27.46
CA GLY M 135 -21.15 6.79 -26.24
C GLY M 135 -19.99 7.08 -25.31
N GLU M 136 -19.11 6.10 -25.11
CA GLU M 136 -18.01 6.20 -24.15
C GLU M 136 -16.71 5.78 -24.80
N GLU M 137 -15.67 6.60 -24.64
CA GLU M 137 -14.38 6.30 -25.25
C GLU M 137 -13.66 5.14 -24.58
N ARG M 138 -13.99 4.82 -23.33
CA ARG M 138 -13.32 3.77 -22.58
C ARG M 138 -14.05 2.43 -22.66
N ARG M 139 -15.13 2.35 -23.44
CA ARG M 139 -15.95 1.15 -23.51
C ARG M 139 -15.75 0.48 -24.86
N LEU M 140 -15.41 -0.81 -24.83
CA LEU M 140 -15.19 -1.60 -26.04
C LEU M 140 -16.21 -2.73 -26.08
N LYS M 141 -16.84 -2.91 -27.24
CA LYS M 141 -17.86 -3.93 -27.44
C LYS M 141 -17.28 -5.04 -28.31
N PHE M 142 -16.86 -6.13 -27.67
CA PHE M 142 -16.33 -7.27 -28.40
C PHE M 142 -17.46 -8.10 -28.98
N ASP M 143 -17.16 -8.76 -30.10
CA ASP M 143 -18.10 -9.68 -30.76
C ASP M 143 -17.44 -11.04 -30.87
N LYS M 144 -17.99 -12.03 -30.17
CA LYS M 144 -17.39 -13.36 -30.17
C LYS M 144 -17.38 -14.01 -31.54
N GLY M 145 -18.31 -13.61 -32.42
CA GLY M 145 -18.35 -14.22 -33.75
C GLY M 145 -17.17 -13.87 -34.62
N THR M 146 -16.73 -12.60 -34.58
CA THR M 146 -15.74 -12.10 -35.51
C THR M 146 -14.42 -11.67 -34.89
N ASP M 147 -14.35 -11.51 -33.56
CA ASP M 147 -13.17 -10.95 -32.92
C ASP M 147 -12.26 -12.02 -32.32
N VAL M 148 -12.46 -13.29 -32.68
CA VAL M 148 -11.59 -14.35 -32.20
C VAL M 148 -10.18 -14.12 -32.73
N PHE M 149 -9.18 -14.27 -31.86
CA PHE M 149 -7.78 -14.09 -32.23
C PHE M 149 -7.22 -15.44 -32.64
N ASP M 150 -7.08 -15.64 -33.94
CA ASP M 150 -6.58 -16.91 -34.49
C ASP M 150 -5.97 -16.62 -35.85
N PRO M 151 -5.29 -17.61 -36.45
CA PRO M 151 -4.72 -17.40 -37.79
C PRO M 151 -5.70 -16.87 -38.83
N ARG M 152 -7.00 -17.07 -38.64
CA ARG M 152 -7.98 -16.54 -39.59
C ARG M 152 -8.06 -15.02 -39.59
N SER M 153 -7.45 -14.36 -38.59
CA SER M 153 -7.50 -12.91 -38.49
C SER M 153 -6.29 -12.23 -39.12
N ALA M 154 -5.46 -12.97 -39.87
CA ALA M 154 -4.23 -12.41 -40.41
C ALA M 154 -4.51 -11.23 -41.33
N ASP M 155 -5.50 -11.36 -42.22
CA ASP M 155 -5.83 -10.27 -43.13
C ASP M 155 -6.37 -9.06 -42.38
N ARG M 156 -7.21 -9.30 -41.37
CA ARG M 156 -7.78 -8.19 -40.60
C ARG M 156 -6.71 -7.43 -39.84
N ILE M 157 -5.76 -8.16 -39.24
CA ILE M 157 -4.69 -7.50 -38.49
C ILE M 157 -3.83 -6.65 -39.40
N GLY M 158 -3.50 -7.18 -40.59
CA GLY M 158 -2.62 -6.47 -41.50
C GLY M 158 -3.23 -5.17 -42.01
N ALA M 159 -4.55 -5.07 -42.03
CA ALA M 159 -5.21 -3.85 -42.48
C ALA M 159 -5.01 -2.68 -41.54
N LEU M 160 -4.56 -2.93 -40.30
CA LEU M 160 -4.38 -1.83 -39.36
C LEU M 160 -3.21 -0.94 -39.76
N THR M 161 -2.14 -1.53 -40.31
CA THR M 161 -0.93 -0.80 -40.65
C THR M 161 -0.96 -0.22 -42.07
N ILE M 162 -2.07 -0.39 -42.79
CA ILE M 162 -2.15 0.15 -44.15
C ILE M 162 -2.10 1.66 -44.17
N ASP M 163 -2.43 2.32 -43.05
CA ASP M 163 -2.40 3.78 -42.93
C ASP M 163 -3.29 4.43 -43.98
N ARG M 164 -4.60 4.14 -43.85
CA ARG M 164 -5.58 4.71 -44.78
C ARG M 164 -5.53 6.23 -44.76
N ARG M 165 -5.31 6.83 -43.60
CA ARG M 165 -5.18 8.27 -43.50
C ARG M 165 -3.90 8.73 -44.20
N THR M 166 -4.02 9.80 -44.98
CA THR M 166 -2.86 10.36 -45.67
C THR M 166 -1.93 11.03 -44.66
N PRO M 167 -0.63 11.12 -44.97
CA PRO M 167 0.31 11.74 -44.02
C PRO M 167 0.13 13.24 -43.89
N GLY M 168 -1.05 13.67 -43.46
CA GLY M 168 -1.30 15.07 -43.16
C GLY M 168 -1.12 16.02 -44.33
N VAL M 169 -1.68 15.67 -45.49
CA VAL M 169 -1.59 16.49 -46.69
C VAL M 169 -2.94 17.13 -46.95
N PHE M 170 -2.92 18.43 -47.27
CA PHE M 170 -4.13 19.20 -47.56
C PHE M 170 -4.19 19.51 -49.04
N LEU M 171 -5.34 19.27 -49.65
CA LEU M 171 -5.53 19.51 -51.08
C LEU M 171 -6.38 20.76 -51.30
N PRO M 172 -5.81 21.84 -51.80
CA PRO M 172 -6.59 23.06 -52.05
C PRO M 172 -7.70 22.85 -53.08
N PRO M 173 -7.41 22.36 -54.28
CA PRO M 173 -8.42 22.40 -55.34
C PRO M 173 -9.54 21.39 -55.10
N LEU M 174 -10.60 21.56 -55.88
CA LEU M 174 -11.80 20.73 -55.77
C LEU M 174 -12.41 20.60 -57.16
N ASN M 175 -13.69 20.22 -57.21
CA ASN M 175 -14.37 19.99 -58.48
C ASN M 175 -14.31 21.24 -59.36
N LYS M 176 -14.03 21.03 -60.63
CA LYS M 176 -13.78 22.10 -61.58
C LYS M 176 -14.49 21.78 -62.89
N GLY M 177 -15.01 22.82 -63.55
CA GLY M 177 -15.80 22.63 -64.74
C GLY M 177 -15.04 22.68 -66.05
N GLU M 178 -14.32 23.77 -66.30
CA GLU M 178 -13.62 23.95 -67.56
C GLU M 178 -12.46 24.91 -67.37
N ASP M 179 -11.54 24.90 -68.34
CA ASP M 179 -10.35 25.72 -68.29
C ASP M 179 -10.19 26.47 -69.62
N ALA M 180 -9.39 27.53 -69.59
CA ALA M 180 -9.13 28.35 -70.76
C ALA M 180 -7.82 29.09 -70.56
N ILE M 181 -7.30 29.62 -71.66
CA ILE M 181 -6.07 30.40 -71.64
C ILE M 181 -6.32 31.74 -72.31
N ILE M 182 -5.42 32.68 -72.06
CA ILE M 182 -5.53 34.04 -72.57
C ILE M 182 -4.48 34.26 -73.64
N ASN M 183 -4.81 35.11 -74.61
CA ASN M 183 -3.82 35.53 -75.60
C ASN M 183 -2.74 36.42 -75.00
N LEU M 184 -2.94 36.88 -73.77
CA LEU M 184 -1.98 37.75 -73.11
C LEU M 184 -0.71 36.97 -72.79
N LEU M 185 0.43 37.65 -72.90
CA LEU M 185 1.73 37.06 -72.61
C LEU M 185 2.52 38.00 -71.71
N ARG M 186 3.31 37.44 -70.82
CA ARG M 186 4.06 38.20 -69.83
C ARG M 186 5.43 38.58 -70.37
N ILE M 187 5.98 39.66 -69.84
CA ILE M 187 7.27 40.20 -70.27
C ILE M 187 8.15 40.38 -69.05
N ARG M 188 9.38 39.87 -69.13
CA ARG M 188 10.42 40.22 -68.16
C ARG M 188 11.26 41.36 -68.72
N LEU M 189 11.69 42.25 -67.84
CA LEU M 189 12.41 43.40 -68.33
C LEU M 189 13.86 43.38 -67.84
N PRO M 190 14.78 43.94 -68.61
CA PRO M 190 16.16 44.09 -68.12
C PRO M 190 16.21 45.07 -66.96
N ASP M 191 17.22 44.90 -66.11
CA ASP M 191 17.40 45.72 -64.92
C ASP M 191 18.24 46.97 -65.20
N GLU M 192 18.30 47.44 -66.43
CA GLU M 192 19.11 48.60 -66.76
C GLU M 192 18.58 49.26 -68.02
N ILE M 193 18.50 50.59 -67.99
CA ILE M 193 18.09 51.39 -69.14
C ILE M 193 19.06 52.54 -69.30
N PHE M 194 19.22 53.02 -70.53
CA PHE M 194 20.15 54.09 -70.83
C PHE M 194 19.41 55.26 -71.43
N ILE M 195 19.60 56.45 -70.85
CA ILE M 195 18.95 57.67 -71.31
C ILE M 195 20.01 58.72 -71.58
N SER M 196 19.67 59.68 -72.43
CA SER M 196 20.59 60.72 -72.83
C SER M 196 19.80 61.88 -73.43
N THR M 197 20.51 62.82 -74.05
CA THR M 197 19.91 63.95 -74.77
C THR M 197 20.67 64.12 -76.09
N SER M 198 20.17 63.46 -77.12
CA SER M 198 20.83 63.50 -78.42
C SER M 198 20.70 64.89 -79.03
N PRO M 199 21.68 65.29 -79.88
CA PRO M 199 21.58 66.60 -80.55
C PRO M 199 20.41 66.69 -81.53
N PHE M 200 19.63 65.62 -81.65
CA PHE M 200 18.46 65.59 -82.50
C PHE M 200 17.19 65.75 -81.66
N GLY M 201 16.12 66.14 -82.34
CA GLY M 201 14.86 66.41 -81.66
C GLY M 201 14.07 65.18 -81.30
N SER M 202 13.65 64.41 -82.31
CA SER M 202 12.80 63.25 -82.09
C SER M 202 13.24 62.05 -82.92
N GLY M 203 14.53 61.96 -83.24
CA GLY M 203 15.03 60.87 -84.05
C GLY M 203 14.80 61.01 -85.53
N ARG M 204 14.17 62.11 -85.98
CA ARG M 204 13.99 62.32 -87.41
C ARG M 204 15.31 62.56 -88.11
N ASP M 205 16.26 63.20 -87.43
CA ASP M 205 17.61 63.39 -87.94
C ASP M 205 18.53 62.23 -87.58
N ALA M 206 18.02 61.20 -86.92
CA ALA M 206 18.83 60.07 -86.47
C ALA M 206 18.81 58.90 -87.46
N VAL M 207 17.87 58.89 -88.40
CA VAL M 207 17.82 57.81 -89.40
C VAL M 207 18.97 57.89 -90.41
N PRO M 208 19.50 59.07 -90.80
CA PRO M 208 20.65 59.06 -91.70
C PRO M 208 21.99 58.90 -91.01
N GLU M 209 22.07 59.11 -89.69
CA GLU M 209 23.32 58.98 -88.97
C GLU M 209 23.55 57.58 -88.41
N LEU M 210 22.57 56.68 -88.52
CA LEU M 210 22.74 55.31 -88.07
C LEU M 210 23.58 54.48 -89.04
N VAL M 211 23.55 54.81 -90.33
CA VAL M 211 24.27 54.01 -91.31
C VAL M 211 25.77 54.29 -91.26
N LYS M 212 26.18 55.31 -90.51
CA LYS M 212 27.60 55.68 -90.42
C LYS M 212 28.43 54.51 -89.91
N HIS M 213 28.21 54.10 -88.65
CA HIS M 213 28.91 52.94 -88.10
C HIS M 213 27.95 52.11 -87.23
N GLY M 214 26.71 52.00 -87.67
CA GLY M 214 25.74 51.17 -86.97
C GLY M 214 25.13 50.17 -87.93
N ASN M 215 24.72 49.03 -87.38
CA ASN M 215 24.21 47.95 -88.27
C ASN M 215 22.72 47.67 -88.05
N VAL M 216 22.38 46.59 -87.34
CA VAL M 216 20.95 46.19 -87.26
C VAL M 216 20.29 46.68 -85.98
N ARG M 217 20.99 47.43 -85.13
CA ARG M 217 20.41 47.86 -83.83
C ARG M 217 19.32 48.91 -84.06
N PHE M 218 18.18 48.47 -84.59
CA PHE M 218 17.03 49.35 -84.80
C PHE M 218 16.30 49.69 -83.51
N ASP M 219 17.02 49.77 -82.39
CA ASP M 219 16.43 50.16 -81.11
C ASP M 219 17.06 51.47 -80.66
N TRP M 220 16.51 52.58 -81.15
CA TRP M 220 16.90 53.87 -80.60
C TRP M 220 15.69 54.78 -80.68
N VAL M 221 15.37 55.44 -79.56
CA VAL M 221 14.21 56.33 -79.51
C VAL M 221 14.63 57.67 -78.94
N ILE M 222 14.79 58.67 -79.82
CA ILE M 222 14.94 60.04 -79.36
C ILE M 222 13.56 60.71 -79.37
N ARG M 223 13.26 61.43 -78.29
CA ARG M 223 11.96 62.10 -78.19
C ARG M 223 12.07 63.24 -77.21
N LYS M 224 11.51 64.39 -77.57
CA LYS M 224 11.56 65.60 -76.75
C LYS M 224 13.00 65.96 -76.39
N ARG M 225 13.90 65.83 -77.37
CA ARG M 225 15.33 66.05 -77.16
C ARG M 225 15.87 65.17 -76.03
N ARG M 226 15.40 63.94 -75.97
CA ARG M 226 15.77 62.99 -74.92
C ARG M 226 15.97 61.62 -75.56
N PHE M 227 17.16 61.05 -75.38
CA PHE M 227 17.42 59.71 -75.87
C PHE M 227 16.95 58.67 -74.85
N VAL M 228 16.24 57.65 -75.32
CA VAL M 228 15.82 56.53 -74.49
C VAL M 228 15.88 55.27 -75.34
N SER M 229 16.85 54.39 -75.05
CA SER M 229 16.97 53.13 -75.75
C SER M 229 17.66 52.12 -74.83
N PHE M 230 17.48 50.84 -75.16
CA PHE M 230 18.02 49.79 -74.29
C PHE M 230 19.53 49.80 -74.24
N PHE M 231 20.20 50.06 -75.36
CA PHE M 231 21.63 49.89 -75.47
C PHE M 231 22.34 51.23 -75.60
N ASP M 232 23.53 51.30 -75.01
CA ASP M 232 24.33 52.52 -75.09
C ASP M 232 24.95 52.65 -76.48
N PRO M 233 25.00 53.85 -77.04
CA PRO M 233 25.74 54.04 -78.30
C PRO M 233 27.23 53.77 -78.17
N ARG M 234 27.78 53.83 -76.96
CA ARG M 234 29.22 53.63 -76.79
C ARG M 234 29.59 52.15 -76.91
N GLU M 235 28.77 51.25 -76.36
CA GLU M 235 29.14 49.84 -76.34
C GLU M 235 29.00 49.20 -77.71
N TYR M 236 27.94 49.52 -78.43
CA TYR M 236 27.72 48.95 -79.76
C TYR M 236 28.45 49.70 -80.86
N GLY M 237 28.60 51.01 -80.71
CA GLY M 237 29.24 51.84 -81.70
C GLY M 237 28.32 52.72 -82.53
N THR M 238 27.30 53.31 -81.93
CA THR M 238 26.41 54.23 -82.63
C THR M 238 26.47 55.63 -82.03
N ARG M 239 27.67 56.14 -81.75
CA ARG M 239 27.82 57.47 -81.17
C ARG M 239 27.41 58.58 -82.12
N ALA M 240 27.18 58.28 -83.39
CA ALA M 240 26.78 59.32 -84.35
C ALA M 240 25.43 59.91 -83.99
N ILE M 241 24.47 59.08 -83.57
CA ILE M 241 23.12 59.59 -83.35
C ILE M 241 22.99 60.20 -81.96
N VAL M 242 23.79 59.73 -81.00
CA VAL M 242 23.78 60.24 -79.64
C VAL M 242 25.23 60.42 -79.18
N ASP M 243 25.56 61.62 -78.71
CA ASP M 243 26.88 61.85 -78.14
C ASP M 243 27.02 61.09 -76.84
N LEU M 244 28.22 60.52 -76.62
CA LEU M 244 28.45 59.67 -75.47
C LEU M 244 28.64 60.42 -74.17
N ASP M 245 28.90 61.73 -74.22
CA ASP M 245 29.08 62.50 -72.99
C ASP M 245 27.78 62.68 -72.24
N GLN M 246 26.66 62.73 -72.95
CA GLN M 246 25.35 62.96 -72.36
C GLN M 246 24.60 61.68 -72.00
N VAL M 247 25.18 60.51 -72.27
CA VAL M 247 24.50 59.25 -72.01
C VAL M 247 24.91 58.74 -70.62
N GLU M 248 24.05 57.94 -70.02
CA GLU M 248 24.27 57.43 -68.68
C GLU M 248 23.60 56.07 -68.56
N ALA M 249 23.43 55.60 -67.33
CA ALA M 249 22.86 54.27 -67.08
C ALA M 249 21.99 54.31 -65.84
N VAL M 250 20.74 53.85 -65.97
CA VAL M 250 19.79 53.80 -64.87
C VAL M 250 18.94 52.55 -65.02
N ASP M 251 18.04 52.33 -64.07
CA ASP M 251 17.19 51.16 -64.06
C ASP M 251 15.94 51.39 -64.92
N THR M 252 15.45 50.30 -65.53
CA THR M 252 14.28 50.39 -66.41
C THR M 252 13.05 50.82 -65.63
N LYS M 253 12.76 50.15 -64.50
CA LYS M 253 11.56 50.45 -63.74
C LYS M 253 11.55 51.86 -63.17
N LEU M 254 12.70 52.54 -63.13
CA LEU M 254 12.72 53.95 -62.76
C LEU M 254 11.94 54.78 -63.79
N ILE M 255 11.89 54.33 -65.04
CA ILE M 255 11.15 55.04 -66.08
C ILE M 255 10.12 54.16 -66.77
N ALA M 256 10.26 52.82 -66.75
CA ALA M 256 9.28 51.97 -67.42
C ALA M 256 7.95 51.99 -66.70
N PHE M 257 7.96 51.96 -65.37
CA PHE M 257 6.75 52.00 -64.56
C PHE M 257 6.45 53.41 -64.04
N ASN M 258 6.90 54.43 -64.76
CA ASN M 258 6.70 55.81 -64.32
C ASN M 258 5.24 56.22 -64.54
N ASP M 259 4.74 57.07 -63.63
CA ASP M 259 3.33 57.45 -63.66
C ASP M 259 2.98 58.28 -64.89
N GLU M 260 3.86 59.18 -65.32
CA GLU M 260 3.58 60.06 -66.44
C GLU M 260 3.43 59.26 -67.72
N GLN M 261 2.72 59.85 -68.69
CA GLN M 261 2.26 59.12 -69.86
C GLN M 261 3.16 59.26 -71.09
N ASP M 262 3.70 60.46 -71.37
CA ASP M 262 4.43 60.64 -72.62
C ASP M 262 5.69 59.79 -72.67
N ASP M 263 6.43 59.72 -71.57
CA ASP M 263 7.54 58.78 -71.49
C ASP M 263 7.04 57.34 -71.52
N LEU M 264 5.91 57.07 -70.85
CA LEU M 264 5.28 55.77 -70.96
C LEU M 264 4.84 55.50 -72.40
N ASN M 265 4.28 56.53 -73.06
CA ASN M 265 3.98 56.40 -74.48
C ASN M 265 5.24 56.15 -75.30
N ASP M 266 6.33 56.84 -74.95
CA ASP M 266 7.61 56.57 -75.60
C ASP M 266 8.19 55.23 -75.18
N THR M 267 7.77 54.69 -74.03
CA THR M 267 8.20 53.34 -73.66
C THR M 267 7.59 52.30 -74.58
N MET M 268 6.39 52.56 -75.11
CA MET M 268 5.81 51.67 -76.10
C MET M 268 6.65 51.64 -77.38
N ASP M 269 7.32 52.75 -77.69
CA ASP M 269 8.22 52.78 -78.83
C ASP M 269 9.37 51.79 -78.64
N LEU M 270 9.89 51.70 -77.42
CA LEU M 270 10.94 50.75 -77.11
C LEU M 270 10.48 49.32 -77.37
N LEU M 271 9.25 48.99 -76.98
CA LEU M 271 8.74 47.63 -77.13
C LEU M 271 8.58 47.27 -78.61
N ARG M 272 7.93 48.13 -79.39
CA ARG M 272 7.69 47.81 -80.79
C ARG M 272 8.97 47.77 -81.59
N ARG M 273 10.00 48.54 -81.18
CA ARG M 273 11.28 48.51 -81.88
C ARG M 273 11.97 47.17 -81.67
N THR M 274 12.03 46.71 -80.42
CA THR M 274 12.88 45.57 -80.09
C THR M 274 12.28 44.26 -80.60
N VAL M 275 10.95 44.13 -80.61
CA VAL M 275 10.33 42.86 -80.96
C VAL M 275 10.66 42.46 -82.39
N GLU M 276 10.64 43.44 -83.31
CA GLU M 276 11.04 43.14 -84.68
C GLU M 276 12.56 43.14 -84.83
N ARG M 277 13.26 44.01 -84.10
CA ARG M 277 14.71 44.00 -84.08
C ARG M 277 15.28 42.68 -83.56
N GLN M 278 14.55 42.00 -82.67
CA GLN M 278 14.98 40.70 -82.15
C GLN M 278 14.38 39.52 -82.89
N THR M 279 13.20 39.68 -83.49
CA THR M 279 12.55 38.61 -84.25
C THR M 279 12.54 38.95 -85.73
N ALA M 280 13.62 39.56 -86.23
CA ALA M 280 13.71 39.86 -87.66
C ALA M 280 13.82 38.60 -88.51
N THR M 281 14.12 37.45 -87.89
CA THR M 281 14.23 36.20 -88.65
C THR M 281 12.88 35.74 -89.18
N GLN M 282 11.80 35.94 -88.42
CA GLN M 282 10.49 35.46 -88.81
C GLN M 282 9.43 36.55 -88.95
N LEU M 283 9.67 37.76 -88.46
CA LEU M 283 8.66 38.81 -88.43
C LEU M 283 9.06 39.94 -89.36
N SER M 284 8.06 40.53 -90.03
CA SER M 284 8.26 41.65 -90.95
C SER M 284 7.21 42.71 -90.65
N PHE M 285 7.67 43.94 -90.40
CA PHE M 285 6.76 45.03 -90.11
C PHE M 285 6.02 45.46 -91.38
N LEU M 286 4.70 45.55 -91.29
CA LEU M 286 3.85 45.76 -92.47
C LEU M 286 3.50 47.24 -92.64
N ARG M 287 4.53 48.05 -92.82
CA ARG M 287 4.42 49.44 -93.31
C ARG M 287 3.26 50.20 -92.67
N LYS M 288 3.36 50.37 -91.35
CA LYS M 288 2.45 51.15 -90.52
C LYS M 288 1.10 50.47 -90.28
N ASP M 289 0.84 49.31 -90.91
CA ASP M 289 -0.30 48.50 -90.48
C ASP M 289 -0.03 47.85 -89.14
N ARG M 290 1.22 47.84 -88.68
CA ARG M 290 1.61 47.28 -87.39
C ARG M 290 1.25 45.81 -87.28
N LEU M 291 1.24 45.10 -88.41
CA LEU M 291 0.96 43.68 -88.46
C LEU M 291 2.27 42.94 -88.69
N PHE M 292 2.98 42.65 -87.61
CA PHE M 292 4.16 41.80 -87.70
C PHE M 292 3.73 40.42 -88.17
N HIS M 293 4.09 40.06 -89.40
CA HIS M 293 3.61 38.84 -90.02
C HIS M 293 4.76 37.88 -90.29
N PHE M 294 4.41 36.61 -90.50
CA PHE M 294 5.40 35.59 -90.77
C PHE M 294 6.06 35.84 -92.12
N LYS M 295 7.39 35.94 -92.12
CA LYS M 295 8.14 36.06 -93.37
C LYS M 295 8.24 34.68 -94.02
N ALA M 296 7.80 34.58 -95.26
CA ALA M 296 7.78 33.29 -95.95
C ALA M 296 7.99 33.51 -97.44
N VAL M 297 8.41 32.44 -98.11
CA VAL M 297 8.65 32.46 -99.54
C VAL M 297 7.66 31.54 -100.23
N GLY M 298 7.59 31.65 -101.56
CA GLY M 298 6.69 30.84 -102.36
C GLY M 298 7.16 29.44 -102.66
N VAL M 299 8.37 29.07 -102.23
CA VAL M 299 8.89 27.73 -102.49
C VAL M 299 8.18 26.76 -101.55
N GLY M 300 7.34 25.89 -102.12
CA GLY M 300 6.56 24.96 -101.33
C GLY M 300 5.29 25.53 -100.75
N LYS M 301 5.02 26.83 -100.97
CA LYS M 301 3.81 27.48 -100.49
C LYS M 301 3.64 27.34 -98.98
N SER M 302 4.75 27.35 -98.24
CA SER M 302 4.71 27.20 -96.80
C SER M 302 6.05 27.63 -96.21
N ARG M 303 6.07 27.77 -94.89
CA ARG M 303 7.30 28.05 -94.14
C ARG M 303 7.15 27.34 -92.80
N SER M 304 7.69 26.13 -92.72
CA SER M 304 7.41 25.25 -91.57
C SER M 304 7.99 25.83 -90.29
N TYR M 305 7.16 25.92 -89.26
CA TYR M 305 7.54 26.36 -87.93
C TYR M 305 7.12 25.26 -86.96
N ARG M 306 7.99 24.28 -86.73
CA ARG M 306 7.65 23.13 -85.90
C ARG M 306 7.44 23.59 -84.46
N TYR M 307 6.18 23.61 -84.02
CA TYR M 307 5.81 24.08 -82.70
C TYR M 307 5.11 22.97 -81.93
N MET M 308 5.21 23.06 -80.61
CA MET M 308 4.60 22.10 -79.69
C MET M 308 5.03 20.66 -80.01
N VAL M 318 1.04 19.54 -79.98
CA VAL M 318 2.15 18.69 -80.37
C VAL M 318 2.08 18.38 -81.87
N VAL M 319 1.62 19.37 -82.63
CA VAL M 319 1.43 19.23 -84.07
C VAL M 319 2.31 20.26 -84.78
N SER M 320 2.95 19.84 -85.86
CA SER M 320 3.80 20.73 -86.64
C SER M 320 2.99 21.91 -87.18
N ALA M 321 3.71 22.95 -87.62
CA ALA M 321 3.06 24.19 -88.05
C ALA M 321 3.87 24.85 -89.15
N TYR M 322 3.23 25.80 -89.83
CA TYR M 322 3.81 26.49 -90.97
C TYR M 322 3.10 27.82 -91.19
N SER M 323 3.73 28.69 -91.99
CA SER M 323 3.22 30.04 -92.19
C SER M 323 2.16 30.09 -93.28
N SER M 324 2.53 29.75 -94.52
CA SER M 324 1.62 29.84 -95.65
C SER M 324 0.77 28.58 -95.71
N LYS M 325 -0.54 28.75 -95.83
CA LYS M 325 -1.51 27.66 -95.64
C LYS M 325 -2.48 27.58 -96.81
N LYS M 326 -1.96 27.60 -98.04
CA LYS M 326 -2.82 27.39 -99.20
C LYS M 326 -1.98 26.95 -100.38
N LYS M 327 -2.52 26.02 -101.16
CA LYS M 327 -1.96 25.67 -102.47
C LYS M 327 -2.44 26.74 -103.44
N ASP M 328 -1.61 27.75 -103.64
CA ASP M 328 -2.00 28.97 -104.35
C ASP M 328 -2.52 28.69 -105.74
N GLY M 329 -3.82 28.91 -105.96
CA GLY M 329 -4.39 28.69 -107.29
C GLY M 329 -3.85 29.66 -108.31
N TRP M 330 -3.83 30.96 -107.97
CA TRP M 330 -3.27 31.98 -108.85
C TRP M 330 -2.82 33.16 -107.99
N GLY M 331 -1.53 33.19 -107.66
CA GLY M 331 -0.90 34.36 -107.08
C GLY M 331 -1.51 34.92 -105.81
N TYR M 332 -1.80 34.06 -104.83
CA TYR M 332 -2.27 34.52 -103.53
C TYR M 332 -1.73 33.59 -102.46
N VAL M 333 -1.07 34.17 -101.46
CA VAL M 333 -0.42 33.42 -100.38
C VAL M 333 -0.98 33.91 -99.06
N ARG M 334 -1.33 32.99 -98.18
CA ARG M 334 -1.97 33.29 -96.90
C ARG M 334 -0.91 33.27 -95.80
N HIS M 335 -0.39 34.45 -95.47
CA HIS M 335 0.58 34.56 -94.39
C HIS M 335 -0.12 34.72 -93.05
N HIS M 336 0.57 34.30 -91.99
CA HIS M 336 0.09 34.53 -90.63
C HIS M 336 0.57 35.89 -90.15
N ALA M 337 -0.36 36.70 -89.65
CA ALA M 337 -0.06 38.05 -89.20
C ALA M 337 -0.61 38.25 -87.78
N ALA M 338 0.02 39.17 -87.05
CA ALA M 338 -0.39 39.47 -85.70
C ALA M 338 -0.08 40.93 -85.39
N ARG M 339 -1.06 41.64 -84.82
CA ARG M 339 -0.88 43.03 -84.39
C ARG M 339 -0.44 42.99 -82.94
N LEU M 340 0.87 42.94 -82.73
CA LEU M 340 1.41 42.89 -81.38
C LEU M 340 1.14 44.21 -80.67
N ARG M 341 0.50 44.12 -79.50
CA ARG M 341 0.11 45.30 -78.72
C ARG M 341 0.56 45.11 -77.28
N PHE M 342 0.91 46.21 -76.63
CA PHE M 342 1.47 46.20 -75.29
C PHE M 342 0.54 46.94 -74.34
N GLU M 343 0.23 46.31 -73.21
CA GLU M 343 -0.62 46.90 -72.19
C GLU M 343 0.13 46.92 -70.86
N ARG M 344 0.02 48.03 -70.14
CA ARG M 344 0.76 48.23 -68.90
C ARG M 344 -0.17 48.00 -67.71
N LEU M 345 -0.16 46.78 -67.19
CA LEU M 345 -0.73 46.55 -65.87
C LEU M 345 0.13 47.21 -64.81
N ALA M 346 -0.51 47.67 -63.74
CA ALA M 346 0.21 48.37 -62.69
C ALA M 346 1.23 47.48 -61.99
N ASP M 347 1.10 46.16 -62.14
CA ASP M 347 2.03 45.23 -61.50
C ASP M 347 3.15 44.79 -62.43
N GLU M 348 2.88 44.63 -63.71
CA GLU M 348 3.89 44.09 -64.63
C GLU M 348 3.55 44.52 -66.06
N TRP M 349 4.55 44.37 -66.93
CA TRP M 349 4.42 44.67 -68.35
C TRP M 349 3.98 43.44 -69.12
N PHE M 350 2.99 43.63 -69.98
CA PHE M 350 2.37 42.54 -70.73
C PHE M 350 2.19 42.94 -72.18
N LEU M 351 2.12 41.93 -73.05
CA LEU M 351 1.83 42.14 -74.47
C LEU M 351 0.71 41.21 -74.91
N VAL M 352 -0.22 41.74 -75.69
CA VAL M 352 -1.32 40.97 -76.24
C VAL M 352 -1.06 40.76 -77.72
N ILE M 353 -1.48 39.63 -78.25
CA ILE M 353 -1.34 39.33 -79.66
C ILE M 353 -2.71 39.40 -80.33
N ASP M 354 -2.70 39.65 -81.64
CA ASP M 354 -3.93 39.81 -82.42
C ASP M 354 -3.91 38.80 -83.56
N PRO M 355 -4.51 37.62 -83.36
CA PRO M 355 -4.58 36.63 -84.45
C PRO M 355 -5.19 37.20 -85.72
N ASP M 356 -4.39 37.30 -86.78
CA ASP M 356 -4.81 37.93 -88.02
C ASP M 356 -4.15 37.21 -89.18
N PHE M 357 -4.39 37.71 -90.39
CA PHE M 357 -3.83 37.12 -91.60
C PHE M 357 -3.34 38.23 -92.51
N HIS M 358 -2.35 37.88 -93.34
CA HIS M 358 -1.86 38.76 -94.40
C HIS M 358 -1.81 37.98 -95.70
N PHE M 359 -2.26 38.61 -96.78
CA PHE M 359 -2.33 37.97 -98.08
C PHE M 359 -1.26 38.56 -99.00
N THR M 360 -0.43 37.69 -99.57
CA THR M 360 0.62 38.06 -100.52
C THR M 360 0.42 37.29 -101.81
N THR M 361 1.10 37.74 -102.86
CA THR M 361 1.02 37.11 -104.18
C THR M 361 2.06 36.01 -104.34
N ASP M 362 3.34 36.36 -104.20
CA ASP M 362 4.44 35.40 -104.27
C ASP M 362 5.01 35.08 -102.90
N GLY M 363 4.34 35.51 -101.83
CA GLY M 363 4.88 35.40 -100.49
C GLY M 363 5.60 36.64 -100.00
N PHE M 364 5.95 37.56 -100.91
CA PHE M 364 6.59 38.81 -100.55
C PHE M 364 5.78 40.02 -100.97
N GLN M 365 5.31 40.06 -102.21
CA GLN M 365 4.49 41.17 -102.68
C GLN M 365 3.08 41.05 -102.11
N PRO M 366 2.56 42.09 -101.46
CA PRO M 366 1.22 41.99 -100.88
C PRO M 366 0.16 41.73 -101.93
N HIS M 367 -0.84 40.92 -101.56
CA HIS M 367 -1.92 40.54 -102.47
C HIS M 367 -3.05 41.55 -102.35
N ARG M 368 -3.41 42.18 -103.47
CA ARG M 368 -4.51 43.13 -103.47
C ARG M 368 -5.84 42.40 -103.29
N TYR M 369 -6.92 43.18 -103.33
CA TYR M 369 -8.27 42.75 -103.04
C TYR M 369 -8.35 41.56 -102.06
N PRO M 370 -7.74 41.68 -100.88
CA PRO M 370 -7.69 40.55 -99.94
C PRO M 370 -8.95 40.34 -99.14
N GLU M 371 -9.92 41.26 -99.23
CA GLU M 371 -11.13 41.15 -98.42
C GLU M 371 -11.92 39.88 -98.75
N ALA M 372 -12.04 39.55 -100.04
CA ALA M 372 -12.80 38.37 -100.44
C ALA M 372 -12.15 37.09 -99.90
N LEU M 373 -10.83 36.99 -100.01
CA LEU M 373 -10.14 35.81 -99.48
C LEU M 373 -10.09 35.85 -97.95
N LEU M 374 -9.95 37.05 -97.37
CA LEU M 374 -10.03 37.17 -95.92
C LEU M 374 -11.42 36.78 -95.43
N ALA M 375 -12.47 37.23 -96.12
CA ALA M 375 -13.83 36.89 -95.70
C ALA M 375 -14.07 35.40 -95.73
N GLY M 376 -13.59 34.72 -96.79
CA GLY M 376 -13.78 33.29 -96.88
C GLY M 376 -13.08 32.53 -95.76
N LYS M 377 -11.86 32.94 -95.43
CA LYS M 377 -11.11 32.27 -94.37
C LYS M 377 -11.68 32.59 -93.00
N LYS M 378 -11.96 33.87 -92.74
CA LYS M 378 -12.44 34.28 -91.42
C LYS M 378 -13.82 33.72 -91.14
N ARG M 379 -14.69 33.65 -92.15
CA ARG M 379 -16.05 33.18 -91.95
C ARG M 379 -16.12 31.74 -91.49
N LEU M 380 -15.09 30.94 -91.77
CA LEU M 380 -15.07 29.53 -91.37
C LEU M 380 -14.24 29.28 -90.12
N GLU M 381 -13.46 30.26 -89.66
CA GLU M 381 -12.65 30.07 -88.47
C GLU M 381 -13.53 29.92 -87.23
N ARG M 382 -13.12 29.01 -86.35
CA ARG M 382 -13.87 28.71 -85.15
C ARG M 382 -12.93 28.90 -83.95
N ASN M 383 -13.39 28.47 -82.77
CA ASN M 383 -12.60 28.66 -81.56
C ASN M 383 -11.26 27.94 -81.65
N ALA M 384 -11.26 26.70 -82.14
CA ALA M 384 -10.03 25.94 -82.25
C ALA M 384 -9.04 26.60 -83.21
N ALA M 385 -9.54 27.11 -84.33
CA ALA M 385 -8.67 27.75 -85.32
C ALA M 385 -8.00 28.99 -84.73
N VAL M 386 -8.78 29.83 -84.04
CA VAL M 386 -8.21 31.02 -83.41
C VAL M 386 -7.32 30.62 -82.23
N ARG M 387 -7.72 29.60 -81.47
CA ARG M 387 -6.86 29.12 -80.39
C ARG M 387 -5.58 28.50 -80.94
N GLY M 388 -5.66 27.89 -82.12
CA GLY M 388 -4.45 27.43 -82.77
C GLY M 388 -3.52 28.56 -83.13
N GLN M 389 -4.08 29.69 -83.58
CA GLN M 389 -3.26 30.82 -83.99
C GLN M 389 -2.59 31.49 -82.80
N VAL M 390 -3.31 31.65 -81.69
CA VAL M 390 -2.69 32.28 -80.52
C VAL M 390 -1.60 31.37 -79.94
N THR M 391 -1.86 30.06 -79.86
CA THR M 391 -0.82 29.13 -79.45
C THR M 391 0.30 29.07 -80.48
N MET M 392 -0.02 29.36 -81.76
CA MET M 392 1.01 29.44 -82.78
C MET M 392 2.04 30.52 -82.45
N TRP M 393 1.57 31.73 -82.16
CA TRP M 393 2.48 32.83 -81.88
C TRP M 393 3.07 32.71 -80.48
N GLN M 394 2.30 32.14 -79.54
CA GLN M 394 2.80 31.97 -78.18
C GLN M 394 4.04 31.10 -78.16
N HIS M 395 4.06 30.04 -78.97
CA HIS M 395 5.24 29.19 -79.05
C HIS M 395 6.44 29.94 -79.61
N LEU M 396 6.23 30.76 -80.65
CA LEU M 396 7.32 31.53 -81.22
C LEU M 396 7.87 32.54 -80.22
N LEU M 397 6.98 33.28 -79.57
CA LEU M 397 7.42 34.31 -78.63
C LEU M 397 8.17 33.71 -77.45
N VAL M 398 7.71 32.56 -76.95
CA VAL M 398 8.42 31.89 -75.87
C VAL M 398 9.76 31.36 -76.37
N GLU M 399 9.79 30.78 -77.58
CA GLU M 399 11.06 30.32 -78.15
C GLU M 399 12.01 31.48 -78.37
N SER M 400 11.50 32.61 -78.87
CA SER M 400 12.35 33.77 -79.06
C SER M 400 12.87 34.29 -77.72
N GLY M 401 12.03 34.25 -76.69
CA GLY M 401 12.44 34.76 -75.39
C GLY M 401 13.55 33.94 -74.75
N LYS M 402 13.46 32.61 -74.88
CA LYS M 402 14.44 31.74 -74.24
C LYS M 402 15.82 31.83 -74.88
N HIS M 403 15.95 32.49 -76.03
CA HIS M 403 17.21 32.58 -76.75
C HIS M 403 17.94 33.89 -76.50
N LEU M 416 17.31 38.58 -75.75
CA LEU M 416 16.81 39.62 -74.87
C LEU M 416 15.28 39.65 -74.85
N LEU M 417 14.75 40.20 -73.76
CA LEU M 417 13.31 40.43 -73.57
C LEU M 417 12.52 39.13 -73.66
N GLN M 418 12.81 38.23 -72.73
CA GLN M 418 12.12 36.95 -72.68
C GLN M 418 10.66 37.13 -72.32
N PHE M 419 9.80 36.31 -72.92
CA PHE M 419 8.38 36.33 -72.67
C PHE M 419 7.96 35.04 -71.97
N GLU M 420 7.16 35.17 -70.93
CA GLU M 420 6.74 34.06 -70.10
C GLU M 420 5.26 33.77 -70.29
N ARG M 421 4.89 32.50 -70.20
CA ARG M 421 3.50 32.10 -70.32
C ARG M 421 2.70 32.62 -69.13
N LEU M 422 1.37 32.60 -69.29
CA LEU M 422 0.47 32.93 -68.20
C LEU M 422 -0.20 31.66 -67.68
N PRO M 423 -0.42 31.55 -66.37
CA PRO M 423 -1.09 30.37 -65.83
C PRO M 423 -2.49 30.21 -66.41
N VAL M 424 -3.00 28.98 -66.32
CA VAL M 424 -4.30 28.67 -66.91
C VAL M 424 -5.39 29.50 -66.23
N ILE M 425 -6.18 30.19 -67.03
CA ILE M 425 -7.27 31.01 -66.50
C ILE M 425 -8.38 30.07 -66.04
N GLN M 426 -8.74 30.16 -64.76
CA GLN M 426 -9.67 29.22 -64.17
C GLN M 426 -11.11 29.62 -64.48
N LEU M 427 -11.95 28.61 -64.68
CA LEU M 427 -13.38 28.80 -64.91
C LEU M 427 -14.16 27.83 -64.05
N SER M 428 -15.42 28.19 -63.75
CA SER M 428 -16.26 27.39 -62.89
C SER M 428 -17.39 26.68 -63.63
N GLN M 429 -17.68 27.06 -64.87
CA GLN M 429 -18.73 26.43 -65.66
C GLN M 429 -18.13 25.79 -66.90
N ALA M 430 -18.76 24.71 -67.35
CA ALA M 430 -18.30 23.93 -68.48
C ALA M 430 -19.33 23.95 -69.60
N VAL M 431 -18.88 24.29 -70.80
CA VAL M 431 -19.74 24.27 -71.99
C VAL M 431 -20.00 22.81 -72.35
N PRO M 432 -21.21 22.46 -72.82
CA PRO M 432 -21.50 21.07 -73.24
C PRO M 432 -20.98 20.73 -74.63
N GLU M 433 -19.73 21.08 -74.91
CA GLU M 433 -19.13 20.72 -76.19
C GLU M 433 -18.73 19.25 -76.20
N SER M 434 -18.29 18.72 -75.06
CA SER M 434 -17.97 17.30 -74.98
C SER M 434 -19.23 16.45 -74.93
N SER M 435 -20.24 16.89 -74.15
CA SER M 435 -21.47 16.12 -74.03
C SER M 435 -22.25 16.08 -75.33
N TRP M 436 -22.32 17.22 -76.03
CA TRP M 436 -23.02 17.31 -77.31
C TRP M 436 -22.01 17.79 -78.34
N ASN M 437 -21.88 17.02 -79.44
CA ASN M 437 -20.98 17.41 -80.52
C ASN M 437 -21.73 17.83 -81.77
N ARG M 438 -22.84 17.19 -82.07
CA ARG M 438 -23.67 17.56 -83.22
C ARG M 438 -25.12 17.17 -82.99
N PHE N 3 -5.12 35.90 -63.92
CA PHE N 3 -5.60 36.69 -62.80
C PHE N 3 -6.82 36.04 -62.14
N LYS N 4 -7.82 36.85 -61.82
CA LYS N 4 -9.05 36.37 -61.22
C LYS N 4 -10.14 36.33 -62.29
N ALA N 5 -10.71 35.14 -62.51
CA ALA N 5 -11.75 34.95 -63.51
C ALA N 5 -12.97 34.33 -62.84
N HIS N 6 -14.15 34.89 -63.10
CA HIS N 6 -15.39 34.42 -62.52
C HIS N 6 -16.47 34.40 -63.59
N VAL N 7 -17.28 33.34 -63.60
CA VAL N 7 -18.36 33.19 -64.57
C VAL N 7 -19.67 33.57 -63.89
N PHE N 8 -20.45 34.41 -64.56
CA PHE N 8 -21.71 34.90 -64.00
C PHE N 8 -22.85 33.98 -64.39
N ASP N 9 -23.81 33.84 -63.48
CA ASP N 9 -25.05 33.13 -63.78
C ASP N 9 -25.94 33.98 -64.67
N GLU N 10 -26.90 33.33 -65.31
CA GLU N 10 -27.80 34.05 -66.20
C GLU N 10 -28.70 34.99 -65.39
N PRO N 11 -28.76 36.27 -65.71
CA PRO N 11 -29.59 37.20 -64.94
C PRO N 11 -31.06 36.85 -65.06
N MET N 12 -31.79 37.18 -64.01
CA MET N 12 -33.16 36.71 -63.86
C MET N 12 -34.12 37.74 -64.47
N LEU N 13 -35.12 37.24 -65.19
CA LEU N 13 -36.11 38.08 -65.87
C LEU N 13 -37.51 37.70 -65.41
N GLU N 14 -38.31 38.71 -65.06
CA GLU N 14 -39.68 38.51 -64.64
C GLU N 14 -40.64 38.93 -65.74
N PHE N 15 -41.74 38.17 -65.88
CA PHE N 15 -42.69 38.37 -66.97
C PHE N 15 -44.10 38.61 -66.46
N GLY N 16 -44.23 39.13 -65.24
CA GLY N 16 -45.53 39.44 -64.71
C GLY N 16 -46.08 38.33 -63.83
N ASP N 17 -46.86 38.73 -62.81
CA ASP N 17 -47.45 37.82 -61.84
C ASP N 17 -46.39 36.98 -61.13
N GLY N 18 -45.17 37.51 -61.01
CA GLY N 18 -44.09 36.78 -60.39
C GLY N 18 -43.49 35.70 -61.27
N GLY N 19 -43.90 35.60 -62.53
CA GLY N 19 -43.37 34.59 -63.42
C GLY N 19 -41.99 34.95 -63.91
N GLN N 20 -40.98 34.25 -63.41
CA GLN N 20 -39.59 34.54 -63.73
C GLN N 20 -38.98 33.41 -64.54
N HIS N 21 -38.22 33.78 -65.58
CA HIS N 21 -37.55 32.82 -66.44
C HIS N 21 -36.33 33.51 -67.05
N CYS N 22 -35.49 32.73 -67.73
CA CYS N 22 -34.22 33.22 -68.23
C CYS N 22 -34.36 33.87 -69.60
N ASP N 23 -34.89 33.14 -70.57
CA ASP N 23 -35.02 33.62 -71.93
C ASP N 23 -36.40 34.20 -72.17
N PRO N 24 -36.49 35.34 -72.87
CA PRO N 24 -37.80 35.99 -73.04
C PRO N 24 -38.79 35.15 -73.83
N ARG N 25 -38.34 34.39 -74.83
CA ARG N 25 -39.25 33.62 -75.65
C ARG N 25 -40.02 32.60 -74.83
N GLN N 26 -39.32 31.89 -73.93
CA GLN N 26 -39.99 30.93 -73.07
C GLN N 26 -40.83 31.63 -72.01
N GLY N 27 -40.31 32.71 -71.43
CA GLY N 27 -41.06 33.41 -70.39
C GLY N 27 -42.32 34.07 -70.89
N LEU N 28 -42.24 34.73 -72.05
CA LEU N 28 -43.43 35.39 -72.61
C LEU N 28 -44.49 34.37 -72.98
N ARG N 29 -44.09 33.23 -73.54
CA ARG N 29 -45.04 32.19 -73.89
C ARG N 29 -45.68 31.56 -72.67
N GLU N 30 -44.96 31.50 -71.54
CA GLU N 30 -45.44 30.79 -70.36
C GLU N 30 -46.31 31.68 -69.48
N HIS N 31 -45.78 32.79 -69.00
CA HIS N 31 -46.47 33.65 -68.05
C HIS N 31 -47.08 34.90 -68.68
N GLY N 32 -46.89 35.11 -69.97
CA GLY N 32 -47.45 36.27 -70.64
C GLY N 32 -46.62 37.52 -70.41
N PRO N 33 -47.14 38.66 -70.85
CA PRO N 33 -46.38 39.91 -70.71
C PRO N 33 -46.27 40.36 -69.27
N LEU N 34 -45.22 41.14 -69.00
CA LEU N 34 -45.06 41.75 -67.68
C LEU N 34 -46.20 42.72 -67.40
N GLN N 35 -46.60 43.51 -68.40
CA GLN N 35 -47.73 44.43 -68.30
C GLN N 35 -48.84 43.91 -69.21
N PRO N 36 -49.86 43.25 -68.66
CA PRO N 36 -50.95 42.73 -69.51
C PRO N 36 -51.73 43.87 -70.15
N ARG N 37 -51.74 43.88 -71.49
CA ARG N 37 -52.47 44.89 -72.22
C ARG N 37 -53.96 44.72 -72.01
N SER N 38 -54.65 45.84 -71.82
CA SER N 38 -56.11 45.80 -71.65
C SER N 38 -56.77 45.29 -72.92
N GLY N 39 -57.79 44.45 -72.73
CA GLY N 39 -58.43 43.82 -73.87
C GLY N 39 -57.59 42.68 -74.42
N ASP N 40 -57.90 42.30 -75.67
CA ASP N 40 -57.17 41.22 -76.32
C ASP N 40 -56.87 41.52 -77.79
N VAL N 41 -57.03 42.76 -78.24
CA VAL N 41 -56.87 43.12 -79.64
C VAL N 41 -55.78 44.19 -79.75
N ILE N 42 -54.85 43.98 -80.68
CA ILE N 42 -53.86 44.98 -81.05
C ILE N 42 -54.20 45.46 -82.46
N ARG N 43 -54.50 46.75 -82.58
CA ARG N 43 -55.06 47.31 -83.80
C ARG N 43 -53.93 47.97 -84.60
N VAL N 44 -53.16 47.15 -85.31
CA VAL N 44 -52.03 47.62 -86.09
C VAL N 44 -52.52 48.26 -87.39
N GLY N 45 -51.67 49.03 -88.03
CA GLY N 45 -51.98 49.61 -89.32
C GLY N 45 -50.93 49.24 -90.34
N VAL N 46 -51.36 49.14 -91.59
CA VAL N 46 -50.50 48.69 -92.68
C VAL N 46 -50.51 49.74 -93.79
N ILE N 47 -49.32 50.07 -94.29
CA ILE N 47 -49.16 51.03 -95.38
C ILE N 47 -48.28 50.39 -96.45
N GLY N 48 -48.70 50.52 -97.70
CA GLY N 48 -47.94 50.02 -98.82
C GLY N 48 -48.87 49.53 -99.91
N THR N 49 -48.29 48.82 -100.87
CA THR N 49 -49.07 48.27 -101.98
C THR N 49 -50.01 47.18 -101.45
N ASP N 50 -51.06 46.92 -102.24
CA ASP N 50 -52.09 45.99 -101.80
C ASP N 50 -51.52 44.59 -101.57
N ASP N 51 -50.64 44.13 -102.47
CA ASP N 51 -50.03 42.82 -102.29
C ASP N 51 -49.17 42.78 -101.02
N THR N 52 -48.41 43.84 -100.78
CA THR N 52 -47.67 43.94 -99.52
C THR N 52 -48.61 44.11 -98.34
N VAL N 53 -49.67 44.89 -98.51
CA VAL N 53 -50.68 45.04 -97.45
C VAL N 53 -51.33 43.70 -97.18
N ALA N 54 -51.79 43.01 -98.23
CA ALA N 54 -52.39 41.70 -98.06
C ALA N 54 -51.36 40.67 -97.62
N GLY N 55 -50.11 40.83 -98.05
CA GLY N 55 -49.08 39.88 -97.64
C GLY N 55 -48.82 39.88 -96.15
N PHE N 56 -48.83 41.06 -95.53
CA PHE N 56 -48.63 41.12 -94.09
C PHE N 56 -49.87 40.66 -93.32
N THR N 57 -51.06 41.03 -93.79
CA THR N 57 -52.28 40.71 -93.07
C THR N 57 -52.48 39.20 -92.96
N GLU N 58 -52.23 38.46 -94.05
CA GLU N 58 -52.32 37.01 -93.98
C GLU N 58 -51.26 36.44 -93.05
N PHE N 59 -50.06 37.03 -93.05
CA PHE N 59 -49.03 36.63 -92.10
C PHE N 59 -49.47 36.90 -90.67
N LEU N 60 -50.10 38.05 -90.44
CA LEU N 60 -50.60 38.36 -89.10
C LEU N 60 -51.67 37.37 -88.66
N ALA N 61 -52.55 36.98 -89.58
CA ALA N 61 -53.62 36.04 -89.23
C ALA N 61 -53.07 34.66 -88.91
N GLU N 62 -52.13 34.16 -89.72
CA GLU N 62 -51.61 32.82 -89.51
C GLU N 62 -50.74 32.72 -88.26
N THR N 63 -50.21 33.84 -87.77
CA THR N 63 -49.47 33.82 -86.52
C THR N 63 -50.37 33.51 -85.33
N GLY N 64 -51.69 33.66 -85.47
CA GLY N 64 -52.62 33.30 -84.43
C GLY N 64 -52.92 31.83 -84.32
N ARG N 65 -52.44 31.02 -85.26
CA ARG N 65 -52.63 29.58 -85.23
C ARG N 65 -51.36 28.83 -84.88
N GLY N 66 -50.25 29.13 -85.54
CA GLY N 66 -49.00 28.48 -85.23
C GLY N 66 -47.99 28.42 -86.37
N ILE N 67 -46.73 28.68 -86.06
CA ILE N 67 -45.63 28.56 -87.01
C ILE N 67 -44.62 27.60 -86.43
N GLU N 68 -44.26 26.57 -87.21
CA GLU N 68 -43.32 25.57 -86.72
C GLU N 68 -41.90 26.10 -86.79
N SER N 69 -41.01 25.44 -86.03
CA SER N 69 -39.63 25.87 -85.95
C SER N 69 -38.91 25.67 -87.28
N GLY N 70 -38.03 26.61 -87.62
CA GLY N 70 -37.20 26.44 -88.80
C GLY N 70 -36.22 25.28 -88.66
N ASN N 71 -35.60 25.17 -87.49
CA ASN N 71 -34.72 24.04 -87.16
C ASN N 71 -35.27 23.36 -85.92
N LYS N 72 -35.64 22.08 -86.05
CA LYS N 72 -36.21 21.34 -84.93
C LYS N 72 -35.17 20.93 -83.92
N GLN N 73 -33.90 20.80 -84.33
CA GLN N 73 -32.87 20.31 -83.42
C GLN N 73 -32.68 21.23 -82.23
N LEU N 74 -32.51 22.53 -82.49
CA LEU N 74 -32.34 23.51 -81.42
C LEU N 74 -33.67 24.23 -81.18
N ILE N 75 -34.55 23.52 -80.47
CA ILE N 75 -35.91 24.02 -80.27
C ILE N 75 -35.90 25.24 -79.34
N ASN N 76 -35.03 25.24 -78.33
CA ASN N 76 -34.97 26.38 -77.42
C ASN N 76 -34.48 27.64 -78.14
N LEU N 77 -33.49 27.50 -79.01
CA LEU N 77 -32.99 28.66 -79.77
C LEU N 77 -33.98 29.09 -80.85
N ASN N 78 -34.63 28.14 -81.50
CA ASN N 78 -35.60 28.44 -82.56
C ASN N 78 -36.90 27.70 -82.23
N PRO N 79 -37.76 28.30 -81.40
CA PRO N 79 -38.99 27.62 -81.02
C PRO N 79 -40.13 27.87 -81.99
N ASP N 80 -41.30 27.30 -81.68
CA ASP N 80 -42.50 27.48 -82.48
C ASP N 80 -43.36 28.57 -81.86
N PHE N 81 -44.00 29.36 -82.71
CA PHE N 81 -44.93 30.38 -82.24
C PHE N 81 -46.28 29.75 -82.01
N PRO N 82 -46.68 29.53 -80.75
CA PRO N 82 -47.89 28.75 -80.47
C PRO N 82 -49.16 29.36 -81.04
N GLY N 83 -49.26 30.68 -81.10
CA GLY N 83 -50.49 31.32 -81.54
C GLY N 83 -51.50 31.45 -80.42
N LEU N 84 -52.73 31.80 -80.82
CA LEU N 84 -53.82 32.01 -79.87
C LEU N 84 -54.11 30.74 -79.08
N GLY N 85 -53.99 30.82 -77.76
CA GLY N 85 -54.27 29.67 -76.92
C GLY N 85 -53.69 29.88 -75.54
N ASN N 86 -53.60 28.78 -74.79
CA ASN N 86 -53.01 28.82 -73.46
C ASN N 86 -51.53 29.20 -73.50
N GLN N 87 -50.85 28.90 -74.59
CA GLN N 87 -49.44 29.25 -74.77
C GLN N 87 -49.27 30.51 -75.61
N ASN N 88 -50.19 31.45 -75.47
CA ASN N 88 -50.10 32.72 -76.19
C ASN N 88 -48.88 33.48 -75.72
N PRO N 89 -47.94 33.83 -76.61
CA PRO N 89 -46.72 34.49 -76.15
C PRO N 89 -46.90 35.97 -75.86
N PHE N 90 -48.07 36.53 -76.11
CA PHE N 90 -48.39 37.89 -75.73
C PHE N 90 -49.73 38.03 -75.05
N ARG N 91 -50.48 36.94 -74.91
CA ARG N 91 -51.82 36.97 -74.33
C ARG N 91 -52.69 38.01 -75.02
N CYS N 92 -52.46 38.16 -76.33
CA CYS N 92 -53.16 39.17 -77.12
C CYS N 92 -53.22 38.68 -78.56
N LYS N 93 -54.14 39.26 -79.32
CA LYS N 93 -54.45 38.81 -80.67
C LYS N 93 -54.34 39.97 -81.66
N PHE N 94 -53.60 39.73 -82.74
CA PHE N 94 -53.24 40.77 -83.70
C PHE N 94 -54.18 40.78 -84.90
N GLU N 95 -54.59 41.97 -85.32
CA GLU N 95 -55.43 42.12 -86.51
C GLU N 95 -55.33 43.54 -87.04
N VAL N 96 -55.70 43.71 -88.29
CA VAL N 96 -55.78 45.02 -88.94
C VAL N 96 -57.26 45.37 -89.07
N PRO N 97 -57.77 46.32 -88.30
CA PRO N 97 -59.21 46.66 -88.39
C PRO N 97 -59.54 47.31 -89.72
N ASP N 98 -60.81 47.17 -90.10
CA ASP N 98 -61.29 47.76 -91.35
C ASP N 98 -61.16 49.28 -91.30
N GLY N 99 -60.71 49.86 -92.40
CA GLY N 99 -60.47 51.28 -92.47
C GLY N 99 -59.12 51.73 -91.93
N ALA N 100 -58.30 50.81 -91.43
CA ALA N 100 -56.99 51.14 -90.88
C ALA N 100 -55.86 50.78 -91.84
N THR N 101 -56.09 50.96 -93.14
CA THR N 101 -55.08 50.66 -94.14
C THR N 101 -55.18 51.68 -95.27
N VAL N 102 -54.04 52.27 -95.61
CA VAL N 102 -53.93 53.18 -96.75
C VAL N 102 -53.01 52.53 -97.77
N THR N 103 -53.55 52.29 -98.97
CA THR N 103 -52.80 51.62 -100.02
C THR N 103 -52.08 52.67 -100.85
N ILE N 104 -50.75 52.52 -100.97
CA ILE N 104 -49.99 53.45 -101.79
C ILE N 104 -50.38 53.26 -103.26
N SER N 105 -50.50 54.38 -103.98
CA SER N 105 -50.97 54.33 -105.34
C SER N 105 -49.95 53.67 -106.25
N ARG N 106 -50.44 52.84 -107.18
CA ARG N 106 -49.55 52.24 -108.17
C ARG N 106 -48.87 53.30 -109.03
N ARG N 107 -49.57 54.41 -109.28
CA ARG N 107 -48.95 55.54 -109.95
C ARG N 107 -47.84 56.13 -109.09
N GLN N 108 -48.07 56.23 -107.78
CA GLN N 108 -47.07 56.81 -106.88
C GLN N 108 -45.79 55.99 -106.85
N VAL N 109 -45.92 54.66 -106.83
CA VAL N 109 -44.73 53.80 -106.83
C VAL N 109 -43.94 53.99 -108.11
N ASN N 110 -44.63 54.08 -109.24
CA ASN N 110 -43.94 54.40 -110.50
C ASN N 110 -43.46 55.85 -110.50
N ASP N 111 -44.13 56.73 -109.78
CA ASP N 111 -43.70 58.13 -109.72
C ASP N 111 -42.40 58.26 -108.95
N ILE N 112 -42.32 57.64 -107.76
CA ILE N 112 -41.11 57.75 -106.96
C ILE N 112 -39.96 57.02 -107.63
N THR N 113 -40.25 55.91 -108.31
CA THR N 113 -39.21 55.22 -109.08
C THR N 113 -38.70 56.10 -110.22
N GLY N 114 -39.54 57.00 -110.73
CA GLY N 114 -39.16 57.85 -111.84
C GLY N 114 -38.27 59.02 -111.47
N ILE N 115 -38.14 59.34 -110.19
CA ILE N 115 -37.26 60.42 -109.78
C ILE N 115 -35.81 60.04 -110.08
N GLY N 116 -35.07 60.98 -110.67
CA GLY N 116 -33.72 60.72 -111.10
C GLY N 116 -32.74 60.53 -109.95
N ARG N 117 -32.50 61.58 -109.18
CA ARG N 117 -31.52 61.50 -108.10
C ARG N 117 -32.03 60.59 -106.99
N HIS N 118 -31.12 59.77 -106.45
CA HIS N 118 -31.48 58.85 -105.39
C HIS N 118 -31.80 59.59 -104.09
N ASP N 119 -30.94 60.54 -103.71
CA ASP N 119 -31.13 61.25 -102.46
C ASP N 119 -32.40 62.09 -102.47
N GLU N 120 -32.67 62.78 -103.58
CA GLU N 120 -33.90 63.55 -103.67
C GLU N 120 -35.12 62.65 -103.74
N ALA N 121 -34.98 61.45 -104.30
CA ALA N 121 -36.09 60.49 -104.28
C ALA N 121 -36.44 60.10 -102.86
N VAL N 122 -35.42 59.85 -102.04
CA VAL N 122 -35.66 59.51 -100.63
C VAL N 122 -36.37 60.65 -99.91
N ARG N 123 -35.89 61.87 -100.13
CA ARG N 123 -36.54 63.04 -99.52
C ARG N 123 -37.96 63.21 -100.04
N HIS N 124 -38.17 63.02 -101.34
CA HIS N 124 -39.52 63.07 -101.89
C HIS N 124 -40.38 61.94 -101.35
N ALA N 125 -39.81 60.74 -101.25
CA ALA N 125 -40.57 59.60 -100.72
C ALA N 125 -40.98 59.83 -99.27
N VAL N 126 -40.05 60.34 -98.46
CA VAL N 126 -40.37 60.63 -97.05
C VAL N 126 -41.44 61.70 -96.96
N GLU N 127 -41.32 62.75 -97.78
CA GLU N 127 -42.35 63.79 -97.80
C GLU N 127 -43.69 63.22 -98.25
N LEU N 128 -43.67 62.25 -99.15
CA LEU N 128 -44.91 61.66 -99.65
C LEU N 128 -45.51 60.68 -98.64
N ILE N 129 -44.69 59.77 -98.12
CA ILE N 129 -45.21 58.73 -97.22
C ILE N 129 -45.72 59.33 -95.93
N SER N 130 -45.16 60.48 -95.51
CA SER N 130 -45.64 61.13 -94.29
C SER N 130 -47.08 61.62 -94.46
N SER N 131 -47.46 62.01 -95.68
CA SER N 131 -48.84 62.43 -95.91
C SER N 131 -49.82 61.28 -95.71
N GLN N 132 -49.46 60.08 -96.16
CA GLN N 132 -50.33 58.92 -95.95
C GLN N 132 -50.43 58.60 -94.47
N LEU N 133 -49.33 58.74 -93.72
CA LEU N 133 -49.36 58.48 -92.29
C LEU N 133 -50.29 59.45 -91.58
N SER N 134 -50.27 60.72 -91.98
CA SER N 134 -51.14 61.71 -91.34
C SER N 134 -52.62 61.37 -91.56
N ALA N 135 -52.97 60.90 -92.75
CA ALA N 135 -54.36 60.55 -93.02
C ALA N 135 -54.82 59.39 -92.14
N LEU N 136 -53.96 58.39 -91.93
CA LEU N 136 -54.35 57.22 -91.16
C LEU N 136 -54.65 57.58 -89.71
N VAL N 137 -53.77 58.34 -89.06
CA VAL N 137 -53.97 58.67 -87.66
C VAL N 137 -55.13 59.63 -87.48
N GLU N 138 -55.20 60.67 -88.34
CA GLU N 138 -56.24 61.69 -88.19
C GLU N 138 -57.63 61.16 -88.52
N GLY N 139 -57.75 60.00 -89.14
CA GLY N 139 -59.03 59.41 -89.44
C GLY N 139 -59.59 58.65 -88.26
N SER N 140 -60.68 57.92 -88.51
CA SER N 140 -61.34 57.11 -87.50
C SER N 140 -60.75 55.72 -87.38
N ALA N 141 -59.65 55.44 -88.09
CA ALA N 141 -59.04 54.11 -88.03
C ALA N 141 -58.53 53.80 -86.63
N LYS N 142 -57.85 54.77 -86.01
CA LYS N 142 -57.26 54.67 -84.67
C LYS N 142 -56.36 53.42 -84.66
N PRO N 143 -55.16 53.52 -85.22
CA PRO N 143 -54.19 52.43 -85.10
C PRO N 143 -53.23 52.65 -83.93
N ASP N 144 -52.60 51.55 -83.52
CA ASP N 144 -51.59 51.64 -82.46
C ASP N 144 -50.18 51.72 -83.04
N VAL N 145 -49.80 50.74 -83.85
CA VAL N 145 -48.48 50.70 -84.48
C VAL N 145 -48.68 50.58 -85.99
N ILE N 146 -47.96 51.40 -86.75
CA ILE N 146 -48.06 51.40 -88.20
C ILE N 146 -47.01 50.45 -88.75
N VAL N 147 -47.45 49.49 -89.57
CA VAL N 147 -46.55 48.54 -90.19
C VAL N 147 -46.38 48.92 -91.67
N LEU N 148 -45.35 49.71 -91.95
CA LEU N 148 -45.09 50.19 -93.31
C LEU N 148 -44.40 49.11 -94.10
N ALA N 149 -45.19 48.32 -94.84
CA ALA N 149 -44.65 47.21 -95.64
C ALA N 149 -44.14 47.78 -96.96
N LEU N 150 -42.83 47.98 -97.04
CA LEU N 150 -42.24 48.51 -98.27
C LEU N 150 -42.30 47.47 -99.37
N PRO N 151 -42.83 47.81 -100.54
CA PRO N 151 -42.81 46.88 -101.67
C PRO N 151 -41.40 46.70 -102.21
N ILE N 152 -41.22 45.58 -102.94
CA ILE N 152 -39.90 45.27 -103.49
C ILE N 152 -39.39 46.37 -104.42
N PRO N 153 -40.18 46.91 -105.36
CA PRO N 153 -39.65 48.01 -106.19
C PRO N 153 -39.21 49.23 -105.37
N LEU N 154 -39.93 49.55 -104.30
CA LEU N 154 -39.55 50.70 -103.48
C LEU N 154 -38.20 50.48 -102.80
N ILE N 155 -37.94 49.25 -102.34
CA ILE N 155 -36.69 48.96 -101.66
C ILE N 155 -35.51 49.19 -102.61
N GLU N 156 -35.64 48.76 -103.86
CA GLU N 156 -34.56 48.91 -104.83
C GLU N 156 -34.26 50.39 -105.08
N LYS N 157 -35.31 51.21 -105.21
CA LYS N 157 -35.09 52.62 -105.55
C LYS N 157 -34.61 53.42 -104.35
N LEU N 158 -35.05 53.08 -103.14
CA LEU N 158 -34.70 53.87 -101.95
C LEU N 158 -33.45 53.33 -101.25
N VAL N 159 -33.50 52.07 -100.82
CA VAL N 159 -32.37 51.50 -100.09
C VAL N 159 -31.15 51.39 -100.98
N ASN N 160 -31.33 50.92 -102.21
CA ASN N 160 -30.23 50.77 -103.15
C ASN N 160 -30.10 52.00 -104.04
N ALA N 161 -28.88 52.31 -104.42
CA ALA N 161 -28.61 53.46 -105.28
C ALA N 161 -28.96 53.16 -106.72
N ASP N 176 -23.21 60.84 -97.15
CA ASP N 176 -23.13 60.66 -98.61
C ASP N 176 -24.51 60.43 -99.21
N MET N 177 -25.20 59.40 -98.74
CA MET N 177 -26.56 59.09 -99.19
C MET N 177 -27.47 59.06 -97.98
N LEU N 178 -28.56 59.83 -98.04
CA LEU N 178 -29.48 59.91 -96.92
C LEU N 178 -30.22 58.59 -96.74
N ASN N 179 -30.23 58.10 -95.50
CA ASN N 179 -30.95 56.87 -95.20
C ASN N 179 -32.46 57.13 -95.22
N PHE N 180 -33.20 56.22 -95.88
CA PHE N 180 -34.64 56.41 -95.99
C PHE N 180 -35.34 56.26 -94.66
N ARG N 181 -35.03 55.18 -93.93
CA ARG N 181 -35.66 54.95 -92.63
C ARG N 181 -35.31 56.07 -91.65
N ASP N 182 -34.05 56.48 -91.62
CA ASP N 182 -33.62 57.51 -90.68
C ASP N 182 -34.32 58.84 -90.98
N LEU N 183 -34.47 59.19 -92.25
CA LEU N 183 -35.26 60.35 -92.61
C LEU N 183 -36.72 60.17 -92.24
N LEU N 184 -37.25 58.96 -92.45
CA LEU N 184 -38.67 58.70 -92.20
C LEU N 184 -39.00 58.86 -90.73
N LYS N 185 -38.19 58.26 -89.85
CA LYS N 185 -38.47 58.35 -88.42
C LYS N 185 -38.34 59.77 -87.92
N ALA N 186 -37.33 60.51 -88.40
CA ALA N 186 -37.15 61.90 -87.99
C ALA N 186 -38.28 62.80 -88.47
N LYS N 187 -38.99 62.41 -89.52
CA LYS N 187 -40.10 63.20 -90.04
C LYS N 187 -41.45 62.69 -89.59
N THR N 188 -41.48 61.69 -88.69
CA THR N 188 -42.73 61.18 -88.14
C THR N 188 -42.74 61.21 -86.62
N LEU N 189 -41.86 62.00 -86.02
CA LEU N 189 -41.78 62.06 -84.56
C LEU N 189 -43.02 62.71 -83.96
N HIS N 190 -43.56 63.74 -84.63
CA HIS N 190 -44.76 64.39 -84.14
C HIS N 190 -46.01 63.52 -84.30
N LEU N 191 -45.93 62.43 -85.06
CA LEU N 191 -47.07 61.54 -85.20
C LEU N 191 -47.30 60.78 -83.89
N PRO N 192 -48.56 60.52 -83.53
CA PRO N 192 -48.86 59.89 -82.25
C PRO N 192 -48.62 58.39 -82.19
N VAL N 193 -48.20 57.76 -83.28
CA VAL N 193 -48.07 56.31 -83.29
C VAL N 193 -46.70 55.89 -83.82
N PRO N 194 -46.10 54.84 -83.26
CA PRO N 194 -44.83 54.34 -83.80
C PRO N 194 -45.01 53.70 -85.17
N THR N 195 -43.93 53.71 -85.94
CA THR N 195 -43.91 53.13 -87.28
C THR N 195 -42.87 52.02 -87.32
N GLN N 196 -43.31 50.82 -87.68
CA GLN N 196 -42.44 49.66 -87.83
C GLN N 196 -42.45 49.24 -89.29
N ILE N 197 -41.35 49.53 -90.00
CA ILE N 197 -41.23 49.18 -91.41
C ILE N 197 -40.82 47.73 -91.53
N VAL N 198 -41.51 46.98 -92.39
CA VAL N 198 -41.27 45.55 -92.56
C VAL N 198 -41.05 45.28 -94.04
N TRP N 199 -40.34 44.18 -94.33
CA TRP N 199 -39.99 43.86 -95.70
C TRP N 199 -40.63 42.53 -96.12
N PRO N 200 -40.86 42.34 -97.42
CA PRO N 200 -41.52 41.11 -97.87
C PRO N 200 -40.77 39.83 -97.55
N ASP N 201 -39.45 39.90 -97.32
CA ASP N 201 -38.69 38.69 -97.03
C ASP N 201 -39.14 38.05 -95.71
N THR N 202 -39.80 38.82 -94.84
CA THR N 202 -40.22 38.27 -93.56
C THR N 202 -41.56 37.54 -93.66
N TRP N 203 -42.60 38.22 -94.13
CA TRP N 203 -43.92 37.59 -94.14
C TRP N 203 -44.05 36.54 -95.24
N ASP N 204 -43.27 36.65 -96.31
CA ASP N 204 -43.22 35.63 -97.36
C ASP N 204 -41.75 35.31 -97.63
N ASP N 205 -41.28 34.18 -97.08
CA ASP N 205 -39.90 33.78 -97.28
C ASP N 205 -39.60 33.48 -98.75
N ALA N 206 -40.62 33.07 -99.50
CA ALA N 206 -40.42 32.79 -100.92
C ALA N 206 -40.03 34.06 -101.67
N ALA N 207 -40.65 35.19 -101.35
CA ALA N 207 -40.30 36.44 -101.98
C ALA N 207 -38.87 36.83 -101.64
N LYS N 208 -38.14 37.33 -102.64
CA LYS N 208 -36.74 37.68 -102.51
C LYS N 208 -36.53 39.15 -102.83
N ILE N 209 -35.65 39.80 -102.08
CA ILE N 209 -35.31 41.20 -102.26
C ILE N 209 -33.86 41.27 -102.74
N PRO N 210 -33.61 41.76 -103.96
CA PRO N 210 -32.22 41.88 -104.42
C PRO N 210 -31.43 42.85 -103.57
N ARG N 211 -30.14 42.56 -103.43
CA ARG N 211 -29.27 43.35 -102.57
C ARG N 211 -28.85 44.64 -103.28
N LYS N 212 -27.98 45.40 -102.62
CA LYS N 212 -27.60 46.72 -103.13
C LYS N 212 -26.50 46.61 -104.19
N ILE N 213 -25.34 46.09 -103.80
CA ILE N 213 -24.19 46.08 -104.72
C ILE N 213 -24.38 44.99 -105.77
N LYS N 214 -24.45 43.74 -105.33
CA LYS N 214 -24.61 42.60 -106.24
C LYS N 214 -26.06 42.12 -106.12
N ARG N 215 -26.88 42.46 -107.12
CA ARG N 215 -28.29 42.12 -107.09
C ARG N 215 -28.52 40.61 -107.15
N ASP N 216 -27.57 39.85 -107.69
CA ASP N 216 -27.71 38.40 -107.72
C ASP N 216 -27.62 37.78 -106.33
N SER N 217 -27.00 38.48 -105.40
CA SER N 217 -26.84 37.96 -104.04
C SER N 217 -28.20 37.83 -103.36
N ASN N 218 -28.35 36.76 -102.58
CA ASN N 218 -29.58 36.49 -101.86
C ASN N 218 -29.46 37.02 -100.44
N ARG N 219 -30.37 37.90 -100.05
CA ARG N 219 -30.39 38.44 -98.69
C ARG N 219 -30.86 37.36 -97.75
N GLN N 220 -29.91 36.73 -97.04
CA GLN N 220 -30.27 35.67 -96.12
C GLN N 220 -31.10 36.22 -94.96
N THR N 221 -32.09 35.44 -94.55
CA THR N 221 -33.08 35.87 -93.57
C THR N 221 -33.33 34.72 -92.60
N GLN N 222 -33.68 35.06 -91.37
CA GLN N 222 -33.96 34.04 -90.38
C GLN N 222 -35.17 33.20 -90.78
N VAL N 223 -35.38 32.11 -90.03
CA VAL N 223 -36.56 31.29 -90.26
C VAL N 223 -37.81 32.09 -89.88
N LYS N 224 -38.96 31.62 -90.39
CA LYS N 224 -40.21 32.36 -90.20
C LYS N 224 -40.60 32.44 -88.73
N ALA N 225 -40.33 31.37 -87.96
CA ALA N 225 -40.73 31.34 -86.56
C ALA N 225 -40.03 32.44 -85.77
N THR N 226 -38.72 32.62 -85.98
CA THR N 226 -37.99 33.65 -85.26
C THR N 226 -38.45 35.04 -85.67
N ARG N 227 -38.74 35.24 -86.95
CA ARG N 227 -39.20 36.54 -87.41
C ARG N 227 -40.54 36.91 -86.79
N ALA N 228 -41.45 35.94 -86.66
CA ALA N 228 -42.70 36.20 -85.97
C ALA N 228 -42.46 36.53 -84.51
N TRP N 229 -41.46 35.89 -83.90
CA TRP N 229 -41.11 36.19 -82.51
C TRP N 229 -40.63 37.63 -82.36
N ASN N 230 -39.65 38.03 -83.17
CA ASN N 230 -39.05 39.36 -83.02
C ASN N 230 -40.02 40.46 -83.44
N LEU N 231 -40.63 40.32 -84.62
CA LEU N 231 -41.44 41.40 -85.18
C LEU N 231 -42.65 41.69 -84.30
N LEU N 232 -43.33 40.64 -83.83
CA LEU N 232 -44.49 40.86 -82.96
C LEU N 232 -44.06 41.35 -81.58
N ASN N 233 -42.84 40.99 -81.14
CA ASN N 233 -42.32 41.52 -79.89
C ASN N 233 -42.19 43.04 -79.97
N ALA N 234 -41.64 43.54 -81.07
CA ALA N 234 -41.54 44.98 -81.26
C ALA N 234 -42.92 45.63 -81.35
N LEU N 235 -43.85 44.99 -82.06
CA LEU N 235 -45.19 45.56 -82.19
C LEU N 235 -45.88 45.68 -80.84
N PHE N 236 -45.77 44.64 -79.99
CA PHE N 236 -46.38 44.71 -78.67
C PHE N 236 -45.71 45.78 -77.82
N TYR N 237 -44.39 45.90 -77.89
CA TYR N 237 -43.71 46.96 -77.16
C TYR N 237 -44.07 48.34 -77.72
N LYS N 238 -44.09 48.46 -79.05
CA LYS N 238 -44.48 49.72 -79.66
C LYS N 238 -45.95 50.05 -79.41
N ALA N 239 -46.76 49.06 -79.03
CA ALA N 239 -48.13 49.32 -78.65
C ALA N 239 -48.20 50.21 -77.40
N GLY N 240 -47.31 49.95 -76.44
CA GLY N 240 -47.26 50.77 -75.24
C GLY N 240 -46.93 50.00 -73.97
N LYS N 241 -47.05 48.68 -74.03
CA LYS N 241 -46.82 47.83 -72.86
C LYS N 241 -45.47 47.15 -72.95
N VAL N 242 -44.66 47.29 -71.90
CA VAL N 242 -43.34 46.67 -71.88
C VAL N 242 -43.49 45.15 -71.78
N PRO N 243 -42.79 44.37 -72.62
CA PRO N 243 -42.96 42.92 -72.59
C PRO N 243 -42.43 42.27 -71.31
N TRP N 244 -41.19 42.58 -70.94
CA TRP N 244 -40.58 41.99 -69.77
C TRP N 244 -39.59 42.98 -69.16
N ARG N 245 -38.99 42.59 -68.04
CA ARG N 245 -38.02 43.43 -67.36
C ARG N 245 -37.12 42.54 -66.52
N LEU N 246 -35.96 43.10 -66.13
CA LEU N 246 -35.06 42.40 -65.24
C LEU N 246 -35.72 42.22 -63.87
N LEU N 247 -35.52 41.04 -63.28
CA LEU N 247 -36.07 40.79 -61.96
C LEU N 247 -35.33 41.63 -60.94
N PRO N 248 -36.01 42.52 -60.21
CA PRO N 248 -35.30 43.41 -59.27
C PRO N 248 -34.86 42.63 -58.03
N ASP N 249 -33.62 42.88 -57.61
CA ASP N 249 -33.14 42.33 -56.36
C ASP N 249 -33.91 42.95 -55.20
N GLN N 250 -34.20 42.12 -54.19
CA GLN N 250 -35.00 42.60 -53.06
C GLN N 250 -34.25 43.65 -52.24
N ALA N 251 -32.92 43.57 -52.19
CA ALA N 251 -32.11 44.52 -51.46
C ALA N 251 -31.33 45.45 -52.39
N GLU N 252 -31.83 45.67 -53.61
CA GLU N 252 -31.11 46.48 -54.58
C GLU N 252 -31.19 47.96 -54.25
N TYR N 253 -30.24 48.71 -54.78
CA TYR N 253 -30.26 50.16 -54.69
C TYR N 253 -31.06 50.73 -55.85
N ARG N 254 -31.87 51.75 -55.57
CA ARG N 254 -32.65 52.39 -56.63
C ARG N 254 -31.68 53.10 -57.57
N THR N 255 -31.46 52.49 -58.73
CA THR N 255 -30.39 52.89 -59.64
C THR N 255 -30.96 53.36 -60.97
N SER N 256 -30.38 54.43 -61.50
CA SER N 256 -30.71 54.94 -62.82
C SER N 256 -29.51 54.75 -63.72
N PHE N 257 -29.67 53.95 -64.77
CA PHE N 257 -28.60 53.69 -65.72
C PHE N 257 -28.68 54.72 -66.83
N LEU N 258 -27.58 55.45 -67.05
CA LEU N 258 -27.49 56.46 -68.09
C LEU N 258 -26.44 56.03 -69.10
N GLY N 259 -26.83 55.93 -70.37
CA GLY N 259 -25.93 55.59 -71.45
C GLY N 259 -25.67 56.79 -72.33
N ILE N 260 -24.39 57.03 -72.62
CA ILE N 260 -23.96 58.17 -73.41
C ILE N 260 -23.29 57.64 -74.68
N GLY N 261 -23.78 58.07 -75.83
CA GLY N 261 -23.21 57.68 -77.10
C GLY N 261 -22.97 58.90 -77.97
N PHE N 262 -22.28 58.66 -79.08
CA PHE N 262 -21.92 59.72 -80.01
C PHE N 262 -22.28 59.30 -81.44
N TYR N 263 -22.80 60.24 -82.21
CA TYR N 263 -23.17 59.98 -83.60
C TYR N 263 -22.66 61.11 -84.48
N ARG N 264 -22.19 60.75 -85.67
CA ARG N 264 -21.68 61.73 -86.62
C ARG N 264 -22.77 62.72 -87.01
N ASP N 265 -22.38 63.98 -87.18
CA ASP N 265 -23.30 64.99 -87.68
C ASP N 265 -23.62 64.71 -89.16
N LEU N 266 -24.72 65.29 -89.62
CA LEU N 266 -25.16 65.07 -90.99
C LEU N 266 -24.15 65.57 -92.01
N ASP N 267 -23.28 66.52 -91.62
CA ASP N 267 -22.23 66.97 -92.54
C ASP N 267 -21.18 65.89 -92.76
N GLY N 268 -20.99 65.00 -91.78
CA GLY N 268 -20.02 63.93 -91.86
C GLY N 268 -18.75 64.15 -91.06
N GLN N 269 -18.54 65.34 -90.51
CA GLN N 269 -17.34 65.63 -89.74
C GLN N 269 -17.62 65.93 -88.29
N GLN N 270 -18.59 66.79 -87.99
CA GLN N 270 -18.88 67.15 -86.61
C GLN N 270 -19.50 65.96 -85.87
N LEU N 271 -19.52 66.07 -84.54
CA LEU N 271 -19.99 64.99 -83.69
C LEU N 271 -21.03 65.51 -82.71
N TRP N 272 -21.98 64.65 -82.38
CA TRP N 272 -23.02 64.95 -81.41
C TRP N 272 -23.05 63.85 -80.34
N THR N 273 -23.78 64.12 -79.26
CA THR N 273 -23.93 63.17 -78.17
C THR N 273 -25.40 62.82 -77.98
N SER N 274 -25.67 61.52 -77.85
CA SER N 274 -27.01 61.00 -77.64
C SER N 274 -27.05 60.24 -76.32
N THR N 275 -28.17 60.36 -75.59
CA THR N 275 -28.30 59.82 -74.25
C THR N 275 -29.46 58.86 -74.17
N ALA N 276 -29.27 57.78 -73.41
CA ALA N 276 -30.34 56.84 -73.10
C ALA N 276 -30.33 56.56 -71.61
N GLN N 277 -31.52 56.54 -71.00
CA GLN N 277 -31.67 56.35 -69.58
C GLN N 277 -32.69 55.28 -69.31
N MET N 278 -32.47 54.50 -68.23
CA MET N 278 -33.36 53.41 -67.88
C MET N 278 -33.49 53.29 -66.37
N PHE N 279 -34.72 53.17 -65.90
CA PHE N 279 -35.01 52.94 -64.48
C PHE N 279 -36.27 52.10 -64.38
N ASP N 280 -36.82 52.00 -63.17
CA ASP N 280 -37.80 50.96 -62.85
C ASP N 280 -39.24 51.46 -62.72
N GLU N 281 -39.47 52.77 -62.70
CA GLU N 281 -40.82 53.34 -62.62
C GLU N 281 -41.56 52.83 -61.39
N ARG N 282 -41.02 53.17 -60.23
CA ARG N 282 -41.69 52.98 -58.93
C ARG N 282 -42.15 51.54 -58.73
N GLY N 283 -41.25 50.60 -59.03
CA GLY N 283 -41.43 49.20 -58.67
C GLY N 283 -42.10 48.33 -59.71
N ARG N 284 -42.50 48.89 -60.86
CA ARG N 284 -43.13 48.06 -61.89
C ARG N 284 -42.72 48.57 -63.26
N GLY N 285 -42.20 47.68 -64.10
CA GLY N 285 -41.90 47.99 -65.48
C GLY N 285 -40.53 48.60 -65.64
N LEU N 286 -40.22 48.95 -66.89
CA LEU N 286 -39.00 49.63 -67.25
C LEU N 286 -39.34 50.86 -68.07
N ILE N 287 -38.53 51.90 -67.91
CA ILE N 287 -38.69 53.14 -68.67
C ILE N 287 -37.36 53.44 -69.36
N LEU N 288 -37.39 53.47 -70.68
CA LEU N 288 -36.21 53.80 -71.48
C LEU N 288 -36.48 55.10 -72.22
N ARG N 289 -35.60 56.08 -72.03
CA ARG N 289 -35.75 57.39 -72.62
C ARG N 289 -34.61 57.66 -73.60
N GLY N 290 -34.92 58.42 -74.65
CA GLY N 290 -33.92 58.83 -75.61
C GLY N 290 -33.88 60.35 -75.74
N ALA N 291 -32.73 60.94 -75.48
CA ALA N 291 -32.61 62.39 -75.50
C ALA N 291 -31.23 62.79 -75.99
N ARG N 292 -31.14 64.00 -76.54
CA ARG N 292 -29.89 64.58 -76.99
C ARG N 292 -29.55 65.78 -76.11
N ALA N 293 -28.27 65.91 -75.79
CA ALA N 293 -27.83 66.97 -74.89
C ALA N 293 -28.21 68.34 -75.42
N GLN N 294 -28.70 69.19 -74.52
CA GLN N 294 -29.15 70.53 -74.88
C GLN N 294 -28.00 71.47 -75.26
N THR N 295 -26.76 71.05 -75.05
CA THR N 295 -25.61 71.91 -75.34
C THR N 295 -25.48 72.17 -76.84
N GLU N 296 -24.93 73.33 -77.16
CA GLU N 296 -24.67 73.73 -78.55
C GLU N 296 -23.19 73.69 -78.92
N THR N 297 -22.29 73.84 -77.95
CA THR N 297 -20.85 73.83 -78.21
C THR N 297 -20.44 72.43 -78.64
N ARG N 298 -20.09 72.27 -79.92
CA ARG N 298 -19.69 70.98 -80.46
C ARG N 298 -18.38 71.11 -81.20
N GLY N 299 -17.56 70.06 -81.14
CA GLY N 299 -16.40 69.93 -82.00
C GLY N 299 -16.45 68.60 -82.72
N ARG N 300 -15.30 67.97 -82.92
CA ARG N 300 -15.25 66.60 -83.42
C ARG N 300 -14.84 65.61 -82.35
N HIS N 301 -14.72 66.04 -81.10
CA HIS N 301 -14.24 65.16 -80.05
C HIS N 301 -15.27 64.09 -79.74
N PRO N 302 -14.84 62.86 -79.47
CA PRO N 302 -15.78 61.81 -79.04
C PRO N 302 -16.06 61.87 -77.55
N TYR N 303 -15.75 63.01 -76.93
CA TYR N 303 -15.85 63.18 -75.50
C TYR N 303 -16.64 64.43 -75.16
N LEU N 304 -17.22 64.45 -73.96
CA LEU N 304 -17.93 65.62 -73.47
C LEU N 304 -16.97 66.58 -72.79
N THR N 305 -17.46 67.80 -72.57
CA THR N 305 -16.73 68.79 -71.80
C THR N 305 -17.31 68.89 -70.39
N ALA N 306 -16.61 69.65 -69.54
CA ALA N 306 -17.02 69.75 -68.15
C ALA N 306 -18.41 70.36 -68.00
N LYS N 307 -18.69 71.42 -68.76
CA LYS N 307 -19.99 72.08 -68.64
C LYS N 307 -21.11 71.22 -69.20
N ASP N 308 -20.86 70.54 -70.32
CA ASP N 308 -21.90 69.73 -70.93
C ASP N 308 -22.24 68.51 -70.10
N ALA N 309 -21.22 67.88 -69.50
CA ALA N 309 -21.47 66.70 -68.67
C ALA N 309 -22.31 67.04 -67.46
N GLU N 310 -22.04 68.19 -66.83
CA GLU N 310 -22.84 68.62 -65.69
C GLU N 310 -24.29 68.87 -66.10
N ASP N 311 -24.49 69.52 -67.25
CA ASP N 311 -25.83 69.76 -67.76
C ASP N 311 -26.52 68.45 -68.11
N LEU N 312 -25.81 67.52 -68.75
CA LEU N 312 -26.41 66.26 -69.18
C LEU N 312 -26.90 65.44 -67.99
N VAL N 313 -26.11 65.39 -66.92
CA VAL N 313 -26.50 64.62 -65.75
C VAL N 313 -27.73 65.22 -65.09
N VAL N 314 -27.78 66.54 -64.98
CA VAL N 314 -28.92 67.21 -64.36
C VAL N 314 -30.21 66.88 -65.11
N GLN N 315 -30.14 66.85 -66.45
CA GLN N 315 -31.32 66.48 -67.23
C GLN N 315 -31.75 65.05 -66.94
N SER N 316 -30.79 64.13 -66.82
CA SER N 316 -31.12 62.75 -66.51
C SER N 316 -31.62 62.60 -65.08
N ILE N 317 -31.07 63.37 -64.14
CA ILE N 317 -31.51 63.29 -62.75
C ILE N 317 -32.96 63.75 -62.62
N ALA N 318 -33.31 64.86 -63.28
CA ALA N 318 -34.67 65.37 -63.19
C ALA N 318 -35.68 64.40 -63.81
N ALA N 319 -35.29 63.73 -64.90
CA ALA N 319 -36.19 62.77 -65.52
C ALA N 319 -36.50 61.61 -64.58
N TYR N 320 -35.49 61.13 -63.85
CA TYR N 320 -35.72 60.12 -62.83
C TYR N 320 -36.61 60.65 -61.72
N LYS N 321 -36.37 61.90 -61.31
CA LYS N 321 -37.14 62.48 -60.20
C LYS N 321 -38.60 62.69 -60.59
N ALA N 322 -38.88 62.92 -61.87
CA ALA N 322 -40.26 63.09 -62.30
C ALA N 322 -41.08 61.81 -62.16
N HIS N 323 -40.43 60.66 -62.04
CA HIS N 323 -41.12 59.38 -61.93
C HIS N 323 -41.09 58.80 -60.52
N HIS N 324 -40.03 59.07 -59.74
CA HIS N 324 -39.90 58.54 -58.39
C HIS N 324 -40.06 59.58 -57.30
N ARG N 325 -40.02 60.87 -57.65
CA ARG N 325 -40.13 61.97 -56.70
C ARG N 325 -38.98 61.96 -55.69
N HIS N 326 -37.85 61.38 -56.08
CA HIS N 326 -36.64 61.40 -55.26
C HIS N 326 -35.45 61.06 -56.15
N VAL N 327 -34.30 61.64 -55.83
CA VAL N 327 -33.07 61.41 -56.58
C VAL N 327 -32.65 59.96 -56.42
N PRO N 328 -32.02 59.35 -57.43
CA PRO N 328 -31.66 57.93 -57.33
C PRO N 328 -30.52 57.71 -56.35
N ALA N 329 -30.35 56.45 -55.95
CA ALA N 329 -29.23 56.07 -55.09
C ALA N 329 -27.94 55.98 -55.88
N ARG N 330 -27.93 55.15 -56.93
CA ARG N 330 -26.81 55.05 -57.85
C ARG N 330 -27.13 55.74 -59.16
N LEU N 331 -26.08 56.20 -59.84
CA LEU N 331 -26.19 56.73 -61.21
C LEU N 331 -25.05 56.13 -62.01
N VAL N 332 -25.32 54.98 -62.62
CA VAL N 332 -24.32 54.31 -63.45
C VAL N 332 -24.29 54.98 -64.82
N VAL N 333 -23.13 55.47 -65.22
CA VAL N 333 -22.95 56.17 -66.48
C VAL N 333 -22.08 55.30 -67.38
N LEU N 334 -22.59 54.98 -68.56
CA LEU N 334 -21.88 54.17 -69.55
C LEU N 334 -21.59 55.04 -70.77
N LYS N 335 -20.35 54.99 -71.24
CA LYS N 335 -19.89 55.85 -72.32
C LYS N 335 -19.14 55.04 -73.36
N THR N 336 -19.14 55.55 -74.60
CA THR N 336 -18.40 54.91 -75.67
C THR N 336 -16.90 55.18 -75.58
N SER N 337 -16.51 56.37 -75.12
CA SER N 337 -15.12 56.78 -75.08
C SER N 337 -14.60 56.79 -73.64
N ARG N 338 -13.31 57.06 -73.51
CA ARG N 338 -12.67 57.10 -72.20
C ARG N 338 -13.20 58.28 -71.39
N PHE N 339 -13.35 58.06 -70.09
CA PHE N 339 -13.83 59.10 -69.19
C PHE N 339 -12.67 60.03 -68.84
N ARG N 340 -12.67 61.21 -69.43
CA ARG N 340 -11.61 62.18 -69.17
C ARG N 340 -11.83 62.87 -67.83
N SER N 341 -10.81 63.59 -67.38
CA SER N 341 -10.88 64.28 -66.09
C SER N 341 -11.98 65.33 -66.09
N GLU N 342 -12.11 66.08 -67.18
CA GLU N 342 -13.14 67.12 -67.24
C GLU N 342 -14.54 66.53 -67.15
N GLU N 343 -14.76 65.39 -67.81
CA GLU N 343 -16.08 64.75 -67.75
C GLU N 343 -16.41 64.29 -66.34
N ALA N 344 -15.44 63.68 -65.65
CA ALA N 344 -15.66 63.25 -64.28
C ALA N 344 -15.91 64.45 -63.36
N GLU N 345 -15.18 65.55 -63.59
CA GLU N 345 -15.38 66.74 -62.78
C GLU N 345 -16.79 67.30 -62.96
N GLY N 346 -17.29 67.31 -64.20
CA GLY N 346 -18.64 67.78 -64.44
C GLY N 346 -19.69 66.89 -63.79
N ILE N 347 -19.51 65.57 -63.88
CA ILE N 347 -20.44 64.65 -63.26
C ILE N 347 -20.38 64.78 -61.74
N ASP N 348 -19.17 64.90 -61.18
CA ASP N 348 -19.03 65.03 -59.73
C ASP N 348 -19.73 66.29 -59.22
N ALA N 349 -19.57 67.41 -59.93
CA ALA N 349 -20.27 68.63 -59.55
C ALA N 349 -21.77 68.48 -59.67
N ALA N 350 -22.23 67.81 -60.74
CA ALA N 350 -23.66 67.63 -60.94
C ALA N 350 -24.28 66.79 -59.83
N LEU N 351 -23.60 65.72 -59.42
CA LEU N 351 -24.15 64.85 -58.38
C LEU N 351 -24.16 65.55 -57.03
N GLY N 352 -23.14 66.37 -56.75
CA GLY N 352 -23.12 67.11 -55.50
C GLY N 352 -24.29 68.07 -55.36
N LYS N 353 -24.72 68.66 -56.48
CA LYS N 353 -25.86 69.57 -56.44
C LYS N 353 -27.14 68.82 -56.08
N SER N 354 -27.42 67.72 -56.77
CA SER N 354 -28.64 66.96 -56.51
C SER N 354 -28.54 66.17 -55.21
N GLY N 355 -27.39 65.55 -54.97
CA GLY N 355 -27.17 64.78 -53.77
C GLY N 355 -27.03 63.27 -53.96
N ILE N 356 -26.70 62.81 -55.17
CA ILE N 356 -26.49 61.38 -55.37
C ILE N 356 -25.31 60.90 -54.54
N GLU N 357 -25.50 59.78 -53.84
CA GLU N 357 -24.50 59.28 -52.90
C GLU N 357 -23.47 58.38 -53.57
N MET N 358 -23.86 57.59 -54.56
CA MET N 358 -22.92 56.72 -55.28
C MET N 358 -23.05 56.91 -56.78
N SER N 359 -21.95 56.68 -57.49
CA SER N 359 -21.93 56.81 -58.94
C SER N 359 -20.96 55.79 -59.52
N ASP N 360 -21.28 55.30 -60.71
CA ASP N 360 -20.42 54.38 -61.46
C ASP N 360 -20.15 54.99 -62.82
N LEU N 361 -18.90 55.39 -63.06
CA LEU N 361 -18.46 55.97 -64.33
C LEU N 361 -17.68 54.90 -65.07
N VAL N 362 -18.27 54.34 -66.12
CA VAL N 362 -17.73 53.19 -66.83
C VAL N 362 -17.61 53.52 -68.31
N TRP N 363 -16.43 53.25 -68.87
CA TRP N 363 -16.21 53.31 -70.31
C TRP N 363 -16.29 51.88 -70.85
N VAL N 364 -17.28 51.62 -71.71
CA VAL N 364 -17.43 50.32 -72.35
C VAL N 364 -16.65 50.38 -73.66
N GLN N 365 -15.45 49.81 -73.66
CA GLN N 365 -14.57 49.86 -74.82
C GLN N 365 -14.84 48.65 -75.70
N GLU N 366 -15.17 48.90 -76.97
CA GLU N 366 -15.51 47.85 -77.90
C GLU N 366 -14.30 47.26 -78.61
N SER N 367 -13.30 48.09 -78.91
CA SER N 367 -12.10 47.64 -79.63
C SER N 367 -11.03 47.17 -78.65
N SER N 368 -11.34 46.07 -77.97
CA SER N 368 -10.41 45.50 -77.00
C SER N 368 -9.62 44.37 -77.65
N PRO N 369 -8.30 44.52 -77.83
CA PRO N 369 -7.51 43.41 -78.39
C PRO N 369 -7.52 42.16 -77.54
N ILE N 370 -7.61 42.30 -76.22
CA ILE N 370 -7.53 41.13 -75.34
C ILE N 370 -8.76 40.25 -75.52
N ALA N 371 -8.55 38.94 -75.37
CA ALA N 371 -9.63 37.97 -75.50
C ALA N 371 -9.28 36.73 -74.68
N ILE N 372 -10.24 35.82 -74.58
CA ILE N 372 -10.10 34.58 -73.83
C ILE N 372 -10.55 33.43 -74.71
N PHE N 373 -9.73 32.39 -74.78
CA PHE N 373 -10.02 31.23 -75.62
C PHE N 373 -9.96 29.95 -74.77
N ARG N 374 -10.97 29.11 -74.93
CA ARG N 374 -10.92 27.79 -74.26
C ARG N 374 -10.43 26.79 -75.28
N ASP N 375 -10.53 25.49 -74.97
CA ASP N 375 -10.05 24.43 -75.84
C ASP N 375 -11.24 23.72 -76.48
N GLY N 376 -11.28 23.72 -77.80
CA GLY N 376 -12.33 23.09 -78.56
C GLY N 376 -12.80 24.01 -79.67
N ASN N 377 -13.92 23.62 -80.29
CA ASN N 377 -14.51 24.40 -81.38
C ASN N 377 -15.54 25.41 -80.89
N TYR N 378 -16.13 25.21 -79.71
CA TYR N 378 -17.07 26.20 -79.22
C TYR N 378 -16.37 27.20 -78.30
N PRO N 379 -16.85 28.45 -78.26
CA PRO N 379 -16.16 29.47 -77.47
C PRO N 379 -16.52 29.43 -76.00
N VAL N 380 -15.99 30.39 -75.24
CA VAL N 380 -16.25 30.45 -73.81
C VAL N 380 -17.72 30.80 -73.57
N LEU N 381 -18.25 30.36 -72.43
CA LEU N 381 -19.64 30.61 -72.09
C LEU N 381 -19.89 32.09 -71.93
N ARG N 382 -21.09 32.53 -72.34
CA ARG N 382 -21.43 33.96 -72.13
C ARG N 382 -21.52 34.20 -70.65
N GLY N 383 -21.33 35.45 -70.27
CA GLY N 383 -21.37 35.84 -68.89
C GLY N 383 -20.09 35.59 -68.11
N THR N 384 -19.09 34.95 -68.73
CA THR N 384 -17.81 34.78 -68.07
C THR N 384 -17.10 36.12 -67.94
N PHE N 385 -16.28 36.25 -66.90
CA PHE N 385 -15.66 37.52 -66.59
C PHE N 385 -14.27 37.28 -66.01
N VAL N 386 -13.35 38.17 -66.35
CA VAL N 386 -11.98 38.14 -65.83
C VAL N 386 -11.55 39.56 -65.52
N ASP N 387 -10.90 39.74 -64.36
CA ASP N 387 -10.49 41.05 -63.89
C ASP N 387 -9.03 41.30 -64.28
N LEU N 388 -8.79 42.44 -64.94
CA LEU N 388 -7.45 42.84 -65.38
C LEU N 388 -7.16 44.25 -64.83
N ASP N 389 -6.76 44.31 -63.57
CA ASP N 389 -6.43 45.57 -62.89
C ASP N 389 -7.58 46.56 -63.11
N GLY N 390 -8.69 46.31 -62.41
CA GLY N 390 -9.89 47.12 -62.55
C GLY N 390 -10.59 47.01 -63.88
N LYS N 391 -9.85 46.78 -64.96
CA LYS N 391 -10.40 46.76 -66.31
C LYS N 391 -10.87 45.34 -66.64
N GLY N 392 -12.02 44.98 -66.09
CA GLY N 392 -12.55 43.65 -66.31
C GLY N 392 -13.01 43.44 -67.74
N LEU N 393 -13.00 42.17 -68.16
CA LEU N 393 -13.45 41.76 -69.48
C LEU N 393 -14.69 40.89 -69.33
N LEU N 394 -15.77 41.26 -70.01
CA LEU N 394 -17.04 40.55 -69.94
C LEU N 394 -17.37 39.98 -71.30
N TYR N 395 -17.74 38.70 -71.34
CA TYR N 395 -18.14 38.03 -72.57
C TYR N 395 -19.66 37.98 -72.62
N THR N 396 -20.25 39.09 -73.05
CA THR N 396 -21.71 39.13 -73.24
C THR N 396 -22.14 38.16 -74.32
N ARG N 397 -21.40 38.10 -75.43
CA ARG N 397 -21.65 37.15 -76.51
C ARG N 397 -20.78 35.92 -76.29
N GLY N 398 -21.40 34.75 -76.39
CA GLY N 398 -20.66 33.51 -76.22
C GLY N 398 -21.60 32.34 -76.26
N SER N 399 -21.04 31.15 -76.03
CA SER N 399 -21.83 29.93 -76.01
C SER N 399 -22.83 29.98 -74.87
N VAL N 400 -24.09 29.66 -75.17
CA VAL N 400 -25.17 29.72 -74.19
C VAL N 400 -25.50 28.29 -73.77
N PRO N 401 -25.24 27.91 -72.51
CA PRO N 401 -25.57 26.55 -72.08
C PRO N 401 -27.05 26.21 -72.20
N PHE N 402 -27.94 27.18 -72.01
CA PHE N 402 -29.36 26.93 -72.20
C PHE N 402 -29.66 26.60 -73.66
N TYR N 403 -29.05 27.34 -74.59
CA TYR N 403 -29.18 27.01 -76.01
C TYR N 403 -28.49 25.69 -76.33
N GLY N 404 -27.34 25.41 -75.71
CA GLY N 404 -26.52 24.29 -76.07
C GLY N 404 -25.60 24.54 -77.25
N THR N 405 -25.69 25.71 -77.87
CA THR N 405 -24.87 26.08 -79.03
C THR N 405 -24.36 27.50 -78.80
N PHE N 406 -23.81 28.09 -79.85
CA PHE N 406 -23.35 29.48 -79.81
C PHE N 406 -23.82 30.18 -81.08
N PRO N 407 -24.80 31.08 -80.97
CA PRO N 407 -25.29 31.77 -82.17
C PRO N 407 -24.37 32.92 -82.59
N GLY N 408 -23.28 32.60 -83.28
CA GLY N 408 -22.35 33.60 -83.72
C GLY N 408 -21.64 33.19 -84.99
N LEU N 409 -21.21 34.20 -85.76
CA LEU N 409 -20.49 33.95 -87.00
C LEU N 409 -19.05 33.51 -86.76
N ARG N 410 -18.38 34.09 -85.76
CA ARG N 410 -17.00 33.75 -85.45
C ARG N 410 -16.86 33.72 -83.93
N VAL N 411 -15.63 33.62 -83.45
CA VAL N 411 -15.39 33.65 -82.01
C VAL N 411 -15.86 34.99 -81.46
N PRO N 412 -16.72 35.02 -80.44
CA PRO N 412 -17.27 36.31 -79.98
C PRO N 412 -16.20 37.18 -79.35
N ARG N 413 -16.40 38.49 -79.50
CA ARG N 413 -15.44 39.39 -78.90
C ARG N 413 -15.88 39.78 -77.49
N PRO N 414 -14.96 39.92 -76.55
CA PRO N 414 -15.33 40.34 -75.20
C PRO N 414 -15.52 41.85 -75.13
N LEU N 415 -16.12 42.28 -74.02
CA LEU N 415 -16.33 43.69 -73.74
C LEU N 415 -15.36 44.12 -72.64
N LEU N 416 -14.61 45.17 -72.89
CA LEU N 416 -13.67 45.70 -71.91
C LEU N 416 -14.31 46.88 -71.19
N LEU N 417 -14.43 46.77 -69.88
CA LEU N 417 -14.99 47.83 -69.05
C LEU N 417 -13.84 48.58 -68.39
N VAL N 418 -13.84 49.90 -68.55
CA VAL N 418 -12.77 50.74 -68.00
C VAL N 418 -13.41 51.74 -67.05
N PRO N 419 -13.66 51.36 -65.80
CA PRO N 419 -14.29 52.29 -64.85
C PRO N 419 -13.33 53.41 -64.48
N HIS N 420 -13.84 54.64 -64.44
CA HIS N 420 -13.04 55.77 -64.00
C HIS N 420 -12.74 55.63 -62.52
N GLU N 421 -11.63 56.27 -62.09
CA GLU N 421 -11.24 56.19 -60.70
C GLU N 421 -12.28 56.82 -59.76
N ASN N 422 -13.15 57.66 -60.29
CA ASN N 422 -14.25 58.24 -59.51
C ASN N 422 -15.50 57.36 -59.58
N SER N 423 -15.34 56.07 -59.27
CA SER N 423 -16.43 55.11 -59.28
C SER N 423 -16.50 54.41 -57.93
N ASP N 424 -17.71 54.00 -57.55
CA ASP N 424 -17.97 53.40 -56.26
C ASP N 424 -17.96 51.88 -56.29
N SER N 425 -18.74 51.27 -57.17
CA SER N 425 -18.87 49.83 -57.20
C SER N 425 -17.60 49.17 -57.74
N THR N 426 -17.37 47.93 -57.32
CA THR N 426 -16.28 47.14 -57.86
C THR N 426 -16.62 46.69 -59.28
N ILE N 427 -15.57 46.36 -60.04
CA ILE N 427 -15.78 45.98 -61.43
C ILE N 427 -16.61 44.71 -61.54
N LEU N 428 -16.52 43.82 -60.55
CA LEU N 428 -17.33 42.60 -60.58
C LEU N 428 -18.80 42.94 -60.45
N THR N 429 -19.15 43.88 -59.57
CA THR N 429 -20.54 44.30 -59.45
C THR N 429 -21.02 44.98 -60.74
N LEU N 430 -20.18 45.84 -61.32
CA LEU N 430 -20.55 46.51 -62.56
C LEU N 430 -20.72 45.51 -63.70
N ALA N 431 -19.84 44.51 -63.78
CA ALA N 431 -19.95 43.51 -64.84
C ALA N 431 -21.24 42.73 -64.73
N LYS N 432 -21.66 42.39 -63.50
CA LYS N 432 -22.93 41.69 -63.33
C LYS N 432 -24.10 42.52 -63.83
N ASP N 433 -24.11 43.81 -63.52
CA ASP N 433 -25.17 44.68 -64.02
C ASP N 433 -25.08 44.84 -65.53
N VAL N 434 -23.86 45.00 -66.06
CA VAL N 434 -23.68 45.19 -67.49
C VAL N 434 -24.20 43.98 -68.26
N LEU N 435 -23.89 42.78 -67.77
CA LEU N 435 -24.43 41.56 -68.39
C LEU N 435 -25.96 41.54 -68.29
N ALA N 436 -26.49 41.93 -67.14
CA ALA N 436 -27.95 41.95 -66.97
C ALA N 436 -28.60 43.01 -67.83
N LEU N 437 -27.90 44.10 -68.11
CA LEU N 437 -28.45 45.19 -68.91
C LEU N 437 -28.50 44.88 -70.42
N THR N 438 -28.22 43.64 -70.83
CA THR N 438 -28.30 43.24 -72.22
C THR N 438 -29.60 42.53 -72.56
N LYS N 439 -30.27 41.94 -71.58
CA LYS N 439 -31.48 41.16 -71.81
C LYS N 439 -32.75 42.00 -71.81
N VAL N 440 -32.64 43.33 -71.89
CA VAL N 440 -33.82 44.18 -71.86
C VAL N 440 -33.94 44.96 -73.17
N ASN N 441 -33.29 44.47 -74.21
CA ASN N 441 -33.41 45.04 -75.55
C ASN N 441 -34.61 44.38 -76.22
N TRP N 442 -35.75 45.05 -76.17
CA TRP N 442 -37.00 44.49 -76.67
C TRP N 442 -37.06 44.43 -78.19
N ASN N 443 -36.10 45.05 -78.89
CA ASN N 443 -36.03 44.91 -80.34
C ASN N 443 -35.75 43.48 -80.76
N THR N 444 -35.20 42.67 -79.86
CA THR N 444 -34.90 41.27 -80.13
C THR N 444 -35.40 40.42 -78.98
N THR N 445 -36.05 39.31 -79.30
CA THR N 445 -36.49 38.36 -78.28
C THR N 445 -35.41 37.33 -77.96
N GLN N 446 -34.28 37.35 -78.67
CA GLN N 446 -33.13 36.53 -78.34
C GLN N 446 -32.26 37.29 -77.35
N PHE N 447 -31.97 36.68 -76.21
CA PHE N 447 -31.39 37.41 -75.08
C PHE N 447 -29.86 37.52 -75.16
N ASP N 448 -29.23 36.97 -76.20
CA ASP N 448 -27.77 37.03 -76.33
C ASP N 448 -27.42 38.23 -77.21
N GLN N 449 -27.06 39.33 -76.57
CA GLN N 449 -26.62 40.54 -77.26
C GLN N 449 -25.19 40.86 -76.85
N LYS N 450 -24.63 41.89 -77.49
CA LYS N 450 -23.26 42.35 -77.22
C LYS N 450 -23.21 43.52 -76.26
N LEU N 451 -23.91 44.60 -76.57
CA LEU N 451 -23.84 45.79 -75.73
C LEU N 451 -25.03 45.86 -74.79
N PRO N 452 -24.86 46.48 -73.62
CA PRO N 452 -26.01 46.75 -72.76
C PRO N 452 -27.00 47.68 -73.45
N ALA N 453 -28.24 47.65 -72.96
CA ALA N 453 -29.28 48.47 -73.58
C ALA N 453 -28.99 49.97 -73.53
N PRO N 454 -28.68 50.58 -72.38
CA PRO N 454 -28.55 52.05 -72.36
C PRO N 454 -27.46 52.58 -73.29
N ILE N 455 -26.34 51.87 -73.41
CA ILE N 455 -25.27 52.35 -74.27
C ILE N 455 -25.67 52.21 -75.74
N LYS N 456 -26.33 51.11 -76.11
CA LYS N 456 -26.73 50.89 -77.49
C LYS N 456 -28.04 51.56 -77.84
N ALA N 457 -28.90 51.84 -76.85
CA ALA N 457 -30.12 52.60 -77.13
C ALA N 457 -29.79 54.02 -77.57
N ALA N 458 -28.70 54.58 -77.05
CA ALA N 458 -28.24 55.87 -77.54
C ALA N 458 -27.79 55.80 -78.99
N ARG N 459 -27.25 54.66 -79.40
CA ARG N 459 -26.87 54.47 -80.80
C ARG N 459 -28.10 54.52 -81.70
N GLU N 460 -29.17 53.80 -81.31
CA GLU N 460 -30.40 53.85 -82.09
C GLU N 460 -31.03 55.24 -82.03
N VAL N 461 -30.95 55.90 -80.88
CA VAL N 461 -31.42 57.28 -80.78
C VAL N 461 -30.56 58.19 -81.63
N GLY N 462 -29.25 57.96 -81.64
CA GLY N 462 -28.35 58.85 -82.36
C GLY N 462 -28.60 58.85 -83.86
N ARG N 463 -28.82 57.67 -84.45
CA ARG N 463 -29.03 57.61 -85.89
C ARG N 463 -30.33 58.29 -86.30
N ILE N 464 -31.39 58.13 -85.49
CA ILE N 464 -32.67 58.73 -85.82
C ILE N 464 -32.60 60.26 -85.68
N LEU N 465 -31.95 60.74 -84.63
CA LEU N 465 -31.86 62.18 -84.39
C LEU N 465 -30.84 62.86 -85.30
N LYS N 466 -30.19 62.12 -86.20
CA LYS N 466 -29.25 62.73 -87.14
C LYS N 466 -29.93 63.74 -88.06
N HIS N 467 -31.24 63.61 -88.28
CA HIS N 467 -31.97 64.47 -89.19
C HIS N 467 -33.01 65.33 -88.48
N VAL N 468 -32.92 65.46 -87.16
CA VAL N 468 -33.79 66.35 -86.40
C VAL N 468 -32.98 67.60 -86.08
N GLU N 469 -33.42 68.73 -86.63
CA GLU N 469 -32.70 69.98 -86.43
C GLU N 469 -32.70 70.38 -84.96
N PHE N 470 -31.56 70.93 -84.51
CA PHE N 470 -31.36 71.21 -83.10
C PHE N 470 -32.33 72.29 -82.61
N GLY N 471 -32.68 72.20 -81.32
CA GLY N 471 -33.61 73.13 -80.73
C GLY N 471 -35.07 72.76 -80.88
N THR N 472 -35.36 71.57 -81.39
CA THR N 472 -36.74 71.10 -81.56
C THR N 472 -37.04 70.06 -80.51
N ALA N 473 -38.13 70.28 -79.75
CA ALA N 473 -38.55 69.34 -78.73
C ALA N 473 -39.21 68.13 -79.40
N VAL N 474 -38.71 66.94 -79.08
CA VAL N 474 -39.23 65.69 -79.64
C VAL N 474 -39.49 64.72 -78.50
N SER N 475 -40.32 63.73 -78.79
CA SER N 475 -40.67 62.73 -77.78
C SER N 475 -39.43 61.94 -77.37
N SER N 476 -39.27 61.76 -76.06
CA SER N 476 -38.16 61.00 -75.50
C SER N 476 -38.45 59.52 -75.38
N ASP N 477 -39.65 59.08 -75.76
CA ASP N 477 -39.99 57.66 -75.70
C ASP N 477 -39.11 56.87 -76.66
N PHE N 478 -38.64 55.72 -76.20
CA PHE N 478 -37.76 54.88 -77.00
C PHE N 478 -38.52 54.03 -78.02
N ARG N 479 -39.85 53.93 -77.90
CA ARG N 479 -40.61 53.16 -78.87
C ARG N 479 -40.49 53.75 -80.27
N ARG N 480 -40.42 55.08 -80.37
CA ARG N 480 -40.27 55.72 -81.67
C ARG N 480 -38.95 55.37 -82.31
N TYR N 481 -37.86 55.35 -81.53
CA TYR N 481 -36.53 55.10 -82.05
C TYR N 481 -36.16 53.62 -82.06
N THR N 482 -37.03 52.75 -81.56
CA THR N 482 -36.74 51.32 -81.51
C THR N 482 -36.67 50.73 -82.91
N SER Q 16 15.53 -10.26 -51.04
CA SER Q 16 15.23 -9.54 -49.82
C SER Q 16 15.35 -10.44 -48.60
N LYS Q 17 15.20 -9.84 -47.42
CA LYS Q 17 15.26 -10.62 -46.19
C LYS Q 17 14.08 -11.59 -46.12
N ARG Q 18 14.36 -12.80 -45.66
CA ARG Q 18 13.35 -13.85 -45.58
C ARG Q 18 13.37 -14.51 -44.22
N ILE Q 19 12.19 -14.74 -43.66
CA ILE Q 19 12.04 -15.55 -42.46
C ILE Q 19 11.32 -16.83 -42.88
N THR Q 20 12.08 -17.87 -43.18
CA THR Q 20 11.51 -19.10 -43.73
C THR Q 20 10.62 -19.80 -42.71
N ASP Q 21 9.79 -20.70 -43.21
CA ASP Q 21 8.86 -21.42 -42.34
C ASP Q 21 9.60 -22.26 -41.31
N SER Q 22 10.82 -22.69 -41.61
CA SER Q 22 11.61 -23.44 -40.64
C SER Q 22 11.97 -22.60 -39.43
N GLN Q 23 12.30 -21.32 -39.65
CA GLN Q 23 12.70 -20.45 -38.54
C GLN Q 23 11.51 -20.15 -37.64
N VAL Q 24 10.36 -19.79 -38.22
CA VAL Q 24 9.20 -19.47 -37.39
C VAL Q 24 8.69 -20.72 -36.68
N LEU Q 25 8.77 -21.88 -37.33
CA LEU Q 25 8.38 -23.12 -36.66
C LEU Q 25 9.28 -23.42 -35.47
N GLY Q 26 10.59 -23.20 -35.64
CA GLY Q 26 11.51 -23.39 -34.54
C GLY Q 26 11.22 -22.47 -33.37
N GLU Q 27 10.85 -21.22 -33.67
CA GLU Q 27 10.45 -20.31 -32.61
C GLU Q 27 9.06 -20.65 -32.08
N LEU Q 28 8.21 -21.26 -32.91
CA LEU Q 28 6.90 -21.69 -32.44
C LEU Q 28 7.03 -22.78 -31.38
N GLY Q 29 7.96 -23.71 -31.57
CA GLY Q 29 8.16 -24.76 -30.58
C GLY Q 29 8.65 -24.21 -29.25
N GLU Q 30 9.59 -23.26 -29.30
CA GLU Q 30 10.09 -22.67 -28.07
C GLU Q 30 8.98 -21.95 -27.30
N THR Q 31 8.13 -21.21 -28.02
CA THR Q 31 7.00 -20.55 -27.37
C THR Q 31 6.00 -21.56 -26.84
N ALA Q 32 5.73 -22.62 -27.63
CA ALA Q 32 4.77 -23.63 -27.20
C ALA Q 32 5.23 -24.34 -25.94
N ILE Q 33 6.52 -24.67 -25.85
CA ILE Q 33 7.04 -25.32 -24.66
C ILE Q 33 7.00 -24.36 -23.47
N LYS Q 34 7.28 -23.08 -23.71
CA LYS Q 34 7.19 -22.10 -22.64
C LYS Q 34 5.76 -22.00 -22.11
N LYS Q 35 4.77 -22.06 -23.01
CA LYS Q 35 3.38 -22.05 -22.58
C LYS Q 35 3.05 -23.28 -21.75
N ILE Q 36 3.57 -24.45 -22.15
CA ILE Q 36 3.35 -25.67 -21.38
C ILE Q 36 3.99 -25.56 -20.01
N VAL Q 37 5.22 -25.05 -19.95
CA VAL Q 37 5.92 -24.94 -18.68
C VAL Q 37 5.23 -23.94 -17.76
N LEU Q 38 4.79 -22.80 -18.30
CA LEU Q 38 4.17 -21.78 -17.48
C LEU Q 38 2.86 -22.26 -16.86
N GLU Q 39 2.02 -22.93 -17.65
CA GLU Q 39 0.77 -23.44 -17.10
C GLU Q 39 1.00 -24.61 -16.16
N THR Q 40 2.15 -25.28 -16.24
CA THR Q 40 2.52 -26.25 -15.22
C THR Q 40 2.74 -25.58 -13.88
N GLY Q 41 3.30 -24.38 -13.88
CA GLY Q 41 3.59 -23.64 -12.67
C GLY Q 41 5.04 -23.22 -12.52
N PHE Q 42 5.93 -23.63 -13.40
CA PHE Q 42 7.34 -23.31 -13.30
C PHE Q 42 7.62 -21.95 -13.94
N LEU Q 43 8.89 -21.62 -14.11
CA LEU Q 43 9.32 -20.41 -14.78
C LEU Q 43 10.25 -20.77 -15.92
N TYR Q 44 9.96 -20.26 -17.11
CA TYR Q 44 10.81 -20.49 -18.27
C TYR Q 44 11.75 -19.31 -18.46
N GLU Q 45 12.89 -19.57 -19.11
CA GLU Q 45 13.94 -18.57 -19.27
C GLU Q 45 14.52 -18.74 -20.67
N GLN Q 46 13.97 -18.01 -21.63
CA GLN Q 46 14.46 -18.10 -23.01
C GLN Q 46 15.83 -17.46 -23.13
N ARG Q 47 16.78 -18.22 -23.66
CA ARG Q 47 18.15 -17.74 -23.82
C ARG Q 47 18.28 -16.97 -25.14
N GLY Q 48 19.14 -15.95 -25.12
CA GLY Q 48 19.23 -15.04 -26.25
C GLY Q 48 19.97 -15.58 -27.45
N ARG Q 49 20.62 -14.68 -28.20
CA ARG Q 49 21.29 -15.09 -29.43
C ARG Q 49 22.48 -16.00 -29.15
N LEU Q 50 23.12 -15.86 -27.98
CA LEU Q 50 24.33 -16.59 -27.66
C LEU Q 50 24.05 -17.95 -27.02
N GLU Q 51 22.87 -18.53 -27.28
CA GLU Q 51 22.60 -19.88 -26.80
C GLU Q 51 23.56 -20.88 -27.45
N ALA Q 52 24.02 -21.84 -26.67
CA ALA Q 52 25.06 -22.77 -27.10
C ALA Q 52 24.57 -24.21 -27.20
N GLY Q 53 23.27 -24.44 -27.12
CA GLY Q 53 22.74 -25.78 -27.16
C GLY Q 53 21.57 -25.99 -26.23
N THR Q 54 21.30 -25.01 -25.38
CA THR Q 54 20.15 -25.01 -24.50
C THR Q 54 19.21 -23.88 -24.93
N ASP Q 55 17.99 -24.25 -25.30
CA ASP Q 55 17.02 -23.28 -25.78
C ASP Q 55 16.30 -22.54 -24.66
N GLY Q 56 16.53 -22.93 -23.40
CA GLY Q 56 15.89 -22.24 -22.30
C GLY Q 56 16.33 -22.84 -20.97
N ILE Q 57 15.87 -22.19 -19.91
CA ILE Q 57 16.14 -22.63 -18.54
C ILE Q 57 14.81 -22.70 -17.80
N ILE Q 58 14.60 -23.81 -17.10
CA ILE Q 58 13.37 -24.03 -16.33
C ILE Q 58 13.71 -23.93 -14.85
N GLU Q 59 13.00 -23.05 -14.14
CA GLU Q 59 13.15 -22.91 -12.70
C GLU Q 59 11.92 -23.48 -12.01
N LEU Q 60 12.14 -24.36 -11.04
CA LEU Q 60 11.04 -25.00 -10.33
C LEU Q 60 10.37 -24.03 -9.38
N ARG Q 61 9.06 -24.13 -9.27
CA ARG Q 61 8.27 -23.32 -8.36
C ARG Q 61 7.39 -24.22 -7.51
N ASP Q 62 7.10 -23.76 -6.29
CA ASP Q 62 6.24 -24.51 -5.38
C ASP Q 62 4.81 -24.07 -5.62
N PRO Q 63 3.94 -24.92 -6.17
CA PRO Q 63 2.55 -24.49 -6.43
C PRO Q 63 1.76 -24.16 -5.18
N LYS Q 64 2.15 -24.71 -4.01
CA LYS Q 64 1.40 -24.46 -2.79
C LYS Q 64 1.63 -23.04 -2.28
N SER Q 65 2.88 -22.57 -2.32
CA SER Q 65 3.23 -21.26 -1.77
C SER Q 65 3.66 -20.25 -2.83
N GLY Q 66 3.99 -20.69 -4.04
CA GLY Q 66 4.46 -19.79 -5.07
C GLY Q 66 5.91 -19.39 -4.97
N ALA Q 67 6.65 -19.95 -4.01
CA ALA Q 67 8.05 -19.59 -3.84
C ALA Q 67 8.90 -20.28 -4.89
N PRO Q 68 9.75 -19.54 -5.61
CA PRO Q 68 10.66 -20.17 -6.58
C PRO Q 68 11.68 -21.05 -5.86
N LEU Q 69 11.77 -22.31 -6.29
CA LEU Q 69 12.61 -23.27 -5.58
C LEU Q 69 14.09 -23.07 -5.88
N GLY Q 70 14.44 -22.36 -6.94
CA GLY Q 70 15.82 -22.07 -7.26
C GLY Q 70 16.58 -23.17 -7.96
N LYS Q 71 15.92 -24.26 -8.32
CA LYS Q 71 16.56 -25.38 -9.00
C LYS Q 71 16.29 -25.25 -10.51
N LEU Q 72 17.37 -25.23 -11.29
CA LEU Q 72 17.28 -25.00 -12.73
C LEU Q 72 17.57 -26.29 -13.49
N LEU Q 73 17.21 -26.26 -14.77
CA LEU Q 73 17.52 -27.35 -15.69
C LEU Q 73 17.43 -26.84 -17.11
N GLY Q 74 18.40 -27.22 -17.94
CA GLY Q 74 18.42 -26.75 -19.31
C GLY Q 74 17.40 -27.47 -20.19
N VAL Q 75 16.96 -26.77 -21.23
CA VAL Q 75 15.96 -27.27 -22.16
C VAL Q 75 16.46 -27.07 -23.58
N GLN Q 76 16.39 -28.12 -24.39
CA GLN Q 76 16.63 -28.05 -25.82
C GLN Q 76 15.35 -28.49 -26.53
N VAL Q 77 14.82 -27.63 -27.40
CA VAL Q 77 13.56 -27.87 -28.08
C VAL Q 77 13.84 -28.12 -29.55
N LYS Q 78 13.36 -29.26 -30.06
CA LYS Q 78 13.49 -29.62 -31.46
C LYS Q 78 12.07 -29.79 -32.03
N SER Q 79 11.62 -28.82 -32.80
CA SER Q 79 10.27 -28.81 -33.31
C SER Q 79 10.18 -29.61 -34.62
N THR Q 80 8.97 -29.74 -35.14
CA THR Q 80 8.71 -30.40 -36.41
C THR Q 80 7.29 -30.11 -36.88
N GLU Q 81 7.14 -29.67 -38.13
CA GLU Q 81 5.80 -29.35 -38.64
C GLU Q 81 4.97 -30.61 -38.73
N SER Q 82 5.50 -31.66 -39.36
CA SER Q 82 4.84 -32.95 -39.46
C SER Q 82 5.90 -34.00 -39.81
N GLY Q 83 5.53 -35.26 -39.59
CA GLY Q 83 6.41 -36.37 -39.87
C GLY Q 83 6.43 -37.35 -38.72
N GLN Q 84 7.16 -38.45 -38.93
CA GLN Q 84 7.30 -39.51 -37.94
C GLN Q 84 8.75 -39.57 -37.49
N TYR Q 85 8.94 -39.74 -36.18
CA TYR Q 85 10.28 -39.89 -35.63
C TYR Q 85 10.84 -41.26 -35.97
N VAL Q 86 12.02 -41.55 -35.42
CA VAL Q 86 12.71 -42.80 -35.72
C VAL Q 86 11.95 -43.96 -35.07
N ARG Q 87 11.55 -44.93 -35.89
CA ARG Q 87 10.90 -46.15 -35.41
C ARG Q 87 9.63 -45.85 -34.59
N GLU Q 88 8.82 -44.92 -35.09
CA GLU Q 88 7.55 -44.64 -34.45
C GLU Q 88 6.57 -45.78 -34.71
N ASN Q 89 5.92 -46.26 -33.65
CA ASN Q 89 4.98 -47.37 -33.73
C ASN Q 89 3.75 -47.10 -32.89
N ASP Q 90 3.33 -45.83 -32.83
CA ASP Q 90 2.19 -45.32 -32.07
C ASP Q 90 2.27 -45.64 -30.58
N ASN Q 91 3.42 -46.17 -30.16
CA ASN Q 91 3.70 -46.46 -28.76
C ASN Q 91 5.02 -45.85 -28.29
N SER Q 92 6.07 -45.88 -29.12
CA SER Q 92 7.37 -45.35 -28.74
C SER Q 92 8.09 -44.93 -30.01
N PHE Q 93 9.13 -44.11 -29.83
CA PHE Q 93 9.97 -43.70 -30.95
C PHE Q 93 11.36 -43.39 -30.42
N GLU Q 94 12.28 -43.17 -31.35
CA GLU Q 94 13.68 -42.92 -31.02
C GLU Q 94 14.12 -41.59 -31.62
N TYR Q 95 15.17 -41.03 -31.04
CA TYR Q 95 15.73 -39.76 -31.50
C TYR Q 95 17.25 -39.82 -31.38
N LEU Q 96 17.93 -39.46 -32.46
CA LEU Q 96 19.39 -39.47 -32.50
C LEU Q 96 19.92 -38.12 -32.06
N LEU Q 97 20.81 -38.12 -31.08
CA LEU Q 97 21.40 -36.89 -30.56
C LEU Q 97 22.69 -36.58 -31.32
N LYS Q 98 22.88 -35.30 -31.64
CA LYS Q 98 24.10 -34.87 -32.29
C LYS Q 98 25.27 -35.00 -31.32
N PRO Q 99 26.39 -35.60 -31.74
CA PRO Q 99 27.50 -35.82 -30.81
C PRO Q 99 28.04 -34.54 -30.17
N ASP Q 100 28.10 -33.44 -30.92
CA ASP Q 100 28.55 -32.18 -30.34
C ASP Q 100 27.58 -31.68 -29.29
N ASP Q 101 26.27 -31.83 -29.54
CA ASP Q 101 25.28 -31.47 -28.54
C ASP Q 101 25.41 -32.33 -27.29
N LEU Q 102 25.63 -33.64 -27.47
CA LEU Q 102 25.76 -34.53 -26.32
C LEU Q 102 26.98 -34.17 -25.48
N LYS Q 103 28.09 -33.84 -26.13
CA LYS Q 103 29.31 -33.49 -25.40
C LYS Q 103 29.10 -32.22 -24.57
N TYR Q 104 28.43 -31.22 -25.16
CA TYR Q 104 28.19 -29.98 -24.45
C TYR Q 104 27.28 -30.20 -23.24
N TRP Q 105 26.25 -31.03 -23.40
CA TRP Q 105 25.30 -31.26 -22.30
C TRP Q 105 25.96 -31.99 -21.13
N ARG Q 106 26.94 -32.85 -21.41
CA ARG Q 106 27.62 -33.56 -20.33
C ARG Q 106 28.39 -32.61 -19.43
N THR Q 107 29.04 -31.61 -20.01
CA THR Q 107 29.81 -30.65 -19.23
C THR Q 107 28.95 -29.74 -18.37
N SER Q 108 27.65 -29.66 -18.63
CA SER Q 108 26.78 -28.79 -17.86
C SER Q 108 26.67 -29.26 -16.41
N ASN Q 109 26.57 -28.30 -15.50
CA ASN Q 109 26.39 -28.58 -14.09
C ASN Q 109 24.92 -28.67 -13.70
N ILE Q 110 24.01 -28.55 -14.67
CA ILE Q 110 22.58 -28.69 -14.43
C ILE Q 110 22.04 -29.74 -15.40
N PRO Q 111 20.97 -30.45 -15.04
CA PRO Q 111 20.39 -31.41 -15.99
C PRO Q 111 19.81 -30.71 -17.20
N VAL Q 112 19.90 -31.39 -18.35
CA VAL Q 112 19.39 -30.88 -19.61
C VAL Q 112 18.41 -31.90 -20.17
N ILE Q 113 17.24 -31.43 -20.57
CA ILE Q 113 16.20 -32.28 -21.14
C ILE Q 113 15.88 -31.79 -22.55
N ILE Q 114 15.67 -32.72 -23.47
CA ILE Q 114 15.32 -32.42 -24.84
C ILE Q 114 13.82 -32.63 -25.02
N VAL Q 115 13.14 -31.63 -25.54
CA VAL Q 115 11.69 -31.66 -25.73
C VAL Q 115 11.40 -31.63 -27.22
N LEU Q 116 10.57 -32.56 -27.68
CA LEU Q 116 10.21 -32.67 -29.09
C LEU Q 116 8.77 -32.20 -29.25
N TRP Q 117 8.58 -31.22 -30.14
CA TRP Q 117 7.26 -30.64 -30.39
C TRP Q 117 6.88 -30.86 -31.85
N ARG Q 118 5.68 -31.38 -32.07
CA ARG Q 118 5.17 -31.62 -33.42
C ARG Q 118 3.95 -30.74 -33.64
N LYS Q 119 3.98 -29.95 -34.71
CA LYS Q 119 2.89 -29.00 -34.95
C LYS Q 119 1.62 -29.69 -35.43
N SER Q 120 1.75 -30.81 -36.15
CA SER Q 120 0.58 -31.43 -36.77
C SER Q 120 -0.45 -31.87 -35.73
N ASP Q 121 0.01 -32.52 -34.66
CA ASP Q 121 -0.87 -32.99 -33.60
C ASP Q 121 -0.66 -32.24 -32.28
N GLU Q 122 0.04 -31.11 -32.32
CA GLU Q 122 0.36 -30.27 -31.15
C GLU Q 122 0.65 -31.11 -29.91
N THR Q 123 1.61 -32.01 -30.05
CA THR Q 123 2.06 -32.85 -28.95
C THR Q 123 3.50 -32.54 -28.59
N ALA Q 124 3.83 -32.75 -27.31
CA ALA Q 124 5.18 -32.49 -26.81
C ALA Q 124 5.65 -33.68 -25.99
N TYR Q 125 6.84 -34.16 -26.32
CA TYR Q 125 7.48 -35.26 -25.58
C TYR Q 125 8.81 -34.78 -25.04
N TRP Q 126 9.17 -35.29 -23.87
CA TRP Q 126 10.40 -34.88 -23.19
C TRP Q 126 11.16 -36.11 -22.73
N LYS Q 127 12.48 -35.94 -22.60
CA LYS Q 127 13.36 -37.02 -22.16
C LYS Q 127 14.67 -36.42 -21.70
N ASP Q 128 15.22 -36.96 -20.61
CA ASP Q 128 16.54 -36.55 -20.15
C ASP Q 128 17.58 -37.02 -21.15
N VAL Q 129 18.50 -36.11 -21.51
CA VAL Q 129 19.50 -36.43 -22.52
C VAL Q 129 20.48 -37.49 -22.04
N SER Q 130 20.56 -37.72 -20.73
CA SER Q 130 21.41 -38.77 -20.18
C SER Q 130 20.72 -40.12 -20.12
N ASP Q 131 19.47 -40.21 -20.53
CA ASP Q 131 18.71 -41.46 -20.48
C ASP Q 131 18.96 -42.28 -21.75
N CYS Q 132 20.22 -42.70 -21.92
CA CYS Q 132 20.60 -43.52 -23.06
C CYS Q 132 19.98 -44.91 -22.95
N VAL Q 133 19.71 -45.51 -24.10
CA VAL Q 133 19.06 -46.81 -24.20
C VAL Q 133 20.04 -47.82 -24.78
N ARG Q 134 20.10 -49.00 -24.17
CA ARG Q 134 20.94 -50.11 -24.62
C ARG Q 134 22.42 -49.73 -24.70
N GLY Q 135 22.85 -48.79 -23.87
CA GLY Q 135 24.24 -48.36 -23.88
C GLY Q 135 24.62 -47.42 -24.99
N GLU Q 136 23.71 -47.13 -25.92
CA GLU Q 136 23.98 -46.20 -27.00
C GLU Q 136 23.81 -44.79 -26.47
N GLU Q 137 24.93 -44.08 -26.30
CA GLU Q 137 24.89 -42.79 -25.60
C GLU Q 137 24.06 -41.76 -26.35
N ARG Q 138 24.17 -41.72 -27.68
CA ARG Q 138 23.51 -40.69 -28.48
C ARG Q 138 22.19 -41.16 -29.07
N ARG Q 139 21.49 -42.08 -28.39
CA ARG Q 139 20.17 -42.51 -28.81
C ARG Q 139 19.24 -42.52 -27.60
N LEU Q 140 18.06 -41.93 -27.76
CA LEU Q 140 17.05 -41.90 -26.72
C LEU Q 140 15.81 -42.63 -27.20
N LYS Q 141 15.17 -43.37 -26.29
CA LYS Q 141 13.95 -44.11 -26.60
C LYS Q 141 12.81 -43.50 -25.82
N PHE Q 142 11.94 -42.77 -26.51
CA PHE Q 142 10.78 -42.16 -25.89
C PHE Q 142 9.69 -43.21 -25.68
N ASP Q 143 8.68 -42.84 -24.89
CA ASP Q 143 7.50 -43.67 -24.67
C ASP Q 143 6.28 -42.75 -24.72
N LYS Q 144 5.42 -42.96 -25.70
CA LYS Q 144 4.30 -42.05 -25.94
C LYS Q 144 3.28 -42.07 -24.80
N GLY Q 145 3.32 -43.07 -23.92
CA GLY Q 145 2.36 -43.15 -22.84
C GLY Q 145 2.82 -42.53 -21.53
N THR Q 146 4.11 -42.25 -21.41
CA THR Q 146 4.66 -41.73 -20.16
C THR Q 146 5.64 -40.57 -20.33
N ASP Q 147 6.08 -40.26 -21.55
CA ASP Q 147 7.01 -39.17 -21.79
C ASP Q 147 6.33 -37.90 -22.27
N VAL Q 148 5.01 -37.82 -22.15
CA VAL Q 148 4.29 -36.63 -22.62
C VAL Q 148 4.67 -35.42 -21.77
N PHE Q 149 4.93 -34.30 -22.45
CA PHE Q 149 5.28 -33.06 -21.77
C PHE Q 149 4.00 -32.26 -21.50
N ASP Q 150 3.67 -32.11 -20.21
CA ASP Q 150 2.43 -31.52 -19.73
C ASP Q 150 2.43 -31.40 -18.21
N PRO Q 151 1.46 -30.71 -17.60
CA PRO Q 151 1.51 -30.53 -16.13
C PRO Q 151 1.52 -31.82 -15.33
N ARG Q 152 1.02 -32.93 -15.88
CA ARG Q 152 1.02 -34.20 -15.15
C ARG Q 152 2.42 -34.68 -14.83
N SER Q 153 3.43 -34.22 -15.55
CA SER Q 153 4.81 -34.66 -15.38
C SER Q 153 5.66 -33.68 -14.59
N ALA Q 154 5.04 -32.76 -13.85
CA ALA Q 154 5.80 -31.75 -13.13
C ALA Q 154 6.75 -32.37 -12.11
N ASP Q 155 6.28 -33.38 -11.38
CA ASP Q 155 7.12 -34.02 -10.38
C ASP Q 155 8.30 -34.74 -11.02
N ARG Q 156 8.10 -35.35 -12.18
CA ARG Q 156 9.18 -36.06 -12.85
C ARG Q 156 10.28 -35.09 -13.29
N ILE Q 157 9.90 -33.92 -13.79
CA ILE Q 157 10.89 -32.94 -14.23
C ILE Q 157 11.77 -32.50 -13.06
N GLY Q 158 11.14 -32.19 -11.93
CA GLY Q 158 11.89 -31.69 -10.79
C GLY Q 158 12.79 -32.72 -10.16
N ALA Q 159 12.47 -34.01 -10.32
CA ALA Q 159 13.28 -35.07 -9.73
C ALA Q 159 14.70 -35.11 -10.30
N LEU Q 160 14.90 -34.58 -11.51
CA LEU Q 160 16.23 -34.59 -12.12
C LEU Q 160 17.15 -33.53 -11.53
N THR Q 161 16.60 -32.58 -10.77
CA THR Q 161 17.39 -31.45 -10.29
C THR Q 161 18.22 -31.78 -9.06
N ILE Q 162 18.05 -32.96 -8.47
CA ILE Q 162 18.80 -33.34 -7.27
C ILE Q 162 19.51 -34.66 -7.54
N ASP Q 163 20.63 -34.86 -6.84
CA ASP Q 163 21.35 -36.13 -6.88
C ASP Q 163 20.72 -37.08 -5.88
N ARG Q 164 20.15 -38.18 -6.36
CA ARG Q 164 19.52 -39.14 -5.48
C ARG Q 164 20.50 -39.81 -4.54
N ARG Q 165 21.80 -39.77 -4.85
CA ARG Q 165 22.81 -40.39 -4.01
C ARG Q 165 23.19 -39.55 -2.80
N THR Q 166 22.88 -38.26 -2.80
CA THR Q 166 23.25 -37.54 -1.59
C THR Q 166 22.07 -37.42 -0.63
N PRO Q 167 22.29 -37.54 0.67
CA PRO Q 167 21.18 -37.43 1.61
C PRO Q 167 20.73 -35.98 1.81
N GLY Q 168 19.48 -35.83 2.22
CA GLY Q 168 18.95 -34.53 2.60
C GLY Q 168 18.41 -33.68 1.47
N VAL Q 169 18.26 -34.23 0.27
CA VAL Q 169 17.71 -33.49 -0.86
C VAL Q 169 16.31 -33.99 -1.14
N PHE Q 170 15.38 -33.06 -1.34
CA PHE Q 170 13.99 -33.41 -1.60
C PHE Q 170 13.31 -32.25 -2.30
N LEU Q 171 12.17 -32.55 -2.91
CA LEU Q 171 11.34 -31.54 -3.57
C LEU Q 171 9.94 -31.54 -2.98
N PRO Q 172 9.36 -30.36 -2.74
CA PRO Q 172 7.94 -30.32 -2.40
C PRO Q 172 7.11 -30.83 -3.55
N PRO Q 173 5.93 -31.39 -3.27
CA PRO Q 173 5.06 -31.87 -4.36
C PRO Q 173 4.75 -30.75 -5.33
N LEU Q 174 4.85 -31.06 -6.62
CA LEU Q 174 4.70 -30.06 -7.68
C LEU Q 174 3.44 -30.25 -8.52
N ASN Q 175 2.70 -31.33 -8.31
CA ASN Q 175 1.50 -31.56 -9.09
C ASN Q 175 0.40 -30.57 -8.71
N LYS Q 176 -0.54 -30.37 -9.64
CA LYS Q 176 -1.63 -29.45 -9.39
C LYS Q 176 -2.50 -29.91 -8.23
N GLY Q 177 -2.79 -31.20 -8.15
CA GLY Q 177 -3.63 -31.73 -7.10
C GLY Q 177 -4.22 -33.06 -7.51
N GLU Q 178 -4.92 -33.68 -6.55
CA GLU Q 178 -5.54 -34.97 -6.81
C GLU Q 178 -7.00 -34.97 -6.41
N ASP Q 179 -7.65 -36.12 -6.55
CA ASP Q 179 -9.02 -36.31 -6.11
C ASP Q 179 -9.13 -37.69 -5.47
N ALA Q 180 -9.78 -37.76 -4.31
CA ALA Q 180 -9.80 -38.97 -3.51
C ALA Q 180 -11.21 -39.29 -3.08
N ILE Q 181 -11.53 -40.58 -3.00
CA ILE Q 181 -12.82 -41.00 -2.49
C ILE Q 181 -12.81 -40.96 -0.97
N ILE Q 182 -14.00 -40.86 -0.38
CA ILE Q 182 -14.17 -40.57 1.03
C ILE Q 182 -14.48 -41.83 1.84
N ASN Q 183 -14.87 -42.92 1.17
CA ASN Q 183 -15.30 -44.14 1.84
C ASN Q 183 -16.52 -43.86 2.72
N LEU Q 184 -17.48 -43.15 2.14
CA LEU Q 184 -18.76 -42.88 2.79
C LEU Q 184 -19.85 -42.89 1.74
N LEU Q 185 -21.02 -43.39 2.13
CA LEU Q 185 -22.19 -43.42 1.25
C LEU Q 185 -23.32 -42.67 1.94
N ARG Q 186 -23.79 -41.59 1.31
CA ARG Q 186 -24.91 -40.85 1.86
C ARG Q 186 -26.18 -41.69 1.80
N ILE Q 187 -26.94 -41.69 2.90
CA ILE Q 187 -28.16 -42.47 3.02
C ILE Q 187 -29.34 -41.53 2.81
N ARG Q 188 -30.14 -41.81 1.80
CA ARG Q 188 -31.35 -41.04 1.52
C ARG Q 188 -32.51 -41.78 2.17
N LEU Q 189 -32.75 -41.46 3.44
CA LEU Q 189 -33.84 -42.09 4.18
C LEU Q 189 -35.18 -41.71 3.58
N PRO Q 190 -36.16 -42.62 3.60
CA PRO Q 190 -37.52 -42.23 3.25
C PRO Q 190 -38.00 -41.16 4.22
N ASP Q 191 -38.78 -40.21 3.70
CA ASP Q 191 -39.28 -39.13 4.54
C ASP Q 191 -40.30 -39.62 5.56
N GLU Q 192 -40.76 -40.87 5.46
CA GLU Q 192 -41.82 -41.39 6.31
C GLU Q 192 -41.27 -42.59 7.08
N ILE Q 193 -41.51 -42.63 8.39
CA ILE Q 193 -41.09 -43.74 9.24
C ILE Q 193 -42.32 -44.27 9.98
N PHE Q 194 -42.39 -45.59 10.14
CA PHE Q 194 -43.53 -46.23 10.79
C PHE Q 194 -43.16 -46.55 12.23
N ILE Q 195 -43.77 -45.83 13.17
CA ILE Q 195 -43.51 -46.02 14.60
C ILE Q 195 -44.81 -46.42 15.28
N SER Q 196 -44.66 -47.04 16.45
CA SER Q 196 -45.80 -47.53 17.23
C SER Q 196 -45.29 -47.99 18.58
N THR Q 197 -46.20 -47.99 19.56
CA THR Q 197 -45.89 -48.51 20.90
C THR Q 197 -46.40 -49.95 21.01
N SER Q 198 -45.59 -50.85 20.49
CA SER Q 198 -45.96 -52.26 20.46
C SER Q 198 -46.03 -52.83 21.88
N PRO Q 199 -46.98 -53.73 22.16
CA PRO Q 199 -47.06 -54.32 23.51
C PRO Q 199 -45.85 -55.14 23.90
N PHE Q 200 -45.12 -55.70 22.93
CA PHE Q 200 -43.98 -56.55 23.24
C PHE Q 200 -42.90 -55.75 23.97
N GLY Q 201 -42.37 -56.33 25.05
CA GLY Q 201 -41.41 -55.62 25.87
C GLY Q 201 -40.06 -55.45 25.18
N SER Q 202 -39.55 -56.52 24.58
CA SER Q 202 -38.21 -56.52 24.02
C SER Q 202 -38.25 -57.05 22.58
N GLY Q 203 -37.22 -56.68 21.82
CA GLY Q 203 -37.15 -57.12 20.43
C GLY Q 203 -36.95 -58.62 20.31
N ARG Q 204 -36.07 -59.19 21.13
CA ARG Q 204 -35.75 -60.61 21.01
C ARG Q 204 -36.95 -61.47 21.36
N ASP Q 205 -37.80 -61.01 22.29
CA ASP Q 205 -38.98 -61.77 22.66
C ASP Q 205 -39.94 -61.91 21.49
N ALA Q 206 -40.04 -60.87 20.65
CA ALA Q 206 -40.98 -60.87 19.55
C ALA Q 206 -40.50 -61.64 18.33
N VAL Q 207 -39.21 -61.99 18.26
CA VAL Q 207 -38.70 -62.71 17.09
C VAL Q 207 -39.35 -64.08 16.92
N PRO Q 208 -39.38 -64.97 17.92
CA PRO Q 208 -40.04 -66.27 17.71
C PRO Q 208 -41.53 -66.15 17.44
N GLU Q 209 -42.20 -65.14 18.01
CA GLU Q 209 -43.63 -64.98 17.77
C GLU Q 209 -43.91 -64.65 16.31
N LEU Q 210 -42.96 -64.00 15.64
CA LEU Q 210 -43.14 -63.67 14.22
C LEU Q 210 -43.16 -64.92 13.36
N VAL Q 211 -42.35 -65.92 13.72
CA VAL Q 211 -42.21 -67.11 12.88
C VAL Q 211 -43.53 -67.85 12.76
N LYS Q 212 -44.26 -67.99 13.89
CA LYS Q 212 -45.53 -68.71 13.86
C LYS Q 212 -46.55 -68.01 12.97
N HIS Q 213 -46.63 -66.68 13.07
CA HIS Q 213 -47.59 -65.94 12.26
C HIS Q 213 -47.21 -65.99 10.77
N GLY Q 214 -45.92 -65.91 10.47
CA GLY Q 214 -45.48 -65.87 9.09
C GLY Q 214 -45.26 -64.45 8.60
N ASN Q 215 -45.12 -64.34 7.28
CA ASN Q 215 -44.90 -63.05 6.62
C ASN Q 215 -43.65 -62.37 7.17
N VAL Q 216 -42.50 -63.02 6.97
CA VAL Q 216 -41.24 -62.59 7.57
C VAL Q 216 -40.58 -61.56 6.66
N ARG Q 217 -40.27 -60.40 7.22
CA ARG Q 217 -39.55 -59.35 6.53
C ARG Q 217 -38.25 -58.99 7.21
N PHE Q 218 -38.26 -58.85 8.54
CA PHE Q 218 -37.09 -58.66 9.40
C PHE Q 218 -36.41 -57.31 9.21
N ASP Q 219 -37.13 -56.29 8.74
CA ASP Q 219 -36.63 -54.91 8.76
C ASP Q 219 -37.19 -54.11 9.93
N TRP Q 220 -37.41 -54.75 11.08
CA TRP Q 220 -38.07 -54.13 12.21
C TRP Q 220 -37.18 -54.19 13.44
N VAL Q 221 -37.21 -53.11 14.22
CA VAL Q 221 -36.48 -53.02 15.49
C VAL Q 221 -37.43 -52.44 16.53
N ILE Q 222 -37.57 -53.15 17.65
CA ILE Q 222 -38.41 -52.71 18.76
C ILE Q 222 -37.60 -52.77 20.05
N ARG Q 223 -37.58 -51.66 20.79
CA ARG Q 223 -36.91 -51.59 22.08
C ARG Q 223 -37.66 -50.61 22.96
N LYS Q 224 -37.54 -50.80 24.28
CA LYS Q 224 -38.26 -50.00 25.26
C LYS Q 224 -39.77 -50.02 25.02
N ARG Q 225 -40.29 -51.17 24.60
CA ARG Q 225 -41.70 -51.39 24.29
C ARG Q 225 -42.21 -50.46 23.20
N ARG Q 226 -41.33 -49.95 22.34
CA ARG Q 226 -41.71 -49.08 21.24
C ARG Q 226 -41.18 -49.65 19.94
N PHE Q 227 -42.02 -49.63 18.90
CA PHE Q 227 -41.74 -50.27 17.64
C PHE Q 227 -41.47 -49.22 16.57
N VAL Q 228 -40.52 -49.52 15.68
CA VAL Q 228 -40.17 -48.60 14.60
C VAL Q 228 -39.70 -49.42 13.41
N SER Q 229 -40.10 -48.99 12.21
CA SER Q 229 -39.70 -49.63 10.96
C SER Q 229 -39.95 -48.66 9.82
N PHE Q 230 -39.28 -48.92 8.69
CA PHE Q 230 -39.51 -48.14 7.49
C PHE Q 230 -40.72 -48.63 6.69
N PHE Q 231 -41.09 -49.89 6.86
CA PHE Q 231 -42.25 -50.47 6.21
C PHE Q 231 -43.42 -50.50 7.16
N ASP Q 232 -44.62 -50.42 6.61
CA ASP Q 232 -45.83 -50.48 7.41
C ASP Q 232 -46.03 -51.91 7.91
N PRO Q 233 -46.13 -52.13 9.22
CA PRO Q 233 -46.29 -53.51 9.72
C PRO Q 233 -47.61 -54.16 9.32
N ARG Q 234 -48.60 -53.37 8.91
CA ARG Q 234 -49.91 -53.91 8.57
C ARG Q 234 -49.91 -54.75 7.30
N GLU Q 235 -48.87 -54.66 6.48
CA GLU Q 235 -48.76 -55.48 5.29
C GLU Q 235 -47.28 -55.73 5.01
N TYR Q 236 -47.01 -56.78 4.22
CA TYR Q 236 -45.67 -57.27 3.95
C TYR Q 236 -44.94 -57.72 5.21
N GLY Q 237 -45.66 -57.84 6.32
CA GLY Q 237 -45.08 -58.26 7.59
C GLY Q 237 -46.19 -58.56 8.56
N THR Q 238 -45.80 -59.12 9.71
CA THR Q 238 -46.76 -59.54 10.70
C THR Q 238 -47.35 -58.33 11.43
N ARG Q 239 -48.53 -58.55 12.02
CA ARG Q 239 -49.17 -57.56 12.87
C ARG Q 239 -49.31 -58.00 14.33
N ALA Q 240 -49.10 -59.28 14.63
CA ALA Q 240 -49.34 -59.78 15.98
C ALA Q 240 -48.39 -59.19 17.01
N ILE Q 241 -47.29 -58.58 16.58
CA ILE Q 241 -46.33 -58.04 17.54
C ILE Q 241 -46.73 -56.63 17.98
N VAL Q 242 -47.68 -56.00 17.31
CA VAL Q 242 -48.01 -54.60 17.57
C VAL Q 242 -49.52 -54.46 17.72
N ASP Q 243 -49.93 -53.38 18.38
CA ASP Q 243 -51.33 -53.01 18.52
C ASP Q 243 -51.67 -52.02 17.42
N LEU Q 244 -52.69 -52.34 16.61
CA LEU Q 244 -52.94 -51.61 15.37
C LEU Q 244 -53.38 -50.18 15.62
N ASP Q 245 -54.14 -49.94 16.70
CA ASP Q 245 -54.71 -48.61 16.93
C ASP Q 245 -53.62 -47.57 17.15
N GLN Q 246 -52.56 -47.92 17.88
CA GLN Q 246 -51.50 -46.98 18.19
C GLN Q 246 -50.49 -46.80 17.07
N VAL Q 247 -50.58 -47.59 16.00
CA VAL Q 247 -49.65 -47.45 14.89
C VAL Q 247 -50.01 -46.20 14.10
N GLU Q 248 -49.31 -45.10 14.37
CA GLU Q 248 -49.51 -43.85 13.65
C GLU Q 248 -48.20 -43.47 12.97
N ALA Q 249 -48.23 -43.42 11.65
CA ALA Q 249 -47.04 -43.14 10.87
C ALA Q 249 -46.62 -41.68 11.01
N VAL Q 250 -45.32 -41.45 11.21
CA VAL Q 250 -44.77 -40.12 11.44
C VAL Q 250 -43.52 -39.93 10.60
N ASP Q 251 -43.16 -38.67 10.39
CA ASP Q 251 -42.01 -38.35 9.55
C ASP Q 251 -40.70 -38.84 10.18
N THR Q 252 -39.77 -39.25 9.31
CA THR Q 252 -38.50 -39.81 9.78
C THR Q 252 -37.65 -38.76 10.48
N LYS Q 253 -37.77 -37.49 10.11
CA LYS Q 253 -36.95 -36.44 10.69
C LYS Q 253 -37.19 -36.28 12.18
N LEU Q 254 -38.33 -36.77 12.69
CA LEU Q 254 -38.64 -36.59 14.11
C LEU Q 254 -37.80 -37.49 15.00
N ILE Q 255 -37.42 -38.67 14.53
CA ILE Q 255 -36.70 -39.65 15.32
C ILE Q 255 -35.29 -39.89 14.79
N ALA Q 256 -35.11 -39.90 13.47
CA ALA Q 256 -33.80 -40.20 12.91
C ALA Q 256 -32.78 -39.13 13.27
N PHE Q 257 -33.13 -37.86 13.07
CA PHE Q 257 -32.25 -36.74 13.40
C PHE Q 257 -32.54 -36.15 14.78
N ASN Q 258 -33.03 -36.97 15.70
CA ASN Q 258 -33.33 -36.52 17.05
C ASN Q 258 -32.14 -36.78 17.97
N ASP Q 259 -31.92 -35.85 18.91
CA ASP Q 259 -30.67 -35.82 19.67
C ASP Q 259 -30.56 -36.93 20.70
N GLU Q 260 -31.68 -37.57 21.08
CA GLU Q 260 -31.63 -38.57 22.15
C GLU Q 260 -30.73 -39.74 21.75
N GLN Q 261 -29.92 -40.19 22.70
CA GLN Q 261 -28.97 -41.27 22.44
C GLN Q 261 -29.68 -42.56 22.06
N ASP Q 262 -30.79 -42.87 22.73
CA ASP Q 262 -31.55 -44.07 22.41
C ASP Q 262 -32.11 -44.01 20.99
N ASP Q 263 -32.51 -42.82 20.54
CA ASP Q 263 -33.01 -42.68 19.17
C ASP Q 263 -31.90 -42.87 18.15
N LEU Q 264 -30.64 -42.72 18.58
CA LEU Q 264 -29.53 -43.02 17.69
C LEU Q 264 -29.30 -44.52 17.58
N ASN Q 265 -29.46 -45.25 18.68
CA ASN Q 265 -29.14 -46.68 18.68
C ASN Q 265 -30.14 -47.46 17.83
N ASP Q 266 -31.44 -47.25 18.04
CA ASP Q 266 -32.44 -47.99 17.28
C ASP Q 266 -32.38 -47.64 15.80
N THR Q 267 -32.12 -46.36 15.48
CA THR Q 267 -31.99 -45.96 14.09
C THR Q 267 -30.83 -46.68 13.42
N MET Q 268 -29.69 -46.78 14.11
CA MET Q 268 -28.55 -47.50 13.56
C MET Q 268 -28.87 -48.98 13.39
N ASP Q 269 -29.51 -49.58 14.40
CA ASP Q 269 -29.91 -50.99 14.27
C ASP Q 269 -30.95 -51.17 13.18
N LEU Q 270 -31.91 -50.26 13.08
CA LEU Q 270 -32.91 -50.33 12.02
C LEU Q 270 -32.26 -50.16 10.65
N LEU Q 271 -31.28 -49.26 10.55
CA LEU Q 271 -30.59 -49.05 9.28
C LEU Q 271 -29.85 -50.30 8.82
N ARG Q 272 -29.16 -50.97 9.75
CA ARG Q 272 -28.41 -52.17 9.37
C ARG Q 272 -29.34 -53.30 8.94
N ARG Q 273 -30.43 -53.52 9.70
CA ARG Q 273 -31.37 -54.57 9.34
C ARG Q 273 -32.07 -54.25 8.02
N THR Q 274 -32.38 -52.97 7.78
CA THR Q 274 -32.93 -52.58 6.49
C THR Q 274 -31.94 -52.82 5.37
N VAL Q 275 -30.66 -52.53 5.61
CA VAL Q 275 -29.63 -52.73 4.59
C VAL Q 275 -29.50 -54.21 4.25
N GLU Q 276 -29.63 -55.09 5.25
CA GLU Q 276 -29.42 -56.52 5.03
C GLU Q 276 -30.41 -57.08 4.02
N ARG Q 277 -31.69 -56.69 4.11
CA ARG Q 277 -32.68 -57.19 3.17
C ARG Q 277 -32.40 -56.71 1.75
N GLN Q 278 -31.97 -55.45 1.61
CA GLN Q 278 -31.73 -54.90 0.28
C GLN Q 278 -30.64 -55.65 -0.45
N THR Q 279 -29.59 -56.04 0.26
CA THR Q 279 -28.46 -56.77 -0.33
C THR Q 279 -28.54 -58.27 -0.07
N ALA Q 280 -29.70 -58.77 0.36
CA ALA Q 280 -29.83 -60.20 0.66
C ALA Q 280 -29.62 -61.08 -0.57
N THR Q 281 -29.71 -60.51 -1.77
CA THR Q 281 -29.50 -61.30 -2.98
C THR Q 281 -28.06 -61.79 -3.07
N GLN Q 282 -27.10 -60.95 -2.68
CA GLN Q 282 -25.69 -61.28 -2.82
C GLN Q 282 -24.90 -61.26 -1.52
N LEU Q 283 -25.44 -60.70 -0.45
CA LEU Q 283 -24.70 -60.50 0.79
C LEU Q 283 -25.30 -61.32 1.92
N SER Q 284 -24.43 -61.95 2.70
CA SER Q 284 -24.81 -62.65 3.91
C SER Q 284 -24.18 -61.96 5.11
N PHE Q 285 -24.99 -61.73 6.15
CA PHE Q 285 -24.56 -60.98 7.33
C PHE Q 285 -24.19 -61.96 8.43
N LEU Q 286 -22.90 -62.05 8.75
CA LEU Q 286 -22.45 -62.81 9.90
C LEU Q 286 -22.87 -62.10 11.18
N ARG Q 287 -22.98 -62.87 12.25
CA ARG Q 287 -23.53 -62.35 13.51
C ARG Q 287 -22.50 -62.20 14.61
N LYS Q 288 -21.65 -63.19 14.85
CA LYS Q 288 -20.62 -63.07 15.88
C LYS Q 288 -19.69 -61.91 15.57
N ASP Q 289 -19.20 -61.83 14.34
CA ASP Q 289 -18.50 -60.66 13.83
C ASP Q 289 -19.46 -59.91 12.92
N ARG Q 290 -19.66 -58.62 13.21
CA ARG Q 290 -20.63 -57.82 12.47
C ARG Q 290 -20.04 -57.55 11.08
N LEU Q 291 -20.13 -58.57 10.23
CA LEU Q 291 -19.45 -58.60 8.94
C LEU Q 291 -20.45 -58.97 7.85
N PHE Q 292 -20.46 -58.19 6.76
CA PHE Q 292 -21.23 -58.51 5.57
C PHE Q 292 -20.29 -59.15 4.56
N HIS Q 293 -20.59 -60.37 4.14
CA HIS Q 293 -19.76 -61.08 3.19
C HIS Q 293 -20.61 -61.61 2.05
N PHE Q 294 -19.99 -61.74 0.88
CA PHE Q 294 -20.69 -62.21 -0.31
C PHE Q 294 -21.09 -63.67 -0.12
N LYS Q 295 -22.40 -63.94 -0.20
CA LYS Q 295 -22.87 -65.30 -0.14
C LYS Q 295 -22.44 -66.08 -1.39
N ALA Q 296 -22.04 -67.33 -1.18
CA ALA Q 296 -21.51 -68.16 -2.26
C ALA Q 296 -22.61 -69.06 -2.81
N VAL Q 297 -22.99 -68.84 -4.06
CA VAL Q 297 -23.89 -69.75 -4.75
C VAL Q 297 -23.08 -70.91 -5.30
N GLY Q 298 -23.42 -72.12 -4.89
CA GLY Q 298 -22.59 -73.27 -5.19
C GLY Q 298 -21.55 -73.47 -4.09
N VAL Q 299 -21.42 -74.71 -3.61
CA VAL Q 299 -20.54 -74.96 -2.47
C VAL Q 299 -19.09 -74.69 -2.84
N GLY Q 300 -18.65 -75.15 -4.01
CA GLY Q 300 -17.27 -74.98 -4.42
C GLY Q 300 -17.11 -74.19 -5.70
N LYS Q 301 -18.06 -73.30 -5.98
CA LYS Q 301 -18.06 -72.52 -7.21
C LYS Q 301 -17.68 -71.08 -6.88
N SER Q 302 -16.54 -70.64 -7.40
CA SER Q 302 -16.12 -69.25 -7.25
C SER Q 302 -17.02 -68.33 -8.04
N ARG Q 303 -17.18 -67.10 -7.54
CA ARG Q 303 -18.04 -66.11 -8.16
C ARG Q 303 -17.21 -64.95 -8.69
N SER Q 304 -17.90 -64.02 -9.35
CA SER Q 304 -17.28 -62.80 -9.85
C SER Q 304 -18.35 -61.73 -9.92
N TYR Q 305 -18.07 -60.57 -9.32
CA TYR Q 305 -19.00 -59.45 -9.31
C TYR Q 305 -18.45 -58.32 -10.15
N ARG Q 306 -19.29 -57.74 -11.00
CA ARG Q 306 -18.88 -56.67 -11.90
C ARG Q 306 -19.36 -55.34 -11.36
N TYR Q 307 -18.49 -54.33 -11.42
CA TYR Q 307 -18.79 -53.00 -10.92
C TYR Q 307 -18.13 -51.97 -11.81
N MET Q 308 -18.65 -50.76 -11.77
CA MET Q 308 -18.17 -49.65 -12.59
C MET Q 308 -17.11 -48.85 -11.85
N SER Q 309 -16.51 -47.91 -12.56
CA SER Q 309 -15.47 -47.05 -11.99
C SER Q 309 -15.85 -45.58 -12.11
N LYS Q 317 -15.93 -48.20 -15.49
CA LYS Q 317 -15.34 -49.19 -16.37
C LYS Q 317 -15.67 -50.61 -15.89
N VAL Q 318 -15.61 -51.57 -16.80
CA VAL Q 318 -15.97 -52.95 -16.49
C VAL Q 318 -14.83 -53.58 -15.71
N VAL Q 319 -15.07 -53.88 -14.43
CA VAL Q 319 -14.11 -54.56 -13.57
C VAL Q 319 -14.83 -55.72 -12.90
N SER Q 320 -14.25 -56.92 -13.01
CA SER Q 320 -14.82 -58.13 -12.41
C SER Q 320 -13.85 -58.60 -11.34
N ALA Q 321 -14.29 -58.57 -10.08
CA ALA Q 321 -13.47 -59.00 -8.95
C ALA Q 321 -14.00 -60.31 -8.40
N TYR Q 322 -13.09 -61.22 -8.08
CA TYR Q 322 -13.44 -62.54 -7.58
C TYR Q 322 -13.89 -62.40 -6.13
N SER Q 323 -15.18 -62.09 -5.96
CA SER Q 323 -15.73 -61.90 -4.62
C SER Q 323 -15.63 -63.18 -3.80
N SER Q 324 -15.93 -64.32 -4.42
CA SER Q 324 -15.75 -65.63 -3.80
C SER Q 324 -14.64 -66.36 -4.53
N LYS Q 325 -13.61 -66.77 -3.80
CA LYS Q 325 -12.46 -67.44 -4.39
C LYS Q 325 -12.13 -68.68 -3.57
N LYS Q 326 -11.88 -69.80 -4.24
CA LYS Q 326 -11.51 -71.04 -3.57
C LYS Q 326 -10.16 -71.53 -4.10
N LYS Q 327 -9.52 -72.37 -3.30
CA LYS Q 327 -8.22 -72.93 -3.62
C LYS Q 327 -8.30 -74.45 -3.59
N ASP Q 328 -7.15 -75.10 -3.76
CA ASP Q 328 -7.07 -76.55 -3.82
C ASP Q 328 -6.83 -77.12 -2.43
N GLY Q 329 -6.53 -78.41 -2.35
CA GLY Q 329 -6.34 -79.06 -1.07
C GLY Q 329 -7.64 -79.11 -0.28
N TRP Q 330 -7.52 -79.03 1.05
CA TRP Q 330 -8.70 -78.87 1.88
C TRP Q 330 -9.41 -77.57 1.55
N GLY Q 331 -8.63 -76.49 1.34
CA GLY Q 331 -9.15 -75.30 0.71
C GLY Q 331 -9.94 -74.40 1.64
N TYR Q 332 -10.40 -73.30 1.06
CA TYR Q 332 -11.20 -72.29 1.75
C TYR Q 332 -11.95 -71.50 0.69
N VAL Q 333 -12.88 -70.67 1.14
CA VAL Q 333 -13.59 -69.75 0.26
C VAL Q 333 -13.42 -68.35 0.84
N ARG Q 334 -12.73 -67.48 0.09
CA ARG Q 334 -12.42 -66.13 0.56
C ARG Q 334 -13.52 -65.20 0.08
N HIS Q 335 -14.59 -65.09 0.88
CA HIS Q 335 -15.66 -64.15 0.56
C HIS Q 335 -15.20 -62.74 0.89
N HIS Q 336 -15.38 -61.83 -0.06
CA HIS Q 336 -15.09 -60.43 0.21
C HIS Q 336 -16.05 -59.89 1.25
N ALA Q 337 -15.52 -59.25 2.29
CA ALA Q 337 -16.29 -58.88 3.46
C ALA Q 337 -16.18 -57.40 3.72
N ALA Q 338 -17.09 -56.89 4.55
CA ALA Q 338 -17.09 -55.48 4.92
C ALA Q 338 -17.77 -55.33 6.27
N ARG Q 339 -17.38 -54.28 7.00
CA ARG Q 339 -17.97 -53.93 8.28
C ARG Q 339 -18.80 -52.66 8.07
N LEU Q 340 -20.05 -52.84 7.68
CA LEU Q 340 -20.93 -51.70 7.39
C LEU Q 340 -21.36 -51.06 8.70
N ARG Q 341 -20.99 -49.78 8.87
CA ARG Q 341 -21.33 -49.02 10.07
C ARG Q 341 -21.90 -47.67 9.66
N PHE Q 342 -22.79 -47.15 10.50
CA PHE Q 342 -23.54 -45.95 10.17
C PHE Q 342 -23.21 -44.84 11.16
N GLU Q 343 -22.97 -43.64 10.63
CA GLU Q 343 -22.65 -42.47 11.43
C GLU Q 343 -23.53 -41.31 11.00
N ARG Q 344 -23.78 -40.39 11.93
CA ARG Q 344 -24.58 -39.20 11.69
C ARG Q 344 -23.67 -37.99 11.67
N LEU Q 345 -23.63 -37.30 10.53
CA LEU Q 345 -22.79 -36.12 10.36
C LEU Q 345 -23.65 -34.98 9.83
N ALA Q 346 -23.64 -33.85 10.54
CA ALA Q 346 -24.36 -32.63 10.13
C ALA Q 346 -25.84 -32.93 9.88
N ASP Q 347 -26.44 -33.70 10.78
CA ASP Q 347 -27.83 -34.12 10.66
C ASP Q 347 -28.09 -34.79 9.32
N GLU Q 348 -27.15 -35.64 8.90
CA GLU Q 348 -27.27 -36.41 7.67
C GLU Q 348 -26.58 -37.74 7.89
N TRP Q 349 -27.26 -38.84 7.55
CA TRP Q 349 -26.78 -40.17 7.88
C TRP Q 349 -25.87 -40.68 6.77
N PHE Q 350 -24.72 -41.25 7.16
CA PHE Q 350 -23.74 -41.79 6.24
C PHE Q 350 -23.47 -43.25 6.60
N LEU Q 351 -22.94 -43.98 5.62
CA LEU Q 351 -22.59 -45.39 5.79
C LEU Q 351 -21.10 -45.56 5.53
N VAL Q 352 -20.42 -46.28 6.41
CA VAL Q 352 -18.98 -46.49 6.32
C VAL Q 352 -18.72 -47.91 5.84
N ILE Q 353 -17.83 -48.06 4.88
CA ILE Q 353 -17.44 -49.34 4.34
C ILE Q 353 -16.02 -49.67 4.83
N ASP Q 354 -15.87 -50.79 5.50
CA ASP Q 354 -14.58 -51.25 6.01
C ASP Q 354 -14.22 -52.57 5.35
N PRO Q 355 -13.41 -52.57 4.30
CA PRO Q 355 -13.10 -53.82 3.59
C PRO Q 355 -12.44 -54.85 4.50
N ASP Q 356 -12.80 -56.11 4.29
CA ASP Q 356 -12.27 -57.21 5.08
C ASP Q 356 -12.47 -58.50 4.29
N PHE Q 357 -11.97 -59.60 4.84
CA PHE Q 357 -12.08 -60.90 4.19
C PHE Q 357 -12.67 -61.93 5.16
N HIS Q 358 -13.47 -62.83 4.61
CA HIS Q 358 -14.09 -63.91 5.36
C HIS Q 358 -13.73 -65.24 4.73
N PHE Q 359 -13.33 -66.20 5.56
CA PHE Q 359 -12.86 -67.49 5.09
C PHE Q 359 -13.80 -68.59 5.57
N THR Q 360 -14.16 -69.49 4.66
CA THR Q 360 -15.04 -70.61 4.94
C THR Q 360 -14.54 -71.84 4.21
N THR Q 361 -14.73 -73.01 4.81
CA THR Q 361 -14.25 -74.25 4.19
C THR Q 361 -15.08 -74.60 2.96
N ASP Q 362 -16.37 -74.89 3.16
CA ASP Q 362 -17.26 -75.22 2.05
C ASP Q 362 -18.03 -74.01 1.53
N GLY Q 363 -17.75 -72.81 2.03
CA GLY Q 363 -18.43 -71.61 1.60
C GLY Q 363 -19.63 -71.23 2.44
N PHE Q 364 -20.06 -72.07 3.37
CA PHE Q 364 -21.22 -71.78 4.20
C PHE Q 364 -20.88 -71.75 5.68
N GLN Q 365 -20.16 -72.75 6.19
CA GLN Q 365 -19.84 -72.61 7.60
C GLN Q 365 -18.45 -72.00 7.77
N PRO Q 366 -18.25 -71.20 8.82
CA PRO Q 366 -16.99 -70.44 8.95
C PRO Q 366 -15.78 -71.36 9.08
N HIS Q 367 -14.65 -70.87 8.56
CA HIS Q 367 -13.38 -71.58 8.70
C HIS Q 367 -12.87 -71.45 10.13
N ARG Q 368 -11.98 -72.36 10.52
CA ARG Q 368 -11.62 -72.47 11.93
C ARG Q 368 -10.27 -71.86 12.28
N TYR Q 369 -9.34 -71.72 11.34
CA TYR Q 369 -8.05 -71.11 11.60
C TYR Q 369 -7.71 -70.05 10.54
N PRO Q 370 -8.54 -69.01 10.43
CA PRO Q 370 -8.31 -68.01 9.38
C PRO Q 370 -7.16 -67.06 9.69
N GLU Q 371 -6.35 -67.41 10.69
CA GLU Q 371 -5.24 -66.55 11.09
C GLU Q 371 -4.24 -66.37 9.96
N ALA Q 372 -3.62 -67.46 9.51
CA ALA Q 372 -2.61 -67.37 8.46
C ALA Q 372 -3.20 -66.86 7.15
N LEU Q 373 -4.45 -67.21 6.86
CA LEU Q 373 -5.09 -66.75 5.63
C LEU Q 373 -5.35 -65.25 5.68
N LEU Q 374 -5.92 -64.76 6.78
CA LEU Q 374 -6.17 -63.33 6.92
C LEU Q 374 -4.87 -62.54 6.95
N ALA Q 375 -3.93 -62.96 7.80
CA ALA Q 375 -2.66 -62.25 7.92
C ALA Q 375 -1.89 -62.29 6.60
N GLY Q 376 -1.89 -63.44 5.93
CA GLY Q 376 -1.22 -63.53 4.65
C GLY Q 376 -1.87 -62.68 3.58
N LYS Q 377 -3.21 -62.69 3.53
CA LYS Q 377 -3.92 -61.92 2.51
C LYS Q 377 -3.82 -60.42 2.79
N LYS Q 378 -4.09 -60.01 4.03
CA LYS Q 378 -4.11 -58.58 4.35
C LYS Q 378 -2.73 -57.95 4.17
N ARG Q 379 -1.66 -58.74 4.35
CA ARG Q 379 -0.31 -58.19 4.26
C ARG Q 379 0.01 -57.73 2.84
N LEU Q 380 -0.47 -58.46 1.84
CA LEU Q 380 -0.04 -58.24 0.47
C LEU Q 380 -0.62 -56.98 -0.16
N GLU Q 381 -1.90 -56.70 0.04
CA GLU Q 381 -2.55 -55.64 -0.72
C GLU Q 381 -2.07 -54.26 -0.27
N ARG Q 382 -2.23 -53.29 -1.16
CA ARG Q 382 -1.81 -51.92 -0.95
C ARG Q 382 -3.01 -50.99 -1.16
N ASN Q 383 -2.72 -49.68 -1.22
CA ASN Q 383 -3.79 -48.70 -1.39
C ASN Q 383 -4.57 -48.93 -2.66
N ALA Q 384 -3.91 -49.38 -3.73
CA ALA Q 384 -4.60 -49.63 -4.98
C ALA Q 384 -5.64 -50.72 -4.83
N ALA Q 385 -5.31 -51.80 -4.13
CA ALA Q 385 -6.25 -52.91 -3.96
C ALA Q 385 -7.36 -52.55 -2.98
N VAL Q 386 -7.00 -51.86 -1.89
CA VAL Q 386 -8.00 -51.50 -0.88
C VAL Q 386 -9.01 -50.52 -1.47
N ARG Q 387 -8.54 -49.55 -2.26
CA ARG Q 387 -9.44 -48.61 -2.90
C ARG Q 387 -10.40 -49.31 -3.85
N GLY Q 388 -9.93 -50.36 -4.54
CA GLY Q 388 -10.80 -51.11 -5.43
C GLY Q 388 -11.95 -51.77 -4.70
N GLN Q 389 -11.69 -52.32 -3.51
CA GLN Q 389 -12.75 -52.95 -2.73
C GLN Q 389 -13.77 -51.93 -2.28
N VAL Q 390 -13.33 -50.72 -1.91
CA VAL Q 390 -14.25 -49.67 -1.51
C VAL Q 390 -15.16 -49.30 -2.67
N THR Q 391 -14.59 -49.15 -3.87
CA THR Q 391 -15.40 -48.83 -5.05
C THR Q 391 -16.37 -49.97 -5.38
N MET Q 392 -15.92 -51.21 -5.23
CA MET Q 392 -16.79 -52.35 -5.49
C MET Q 392 -18.00 -52.36 -4.56
N TRP Q 393 -17.75 -52.20 -3.26
CA TRP Q 393 -18.86 -52.17 -2.31
C TRP Q 393 -19.76 -50.97 -2.54
N GLN Q 394 -19.17 -49.80 -2.81
CA GLN Q 394 -19.96 -48.61 -3.07
C GLN Q 394 -20.88 -48.81 -4.27
N HIS Q 395 -20.37 -49.45 -5.32
CA HIS Q 395 -21.20 -49.74 -6.49
C HIS Q 395 -22.33 -50.69 -6.13
N LEU Q 396 -22.06 -51.68 -5.27
CA LEU Q 396 -23.05 -52.70 -4.96
C LEU Q 396 -24.19 -52.12 -4.12
N LEU Q 397 -23.86 -51.36 -3.07
CA LEU Q 397 -24.91 -50.81 -2.22
C LEU Q 397 -25.73 -49.76 -2.96
N VAL Q 398 -25.09 -48.97 -3.83
CA VAL Q 398 -25.83 -48.00 -4.62
C VAL Q 398 -26.81 -48.71 -5.56
N GLU Q 399 -26.34 -49.78 -6.22
CA GLU Q 399 -27.20 -50.51 -7.14
C GLU Q 399 -28.28 -51.29 -6.40
N SER Q 400 -27.95 -51.82 -5.21
CA SER Q 400 -28.90 -52.64 -4.47
C SER Q 400 -30.15 -51.88 -4.05
N GLY Q 401 -30.06 -50.55 -3.91
CA GLY Q 401 -31.20 -49.73 -3.60
C GLY Q 401 -31.81 -48.99 -4.76
N LYS Q 402 -31.37 -49.25 -5.98
CA LYS Q 402 -31.88 -48.52 -7.14
C LYS Q 402 -33.31 -48.93 -7.46
N HIS Q 403 -34.03 -48.03 -8.12
CA HIS Q 403 -35.39 -48.32 -8.56
C HIS Q 403 -35.37 -49.39 -9.65
N GLU Q 404 -36.45 -50.17 -9.70
CA GLU Q 404 -36.62 -51.26 -10.66
C GLU Q 404 -35.58 -52.36 -10.50
N VAL Q 405 -35.01 -52.49 -9.30
CA VAL Q 405 -34.08 -53.59 -9.05
C VAL Q 405 -34.80 -54.93 -9.14
N GLY Q 406 -36.04 -54.99 -8.66
CA GLY Q 406 -36.86 -56.17 -8.82
C GLY Q 406 -37.70 -56.09 -10.08
N LEU Q 407 -38.16 -54.88 -10.41
CA LEU Q 407 -38.91 -54.62 -11.65
C LEU Q 407 -40.17 -55.47 -11.72
N PHE Q 408 -40.94 -55.47 -10.62
CA PHE Q 408 -42.22 -56.18 -10.60
C PHE Q 408 -43.37 -55.40 -9.98
N ASP Q 409 -43.11 -54.39 -9.14
CA ASP Q 409 -44.13 -53.58 -8.47
C ASP Q 409 -45.03 -54.41 -7.54
N ALA Q 410 -44.73 -55.70 -7.37
CA ALA Q 410 -45.49 -56.57 -6.48
C ALA Q 410 -44.58 -57.68 -6.00
N ASP Q 411 -44.62 -57.94 -4.69
CA ASP Q 411 -43.80 -58.95 -4.02
C ASP Q 411 -42.34 -58.50 -3.96
N LYS Q 412 -42.03 -57.38 -4.61
CA LYS Q 412 -40.68 -56.81 -4.61
C LYS Q 412 -40.79 -55.30 -4.71
N PRO Q 413 -41.20 -54.64 -3.64
CA PRO Q 413 -41.33 -53.18 -3.67
C PRO Q 413 -39.98 -52.49 -3.78
N ALA Q 414 -40.03 -51.21 -4.12
CA ALA Q 414 -38.81 -50.44 -4.27
C ALA Q 414 -38.06 -50.39 -2.93
N PRO Q 415 -36.73 -50.48 -2.95
CA PRO Q 415 -35.98 -50.46 -1.69
C PRO Q 415 -36.17 -49.15 -0.94
N LEU Q 416 -36.17 -49.25 0.39
CA LEU Q 416 -36.42 -48.08 1.22
C LEU Q 416 -35.22 -47.15 1.25
N LEU Q 417 -34.01 -47.69 1.30
CA LEU Q 417 -32.79 -46.90 1.45
C LEU Q 417 -32.16 -46.63 0.10
N GLN Q 418 -31.83 -45.37 -0.16
CA GLN Q 418 -31.14 -44.95 -1.37
C GLN Q 418 -29.74 -44.48 -0.99
N PHE Q 419 -28.74 -45.03 -1.67
CA PHE Q 419 -27.34 -44.70 -1.42
C PHE Q 419 -26.78 -43.97 -2.63
N GLU Q 420 -26.08 -42.86 -2.37
CA GLU Q 420 -25.45 -42.07 -3.41
C GLU Q 420 -24.04 -41.71 -3.00
N ARG Q 421 -23.12 -41.77 -3.96
CA ARG Q 421 -21.72 -41.48 -3.68
C ARG Q 421 -21.52 -40.01 -3.36
N LEU Q 422 -20.63 -39.74 -2.40
CA LEU Q 422 -20.29 -38.37 -2.06
C LEU Q 422 -19.45 -37.76 -3.18
N PRO Q 423 -19.46 -36.43 -3.30
CA PRO Q 423 -18.56 -35.78 -4.26
C PRO Q 423 -17.11 -36.05 -3.90
N VAL Q 424 -16.27 -36.15 -4.95
CA VAL Q 424 -14.89 -36.55 -4.76
C VAL Q 424 -14.14 -35.50 -3.97
N ILE Q 425 -13.37 -35.94 -2.98
CA ILE Q 425 -12.62 -35.03 -2.12
C ILE Q 425 -11.47 -34.42 -2.91
N GLN Q 426 -11.31 -33.10 -2.78
CA GLN Q 426 -10.26 -32.37 -3.49
C GLN Q 426 -9.06 -32.16 -2.59
N LEU Q 427 -7.89 -32.59 -3.06
CA LEU Q 427 -6.64 -32.45 -2.33
C LEU Q 427 -5.74 -31.47 -3.07
N SER Q 428 -5.26 -30.45 -2.35
CA SER Q 428 -4.39 -29.45 -2.97
C SER Q 428 -3.06 -30.07 -3.40
N GLN Q 429 -2.44 -30.84 -2.52
CA GLN Q 429 -1.20 -31.53 -2.85
C GLN Q 429 -1.49 -32.92 -3.39
N ALA Q 430 -0.56 -33.42 -4.21
CA ALA Q 430 -0.69 -34.73 -4.82
C ALA Q 430 0.58 -35.54 -4.54
N VAL Q 431 0.40 -36.85 -4.43
CA VAL Q 431 1.51 -37.76 -4.15
C VAL Q 431 2.37 -37.89 -5.40
N PRO Q 432 3.68 -37.64 -5.32
CA PRO Q 432 4.54 -37.83 -6.49
C PRO Q 432 4.76 -39.30 -6.80
N GLU Q 433 3.69 -40.02 -7.11
CA GLU Q 433 3.79 -41.45 -7.36
C GLU Q 433 4.59 -41.73 -8.63
N SER Q 434 4.41 -40.91 -9.66
CA SER Q 434 5.11 -41.13 -10.92
C SER Q 434 6.62 -41.04 -10.74
N SER Q 435 7.10 -40.14 -9.89
CA SER Q 435 8.53 -40.01 -9.65
C SER Q 435 9.10 -41.19 -8.85
N TRP Q 436 8.24 -41.97 -8.20
CA TRP Q 436 8.69 -43.07 -7.34
C TRP Q 436 8.66 -44.38 -8.12
N ASN Q 437 9.53 -44.47 -9.12
CA ASN Q 437 9.70 -45.67 -9.93
C ASN Q 437 11.08 -46.25 -9.67
N ARG Q 438 11.13 -47.53 -9.34
CA ARG Q 438 12.38 -48.16 -8.93
C ARG Q 438 12.71 -49.36 -9.82
N THR R 2 -20.18 -29.91 1.79
CA THR R 2 -19.57 -31.23 1.86
C THR R 2 -18.35 -31.21 2.77
N PHE R 3 -17.46 -32.18 2.61
CA PHE R 3 -16.27 -32.31 3.44
C PHE R 3 -15.11 -31.58 2.78
N LYS R 4 -14.52 -30.64 3.50
CA LYS R 4 -13.41 -29.85 2.99
C LYS R 4 -12.09 -30.47 3.45
N ALA R 5 -11.17 -30.68 2.51
CA ALA R 5 -9.88 -31.28 2.80
C ALA R 5 -8.81 -30.21 2.97
N HIS R 6 -7.65 -30.65 3.44
CA HIS R 6 -6.49 -29.79 3.63
C HIS R 6 -5.26 -30.67 3.80
N VAL R 7 -4.14 -30.20 3.28
CA VAL R 7 -2.87 -30.92 3.34
C VAL R 7 -1.86 -30.01 4.03
N PHE R 8 -1.64 -30.24 5.31
CA PHE R 8 -0.66 -29.45 6.05
C PHE R 8 0.75 -29.72 5.54
N ASP R 9 1.52 -28.66 5.40
CA ASP R 9 2.96 -28.83 5.14
C ASP R 9 3.64 -29.35 6.39
N GLU R 10 4.78 -30.01 6.19
CA GLU R 10 5.48 -30.64 7.30
C GLU R 10 5.96 -29.57 8.27
N PRO R 11 5.65 -29.68 9.57
CA PRO R 11 6.13 -28.69 10.53
C PRO R 11 7.66 -28.67 10.60
N MET R 12 8.20 -27.48 10.79
CA MET R 12 9.64 -27.29 10.84
C MET R 12 10.16 -27.54 12.24
N LEU R 13 11.38 -28.06 12.32
CA LEU R 13 12.03 -28.40 13.59
C LEU R 13 13.22 -27.47 13.81
N GLU R 14 13.78 -27.53 15.02
CA GLU R 14 14.89 -26.68 15.42
C GLU R 14 16.00 -27.54 15.99
N PHE R 15 17.23 -27.31 15.52
CA PHE R 15 18.37 -28.17 15.83
C PHE R 15 19.54 -27.35 16.35
N GLY R 16 19.27 -26.34 17.17
CA GLY R 16 20.34 -25.55 17.75
C GLY R 16 20.92 -24.52 16.79
N ASP R 17 21.36 -23.39 17.33
CA ASP R 17 21.87 -22.27 16.54
C ASP R 17 20.84 -21.78 15.52
N GLY R 18 19.56 -22.02 15.80
CA GLY R 18 18.50 -21.63 14.89
C GLY R 18 18.35 -22.49 13.67
N GLY R 19 19.06 -23.62 13.60
CA GLY R 19 18.96 -24.51 12.46
C GLY R 19 17.57 -25.08 12.28
N GLN R 20 17.01 -24.95 11.09
CA GLN R 20 15.66 -25.39 10.79
C GLN R 20 15.69 -26.45 9.71
N HIS R 21 14.97 -27.55 9.95
CA HIS R 21 14.83 -28.61 8.96
C HIS R 21 13.59 -29.44 9.29
N CYS R 22 13.09 -30.14 8.29
CA CYS R 22 11.91 -30.98 8.46
C CYS R 22 12.24 -32.42 8.82
N ASP R 23 13.50 -32.81 8.80
CA ASP R 23 13.91 -34.18 9.09
C ASP R 23 14.83 -34.18 10.31
N PRO R 24 14.50 -34.93 11.36
CA PRO R 24 15.37 -34.98 12.54
C PRO R 24 16.78 -35.46 12.23
N ARG R 25 16.90 -36.62 11.58
CA ARG R 25 18.22 -37.18 11.30
C ARG R 25 19.03 -36.29 10.37
N GLN R 26 18.39 -35.74 9.33
CA GLN R 26 19.08 -34.81 8.45
C GLN R 26 19.38 -33.49 9.17
N GLY R 27 18.43 -33.00 9.97
CA GLY R 27 18.66 -31.76 10.69
C GLY R 27 19.78 -31.88 11.70
N LEU R 28 19.91 -33.04 12.35
CA LEU R 28 21.02 -33.27 13.27
C LEU R 28 22.35 -33.27 12.53
N ARG R 29 22.36 -33.81 11.30
CA ARG R 29 23.60 -33.86 10.52
C ARG R 29 24.09 -32.45 10.19
N GLU R 30 23.18 -31.56 9.76
CA GLU R 30 23.59 -30.23 9.32
C GLU R 30 23.98 -29.35 10.50
N HIS R 31 23.16 -29.33 11.55
CA HIS R 31 23.32 -28.36 12.62
C HIS R 31 23.71 -28.96 13.97
N GLY R 32 23.45 -30.24 14.18
CA GLY R 32 23.72 -30.86 15.46
C GLY R 32 22.52 -30.81 16.38
N PRO R 33 22.69 -31.27 17.61
CA PRO R 33 21.57 -31.27 18.56
C PRO R 33 21.15 -29.86 18.94
N LEU R 34 19.88 -29.74 19.34
CA LEU R 34 19.35 -28.44 19.76
C LEU R 34 20.10 -27.90 20.96
N GLN R 35 20.29 -28.73 21.98
CA GLN R 35 21.06 -28.33 23.15
C GLN R 35 22.45 -28.96 23.04
N PRO R 36 23.51 -28.17 22.82
CA PRO R 36 24.83 -28.76 22.62
C PRO R 36 25.35 -29.37 23.91
N ARG R 37 25.80 -30.63 23.81
CA ARG R 37 26.36 -31.33 24.96
C ARG R 37 27.64 -30.64 25.43
N SER R 38 27.72 -30.41 26.74
CA SER R 38 28.95 -29.90 27.33
C SER R 38 30.02 -30.98 27.31
N GLY R 39 31.24 -30.60 26.97
CA GLY R 39 32.28 -31.58 26.74
C GLY R 39 32.16 -32.19 25.35
N ASP R 40 32.95 -33.24 25.13
CA ASP R 40 33.00 -33.89 23.84
C ASP R 40 32.79 -35.40 23.89
N VAL R 41 32.66 -36.00 25.07
CA VAL R 41 32.53 -37.44 25.22
C VAL R 41 31.31 -37.75 26.08
N ILE R 42 30.46 -38.64 25.59
CA ILE R 42 29.33 -39.15 26.36
C ILE R 42 29.72 -40.53 26.88
N ARG R 43 30.00 -40.63 28.18
CA ARG R 43 30.45 -41.88 28.76
C ARG R 43 29.27 -42.83 28.89
N VAL R 44 29.42 -44.03 28.34
CA VAL R 44 28.35 -45.03 28.29
C VAL R 44 28.80 -46.25 29.07
N GLY R 45 28.00 -46.65 30.06
CA GLY R 45 28.26 -47.88 30.79
C GLY R 45 27.56 -49.07 30.16
N VAL R 46 28.21 -50.22 30.22
CA VAL R 46 27.70 -51.44 29.60
C VAL R 46 27.66 -52.54 30.64
N ILE R 47 26.56 -53.29 30.67
CA ILE R 47 26.39 -54.41 31.56
C ILE R 47 25.96 -55.62 30.75
N GLY R 48 26.62 -56.74 30.97
CA GLY R 48 26.34 -57.96 30.23
C GLY R 48 27.56 -58.86 30.24
N THR R 49 27.41 -60.01 29.58
CA THR R 49 28.52 -60.92 29.43
C THR R 49 29.63 -60.27 28.62
N ASP R 50 30.85 -60.80 28.80
CA ASP R 50 32.02 -60.14 28.22
C ASP R 50 31.93 -60.04 26.71
N ASP R 51 31.40 -61.07 26.05
CA ASP R 51 31.21 -61.01 24.60
C ASP R 51 30.19 -59.92 24.23
N THR R 52 29.11 -59.83 24.99
CA THR R 52 28.12 -58.78 24.74
C THR R 52 28.69 -57.40 25.04
N VAL R 53 29.47 -57.27 26.10
CA VAL R 53 30.07 -55.98 26.44
C VAL R 53 31.05 -55.56 25.36
N ALA R 54 31.97 -56.46 24.99
CA ALA R 54 32.92 -56.15 23.93
C ALA R 54 32.21 -55.96 22.59
N GLY R 55 31.18 -56.78 22.32
CA GLY R 55 30.44 -56.63 21.08
C GLY R 55 29.77 -55.28 20.94
N PHE R 56 29.18 -54.77 22.04
CA PHE R 56 28.57 -53.46 22.00
C PHE R 56 29.61 -52.34 22.05
N THR R 57 30.73 -52.56 22.74
CA THR R 57 31.77 -51.54 22.81
C THR R 57 32.35 -51.25 21.43
N GLU R 58 32.57 -52.30 20.63
CA GLU R 58 33.04 -52.10 19.26
C GLU R 58 31.96 -51.44 18.41
N PHE R 59 30.69 -51.70 18.72
CA PHE R 59 29.60 -51.10 17.93
C PHE R 59 29.61 -49.59 18.07
N LEU R 60 29.85 -49.07 19.27
CA LEU R 60 29.97 -47.62 19.44
C LEU R 60 31.13 -47.07 18.64
N ALA R 61 32.26 -47.77 18.65
CA ALA R 61 33.38 -47.38 17.80
C ALA R 61 33.02 -47.54 16.33
N GLU R 62 32.26 -48.58 15.99
CA GLU R 62 31.84 -48.79 14.61
C GLU R 62 30.97 -47.65 14.11
N THR R 63 30.19 -47.02 15.01
CA THR R 63 29.42 -45.86 14.61
C THR R 63 30.31 -44.64 14.36
N GLY R 64 31.44 -44.56 15.06
CA GLY R 64 32.36 -43.45 14.84
C GLY R 64 32.94 -43.44 13.44
N ARG R 65 33.26 -44.63 12.92
CA ARG R 65 33.79 -44.71 11.56
C ARG R 65 32.71 -44.51 10.50
N GLY R 66 31.44 -44.64 10.87
CA GLY R 66 30.35 -44.46 9.94
C GLY R 66 29.78 -45.79 9.47
N ILE R 67 28.48 -45.79 9.20
CA ILE R 67 27.76 -46.97 8.74
C ILE R 67 27.16 -46.66 7.38
N GLU R 68 27.44 -47.53 6.41
CA GLU R 68 26.94 -47.34 5.05
C GLU R 68 25.42 -47.52 5.00
N SER R 69 24.79 -46.75 4.11
CA SER R 69 23.34 -46.72 4.05
C SER R 69 22.77 -48.05 3.59
N GLY R 70 21.87 -48.61 4.40
CA GLY R 70 21.34 -49.95 4.16
C GLY R 70 20.50 -50.08 2.91
N ASN R 71 20.08 -48.99 2.29
CA ASN R 71 19.31 -49.05 1.05
C ASN R 71 19.64 -47.80 0.23
N LYS R 72 20.47 -47.98 -0.80
CA LYS R 72 20.90 -46.85 -1.61
C LYS R 72 19.74 -46.23 -2.38
N GLN R 73 18.69 -47.01 -2.65
CA GLN R 73 17.54 -46.47 -3.38
C GLN R 73 16.86 -45.35 -2.59
N LEU R 74 16.72 -45.53 -1.28
CA LEU R 74 16.08 -44.55 -0.41
C LEU R 74 17.08 -44.15 0.68
N ILE R 75 17.90 -43.15 0.39
CA ILE R 75 18.85 -42.65 1.39
C ILE R 75 18.24 -41.58 2.29
N ASN R 76 17.02 -41.12 2.03
CA ASN R 76 16.33 -40.27 2.98
C ASN R 76 15.61 -41.09 4.04
N LEU R 77 15.14 -42.28 3.69
CA LEU R 77 14.52 -43.18 4.64
C LEU R 77 15.53 -44.10 5.31
N ASN R 78 16.61 -44.45 4.61
CA ASN R 78 17.64 -45.33 5.14
C ASN R 78 19.00 -44.66 4.94
N PRO R 79 19.28 -43.60 5.69
CA PRO R 79 20.50 -42.84 5.48
C PRO R 79 21.70 -43.51 6.13
N ASP R 80 22.88 -43.10 5.67
CA ASP R 80 24.12 -43.53 6.29
C ASP R 80 24.33 -42.77 7.60
N PHE R 81 25.20 -43.33 8.45
CA PHE R 81 25.57 -42.65 9.68
C PHE R 81 26.88 -41.91 9.45
N PRO R 82 26.91 -40.58 9.56
CA PRO R 82 28.11 -39.83 9.15
C PRO R 82 29.37 -40.22 9.91
N GLY R 83 29.25 -40.53 11.20
CA GLY R 83 30.42 -40.87 11.99
C GLY R 83 31.02 -39.66 12.68
N LEU R 84 32.27 -39.85 13.11
CA LEU R 84 32.98 -38.88 13.94
C LEU R 84 33.54 -37.70 13.15
N GLY R 85 33.13 -37.49 11.91
CA GLY R 85 33.61 -36.36 11.14
C GLY R 85 33.01 -35.04 11.56
N ASN R 86 33.04 -34.06 10.67
CA ASN R 86 32.43 -32.77 10.95
C ASN R 86 30.91 -32.79 10.81
N GLN R 87 30.35 -33.89 10.29
CA GLN R 87 28.91 -34.05 10.14
C GLN R 87 28.34 -34.99 11.21
N ASN R 88 28.99 -35.06 12.36
CA ASN R 88 28.51 -35.92 13.44
C ASN R 88 27.11 -35.50 13.85
N PRO R 89 26.14 -36.41 13.87
CA PRO R 89 24.77 -36.01 14.22
C PRO R 89 24.63 -35.42 15.61
N PHE R 90 25.50 -35.78 16.54
CA PHE R 90 25.42 -35.29 17.91
C PHE R 90 26.62 -34.45 18.30
N ARG R 91 27.59 -34.24 17.40
CA ARG R 91 28.79 -33.45 17.67
C ARG R 91 29.57 -33.97 18.88
N CYS R 92 29.38 -35.24 19.21
CA CYS R 92 30.05 -35.85 20.35
C CYS R 92 30.36 -37.30 20.01
N LYS R 93 31.27 -37.88 20.79
CA LYS R 93 31.69 -39.27 20.61
C LYS R 93 31.22 -40.10 21.78
N PHE R 94 30.80 -41.34 21.49
CA PHE R 94 30.29 -42.26 22.50
C PHE R 94 31.40 -43.25 22.85
N GLU R 95 31.79 -43.27 24.13
CA GLU R 95 32.85 -44.14 24.60
C GLU R 95 32.36 -44.95 25.80
N VAL R 96 32.91 -46.15 25.92
CA VAL R 96 32.75 -46.96 27.13
C VAL R 96 34.01 -46.78 27.96
N PRO R 97 34.04 -45.84 28.90
CA PRO R 97 35.28 -45.56 29.62
C PRO R 97 35.72 -46.73 30.47
N ASP R 98 37.03 -46.81 30.70
CA ASP R 98 37.59 -47.88 31.52
C ASP R 98 37.01 -47.82 32.93
N GLY R 99 36.60 -48.98 33.43
CA GLY R 99 35.94 -49.06 34.72
C GLY R 99 34.45 -48.87 34.70
N ALA R 100 33.86 -48.55 33.54
CA ALA R 100 32.42 -48.39 33.40
C ALA R 100 31.77 -49.65 32.81
N THR R 101 32.36 -50.82 33.09
CA THR R 101 31.87 -52.08 32.57
C THR R 101 31.61 -53.03 33.72
N VAL R 102 30.42 -53.63 33.74
CA VAL R 102 30.04 -54.63 34.72
C VAL R 102 29.68 -55.90 33.97
N THR R 103 30.26 -57.02 34.38
CA THR R 103 30.14 -58.27 33.64
C THR R 103 29.23 -59.24 34.38
N ILE R 104 28.24 -59.78 33.66
CA ILE R 104 27.42 -60.85 34.19
C ILE R 104 28.14 -62.17 33.93
N SER R 105 28.45 -62.90 35.00
CA SER R 105 29.17 -64.16 34.86
C SER R 105 28.28 -65.23 34.24
N ARG R 106 28.92 -66.26 33.69
CA ARG R 106 28.18 -67.41 33.19
C ARG R 106 27.41 -68.10 34.30
N ARG R 107 27.98 -68.15 35.51
CA ARG R 107 27.27 -68.71 36.64
C ARG R 107 26.01 -67.90 36.95
N GLN R 108 26.11 -66.57 36.90
CA GLN R 108 24.94 -65.73 37.12
C GLN R 108 23.90 -65.95 36.03
N VAL R 109 24.33 -66.03 34.77
CA VAL R 109 23.39 -66.29 33.67
C VAL R 109 22.75 -67.65 33.83
N ASN R 110 23.56 -68.67 34.13
CA ASN R 110 23.01 -70.01 34.34
C ASN R 110 22.11 -70.07 35.56
N ASP R 111 22.33 -69.19 36.53
CA ASP R 111 21.45 -69.13 37.70
C ASP R 111 20.05 -68.67 37.31
N ILE R 112 19.94 -67.69 36.41
CA ILE R 112 18.64 -67.21 35.98
C ILE R 112 17.90 -68.28 35.18
N THR R 113 18.59 -68.89 34.21
CA THR R 113 17.95 -69.88 33.36
C THR R 113 17.62 -71.17 34.08
N GLY R 114 18.16 -71.38 35.28
CA GLY R 114 17.85 -72.59 36.02
C GLY R 114 16.51 -72.58 36.73
N ILE R 115 15.89 -71.40 36.86
CA ILE R 115 14.62 -71.29 37.55
C ILE R 115 13.50 -71.68 36.60
N GLY R 116 12.67 -72.64 37.02
CA GLY R 116 11.60 -73.11 36.15
C GLY R 116 10.54 -72.06 35.89
N ARG R 117 10.13 -71.35 36.94
CA ARG R 117 9.06 -70.36 36.80
C ARG R 117 9.59 -69.12 36.10
N HIS R 118 8.93 -68.73 35.01
CA HIS R 118 9.39 -67.57 34.24
C HIS R 118 9.26 -66.30 35.04
N ASP R 119 8.15 -66.12 35.76
CA ASP R 119 7.97 -64.93 36.57
C ASP R 119 8.98 -64.87 37.70
N GLU R 120 9.23 -66.01 38.35
CA GLU R 120 10.24 -66.05 39.40
C GLU R 120 11.64 -65.78 38.85
N ALA R 121 11.92 -66.29 37.65
CA ALA R 121 13.20 -66.02 37.01
C ALA R 121 13.35 -64.54 36.67
N VAL R 122 12.26 -63.92 36.20
CA VAL R 122 12.30 -62.50 35.84
C VAL R 122 12.60 -61.66 37.08
N ARG R 123 11.93 -61.95 38.19
CA ARG R 123 12.19 -61.21 39.43
C ARG R 123 13.61 -61.44 39.92
N HIS R 124 14.10 -62.68 39.83
CA HIS R 124 15.48 -62.97 40.22
C HIS R 124 16.47 -62.26 39.31
N ALA R 125 16.16 -62.18 38.01
CA ALA R 125 17.04 -61.45 37.10
C ALA R 125 17.02 -59.96 37.38
N VAL R 126 15.84 -59.41 37.71
CA VAL R 126 15.73 -57.97 37.93
C VAL R 126 16.55 -57.55 39.15
N GLU R 127 16.45 -58.30 40.23
CA GLU R 127 17.21 -57.96 41.43
C GLU R 127 18.71 -58.16 41.20
N LEU R 128 19.10 -59.11 40.37
CA LEU R 128 20.51 -59.29 40.03
C LEU R 128 21.01 -58.12 39.20
N ILE R 129 20.28 -57.75 38.14
CA ILE R 129 20.71 -56.66 37.27
C ILE R 129 20.71 -55.34 38.03
N SER R 130 19.66 -55.09 38.82
CA SER R 130 19.58 -53.84 39.58
C SER R 130 20.74 -53.72 40.57
N SER R 131 21.15 -54.84 41.17
CA SER R 131 22.32 -54.82 42.05
C SER R 131 23.57 -54.43 41.28
N GLN R 132 23.71 -54.93 40.04
CA GLN R 132 24.87 -54.57 39.24
C GLN R 132 24.78 -53.12 38.78
N LEU R 133 23.56 -52.60 38.58
CA LEU R 133 23.38 -51.19 38.25
C LEU R 133 23.90 -50.31 39.39
N SER R 134 23.61 -50.67 40.64
CA SER R 134 24.04 -49.87 41.77
C SER R 134 25.56 -49.78 41.83
N ALA R 135 26.25 -50.89 41.58
CA ALA R 135 27.70 -50.90 41.62
C ALA R 135 28.29 -49.95 40.58
N LEU R 136 27.71 -49.92 39.39
CA LEU R 136 28.22 -49.03 38.35
C LEU R 136 28.01 -47.57 38.71
N VAL R 137 26.87 -47.25 39.32
CA VAL R 137 26.56 -45.86 39.64
C VAL R 137 27.47 -45.35 40.77
N GLU R 138 27.63 -46.15 41.82
CA GLU R 138 28.42 -45.71 42.97
C GLU R 138 29.91 -45.62 42.65
N GLY R 139 30.37 -46.36 41.65
CA GLY R 139 31.79 -46.42 41.35
C GLY R 139 32.32 -45.14 40.75
N SER R 140 33.64 -45.11 40.59
CA SER R 140 34.31 -43.94 40.05
C SER R 140 34.05 -43.74 38.56
N ALA R 141 33.43 -44.71 37.89
CA ALA R 141 33.17 -44.58 36.47
C ALA R 141 32.26 -43.40 36.17
N LYS R 142 31.11 -43.34 36.85
CA LYS R 142 30.11 -42.28 36.71
C LYS R 142 29.74 -42.09 35.24
N PRO R 143 29.00 -43.02 34.63
CA PRO R 143 28.55 -42.83 33.25
C PRO R 143 27.36 -41.89 33.19
N ASP R 144 27.01 -41.51 31.97
CA ASP R 144 25.82 -40.70 31.71
C ASP R 144 24.60 -41.52 31.36
N VAL R 145 24.78 -42.60 30.60
CA VAL R 145 23.72 -43.55 30.30
C VAL R 145 24.32 -44.94 30.34
N ILE R 146 23.56 -45.90 30.87
CA ILE R 146 24.00 -47.27 31.06
C ILE R 146 23.24 -48.15 30.08
N VAL R 147 23.97 -48.96 29.32
CA VAL R 147 23.40 -49.86 28.33
C VAL R 147 23.47 -51.28 28.87
N LEU R 148 22.33 -51.96 28.89
CA LEU R 148 22.26 -53.35 29.34
C LEU R 148 22.20 -54.23 28.09
N ALA R 149 23.33 -54.85 27.76
CA ALA R 149 23.42 -55.74 26.60
C ALA R 149 23.08 -57.15 27.07
N LEU R 150 21.82 -57.54 26.88
CA LEU R 150 21.38 -58.85 27.34
C LEU R 150 22.00 -59.95 26.47
N PRO R 151 22.60 -60.98 27.06
CA PRO R 151 23.08 -62.11 26.26
C PRO R 151 21.92 -62.92 25.70
N ILE R 152 22.23 -63.69 24.66
CA ILE R 152 21.20 -64.49 23.99
C ILE R 152 20.54 -65.49 24.94
N PRO R 153 21.28 -66.25 25.77
CA PRO R 153 20.58 -67.18 26.69
C PRO R 153 19.62 -66.48 27.64
N LEU R 154 19.96 -65.27 28.12
CA LEU R 154 19.04 -64.54 28.97
C LEU R 154 17.80 -64.12 28.21
N ILE R 155 17.97 -63.67 26.96
CA ILE R 155 16.82 -63.25 26.16
C ILE R 155 15.89 -64.42 25.89
N GLU R 156 16.48 -65.58 25.55
CA GLU R 156 15.67 -66.78 25.32
C GLU R 156 14.85 -67.15 26.55
N LYS R 157 15.34 -66.81 27.74
CA LYS R 157 14.65 -67.12 28.99
C LYS R 157 13.77 -65.99 29.48
N LEU R 158 14.27 -64.76 29.47
CA LEU R 158 13.50 -63.64 30.03
C LEU R 158 12.34 -63.24 29.13
N VAL R 159 12.56 -63.24 27.81
CA VAL R 159 11.53 -62.79 26.87
C VAL R 159 10.67 -63.98 26.46
N ASN R 160 11.28 -64.97 25.83
CA ASN R 160 10.57 -66.17 25.43
C ASN R 160 10.47 -67.14 26.60
N ALA R 161 9.47 -68.02 26.53
CA ALA R 161 9.31 -69.07 27.53
C ALA R 161 10.41 -70.11 27.32
N LYS R 162 11.35 -70.18 28.27
CA LYS R 162 12.50 -71.08 28.18
C LYS R 162 13.30 -70.83 26.91
N ASP R 176 -1.60 -63.60 32.40
CA ASP R 176 -0.56 -62.64 32.04
C ASP R 176 0.75 -62.98 32.76
N MET R 177 1.86 -62.49 32.22
CA MET R 177 3.18 -62.77 32.78
C MET R 177 4.01 -61.49 32.80
N LEU R 178 4.99 -61.46 33.70
CA LEU R 178 5.78 -60.24 33.90
C LEU R 178 6.62 -59.91 32.67
N ASN R 179 6.76 -58.61 32.41
CA ASN R 179 7.62 -58.12 31.34
C ASN R 179 8.93 -57.65 31.94
N PHE R 180 10.05 -58.20 31.45
CA PHE R 180 11.34 -57.92 32.06
C PHE R 180 11.73 -56.45 31.93
N ARG R 181 11.51 -55.86 30.76
CA ARG R 181 11.90 -54.47 30.56
C ARG R 181 11.10 -53.52 31.45
N ASP R 182 9.79 -53.72 31.51
CA ASP R 182 8.96 -52.87 32.37
C ASP R 182 9.32 -53.05 33.84
N LEU R 183 9.54 -54.30 34.26
CA LEU R 183 9.91 -54.55 35.65
C LEU R 183 11.29 -53.96 35.96
N LEU R 184 12.25 -54.14 35.06
CA LEU R 184 13.59 -53.62 35.30
C LEU R 184 13.59 -52.10 35.37
N LYS R 185 12.88 -51.45 34.46
CA LYS R 185 12.83 -49.98 34.47
C LYS R 185 12.21 -49.47 35.76
N ALA R 186 11.14 -50.11 36.22
CA ALA R 186 10.47 -49.66 37.44
C ALA R 186 11.37 -49.83 38.66
N LYS R 187 12.06 -50.96 38.76
CA LYS R 187 12.89 -51.23 39.94
C LYS R 187 14.19 -50.42 39.95
N THR R 188 14.55 -49.78 38.84
CA THR R 188 15.72 -48.92 38.79
C THR R 188 15.35 -47.45 38.67
N LEU R 189 14.11 -47.09 39.00
CA LEU R 189 13.68 -45.70 38.96
C LEU R 189 14.35 -44.84 40.01
N HIS R 190 15.00 -45.45 41.01
CA HIS R 190 15.66 -44.72 42.07
C HIS R 190 17.14 -44.46 41.78
N LEU R 191 17.65 -44.89 40.63
CA LEU R 191 19.03 -44.65 40.28
C LEU R 191 19.17 -43.46 39.34
N PRO R 192 20.15 -42.59 39.57
CA PRO R 192 20.25 -41.35 38.77
C PRO R 192 20.49 -41.60 37.29
N VAL R 193 21.21 -42.65 36.92
CA VAL R 193 21.64 -42.86 35.55
C VAL R 193 20.54 -43.63 34.81
N PRO R 194 20.01 -43.11 33.70
CA PRO R 194 19.03 -43.87 32.93
C PRO R 194 19.68 -45.07 32.25
N THR R 195 18.83 -46.06 31.92
CA THR R 195 19.27 -47.30 31.33
C THR R 195 18.76 -47.42 29.90
N GLN R 196 19.26 -48.44 29.19
CA GLN R 196 18.88 -48.67 27.80
C GLN R 196 19.15 -50.14 27.48
N ILE R 197 18.10 -50.90 27.23
CA ILE R 197 18.23 -52.31 26.90
C ILE R 197 18.55 -52.45 25.41
N VAL R 198 19.56 -53.25 25.09
CA VAL R 198 19.99 -53.47 23.71
C VAL R 198 20.18 -54.97 23.51
N TRP R 199 19.52 -55.52 22.50
CA TRP R 199 19.70 -56.92 22.16
C TRP R 199 20.90 -57.10 21.24
N PRO R 200 21.50 -58.29 21.20
CA PRO R 200 22.66 -58.51 20.32
C PRO R 200 22.36 -58.33 18.85
N ASP R 201 21.10 -58.47 18.42
CA ASP R 201 20.76 -58.23 17.02
C ASP R 201 21.03 -56.79 16.62
N THR R 202 20.93 -55.86 17.57
CA THR R 202 21.12 -54.45 17.24
C THR R 202 22.56 -54.15 16.84
N TRP R 203 23.54 -54.69 17.58
CA TRP R 203 24.93 -54.36 17.37
C TRP R 203 25.71 -55.47 16.66
N ASP R 204 25.03 -56.49 16.15
CA ASP R 204 25.73 -57.57 15.43
C ASP R 204 24.74 -58.24 14.50
N ASP R 205 24.99 -58.13 13.19
CA ASP R 205 24.12 -58.77 12.21
C ASP R 205 24.22 -60.29 12.26
N ALA R 206 25.36 -60.84 12.69
CA ALA R 206 25.53 -62.29 12.72
C ALA R 206 24.57 -62.95 13.70
N ALA R 207 24.40 -62.34 14.88
CA ALA R 207 23.56 -62.95 15.90
C ALA R 207 22.09 -62.90 15.50
N LYS R 208 21.38 -63.99 15.76
CA LYS R 208 19.96 -64.11 15.49
C LYS R 208 19.24 -64.59 16.75
N ILE R 209 18.10 -63.98 17.05
CA ILE R 209 17.28 -64.32 18.20
C ILE R 209 15.99 -64.96 17.69
N PRO R 210 15.68 -66.20 18.05
CA PRO R 210 14.40 -66.80 17.65
C PRO R 210 13.23 -66.08 18.31
N ARG R 211 12.09 -66.12 17.63
CA ARG R 211 10.88 -65.50 18.16
C ARG R 211 10.29 -66.34 19.28
N LYS R 212 9.23 -65.84 19.91
CA LYS R 212 8.66 -66.51 21.07
C LYS R 212 7.75 -67.66 20.67
N ILE R 213 6.66 -67.36 19.95
CA ILE R 213 5.70 -68.40 19.59
C ILE R 213 6.27 -69.30 18.49
N LYS R 214 6.85 -68.70 17.46
CA LYS R 214 7.42 -69.44 16.34
C LYS R 214 8.93 -69.52 16.55
N ARG R 215 9.38 -70.66 17.07
CA ARG R 215 10.79 -70.83 17.38
C ARG R 215 11.66 -70.87 16.13
N ASP R 216 11.08 -71.24 14.98
CA ASP R 216 11.87 -71.32 13.76
C ASP R 216 12.24 -69.93 13.24
N SER R 217 11.30 -68.99 13.28
CA SER R 217 11.53 -67.67 12.73
C SER R 217 12.48 -66.86 13.60
N ASN R 218 13.35 -66.10 12.96
CA ASN R 218 14.21 -65.15 13.64
C ASN R 218 13.52 -63.78 13.69
N ARG R 219 14.18 -62.84 14.35
CA ARG R 219 13.64 -61.49 14.51
C ARG R 219 14.18 -60.62 13.37
N GLN R 220 13.28 -60.18 12.49
CA GLN R 220 13.66 -59.25 11.43
C GLN R 220 13.89 -57.87 12.04
N THR R 221 15.03 -57.26 11.71
CA THR R 221 15.40 -55.96 12.22
C THR R 221 15.76 -55.02 11.08
N GLN R 222 15.77 -53.72 11.38
CA GLN R 222 16.14 -52.73 10.39
C GLN R 222 17.62 -52.84 10.06
N VAL R 223 18.02 -52.14 9.00
CA VAL R 223 19.44 -52.09 8.65
C VAL R 223 20.22 -51.41 9.76
N LYS R 224 21.53 -51.72 9.81
CA LYS R 224 22.35 -51.25 10.93
C LYS R 224 22.43 -49.73 10.97
N ALA R 225 22.45 -49.09 9.80
CA ALA R 225 22.52 -47.63 9.76
C ALA R 225 21.30 -47.01 10.43
N THR R 226 20.11 -47.55 10.15
CA THR R 226 18.90 -47.07 10.82
C THR R 226 18.95 -47.39 12.31
N ARG R 227 19.42 -48.58 12.66
CA ARG R 227 19.52 -48.95 14.07
C ARG R 227 20.46 -48.02 14.83
N ALA R 228 21.60 -47.68 14.23
CA ALA R 228 22.53 -46.77 14.88
C ALA R 228 21.92 -45.39 15.05
N TRP R 229 21.11 -44.95 14.10
CA TRP R 229 20.47 -43.63 14.21
C TRP R 229 19.50 -43.60 15.39
N ASN R 230 18.66 -44.62 15.52
CA ASN R 230 17.65 -44.62 16.57
C ASN R 230 18.27 -44.90 17.94
N LEU R 231 19.22 -45.84 18.01
CA LEU R 231 19.80 -46.22 19.29
C LEU R 231 20.63 -45.08 19.88
N LEU R 232 21.47 -44.46 19.05
CA LEU R 232 22.33 -43.39 19.55
C LEU R 232 21.54 -42.13 19.88
N ASN R 233 20.46 -41.87 19.15
CA ASN R 233 19.59 -40.75 19.48
C ASN R 233 18.97 -40.94 20.86
N ALA R 234 18.50 -42.17 21.14
CA ALA R 234 17.96 -42.45 22.47
C ALA R 234 19.04 -42.32 23.54
N LEU R 235 20.25 -42.79 23.25
CA LEU R 235 21.35 -42.64 24.20
C LEU R 235 21.67 -41.18 24.44
N PHE R 236 21.68 -40.36 23.39
CA PHE R 236 21.95 -38.94 23.55
C PHE R 236 20.85 -38.27 24.38
N TYR R 237 19.59 -38.60 24.10
CA TYR R 237 18.50 -38.00 24.86
C TYR R 237 18.55 -38.45 26.32
N LYS R 238 18.80 -39.73 26.55
CA LYS R 238 18.91 -40.23 27.91
C LYS R 238 20.15 -39.70 28.63
N ALA R 239 21.13 -39.20 27.88
CA ALA R 239 22.31 -38.59 28.50
C ALA R 239 21.93 -37.32 29.25
N GLY R 240 20.93 -36.59 28.78
CA GLY R 240 20.47 -35.41 29.48
C GLY R 240 20.24 -34.18 28.62
N LYS R 241 20.35 -34.34 27.30
CA LYS R 241 20.21 -33.22 26.39
C LYS R 241 19.13 -33.51 25.36
N VAL R 242 18.32 -32.50 25.06
CA VAL R 242 17.23 -32.63 24.10
C VAL R 242 17.78 -32.53 22.69
N PRO R 243 17.56 -33.54 21.83
CA PRO R 243 18.14 -33.52 20.49
C PRO R 243 17.57 -32.41 19.61
N TRP R 244 16.25 -32.35 19.48
CA TRP R 244 15.60 -31.36 18.62
C TRP R 244 14.30 -30.92 19.26
N ARG R 245 13.64 -29.96 18.62
CA ARG R 245 12.43 -29.35 19.15
C ARG R 245 11.63 -28.77 18.00
N LEU R 246 10.31 -28.74 18.18
CA LEU R 246 9.45 -28.06 17.22
C LEU R 246 9.85 -26.59 17.12
N LEU R 247 9.93 -26.09 15.89
CA LEU R 247 10.28 -24.69 15.70
C LEU R 247 9.12 -23.82 16.14
N PRO R 248 9.29 -22.94 17.14
CA PRO R 248 8.17 -22.11 17.59
C PRO R 248 7.77 -21.11 16.53
N ASP R 249 6.48 -20.79 16.51
CA ASP R 249 5.99 -19.76 15.60
C ASP R 249 6.42 -18.38 16.08
N GLN R 250 6.21 -17.37 15.23
CA GLN R 250 6.57 -16.02 15.61
C GLN R 250 5.69 -15.49 16.73
N ALA R 251 4.37 -15.64 16.59
CA ALA R 251 3.42 -15.13 17.57
C ALA R 251 2.36 -16.20 17.82
N GLU R 252 2.60 -17.04 18.83
CA GLU R 252 1.67 -18.09 19.20
C GLU R 252 1.46 -18.05 20.71
N TYR R 253 0.32 -18.56 21.14
CA TYR R 253 -0.02 -18.60 22.55
C TYR R 253 0.91 -19.53 23.30
N ARG R 254 1.29 -19.13 24.52
CA ARG R 254 2.07 -20.01 25.37
C ARG R 254 1.22 -21.21 25.76
N THR R 255 1.48 -22.36 25.14
CA THR R 255 0.60 -23.50 25.26
C THR R 255 1.29 -24.65 26.00
N SER R 256 0.47 -25.43 26.70
CA SER R 256 0.91 -26.62 27.41
C SER R 256 0.08 -27.81 26.93
N PHE R 257 0.74 -28.89 26.57
CA PHE R 257 0.08 -30.09 26.07
C PHE R 257 0.09 -31.16 27.15
N LEU R 258 -1.08 -31.72 27.45
CA LEU R 258 -1.22 -32.74 28.47
C LEU R 258 -1.89 -33.95 27.85
N GLY R 259 -1.15 -35.05 27.72
CA GLY R 259 -1.69 -36.29 27.19
C GLY R 259 -2.09 -37.23 28.32
N ILE R 260 -3.32 -37.73 28.24
CA ILE R 260 -3.88 -38.60 29.26
C ILE R 260 -4.10 -39.97 28.67
N GLY R 261 -3.58 -41.00 29.36
CA GLY R 261 -3.75 -42.36 28.93
C GLY R 261 -4.07 -43.26 30.11
N PHE R 262 -4.45 -44.49 29.79
CA PHE R 262 -4.84 -45.47 30.79
C PHE R 262 -4.10 -46.77 30.54
N TYR R 263 -3.72 -47.45 31.63
CA TYR R 263 -3.01 -48.72 31.53
C TYR R 263 -3.65 -49.73 32.47
N ARG R 264 -3.62 -51.00 32.06
CA ARG R 264 -4.22 -52.06 32.86
C ARG R 264 -3.43 -52.27 34.14
N ASP R 265 -4.15 -52.60 35.22
CA ASP R 265 -3.50 -52.89 36.49
C ASP R 265 -2.70 -54.19 36.37
N LEU R 266 -1.85 -54.43 37.38
CA LEU R 266 -1.01 -55.62 37.37
C LEU R 266 -1.85 -56.89 37.39
N ASP R 267 -2.94 -56.90 38.18
CA ASP R 267 -3.83 -58.04 38.19
C ASP R 267 -4.57 -58.25 36.88
N GLY R 268 -4.69 -57.20 36.06
CA GLY R 268 -5.30 -57.30 34.76
C GLY R 268 -6.75 -56.89 34.67
N GLN R 269 -7.32 -56.34 35.74
CA GLN R 269 -8.71 -55.92 35.76
C GLN R 269 -8.86 -54.41 35.88
N GLN R 270 -8.24 -53.80 36.88
CA GLN R 270 -8.44 -52.39 37.17
C GLN R 270 -7.65 -51.53 36.19
N LEU R 271 -8.03 -50.26 36.09
CA LEU R 271 -7.46 -49.35 35.11
C LEU R 271 -7.04 -48.06 35.81
N TRP R 272 -5.77 -47.67 35.63
CA TRP R 272 -5.25 -46.44 36.21
C TRP R 272 -5.20 -45.35 35.15
N THR R 273 -4.71 -44.18 35.55
CA THR R 273 -4.54 -43.04 34.64
C THR R 273 -3.08 -42.62 34.65
N SER R 274 -2.45 -42.64 33.47
CA SER R 274 -1.08 -42.20 33.29
C SER R 274 -1.07 -41.00 32.37
N THR R 275 -0.39 -39.94 32.77
CA THR R 275 -0.39 -38.68 32.04
C THR R 275 1.04 -38.30 31.65
N ALA R 276 1.16 -37.67 30.49
CA ALA R 276 2.42 -37.10 30.04
C ALA R 276 2.16 -35.66 29.59
N GLN R 277 3.04 -34.75 30.00
CA GLN R 277 2.89 -33.33 29.69
CA GLN R 277 2.88 -33.34 29.68
C GLN R 277 4.14 -32.83 28.98
N MET R 278 3.92 -32.04 27.92
CA MET R 278 5.00 -31.45 27.14
C MET R 278 4.72 -29.97 26.97
N PHE R 279 5.75 -29.15 27.26
CA PHE R 279 5.62 -27.71 27.06
C PHE R 279 7.00 -27.14 26.79
N ASP R 280 7.03 -25.99 26.11
CA ASP R 280 8.28 -25.32 25.84
C ASP R 280 8.88 -24.74 27.11
N GLU R 281 10.18 -24.94 27.29
CA GLU R 281 10.89 -24.30 28.38
C GLU R 281 11.19 -22.84 28.01
N ARG R 282 11.51 -22.05 29.02
CA ARG R 282 11.95 -20.68 28.78
C ARG R 282 13.25 -20.72 27.98
N GLY R 283 13.17 -20.31 26.72
CA GLY R 283 14.31 -20.44 25.81
C GLY R 283 14.24 -21.72 25.00
N ARG R 284 15.42 -22.24 24.67
CA ARG R 284 15.53 -23.44 23.85
C ARG R 284 15.44 -24.67 24.75
N GLY R 285 14.28 -25.32 24.73
CA GLY R 285 14.11 -26.53 25.50
C GLY R 285 12.71 -27.08 25.29
N LEU R 286 12.54 -28.35 25.70
CA LEU R 286 11.25 -29.03 25.56
C LEU R 286 11.15 -30.03 26.70
N ILE R 287 10.36 -29.70 27.70
CA ILE R 287 10.21 -30.54 28.89
C ILE R 287 9.09 -31.54 28.66
N LEU R 288 9.40 -32.82 28.80
CA LEU R 288 8.42 -33.91 28.69
C LEU R 288 8.37 -34.62 30.03
N ARG R 289 7.25 -34.50 30.72
CA ARG R 289 7.08 -35.02 32.07
C ARG R 289 6.07 -36.17 32.06
N GLY R 290 6.49 -37.32 32.57
CA GLY R 290 5.59 -38.45 32.77
C GLY R 290 5.19 -38.55 34.23
N ALA R 291 3.89 -38.62 34.46
CA ALA R 291 3.37 -38.60 35.82
C ALA R 291 2.11 -39.44 35.92
N ARG R 292 1.76 -39.79 37.15
CA ARG R 292 0.56 -40.55 37.46
C ARG R 292 -0.39 -39.70 38.29
N ALA R 293 -1.68 -39.98 38.18
CA ALA R 293 -2.66 -39.26 38.98
C ALA R 293 -2.38 -39.46 40.46
N GLN R 294 -2.39 -38.36 41.22
CA GLN R 294 -1.99 -38.42 42.62
C GLN R 294 -2.94 -39.30 43.42
N THR R 295 -4.24 -39.18 43.18
CA THR R 295 -5.24 -40.03 43.82
C THR R 295 -6.12 -40.64 42.74
N GLU R 296 -6.22 -41.97 42.73
CA GLU R 296 -6.98 -42.71 41.74
C GLU R 296 -8.08 -43.51 42.43
N THR R 297 -9.30 -43.35 41.93
CA THR R 297 -10.43 -44.13 42.43
C THR R 297 -10.48 -45.49 41.73
N ARG R 298 -10.63 -46.55 42.52
CA ARG R 298 -10.64 -47.89 41.96
C ARG R 298 -11.78 -48.08 40.97
N GLY R 299 -11.46 -48.66 39.82
CA GLY R 299 -12.45 -48.91 38.80
C GLY R 299 -11.80 -49.42 37.54
N ARG R 300 -12.65 -49.93 36.64
CA ARG R 300 -12.22 -50.41 35.33
C ARG R 300 -12.55 -49.42 34.23
N HIS R 301 -12.83 -48.17 34.57
CA HIS R 301 -13.35 -47.19 33.62
C HIS R 301 -12.23 -46.62 32.77
N PRO R 302 -12.38 -46.58 31.44
CA PRO R 302 -11.36 -45.95 30.60
C PRO R 302 -11.49 -44.44 30.52
N TYR R 303 -12.28 -43.85 31.42
CA TYR R 303 -12.41 -42.40 31.51
C TYR R 303 -12.04 -41.94 32.92
N LEU R 304 -12.23 -40.66 33.17
CA LEU R 304 -11.83 -40.02 34.42
C LEU R 304 -13.05 -39.54 35.20
N THR R 305 -12.83 -39.28 36.48
CA THR R 305 -13.85 -38.70 37.34
C THR R 305 -13.60 -37.20 37.47
N ALA R 306 -14.67 -36.45 37.75
CA ALA R 306 -14.57 -35.00 37.81
C ALA R 306 -13.53 -34.54 38.82
N LYS R 307 -13.43 -35.24 39.94
CA LYS R 307 -12.46 -34.82 40.97
C LYS R 307 -11.03 -35.11 40.53
N ASP R 308 -10.77 -36.30 40.00
CA ASP R 308 -9.41 -36.65 39.62
C ASP R 308 -8.97 -35.90 38.35
N ALA R 309 -9.92 -35.64 37.44
CA ALA R 309 -9.59 -34.83 36.27
C ALA R 309 -9.18 -33.43 36.66
N GLU R 310 -9.78 -32.87 37.71
CA GLU R 310 -9.37 -31.57 38.21
C GLU R 310 -7.94 -31.62 38.76
N ASP R 311 -7.60 -32.69 39.48
CA ASP R 311 -6.28 -32.80 40.08
C ASP R 311 -5.19 -32.96 39.02
N LEU R 312 -5.50 -33.65 37.92
CA LEU R 312 -4.51 -33.81 36.85
C LEU R 312 -4.16 -32.46 36.23
N VAL R 313 -5.16 -31.62 35.99
CA VAL R 313 -4.90 -30.30 35.42
C VAL R 313 -4.13 -29.44 36.42
N VAL R 314 -4.53 -29.47 37.69
CA VAL R 314 -3.86 -28.66 38.71
C VAL R 314 -2.39 -29.03 38.82
N GLN R 315 -2.09 -30.33 38.82
CA GLN R 315 -0.70 -30.76 38.81
C GLN R 315 0.00 -30.32 37.52
N SER R 316 -0.72 -30.37 36.40
CA SER R 316 -0.12 -29.97 35.12
C SER R 316 0.21 -28.48 35.12
N ILE R 317 -0.67 -27.64 35.66
CA ILE R 317 -0.42 -26.20 35.69
C ILE R 317 0.79 -25.89 36.58
N ALA R 318 0.88 -26.55 37.73
CA ALA R 318 1.98 -26.30 38.65
C ALA R 318 3.33 -26.65 38.01
N ALA R 319 3.38 -27.75 37.26
CA ALA R 319 4.61 -28.11 36.58
C ALA R 319 4.99 -27.08 35.54
N TYR R 320 4.00 -26.57 34.78
CA TYR R 320 4.27 -25.51 33.82
C TYR R 320 4.70 -24.23 34.53
N LYS R 321 4.02 -23.89 35.62
CA LYS R 321 4.34 -22.66 36.35
C LYS R 321 5.71 -22.71 37.01
N ALA R 322 6.23 -23.91 37.29
CA ALA R 322 7.55 -24.02 37.89
C ALA R 322 8.65 -23.57 36.95
N HIS R 323 8.47 -23.76 35.65
CA HIS R 323 9.47 -23.38 34.66
C HIS R 323 9.26 -21.97 34.12
N HIS R 324 8.00 -21.55 33.94
CA HIS R 324 7.70 -20.29 33.29
C HIS R 324 7.33 -19.17 34.27
N ARG R 325 6.98 -19.53 35.50
CA ARG R 325 6.49 -18.59 36.52
C ARG R 325 5.21 -17.87 36.10
N HIS R 326 4.57 -18.32 35.04
CA HIS R 326 3.26 -17.83 34.65
C HIS R 326 2.42 -19.01 34.16
N VAL R 327 1.12 -18.95 34.43
CA VAL R 327 0.20 -20.01 34.04
C VAL R 327 0.13 -20.04 32.51
N PRO R 328 -0.08 -21.21 31.90
CA PRO R 328 -0.11 -21.26 30.43
C PRO R 328 -1.29 -20.49 29.87
N ALA R 329 -1.07 -19.89 28.70
CA ALA R 329 -2.15 -19.16 28.03
C ALA R 329 -3.20 -20.12 27.48
N ARG R 330 -2.76 -21.24 26.92
CA ARG R 330 -3.64 -22.23 26.32
C ARG R 330 -3.25 -23.62 26.80
N LEU R 331 -4.23 -24.43 27.17
CA LEU R 331 -4.00 -25.80 27.62
C LEU R 331 -4.71 -26.74 26.65
N VAL R 332 -3.95 -27.66 26.07
CA VAL R 332 -4.48 -28.66 25.15
C VAL R 332 -4.37 -30.02 25.83
N VAL R 333 -5.50 -30.70 25.95
CA VAL R 333 -5.57 -32.00 26.61
C VAL R 333 -5.91 -33.05 25.55
N LEU R 334 -5.06 -34.06 25.43
CA LEU R 334 -5.25 -35.16 24.50
C LEU R 334 -5.49 -36.43 25.29
N LYS R 335 -6.56 -37.15 24.95
CA LYS R 335 -6.95 -38.34 25.69
C LYS R 335 -7.21 -39.49 24.72
N THR R 336 -6.98 -40.71 25.22
CA THR R 336 -7.20 -41.92 24.43
C THR R 336 -8.66 -42.36 24.41
N SER R 337 -9.53 -41.70 25.18
CA SER R 337 -10.93 -42.05 25.25
C SER R 337 -11.77 -40.80 25.12
N ARG R 338 -13.05 -40.99 24.75
CA ARG R 338 -13.95 -39.87 24.53
C ARG R 338 -14.11 -39.04 25.80
N PHE R 339 -14.03 -37.73 25.64
CA PHE R 339 -14.21 -36.81 26.76
C PHE R 339 -15.68 -36.79 27.17
N ARG R 340 -15.95 -37.15 28.43
CA ARG R 340 -17.30 -37.16 28.95
C ARG R 340 -17.56 -35.91 29.79
N SER R 341 -18.83 -35.68 30.10
CA SER R 341 -19.23 -34.45 30.77
C SER R 341 -18.56 -34.31 32.14
N GLU R 342 -18.38 -35.43 32.84
CA GLU R 342 -17.74 -35.38 34.16
C GLU R 342 -16.31 -34.87 34.05
N GLU R 343 -15.55 -35.37 33.08
CA GLU R 343 -14.16 -34.93 32.93
C GLU R 343 -14.08 -33.48 32.48
N ALA R 344 -14.95 -33.06 31.56
CA ALA R 344 -14.89 -31.71 31.03
C ALA R 344 -15.19 -30.68 32.11
N GLU R 345 -16.21 -30.94 32.94
CA GLU R 345 -16.54 -30.00 34.01
C GLU R 345 -15.51 -30.07 35.14
N GLY R 346 -14.88 -31.23 35.34
CA GLY R 346 -13.77 -31.29 36.29
C GLY R 346 -12.57 -30.51 35.82
N ILE R 347 -12.24 -30.60 34.53
CA ILE R 347 -11.13 -29.83 33.98
C ILE R 347 -11.44 -28.34 34.04
N ASP R 348 -12.69 -27.96 33.72
CA ASP R 348 -13.07 -26.54 33.73
C ASP R 348 -12.90 -25.94 35.12
N ALA R 349 -13.17 -26.73 36.16
CA ALA R 349 -13.03 -26.22 37.53
C ALA R 349 -11.57 -25.86 37.83
N ALA R 350 -10.63 -26.71 37.42
CA ALA R 350 -9.22 -26.43 37.67
C ALA R 350 -8.75 -25.22 36.87
N LEU R 351 -9.23 -25.07 35.63
CA LEU R 351 -8.83 -23.94 34.81
C LEU R 351 -9.30 -22.61 35.40
N GLY R 352 -10.52 -22.58 35.94
CA GLY R 352 -11.02 -21.37 36.57
C GLY R 352 -10.20 -20.96 37.77
N LYS R 353 -9.69 -21.94 38.53
CA LYS R 353 -8.87 -21.63 39.69
C LYS R 353 -7.57 -20.94 39.27
N SER R 354 -6.94 -21.44 38.20
CA SER R 354 -5.68 -20.88 37.73
C SER R 354 -5.87 -19.76 36.71
N GLY R 355 -7.09 -19.50 36.28
CA GLY R 355 -7.35 -18.44 35.33
C GLY R 355 -6.79 -18.67 33.94
N ILE R 356 -6.80 -19.93 33.47
CA ILE R 356 -6.40 -20.22 32.11
C ILE R 356 -7.48 -19.72 31.15
N GLU R 357 -7.06 -18.98 30.13
CA GLU R 357 -8.02 -18.36 29.21
C GLU R 357 -8.69 -19.40 28.31
N MET R 358 -7.88 -20.10 27.51
CA MET R 358 -8.41 -21.02 26.52
C MET R 358 -8.02 -22.45 26.83
N SER R 359 -8.84 -23.39 26.38
CA SER R 359 -8.64 -24.81 26.68
C SER R 359 -9.18 -25.65 25.55
N ASP R 360 -8.48 -26.74 25.26
CA ASP R 360 -8.90 -27.70 24.26
C ASP R 360 -8.99 -29.08 24.88
N LEU R 361 -9.97 -29.87 24.44
CA LEU R 361 -10.20 -31.22 24.95
C LEU R 361 -10.43 -32.12 23.74
N VAL R 362 -9.40 -32.86 23.33
CA VAL R 362 -9.42 -33.63 22.10
C VAL R 362 -9.27 -35.10 22.45
N TRP R 363 -10.13 -35.93 21.85
CA TRP R 363 -10.04 -37.38 21.98
C TRP R 363 -9.36 -37.93 20.74
N VAL R 364 -8.19 -38.53 20.92
CA VAL R 364 -7.40 -39.04 19.79
C VAL R 364 -7.84 -40.48 19.58
N GLN R 365 -8.79 -40.67 18.68
CA GLN R 365 -9.32 -42.00 18.39
C GLN R 365 -8.54 -42.64 17.27
N GLU R 366 -8.12 -43.89 17.48
CA GLU R 366 -7.37 -44.65 16.49
C GLU R 366 -8.16 -45.79 15.86
N SER R 367 -9.37 -46.06 16.35
CA SER R 367 -10.17 -47.18 15.88
C SER R 367 -11.25 -46.75 14.89
N SER R 368 -11.21 -45.51 14.40
CA SER R 368 -12.23 -45.05 13.48
C SER R 368 -12.11 -45.79 12.15
N PRO R 369 -13.24 -46.16 11.53
CA PRO R 369 -13.20 -46.85 10.24
C PRO R 369 -13.16 -45.94 9.03
N ILE R 370 -13.38 -44.62 9.21
CA ILE R 370 -13.36 -43.70 8.09
C ILE R 370 -11.94 -43.62 7.52
N ALA R 371 -11.84 -43.67 6.19
CA ALA R 371 -10.54 -43.65 5.53
C ALA R 371 -10.68 -42.93 4.20
N ILE R 372 -9.53 -42.64 3.57
CA ILE R 372 -9.48 -41.90 2.32
C ILE R 372 -8.54 -42.63 1.38
N PHE R 373 -8.97 -42.80 0.13
CA PHE R 373 -8.21 -43.55 -0.85
C PHE R 373 -8.11 -42.76 -2.16
N ARG R 374 -6.98 -42.92 -2.84
CA ARG R 374 -6.68 -42.19 -4.05
C ARG R 374 -6.25 -43.15 -5.16
N ASP R 375 -6.41 -42.71 -6.40
CA ASP R 375 -5.93 -43.49 -7.53
C ASP R 375 -4.42 -43.65 -7.47
N GLY R 376 -3.95 -44.88 -7.64
CA GLY R 376 -2.54 -45.19 -7.58
C GLY R 376 -2.25 -46.26 -6.56
N ASN R 377 -0.97 -46.65 -6.52
CA ASN R 377 -0.51 -47.71 -5.63
C ASN R 377 0.01 -47.19 -4.30
N TYR R 378 0.00 -45.88 -4.08
CA TYR R 378 0.51 -45.32 -2.84
C TYR R 378 -0.60 -44.59 -2.10
N PRO R 379 -0.57 -44.57 -0.77
CA PRO R 379 -1.64 -43.93 0.00
C PRO R 379 -1.58 -42.41 -0.07
N VAL R 380 -2.52 -41.76 0.61
CA VAL R 380 -2.56 -40.30 0.62
C VAL R 380 -1.36 -39.74 1.37
N LEU R 381 -1.07 -38.47 1.10
CA LEU R 381 0.08 -37.81 1.70
C LEU R 381 -0.07 -37.70 3.20
N ARG R 382 1.06 -37.68 3.91
CA ARG R 382 1.05 -37.42 5.34
C ARG R 382 0.67 -35.97 5.59
N GLY R 383 -0.17 -35.74 6.60
CA GLY R 383 -0.65 -34.41 6.91
C GLY R 383 -1.95 -34.03 6.23
N THR R 384 -2.52 -34.91 5.41
CA THR R 384 -3.81 -34.62 4.79
C THR R 384 -4.90 -34.66 5.86
N PHE R 385 -5.75 -33.63 5.87
CA PHE R 385 -6.78 -33.47 6.88
C PHE R 385 -8.11 -33.21 6.21
N VAL R 386 -9.17 -33.77 6.78
CA VAL R 386 -10.53 -33.59 6.29
C VAL R 386 -11.46 -33.30 7.46
N ASP R 387 -12.24 -32.24 7.34
CA ASP R 387 -13.20 -31.87 8.39
C ASP R 387 -14.47 -32.69 8.24
N LEU R 388 -14.91 -33.32 9.33
CA LEU R 388 -16.12 -34.13 9.35
C LEU R 388 -17.01 -33.64 10.49
N ASP R 389 -17.83 -32.62 10.22
CA ASP R 389 -18.79 -32.09 11.18
C ASP R 389 -18.10 -31.71 12.50
N GLY R 390 -16.95 -31.07 12.39
CA GLY R 390 -16.17 -30.71 13.57
C GLY R 390 -15.28 -31.80 14.11
N LYS R 391 -15.33 -32.99 13.54
CA LYS R 391 -14.42 -34.07 13.90
C LYS R 391 -13.37 -34.22 12.80
N GLY R 392 -12.10 -34.19 13.19
CA GLY R 392 -11.02 -34.16 12.24
C GLY R 392 -10.50 -35.55 11.89
N LEU R 393 -10.23 -35.75 10.59
CA LEU R 393 -9.63 -36.97 10.08
C LEU R 393 -8.22 -36.62 9.62
N LEU R 394 -7.25 -36.82 10.50
CA LEU R 394 -5.87 -36.45 10.24
C LEU R 394 -5.05 -37.68 9.88
N TYR R 395 -4.31 -37.59 8.77
CA TYR R 395 -3.44 -38.67 8.33
C TYR R 395 -2.04 -38.37 8.85
N THR R 396 -1.81 -38.71 10.11
CA THR R 396 -0.48 -38.55 10.70
C THR R 396 0.54 -39.45 10.06
N ARG R 397 0.11 -40.53 9.40
CA ARG R 397 1.00 -41.43 8.67
C ARG R 397 0.50 -41.57 7.24
N GLY R 398 1.44 -41.69 6.31
CA GLY R 398 1.09 -41.81 4.91
C GLY R 398 2.33 -41.68 4.05
N SER R 399 2.11 -41.42 2.77
CA SER R 399 3.23 -41.22 1.85
C SER R 399 3.95 -39.93 2.20
N VAL R 400 5.27 -40.01 2.36
CA VAL R 400 6.10 -38.89 2.77
C VAL R 400 6.92 -38.44 1.56
N PRO R 401 6.73 -37.21 1.06
CA PRO R 401 7.55 -36.76 -0.07
C PRO R 401 9.04 -36.76 0.23
N PHE R 402 9.43 -36.45 1.47
CA PHE R 402 10.85 -36.44 1.81
C PHE R 402 11.46 -37.83 1.71
N TYR R 403 10.75 -38.85 2.20
CA TYR R 403 11.25 -40.22 2.17
C TYR R 403 11.15 -40.84 0.78
N GLY R 404 10.31 -40.29 -0.10
CA GLY R 404 10.14 -40.85 -1.42
C GLY R 404 9.30 -42.10 -1.50
N THR R 405 8.59 -42.44 -0.42
CA THR R 405 7.74 -43.63 -0.39
C THR R 405 6.87 -43.52 0.85
N PHE R 406 6.05 -44.55 1.08
CA PHE R 406 5.29 -44.67 2.30
C PHE R 406 5.91 -45.76 3.15
N PRO R 407 6.61 -45.42 4.24
CA PRO R 407 7.35 -46.44 5.03
C PRO R 407 6.44 -47.20 5.99
N GLY R 408 5.78 -48.22 5.49
CA GLY R 408 4.92 -49.02 6.34
C GLY R 408 4.23 -50.13 5.57
N LEU R 409 3.34 -50.81 6.29
CA LEU R 409 2.57 -51.94 5.81
C LEU R 409 1.36 -51.50 4.99
N ARG R 410 0.38 -52.41 4.87
CA ARG R 410 -0.73 -52.34 3.93
C ARG R 410 -1.28 -50.95 3.64
N VAL R 411 -1.82 -50.28 4.66
CA VAL R 411 -2.51 -48.99 4.46
C VAL R 411 -2.46 -48.21 5.76
N PRO R 412 -2.05 -46.94 5.74
CA PRO R 412 -2.09 -46.15 6.98
C PRO R 412 -3.52 -45.91 7.43
N ARG R 413 -3.72 -45.94 8.75
CA ARG R 413 -5.03 -45.70 9.32
C ARG R 413 -5.07 -44.29 9.90
N PRO R 414 -5.96 -43.43 9.42
CA PRO R 414 -5.95 -42.04 9.88
C PRO R 414 -6.43 -41.91 11.32
N LEU R 415 -6.02 -40.81 11.94
CA LEU R 415 -6.46 -40.47 13.28
C LEU R 415 -7.73 -39.62 13.22
N LEU R 416 -8.72 -40.00 14.02
CA LEU R 416 -9.95 -39.24 14.13
C LEU R 416 -9.89 -38.40 15.39
N LEU R 417 -9.79 -37.08 15.23
CA LEU R 417 -9.74 -36.16 16.36
C LEU R 417 -11.16 -35.66 16.65
N VAL R 418 -11.65 -36.00 17.84
CA VAL R 418 -13.00 -35.62 18.24
C VAL R 418 -12.91 -34.61 19.38
N PRO R 419 -12.90 -33.32 19.10
CA PRO R 419 -12.83 -32.34 20.17
C PRO R 419 -14.12 -32.30 20.97
N HIS R 420 -13.98 -32.00 22.26
CA HIS R 420 -15.15 -31.78 23.09
C HIS R 420 -15.78 -30.42 22.75
N GLU R 421 -17.04 -30.26 23.15
CA GLU R 421 -17.72 -28.99 22.93
C GLU R 421 -17.06 -27.84 23.68
N ASN R 422 -16.31 -28.12 24.73
CA ASN R 422 -15.58 -27.09 25.48
C ASN R 422 -14.17 -26.90 24.95
N SER R 423 -14.04 -26.67 23.64
CA SER R 423 -12.76 -26.46 22.99
C SER R 423 -12.76 -25.10 22.33
N ASP R 424 -11.76 -24.28 22.66
CA ASP R 424 -11.69 -22.93 22.11
C ASP R 424 -11.28 -22.95 20.64
N SER R 425 -10.25 -23.72 20.29
CA SER R 425 -9.72 -23.69 18.95
C SER R 425 -10.55 -24.55 18.00
N THR R 426 -10.41 -24.27 16.72
CA THR R 426 -11.07 -25.06 15.69
C THR R 426 -10.30 -26.35 15.44
N ILE R 427 -10.98 -27.31 14.80
CA ILE R 427 -10.36 -28.60 14.52
C ILE R 427 -9.21 -28.44 13.53
N LEU R 428 -9.27 -27.42 12.67
CA LEU R 428 -8.17 -27.18 11.75
C LEU R 428 -6.89 -26.83 12.50
N THR R 429 -6.99 -25.97 13.51
CA THR R 429 -5.81 -25.61 14.29
C THR R 429 -5.32 -26.79 15.12
N LEU R 430 -6.24 -27.55 15.71
CA LEU R 430 -5.86 -28.68 16.56
C LEU R 430 -5.14 -29.76 15.74
N ALA R 431 -5.59 -30.00 14.51
CA ALA R 431 -4.94 -31.00 13.67
C ALA R 431 -3.50 -30.60 13.37
N LYS R 432 -3.25 -29.32 13.14
CA LYS R 432 -1.89 -28.85 12.88
C LYS R 432 -1.00 -29.08 14.10
N ASP R 433 -1.53 -28.81 15.30
CA ASP R 433 -0.75 -29.04 16.52
C ASP R 433 -0.52 -30.53 16.75
N VAL R 434 -1.55 -31.35 16.52
CA VAL R 434 -1.41 -32.79 16.71
C VAL R 434 -0.39 -33.36 15.73
N LEU R 435 -0.46 -32.92 14.48
CA LEU R 435 0.51 -33.38 13.48
C LEU R 435 1.92 -32.97 13.86
N ALA R 436 2.09 -31.75 14.35
CA ALA R 436 3.42 -31.29 14.78
C ALA R 436 3.94 -32.11 15.96
N LEU R 437 3.05 -32.47 16.88
CA LEU R 437 3.45 -33.21 18.07
C LEU R 437 3.95 -34.62 17.77
N THR R 438 3.71 -35.13 16.56
CA THR R 438 4.19 -36.46 16.21
C THR R 438 5.68 -36.48 15.91
N LYS R 439 6.31 -35.33 15.73
CA LYS R 439 7.71 -35.25 15.33
C LYS R 439 8.65 -35.03 16.51
N VAL R 440 8.15 -35.04 17.74
CA VAL R 440 9.00 -34.81 18.89
C VAL R 440 9.05 -36.06 19.76
N ASN R 441 8.92 -37.23 19.14
CA ASN R 441 9.11 -38.50 19.82
C ASN R 441 10.58 -38.88 19.69
N TRP R 442 11.35 -38.62 20.75
CA TRP R 442 12.79 -38.80 20.68
C TRP R 442 13.23 -40.26 20.71
N ASN R 443 12.30 -41.20 20.95
CA ASN R 443 12.65 -42.60 20.94
C ASN R 443 13.05 -43.10 19.55
N THR R 444 12.77 -42.33 18.50
CA THR R 444 13.13 -42.71 17.15
C THR R 444 13.42 -41.44 16.34
N THR R 445 14.20 -41.60 15.28
CA THR R 445 14.53 -40.49 14.40
C THR R 445 13.58 -40.37 13.21
N GLN R 446 12.84 -41.42 12.88
CA GLN R 446 11.83 -41.32 11.84
C GLN R 446 10.69 -40.44 12.31
N PHE R 447 10.30 -39.47 11.48
CA PHE R 447 9.39 -38.42 11.90
C PHE R 447 7.95 -38.66 11.48
N ASP R 448 7.64 -39.80 10.86
CA ASP R 448 6.27 -40.10 10.47
C ASP R 448 5.58 -40.97 11.53
N GLN R 449 5.52 -40.43 12.75
CA GLN R 449 4.87 -41.13 13.85
C GLN R 449 3.36 -40.95 13.76
N LYS R 450 2.63 -42.03 14.07
CA LYS R 450 1.17 -41.98 13.99
C LYS R 450 0.57 -41.20 15.17
N LEU R 451 1.15 -41.36 16.36
CA LEU R 451 0.51 -40.72 17.50
C LEU R 451 1.27 -39.48 17.95
N PRO R 452 0.57 -38.48 18.49
CA PRO R 452 1.26 -37.34 19.07
C PRO R 452 2.05 -37.74 20.30
N ALA R 453 3.13 -36.99 20.55
CA ALA R 453 4.03 -37.34 21.65
C ALA R 453 3.35 -37.35 23.02
N PRO R 454 2.52 -36.37 23.40
CA PRO R 454 1.88 -36.46 24.72
C PRO R 454 1.03 -37.71 24.89
N ILE R 455 0.32 -38.14 23.84
CA ILE R 455 -0.49 -39.35 23.93
C ILE R 455 0.41 -40.58 24.02
N LYS R 456 1.42 -40.64 23.16
CA LYS R 456 2.31 -41.80 23.15
C LYS R 456 3.13 -41.89 24.44
N ALA R 457 3.66 -40.77 24.91
CA ALA R 457 4.47 -40.78 26.12
C ALA R 457 3.66 -41.23 27.32
N ALA R 458 2.37 -40.88 27.36
CA ALA R 458 1.53 -41.31 28.46
C ALA R 458 1.41 -42.83 28.51
N ARG R 459 1.24 -43.48 27.36
CA ARG R 459 1.18 -44.93 27.32
C ARG R 459 2.51 -45.55 27.71
N GLU R 460 3.63 -45.00 27.21
CA GLU R 460 4.93 -45.54 27.54
C GLU R 460 5.24 -45.37 29.02
N VAL R 461 4.76 -44.29 29.64
CA VAL R 461 4.91 -44.11 31.08
C VAL R 461 4.10 -45.16 31.83
N GLY R 462 2.92 -45.50 31.32
CA GLY R 462 2.06 -46.46 31.99
C GLY R 462 2.67 -47.85 32.11
N ARG R 463 3.47 -48.24 31.13
CA ARG R 463 4.12 -49.56 31.19
C ARG R 463 5.04 -49.67 32.40
N ILE R 464 5.85 -48.64 32.65
CA ILE R 464 6.77 -48.67 33.78
C ILE R 464 6.02 -48.54 35.09
N LEU R 465 5.04 -47.63 35.14
CA LEU R 465 4.29 -47.39 36.37
C LEU R 465 3.38 -48.54 36.75
N LYS R 466 3.19 -49.52 35.87
CA LYS R 466 2.39 -50.69 36.20
C LYS R 466 2.96 -51.43 37.39
N HIS R 467 4.28 -51.49 37.51
CA HIS R 467 4.95 -52.21 38.60
C HIS R 467 5.36 -51.31 39.76
N VAL R 468 5.24 -50.00 39.61
CA VAL R 468 5.59 -49.08 40.70
C VAL R 468 4.41 -49.00 41.66
N GLU R 469 4.66 -49.29 42.93
CA GLU R 469 3.59 -49.29 43.91
C GLU R 469 3.05 -47.89 44.13
N PHE R 470 1.74 -47.79 44.36
CA PHE R 470 1.11 -46.50 44.57
C PHE R 470 1.67 -45.82 45.81
N GLY R 471 1.81 -44.50 45.71
CA GLY R 471 2.36 -43.69 46.78
C GLY R 471 3.86 -43.48 46.71
N THR R 472 4.56 -44.31 45.94
CA THR R 472 6.00 -44.16 45.80
C THR R 472 6.33 -42.93 44.96
N ALA R 473 7.27 -42.13 45.45
CA ALA R 473 7.72 -40.95 44.72
C ALA R 473 8.75 -41.36 43.68
N VAL R 474 8.46 -41.07 42.41
CA VAL R 474 9.33 -41.46 41.31
C VAL R 474 9.62 -40.22 40.45
N SER R 475 10.71 -40.31 39.70
CA SER R 475 11.12 -39.19 38.85
C SER R 475 10.11 -38.97 37.74
N SER R 476 9.74 -37.71 37.53
CA SER R 476 8.83 -37.35 36.45
C SER R 476 9.54 -37.21 35.11
N ASP R 477 10.86 -37.29 35.10
CA ASP R 477 11.61 -37.16 33.85
C ASP R 477 11.27 -38.29 32.90
N PHE R 478 11.03 -37.94 31.64
CA PHE R 478 10.73 -38.94 30.62
C PHE R 478 11.96 -39.72 30.18
N ARG R 479 13.16 -39.28 30.58
CA ARG R 479 14.38 -40.02 30.26
C ARG R 479 14.33 -41.44 30.83
N ARG R 480 13.62 -41.63 31.94
CA ARG R 480 13.58 -42.91 32.62
C ARG R 480 12.54 -43.88 32.06
N TYR R 481 11.65 -43.41 31.18
CA TYR R 481 10.61 -44.25 30.63
C TYR R 481 10.74 -44.51 29.14
N THR R 482 11.44 -43.65 28.40
CA THR R 482 11.57 -43.82 26.96
C THR R 482 12.50 -44.97 26.63
N ILE U 19 -54.53 16.15 -32.61
CA ILE U 19 -54.18 15.28 -33.72
C ILE U 19 -53.11 15.92 -34.59
N THR U 20 -52.15 15.12 -35.04
CA THR U 20 -51.06 15.58 -35.88
C THR U 20 -51.01 14.73 -37.15
N ASP U 21 -50.81 15.39 -38.29
CA ASP U 21 -50.77 14.67 -39.57
C ASP U 21 -49.57 13.72 -39.66
N SER U 22 -48.50 13.97 -38.90
CA SER U 22 -47.35 13.07 -38.93
C SER U 22 -47.60 11.79 -38.15
N GLN U 23 -48.58 11.79 -37.24
CA GLN U 23 -48.83 10.60 -36.42
C GLN U 23 -49.33 9.43 -37.27
N VAL U 24 -50.25 9.69 -38.19
CA VAL U 24 -50.81 8.61 -39.00
C VAL U 24 -49.77 8.05 -39.95
N LEU U 25 -48.89 8.90 -40.49
CA LEU U 25 -47.87 8.42 -41.41
C LEU U 25 -46.89 7.47 -40.71
N GLY U 26 -46.48 7.82 -39.48
CA GLY U 26 -45.62 6.93 -38.73
C GLY U 26 -46.32 5.70 -38.18
N GLU U 27 -47.65 5.76 -38.06
CA GLU U 27 -48.40 4.60 -37.57
C GLU U 27 -48.48 3.51 -38.62
N LEU U 28 -48.47 3.87 -39.91
CA LEU U 28 -48.53 2.88 -40.98
C LEU U 28 -47.35 1.93 -40.93
N GLY U 29 -46.18 2.40 -40.47
CA GLY U 29 -45.03 1.54 -40.36
C GLY U 29 -45.13 0.51 -39.25
N GLU U 30 -45.96 0.78 -38.24
CA GLU U 30 -46.14 -0.19 -37.16
C GLU U 30 -46.78 -1.47 -37.68
N THR U 31 -47.89 -1.34 -38.40
CA THR U 31 -48.54 -2.52 -38.99
C THR U 31 -47.69 -3.11 -40.11
N ALA U 32 -47.03 -2.25 -40.90
CA ALA U 32 -46.16 -2.74 -41.96
C ALA U 32 -45.01 -3.58 -41.40
N ILE U 33 -44.43 -3.13 -40.29
CA ILE U 33 -43.41 -3.95 -39.64
C ILE U 33 -44.03 -5.20 -39.06
N LYS U 34 -45.25 -5.10 -38.52
CA LYS U 34 -45.96 -6.28 -38.02
C LYS U 34 -46.12 -7.31 -39.13
N LYS U 35 -46.55 -6.87 -40.32
CA LYS U 35 -46.65 -7.79 -41.45
C LYS U 35 -45.27 -8.33 -41.83
N ILE U 36 -44.26 -7.47 -41.82
CA ILE U 36 -42.90 -7.92 -42.14
C ILE U 36 -42.41 -8.90 -41.09
N VAL U 37 -42.60 -8.58 -39.81
CA VAL U 37 -42.11 -9.43 -38.74
C VAL U 37 -42.87 -10.75 -38.70
N LEU U 38 -44.20 -10.70 -38.88
CA LEU U 38 -45.01 -11.92 -38.84
C LEU U 38 -44.60 -12.87 -39.96
N GLU U 39 -44.25 -12.34 -41.14
CA GLU U 39 -43.75 -13.17 -42.22
C GLU U 39 -42.42 -13.84 -41.87
N THR U 40 -41.69 -13.29 -40.91
CA THR U 40 -40.42 -13.85 -40.48
C THR U 40 -40.54 -14.80 -39.29
N GLY U 41 -41.76 -15.04 -38.81
CA GLY U 41 -41.97 -15.97 -37.72
C GLY U 41 -41.79 -15.40 -36.33
N PHE U 42 -41.72 -14.08 -36.19
CA PHE U 42 -41.55 -13.43 -34.90
C PHE U 42 -42.77 -12.57 -34.59
N LEU U 43 -42.78 -12.00 -33.38
CA LEU U 43 -43.88 -11.15 -32.92
C LEU U 43 -43.35 -9.76 -32.58
N TYR U 44 -44.11 -8.74 -32.94
CA TYR U 44 -43.76 -7.35 -32.70
C TYR U 44 -44.76 -6.74 -31.71
N GLU U 45 -44.25 -5.97 -30.77
CA GLU U 45 -45.05 -5.37 -29.71
C GLU U 45 -45.29 -3.89 -30.00
N GLN U 46 -46.11 -3.26 -29.15
CA GLN U 46 -46.51 -1.87 -29.34
C GLN U 46 -46.19 -1.02 -28.11
N ARG U 47 -44.94 -1.10 -27.63
CA ARG U 47 -44.55 -0.32 -26.47
C ARG U 47 -44.74 1.17 -26.70
N GLY U 48 -44.35 1.66 -27.88
CA GLY U 48 -44.47 3.07 -28.17
C GLY U 48 -45.40 3.39 -29.32
N ARG U 49 -46.48 2.62 -29.46
CA ARG U 49 -47.45 2.90 -30.51
C ARG U 49 -48.07 4.28 -30.30
N LEU U 50 -48.30 4.99 -31.41
CA LEU U 50 -48.81 6.35 -31.42
C LEU U 50 -47.86 7.33 -30.73
N GLU U 51 -46.58 6.98 -30.61
CA GLU U 51 -45.57 7.87 -30.07
C GLU U 51 -44.35 7.86 -30.97
N ALA U 52 -43.78 9.04 -31.20
CA ALA U 52 -42.66 9.16 -32.11
C ALA U 52 -41.39 8.53 -31.55
N GLY U 53 -41.15 8.70 -30.26
CA GLY U 53 -39.91 8.24 -29.66
C GLY U 53 -39.74 6.73 -29.65
N THR U 54 -40.55 6.04 -28.85
CA THR U 54 -40.51 4.59 -28.80
C THR U 54 -41.53 4.00 -29.78
N ASP U 55 -41.29 2.76 -30.18
CA ASP U 55 -42.21 2.10 -31.09
C ASP U 55 -42.64 0.72 -30.60
N GLY U 56 -41.74 -0.03 -29.97
CA GLY U 56 -42.09 -1.35 -29.49
C GLY U 56 -40.86 -2.23 -29.41
N ILE U 57 -41.12 -3.51 -29.10
CA ILE U 57 -40.07 -4.53 -29.03
C ILE U 57 -40.52 -5.75 -29.82
N ILE U 58 -39.54 -6.56 -30.21
CA ILE U 58 -39.78 -7.76 -30.99
C ILE U 58 -39.74 -8.96 -30.05
N GLU U 59 -40.86 -9.66 -29.93
CA GLU U 59 -40.93 -10.87 -29.11
C GLU U 59 -40.33 -12.04 -29.87
N LEU U 60 -39.58 -12.87 -29.15
CA LEU U 60 -38.88 -14.01 -29.74
C LEU U 60 -39.50 -15.31 -29.25
N ARG U 61 -39.96 -16.13 -30.19
CA ARG U 61 -40.44 -17.47 -29.88
C ARG U 61 -40.45 -18.28 -31.16
N ASP U 62 -39.88 -19.47 -31.12
CA ASP U 62 -39.79 -20.31 -32.31
C ASP U 62 -41.16 -20.90 -32.65
N PRO U 63 -41.49 -21.03 -33.93
CA PRO U 63 -42.76 -21.69 -34.29
C PRO U 63 -42.85 -23.13 -33.82
N LYS U 64 -41.71 -23.84 -33.76
CA LYS U 64 -41.73 -25.24 -33.36
C LYS U 64 -42.06 -25.38 -31.87
N SER U 65 -41.23 -24.77 -31.01
CA SER U 65 -41.44 -24.89 -29.57
C SER U 65 -42.75 -24.24 -29.14
N GLY U 66 -43.06 -23.07 -29.71
CA GLY U 66 -44.27 -22.37 -29.31
C GLY U 66 -44.19 -21.69 -27.97
N ALA U 67 -42.99 -21.48 -27.45
CA ALA U 67 -42.77 -20.83 -26.16
C ALA U 67 -41.78 -19.69 -26.32
N PRO U 68 -41.91 -18.64 -25.52
CA PRO U 68 -40.99 -17.49 -25.66
C PRO U 68 -39.55 -17.89 -25.41
N LEU U 69 -38.65 -17.31 -26.21
CA LEU U 69 -37.22 -17.56 -26.06
C LEU U 69 -36.61 -16.77 -24.90
N GLY U 70 -37.33 -15.78 -24.36
CA GLY U 70 -36.85 -14.95 -23.29
C GLY U 70 -36.10 -13.71 -23.73
N LYS U 71 -35.52 -13.73 -24.93
CA LYS U 71 -34.78 -12.59 -25.44
C LYS U 71 -35.72 -11.55 -26.03
N LEU U 72 -35.25 -10.31 -26.08
CA LEU U 72 -36.01 -9.18 -26.59
C LEU U 72 -35.18 -8.45 -27.65
N LEU U 73 -35.74 -7.37 -28.18
CA LEU U 73 -35.06 -6.55 -29.17
C LEU U 73 -35.81 -5.23 -29.31
N GLY U 74 -35.07 -4.12 -29.22
CA GLY U 74 -35.66 -2.81 -29.43
C GLY U 74 -35.69 -2.42 -30.91
N VAL U 75 -36.56 -1.47 -31.22
CA VAL U 75 -36.72 -1.03 -32.61
C VAL U 75 -37.26 0.40 -32.60
N GLN U 76 -36.78 1.20 -33.54
CA GLN U 76 -37.27 2.55 -33.77
C GLN U 76 -37.80 2.63 -35.20
N VAL U 77 -39.02 3.15 -35.34
CA VAL U 77 -39.71 3.19 -36.62
C VAL U 77 -39.80 4.63 -37.10
N LYS U 78 -39.33 4.88 -38.31
CA LYS U 78 -39.45 6.18 -38.98
C LYS U 78 -40.07 5.93 -40.35
N SER U 79 -41.28 6.44 -40.55
CA SER U 79 -42.05 6.18 -41.76
C SER U 79 -42.32 7.48 -42.49
N THR U 80 -42.06 7.49 -43.80
CA THR U 80 -42.36 8.60 -44.68
C THR U 80 -43.09 8.08 -45.91
N GLU U 81 -44.08 8.84 -46.38
CA GLU U 81 -44.89 8.39 -47.50
C GLU U 81 -44.04 8.23 -48.76
N SER U 82 -43.25 9.26 -49.10
CA SER U 82 -42.39 9.22 -50.26
C SER U 82 -41.32 10.29 -50.13
N GLY U 83 -40.19 10.07 -50.76
CA GLY U 83 -39.10 11.02 -50.74
C GLY U 83 -37.77 10.33 -50.85
N GLN U 84 -36.75 11.13 -51.15
CA GLN U 84 -35.37 10.65 -51.28
C GLN U 84 -34.50 11.37 -50.27
N TYR U 85 -33.74 10.60 -49.49
CA TYR U 85 -32.90 11.17 -48.45
C TYR U 85 -31.58 11.63 -49.05
N VAL U 86 -30.62 11.97 -48.19
CA VAL U 86 -29.33 12.47 -48.64
C VAL U 86 -28.53 11.34 -49.28
N ARG U 87 -27.99 11.60 -50.47
CA ARG U 87 -27.16 10.65 -51.21
C ARG U 87 -27.95 9.35 -51.49
N GLU U 88 -29.05 9.50 -52.20
CA GLU U 88 -29.93 8.37 -52.52
C GLU U 88 -29.43 7.67 -53.78
N ASN U 89 -29.39 6.34 -53.74
CA ASN U 89 -28.99 5.54 -54.87
C ASN U 89 -29.55 4.13 -54.71
N ASP U 90 -29.60 3.41 -55.82
CA ASP U 90 -30.17 2.07 -55.82
C ASP U 90 -29.27 1.04 -55.13
N ASN U 91 -27.98 1.31 -55.02
CA ASN U 91 -27.07 0.34 -54.43
C ASN U 91 -27.14 0.37 -52.90
N SER U 92 -26.78 1.49 -52.29
CA SER U 92 -26.80 1.63 -50.84
C SER U 92 -26.68 3.09 -50.43
N PHE U 93 -27.64 3.58 -49.64
CA PHE U 93 -27.65 4.97 -49.21
C PHE U 93 -27.60 5.04 -47.69
N GLU U 94 -27.30 6.25 -47.19
CA GLU U 94 -27.14 6.49 -45.77
C GLU U 94 -28.19 7.48 -45.28
N TYR U 95 -28.56 7.34 -44.02
CA TYR U 95 -29.55 8.21 -43.38
C TYR U 95 -28.99 8.76 -42.08
N LEU U 96 -29.34 9.99 -41.77
CA LEU U 96 -28.86 10.69 -40.59
C LEU U 96 -29.86 10.50 -39.45
N LEU U 97 -29.40 9.92 -38.34
CA LEU U 97 -30.23 9.66 -37.19
C LEU U 97 -29.93 10.69 -36.10
N LYS U 98 -30.99 11.25 -35.52
CA LYS U 98 -30.82 12.28 -34.50
C LYS U 98 -30.17 11.70 -33.25
N PRO U 99 -29.31 12.45 -32.57
CA PRO U 99 -28.67 11.93 -31.34
C PRO U 99 -29.65 11.65 -30.21
N ASP U 100 -30.83 12.26 -30.22
CA ASP U 100 -31.81 12.06 -29.16
C ASP U 100 -32.66 10.82 -29.38
N ASP U 101 -32.52 10.14 -30.52
CA ASP U 101 -33.26 8.90 -30.75
C ASP U 101 -32.84 7.82 -29.77
N LEU U 102 -31.54 7.72 -29.48
CA LEU U 102 -31.04 6.71 -28.57
C LEU U 102 -31.44 6.96 -27.12
N LYS U 103 -31.94 8.16 -26.80
CA LYS U 103 -32.33 8.47 -25.43
C LYS U 103 -33.39 7.50 -24.93
N TYR U 104 -34.25 7.01 -25.81
CA TYR U 104 -35.30 6.08 -25.42
C TYR U 104 -34.77 4.68 -25.13
N TRP U 105 -33.50 4.42 -25.41
CA TRP U 105 -32.87 3.16 -25.04
C TRP U 105 -31.49 3.33 -24.42
N ARG U 106 -31.07 4.55 -24.12
CA ARG U 106 -29.75 4.76 -23.52
C ARG U 106 -29.65 4.13 -22.14
N THR U 107 -30.76 4.11 -21.39
CA THR U 107 -30.74 3.54 -20.04
C THR U 107 -30.38 2.07 -20.07
N SER U 108 -30.93 1.32 -21.03
CA SER U 108 -30.66 -0.09 -21.17
C SER U 108 -29.55 -0.31 -22.21
N ASN U 109 -29.17 -1.58 -22.38
CA ASN U 109 -28.17 -1.97 -23.37
C ASN U 109 -28.76 -2.82 -24.48
N ILE U 110 -30.08 -2.84 -24.62
CA ILE U 110 -30.73 -3.66 -25.65
C ILE U 110 -30.38 -3.11 -27.02
N PRO U 111 -30.04 -3.97 -27.99
CA PRO U 111 -29.83 -3.47 -29.36
C PRO U 111 -31.12 -2.96 -29.97
N VAL U 112 -30.98 -1.97 -30.83
CA VAL U 112 -32.13 -1.33 -31.50
C VAL U 112 -31.83 -1.25 -32.99
N ILE U 113 -32.77 -1.72 -33.81
CA ILE U 113 -32.67 -1.64 -35.25
C ILE U 113 -33.58 -0.52 -35.75
N ILE U 114 -33.06 0.31 -36.65
CA ILE U 114 -33.81 1.44 -37.19
C ILE U 114 -34.45 1.01 -38.50
N VAL U 115 -35.76 1.26 -38.62
CA VAL U 115 -36.53 0.90 -39.81
C VAL U 115 -36.91 2.19 -40.52
N LEU U 116 -36.43 2.35 -41.74
CA LEU U 116 -36.78 3.50 -42.58
C LEU U 116 -37.88 3.13 -43.57
N TRP U 117 -39.06 2.80 -43.02
CA TRP U 117 -40.18 2.39 -43.85
C TRP U 117 -40.62 3.52 -44.77
N ARG U 118 -40.87 3.18 -46.03
CA ARG U 118 -41.30 4.16 -47.02
C ARG U 118 -42.19 3.46 -48.03
N LYS U 119 -43.41 3.96 -48.21
CA LYS U 119 -44.34 3.37 -49.17
C LYS U 119 -43.89 3.56 -50.61
N SER U 120 -42.96 4.50 -50.86
CA SER U 120 -42.48 4.72 -52.22
C SER U 120 -41.75 3.50 -52.75
N ASP U 121 -40.92 2.86 -51.91
CA ASP U 121 -40.13 1.72 -52.34
C ASP U 121 -40.32 0.47 -51.50
N GLU U 122 -41.06 0.54 -50.39
CA GLU U 122 -41.30 -0.60 -49.50
C GLU U 122 -39.97 -1.20 -49.01
N THR U 123 -39.20 -0.35 -48.33
CA THR U 123 -37.90 -0.72 -47.80
C THR U 123 -37.89 -0.56 -46.29
N ALA U 124 -37.45 -1.61 -45.59
CA ALA U 124 -37.33 -1.58 -44.13
C ALA U 124 -35.98 -2.19 -43.75
N TYR U 125 -35.09 -1.36 -43.23
CA TYR U 125 -33.73 -1.76 -42.92
C TYR U 125 -33.60 -2.13 -41.45
N TRP U 126 -32.42 -2.62 -41.08
CA TRP U 126 -32.11 -2.94 -39.70
C TRP U 126 -30.64 -2.64 -39.46
N LYS U 127 -30.35 -1.77 -38.50
CA LYS U 127 -28.97 -1.36 -38.23
C LYS U 127 -28.91 -0.74 -36.84
N ASP U 128 -27.95 -1.19 -36.04
CA ASP U 128 -27.76 -0.63 -34.71
C ASP U 128 -27.24 0.80 -34.80
N VAL U 129 -27.82 1.68 -33.98
CA VAL U 129 -27.43 3.10 -34.03
C VAL U 129 -26.17 3.38 -33.23
N SER U 130 -25.76 2.47 -32.34
CA SER U 130 -24.57 2.68 -31.55
C SER U 130 -23.31 2.31 -32.33
N ARG U 138 -22.47 8.44 -35.92
CA ARG U 138 -23.58 9.31 -36.30
C ARG U 138 -24.24 8.83 -37.58
N ARG U 139 -23.56 9.03 -38.71
CA ARG U 139 -24.07 8.57 -39.99
C ARG U 139 -24.08 7.06 -40.06
N LEU U 140 -24.98 6.51 -40.87
CA LEU U 140 -25.12 5.06 -40.99
C LEU U 140 -25.56 4.73 -42.41
N LYS U 141 -24.75 3.94 -43.12
CA LYS U 141 -25.11 3.46 -44.44
C LYS U 141 -25.85 2.14 -44.35
N PHE U 142 -26.74 1.91 -45.31
CA PHE U 142 -27.55 0.69 -45.35
C PHE U 142 -27.55 0.13 -46.76
N ASP U 143 -27.31 -1.18 -46.88
CA ASP U 143 -27.30 -1.84 -48.17
C ASP U 143 -28.72 -2.20 -48.57
N LYS U 144 -29.10 -1.83 -49.80
CA LYS U 144 -30.45 -2.11 -50.29
C LYS U 144 -30.70 -3.59 -50.52
N GLY U 145 -29.67 -4.41 -50.62
CA GLY U 145 -29.81 -5.84 -50.76
C GLY U 145 -29.99 -6.60 -49.47
N THR U 146 -30.00 -5.90 -48.33
CA THR U 146 -30.12 -6.55 -47.04
C THR U 146 -31.55 -7.00 -46.77
N ASP U 147 -32.53 -6.26 -47.26
CA ASP U 147 -33.94 -6.55 -46.98
C ASP U 147 -34.35 -7.83 -47.72
N VAL U 148 -34.44 -8.93 -46.98
CA VAL U 148 -34.90 -10.21 -47.54
C VAL U 148 -36.08 -10.72 -46.73
N PHE U 149 -36.13 -10.33 -45.45
CA PHE U 149 -37.27 -10.63 -44.57
C PHE U 149 -37.58 -12.13 -44.53
N ASP U 150 -36.53 -12.96 -44.45
CA ASP U 150 -36.82 -14.37 -44.30
C ASP U 150 -36.68 -14.80 -42.85
N PRO U 151 -37.31 -15.91 -42.45
CA PRO U 151 -37.10 -16.41 -41.08
C PRO U 151 -35.65 -16.72 -40.78
N ARG U 152 -34.88 -17.19 -41.77
CA ARG U 152 -33.45 -17.41 -41.54
C ARG U 152 -32.73 -16.10 -41.26
N SER U 153 -33.03 -15.05 -42.02
CA SER U 153 -32.45 -13.74 -41.75
C SER U 153 -32.91 -13.20 -40.40
N ALA U 154 -34.19 -13.41 -40.07
CA ALA U 154 -34.67 -13.03 -38.75
C ALA U 154 -34.04 -13.88 -37.66
N ASP U 155 -33.68 -15.13 -37.97
CA ASP U 155 -32.94 -15.95 -37.02
C ASP U 155 -31.54 -15.40 -36.81
N ARG U 156 -30.91 -14.85 -37.86
CA ARG U 156 -29.68 -14.09 -37.66
C ARG U 156 -29.94 -12.87 -36.79
N ILE U 157 -31.07 -12.19 -37.03
CA ILE U 157 -31.48 -11.11 -36.14
C ILE U 157 -31.78 -11.66 -34.75
N GLY U 158 -32.50 -12.78 -34.69
CA GLY U 158 -32.83 -13.38 -33.40
C GLY U 158 -31.59 -13.77 -32.61
N ALA U 159 -30.57 -14.28 -33.30
CA ALA U 159 -29.31 -14.56 -32.63
C ALA U 159 -28.58 -13.29 -32.22
N LEU U 160 -28.75 -12.22 -32.99
CA LEU U 160 -28.12 -10.94 -32.66
C LEU U 160 -28.78 -10.23 -31.49
N THR U 161 -29.94 -10.70 -31.04
CA THR U 161 -30.68 -10.07 -29.95
C THR U 161 -30.74 -11.04 -28.77
N ILE U 162 -29.96 -10.74 -27.73
CA ILE U 162 -29.87 -11.59 -26.55
C ILE U 162 -30.15 -10.70 -25.34
N ASP U 163 -31.31 -10.88 -24.71
CA ASP U 163 -31.73 -9.98 -23.64
C ASP U 163 -32.39 -10.66 -22.44
N ARG U 164 -32.40 -11.99 -22.37
CA ARG U 164 -33.03 -12.66 -21.24
C ARG U 164 -32.08 -12.60 -20.05
N ARG U 165 -32.60 -12.17 -18.89
CA ARG U 165 -31.80 -12.02 -17.66
C ARG U 165 -30.57 -11.19 -18.00
N THR U 166 -29.35 -11.77 -18.01
CA THR U 166 -28.14 -11.10 -18.48
C THR U 166 -27.94 -9.78 -17.73
N PRO U 167 -27.42 -9.83 -16.51
CA PRO U 167 -27.40 -8.63 -15.65
C PRO U 167 -26.71 -7.45 -16.31
N GLY U 168 -27.20 -6.26 -15.96
CA GLY U 168 -26.80 -5.03 -16.60
C GLY U 168 -27.76 -4.52 -17.66
N VAL U 169 -28.85 -5.24 -17.92
CA VAL U 169 -29.85 -4.83 -18.90
C VAL U 169 -31.22 -4.92 -18.26
N PHE U 170 -32.16 -4.13 -18.77
CA PHE U 170 -33.52 -4.08 -18.25
C PHE U 170 -34.43 -3.46 -19.29
N LEU U 171 -35.73 -3.50 -19.02
CA LEU U 171 -36.70 -2.86 -19.90
C LEU U 171 -37.00 -1.46 -19.39
N PRO U 172 -36.72 -0.41 -20.14
CA PRO U 172 -37.04 0.95 -19.71
C PRO U 172 -38.55 1.12 -19.59
N PRO U 173 -39.00 2.07 -18.75
CA PRO U 173 -40.44 2.27 -18.60
C PRO U 173 -41.11 2.63 -19.92
N LEU U 174 -42.33 2.13 -20.10
CA LEU U 174 -43.08 2.41 -21.32
C LEU U 174 -43.35 3.91 -21.42
N ASN U 175 -43.01 4.50 -22.57
CA ASN U 175 -43.11 5.95 -22.71
C ASN U 175 -44.56 6.41 -22.83
N LYS U 176 -45.46 5.52 -23.26
CA LYS U 176 -46.87 5.85 -23.27
C LYS U 176 -47.36 6.10 -21.84
N GLY U 177 -48.06 7.20 -21.64
CA GLY U 177 -48.49 7.57 -20.31
C GLY U 177 -49.58 6.66 -19.79
N GLU U 178 -49.64 6.57 -18.46
CA GLU U 178 -50.68 5.81 -17.79
C GLU U 178 -51.27 6.68 -16.68
N ASP U 179 -52.56 6.51 -16.44
CA ASP U 179 -53.29 7.27 -15.43
C ASP U 179 -53.29 6.53 -14.10
N ALA U 180 -53.50 7.29 -13.03
CA ALA U 180 -53.56 6.73 -11.69
C ALA U 180 -54.46 7.59 -10.84
N ILE U 181 -55.22 6.96 -9.95
CA ILE U 181 -56.12 7.68 -9.07
C ILE U 181 -55.38 8.04 -7.79
N ILE U 182 -55.93 9.02 -7.07
CA ILE U 182 -55.40 9.46 -5.79
C ILE U 182 -56.52 9.38 -4.77
N ASN U 183 -56.18 8.97 -3.55
CA ASN U 183 -57.18 8.75 -2.50
C ASN U 183 -57.64 10.09 -1.90
N LEU U 184 -58.11 10.96 -2.79
CA LEU U 184 -58.61 12.28 -2.43
C LEU U 184 -60.04 12.44 -2.94
N LEU U 185 -60.81 13.25 -2.24
CA LEU U 185 -62.20 13.52 -2.61
C LEU U 185 -62.48 14.99 -2.33
N ARG U 186 -62.61 15.79 -3.39
CA ARG U 186 -62.93 17.20 -3.23
C ARG U 186 -64.31 17.35 -2.59
N ILE U 187 -64.40 18.21 -1.58
CA ILE U 187 -65.59 18.35 -0.77
C ILE U 187 -66.30 19.65 -1.17
N ARG U 188 -67.57 19.52 -1.55
CA ARG U 188 -68.40 20.67 -1.90
C ARG U 188 -69.08 21.18 -0.63
N LEU U 189 -68.58 22.29 -0.11
CA LEU U 189 -69.12 22.84 1.12
C LEU U 189 -70.52 23.42 0.88
N PRO U 190 -71.37 23.45 1.90
CA PRO U 190 -72.75 23.91 1.71
C PRO U 190 -72.90 25.40 1.49
N ASP U 191 -71.80 26.15 1.36
CA ASP U 191 -71.77 27.56 0.99
C ASP U 191 -72.40 28.48 2.04
N GLU U 192 -72.83 27.95 3.18
CA GLU U 192 -73.43 28.79 4.21
C GLU U 192 -73.25 28.09 5.55
N ILE U 193 -72.42 28.66 6.42
CA ILE U 193 -72.13 28.09 7.73
C ILE U 193 -72.94 28.85 8.78
N PHE U 194 -73.56 28.09 9.69
CA PHE U 194 -74.37 28.67 10.76
C PHE U 194 -73.48 28.89 11.98
N ILE U 195 -73.29 30.15 12.36
CA ILE U 195 -72.43 30.51 13.48
C ILE U 195 -73.28 31.26 14.51
N SER U 196 -72.92 31.07 15.78
CA SER U 196 -73.68 31.64 16.89
C SER U 196 -72.82 31.54 18.15
N THR U 197 -73.37 32.00 19.26
CA THR U 197 -72.73 31.93 20.56
C THR U 197 -73.45 30.90 21.44
N SER U 198 -72.81 30.57 22.56
CA SER U 198 -73.36 29.56 23.47
C SER U 198 -72.78 29.73 24.86
N PRO U 199 -73.52 29.36 25.90
CA PRO U 199 -72.97 29.44 27.27
C PRO U 199 -71.95 28.35 27.54
N PHE U 200 -72.15 27.17 26.97
CA PHE U 200 -71.25 26.05 27.19
C PHE U 200 -69.93 26.27 26.46
N GLY U 201 -68.87 25.66 27.01
CA GLY U 201 -67.53 25.83 26.46
C GLY U 201 -67.10 24.76 25.49
N SER U 202 -67.24 23.50 25.88
CA SER U 202 -66.76 22.37 25.07
C SER U 202 -67.94 21.48 24.69
N GLY U 203 -67.62 20.43 23.91
CA GLY U 203 -68.66 19.54 23.44
C GLY U 203 -69.35 18.79 24.56
N ARG U 204 -68.57 18.26 25.51
CA ARG U 204 -69.13 17.51 26.61
C ARG U 204 -69.90 18.39 27.59
N ASP U 205 -69.73 19.71 27.53
CA ASP U 205 -70.53 20.61 28.35
C ASP U 205 -71.96 20.74 27.85
N ALA U 206 -72.26 20.22 26.66
CA ALA U 206 -73.58 20.36 26.06
C ALA U 206 -74.17 19.05 25.54
N VAL U 207 -73.37 18.00 25.36
CA VAL U 207 -73.92 16.73 24.88
C VAL U 207 -74.96 16.16 25.82
N PRO U 208 -74.73 16.05 27.14
CA PRO U 208 -75.82 15.62 28.03
C PRO U 208 -77.02 16.55 28.00
N GLU U 209 -76.80 17.86 27.83
CA GLU U 209 -77.92 18.79 27.74
C GLU U 209 -78.74 18.53 26.49
N LEU U 210 -78.07 18.24 25.37
CA LEU U 210 -78.76 17.99 24.10
C LEU U 210 -79.55 16.68 24.13
N VAL U 211 -79.16 15.73 24.99
CA VAL U 211 -79.84 14.44 25.03
C VAL U 211 -81.29 14.61 25.45
N LYS U 212 -81.55 15.45 26.46
CA LYS U 212 -82.90 15.54 27.02
C LYS U 212 -83.86 16.23 26.06
N HIS U 213 -83.42 17.28 25.38
CA HIS U 213 -84.33 18.21 24.70
C HIS U 213 -84.62 17.72 23.27
N GLY U 214 -85.67 16.90 23.16
CA GLY U 214 -86.27 16.61 21.87
C GLY U 214 -85.32 15.96 20.88
N ASN U 215 -85.32 16.49 19.66
CA ASN U 215 -84.53 15.91 18.58
C ASN U 215 -83.04 15.99 18.89
N VAL U 216 -82.31 14.95 18.48
CA VAL U 216 -80.89 14.81 18.78
C VAL U 216 -80.10 14.83 17.48
N ARG U 217 -79.06 15.66 17.46
CA ARG U 217 -78.17 15.75 16.31
C ARG U 217 -76.77 16.09 16.82
N PHE U 218 -75.75 15.51 16.18
CA PHE U 218 -74.39 15.61 16.68
C PHE U 218 -73.41 16.30 15.74
N ASP U 219 -73.79 16.53 14.47
CA ASP U 219 -72.87 17.15 13.51
C ASP U 219 -72.78 18.65 13.77
N TRP U 220 -72.11 18.98 14.87
CA TRP U 220 -71.91 20.36 15.25
C TRP U 220 -70.67 20.47 16.13
N VAL U 221 -70.11 21.68 16.21
CA VAL U 221 -68.89 21.95 16.94
C VAL U 221 -69.10 23.17 17.82
N ILE U 222 -68.71 23.07 19.09
CA ILE U 222 -68.74 24.19 20.03
C ILE U 222 -67.32 24.39 20.55
N ARG U 223 -66.81 25.60 20.39
CA ARG U 223 -65.47 25.94 20.88
C ARG U 223 -65.43 27.44 21.14
N LYS U 224 -64.70 27.83 22.20
CA LYS U 224 -64.62 29.23 22.61
C LYS U 224 -66.01 29.79 22.91
N ARG U 225 -66.90 28.91 23.36
CA ARG U 225 -68.31 29.23 23.57
C ARG U 225 -68.92 29.80 22.30
N ARG U 226 -68.49 29.29 21.15
CA ARG U 226 -69.02 29.68 19.85
C ARG U 226 -69.48 28.43 19.12
N PHE U 227 -70.71 28.47 18.59
CA PHE U 227 -71.34 27.31 17.98
C PHE U 227 -71.19 27.39 16.47
N VAL U 228 -70.74 26.29 15.86
CA VAL U 228 -70.53 26.20 14.42
C VAL U 228 -71.16 24.90 13.94
N SER U 229 -72.03 24.99 12.95
CA SER U 229 -72.67 23.81 12.39
C SER U 229 -73.22 24.13 11.00
N PHE U 230 -73.48 23.08 10.24
CA PHE U 230 -73.99 23.22 8.88
C PHE U 230 -75.51 23.28 8.83
N PHE U 231 -76.19 22.42 9.58
CA PHE U 231 -77.64 22.47 9.66
C PHE U 231 -78.08 23.60 10.59
N ASP U 232 -79.30 24.07 10.38
CA ASP U 232 -79.83 25.14 11.21
C ASP U 232 -80.07 24.63 12.63
N PRO U 233 -79.46 25.24 13.64
CA PRO U 233 -79.65 24.74 15.02
C PRO U 233 -81.08 24.82 15.50
N ARG U 234 -81.84 25.83 15.08
CA ARG U 234 -83.18 26.03 15.60
C ARG U 234 -84.12 24.91 15.17
N GLU U 235 -83.99 24.44 13.93
CA GLU U 235 -85.00 23.56 13.35
C GLU U 235 -84.99 22.18 13.99
N TYR U 236 -83.81 21.65 14.31
CA TYR U 236 -83.66 20.25 14.70
C TYR U 236 -83.47 20.10 16.20
N GLY U 237 -84.18 20.90 17.00
CA GLY U 237 -83.99 20.89 18.43
C GLY U 237 -82.87 21.83 18.83
N THR U 238 -81.96 21.36 19.69
CA THR U 238 -80.76 22.09 20.06
C THR U 238 -81.04 23.50 20.56
N ARG U 239 -82.22 23.72 21.15
CA ARG U 239 -82.57 25.06 21.61
C ARG U 239 -81.80 25.42 22.88
N ALA U 240 -81.54 24.44 23.74
CA ALA U 240 -80.85 24.71 25.00
C ALA U 240 -79.37 25.00 24.82
N ILE U 241 -78.72 24.36 23.84
CA ILE U 241 -77.27 24.48 23.71
C ILE U 241 -76.88 25.86 23.19
N VAL U 242 -77.71 26.44 22.33
CA VAL U 242 -77.37 27.68 21.64
C VAL U 242 -78.42 28.74 21.94
N ASP U 243 -77.96 29.98 22.07
CA ASP U 243 -78.85 31.13 22.23
C ASP U 243 -79.51 31.42 20.90
N LEU U 244 -80.83 31.30 20.84
CA LEU U 244 -81.54 31.36 19.57
C LEU U 244 -81.46 32.74 18.92
N ASP U 245 -81.31 33.80 19.73
CA ASP U 245 -81.35 35.16 19.20
C ASP U 245 -80.19 35.42 18.24
N GLN U 246 -78.99 34.96 18.60
CA GLN U 246 -77.79 35.25 17.84
C GLN U 246 -77.37 34.10 16.93
N VAL U 247 -78.33 33.33 16.43
CA VAL U 247 -78.03 32.26 15.46
C VAL U 247 -78.10 32.91 14.08
N GLU U 248 -76.98 33.51 13.69
CA GLU U 248 -76.88 34.18 12.40
C GLU U 248 -76.47 33.17 11.32
N ALA U 249 -76.14 33.68 10.14
CA ALA U 249 -75.70 32.82 9.03
C ALA U 249 -74.73 33.62 8.18
N VAL U 250 -73.53 33.06 7.97
CA VAL U 250 -72.49 33.72 7.20
C VAL U 250 -71.92 32.72 6.21
N ASP U 251 -71.22 33.24 5.21
CA ASP U 251 -70.62 32.40 4.18
C ASP U 251 -69.55 31.49 4.79
N THR U 252 -69.42 30.29 4.20
CA THR U 252 -68.43 29.33 4.69
C THR U 252 -67.01 29.86 4.52
N LYS U 253 -66.79 30.73 3.52
CA LYS U 253 -65.46 31.30 3.32
C LYS U 253 -65.00 32.15 4.50
N LEU U 254 -65.94 32.66 5.30
CA LEU U 254 -65.57 33.43 6.49
C LEU U 254 -65.06 32.55 7.61
N ILE U 255 -65.32 31.24 7.56
CA ILE U 255 -64.93 30.30 8.60
C ILE U 255 -64.01 29.21 8.06
N ALA U 256 -64.43 28.55 6.96
CA ALA U 256 -63.69 27.40 6.47
C ALA U 256 -62.39 27.79 5.79
N PHE U 257 -62.40 28.87 5.00
CA PHE U 257 -61.27 29.22 4.15
C PHE U 257 -60.47 30.41 4.69
N ASN U 258 -60.56 30.70 5.98
CA ASN U 258 -59.74 31.74 6.59
C ASN U 258 -58.38 31.14 6.95
N ASP U 259 -57.55 31.91 7.65
CA ASP U 259 -56.21 31.48 8.02
C ASP U 259 -56.02 31.36 9.53
N GLU U 260 -57.08 31.44 10.31
CA GLU U 260 -56.97 31.29 11.76
C GLU U 260 -56.81 29.82 12.11
N GLN U 261 -55.84 29.53 12.98
CA GLN U 261 -55.58 28.15 13.36
C GLN U 261 -56.76 27.54 14.09
N ASP U 262 -57.40 28.31 14.98
CA ASP U 262 -58.56 27.79 15.72
C ASP U 262 -59.71 27.44 14.79
N ASP U 263 -59.95 28.27 13.77
CA ASP U 263 -61.05 28.02 12.85
C ASP U 263 -60.85 26.74 12.06
N LEU U 264 -59.59 26.44 11.69
CA LEU U 264 -59.31 25.23 10.91
C LEU U 264 -59.67 23.98 11.71
N ASN U 265 -59.35 23.97 13.01
CA ASN U 265 -59.66 22.80 13.83
C ASN U 265 -61.17 22.56 13.92
N ASP U 266 -61.94 23.62 14.11
CA ASP U 266 -63.39 23.47 14.21
C ASP U 266 -63.99 22.97 12.90
N THR U 267 -63.53 23.51 11.77
CA THR U 267 -64.01 23.04 10.48
C THR U 267 -63.68 21.57 10.27
N MET U 268 -62.42 21.19 10.52
CA MET U 268 -62.01 19.80 10.35
C MET U 268 -62.73 18.89 11.34
N ASP U 269 -62.94 19.37 12.57
CA ASP U 269 -63.75 18.61 13.52
C ASP U 269 -65.19 18.48 13.05
N LEU U 270 -65.77 19.58 12.55
CA LEU U 270 -67.14 19.54 12.05
C LEU U 270 -67.25 18.68 10.81
N LEU U 271 -66.23 18.71 9.95
CA LEU U 271 -66.25 17.92 8.71
C LEU U 271 -66.36 16.44 9.02
N ARG U 272 -65.60 15.96 10.00
CA ARG U 272 -65.70 14.55 10.38
C ARG U 272 -67.03 14.27 11.08
N ARG U 273 -67.51 15.20 11.90
CA ARG U 273 -68.77 14.99 12.60
C ARG U 273 -69.94 14.88 11.62
N THR U 274 -69.92 15.68 10.55
CA THR U 274 -70.99 15.62 9.56
C THR U 274 -70.96 14.30 8.79
N VAL U 275 -69.78 13.89 8.33
CA VAL U 275 -69.69 12.69 7.48
C VAL U 275 -70.05 11.44 8.27
N GLU U 276 -69.81 11.45 9.58
CA GLU U 276 -70.19 10.29 10.40
C GLU U 276 -71.70 10.12 10.44
N ARG U 277 -72.43 11.21 10.68
CA ARG U 277 -73.89 11.16 10.64
C ARG U 277 -74.40 10.87 9.23
N GLN U 278 -73.79 11.49 8.23
CA GLN U 278 -74.24 11.33 6.85
C GLN U 278 -74.06 9.90 6.36
N THR U 279 -72.99 9.23 6.77
CA THR U 279 -72.69 7.87 6.35
C THR U 279 -73.10 6.84 7.40
N ALA U 280 -73.91 7.23 8.38
CA ALA U 280 -74.30 6.32 9.46
C ALA U 280 -75.15 5.15 8.96
N THR U 281 -75.70 5.25 7.75
CA THR U 281 -76.53 4.17 7.23
C THR U 281 -75.74 2.88 7.05
N GLN U 282 -74.43 2.98 6.81
CA GLN U 282 -73.58 1.81 6.62
C GLN U 282 -72.29 1.84 7.40
N LEU U 283 -71.91 2.96 8.01
CA LEU U 283 -70.60 3.12 8.62
C LEU U 283 -70.73 3.46 10.09
N SER U 284 -69.99 2.73 10.93
CA SER U 284 -69.82 3.06 12.33
C SER U 284 -68.45 3.69 12.54
N PHE U 285 -68.36 4.54 13.56
CA PHE U 285 -67.15 5.31 13.83
C PHE U 285 -66.66 5.00 15.24
N LEU U 286 -65.48 4.40 15.34
CA LEU U 286 -64.85 4.19 16.63
C LEU U 286 -64.23 5.50 17.13
N ARG U 287 -64.13 5.63 18.45
CA ARG U 287 -63.57 6.83 19.06
C ARG U 287 -62.18 6.63 19.62
N LYS U 288 -61.87 5.45 20.18
CA LYS U 288 -60.51 5.18 20.62
C LYS U 288 -59.55 5.17 19.43
N ASP U 289 -59.96 4.56 18.32
CA ASP U 289 -59.27 4.66 17.05
C ASP U 289 -60.15 5.43 16.09
N ARG U 290 -59.57 6.45 15.44
CA ARG U 290 -60.33 7.30 14.53
C ARG U 290 -60.56 6.58 13.19
N LEU U 291 -61.29 5.47 13.28
CA LEU U 291 -61.54 4.59 12.15
C LEU U 291 -63.02 4.56 11.81
N PHE U 292 -63.32 4.58 10.51
CA PHE U 292 -64.66 4.33 10.01
C PHE U 292 -64.70 2.90 9.47
N HIS U 293 -65.57 2.08 10.04
CA HIS U 293 -65.68 0.68 9.65
C HIS U 293 -67.14 0.33 9.39
N PHE U 294 -67.36 -0.58 8.44
CA PHE U 294 -68.71 -1.00 8.09
C PHE U 294 -69.36 -1.73 9.26
N LYS U 295 -70.59 -1.36 9.56
CA LYS U 295 -71.36 -2.04 10.59
C LYS U 295 -71.86 -3.38 10.07
N ALA U 296 -72.01 -4.34 10.98
CA ALA U 296 -72.49 -5.68 10.64
C ALA U 296 -73.98 -5.71 10.96
N VAL U 297 -74.81 -5.62 9.92
CA VAL U 297 -76.26 -5.65 10.12
C VAL U 297 -76.70 -7.01 10.64
N GLY U 298 -76.03 -8.08 10.20
CA GLY U 298 -76.30 -9.40 10.71
C GLY U 298 -75.26 -9.84 11.73
N VAL U 299 -75.70 -10.18 12.94
CA VAL U 299 -74.78 -10.55 13.99
C VAL U 299 -74.11 -11.88 13.64
N GLY U 300 -72.78 -11.88 13.61
CA GLY U 300 -72.04 -13.07 13.26
C GLY U 300 -72.18 -13.50 11.83
N LYS U 301 -72.56 -12.60 10.94
CA LYS U 301 -72.79 -12.92 9.54
C LYS U 301 -72.05 -11.92 8.65
N SER U 302 -71.55 -12.40 7.52
CA SER U 302 -70.87 -11.53 6.57
C SER U 302 -71.88 -10.70 5.78
N ARG U 303 -71.37 -9.67 5.12
CA ARG U 303 -72.22 -8.80 4.30
C ARG U 303 -71.35 -8.18 3.21
N SER U 304 -71.80 -8.29 1.97
CA SER U 304 -71.10 -7.69 0.83
C SER U 304 -71.67 -6.31 0.53
N TYR U 305 -70.80 -5.44 0.01
CA TYR U 305 -71.18 -4.08 -0.35
C TYR U 305 -71.08 -3.93 -1.86
N ARG U 306 -72.16 -3.49 -2.49
CA ARG U 306 -72.22 -3.33 -3.93
C ARG U 306 -71.73 -1.93 -4.30
N TYR U 307 -70.54 -1.86 -4.88
CA TYR U 307 -69.96 -0.59 -5.32
C TYR U 307 -69.58 -0.70 -6.79
N MET U 308 -68.95 0.36 -7.30
CA MET U 308 -68.57 0.44 -8.70
C MET U 308 -67.13 0.91 -8.81
N SER U 309 -66.45 0.47 -9.86
CA SER U 309 -65.04 0.79 -10.08
C SER U 309 -64.80 1.61 -11.34
N ASN U 310 -65.28 1.15 -12.48
CA ASN U 310 -65.07 1.87 -13.74
C ASN U 310 -66.27 1.75 -14.67
N LYS U 317 -69.28 -2.21 -15.76
CA LYS U 317 -68.25 -2.45 -14.76
C LYS U 317 -68.78 -2.22 -13.35
N VAL U 318 -69.04 -3.31 -12.63
CA VAL U 318 -69.55 -3.25 -11.27
C VAL U 318 -69.16 -4.53 -10.53
N VAL U 319 -68.64 -4.38 -9.31
CA VAL U 319 -68.16 -5.49 -8.52
C VAL U 319 -68.54 -5.25 -7.05
N SER U 320 -68.29 -6.25 -6.20
CA SER U 320 -68.61 -6.14 -4.79
C SER U 320 -67.51 -6.83 -3.98
N ALA U 321 -67.37 -6.40 -2.74
CA ALA U 321 -66.39 -6.97 -1.82
C ALA U 321 -67.02 -7.09 -0.44
N TYR U 322 -66.52 -8.05 0.33
CA TYR U 322 -67.07 -8.32 1.66
C TYR U 322 -66.66 -7.23 2.63
N SER U 323 -67.51 -6.21 2.81
CA SER U 323 -67.22 -5.17 3.78
C SER U 323 -67.14 -5.73 5.19
N SER U 324 -68.07 -6.62 5.54
CA SER U 324 -68.02 -7.38 6.78
C SER U 324 -67.93 -8.85 6.43
N LYS U 325 -66.99 -9.56 7.07
CA LYS U 325 -66.73 -10.96 6.75
C LYS U 325 -66.52 -11.73 8.03
N LYS U 326 -67.06 -12.95 8.08
CA LYS U 326 -66.84 -13.88 9.18
C LYS U 326 -66.09 -15.09 8.64
N LYS U 327 -65.07 -15.52 9.39
CA LYS U 327 -64.19 -16.59 8.95
C LYS U 327 -64.44 -17.86 9.76
N ASP U 328 -63.94 -18.98 9.23
CA ASP U 328 -64.18 -20.28 9.83
C ASP U 328 -63.59 -20.40 11.23
N GLY U 329 -62.59 -19.60 11.56
CA GLY U 329 -62.03 -19.64 12.89
C GLY U 329 -63.02 -19.15 13.94
N TRP U 330 -62.84 -19.63 15.17
CA TRP U 330 -63.73 -19.25 16.26
C TRP U 330 -63.60 -17.77 16.54
N GLY U 331 -64.75 -17.09 16.69
CA GLY U 331 -64.78 -15.67 16.97
C GLY U 331 -63.93 -14.84 16.03
N TYR U 332 -64.33 -14.76 14.76
CA TYR U 332 -63.53 -14.09 13.74
C TYR U 332 -64.46 -13.38 12.76
N VAL U 333 -64.65 -12.08 12.97
CA VAL U 333 -65.39 -11.22 12.05
C VAL U 333 -64.52 -10.04 11.71
N ARG U 334 -64.36 -9.77 10.41
CA ARG U 334 -63.45 -8.73 9.93
C ARG U 334 -64.23 -7.70 9.14
N HIS U 335 -63.95 -6.42 9.39
CA HIS U 335 -64.60 -5.31 8.73
C HIS U 335 -63.63 -4.60 7.80
N HIS U 336 -64.19 -3.84 6.85
CA HIS U 336 -63.41 -2.97 5.97
C HIS U 336 -63.38 -1.59 6.61
N ALA U 337 -62.27 -1.25 7.24
CA ALA U 337 -62.12 0.02 7.94
C ALA U 337 -61.37 1.03 7.08
N ALA U 338 -61.37 2.28 7.54
CA ALA U 338 -60.65 3.34 6.86
C ALA U 338 -60.48 4.53 7.80
N ARG U 339 -59.31 5.15 7.76
CA ARG U 339 -59.06 6.39 8.48
C ARG U 339 -59.34 7.56 7.55
N LEU U 340 -60.34 8.37 7.88
CA LEU U 340 -60.73 9.52 7.07
C LEU U 340 -60.19 10.79 7.71
N ARG U 341 -59.42 11.55 6.93
CA ARG U 341 -58.81 12.78 7.41
C ARG U 341 -59.01 13.86 6.36
N PHE U 342 -58.92 15.12 6.81
CA PHE U 342 -59.25 16.27 5.98
C PHE U 342 -58.03 17.17 5.84
N GLU U 343 -57.82 17.66 4.62
CA GLU U 343 -56.72 18.57 4.31
C GLU U 343 -57.24 19.71 3.44
N ARG U 344 -56.54 20.84 3.51
CA ARG U 344 -56.86 22.01 2.71
C ARG U 344 -55.75 22.24 1.70
N LEU U 345 -56.10 22.23 0.42
CA LEU U 345 -55.13 22.42 -0.67
C LEU U 345 -55.68 23.51 -1.60
N ALA U 346 -55.11 24.71 -1.51
CA ALA U 346 -55.47 25.84 -2.37
C ALA U 346 -56.95 26.17 -2.25
N ASP U 347 -57.37 26.45 -1.02
CA ASP U 347 -58.75 26.82 -0.71
C ASP U 347 -59.74 25.76 -1.22
N GLU U 348 -59.35 24.50 -1.08
CA GLU U 348 -60.21 23.38 -1.44
C GLU U 348 -60.06 22.30 -0.39
N TRP U 349 -61.19 21.82 0.14
CA TRP U 349 -61.17 20.82 1.19
C TRP U 349 -61.24 19.43 0.58
N PHE U 350 -60.29 18.57 0.96
CA PHE U 350 -60.21 17.22 0.45
C PHE U 350 -60.34 16.23 1.60
N LEU U 351 -60.87 15.04 1.28
CA LEU U 351 -61.03 13.97 2.24
C LEU U 351 -60.14 12.82 1.81
N VAL U 352 -59.11 12.52 2.60
CA VAL U 352 -58.20 11.44 2.28
C VAL U 352 -58.80 10.12 2.75
N ILE U 353 -58.41 9.03 2.09
CA ILE U 353 -58.89 7.70 2.40
C ILE U 353 -57.67 6.83 2.73
N ASP U 354 -57.68 6.25 3.93
CA ASP U 354 -56.61 5.37 4.38
C ASP U 354 -57.18 3.99 4.66
N PRO U 355 -57.10 3.05 3.72
CA PRO U 355 -57.71 1.74 3.94
C PRO U 355 -57.11 1.03 5.15
N ASP U 356 -57.97 0.30 5.87
CA ASP U 356 -57.57 -0.42 7.07
C ASP U 356 -58.59 -1.51 7.32
N PHE U 357 -58.42 -2.22 8.43
CA PHE U 357 -59.32 -3.30 8.82
C PHE U 357 -59.66 -3.20 10.29
N HIS U 358 -60.90 -3.51 10.63
CA HIS U 358 -61.36 -3.61 12.01
C HIS U 358 -61.82 -5.04 12.26
N PHE U 359 -61.33 -5.64 13.33
CA PHE U 359 -61.56 -7.05 13.62
C PHE U 359 -62.45 -7.19 14.84
N THR U 360 -63.32 -8.20 14.81
CA THR U 360 -64.27 -8.47 15.88
C THR U 360 -64.43 -9.98 16.00
N THR U 361 -64.47 -10.48 17.24
CA THR U 361 -64.85 -11.88 17.44
C THR U 361 -66.28 -12.12 16.98
N ASP U 362 -67.20 -11.29 17.46
CA ASP U 362 -68.56 -11.21 16.96
C ASP U 362 -68.88 -9.74 16.79
N GLY U 363 -69.86 -9.45 15.94
CA GLY U 363 -70.23 -8.08 15.66
C GLY U 363 -70.48 -7.22 16.89
N PHE U 364 -70.27 -5.91 16.76
CA PHE U 364 -70.53 -4.89 17.77
C PHE U 364 -69.70 -5.02 19.05
N GLN U 365 -68.60 -5.76 19.07
CA GLN U 365 -67.69 -5.74 20.20
C GLN U 365 -66.25 -5.87 19.71
N PRO U 366 -65.33 -5.02 20.19
CA PRO U 366 -63.96 -5.04 19.68
C PRO U 366 -63.26 -6.37 19.95
N HIS U 367 -62.35 -6.73 19.04
CA HIS U 367 -61.55 -7.95 19.17
C HIS U 367 -60.24 -7.59 19.86
N ARG U 368 -60.01 -8.17 21.04
CA ARG U 368 -58.72 -8.01 21.68
C ARG U 368 -57.69 -8.94 21.04
N TYR U 369 -56.44 -8.49 21.03
CA TYR U 369 -55.34 -9.15 20.35
C TYR U 369 -55.64 -9.36 18.87
N PRO U 370 -55.86 -8.30 18.08
CA PRO U 370 -56.05 -8.48 16.64
C PRO U 370 -54.73 -8.42 15.89
N GLU U 371 -53.62 -8.58 16.63
CA GLU U 371 -52.29 -8.38 16.05
C GLU U 371 -52.05 -9.31 14.87
N ALA U 372 -52.12 -10.62 15.10
CA ALA U 372 -51.89 -11.57 14.03
C ALA U 372 -52.96 -11.46 12.95
N LEU U 373 -54.19 -11.09 13.33
CA LEU U 373 -55.25 -10.90 12.34
C LEU U 373 -54.96 -9.69 11.45
N LEU U 374 -54.59 -8.56 12.07
CA LEU U 374 -54.26 -7.37 11.28
C LEU U 374 -53.00 -7.59 10.46
N ALA U 375 -51.94 -8.11 11.09
CA ALA U 375 -50.68 -8.33 10.38
C ALA U 375 -50.85 -9.35 9.26
N GLY U 376 -51.61 -10.43 9.52
CA GLY U 376 -51.79 -11.44 8.50
C GLY U 376 -52.53 -10.92 7.28
N LYS U 377 -53.58 -10.12 7.50
CA LYS U 377 -54.34 -9.58 6.38
C LYS U 377 -53.54 -8.50 5.65
N LYS U 378 -52.87 -7.62 6.39
CA LYS U 378 -52.16 -6.50 5.80
C LYS U 378 -50.92 -6.93 5.03
N ARG U 379 -50.49 -8.19 5.16
CA ARG U 379 -49.24 -8.63 4.55
C ARG U 379 -49.43 -9.13 3.12
N LEU U 380 -50.57 -9.75 2.82
CA LEU U 380 -50.74 -10.53 1.60
C LEU U 380 -51.37 -9.76 0.44
N GLU U 381 -51.66 -8.47 0.62
CA GLU U 381 -52.27 -7.70 -0.46
C GLU U 381 -51.22 -6.86 -1.18
N ARG U 382 -51.61 -6.33 -2.33
CA ARG U 382 -50.70 -5.58 -3.20
C ARG U 382 -51.45 -4.35 -3.72
N ASN U 383 -50.89 -3.71 -4.74
CA ASN U 383 -51.47 -2.47 -5.26
C ASN U 383 -52.88 -2.70 -5.78
N ALA U 384 -53.13 -3.85 -6.42
CA ALA U 384 -54.46 -4.12 -6.95
C ALA U 384 -55.51 -4.17 -5.84
N ALA U 385 -55.18 -4.80 -4.71
CA ALA U 385 -56.14 -4.90 -3.62
C ALA U 385 -56.32 -3.56 -2.91
N VAL U 386 -55.23 -2.84 -2.66
CA VAL U 386 -55.33 -1.58 -1.93
C VAL U 386 -56.10 -0.55 -2.74
N ARG U 387 -55.87 -0.49 -4.05
CA ARG U 387 -56.62 0.45 -4.89
C ARG U 387 -58.11 0.13 -4.87
N GLY U 388 -58.46 -1.15 -4.91
CA GLY U 388 -59.87 -1.54 -4.88
C GLY U 388 -60.57 -1.04 -3.63
N GLN U 389 -59.91 -1.11 -2.48
CA GLN U 389 -60.50 -0.58 -1.26
C GLN U 389 -60.69 0.94 -1.36
N VAL U 390 -59.74 1.64 -1.97
CA VAL U 390 -59.86 3.08 -2.14
C VAL U 390 -61.07 3.41 -3.03
N THR U 391 -61.22 2.67 -4.14
CA THR U 391 -62.34 2.90 -5.02
C THR U 391 -63.67 2.61 -4.34
N MET U 392 -63.73 1.56 -3.53
CA MET U 392 -64.95 1.24 -2.81
C MET U 392 -65.35 2.38 -1.87
N TRP U 393 -64.38 2.90 -1.11
CA TRP U 393 -64.68 4.01 -0.23
C TRP U 393 -64.96 5.30 -1.01
N GLN U 394 -64.27 5.50 -2.13
CA GLN U 394 -64.53 6.66 -2.97
C GLN U 394 -65.95 6.63 -3.52
N HIS U 395 -66.39 5.45 -3.97
CA HIS U 395 -67.76 5.31 -4.46
C HIS U 395 -68.77 5.53 -3.34
N LEU U 396 -68.51 4.98 -2.15
CA LEU U 396 -69.46 5.09 -1.06
C LEU U 396 -69.63 6.54 -0.62
N LEU U 397 -68.53 7.27 -0.46
CA LEU U 397 -68.61 8.65 -0.01
C LEU U 397 -69.34 9.52 -1.03
N VAL U 398 -69.10 9.30 -2.32
CA VAL U 398 -69.79 10.05 -3.35
C VAL U 398 -71.29 9.76 -3.31
N GLU U 399 -71.66 8.50 -3.16
CA GLU U 399 -73.08 8.13 -3.13
C GLU U 399 -73.79 8.75 -1.93
N SER U 400 -73.12 8.76 -0.77
CA SER U 400 -73.73 9.30 0.45
C SER U 400 -74.01 10.79 0.38
N GLY U 401 -73.39 11.50 -0.56
CA GLY U 401 -73.64 12.92 -0.72
C GLY U 401 -74.82 13.22 -1.62
N LYS U 402 -75.20 12.25 -2.45
CA LYS U 402 -76.30 12.46 -3.38
C LYS U 402 -77.64 12.39 -2.66
N HIS U 403 -78.64 13.07 -3.23
CA HIS U 403 -79.97 13.07 -2.67
C HIS U 403 -80.59 11.68 -2.76
N GLU U 404 -81.35 11.31 -1.73
CA GLU U 404 -81.84 9.94 -1.59
C GLU U 404 -82.72 9.55 -2.76
N VAL U 405 -82.44 8.37 -3.33
CA VAL U 405 -83.20 7.87 -4.47
C VAL U 405 -84.46 7.13 -4.06
N GLY U 406 -84.69 6.92 -2.77
CA GLY U 406 -85.89 6.26 -2.29
C GLY U 406 -87.07 7.20 -2.15
N LEU U 407 -87.19 8.15 -3.09
CA LEU U 407 -88.30 9.12 -3.11
C LEU U 407 -88.36 9.94 -1.83
N PHE U 408 -87.20 10.21 -1.21
CA PHE U 408 -87.14 11.06 -0.03
C PHE U 408 -87.02 12.52 -0.44
N ASP U 409 -87.91 12.98 -1.32
CA ASP U 409 -87.87 14.37 -1.76
C ASP U 409 -88.29 15.32 -0.64
N ALA U 410 -89.35 14.98 0.08
CA ALA U 410 -89.84 15.78 1.19
C ALA U 410 -89.72 15.06 2.54
N ASP U 411 -89.08 13.88 2.56
CA ASP U 411 -88.96 13.11 3.79
C ASP U 411 -87.67 13.40 4.54
N LYS U 412 -86.55 13.50 3.82
CA LYS U 412 -85.26 13.75 4.43
C LYS U 412 -84.54 14.87 3.69
N PRO U 413 -83.86 15.76 4.41
CA PRO U 413 -83.10 16.81 3.73
C PRO U 413 -81.92 16.24 2.96
N ALA U 414 -81.52 16.96 1.92
CA ALA U 414 -80.37 16.56 1.13
C ALA U 414 -79.11 16.59 2.00
N PRO U 415 -78.16 15.69 1.77
CA PRO U 415 -76.93 15.67 2.58
C PRO U 415 -76.18 16.98 2.46
N LEU U 416 -75.61 17.42 3.59
CA LEU U 416 -74.93 18.70 3.63
C LEU U 416 -73.67 18.68 2.79
N LEU U 417 -72.96 17.55 2.76
CA LEU U 417 -71.67 17.44 2.11
C LEU U 417 -71.80 16.64 0.82
N GLN U 418 -71.25 17.18 -0.27
CA GLN U 418 -71.21 16.51 -1.55
C GLN U 418 -69.75 16.25 -1.92
N PHE U 419 -69.43 15.01 -2.22
CA PHE U 419 -68.08 14.62 -2.61
C PHE U 419 -68.04 14.31 -4.10
N GLU U 420 -66.95 14.72 -4.74
CA GLU U 420 -66.74 14.44 -6.16
C GLU U 420 -65.34 13.90 -6.36
N ARG U 421 -65.20 13.03 -7.35
CA ARG U 421 -63.92 12.39 -7.63
C ARG U 421 -62.96 13.36 -8.30
N LEU U 422 -61.69 13.30 -7.90
CA LEU U 422 -60.65 14.03 -8.60
C LEU U 422 -60.40 13.38 -9.96
N PRO U 423 -60.02 14.17 -10.96
CA PRO U 423 -59.66 13.59 -12.26
C PRO U 423 -58.41 12.72 -12.14
N VAL U 424 -58.30 11.74 -13.04
CA VAL U 424 -57.18 10.82 -12.99
C VAL U 424 -55.87 11.58 -13.15
N ILE U 425 -54.85 11.12 -12.43
CA ILE U 425 -53.54 11.76 -12.41
C ILE U 425 -52.69 11.17 -13.53
N GLN U 426 -52.18 12.02 -14.40
CA GLN U 426 -51.43 11.58 -15.58
C GLN U 426 -49.96 11.42 -15.24
N LEU U 427 -49.41 10.24 -15.56
CA LEU U 427 -48.00 9.95 -15.36
C LEU U 427 -47.35 9.67 -16.71
N SER U 428 -46.25 10.37 -16.99
CA SER U 428 -45.62 10.29 -18.30
C SER U 428 -45.07 8.90 -18.59
N GLN U 429 -44.37 8.31 -17.62
CA GLN U 429 -43.80 6.98 -17.79
C GLN U 429 -44.68 5.93 -17.13
N ALA U 430 -44.65 4.72 -17.70
CA ALA U 430 -45.54 3.65 -17.29
C ALA U 430 -44.74 2.45 -16.77
N VAL U 431 -45.34 1.73 -15.85
CA VAL U 431 -44.71 0.54 -15.27
C VAL U 431 -44.86 -0.62 -16.26
N PRO U 432 -43.77 -1.31 -16.60
CA PRO U 432 -43.83 -2.47 -17.50
C PRO U 432 -44.38 -3.73 -16.82
N GLU U 433 -45.62 -3.63 -16.32
CA GLU U 433 -46.23 -4.76 -15.63
C GLU U 433 -46.47 -5.93 -16.57
N SER U 434 -46.79 -5.66 -17.83
CA SER U 434 -47.05 -6.74 -18.79
C SER U 434 -45.81 -7.60 -19.00
N SER U 435 -44.64 -6.98 -19.09
CA SER U 435 -43.40 -7.72 -19.35
C SER U 435 -42.91 -8.48 -18.13
N TRP U 436 -43.48 -8.26 -16.96
CA TRP U 436 -43.01 -8.90 -15.74
C TRP U 436 -43.65 -10.28 -15.62
N ASN U 437 -43.55 -10.89 -14.43
CA ASN U 437 -43.85 -12.31 -14.27
C ASN U 437 -45.26 -12.67 -14.74
N ARG U 438 -46.22 -11.76 -14.60
CA ARG U 438 -47.57 -12.01 -15.07
C ARG U 438 -47.91 -11.10 -16.25
N THR V 2 -55.81 20.66 -11.09
CA THR V 2 -55.77 19.53 -10.18
C THR V 2 -54.39 19.46 -9.52
N PHE V 3 -53.62 18.43 -9.86
CA PHE V 3 -52.27 18.26 -9.33
C PHE V 3 -51.37 17.79 -10.47
N LYS V 4 -50.41 18.62 -10.86
CA LYS V 4 -49.48 18.27 -11.92
C LYS V 4 -48.53 17.20 -11.39
N ALA V 5 -48.43 16.08 -12.09
CA ALA V 5 -47.62 14.96 -11.66
C ALA V 5 -46.39 14.81 -12.56
N HIS V 6 -45.31 14.34 -11.95
CA HIS V 6 -44.03 14.19 -12.63
C HIS V 6 -43.34 12.94 -12.09
N VAL V 7 -42.68 12.22 -13.00
CA VAL V 7 -41.87 11.06 -12.64
C VAL V 7 -40.43 11.40 -13.04
N PHE V 8 -39.52 11.33 -12.07
CA PHE V 8 -38.14 11.67 -12.33
C PHE V 8 -37.39 10.48 -12.89
N ASP V 9 -36.47 10.76 -13.81
CA ASP V 9 -35.52 9.75 -14.25
C ASP V 9 -34.54 9.44 -13.13
N GLU V 10 -34.04 8.21 -13.13
CA GLU V 10 -33.14 7.77 -12.08
C GLU V 10 -31.85 8.58 -12.12
N PRO V 11 -31.47 9.24 -11.02
CA PRO V 11 -30.22 10.01 -11.04
C PRO V 11 -29.01 9.11 -11.27
N MET V 12 -28.04 9.63 -12.00
CA MET V 12 -26.83 8.87 -12.30
C MET V 12 -25.84 8.96 -11.15
N LEU V 13 -25.11 7.88 -10.93
CA LEU V 13 -24.07 7.82 -9.90
C LEU V 13 -22.70 7.73 -10.56
N GLU V 14 -21.72 8.37 -9.96
CA GLU V 14 -20.38 8.45 -10.52
C GLU V 14 -19.47 7.44 -9.82
N PHE V 15 -18.89 6.54 -10.60
CA PHE V 15 -18.00 5.50 -10.12
C PHE V 15 -16.62 5.67 -10.73
N GLY V 16 -15.68 4.87 -10.22
CA GLY V 16 -14.36 4.70 -10.81
C GLY V 16 -13.70 5.93 -11.37
N ASP V 17 -13.28 5.85 -12.64
CA ASP V 17 -12.67 6.97 -13.34
C ASP V 17 -13.73 7.63 -14.21
N GLY V 18 -14.61 8.39 -13.56
CA GLY V 18 -15.65 9.10 -14.27
C GLY V 18 -16.77 8.25 -14.82
N GLY V 19 -16.84 6.97 -14.44
CA GLY V 19 -17.92 6.13 -14.93
C GLY V 19 -19.26 6.55 -14.36
N GLN V 20 -20.31 6.33 -15.16
CA GLN V 20 -21.66 6.73 -14.79
C GLN V 20 -22.60 5.54 -14.90
N HIS V 21 -23.48 5.40 -13.91
CA HIS V 21 -24.49 4.35 -13.91
C HIS V 21 -25.53 4.69 -12.85
N CYS V 22 -26.68 4.02 -12.95
CA CYS V 22 -27.77 4.22 -12.01
C CYS V 22 -27.81 3.19 -10.89
N ASP V 23 -27.16 2.04 -11.07
CA ASP V 23 -27.16 0.98 -10.07
C ASP V 23 -25.80 0.93 -9.39
N PRO V 24 -25.72 1.09 -8.07
CA PRO V 24 -24.42 1.00 -7.41
C PRO V 24 -23.71 -0.32 -7.62
N ARG V 25 -24.46 -1.43 -7.66
CA ARG V 25 -23.83 -2.73 -7.86
C ARG V 25 -23.26 -2.87 -9.26
N GLN V 26 -24.04 -2.49 -10.28
CA GLN V 26 -23.56 -2.59 -11.65
C GLN V 26 -22.47 -1.57 -11.94
N GLY V 27 -22.57 -0.38 -11.36
CA GLY V 27 -21.54 0.63 -11.57
C GLY V 27 -20.20 0.22 -10.96
N LEU V 28 -20.24 -0.32 -9.74
CA LEU V 28 -19.01 -0.80 -9.12
C LEU V 28 -18.43 -1.99 -9.90
N ARG V 29 -19.30 -2.85 -10.40
CA ARG V 29 -18.85 -4.03 -11.15
C ARG V 29 -18.13 -3.64 -12.42
N GLU V 30 -18.46 -2.49 -13.01
CA GLU V 30 -17.86 -2.06 -14.27
C GLU V 30 -16.64 -1.15 -14.04
N HIS V 31 -16.85 -0.03 -13.37
CA HIS V 31 -15.81 0.99 -13.23
C HIS V 31 -15.05 0.91 -11.92
N GLY V 32 -15.60 0.26 -10.89
CA GLY V 32 -14.95 0.18 -9.61
C GLY V 32 -15.33 1.34 -8.70
N PRO V 33 -14.76 1.36 -7.50
CA PRO V 33 -15.09 2.41 -6.54
C PRO V 33 -14.64 3.78 -7.02
N LEU V 34 -15.35 4.81 -6.54
CA LEU V 34 -15.02 6.18 -6.93
C LEU V 34 -13.59 6.55 -6.54
N GLN V 35 -13.21 6.23 -5.30
CA GLN V 35 -11.86 6.51 -4.81
C GLN V 35 -11.12 5.21 -4.65
N PRO V 36 -10.24 4.84 -5.59
CA PRO V 36 -9.55 3.56 -5.47
C PRO V 36 -8.46 3.62 -4.39
N ARG V 37 -8.30 2.52 -3.68
CA ARG V 37 -7.28 2.43 -2.65
C ARG V 37 -5.89 2.42 -3.28
N SER V 38 -4.94 3.04 -2.58
CA SER V 38 -3.57 3.09 -3.08
C SER V 38 -2.98 1.69 -3.18
N GLY V 39 -3.24 0.85 -2.18
CA GLY V 39 -2.73 -0.50 -2.18
C GLY V 39 -3.64 -1.47 -2.90
N ASP V 40 -3.54 -2.74 -2.51
CA ASP V 40 -4.33 -3.80 -3.10
C ASP V 40 -5.15 -4.56 -2.06
N VAL V 41 -4.58 -4.84 -0.88
CA VAL V 41 -5.23 -5.67 0.13
C VAL V 41 -5.87 -4.75 1.16
N ILE V 42 -7.13 -5.01 1.46
CA ILE V 42 -7.84 -4.35 2.57
C ILE V 42 -7.66 -5.23 3.79
N ARG V 43 -6.88 -4.76 4.76
CA ARG V 43 -6.58 -5.54 5.95
C ARG V 43 -7.76 -5.47 6.90
N VAL V 44 -8.41 -6.61 7.13
CA VAL V 44 -9.61 -6.69 7.94
C VAL V 44 -9.29 -7.52 9.19
N GLY V 45 -9.46 -6.92 10.35
CA GLY V 45 -9.30 -7.64 11.61
C GLY V 45 -10.60 -8.27 12.05
N VAL V 46 -10.49 -9.41 12.72
CA VAL V 46 -11.65 -10.17 13.17
C VAL V 46 -11.55 -10.40 14.66
N ILE V 47 -12.66 -10.16 15.36
CA ILE V 47 -12.78 -10.45 16.79
C ILE V 47 -13.96 -11.38 16.98
N GLY V 48 -13.72 -12.50 17.64
CA GLY V 48 -14.77 -13.49 17.86
C GLY V 48 -14.14 -14.79 18.30
N THR V 49 -15.02 -15.77 18.54
CA THR V 49 -14.55 -17.09 18.88
C THR V 49 -13.79 -17.70 17.69
N ASP V 50 -12.87 -18.62 17.99
CA ASP V 50 -12.05 -19.20 16.94
C ASP V 50 -12.86 -19.90 15.87
N ASP V 51 -14.08 -20.33 16.20
CA ASP V 51 -14.98 -20.85 15.17
C ASP V 51 -15.47 -19.72 14.27
N THR V 52 -15.89 -18.61 14.86
CA THR V 52 -16.39 -17.49 14.07
C THR V 52 -15.26 -16.80 13.30
N VAL V 53 -14.09 -16.66 13.92
CA VAL V 53 -12.97 -16.02 13.25
C VAL V 53 -12.55 -16.83 12.03
N ALA V 54 -12.43 -18.15 12.21
CA ALA V 54 -12.11 -19.01 11.08
C ALA V 54 -13.24 -19.04 10.06
N GLY V 55 -14.49 -19.04 10.54
CA GLY V 55 -15.62 -19.07 9.62
C GLY V 55 -15.74 -17.80 8.79
N PHE V 56 -15.56 -16.64 9.43
CA PHE V 56 -15.65 -15.38 8.69
C PHE V 56 -14.46 -15.21 7.75
N THR V 57 -13.28 -15.66 8.17
CA THR V 57 -12.11 -15.56 7.30
C THR V 57 -12.28 -16.37 6.03
N GLU V 58 -12.88 -17.56 6.15
CA GLU V 58 -13.18 -18.36 4.97
C GLU V 58 -14.22 -17.69 4.09
N PHE V 59 -15.20 -17.01 4.70
CA PHE V 59 -16.23 -16.32 3.93
C PHE V 59 -15.62 -15.21 3.07
N LEU V 60 -14.67 -14.46 3.63
CA LEU V 60 -14.01 -13.41 2.85
C LEU V 60 -13.28 -14.00 1.64
N ALA V 61 -12.60 -15.13 1.83
CA ALA V 61 -11.97 -15.81 0.71
C ALA V 61 -13.02 -16.33 -0.27
N GLU V 62 -14.16 -16.80 0.25
CA GLU V 62 -15.22 -17.31 -0.62
C GLU V 62 -15.76 -16.21 -1.52
N THR V 63 -15.93 -15.00 -0.99
CA THR V 63 -16.38 -13.88 -1.81
C THR V 63 -15.34 -13.54 -2.88
N GLY V 64 -14.06 -13.84 -2.62
CA GLY V 64 -13.06 -13.63 -3.65
C GLY V 64 -13.24 -14.54 -4.84
N ARG V 65 -13.71 -15.77 -4.61
CA ARG V 65 -13.96 -16.71 -5.68
C ARG V 65 -15.29 -16.48 -6.37
N GLY V 66 -16.15 -15.62 -5.83
CA GLY V 66 -17.43 -15.34 -6.43
C GLY V 66 -18.55 -16.19 -5.86
N ILE V 67 -19.74 -15.60 -5.76
CA ILE V 67 -20.92 -16.29 -5.24
C ILE V 67 -22.02 -16.20 -6.27
N GLU V 68 -22.67 -17.33 -6.56
CA GLU V 68 -23.73 -17.36 -7.55
C GLU V 68 -24.96 -16.59 -7.04
N SER V 69 -25.73 -16.06 -7.98
CA SER V 69 -26.91 -15.28 -7.63
C SER V 69 -27.96 -16.15 -6.97
N GLY V 70 -28.60 -15.61 -5.92
CA GLY V 70 -29.63 -16.36 -5.22
C GLY V 70 -30.87 -16.60 -6.06
N ASN V 71 -31.30 -15.59 -6.81
CA ASN V 71 -32.51 -15.67 -7.62
C ASN V 71 -32.14 -15.30 -9.06
N LYS V 72 -32.03 -16.32 -9.92
CA LYS V 72 -31.65 -16.07 -11.31
C LYS V 72 -32.78 -15.37 -12.07
N GLN V 73 -34.03 -15.51 -11.61
CA GLN V 73 -35.14 -14.88 -12.31
C GLN V 73 -35.01 -13.36 -12.30
N LEU V 74 -34.62 -12.80 -11.16
CA LEU V 74 -34.40 -11.36 -11.03
C LEU V 74 -32.90 -11.15 -10.82
N ILE V 75 -32.17 -11.07 -11.94
CA ILE V 75 -30.72 -11.00 -11.89
C ILE V 75 -30.22 -9.61 -11.55
N ASN V 76 -31.08 -8.59 -11.58
CA ASN V 76 -30.65 -7.25 -11.19
C ASN V 76 -30.90 -7.01 -9.70
N LEU V 77 -32.06 -7.41 -9.20
CA LEU V 77 -32.34 -7.25 -7.78
C LEU V 77 -31.50 -8.18 -6.93
N ASN V 78 -31.19 -9.37 -7.43
CA ASN V 78 -30.37 -10.36 -6.73
C ASN V 78 -29.21 -10.78 -7.63
N PRO V 79 -28.21 -9.91 -7.78
CA PRO V 79 -27.07 -10.25 -8.65
C PRO V 79 -26.13 -11.24 -7.98
N ASP V 80 -25.05 -11.58 -8.68
CA ASP V 80 -24.04 -12.51 -8.17
C ASP V 80 -22.75 -11.74 -7.92
N PHE V 81 -22.12 -12.00 -6.79
CA PHE V 81 -20.88 -11.31 -6.46
C PHE V 81 -19.78 -11.80 -7.40
N PRO V 82 -19.14 -10.92 -8.17
CA PRO V 82 -18.17 -11.41 -9.18
C PRO V 82 -16.91 -11.99 -8.56
N GLY V 83 -16.42 -11.42 -7.47
CA GLY V 83 -15.16 -11.85 -6.92
C GLY V 83 -13.98 -11.25 -7.65
N LEU V 84 -12.81 -11.83 -7.38
CA LEU V 84 -11.59 -11.34 -7.99
C LEU V 84 -11.62 -11.56 -9.50
N GLY V 85 -11.10 -10.59 -10.25
CA GLY V 85 -11.08 -10.67 -11.69
C GLY V 85 -11.36 -9.35 -12.37
N ASN V 86 -11.94 -9.40 -13.57
CA ASN V 86 -12.25 -8.17 -14.31
C ASN V 86 -13.33 -7.37 -13.61
N GLN V 87 -14.32 -8.04 -13.01
CA GLN V 87 -15.48 -7.39 -12.43
C GLN V 87 -15.40 -7.31 -10.91
N ASN V 88 -14.19 -7.24 -10.35
CA ASN V 88 -14.06 -7.08 -8.91
C ASN V 88 -14.65 -5.73 -8.53
N PRO V 89 -15.73 -5.72 -7.74
CA PRO V 89 -16.43 -4.45 -7.48
C PRO V 89 -15.57 -3.40 -6.80
N PHE V 90 -14.65 -3.81 -5.94
CA PHE V 90 -13.82 -2.87 -5.19
C PHE V 90 -12.36 -2.89 -5.62
N ARG V 91 -11.99 -3.74 -6.60
CA ARG V 91 -10.63 -3.81 -7.12
C ARG V 91 -9.61 -4.06 -6.01
N CYS V 92 -10.03 -4.80 -4.98
CA CYS V 92 -9.18 -5.04 -3.83
C CYS V 92 -9.47 -6.43 -3.28
N LYS V 93 -8.51 -6.96 -2.53
CA LYS V 93 -8.66 -8.25 -1.88
C LYS V 93 -8.95 -8.03 -0.39
N PHE V 94 -10.00 -8.69 0.10
CA PHE V 94 -10.34 -8.64 1.52
C PHE V 94 -9.66 -9.81 2.22
N GLU V 95 -8.52 -9.53 2.84
CA GLU V 95 -7.73 -10.54 3.52
C GLU V 95 -7.68 -10.24 5.01
N VAL V 96 -7.55 -11.30 5.80
CA VAL V 96 -7.38 -11.16 7.24
C VAL V 96 -5.92 -11.49 7.56
N PRO V 97 -5.06 -10.49 7.73
CA PRO V 97 -3.64 -10.78 7.98
C PRO V 97 -3.44 -11.51 9.29
N ASP V 98 -2.42 -12.36 9.33
CA ASP V 98 -2.09 -13.08 10.54
C ASP V 98 -1.70 -12.13 11.66
N GLY V 99 -2.15 -12.44 12.87
CA GLY V 99 -1.93 -11.58 14.01
C GLY V 99 -2.94 -10.45 14.16
N ALA V 100 -3.88 -10.31 13.22
CA ALA V 100 -4.93 -9.31 13.30
C ALA V 100 -6.24 -9.88 13.84
N THR V 101 -6.21 -11.10 14.35
CA THR V 101 -7.39 -11.75 14.91
C THR V 101 -7.25 -11.88 16.42
N VAL V 102 -8.34 -11.60 17.13
CA VAL V 102 -8.40 -11.75 18.58
C VAL V 102 -9.53 -12.71 18.91
N THR V 103 -9.23 -13.75 19.67
CA THR V 103 -10.19 -14.80 19.97
C THR V 103 -10.86 -14.55 21.32
N ILE V 104 -12.18 -14.68 21.34
CA ILE V 104 -12.94 -14.62 22.58
C ILE V 104 -12.99 -16.03 23.15
N SER V 105 -12.38 -16.22 24.32
CA SER V 105 -12.30 -17.55 24.91
C SER V 105 -13.68 -18.01 25.37
N ARG V 106 -13.84 -19.33 25.44
CA ARG V 106 -15.11 -19.90 25.91
C ARG V 106 -15.42 -19.48 27.33
N ARG V 107 -14.39 -19.31 28.17
CA ARG V 107 -14.61 -18.80 29.51
C ARG V 107 -15.11 -17.36 29.48
N GLN V 108 -14.60 -16.54 28.57
CA GLN V 108 -15.08 -15.17 28.44
C GLN V 108 -16.55 -15.13 28.02
N VAL V 109 -16.93 -15.99 27.07
CA VAL V 109 -18.33 -16.06 26.66
C VAL V 109 -19.19 -16.55 27.81
N ASN V 110 -18.73 -17.58 28.52
CA ASN V 110 -19.46 -18.09 29.67
C ASN V 110 -19.52 -17.08 30.80
N ASP V 111 -18.55 -16.17 30.88
CA ASP V 111 -18.60 -15.10 31.88
C ASP V 111 -19.73 -14.13 31.57
N ILE V 112 -19.91 -13.77 30.30
CA ILE V 112 -20.98 -12.85 29.92
C ILE V 112 -22.33 -13.53 30.09
N THR V 113 -22.46 -14.78 29.62
CA THR V 113 -23.72 -15.50 29.71
C THR V 113 -24.10 -15.80 31.15
N GLY V 114 -23.13 -15.85 32.07
CA GLY V 114 -23.40 -16.17 33.45
C GLY V 114 -23.94 -15.02 34.28
N ILE V 115 -24.09 -13.83 33.69
CA ILE V 115 -24.62 -12.67 34.39
C ILE V 115 -26.13 -12.65 34.21
N GLY V 116 -26.85 -12.51 35.33
CA GLY V 116 -28.30 -12.55 35.31
C GLY V 116 -28.94 -11.39 34.59
N ARG V 117 -28.68 -10.17 35.05
CA ARG V 117 -29.30 -9.00 34.47
C ARG V 117 -28.77 -8.76 33.06
N HIS V 118 -29.70 -8.56 32.11
CA HIS V 118 -29.31 -8.34 30.72
C HIS V 118 -28.53 -7.05 30.54
N ASP V 119 -28.94 -5.98 31.21
CA ASP V 119 -28.23 -4.71 31.07
C ASP V 119 -26.83 -4.81 31.62
N GLU V 120 -26.65 -5.49 32.75
CA GLU V 120 -25.31 -5.70 33.29
C GLU V 120 -24.48 -6.57 32.36
N ALA V 121 -25.09 -7.60 31.76
CA ALA V 121 -24.37 -8.45 30.83
C ALA V 121 -23.92 -7.68 29.60
N VAL V 122 -24.76 -6.80 29.09
CA VAL V 122 -24.39 -5.99 27.93
C VAL V 122 -23.23 -5.07 28.28
N ARG V 123 -23.30 -4.41 29.43
CA ARG V 123 -22.23 -3.51 29.85
C ARG V 123 -20.93 -4.28 30.09
N HIS V 124 -21.03 -5.46 30.70
CA HIS V 124 -19.84 -6.29 30.91
C HIS V 124 -19.26 -6.76 29.58
N ALA V 125 -20.13 -7.13 28.63
CA ALA V 125 -19.65 -7.55 27.32
C ALA V 125 -18.97 -6.41 26.59
N VAL V 126 -19.52 -5.19 26.70
CA VAL V 126 -18.93 -4.05 26.01
C VAL V 126 -17.52 -3.78 26.53
N GLU V 127 -17.33 -3.84 27.85
CA GLU V 127 -16.01 -3.65 28.41
C GLU V 127 -15.07 -4.76 27.97
N LEU V 128 -15.58 -5.99 27.85
CA LEU V 128 -14.75 -7.10 27.40
C LEU V 128 -14.31 -6.92 25.96
N ILE V 129 -15.26 -6.59 25.07
CA ILE V 129 -14.92 -6.42 23.66
C ILE V 129 -14.04 -5.19 23.46
N SER V 130 -14.31 -4.12 24.23
CA SER V 130 -13.50 -2.91 24.10
C SER V 130 -12.05 -3.18 24.46
N SER V 131 -11.81 -4.01 25.48
CA SER V 131 -10.45 -4.37 25.84
C SER V 131 -9.77 -5.15 24.70
N GLN V 132 -10.50 -6.08 24.08
CA GLN V 132 -9.96 -6.80 22.94
C GLN V 132 -9.74 -5.87 21.75
N LEU V 133 -10.68 -4.94 21.54
CA LEU V 133 -10.51 -3.96 20.47
C LEU V 133 -9.30 -3.07 20.70
N SER V 134 -9.07 -2.68 21.96
CA SER V 134 -7.91 -1.86 22.28
C SER V 134 -6.62 -2.59 21.96
N ALA V 135 -6.55 -3.89 22.28
CA ALA V 135 -5.35 -4.66 22.00
C ALA V 135 -5.14 -4.85 20.51
N LEU V 136 -6.22 -4.91 19.72
CA LEU V 136 -6.08 -5.15 18.29
C LEU V 136 -5.57 -3.91 17.55
N VAL V 137 -5.96 -2.72 17.99
CA VAL V 137 -5.57 -1.51 17.29
C VAL V 137 -4.17 -1.04 17.64
N GLU V 138 -3.64 -1.41 18.81
CA GLU V 138 -2.31 -1.03 19.22
C GLU V 138 -1.26 -2.09 18.92
N GLY V 139 -1.65 -3.19 18.29
CA GLY V 139 -0.71 -4.24 17.93
C GLY V 139 0.09 -3.90 16.69
N SER V 140 1.00 -4.80 16.35
CA SER V 140 1.85 -4.59 15.16
C SER V 140 1.02 -4.60 13.89
N ALA V 141 0.05 -5.51 13.78
CA ALA V 141 -0.78 -5.62 12.59
C ALA V 141 -2.08 -4.87 12.81
N LYS V 142 -2.03 -3.57 12.60
CA LYS V 142 -3.22 -2.73 12.74
C LYS V 142 -4.10 -2.88 11.51
N PRO V 143 -5.36 -3.26 11.66
CA PRO V 143 -6.24 -3.44 10.51
C PRO V 143 -6.83 -2.13 10.04
N ASP V 144 -7.44 -2.18 8.85
CA ASP V 144 -8.18 -1.04 8.33
C ASP V 144 -9.60 -0.98 8.87
N VAL V 145 -10.25 -2.12 9.00
CA VAL V 145 -11.58 -2.23 9.60
C VAL V 145 -11.63 -3.53 10.39
N ILE V 146 -12.28 -3.48 11.55
CA ILE V 146 -12.36 -4.62 12.46
C ILE V 146 -13.77 -5.19 12.40
N VAL V 147 -13.88 -6.50 12.19
CA VAL V 147 -15.15 -7.19 12.12
C VAL V 147 -15.34 -7.97 13.42
N LEU V 148 -16.46 -7.73 14.09
CA LEU V 148 -16.80 -8.44 15.32
C LEU V 148 -17.77 -9.56 14.95
N ALA V 149 -17.24 -10.77 14.79
CA ALA V 149 -18.05 -11.94 14.45
C ALA V 149 -18.57 -12.52 15.75
N LEU V 150 -19.74 -12.06 16.17
CA LEU V 150 -20.32 -12.51 17.44
C LEU V 150 -20.68 -13.99 17.36
N PRO V 151 -20.33 -14.78 18.37
CA PRO V 151 -20.77 -16.18 18.41
C PRO V 151 -22.27 -16.26 18.69
N ILE V 152 -22.83 -17.43 18.36
CA ILE V 152 -24.26 -17.66 18.56
C ILE V 152 -24.67 -17.50 20.02
N PRO V 153 -23.97 -18.07 21.00
CA PRO V 153 -24.39 -17.85 22.40
C PRO V 153 -24.35 -16.39 22.83
N LEU V 154 -23.39 -15.61 22.34
CA LEU V 154 -23.33 -14.21 22.72
C LEU V 154 -24.50 -13.42 22.14
N ILE V 155 -24.88 -13.72 20.89
CA ILE V 155 -26.03 -13.05 20.29
C ILE V 155 -27.30 -13.39 21.05
N GLU V 156 -27.44 -14.67 21.44
CA GLU V 156 -28.64 -15.09 22.15
C GLU V 156 -28.77 -14.37 23.49
N LYS V 157 -27.67 -14.19 24.19
CA LYS V 157 -27.70 -13.53 25.49
C LYS V 157 -27.87 -12.02 25.37
N LEU V 158 -27.22 -11.40 24.38
CA LEU V 158 -27.22 -9.94 24.29
C LEU V 158 -28.39 -9.38 23.48
N VAL V 159 -28.82 -10.08 22.43
CA VAL V 159 -29.90 -9.57 21.59
C VAL V 159 -31.23 -10.17 22.03
N ASN V 160 -31.35 -11.50 21.97
CA ASN V 160 -32.56 -12.16 22.40
C ASN V 160 -32.79 -12.06 23.90
N ALA V 161 -31.75 -11.75 24.68
CA ALA V 161 -31.83 -11.46 26.10
C ALA V 161 -32.38 -12.63 26.92
N LYS V 162 -32.28 -13.86 26.42
CA LYS V 162 -32.70 -15.03 27.17
C LYS V 162 -31.46 -15.78 27.65
N SER V 163 -31.42 -16.10 28.93
CA SER V 163 -30.33 -16.83 29.54
C SER V 163 -30.65 -18.32 29.59
N GLU V 164 -29.59 -19.14 29.58
CA GLU V 164 -29.77 -20.58 29.68
C GLU V 164 -30.41 -20.96 31.00
N GLY V 165 -29.98 -20.33 32.09
CA GLY V 165 -30.63 -20.48 33.37
C GLY V 165 -31.86 -19.59 33.47
N GLU V 166 -32.32 -19.41 34.70
CA GLU V 166 -33.46 -18.52 34.93
C GLU V 166 -33.06 -17.09 34.57
N ASP V 167 -33.93 -16.40 33.84
CA ASP V 167 -33.65 -15.06 33.33
C ASP V 167 -34.19 -14.01 34.29
N SER V 168 -33.33 -13.06 34.66
CA SER V 168 -33.68 -12.03 35.63
C SER V 168 -34.29 -10.81 34.97
N ASP V 169 -33.55 -10.19 34.04
CA ASP V 169 -34.03 -8.97 33.39
C ASP V 169 -35.26 -9.20 32.53
N ASP V 170 -35.48 -10.43 32.06
CA ASP V 170 -36.75 -10.74 31.43
C ASP V 170 -37.90 -10.70 32.43
N ASP V 171 -37.64 -11.11 33.68
CA ASP V 171 -38.64 -10.99 34.72
C ASP V 171 -38.88 -9.54 35.11
N VAL V 172 -37.80 -8.77 35.26
CA VAL V 172 -37.92 -7.34 35.54
C VAL V 172 -37.58 -6.54 34.29
N ASP V 173 -38.62 -6.22 33.50
CA ASP V 173 -38.40 -5.58 32.22
C ASP V 173 -37.81 -4.18 32.38
N GLY V 174 -38.32 -3.41 33.34
CA GLY V 174 -37.82 -2.06 33.54
C GLY V 174 -38.34 -1.09 32.49
N GLY V 175 -37.81 0.13 32.56
CA GLY V 175 -38.23 1.16 31.62
C GLY V 175 -37.85 0.85 30.18
N ASP V 176 -36.61 0.39 29.98
CA ASP V 176 -36.12 0.07 28.64
C ASP V 176 -34.97 -0.92 28.78
N MET V 177 -34.36 -1.26 27.65
CA MET V 177 -33.26 -2.23 27.63
C MET V 177 -32.10 -1.67 26.84
N LEU V 178 -30.88 -1.97 27.32
CA LEU V 178 -29.68 -1.52 26.62
C LEU V 178 -29.51 -2.27 25.32
N ASN V 179 -29.05 -1.56 24.29
CA ASN V 179 -28.75 -2.15 22.99
C ASN V 179 -27.24 -2.35 22.89
N PHE V 180 -26.83 -3.61 22.72
CA PHE V 180 -25.40 -3.92 22.74
C PHE V 180 -24.67 -3.26 21.58
N ARG V 181 -25.25 -3.28 20.38
CA ARG V 181 -24.59 -2.71 19.22
C ARG V 181 -24.39 -1.21 19.39
N ASP V 182 -25.42 -0.49 19.84
CA ASP V 182 -25.32 0.95 20.00
C ASP V 182 -24.30 1.30 21.08
N LEU V 183 -24.32 0.58 22.19
CA LEU V 183 -23.38 0.87 23.28
C LEU V 183 -21.95 0.56 22.86
N LEU V 184 -21.74 -0.53 22.12
CA LEU V 184 -20.40 -0.89 21.70
C LEU V 184 -19.79 0.17 20.79
N LYS V 185 -20.57 0.66 19.82
CA LYS V 185 -20.07 1.71 18.94
C LYS V 185 -19.78 2.98 19.71
N ALA V 186 -20.63 3.33 20.67
CA ALA V 186 -20.41 4.54 21.46
C ALA V 186 -19.16 4.42 22.32
N LYS V 187 -18.93 3.25 22.91
CA LYS V 187 -17.79 3.06 23.81
C LYS V 187 -16.48 2.84 23.08
N THR V 188 -16.49 2.70 21.76
CA THR V 188 -15.27 2.54 20.98
C THR V 188 -15.06 3.70 20.01
N LEU V 189 -15.71 4.84 20.26
CA LEU V 189 -15.53 5.99 19.39
C LEU V 189 -14.12 6.57 19.48
N HIS V 190 -13.44 6.37 20.62
CA HIS V 190 -12.08 6.85 20.77
C HIS V 190 -11.07 6.01 20.00
N LEU V 191 -11.36 4.74 19.75
CA LEU V 191 -10.47 3.90 18.98
C LEU V 191 -10.41 4.37 17.54
N PRO V 192 -9.24 4.28 16.89
CA PRO V 192 -9.07 4.87 15.56
C PRO V 192 -9.62 4.05 14.40
N VAL V 193 -10.00 2.80 14.63
CA VAL V 193 -10.41 1.88 13.56
C VAL V 193 -11.91 1.66 13.69
N PRO V 194 -12.68 1.87 12.62
CA PRO V 194 -14.11 1.58 12.67
C PRO V 194 -14.36 0.08 12.78
N THR V 195 -15.50 -0.26 13.39
CA THR V 195 -15.85 -1.65 13.66
C THR V 195 -17.14 -2.01 12.94
N GLN V 196 -17.24 -3.29 12.58
CA GLN V 196 -18.42 -3.84 11.91
C GLN V 196 -18.85 -5.10 12.63
N ILE V 197 -20.14 -5.20 12.93
CA ILE V 197 -20.68 -6.37 13.62
C ILE V 197 -21.30 -7.30 12.58
N VAL V 198 -20.91 -8.57 12.63
CA VAL V 198 -21.36 -9.57 11.67
C VAL V 198 -21.85 -10.79 12.44
N TRP V 199 -23.06 -11.24 12.15
CA TRP V 199 -23.60 -12.43 12.77
C TRP V 199 -23.20 -13.67 11.96
N PRO V 200 -23.14 -14.84 12.61
CA PRO V 200 -22.78 -16.06 11.88
C PRO V 200 -23.79 -16.45 10.80
N ASP V 201 -25.01 -15.92 10.87
CA ASP V 201 -26.01 -16.26 9.86
C ASP V 201 -25.60 -15.76 8.48
N THR V 202 -24.93 -14.61 8.43
CA THR V 202 -24.62 -13.99 7.14
C THR V 202 -23.50 -14.73 6.42
N TRP V 203 -22.43 -15.10 7.13
CA TRP V 203 -21.30 -15.76 6.50
C TRP V 203 -21.42 -17.28 6.51
N ASP V 204 -22.54 -17.82 7.01
CA ASP V 204 -22.76 -19.26 6.99
C ASP V 204 -24.25 -19.50 6.85
N ASP V 205 -24.66 -20.09 5.73
CA ASP V 205 -26.08 -20.37 5.50
C ASP V 205 -26.61 -21.46 6.42
N ALA V 206 -25.73 -22.29 7.00
CA ALA V 206 -26.18 -23.37 7.86
C ALA V 206 -26.62 -22.85 9.23
N ALA V 207 -25.93 -21.83 9.74
CA ALA V 207 -26.23 -21.33 11.08
C ALA V 207 -27.60 -20.69 11.13
N LYS V 208 -28.31 -20.93 12.23
CA LYS V 208 -29.64 -20.37 12.47
C LYS V 208 -29.65 -19.63 13.79
N ILE V 209 -30.31 -18.48 13.80
CA ILE V 209 -30.38 -17.62 14.98
C ILE V 209 -31.84 -17.53 15.42
N PRO V 210 -32.19 -18.00 16.62
CA PRO V 210 -33.58 -17.85 17.10
C PRO V 210 -33.92 -16.39 17.34
N ARG V 211 -35.22 -16.10 17.25
CA ARG V 211 -35.72 -14.75 17.41
C ARG V 211 -36.00 -14.47 18.89
N LYS V 212 -36.13 -13.17 19.20
CA LYS V 212 -36.27 -12.74 20.58
C LYS V 212 -37.60 -13.18 21.18
N ILE V 213 -38.70 -12.93 20.47
CA ILE V 213 -40.03 -13.24 20.99
C ILE V 213 -40.50 -14.55 20.40
N LYS V 214 -40.58 -14.62 19.07
CA LYS V 214 -40.99 -15.84 18.37
C LYS V 214 -39.83 -16.82 18.44
N ARG V 215 -39.75 -17.55 19.55
CA ARG V 215 -38.59 -18.37 19.84
C ARG V 215 -38.41 -19.50 18.82
N ASP V 216 -39.50 -19.97 18.22
CA ASP V 216 -39.42 -21.07 17.27
C ASP V 216 -39.03 -20.63 15.87
N SER V 217 -39.05 -19.33 15.58
CA SER V 217 -38.77 -18.83 14.25
C SER V 217 -37.33 -18.32 14.18
N ASN V 218 -36.59 -18.79 13.18
CA ASN V 218 -35.24 -18.32 12.93
C ASN V 218 -35.26 -17.05 12.08
N ARG V 219 -34.23 -16.23 12.25
CA ARG V 219 -34.13 -15.01 11.46
C ARG V 219 -33.97 -15.34 9.99
N GLN V 220 -34.72 -14.64 9.14
CA GLN V 220 -34.64 -14.81 7.71
C GLN V 220 -33.71 -13.74 7.12
N THR V 221 -32.78 -14.17 6.29
CA THR V 221 -31.78 -13.29 5.71
C THR V 221 -31.82 -13.39 4.19
N GLN V 222 -31.25 -12.38 3.54
CA GLN V 222 -31.17 -12.37 2.09
C GLN V 222 -30.21 -13.47 1.61
N VAL V 223 -30.19 -13.65 0.29
CA VAL V 223 -29.27 -14.64 -0.29
C VAL V 223 -27.83 -14.20 -0.03
N LYS V 224 -26.93 -15.19 -0.08
CA LYS V 224 -25.53 -14.93 0.28
C LYS V 224 -24.90 -13.91 -0.66
N ALA V 225 -25.26 -13.94 -1.94
CA ALA V 225 -24.70 -12.98 -2.88
C ALA V 225 -25.07 -11.55 -2.51
N THR V 226 -26.33 -11.32 -2.14
CA THR V 226 -26.73 -9.99 -1.70
C THR V 226 -26.04 -9.59 -0.40
N ARG V 227 -25.90 -10.54 0.52
CA ARG V 227 -25.24 -10.25 1.79
C ARG V 227 -23.78 -9.86 1.56
N ALA V 228 -23.09 -10.56 0.66
CA ALA V 228 -21.71 -10.22 0.37
C ALA V 228 -21.60 -8.83 -0.25
N TRP V 229 -22.57 -8.47 -1.10
CA TRP V 229 -22.57 -7.15 -1.72
C TRP V 229 -22.70 -6.05 -0.66
N ASN V 230 -23.67 -6.19 0.24
CA ASN V 230 -23.90 -5.14 1.23
C ASN V 230 -22.81 -5.11 2.28
N LEU V 231 -22.36 -6.29 2.74
CA LEU V 231 -21.38 -6.35 3.81
C LEU V 231 -20.02 -5.82 3.35
N LEU V 232 -19.54 -6.29 2.18
CA LEU V 232 -18.23 -5.86 1.72
C LEU V 232 -18.21 -4.39 1.33
N ASN V 233 -19.33 -3.88 0.83
CA ASN V 233 -19.39 -2.44 0.53
C ASN V 233 -19.26 -1.60 1.78
N ALA V 234 -19.92 -2.02 2.87
CA ALA V 234 -19.78 -1.32 4.14
C ALA V 234 -18.35 -1.41 4.66
N LEU V 235 -17.72 -2.58 4.51
CA LEU V 235 -16.33 -2.72 4.92
C LEU V 235 -15.42 -1.82 4.11
N PHE V 236 -15.66 -1.73 2.80
CA PHE V 236 -14.85 -0.83 1.97
C PHE V 236 -15.03 0.62 2.37
N TYR V 237 -16.26 1.03 2.66
CA TYR V 237 -16.51 2.41 3.08
C TYR V 237 -15.84 2.70 4.41
N LYS V 238 -15.96 1.79 5.37
CA LYS V 238 -15.34 1.99 6.67
C LYS V 238 -13.82 1.92 6.62
N ALA V 239 -13.26 1.34 5.55
CA ALA V 239 -11.81 1.34 5.37
C ALA V 239 -11.25 2.73 5.14
N GLY V 240 -12.08 3.65 4.65
CA GLY V 240 -11.64 5.03 4.47
C GLY V 240 -11.75 5.55 3.05
N LYS V 241 -12.62 4.94 2.25
CA LYS V 241 -12.81 5.35 0.86
C LYS V 241 -14.29 5.43 0.55
N VAL V 242 -14.65 6.36 -0.33
CA VAL V 242 -16.03 6.55 -0.76
C VAL V 242 -16.29 5.66 -1.97
N PRO V 243 -17.25 4.75 -1.92
CA PRO V 243 -17.48 3.84 -3.06
C PRO V 243 -18.01 4.56 -4.30
N TRP V 244 -19.07 5.36 -4.13
CA TRP V 244 -19.68 6.05 -5.27
C TRP V 244 -20.19 7.42 -4.82
N ARG V 245 -20.50 8.24 -5.81
CA ARG V 245 -20.95 9.61 -5.58
C ARG V 245 -22.04 9.96 -6.57
N LEU V 246 -22.92 10.87 -6.15
CA LEU V 246 -23.91 11.41 -7.08
C LEU V 246 -23.22 12.15 -8.21
N LEU V 247 -23.63 11.86 -9.44
CA LEU V 247 -23.04 12.51 -10.60
C LEU V 247 -23.37 13.99 -10.58
N PRO V 248 -22.39 14.87 -10.33
CA PRO V 248 -22.68 16.29 -10.19
C PRO V 248 -23.12 16.90 -11.52
N ASP V 249 -24.04 17.86 -11.42
CA ASP V 249 -24.43 18.64 -12.58
C ASP V 249 -23.28 19.57 -12.95
N GLN V 250 -23.05 19.73 -14.25
CA GLN V 250 -21.91 20.55 -14.70
C GLN V 250 -22.08 22.00 -14.27
N ALA V 251 -23.31 22.49 -14.19
CA ALA V 251 -23.59 23.86 -13.76
C ALA V 251 -24.69 23.79 -12.70
N GLU V 252 -24.29 23.59 -11.45
CA GLU V 252 -25.22 23.56 -10.33
C GLU V 252 -24.63 24.37 -9.19
N TYR V 253 -25.52 24.86 -8.32
CA TYR V 253 -25.10 25.68 -7.19
C TYR V 253 -24.26 24.85 -6.22
N ARG V 254 -23.26 25.50 -5.64
CA ARG V 254 -22.44 24.86 -4.61
C ARG V 254 -23.31 24.70 -3.37
N THR V 255 -23.86 23.51 -3.18
CA THR V 255 -24.89 23.27 -2.18
C THR V 255 -24.39 22.33 -1.10
N SER V 256 -24.87 22.57 0.13
CA SER V 256 -24.57 21.73 1.27
C SER V 256 -25.88 21.28 1.90
N PHE V 257 -26.02 19.99 2.14
CA PHE V 257 -27.23 19.42 2.72
C PHE V 257 -27.03 19.18 4.20
N LEU V 258 -28.03 19.56 4.99
CA LEU V 258 -27.97 19.44 6.45
C LEU V 258 -29.24 18.74 6.93
N GLY V 259 -29.10 17.51 7.38
CA GLY V 259 -30.22 16.77 7.92
C GLY V 259 -30.31 16.93 9.42
N ILE V 260 -31.52 17.16 9.92
CA ILE V 260 -31.78 17.39 11.34
C ILE V 260 -32.72 16.30 11.83
N GLY V 261 -32.31 15.60 12.89
CA GLY V 261 -33.13 14.58 13.49
C GLY V 261 -33.09 14.67 15.00
N PHE V 262 -34.00 13.93 15.64
CA PHE V 262 -34.11 13.91 17.08
C PHE V 262 -34.12 12.47 17.56
N TYR V 263 -33.42 12.22 18.67
CA TYR V 263 -33.37 10.90 19.26
C TYR V 263 -33.72 10.98 20.73
N ARG V 264 -34.43 9.97 21.22
CA ARG V 264 -34.87 9.95 22.61
C ARG V 264 -33.67 9.73 23.53
N ASP V 265 -33.70 10.40 24.68
CA ASP V 265 -32.65 10.24 25.67
C ASP V 265 -32.77 8.88 26.36
N LEU V 266 -31.71 8.48 27.07
CA LEU V 266 -31.72 7.19 27.75
C LEU V 266 -32.81 7.11 28.81
N ASP V 267 -33.17 8.24 29.42
CA ASP V 267 -34.27 8.24 30.38
C ASP V 267 -35.63 8.02 29.72
N GLY V 268 -35.71 8.12 28.40
CA GLY V 268 -36.94 7.87 27.68
C GLY V 268 -37.88 9.05 27.54
N GLN V 269 -37.52 10.21 28.07
CA GLN V 269 -38.37 11.39 28.01
C GLN V 269 -37.78 12.52 27.18
N GLN V 270 -36.57 12.97 27.50
CA GLN V 270 -35.97 14.10 26.81
C GLN V 270 -35.60 13.74 25.38
N LEU V 271 -35.46 14.78 24.55
CA LEU V 271 -35.07 14.62 23.16
C LEU V 271 -33.86 15.49 22.87
N TRP V 272 -32.82 14.88 22.32
CA TRP V 272 -31.67 15.59 21.79
C TRP V 272 -31.79 15.68 20.27
N THR V 273 -31.00 16.58 19.68
CA THR V 273 -31.01 16.80 18.25
C THR V 273 -29.71 16.28 17.66
N SER V 274 -29.81 15.35 16.72
CA SER V 274 -28.66 14.78 16.03
C SER V 274 -28.70 15.21 14.57
N THR V 275 -27.55 15.65 14.05
CA THR V 275 -27.49 16.24 12.73
C THR V 275 -26.47 15.51 11.87
N ALA V 276 -26.75 15.49 10.56
CA ALA V 276 -25.82 14.96 9.57
C ALA V 276 -25.71 15.94 8.42
N GLN V 277 -24.50 16.08 7.89
CA GLN V 277 -24.22 17.05 6.84
C GLN V 277 -23.50 16.36 5.70
N MET V 278 -23.90 16.68 4.47
CA MET V 278 -23.28 16.15 3.28
C MET V 278 -22.92 17.27 2.32
N PHE V 279 -21.73 17.16 1.72
CA PHE V 279 -21.28 18.11 0.71
C PHE V 279 -20.11 17.48 -0.03
N ASP V 280 -19.69 18.17 -1.09
CA ASP V 280 -18.55 17.71 -1.88
C ASP V 280 -17.24 18.01 -1.16
N GLU V 281 -16.15 17.50 -1.74
CA GLU V 281 -14.83 17.67 -1.14
C GLU V 281 -13.95 18.46 -2.12
N ARG V 282 -14.50 19.55 -2.65
CA ARG V 282 -13.76 20.44 -3.55
C ARG V 282 -13.22 19.69 -4.75
N GLY V 283 -13.94 18.66 -5.19
CA GLY V 283 -13.45 17.79 -6.24
C GLY V 283 -14.22 16.49 -6.34
N ARG V 284 -13.53 15.37 -6.34
CA ARG V 284 -14.12 14.06 -6.54
C ARG V 284 -14.24 13.35 -5.20
N GLY V 285 -15.40 13.49 -4.55
CA GLY V 285 -15.64 12.80 -3.30
C GLY V 285 -16.74 13.42 -2.45
N LEU V 286 -17.49 12.59 -1.75
CA LEU V 286 -18.51 13.05 -0.82
C LEU V 286 -17.97 13.05 0.60
N ILE V 287 -18.59 13.88 1.44
CA ILE V 287 -18.27 13.94 2.86
C ILE V 287 -19.58 13.93 3.63
N LEU V 288 -19.82 12.86 4.38
CA LEU V 288 -20.99 12.74 5.24
C LEU V 288 -20.48 12.71 6.67
N ARG V 289 -20.81 13.75 7.44
CA ARG V 289 -20.35 13.87 8.82
C ARG V 289 -21.54 14.09 9.73
N GLY V 290 -21.66 13.25 10.76
CA GLY V 290 -22.73 13.37 11.74
C GLY V 290 -22.23 14.08 12.99
N ALA V 291 -23.11 14.89 13.57
CA ALA V 291 -22.77 15.69 14.74
C ALA V 291 -23.99 15.84 15.63
N ARG V 292 -23.80 16.56 16.74
CA ARG V 292 -24.85 16.79 17.73
C ARG V 292 -24.86 18.25 18.12
N ALA V 293 -26.02 18.77 18.52
CA ALA V 293 -26.09 20.14 19.01
C ALA V 293 -25.23 20.31 20.26
N GLN V 294 -24.42 21.35 20.28
CA GLN V 294 -23.60 21.70 21.43
C GLN V 294 -24.35 22.50 22.50
N THR V 295 -25.67 22.63 22.40
CA THR V 295 -26.46 23.35 23.39
C THR V 295 -27.35 22.37 24.14
N GLU V 296 -27.26 22.39 25.47
CA GLU V 296 -28.02 21.46 26.30
C GLU V 296 -29.32 22.09 26.79
N THR V 297 -30.14 22.52 25.83
CA THR V 297 -31.47 23.04 26.12
C THR V 297 -32.39 21.84 26.30
N ARG V 298 -32.88 21.63 27.52
CA ARG V 298 -33.56 20.40 27.88
C ARG V 298 -35.07 20.53 27.72
N GLY V 299 -35.67 19.55 27.07
CA GLY V 299 -37.10 19.50 26.87
C GLY V 299 -37.44 18.29 26.03
N ARG V 300 -38.74 18.02 25.95
CA ARG V 300 -39.26 16.91 25.17
C ARG V 300 -39.70 17.34 23.78
N HIS V 301 -39.47 18.59 23.42
CA HIS V 301 -39.96 19.12 22.15
C HIS V 301 -39.14 18.55 20.99
N PRO V 302 -39.78 17.95 19.98
CA PRO V 302 -39.07 17.50 18.78
C PRO V 302 -38.86 18.60 17.75
N TYR V 303 -38.42 19.76 18.22
CA TYR V 303 -38.12 20.89 17.34
C TYR V 303 -37.05 21.75 18.00
N LEU V 304 -36.41 22.57 17.19
CA LEU V 304 -35.29 23.39 17.64
C LEU V 304 -35.75 24.73 18.17
N THR V 305 -34.88 25.36 18.94
CA THR V 305 -35.09 26.72 19.43
C THR V 305 -34.39 27.70 18.48
N ALA V 306 -34.84 28.96 18.52
CA ALA V 306 -34.25 29.98 17.66
C ALA V 306 -32.75 30.10 17.87
N LYS V 307 -32.30 30.10 19.14
CA LYS V 307 -30.87 30.10 19.40
C LYS V 307 -30.23 28.79 19.00
N ASP V 308 -30.89 27.66 19.31
CA ASP V 308 -30.32 26.36 19.00
C ASP V 308 -30.18 26.16 17.49
N ALA V 309 -31.19 26.58 16.73
CA ALA V 309 -31.12 26.42 15.27
C ALA V 309 -30.03 27.30 14.67
N GLU V 310 -29.76 28.46 15.28
CA GLU V 310 -28.72 29.33 14.76
C GLU V 310 -27.34 28.69 14.89
N ASP V 311 -27.03 28.14 16.07
CA ASP V 311 -25.73 27.51 16.27
C ASP V 311 -25.57 26.28 15.39
N LEU V 312 -26.66 25.56 15.13
CA LEU V 312 -26.59 24.37 14.29
C LEU V 312 -26.15 24.71 12.87
N VAL V 313 -26.72 25.78 12.31
CA VAL V 313 -26.35 26.20 10.96
C VAL V 313 -24.94 26.77 10.95
N VAL V 314 -24.57 27.52 11.98
CA VAL V 314 -23.25 28.13 12.05
C VAL V 314 -22.18 27.05 12.03
N GLN V 315 -22.36 25.98 12.81
CA GLN V 315 -21.42 24.87 12.78
C GLN V 315 -21.39 24.20 11.42
N SER V 316 -22.56 24.04 10.79
CA SER V 316 -22.63 23.42 9.48
C SER V 316 -21.89 24.26 8.43
N ILE V 317 -22.03 25.58 8.49
CA ILE V 317 -21.33 26.45 7.56
C ILE V 317 -19.83 26.35 7.76
N ALA V 318 -19.39 26.35 9.02
CA ALA V 318 -17.96 26.29 9.31
C ALA V 318 -17.36 24.96 8.85
N ALA V 319 -18.09 23.86 9.05
CA ALA V 319 -17.59 22.56 8.59
C ALA V 319 -17.46 22.54 7.07
N TYR V 320 -18.44 23.12 6.36
CA TYR V 320 -18.32 23.24 4.92
C TYR V 320 -17.15 24.13 4.52
N LYS V 321 -16.97 25.23 5.23
CA LYS V 321 -15.93 26.19 4.89
C LYS V 321 -14.53 25.65 5.15
N ALA V 322 -14.40 24.59 5.94
CA ALA V 322 -13.08 24.01 6.19
C ALA V 322 -12.55 23.28 4.97
N HIS V 323 -13.44 22.75 4.12
CA HIS V 323 -13.04 22.00 2.95
C HIS V 323 -13.04 22.82 1.67
N HIS V 324 -13.95 23.81 1.56
CA HIS V 324 -14.07 24.61 0.35
C HIS V 324 -13.46 26.00 0.48
N ARG V 325 -13.19 26.46 1.70
CA ARG V 325 -12.69 27.80 2.00
C ARG V 325 -13.65 28.90 1.54
N HIS V 326 -14.89 28.54 1.21
CA HIS V 326 -15.92 29.51 0.87
C HIS V 326 -17.26 29.00 1.36
N VAL V 327 -18.13 29.90 1.79
CA VAL V 327 -19.45 29.53 2.28
C VAL V 327 -20.26 28.96 1.13
N PRO V 328 -21.18 28.03 1.39
CA PRO V 328 -21.94 27.43 0.30
C PRO V 328 -22.92 28.41 -0.33
N ALA V 329 -23.24 28.14 -1.60
CA ALA V 329 -24.23 28.95 -2.30
C ALA V 329 -25.64 28.66 -1.80
N ARG V 330 -26.03 27.39 -1.83
CA ARG V 330 -27.33 26.94 -1.33
C ARG V 330 -27.13 26.03 -0.13
N LEU V 331 -28.00 26.19 0.87
CA LEU V 331 -27.99 25.32 2.04
C LEU V 331 -29.37 24.69 2.16
N VAL V 332 -29.43 23.37 1.98
CA VAL V 332 -30.68 22.63 2.06
C VAL V 332 -30.75 21.97 3.44
N VAL V 333 -31.77 22.33 4.19
CA VAL V 333 -31.96 21.82 5.55
C VAL V 333 -33.16 20.90 5.56
N LEU V 334 -32.93 19.62 5.83
CA LEU V 334 -33.98 18.61 5.93
C LEU V 334 -34.19 18.25 7.39
N LYS V 335 -35.44 18.29 7.84
CA LYS V 335 -35.78 17.99 9.22
C LYS V 335 -36.88 16.94 9.26
N THR V 336 -36.87 16.14 10.32
CA THR V 336 -37.89 15.12 10.51
C THR V 336 -39.19 15.68 11.08
N SER V 337 -39.20 16.94 11.51
CA SER V 337 -40.38 17.57 12.06
C SER V 337 -40.65 18.87 11.33
N ARG V 338 -41.84 19.42 11.55
N ARG V 338 -41.85 19.43 11.54
CA ARG V 338 -42.23 20.65 10.87
CA ARG V 338 -42.24 20.66 10.88
C ARG V 338 -41.36 21.82 11.31
C ARG V 338 -41.34 21.82 11.31
N PHE V 339 -41.07 22.71 10.36
CA PHE V 339 -40.24 23.88 10.63
C PHE V 339 -41.10 24.97 11.27
N ARG V 340 -40.84 25.26 12.54
CA ARG V 340 -41.58 26.29 13.24
C ARG V 340 -41.05 27.67 12.88
N SER V 341 -41.79 28.70 13.32
CA SER V 341 -41.36 30.08 13.07
C SER V 341 -40.05 30.39 13.78
N GLU V 342 -39.88 29.89 15.00
CA GLU V 342 -38.65 30.15 15.74
C GLU V 342 -37.45 29.52 15.05
N GLU V 343 -37.61 28.30 14.54
CA GLU V 343 -36.50 27.63 13.86
C GLU V 343 -36.07 28.39 12.61
N ALA V 344 -37.03 28.85 11.82
CA ALA V 344 -36.69 29.52 10.56
C ALA V 344 -35.98 30.84 10.81
N GLU V 345 -36.52 31.68 11.70
CA GLU V 345 -35.89 32.95 11.99
C GLU V 345 -34.54 32.75 12.68
N GLY V 346 -34.37 31.65 13.41
CA GLY V 346 -33.06 31.32 13.94
C GLY V 346 -32.08 30.93 12.86
N ILE V 347 -32.54 30.17 11.86
CA ILE V 347 -31.68 29.78 10.75
C ILE V 347 -31.36 31.00 9.88
N ASP V 348 -32.36 31.86 9.63
CA ASP V 348 -32.14 33.04 8.82
C ASP V 348 -31.09 33.96 9.43
N ALA V 349 -31.04 34.03 10.76
CA ALA V 349 -29.99 34.82 11.41
C ALA V 349 -28.61 34.27 11.12
N ALA V 350 -28.46 32.94 11.16
CA ALA V 350 -27.17 32.33 10.88
C ALA V 350 -26.74 32.57 9.43
N LEU V 351 -27.68 32.47 8.50
CA LEU V 351 -27.36 32.68 7.09
C LEU V 351 -26.93 34.13 6.84
N GLY V 352 -27.62 35.09 7.46
CA GLY V 352 -27.26 36.48 7.29
C GLY V 352 -25.86 36.79 7.78
N LYS V 353 -25.44 36.14 8.86
CA LYS V 353 -24.09 36.35 9.39
C LYS V 353 -23.02 35.78 8.47
N SER V 354 -23.38 34.82 7.62
CA SER V 354 -22.44 34.21 6.69
C SER V 354 -22.69 34.59 5.24
N GLY V 355 -23.78 35.29 4.96
CA GLY V 355 -24.05 35.73 3.60
C GLY V 355 -24.47 34.63 2.64
N ILE V 356 -25.13 33.58 3.15
CA ILE V 356 -25.61 32.52 2.27
C ILE V 356 -26.73 33.07 1.38
N GLU V 357 -26.61 32.84 0.07
CA GLU V 357 -27.55 33.42 -0.87
C GLU V 357 -28.94 32.81 -0.73
N MET V 358 -29.03 31.48 -0.70
CA MET V 358 -30.31 30.80 -0.72
C MET V 358 -30.30 29.65 0.28
N SER V 359 -31.49 29.30 0.77
CA SER V 359 -31.66 28.21 1.71
C SER V 359 -33.00 27.54 1.49
N ASP V 360 -33.03 26.23 1.71
CA ASP V 360 -34.24 25.42 1.53
C ASP V 360 -34.52 24.68 2.83
N LEU V 361 -35.59 25.08 3.52
CA LEU V 361 -36.03 24.42 4.75
C LEU V 361 -37.19 23.49 4.39
N VAL V 362 -36.94 22.18 4.46
CA VAL V 362 -37.90 21.17 4.06
C VAL V 362 -38.11 20.20 5.22
N TRP V 363 -39.36 19.91 5.52
CA TRP V 363 -39.73 18.92 6.52
C TRP V 363 -40.10 17.64 5.80
N VAL V 364 -39.33 16.58 6.03
CA VAL V 364 -39.53 15.29 5.37
C VAL V 364 -40.51 14.50 6.22
N GLN V 365 -41.80 14.58 5.88
CA GLN V 365 -42.84 13.90 6.63
C GLN V 365 -43.01 12.48 6.10
N GLU V 366 -42.99 11.51 7.00
CA GLU V 366 -43.15 10.10 6.65
C GLU V 366 -44.55 9.58 6.96
N SER V 367 -45.24 10.16 7.94
CA SER V 367 -46.55 9.69 8.33
C SER V 367 -47.65 10.46 7.59
N SER V 368 -47.71 10.28 6.27
CA SER V 368 -48.72 10.96 5.48
C SER V 368 -49.68 9.94 4.87
N PRO V 369 -51.00 10.15 5.01
CA PRO V 369 -51.96 9.20 4.44
C PRO V 369 -52.13 9.31 2.94
N ILE V 370 -51.71 10.41 2.33
CA ILE V 370 -51.94 10.62 0.91
C ILE V 370 -51.10 9.65 0.09
N ALA V 371 -51.71 9.08 -0.95
CA ALA V 371 -51.03 8.15 -1.84
C ALA V 371 -51.76 8.11 -3.17
N ILE V 372 -51.07 7.63 -4.20
CA ILE V 372 -51.64 7.44 -5.52
C ILE V 372 -51.47 5.99 -5.93
N PHE V 373 -52.48 5.45 -6.60
CA PHE V 373 -52.50 4.04 -6.99
C PHE V 373 -52.79 3.93 -8.48
N ARG V 374 -51.99 3.14 -9.17
CA ARG V 374 -52.20 2.86 -10.58
C ARG V 374 -53.07 1.61 -10.73
N ASP V 375 -53.39 1.27 -11.98
CA ASP V 375 -54.19 0.09 -12.28
C ASP V 375 -53.25 -1.06 -12.60
N GLY V 376 -53.17 -2.02 -11.69
CA GLY V 376 -52.33 -3.18 -11.89
C GLY V 376 -51.96 -3.79 -10.55
N ASN V 377 -51.13 -4.83 -10.61
CA ASN V 377 -50.66 -5.52 -9.42
C ASN V 377 -49.39 -4.90 -8.84
N TYR V 378 -48.77 -3.97 -9.55
CA TYR V 378 -47.55 -3.34 -9.06
C TYR V 378 -47.78 -1.86 -8.77
N PRO V 379 -47.08 -1.29 -7.81
CA PRO V 379 -47.31 0.11 -7.42
C PRO V 379 -46.71 1.06 -8.45
N VAL V 380 -46.80 2.36 -8.13
CA VAL V 380 -46.33 3.40 -9.02
C VAL V 380 -44.81 3.35 -9.11
N LEU V 381 -44.28 3.86 -10.22
CA LEU V 381 -42.85 3.83 -10.46
C LEU V 381 -42.10 4.66 -9.42
N ARG V 382 -40.88 4.23 -9.10
CA ARG V 382 -40.01 5.01 -8.23
C ARG V 382 -39.66 6.34 -8.91
N GLY V 383 -39.67 7.40 -8.11
CA GLY V 383 -39.46 8.73 -8.64
C GLY V 383 -40.71 9.47 -9.03
N THR V 384 -41.89 8.89 -8.79
CA THR V 384 -43.14 9.56 -9.10
C THR V 384 -43.38 10.69 -8.12
N PHE V 385 -43.67 11.88 -8.65
CA PHE V 385 -43.83 13.08 -7.85
C PHE V 385 -45.09 13.81 -8.31
N VAL V 386 -46.02 14.03 -7.39
CA VAL V 386 -47.23 14.79 -7.66
C VAL V 386 -47.26 15.97 -6.70
N ASP V 387 -47.43 17.18 -7.24
CA ASP V 387 -47.39 18.39 -6.45
C ASP V 387 -48.76 18.65 -5.83
N LEU V 388 -48.78 18.88 -4.52
CA LEU V 388 -50.01 19.08 -3.77
C LEU V 388 -49.94 20.43 -3.07
N ASP V 389 -50.31 21.49 -3.79
CA ASP V 389 -50.40 22.85 -3.25
C ASP V 389 -49.13 23.23 -2.50
N GLY V 390 -48.00 23.10 -3.19
CA GLY V 390 -46.72 23.42 -2.59
C GLY V 390 -46.13 22.33 -1.71
N LYS V 391 -46.83 21.21 -1.54
CA LYS V 391 -46.31 20.07 -0.81
C LYS V 391 -46.09 18.92 -1.78
N GLY V 392 -44.88 18.36 -1.75
CA GLY V 392 -44.53 17.31 -2.69
C GLY V 392 -44.79 15.92 -2.14
N LEU V 393 -45.32 15.06 -3.01
CA LEU V 393 -45.56 13.66 -2.68
C LEU V 393 -44.61 12.83 -3.55
N LEU V 394 -43.41 12.57 -3.03
CA LEU V 394 -42.36 11.89 -3.76
C LEU V 394 -42.35 10.41 -3.41
N TYR V 395 -42.33 9.56 -4.44
CA TYR V 395 -42.28 8.11 -4.25
C TYR V 395 -40.82 7.67 -4.40
N THR V 396 -40.06 7.83 -3.32
CA THR V 396 -38.66 7.41 -3.32
C THR V 396 -38.54 5.90 -3.42
N ARG V 397 -39.57 5.17 -2.98
CA ARG V 397 -39.58 3.71 -3.05
C ARG V 397 -40.83 3.27 -3.80
N GLY V 398 -40.64 2.35 -4.74
CA GLY V 398 -41.75 1.89 -5.54
C GLY V 398 -41.28 0.92 -6.60
N SER V 399 -42.05 0.82 -7.67
CA SER V 399 -41.69 -0.04 -8.78
C SER V 399 -40.41 0.46 -9.44
N VAL V 400 -39.41 -0.42 -9.55
CA VAL V 400 -38.11 -0.08 -10.12
C VAL V 400 -38.00 -0.80 -11.47
N PRO V 401 -38.00 -0.07 -12.59
CA PRO V 401 -37.85 -0.75 -13.89
C PRO V 401 -36.54 -1.50 -14.03
N PHE V 402 -35.48 -1.04 -13.38
CA PHE V 402 -34.19 -1.72 -13.48
C PHE V 402 -34.23 -3.08 -12.80
N TYR V 403 -34.78 -3.14 -11.58
CA TYR V 403 -34.85 -4.42 -10.87
C TYR V 403 -35.84 -5.37 -11.52
N GLY V 404 -36.84 -4.85 -12.23
CA GLY V 404 -37.87 -5.68 -12.80
C GLY V 404 -39.01 -6.01 -11.88
N THR V 405 -39.08 -5.38 -10.71
CA THR V 405 -40.15 -5.60 -9.76
C THR V 405 -40.16 -4.45 -8.77
N PHE V 406 -41.01 -4.55 -7.75
CA PHE V 406 -41.00 -3.63 -6.63
C PHE V 406 -40.49 -4.36 -5.39
N PRO V 407 -39.29 -4.07 -4.90
CA PRO V 407 -38.78 -4.79 -3.72
C PRO V 407 -39.46 -4.36 -2.43
N GLY V 408 -40.62 -4.93 -2.16
CA GLY V 408 -41.34 -4.59 -0.94
C GLY V 408 -42.47 -5.57 -0.70
N LEU V 409 -43.12 -5.39 0.45
CA LEU V 409 -44.22 -6.27 0.86
C LEU V 409 -45.57 -5.70 0.45
N ARG V 410 -45.90 -4.51 0.96
CA ARG V 410 -47.17 -3.85 0.70
C ARG V 410 -46.91 -2.65 -0.22
N VAL V 411 -47.98 -1.90 -0.51
CA VAL V 411 -47.82 -0.70 -1.34
C VAL V 411 -46.90 0.28 -0.62
N PRO V 412 -45.92 0.87 -1.30
CA PRO V 412 -44.99 1.77 -0.62
C PRO V 412 -45.66 3.06 -0.18
N ARG V 413 -45.12 3.64 0.90
CA ARG V 413 -45.65 4.88 1.45
C ARG V 413 -44.81 6.04 0.97
N PRO V 414 -45.37 6.97 0.19
CA PRO V 414 -44.56 8.07 -0.35
C PRO V 414 -44.18 9.07 0.73
N LEU V 415 -43.11 9.81 0.44
CA LEU V 415 -42.71 10.92 1.28
C LEU V 415 -43.55 12.15 0.99
N LEU V 416 -43.73 12.99 2.00
CA LEU V 416 -44.41 14.27 1.85
C LEU V 416 -43.43 15.36 2.22
N LEU V 417 -42.93 16.08 1.22
CA LEU V 417 -41.96 17.16 1.43
C LEU V 417 -42.73 18.46 1.63
N VAL V 418 -42.66 19.02 2.83
CA VAL V 418 -43.39 20.23 3.18
C VAL V 418 -42.41 21.36 3.45
N PRO V 419 -42.17 22.24 2.48
CA PRO V 419 -41.21 23.32 2.70
C PRO V 419 -41.78 24.42 3.58
N HIS V 420 -40.90 25.08 4.30
CA HIS V 420 -41.24 26.34 4.97
C HIS V 420 -41.37 27.44 3.91
N GLU V 421 -42.16 28.47 4.22
CA GLU V 421 -42.31 29.56 3.26
C GLU V 421 -41.02 30.35 3.10
N ASN V 422 -40.05 30.14 3.99
CA ASN V 422 -38.71 30.69 3.80
C ASN V 422 -37.83 29.73 3.00
N SER V 423 -38.32 29.30 1.84
CA SER V 423 -37.59 28.38 0.98
C SER V 423 -37.43 29.00 -0.40
N ASP V 424 -36.26 28.81 -1.00
CA ASP V 424 -35.97 29.42 -2.29
C ASP V 424 -36.44 28.56 -3.45
N SER V 425 -35.96 27.32 -3.52
CA SER V 425 -36.26 26.46 -4.66
C SER V 425 -37.71 25.98 -4.60
N THR V 426 -38.19 25.51 -5.75
CA THR V 426 -39.54 24.96 -5.84
C THR V 426 -39.57 23.53 -5.32
N ILE V 427 -40.79 23.02 -5.13
CA ILE V 427 -40.97 21.64 -4.69
C ILE V 427 -40.49 20.65 -5.74
N LEU V 428 -40.58 21.01 -7.02
CA LEU V 428 -40.09 20.11 -8.06
C LEU V 428 -38.58 19.96 -8.00
N THR V 429 -37.87 21.07 -7.76
CA THR V 429 -36.42 21.00 -7.63
C THR V 429 -36.00 20.24 -6.38
N LEU V 430 -36.69 20.48 -5.27
CA LEU V 430 -36.35 19.81 -4.02
C LEU V 430 -36.56 18.30 -4.12
N ALA V 431 -37.66 17.89 -4.74
CA ALA V 431 -37.93 16.46 -4.89
C ALA V 431 -36.85 15.77 -5.70
N LYS V 432 -36.38 16.43 -6.77
CA LYS V 432 -35.28 15.87 -7.54
C LYS V 432 -34.02 15.76 -6.70
N ASP V 433 -33.80 16.73 -5.81
CA ASP V 433 -32.64 16.66 -4.92
C ASP V 433 -32.82 15.59 -3.86
N VAL V 434 -34.03 15.48 -3.29
CA VAL V 434 -34.29 14.48 -2.25
C VAL V 434 -34.18 13.07 -2.83
N LEU V 435 -34.71 12.87 -4.03
CA LEU V 435 -34.64 11.56 -4.66
C LEU V 435 -33.18 11.16 -4.93
N ALA V 436 -32.35 12.13 -5.35
CA ALA V 436 -30.95 11.83 -5.59
C ALA V 436 -30.23 11.47 -4.29
N LEU V 437 -30.60 12.11 -3.18
CA LEU V 437 -29.95 11.86 -1.90
C LEU V 437 -30.24 10.48 -1.35
N THR V 438 -31.20 9.75 -1.91
CA THR V 438 -31.50 8.41 -1.42
C THR V 438 -30.53 7.36 -1.93
N LYS V 439 -29.68 7.69 -2.90
CA LYS V 439 -28.77 6.73 -3.51
C LYS V 439 -27.35 6.82 -2.94
N VAL V 440 -27.15 7.57 -1.87
CA VAL V 440 -25.82 7.69 -1.28
C VAL V 440 -25.83 7.14 0.13
N ASN V 441 -26.70 6.15 0.39
CA ASN V 441 -26.69 5.41 1.65
C ASN V 441 -25.72 4.24 1.48
N TRP V 442 -24.48 4.45 1.91
CA TRP V 442 -23.42 3.48 1.69
C TRP V 442 -23.57 2.21 2.52
N ASN V 443 -24.49 2.19 3.49
CA ASN V 443 -24.73 0.99 4.27
C ASN V 443 -25.34 -0.13 3.44
N THR V 444 -25.89 0.18 2.26
CA THR V 444 -26.49 -0.83 1.41
C THR V 444 -26.21 -0.48 -0.05
N THR V 445 -26.27 -1.51 -0.90
CA THR V 445 -26.04 -1.35 -2.33
C THR V 445 -27.33 -1.35 -3.13
N GLN V 446 -28.48 -1.44 -2.47
CA GLN V 446 -29.77 -1.40 -3.14
C GLN V 446 -30.27 0.04 -3.15
N PHE V 447 -30.33 0.64 -4.34
CA PHE V 447 -30.41 2.10 -4.44
C PHE V 447 -31.80 2.66 -4.12
N ASP V 448 -32.86 1.87 -4.19
CA ASP V 448 -34.19 2.40 -3.88
C ASP V 448 -34.33 2.49 -2.37
N GLN V 449 -34.16 3.69 -1.84
CA GLN V 449 -34.23 3.95 -0.41
C GLN V 449 -35.32 4.96 -0.12
N LYS V 450 -36.06 4.73 0.97
CA LYS V 450 -37.22 5.55 1.29
C LYS V 450 -36.84 6.94 1.77
N LEU V 451 -35.63 7.14 2.27
CA LEU V 451 -35.29 8.40 2.91
C LEU V 451 -34.01 8.98 2.33
N PRO V 452 -33.88 10.31 2.31
CA PRO V 452 -32.62 10.93 1.92
C PRO V 452 -31.53 10.61 2.94
N ALA V 453 -30.29 10.57 2.45
CA ALA V 453 -29.17 10.22 3.32
C ALA V 453 -28.99 11.17 4.50
N PRO V 454 -29.08 12.50 4.36
CA PRO V 454 -28.93 13.36 5.55
C PRO V 454 -29.94 13.04 6.64
N ILE V 455 -31.17 12.72 6.28
CA ILE V 455 -32.16 12.30 7.28
C ILE V 455 -31.80 10.93 7.84
N LYS V 456 -31.44 9.99 6.96
CA LYS V 456 -31.08 8.66 7.42
C LYS V 456 -29.83 8.68 8.30
N ALA V 457 -28.82 9.44 7.89
CA ALA V 457 -27.58 9.49 8.66
C ALA V 457 -27.78 10.18 10.01
N ALA V 458 -28.66 11.18 10.07
CA ALA V 458 -28.92 11.86 11.33
C ALA V 458 -29.58 10.94 12.35
N ARG V 459 -30.37 9.97 11.89
CA ARG V 459 -30.98 9.02 12.80
C ARG V 459 -29.99 7.95 13.26
N GLU V 460 -29.06 7.54 12.40
CA GLU V 460 -28.08 6.54 12.79
C GLU V 460 -27.13 7.08 13.85
N VAL V 461 -26.70 8.33 13.73
CA VAL V 461 -25.82 8.91 14.74
C VAL V 461 -26.57 9.12 16.05
N GLY V 462 -27.90 9.23 15.99
CA GLY V 462 -28.67 9.35 17.21
C GLY V 462 -28.62 8.10 18.06
N ARG V 463 -28.57 6.93 17.41
CA ARG V 463 -28.48 5.67 18.15
C ARG V 463 -27.16 5.58 18.91
N ILE V 464 -26.07 6.03 18.30
CA ILE V 464 -24.76 5.93 18.92
C ILE V 464 -24.56 7.01 19.97
N LEU V 465 -24.91 8.25 19.64
CA LEU V 465 -24.74 9.36 20.57
C LEU V 465 -25.69 9.29 21.75
N LYS V 466 -26.67 8.38 21.72
CA LYS V 466 -27.56 8.20 22.86
C LYS V 466 -26.78 7.81 24.11
N HIS V 467 -25.66 7.10 23.94
CA HIS V 467 -24.86 6.61 25.06
C HIS V 467 -23.62 7.45 25.32
N VAL V 468 -23.43 8.55 24.60
CA VAL V 468 -22.26 9.41 24.75
C VAL V 468 -22.64 10.58 25.64
N GLU V 469 -21.85 10.81 26.68
CA GLU V 469 -22.10 11.92 27.60
C GLU V 469 -21.95 13.25 26.87
N PHE V 470 -22.81 14.21 27.23
CA PHE V 470 -22.75 15.52 26.61
C PHE V 470 -21.45 16.23 26.96
N GLY V 471 -20.93 17.00 26.00
CA GLY V 471 -19.69 17.69 26.16
C GLY V 471 -18.45 16.86 25.88
N THR V 472 -18.61 15.59 25.51
CA THR V 472 -17.49 14.73 25.18
C THR V 472 -17.25 14.79 23.68
N ALA V 473 -16.04 15.20 23.30
CA ALA V 473 -15.70 15.32 21.88
C ALA V 473 -15.62 13.93 21.25
N VAL V 474 -16.38 13.74 20.17
CA VAL V 474 -16.39 12.48 19.44
C VAL V 474 -16.16 12.76 17.97
N SER V 475 -15.68 11.75 17.26
CA SER V 475 -15.38 11.90 15.84
C SER V 475 -16.68 12.10 15.05
N SER V 476 -16.63 13.03 14.10
CA SER V 476 -17.77 13.33 13.25
C SER V 476 -17.81 12.44 12.01
N ASP V 477 -16.80 11.60 11.81
CA ASP V 477 -16.79 10.72 10.65
C ASP V 477 -17.96 9.74 10.71
N PHE V 478 -18.67 9.61 9.60
CA PHE V 478 -19.86 8.75 9.57
C PHE V 478 -19.51 7.27 9.53
N ARG V 479 -18.28 6.91 9.17
CA ARG V 479 -17.89 5.50 9.18
C ARG V 479 -17.94 4.92 10.59
N ARG V 480 -17.89 5.76 11.62
CA ARG V 480 -17.98 5.28 13.00
C ARG V 480 -19.42 5.04 13.43
N TYR V 481 -20.40 5.52 12.67
CA TYR V 481 -21.81 5.38 13.04
C TYR V 481 -22.59 4.44 12.13
N THR V 482 -22.13 4.21 10.91
CA THR V 482 -22.83 3.32 10.00
C THR V 482 -22.53 1.86 10.31
N PHE Y 3 49.24 -51.98 82.07
CA PHE Y 3 48.50 -51.17 81.11
C PHE Y 3 49.44 -50.52 80.09
N LYS Y 4 49.80 -51.27 79.07
CA LYS Y 4 50.66 -50.74 78.02
C LYS Y 4 49.90 -49.68 77.21
N ALA Y 5 50.58 -48.57 76.93
CA ALA Y 5 50.01 -47.46 76.18
C ALA Y 5 50.82 -47.21 74.92
N HIS Y 6 50.11 -46.96 73.81
CA HIS Y 6 50.74 -46.73 72.53
C HIS Y 6 50.19 -45.45 71.91
N VAL Y 7 51.01 -44.83 71.05
CA VAL Y 7 50.64 -43.61 70.35
C VAL Y 7 50.80 -43.88 68.86
N PHE Y 8 49.68 -44.05 68.17
CA PHE Y 8 49.72 -44.33 66.74
C PHE Y 8 50.19 -43.11 65.95
N ASP Y 9 50.91 -43.36 64.88
CA ASP Y 9 51.20 -42.31 63.91
C ASP Y 9 49.95 -41.97 63.12
N GLU Y 10 49.90 -40.75 62.61
CA GLU Y 10 48.72 -40.30 61.88
C GLU Y 10 48.64 -41.03 60.55
N PRO Y 11 47.52 -41.70 60.25
CA PRO Y 11 47.43 -42.44 58.98
C PRO Y 11 47.57 -41.53 57.77
N MET Y 12 48.25 -42.04 56.75
CA MET Y 12 48.47 -41.29 55.52
C MET Y 12 47.22 -41.35 54.65
N LEU Y 13 47.09 -40.37 53.75
CA LEU Y 13 45.98 -40.29 52.83
C LEU Y 13 46.50 -40.06 51.41
N GLU Y 14 45.72 -40.53 50.43
CA GLU Y 14 46.07 -40.41 49.03
C GLU Y 14 45.25 -39.30 48.38
N PHE Y 15 45.92 -38.45 47.61
CA PHE Y 15 45.30 -37.26 47.03
C PHE Y 15 45.54 -37.21 45.52
N GLY Y 16 45.39 -38.34 44.84
CA GLY Y 16 45.56 -38.34 43.40
C GLY Y 16 47.00 -38.32 42.96
N ASP Y 17 47.30 -38.99 41.85
CA ASP Y 17 48.66 -39.10 41.32
C ASP Y 17 49.61 -39.73 42.35
N GLY Y 18 49.06 -40.52 43.27
CA GLY Y 18 49.85 -41.12 44.32
C GLY Y 18 50.32 -40.15 45.38
N GLY Y 19 49.80 -38.94 45.42
CA GLY Y 19 50.23 -37.98 46.42
C GLY Y 19 49.81 -38.40 47.82
N GLN Y 20 50.63 -38.02 48.79
CA GLN Y 20 50.40 -38.38 50.18
C GLN Y 20 50.58 -37.16 51.08
N HIS Y 21 49.69 -37.06 52.08
CA HIS Y 21 49.79 -36.03 53.10
C HIS Y 21 48.86 -36.41 54.24
N CYS Y 22 49.21 -35.94 55.43
CA CYS Y 22 48.47 -36.29 56.65
C CYS Y 22 47.30 -35.36 56.93
N ASP Y 23 47.11 -34.32 56.10
CA ASP Y 23 46.04 -33.36 56.30
C ASP Y 23 45.26 -33.22 54.99
N PRO Y 24 43.93 -33.38 55.02
CA PRO Y 24 43.16 -33.25 53.76
C PRO Y 24 43.30 -31.89 53.11
N ARG Y 25 43.40 -30.82 53.89
CA ARG Y 25 43.53 -29.48 53.31
C ARG Y 25 44.86 -29.33 52.58
N GLN Y 26 45.96 -29.72 53.22
CA GLN Y 26 47.27 -29.60 52.58
C GLN Y 26 47.43 -30.62 51.47
N GLY Y 27 46.89 -31.83 51.65
CA GLY Y 27 46.97 -32.83 50.61
C GLY Y 27 46.26 -32.41 49.33
N LEU Y 28 45.06 -31.84 49.47
CA LEU Y 28 44.35 -31.31 48.31
C LEU Y 28 45.09 -30.11 47.72
N ARG Y 29 45.75 -29.33 48.58
CA ARG Y 29 46.46 -28.14 48.12
C ARG Y 29 47.61 -28.50 47.18
N GLU Y 30 48.36 -29.55 47.52
CA GLU Y 30 49.55 -29.89 46.75
C GLU Y 30 49.20 -30.72 45.51
N HIS Y 31 48.59 -31.89 45.72
CA HIS Y 31 48.33 -32.81 44.62
C HIS Y 31 46.96 -32.60 44.00
N GLY Y 32 45.93 -32.39 44.82
CA GLY Y 32 44.59 -32.21 44.32
C GLY Y 32 43.67 -33.34 44.72
N PRO Y 33 42.47 -33.38 44.13
CA PRO Y 33 41.53 -34.46 44.45
C PRO Y 33 42.03 -35.81 43.94
N LEU Y 34 41.65 -36.86 44.67
CA LEU Y 34 42.04 -38.22 44.27
C LEU Y 34 41.43 -38.59 42.92
N GLN Y 35 40.15 -38.25 42.72
CA GLN Y 35 39.47 -38.52 41.47
C GLN Y 35 39.24 -37.20 40.75
N PRO Y 36 40.04 -36.87 39.73
CA PRO Y 36 39.84 -35.59 39.04
C PRO Y 36 38.71 -35.66 38.03
N ARG Y 37 37.90 -34.62 38.01
CA ARG Y 37 36.80 -34.54 37.05
C ARG Y 37 37.33 -34.36 35.63
N SER Y 38 36.62 -34.92 34.67
CA SER Y 38 37.00 -34.78 33.27
C SER Y 38 36.95 -33.32 32.84
N GLY Y 39 35.90 -32.61 33.24
CA GLY Y 39 35.76 -31.20 32.93
C GLY Y 39 36.55 -30.33 33.89
N ASP Y 40 36.49 -29.02 33.62
CA ASP Y 40 37.16 -28.03 34.44
C ASP Y 40 36.21 -27.18 35.27
N VAL Y 41 34.89 -27.41 35.15
CA VAL Y 41 33.89 -26.61 35.84
C VAL Y 41 32.90 -27.56 36.51
N ILE Y 42 32.46 -27.18 37.71
CA ILE Y 42 31.44 -27.93 38.45
C ILE Y 42 30.18 -27.07 38.43
N ARG Y 43 29.22 -27.43 37.58
CA ARG Y 43 28.00 -26.67 37.46
C ARG Y 43 27.16 -26.83 38.72
N VAL Y 44 26.98 -25.74 39.46
CA VAL Y 44 26.26 -25.74 40.73
C VAL Y 44 24.95 -25.01 40.53
N GLY Y 45 23.84 -25.66 40.88
CA GLY Y 45 22.54 -25.02 40.84
C GLY Y 45 22.19 -24.39 42.18
N VAL Y 46 21.52 -23.24 42.11
CA VAL Y 46 21.17 -22.47 43.30
C VAL Y 46 19.65 -22.30 43.34
N ILE Y 47 19.06 -22.62 44.47
CA ILE Y 47 17.64 -22.42 44.72
C ILE Y 47 17.48 -21.51 45.94
N GLY Y 48 16.73 -20.43 45.77
CA GLY Y 48 16.54 -19.49 46.85
C GLY Y 48 16.03 -18.17 46.31
N THR Y 49 15.87 -17.22 47.22
CA THR Y 49 15.46 -15.89 46.84
C THR Y 49 16.57 -15.23 46.02
N ASP Y 50 16.21 -14.14 45.33
CA ASP Y 50 17.14 -13.51 44.39
C ASP Y 50 18.38 -12.98 45.10
N ASP Y 51 18.22 -12.39 46.28
CA ASP Y 51 19.38 -11.93 47.03
C ASP Y 51 20.26 -13.10 47.46
N THR Y 52 19.63 -14.19 47.90
CA THR Y 52 20.39 -15.37 48.28
C THR Y 52 21.04 -16.03 47.07
N VAL Y 53 20.31 -16.12 45.96
CA VAL Y 53 20.86 -16.73 44.75
C VAL Y 53 22.04 -15.90 44.24
N ALA Y 54 21.86 -14.59 44.15
CA ALA Y 54 22.96 -13.71 43.74
C ALA Y 54 24.06 -13.68 44.79
N GLY Y 55 23.68 -13.70 46.06
CA GLY Y 55 24.68 -13.66 47.12
C GLY Y 55 25.57 -14.88 47.13
N PHE Y 56 24.97 -16.07 47.03
CA PHE Y 56 25.77 -17.29 47.02
C PHE Y 56 26.54 -17.45 45.73
N THR Y 57 25.96 -16.99 44.61
CA THR Y 57 26.71 -16.99 43.35
C THR Y 57 27.98 -16.17 43.47
N GLU Y 58 27.90 -15.02 44.14
CA GLU Y 58 29.09 -14.21 44.31
C GLU Y 58 30.04 -14.85 45.33
N PHE Y 59 29.50 -15.62 46.27
CA PHE Y 59 30.37 -16.36 47.19
C PHE Y 59 31.29 -17.33 46.45
N LEU Y 60 30.80 -17.96 45.39
CA LEU Y 60 31.66 -18.82 44.59
C LEU Y 60 32.73 -18.03 43.85
N ALA Y 61 32.67 -16.69 43.91
CA ALA Y 61 33.63 -15.85 43.20
C ALA Y 61 34.89 -15.56 44.03
N GLU Y 62 34.73 -15.03 45.25
CA GLU Y 62 35.91 -14.80 46.08
C GLU Y 62 36.61 -16.10 46.43
N THR Y 63 35.82 -17.16 46.66
CA THR Y 63 36.41 -18.48 46.91
C THR Y 63 37.30 -18.91 45.75
N GLY Y 64 36.88 -18.64 44.51
CA GLY Y 64 37.76 -18.83 43.37
C GLY Y 64 38.89 -17.83 43.31
N ARG Y 65 38.65 -16.62 43.82
CA ARG Y 65 39.69 -15.60 43.85
C ARG Y 65 40.60 -15.72 45.07
N GLY Y 66 40.27 -16.58 46.02
CA GLY Y 66 41.07 -16.77 47.20
C GLY Y 66 40.56 -16.01 48.40
N ILE Y 67 40.60 -16.64 49.58
CA ILE Y 67 40.12 -16.04 50.81
C ILE Y 67 41.26 -16.09 51.82
N GLU Y 68 41.61 -14.95 52.39
CA GLU Y 68 42.69 -14.87 53.37
C GLU Y 68 42.29 -15.59 54.66
N SER Y 69 43.27 -16.28 55.26
CA SER Y 69 43.01 -17.13 56.41
C SER Y 69 42.55 -16.31 57.61
N GLY Y 70 41.41 -16.70 58.18
CA GLY Y 70 40.79 -15.95 59.26
C GLY Y 70 41.58 -15.91 60.55
N ASN Y 71 42.62 -16.73 60.66
CA ASN Y 71 43.50 -16.69 61.84
C ASN Y 71 44.91 -17.00 61.34
N LYS Y 72 45.74 -15.96 61.23
CA LYS Y 72 47.10 -16.16 60.75
C LYS Y 72 47.89 -17.06 61.69
N GLN Y 73 47.76 -16.84 63.00
CA GLN Y 73 48.25 -17.81 63.96
C GLN Y 73 47.46 -19.10 63.85
N LEU Y 74 48.11 -20.22 64.13
CA LEU Y 74 47.52 -21.55 63.95
C LEU Y 74 47.03 -21.71 62.51
N ILE Y 75 47.87 -21.31 61.55
CA ILE Y 75 47.47 -21.30 60.15
C ILE Y 75 47.17 -22.70 59.63
N ASN Y 76 47.70 -23.74 60.26
CA ASN Y 76 47.36 -25.09 59.87
C ASN Y 76 45.91 -25.42 60.22
N LEU Y 77 45.43 -24.95 61.37
CA LEU Y 77 44.06 -25.20 61.77
C LEU Y 77 43.08 -24.37 60.95
N ASN Y 78 43.44 -23.13 60.63
CA ASN Y 78 42.58 -22.23 59.88
C ASN Y 78 43.35 -21.70 58.66
N PRO Y 79 43.52 -22.55 57.65
CA PRO Y 79 44.26 -22.12 56.46
C PRO Y 79 43.41 -21.21 55.57
N ASP Y 80 44.10 -20.54 54.66
CA ASP Y 80 43.43 -19.71 53.66
C ASP Y 80 42.91 -20.60 52.54
N PHE Y 81 42.19 -19.98 51.60
CA PHE Y 81 41.72 -20.69 50.42
C PHE Y 81 42.58 -20.31 49.23
N PRO Y 82 43.29 -21.25 48.61
CA PRO Y 82 44.26 -20.88 47.58
C PRO Y 82 43.68 -20.12 46.40
N GLY Y 83 42.45 -20.43 45.98
CA GLY Y 83 41.83 -19.74 44.87
C GLY Y 83 41.85 -20.56 43.59
N LEU Y 84 41.79 -19.84 42.47
CA LEU Y 84 41.69 -20.44 41.14
C LEU Y 84 43.05 -20.70 40.49
N GLY Y 85 44.15 -20.44 41.19
CA GLY Y 85 45.46 -20.67 40.63
C GLY Y 85 45.81 -22.14 40.59
N ASN Y 86 47.11 -22.39 40.34
CA ASN Y 86 47.59 -23.77 40.29
C ASN Y 86 47.51 -24.45 41.66
N GLN Y 87 47.32 -23.68 42.73
CA GLN Y 87 47.19 -24.21 44.07
C GLN Y 87 45.75 -24.59 44.41
N ASN Y 88 44.85 -24.58 43.43
CA ASN Y 88 43.44 -24.84 43.68
C ASN Y 88 43.26 -26.22 44.30
N PRO Y 89 42.56 -26.34 45.43
CA PRO Y 89 42.43 -27.66 46.07
C PRO Y 89 41.65 -28.67 45.25
N PHE Y 90 40.83 -28.23 44.30
CA PHE Y 90 40.00 -29.14 43.52
C PHE Y 90 40.28 -29.10 42.03
N ARG Y 91 41.19 -28.24 41.57
CA ARG Y 91 41.58 -28.14 40.18
C ARG Y 91 40.41 -27.82 39.25
N CYS Y 92 39.31 -27.32 39.81
CA CYS Y 92 38.13 -26.97 39.03
C CYS Y 92 37.53 -25.69 39.60
N LYS Y 93 36.78 -25.00 38.76
CA LYS Y 93 36.12 -23.75 39.15
C LYS Y 93 34.65 -24.00 39.40
N PHE Y 94 34.16 -23.50 40.53
CA PHE Y 94 32.75 -23.62 40.89
C PHE Y 94 32.00 -22.43 40.32
N GLU Y 95 31.32 -22.63 39.19
CA GLU Y 95 30.59 -21.57 38.51
C GLU Y 95 29.16 -22.02 38.31
N VAL Y 96 28.20 -21.20 38.74
CA VAL Y 96 26.80 -21.48 38.45
C VAL Y 96 26.52 -21.05 37.01
N PRO Y 97 25.97 -21.93 36.19
CA PRO Y 97 25.69 -21.56 34.79
C PRO Y 97 24.37 -20.81 34.68
N ASP Y 98 24.20 -20.15 33.55
CA ASP Y 98 22.96 -19.42 33.28
C ASP Y 98 21.80 -20.39 33.14
N GLY Y 99 20.67 -20.03 33.73
CA GLY Y 99 19.50 -20.89 33.70
C GLY Y 99 19.48 -21.98 34.74
N ALA Y 100 20.53 -22.10 35.55
CA ALA Y 100 20.61 -23.12 36.61
C ALA Y 100 20.24 -22.55 37.97
N THR Y 101 19.51 -21.44 38.00
CA THR Y 101 19.09 -20.82 39.25
C THR Y 101 17.58 -20.67 39.23
N VAL Y 102 16.92 -21.23 40.24
CA VAL Y 102 15.48 -21.14 40.38
C VAL Y 102 15.18 -20.27 41.59
N THR Y 103 14.29 -19.31 41.42
CA THR Y 103 14.08 -18.25 42.41
C THR Y 103 12.80 -18.53 43.20
N ILE Y 104 12.91 -18.46 44.52
CA ILE Y 104 11.74 -18.48 45.39
C ILE Y 104 11.20 -17.06 45.50
N SER Y 105 9.97 -16.85 45.05
CA SER Y 105 9.40 -15.51 45.03
C SER Y 105 9.13 -15.03 46.45
N ARG Y 106 8.95 -13.71 46.59
CA ARG Y 106 8.60 -13.15 47.88
C ARG Y 106 7.25 -13.67 48.35
N ARG Y 107 6.31 -13.83 47.42
CA ARG Y 107 5.02 -14.42 47.78
C ARG Y 107 5.19 -15.84 48.29
N GLN Y 108 5.94 -16.68 47.56
CA GLN Y 108 6.08 -18.08 47.92
C GLN Y 108 6.61 -18.25 49.34
N VAL Y 109 7.50 -17.36 49.76
CA VAL Y 109 7.96 -17.37 51.15
C VAL Y 109 6.81 -17.07 52.09
N ASN Y 110 5.91 -16.16 51.69
CA ASN Y 110 4.86 -15.71 52.58
C ASN Y 110 3.82 -16.80 52.85
N ASP Y 111 3.54 -17.66 51.87
CA ASP Y 111 2.66 -18.80 52.15
C ASP Y 111 3.30 -19.73 53.17
N ILE Y 112 4.61 -19.98 53.03
CA ILE Y 112 5.30 -20.87 53.97
C ILE Y 112 5.28 -20.26 55.37
N THR Y 113 5.59 -18.97 55.47
CA THR Y 113 5.58 -18.30 56.77
C THR Y 113 4.15 -18.15 57.30
N GLY Y 114 3.19 -17.94 56.40
CA GLY Y 114 1.81 -17.72 56.81
C GLY Y 114 1.16 -18.92 57.48
N ILE Y 115 1.69 -20.12 57.26
CA ILE Y 115 1.12 -21.31 57.90
C ILE Y 115 1.32 -21.22 59.41
N GLY Y 116 0.27 -21.55 60.15
CA GLY Y 116 0.32 -21.47 61.60
C GLY Y 116 1.14 -22.57 62.24
N ARG Y 117 0.71 -23.82 62.09
CA ARG Y 117 1.44 -24.93 62.69
C ARG Y 117 2.78 -25.13 62.01
N HIS Y 118 3.81 -25.37 62.83
CA HIS Y 118 5.17 -25.50 62.29
C HIS Y 118 5.31 -26.74 61.41
N ASP Y 119 4.70 -27.86 61.82
CA ASP Y 119 4.78 -29.08 61.03
C ASP Y 119 4.12 -28.91 59.68
N GLU Y 120 2.96 -28.24 59.64
CA GLU Y 120 2.28 -27.99 58.38
C GLU Y 120 3.13 -27.09 57.47
N ALA Y 121 3.78 -26.08 58.06
CA ALA Y 121 4.61 -25.17 57.28
C ALA Y 121 5.81 -25.91 56.68
N VAL Y 122 6.45 -26.78 57.46
CA VAL Y 122 7.60 -27.52 56.95
C VAL Y 122 7.18 -28.45 55.81
N ARG Y 123 6.07 -29.16 55.99
CA ARG Y 123 5.58 -30.02 54.93
C ARG Y 123 5.18 -29.21 53.70
N HIS Y 124 4.56 -28.05 53.90
CA HIS Y 124 4.25 -27.18 52.78
C HIS Y 124 5.51 -26.62 52.14
N ALA Y 125 6.59 -26.47 52.92
CA ALA Y 125 7.83 -25.94 52.37
C ALA Y 125 8.54 -26.98 51.50
N VAL Y 126 8.61 -28.22 51.96
CA VAL Y 126 9.32 -29.25 51.20
C VAL Y 126 8.59 -29.55 49.90
N GLU Y 127 7.26 -29.51 49.91
CA GLU Y 127 6.51 -29.68 48.67
C GLU Y 127 6.81 -28.55 47.69
N LEU Y 128 6.93 -27.33 48.21
CA LEU Y 128 7.28 -26.20 47.35
C LEU Y 128 8.69 -26.33 46.80
N ILE Y 129 9.65 -26.64 47.68
CA ILE Y 129 11.04 -26.74 47.25
C ILE Y 129 11.23 -27.89 46.28
N SER Y 130 10.61 -29.04 46.57
CA SER Y 130 10.73 -30.19 45.68
C SER Y 130 10.14 -29.90 44.30
N SER Y 131 9.17 -29.00 44.21
CA SER Y 131 8.65 -28.60 42.90
C SER Y 131 9.70 -27.84 42.11
N GLN Y 132 10.39 -26.90 42.76
CA GLN Y 132 11.46 -26.18 42.09
C GLN Y 132 12.68 -27.07 41.85
N LEU Y 133 12.92 -28.02 42.76
CA LEU Y 133 14.00 -28.98 42.55
C LEU Y 133 13.76 -29.83 41.31
N SER Y 134 12.52 -30.29 41.13
CA SER Y 134 12.18 -31.06 39.93
C SER Y 134 12.31 -30.20 38.67
N ALA Y 135 11.90 -28.93 38.76
CA ALA Y 135 12.02 -28.04 37.61
C ALA Y 135 13.48 -27.81 37.23
N LEU Y 136 14.36 -27.67 38.21
CA LEU Y 136 15.77 -27.43 37.93
C LEU Y 136 16.41 -28.63 37.25
N VAL Y 137 16.05 -29.84 37.68
CA VAL Y 137 16.68 -31.03 37.11
C VAL Y 137 16.01 -31.47 35.80
N GLU Y 138 14.77 -31.03 35.55
CA GLU Y 138 14.11 -31.40 34.30
C GLU Y 138 14.62 -30.56 33.13
N GLY Y 139 15.02 -29.32 33.39
CA GLY Y 139 15.40 -28.41 32.33
C GLY Y 139 16.77 -28.71 31.77
N SER Y 140 17.23 -27.79 30.92
CA SER Y 140 18.51 -27.92 30.23
C SER Y 140 19.69 -27.45 31.06
N ALA Y 141 19.45 -26.97 32.29
CA ALA Y 141 20.54 -26.50 33.13
C ALA Y 141 21.51 -27.62 33.47
N LYS Y 142 20.98 -28.78 33.85
CA LYS Y 142 21.77 -29.95 34.19
C LYS Y 142 22.85 -29.65 35.25
N PRO Y 143 22.44 -29.24 36.45
CA PRO Y 143 23.44 -28.96 37.50
C PRO Y 143 24.07 -30.24 38.01
N ASP Y 144 25.37 -30.13 38.35
CA ASP Y 144 26.06 -31.25 38.97
C ASP Y 144 25.67 -31.41 40.43
N VAL Y 145 25.47 -30.30 41.14
CA VAL Y 145 25.00 -30.31 42.51
C VAL Y 145 24.15 -29.07 42.72
N ILE Y 146 23.09 -29.19 43.50
CA ILE Y 146 22.13 -28.11 43.71
C ILE Y 146 22.29 -27.59 45.12
N VAL Y 147 22.42 -26.27 45.25
CA VAL Y 147 22.58 -25.61 46.54
C VAL Y 147 21.30 -24.85 46.86
N LEU Y 148 20.74 -25.12 48.04
CA LEU Y 148 19.53 -24.44 48.50
C LEU Y 148 19.96 -23.32 49.45
N ALA Y 149 19.91 -22.08 48.95
CA ALA Y 149 20.27 -20.91 49.76
C ALA Y 149 19.02 -20.40 50.44
N LEU Y 150 18.76 -20.93 51.64
CA LEU Y 150 17.56 -20.57 52.38
C LEU Y 150 17.63 -19.10 52.81
N PRO Y 151 16.59 -18.31 52.57
CA PRO Y 151 16.58 -16.93 53.07
C PRO Y 151 16.38 -16.89 54.57
N ILE Y 152 16.72 -15.73 55.15
CA ILE Y 152 16.59 -15.55 56.60
C ILE Y 152 15.17 -15.74 57.09
N PRO Y 153 14.13 -15.16 56.45
CA PRO Y 153 12.77 -15.40 56.94
C PRO Y 153 12.36 -16.86 56.93
N LEU Y 154 12.81 -17.64 55.94
CA LEU Y 154 12.49 -19.06 55.92
C LEU Y 154 13.18 -19.80 57.06
N ILE Y 155 14.43 -19.44 57.36
CA ILE Y 155 15.15 -20.08 58.45
C ILE Y 155 14.48 -19.75 59.78
N GLU Y 156 14.12 -18.48 59.99
CA GLU Y 156 13.48 -18.09 61.24
C GLU Y 156 12.14 -18.78 61.45
N LYS Y 157 11.50 -19.27 60.39
CA LYS Y 157 10.22 -19.94 60.49
C LYS Y 157 10.32 -21.46 60.48
N LEU Y 158 11.25 -22.01 59.70
CA LEU Y 158 11.33 -23.46 59.56
C LEU Y 158 12.11 -24.10 60.69
N VAL Y 159 13.29 -23.57 61.02
CA VAL Y 159 14.13 -24.18 62.05
C VAL Y 159 13.95 -23.53 63.41
N ASN Y 160 13.35 -22.35 63.49
CA ASN Y 160 13.01 -21.70 64.75
C ASN Y 160 11.49 -21.65 64.90
N ALA Y 161 11.04 -21.05 66.01
CA ALA Y 161 9.61 -20.95 66.27
C ALA Y 161 8.92 -20.08 65.23
N LYS Y 162 9.44 -18.87 65.02
CA LYS Y 162 8.88 -17.95 64.03
C LYS Y 162 9.84 -16.79 63.79
N ASP Y 176 9.11 -32.86 69.31
CA ASP Y 176 9.16 -33.81 68.20
C ASP Y 176 8.76 -33.14 66.89
N MET Y 177 9.02 -31.84 66.78
CA MET Y 177 8.68 -31.10 65.58
C MET Y 177 9.50 -31.60 64.39
N LEU Y 178 8.87 -31.59 63.22
CA LEU Y 178 9.52 -32.07 62.01
C LEU Y 178 10.75 -31.22 61.68
N ASN Y 179 11.83 -31.89 61.30
CA ASN Y 179 13.06 -31.22 60.91
C ASN Y 179 13.03 -31.00 59.40
N PHE Y 180 13.17 -29.73 59.00
CA PHE Y 180 13.02 -29.39 57.57
C PHE Y 180 14.11 -30.05 56.73
N ARG Y 181 15.35 -30.04 57.20
CA ARG Y 181 16.45 -30.58 56.40
C ARG Y 181 16.27 -32.05 56.13
N ASP Y 182 16.06 -32.85 57.17
CA ASP Y 182 15.96 -34.29 57.02
C ASP Y 182 14.76 -34.69 56.17
N LEU Y 183 13.62 -34.01 56.38
CA LEU Y 183 12.45 -34.28 55.56
C LEU Y 183 12.71 -33.92 54.10
N LEU Y 184 13.40 -32.81 53.86
CA LEU Y 184 13.68 -32.40 52.48
C LEU Y 184 14.60 -33.40 51.79
N LYS Y 185 15.70 -33.78 52.44
CA LYS Y 185 16.63 -34.73 51.83
C LYS Y 185 16.01 -36.11 51.66
N ALA Y 186 14.93 -36.40 52.39
CA ALA Y 186 14.23 -37.68 52.24
C ALA Y 186 13.14 -37.64 51.18
N LYS Y 187 12.48 -36.50 51.02
CA LYS Y 187 11.43 -36.37 50.02
C LYS Y 187 11.95 -36.09 48.62
N THR Y 188 13.25 -35.86 48.47
CA THR Y 188 13.88 -35.66 47.16
C THR Y 188 14.94 -36.72 46.89
N LEU Y 189 14.78 -37.90 47.48
CA LEU Y 189 15.72 -39.00 47.24
C LEU Y 189 15.54 -39.64 45.87
N HIS Y 190 14.46 -39.31 45.15
CA HIS Y 190 14.27 -39.82 43.80
C HIS Y 190 14.92 -38.94 42.74
N LEU Y 191 15.16 -37.67 43.06
CA LEU Y 191 15.82 -36.78 42.12
C LEU Y 191 17.29 -37.20 41.97
N PRO Y 192 17.87 -37.05 40.77
CA PRO Y 192 19.24 -37.57 40.56
C PRO Y 192 20.33 -36.68 41.10
N VAL Y 193 20.09 -35.39 41.29
CA VAL Y 193 21.12 -34.43 41.68
C VAL Y 193 21.10 -34.26 43.19
N PRO Y 194 22.22 -34.46 43.88
CA PRO Y 194 22.24 -34.22 45.33
C PRO Y 194 22.08 -32.75 45.66
N THR Y 195 21.51 -32.49 46.84
CA THR Y 195 21.22 -31.13 47.29
C THR Y 195 22.03 -30.82 48.53
N GLN Y 196 22.53 -29.58 48.61
CA GLN Y 196 23.26 -29.08 49.76
C GLN Y 196 22.60 -27.81 50.25
N ILE Y 197 22.35 -27.73 51.56
CA ILE Y 197 21.68 -26.59 52.18
C ILE Y 197 22.73 -25.63 52.69
N VAL Y 198 22.58 -24.36 52.36
CA VAL Y 198 23.50 -23.30 52.78
C VAL Y 198 22.70 -22.15 53.37
N TRP Y 199 23.12 -21.69 54.54
CA TRP Y 199 22.53 -20.54 55.19
C TRP Y 199 23.27 -19.26 54.82
N PRO Y 200 22.60 -18.10 54.89
CA PRO Y 200 23.28 -16.84 54.51
C PRO Y 200 24.48 -16.51 55.38
N ASP Y 201 24.57 -17.07 56.59
CA ASP Y 201 25.75 -16.83 57.42
C ASP Y 201 27.01 -17.41 56.77
N THR Y 202 26.86 -18.54 56.08
CA THR Y 202 28.03 -19.19 55.49
C THR Y 202 28.66 -18.33 54.40
N TRP Y 203 27.86 -17.71 53.54
CA TRP Y 203 28.38 -16.96 52.41
C TRP Y 203 28.33 -15.45 52.59
N ASP Y 204 27.99 -14.98 53.79
CA ASP Y 204 27.97 -13.54 54.04
C ASP Y 204 28.15 -13.31 55.54
N ASP Y 205 29.29 -12.75 55.93
CA ASP Y 205 29.56 -12.49 57.34
C ASP Y 205 28.65 -11.41 57.91
N ALA Y 206 28.12 -10.52 57.07
CA ALA Y 206 27.25 -9.47 57.57
C ALA Y 206 25.95 -10.03 58.14
N ALA Y 207 25.39 -11.03 57.49
CA ALA Y 207 24.10 -11.57 57.91
C ALA Y 207 24.23 -12.27 59.27
N LYS Y 208 23.22 -12.05 60.11
CA LYS Y 208 23.15 -12.67 61.43
C LYS Y 208 21.82 -13.40 61.56
N ILE Y 209 21.87 -14.65 62.00
CA ILE Y 209 20.69 -15.49 62.17
C ILE Y 209 20.47 -15.70 63.66
N PRO Y 210 19.38 -15.21 64.23
CA PRO Y 210 19.11 -15.43 65.66
C PRO Y 210 18.85 -16.89 65.96
N ARG Y 211 19.13 -17.28 67.20
CA ARG Y 211 18.98 -18.66 67.64
C ARG Y 211 17.53 -18.98 67.98
N LYS Y 212 17.26 -20.27 68.22
CA LYS Y 212 15.89 -20.71 68.47
C LYS Y 212 15.42 -20.30 69.86
N ILE Y 213 16.09 -20.79 70.91
CA ILE Y 213 15.68 -20.47 72.27
C ILE Y 213 16.27 -19.14 72.71
N LYS Y 214 17.60 -19.04 72.70
CA LYS Y 214 18.29 -17.80 73.05
C LYS Y 214 18.17 -16.84 71.87
N ARG Y 215 17.01 -16.19 71.78
CA ARG Y 215 16.72 -15.30 70.66
C ARG Y 215 17.66 -14.10 70.62
N ASP Y 216 18.27 -13.74 71.75
CA ASP Y 216 19.18 -12.61 71.77
C ASP Y 216 20.51 -12.94 71.12
N SER Y 217 20.89 -14.22 71.13
CA SER Y 217 22.21 -14.63 70.65
C SER Y 217 22.14 -15.10 69.21
N ASN Y 218 23.05 -14.58 68.38
CA ASN Y 218 23.20 -15.05 67.02
C ASN Y 218 24.16 -16.23 66.99
N ARG Y 219 23.91 -17.17 66.08
CA ARG Y 219 24.77 -18.32 65.96
C ARG Y 219 26.16 -17.90 65.49
N GLN Y 220 27.17 -18.61 65.98
CA GLN Y 220 28.56 -18.31 65.67
C GLN Y 220 29.10 -19.32 64.68
N THR Y 221 29.71 -18.81 63.60
CA THR Y 221 30.29 -19.63 62.56
C THR Y 221 31.80 -19.42 62.51
N GLN Y 222 32.49 -20.34 61.85
CA GLN Y 222 33.92 -20.21 61.69
C GLN Y 222 34.25 -19.10 60.71
N VAL Y 223 35.56 -18.83 60.57
CA VAL Y 223 36.00 -17.83 59.60
C VAL Y 223 35.65 -18.29 58.18
N LYS Y 224 35.55 -17.31 57.28
CA LYS Y 224 35.10 -17.61 55.92
C LYS Y 224 36.04 -18.56 55.20
N ALA Y 225 37.33 -18.51 55.53
CA ALA Y 225 38.31 -19.37 54.86
C ALA Y 225 38.03 -20.84 55.13
N THR Y 226 37.74 -21.19 56.38
CA THR Y 226 37.44 -22.58 56.70
C THR Y 226 36.05 -22.98 56.24
N ARG Y 227 35.10 -22.04 56.26
CA ARG Y 227 33.75 -22.35 55.76
C ARG Y 227 33.78 -22.71 54.28
N ALA Y 228 34.54 -21.95 53.49
CA ALA Y 228 34.67 -22.29 52.08
C ALA Y 228 35.40 -23.60 51.88
N TRP Y 229 36.30 -23.96 52.80
CA TRP Y 229 37.00 -25.24 52.69
C TRP Y 229 36.03 -26.41 52.88
N ASN Y 230 35.21 -26.36 53.92
CA ASN Y 230 34.29 -27.46 54.19
C ASN Y 230 33.15 -27.48 53.18
N LEU Y 231 32.58 -26.32 52.85
CA LEU Y 231 31.43 -26.27 51.96
C LEU Y 231 31.80 -26.75 50.55
N LEU Y 232 32.94 -26.32 50.03
CA LEU Y 232 33.33 -26.73 48.69
C LEU Y 232 33.73 -28.19 48.64
N ASN Y 233 34.29 -28.72 49.73
CA ASN Y 233 34.62 -30.14 49.77
C ASN Y 233 33.37 -31.00 49.63
N ALA Y 234 32.30 -30.62 50.31
CA ALA Y 234 31.03 -31.33 50.15
C ALA Y 234 30.49 -31.15 48.73
N LEU Y 235 30.60 -29.94 48.18
CA LEU Y 235 30.12 -29.71 46.82
C LEU Y 235 30.90 -30.55 45.81
N PHE Y 236 32.22 -30.64 45.97
CA PHE Y 236 33.00 -31.50 45.09
C PHE Y 236 32.64 -32.97 45.27
N TYR Y 237 32.47 -33.41 46.52
CA TYR Y 237 32.13 -34.81 46.77
C TYR Y 237 30.73 -35.12 46.25
N LYS Y 238 29.76 -34.24 46.51
CA LYS Y 238 28.41 -34.46 46.03
C LYS Y 238 28.30 -34.36 44.51
N ALA Y 239 29.28 -33.72 43.87
CA ALA Y 239 29.30 -33.66 42.41
C ALA Y 239 29.57 -35.01 41.76
N GLY Y 240 30.11 -35.98 42.50
CA GLY Y 240 30.31 -37.31 41.97
C GLY Y 240 31.65 -37.94 42.29
N LYS Y 241 32.69 -37.13 42.42
CA LYS Y 241 34.05 -37.64 42.62
C LYS Y 241 34.43 -37.62 44.09
N VAL Y 242 35.43 -38.42 44.42
CA VAL Y 242 35.91 -38.56 45.79
C VAL Y 242 37.15 -37.68 45.96
N PRO Y 243 37.17 -36.78 46.96
CA PRO Y 243 38.33 -35.90 47.12
C PRO Y 243 39.60 -36.62 47.53
N TRP Y 244 39.52 -37.45 48.57
CA TRP Y 244 40.69 -38.15 49.07
C TRP Y 244 40.28 -39.51 49.64
N ARG Y 245 41.27 -40.39 49.76
CA ARG Y 245 41.05 -41.73 50.28
C ARG Y 245 42.21 -42.09 51.19
N LEU Y 246 41.93 -42.94 52.18
CA LEU Y 246 42.98 -43.46 53.05
C LEU Y 246 44.03 -44.19 52.24
N LEU Y 247 45.30 -43.92 52.54
CA LEU Y 247 46.38 -44.58 51.82
C LEU Y 247 46.46 -46.04 52.27
N PRO Y 248 46.31 -47.00 51.35
CA PRO Y 248 46.41 -48.41 51.76
C PRO Y 248 47.86 -48.83 51.92
N ASP Y 249 48.15 -49.53 53.02
CA ASP Y 249 49.47 -50.13 53.18
C ASP Y 249 49.64 -51.24 52.16
N GLN Y 250 50.90 -51.50 51.79
CA GLN Y 250 51.18 -52.40 50.67
C GLN Y 250 50.62 -53.80 50.93
N ALA Y 251 50.78 -54.32 52.14
CA ALA Y 251 50.35 -55.68 52.48
C ALA Y 251 49.27 -55.60 53.57
N GLU Y 252 48.02 -55.44 53.15
CA GLU Y 252 46.88 -55.58 54.03
C GLU Y 252 45.83 -56.47 53.38
N TYR Y 253 45.08 -57.18 54.22
CA TYR Y 253 43.95 -57.95 53.73
C TYR Y 253 42.89 -57.00 53.19
N ARG Y 254 42.22 -57.41 52.11
CA ARG Y 254 41.20 -56.57 51.50
C ARG Y 254 39.93 -56.69 52.32
N THR Y 255 39.59 -55.64 53.05
CA THR Y 255 38.52 -55.66 54.04
C THR Y 255 37.36 -54.78 53.60
N SER Y 256 36.26 -54.91 54.34
CA SER Y 256 35.09 -54.06 54.17
C SER Y 256 34.54 -53.74 55.56
N PHE Y 257 34.34 -52.46 55.84
CA PHE Y 257 33.85 -52.02 57.13
C PHE Y 257 32.34 -51.81 57.08
N LEU Y 258 31.63 -52.43 58.01
CA LEU Y 258 30.18 -52.36 58.08
C LEU Y 258 29.78 -51.73 59.40
N GLY Y 259 29.51 -50.43 59.37
CA GLY Y 259 29.04 -49.74 60.55
C GLY Y 259 27.53 -49.85 60.70
N ILE Y 260 27.09 -50.17 61.92
CA ILE Y 260 25.67 -50.37 62.22
C ILE Y 260 25.26 -49.34 63.25
N GLY Y 261 24.17 -48.62 62.96
CA GLY Y 261 23.61 -47.64 63.88
C GLY Y 261 22.11 -47.81 63.99
N PHE Y 262 21.53 -47.06 64.92
CA PHE Y 262 20.11 -47.11 65.18
C PHE Y 262 19.54 -45.70 65.26
N TYR Y 263 18.28 -45.57 64.85
CA TYR Y 263 17.60 -44.28 64.85
C TYR Y 263 16.17 -44.45 65.33
N ARG Y 264 15.66 -43.42 65.99
CA ARG Y 264 14.29 -43.44 66.48
C ARG Y 264 13.29 -43.37 65.33
N ASP Y 265 12.21 -44.12 65.44
CA ASP Y 265 11.13 -44.04 64.47
C ASP Y 265 10.37 -42.73 64.64
N LEU Y 266 9.57 -42.38 63.62
CA LEU Y 266 8.80 -41.14 63.67
C LEU Y 266 7.78 -41.13 64.79
N ASP Y 267 7.35 -42.31 65.26
CA ASP Y 267 6.43 -42.36 66.40
C ASP Y 267 7.10 -41.90 67.69
N GLY Y 268 8.43 -41.98 67.78
CA GLY Y 268 9.16 -41.53 68.94
C GLY Y 268 9.63 -42.62 69.87
N GLN Y 269 9.14 -43.85 69.71
CA GLN Y 269 9.48 -44.94 70.61
C GLN Y 269 10.28 -46.04 69.92
N GLN Y 270 9.77 -46.59 68.81
CA GLN Y 270 10.43 -47.72 68.16
C GLN Y 270 11.76 -47.31 67.55
N LEU Y 271 12.67 -48.28 67.46
CA LEU Y 271 14.00 -48.07 66.92
C LEU Y 271 14.21 -48.96 65.70
N TRP Y 272 14.72 -48.38 64.62
CA TRP Y 272 15.17 -49.13 63.47
C TRP Y 272 16.69 -49.16 63.44
N THR Y 273 17.23 -50.01 62.57
CA THR Y 273 18.68 -50.15 62.42
C THR Y 273 19.10 -49.67 61.03
N SER Y 274 20.03 -48.73 61.00
CA SER Y 274 20.57 -48.18 59.77
C SER Y 274 22.05 -48.53 59.67
N THR Y 275 22.47 -48.95 58.49
CA THR Y 275 23.83 -49.46 58.27
C THR Y 275 24.56 -48.61 57.25
N ALA Y 276 25.87 -48.52 57.43
CA ALA Y 276 26.76 -47.87 56.47
C ALA Y 276 27.95 -48.77 56.20
N GLN Y 277 28.30 -48.92 54.93
CA GLN Y 277 29.38 -49.81 54.52
C GLN Y 277 30.44 -49.01 53.77
N MET Y 278 31.69 -49.27 54.12
CA MET Y 278 32.83 -48.65 53.45
C MET Y 278 33.81 -49.72 52.99
N PHE Y 279 34.23 -49.64 51.74
CA PHE Y 279 35.24 -50.55 51.22
C PHE Y 279 35.91 -49.89 50.03
N ASP Y 280 37.20 -50.18 49.85
CA ASP Y 280 37.93 -49.64 48.72
C ASP Y 280 37.50 -50.29 47.42
N GLU Y 281 37.37 -49.49 46.37
CA GLU Y 281 37.07 -50.02 45.06
C GLU Y 281 38.30 -50.75 44.50
N ARG Y 282 38.10 -51.42 43.37
CA ARG Y 282 39.21 -52.13 42.73
C ARG Y 282 40.31 -51.17 42.34
N GLY Y 283 39.95 -50.03 41.78
CA GLY Y 283 40.91 -48.99 41.44
C GLY Y 283 41.02 -47.97 42.55
N ARG Y 284 41.50 -46.77 42.16
CA ARG Y 284 41.63 -45.67 43.12
C ARG Y 284 40.28 -45.09 43.45
N GLY Y 285 39.66 -45.58 44.52
CA GLY Y 285 38.36 -45.08 44.93
C GLY Y 285 37.96 -45.67 46.27
N LEU Y 286 36.86 -45.15 46.81
CA LEU Y 286 36.34 -45.58 48.10
C LEU Y 286 34.83 -45.48 48.06
N ILE Y 287 34.15 -46.60 48.23
CA ILE Y 287 32.69 -46.66 48.13
C ILE Y 287 32.12 -46.60 49.54
N LEU Y 288 31.13 -45.72 49.74
CA LEU Y 288 30.44 -45.58 51.02
C LEU Y 288 28.94 -45.71 50.76
N ARG Y 289 28.38 -46.86 51.10
CA ARG Y 289 26.97 -47.13 50.90
C ARG Y 289 26.20 -46.98 52.21
N GLY Y 290 25.04 -46.32 52.13
CA GLY Y 290 24.13 -46.21 53.25
C GLY Y 290 22.87 -47.02 52.97
N ALA Y 291 22.62 -47.99 53.83
CA ALA Y 291 21.51 -48.92 53.62
C ALA Y 291 20.74 -49.10 54.92
N ARG Y 292 19.48 -49.48 54.78
CA ARG Y 292 18.59 -49.76 55.89
C ARG Y 292 18.22 -51.24 55.86
N ALA Y 293 18.08 -51.83 57.03
CA ALA Y 293 17.71 -53.24 57.12
C ALA Y 293 16.34 -53.48 56.49
N GLN Y 294 16.22 -54.60 55.79
CA GLN Y 294 14.98 -54.97 55.10
C GLN Y 294 14.02 -55.75 55.99
N THR Y 295 14.11 -55.58 57.30
CA THR Y 295 13.36 -56.40 58.25
C THR Y 295 12.23 -55.62 58.90
N GLU Y 296 11.06 -56.25 58.97
CA GLU Y 296 9.97 -55.75 59.80
C GLU Y 296 9.94 -56.52 61.12
N THR Y 297 11.04 -56.38 61.86
CA THR Y 297 11.18 -56.95 63.20
C THR Y 297 11.18 -55.79 64.18
N ARG Y 298 10.02 -55.48 64.74
CA ARG Y 298 9.85 -54.26 65.52
C ARG Y 298 10.43 -54.44 66.91
N GLY Y 299 10.23 -53.44 67.77
CA GLY Y 299 10.80 -53.46 69.11
C GLY Y 299 11.67 -52.24 69.35
N ARG Y 300 11.79 -51.84 70.61
CA ARG Y 300 12.60 -50.70 71.00
C ARG Y 300 14.01 -51.10 71.39
N HIS Y 301 14.43 -52.31 71.06
CA HIS Y 301 15.74 -52.80 71.46
C HIS Y 301 16.83 -52.06 70.68
N PRO Y 302 17.85 -51.54 71.35
CA PRO Y 302 18.95 -50.88 70.62
C PRO Y 302 19.99 -51.86 70.11
N TYR Y 303 19.65 -53.14 70.09
CA TYR Y 303 20.54 -54.17 69.56
C TYR Y 303 19.87 -54.84 68.35
N LEU Y 304 20.52 -55.88 67.85
CA LEU Y 304 20.10 -56.54 66.62
C LEU Y 304 19.62 -57.95 66.91
N THR Y 305 18.53 -58.34 66.25
CA THR Y 305 18.02 -59.70 66.36
C THR Y 305 18.99 -60.69 65.71
N ALA Y 306 19.04 -61.90 66.26
CA ALA Y 306 19.96 -62.91 65.76
C ALA Y 306 19.66 -63.26 64.31
N LYS Y 307 18.39 -63.40 63.96
CA LYS Y 307 18.02 -63.78 62.60
C LYS Y 307 18.43 -62.72 61.59
N ASP Y 308 18.25 -61.44 61.93
CA ASP Y 308 18.42 -60.39 60.93
C ASP Y 308 19.82 -59.80 60.95
N ALA Y 309 20.64 -60.13 61.95
CA ALA Y 309 22.05 -59.80 61.88
C ALA Y 309 22.71 -60.52 60.72
N GLU Y 310 22.33 -61.77 60.49
CA GLU Y 310 22.78 -62.50 59.30
C GLU Y 310 22.29 -61.82 58.03
N ASP Y 311 21.06 -61.30 58.05
CA ASP Y 311 20.53 -60.61 56.88
C ASP Y 311 21.34 -59.37 56.55
N LEU Y 312 21.84 -58.66 57.57
CA LEU Y 312 22.67 -57.49 57.32
C LEU Y 312 23.98 -57.86 56.64
N VAL Y 313 24.61 -58.96 57.09
CA VAL Y 313 25.92 -59.32 56.57
C VAL Y 313 25.83 -59.80 55.13
N VAL Y 314 24.81 -60.60 54.81
CA VAL Y 314 24.68 -61.13 53.46
C VAL Y 314 24.43 -60.01 52.45
N GLN Y 315 23.68 -58.98 52.86
CA GLN Y 315 23.52 -57.82 51.99
C GLN Y 315 24.82 -57.04 51.87
N SER Y 316 25.56 -56.90 52.97
CA SER Y 316 26.83 -56.19 52.93
C SER Y 316 27.85 -56.93 52.06
N ILE Y 317 27.90 -58.26 52.17
CA ILE Y 317 28.83 -59.03 51.34
C ILE Y 317 28.45 -58.92 49.87
N ALA Y 318 27.15 -59.04 49.56
CA ALA Y 318 26.71 -58.94 48.18
C ALA Y 318 27.02 -57.58 47.59
N ALA Y 319 26.83 -56.52 48.38
CA ALA Y 319 27.19 -55.18 47.92
C ALA Y 319 28.67 -55.07 47.65
N TYR Y 320 29.50 -55.64 48.54
CA TYR Y 320 30.94 -55.68 48.29
C TYR Y 320 31.26 -56.56 47.10
N LYS Y 321 30.60 -57.72 47.00
CA LYS Y 321 30.90 -58.65 45.90
C LYS Y 321 30.49 -58.07 44.56
N ALA Y 322 29.54 -57.13 44.54
CA ALA Y 322 29.15 -56.49 43.29
C ALA Y 322 30.26 -55.61 42.72
N HIS Y 323 31.23 -55.21 43.55
CA HIS Y 323 32.32 -54.35 43.10
C HIS Y 323 33.62 -55.11 42.88
N HIS Y 324 33.89 -56.14 43.66
CA HIS Y 324 35.13 -56.89 43.55
C HIS Y 324 34.97 -58.27 42.93
N ARG Y 325 33.74 -58.75 42.79
CA ARG Y 325 33.43 -60.08 42.26
C ARG Y 325 34.09 -61.19 43.07
N HIS Y 326 34.36 -60.94 44.35
CA HIS Y 326 34.89 -61.95 45.25
C HIS Y 326 34.48 -61.61 46.67
N VAL Y 327 34.35 -62.63 47.50
CA VAL Y 327 33.96 -62.43 48.90
C VAL Y 327 35.10 -61.71 49.62
N PRO Y 328 34.82 -60.73 50.48
CA PRO Y 328 35.90 -60.01 51.15
C PRO Y 328 36.68 -60.91 52.10
N ALA Y 329 37.97 -60.60 52.25
CA ALA Y 329 38.84 -61.41 53.11
C ALA Y 329 38.49 -61.22 54.58
N ARG Y 330 38.31 -59.97 55.01
CA ARG Y 330 37.99 -59.66 56.40
C ARG Y 330 36.82 -58.70 56.45
N LEU Y 331 35.92 -58.93 57.41
CA LEU Y 331 34.78 -58.06 57.65
C LEU Y 331 34.90 -57.47 59.05
N VAL Y 332 34.84 -56.15 59.14
CA VAL Y 332 34.89 -55.44 60.41
C VAL Y 332 33.54 -54.78 60.63
N VAL Y 333 32.88 -55.16 61.73
CA VAL Y 333 31.55 -54.66 62.06
C VAL Y 333 31.67 -53.76 63.29
N LEU Y 334 31.18 -52.53 63.17
CA LEU Y 334 31.25 -51.54 64.24
C LEU Y 334 29.82 -51.10 64.58
N LYS Y 335 29.37 -51.49 65.76
CA LYS Y 335 28.04 -51.11 66.24
C LYS Y 335 28.15 -49.98 67.27
N THR Y 336 27.00 -49.39 67.59
CA THR Y 336 26.91 -48.38 68.61
C THR Y 336 26.55 -48.96 69.98
N SER Y 337 26.16 -50.23 70.04
CA SER Y 337 25.76 -50.87 71.28
C SER Y 337 26.54 -52.18 71.43
N ARG Y 338 26.57 -52.67 72.67
CA ARG Y 338 27.33 -53.88 72.97
C ARG Y 338 26.82 -55.06 72.15
N PHE Y 339 27.77 -55.85 71.63
CA PHE Y 339 27.42 -56.99 70.78
C PHE Y 339 26.82 -58.09 71.64
N ARG Y 340 25.53 -58.34 71.46
CA ARG Y 340 24.85 -59.39 72.22
C ARG Y 340 25.22 -60.76 71.67
N SER Y 341 25.01 -61.78 72.51
CA SER Y 341 25.38 -63.14 72.13
C SER Y 341 24.55 -63.62 70.94
N GLU Y 342 23.25 -63.31 70.92
CA GLU Y 342 22.40 -63.78 69.84
C GLU Y 342 22.82 -63.20 68.50
N GLU Y 343 23.06 -61.89 68.45
CA GLU Y 343 23.46 -61.27 67.20
C GLU Y 343 24.89 -61.62 66.80
N ALA Y 344 25.73 -62.00 67.77
CA ALA Y 344 27.04 -62.51 67.42
C ALA Y 344 26.95 -63.83 66.67
N GLU Y 345 26.03 -64.70 67.09
CA GLU Y 345 25.80 -65.95 66.37
C GLU Y 345 25.25 -65.68 64.97
N GLY Y 346 24.33 -64.72 64.84
CA GLY Y 346 23.74 -64.44 63.55
C GLY Y 346 24.75 -63.96 62.53
N ILE Y 347 25.66 -63.07 62.95
CA ILE Y 347 26.70 -62.59 62.03
C ILE Y 347 27.58 -63.75 61.59
N ASP Y 348 27.97 -64.61 62.53
CA ASP Y 348 28.82 -65.76 62.18
C ASP Y 348 28.10 -66.70 61.22
N ALA Y 349 26.78 -66.83 61.34
CA ALA Y 349 26.03 -67.69 60.42
C ALA Y 349 26.13 -67.20 58.99
N ALA Y 350 26.02 -65.88 58.79
CA ALA Y 350 26.12 -65.32 57.45
C ALA Y 350 27.53 -65.50 56.88
N LEU Y 351 28.55 -65.31 57.71
CA LEU Y 351 29.93 -65.46 57.24
C LEU Y 351 30.23 -66.90 56.85
N GLY Y 352 29.61 -67.87 57.53
CA GLY Y 352 29.80 -69.26 57.15
C GLY Y 352 29.24 -69.56 55.76
N LYS Y 353 28.10 -68.96 55.43
CA LYS Y 353 27.53 -69.15 54.10
C LYS Y 353 28.45 -68.59 53.02
N SER Y 354 29.00 -67.41 53.24
CA SER Y 354 29.89 -66.79 52.27
C SER Y 354 31.34 -67.23 52.41
N GLY Y 355 31.68 -67.96 53.46
CA GLY Y 355 33.03 -68.45 53.66
C GLY Y 355 34.08 -67.37 53.88
N ILE Y 356 33.77 -66.38 54.71
CA ILE Y 356 34.75 -65.35 55.05
C ILE Y 356 35.67 -65.89 56.14
N GLU Y 357 36.97 -65.64 55.97
CA GLU Y 357 37.95 -66.19 56.91
C GLU Y 357 37.84 -65.53 58.28
N MET Y 358 38.01 -64.21 58.34
CA MET Y 358 38.10 -63.50 59.61
C MET Y 358 36.99 -62.46 59.71
N SER Y 359 36.41 -62.34 60.91
CA SER Y 359 35.37 -61.38 61.19
C SER Y 359 35.67 -60.66 62.50
N ASP Y 360 35.53 -59.34 62.49
CA ASP Y 360 35.80 -58.50 63.65
C ASP Y 360 34.51 -57.80 64.06
N LEU Y 361 34.13 -57.96 65.33
CA LEU Y 361 32.97 -57.30 65.89
C LEU Y 361 33.41 -56.32 66.97
N VAL Y 362 33.03 -55.06 66.83
CA VAL Y 362 33.49 -54.00 67.70
C VAL Y 362 32.30 -53.17 68.16
N TRP Y 363 32.22 -52.90 69.46
CA TRP Y 363 31.29 -51.93 70.01
C TRP Y 363 32.06 -50.67 70.36
N VAL Y 364 31.71 -49.56 69.73
CA VAL Y 364 32.40 -48.28 69.91
C VAL Y 364 31.56 -47.48 70.90
N GLN Y 365 31.95 -47.54 72.16
CA GLN Y 365 31.22 -46.86 73.24
C GLN Y 365 31.80 -45.46 73.42
N GLU Y 366 30.99 -44.44 73.09
CA GLU Y 366 31.42 -43.07 73.29
C GLU Y 366 31.38 -42.68 74.77
N SER Y 367 30.34 -43.08 75.48
CA SER Y 367 30.15 -42.72 76.89
C SER Y 367 30.95 -43.70 77.74
N SER Y 368 32.20 -43.34 78.03
CA SER Y 368 33.08 -44.16 78.85
C SER Y 368 33.63 -43.32 79.99
N PRO Y 369 33.44 -43.71 81.25
CA PRO Y 369 34.03 -42.95 82.36
C PRO Y 369 35.55 -42.89 82.32
N ILE Y 370 36.20 -43.93 81.80
CA ILE Y 370 37.65 -43.96 81.78
C ILE Y 370 38.19 -42.84 80.90
N ALA Y 371 39.36 -42.31 81.28
CA ALA Y 371 39.99 -41.23 80.54
C ALA Y 371 41.46 -41.19 80.91
N ILE Y 372 42.23 -40.47 80.08
CA ILE Y 372 43.67 -40.32 80.29
C ILE Y 372 43.97 -38.84 80.44
N PHE Y 373 44.68 -38.48 81.52
CA PHE Y 373 45.01 -37.11 81.83
C PHE Y 373 46.52 -36.95 81.92
N ARG Y 374 47.03 -35.85 81.37
CA ARG Y 374 48.45 -35.56 81.34
C ARG Y 374 48.71 -34.22 82.04
N ASP Y 375 49.84 -34.13 82.73
CA ASP Y 375 50.20 -32.89 83.41
C ASP Y 375 50.36 -31.77 82.39
N GLY Y 376 49.75 -30.63 82.68
CA GLY Y 376 49.74 -29.49 81.78
C GLY Y 376 48.34 -29.01 81.50
N ASN Y 377 48.28 -27.88 80.80
CA ASN Y 377 47.00 -27.25 80.45
C ASN Y 377 46.43 -27.76 79.13
N TYR Y 378 47.17 -28.59 78.40
CA TYR Y 378 46.68 -29.12 77.14
C TYR Y 378 46.50 -30.63 77.23
N PRO Y 379 45.47 -31.19 76.59
CA PRO Y 379 45.23 -32.63 76.68
C PRO Y 379 46.29 -33.41 75.92
N VAL Y 380 46.33 -34.71 76.22
CA VAL Y 380 47.34 -35.56 75.61
C VAL Y 380 47.04 -35.75 74.12
N LEU Y 381 48.05 -36.22 73.39
CA LEU Y 381 48.04 -36.25 71.93
C LEU Y 381 46.88 -37.03 71.33
N ARG Y 382 46.60 -36.80 70.05
CA ARG Y 382 45.61 -37.58 69.32
C ARG Y 382 46.21 -38.91 68.88
N GLY Y 383 45.42 -39.97 68.98
CA GLY Y 383 45.88 -41.29 68.62
C GLY Y 383 46.56 -42.06 69.74
N THR Y 384 46.63 -41.48 70.94
CA THR Y 384 47.19 -42.20 72.08
C THR Y 384 46.26 -43.31 72.49
N PHE Y 385 46.74 -44.55 72.44
CA PHE Y 385 45.94 -45.73 72.72
C PHE Y 385 46.42 -46.40 73.99
N VAL Y 386 45.48 -46.77 74.84
CA VAL Y 386 45.76 -47.46 76.10
C VAL Y 386 45.09 -48.82 76.04
N ASP Y 387 45.88 -49.88 76.22
CA ASP Y 387 45.38 -51.24 76.13
C ASP Y 387 44.77 -51.68 77.45
N LEU Y 388 43.68 -52.44 77.37
CA LEU Y 388 43.02 -53.03 78.52
C LEU Y 388 42.93 -54.54 78.33
N ASP Y 389 42.28 -55.21 79.27
CA ASP Y 389 42.19 -56.67 79.21
C ASP Y 389 41.41 -57.12 77.98
N GLY Y 390 40.31 -56.46 77.66
CA GLY Y 390 39.53 -56.79 76.50
C GLY Y 390 39.05 -55.57 75.74
N LYS Y 391 39.35 -54.39 76.27
CA LYS Y 391 38.92 -53.12 75.71
C LYS Y 391 40.14 -52.26 75.41
N GLY Y 392 39.89 -51.01 74.99
CA GLY Y 392 40.97 -50.11 74.68
C GLY Y 392 40.56 -48.65 74.59
N LEU Y 393 41.30 -47.77 75.25
CA LEU Y 393 41.07 -46.34 75.19
C LEU Y 393 41.79 -45.76 73.99
N LEU Y 394 41.05 -45.09 73.11
CA LEU Y 394 41.61 -44.46 71.92
C LEU Y 394 41.23 -42.99 71.90
N TYR Y 395 42.22 -42.13 71.68
CA TYR Y 395 42.00 -40.68 71.60
C TYR Y 395 42.06 -40.27 70.14
N THR Y 396 40.92 -40.36 69.45
CA THR Y 396 40.84 -39.81 68.10
C THR Y 396 40.82 -38.30 68.11
N ARG Y 397 40.55 -37.68 69.26
CA ARG Y 397 40.62 -36.24 69.43
C ARG Y 397 41.61 -35.90 70.54
N GLY Y 398 42.29 -34.77 70.38
CA GLY Y 398 43.28 -34.36 71.35
C GLY Y 398 44.25 -33.37 70.71
N SER Y 399 45.44 -33.31 71.30
CA SER Y 399 46.49 -32.46 70.76
C SER Y 399 46.86 -32.90 69.35
N VAL Y 400 47.03 -31.93 68.46
CA VAL Y 400 47.36 -32.18 67.06
C VAL Y 400 48.67 -31.47 66.76
N PRO Y 401 49.77 -32.19 66.54
CA PRO Y 401 51.03 -31.51 66.20
C PRO Y 401 50.94 -30.68 64.93
N PHE Y 402 50.17 -31.15 63.94
CA PHE Y 402 50.01 -30.40 62.70
C PHE Y 402 49.28 -29.09 62.95
N TYR Y 403 48.13 -29.16 63.63
CA TYR Y 403 47.38 -27.94 63.95
C TYR Y 403 48.13 -27.07 64.94
N GLY Y 404 48.78 -27.69 65.92
CA GLY Y 404 49.47 -26.95 66.96
C GLY Y 404 48.63 -26.62 68.17
N THR Y 405 47.51 -27.30 68.36
CA THR Y 405 46.63 -27.07 69.49
C THR Y 405 45.64 -28.24 69.56
N PHE Y 406 44.69 -28.14 70.48
CA PHE Y 406 43.56 -29.06 70.50
C PHE Y 406 42.29 -28.29 70.15
N PRO Y 407 41.77 -28.41 68.94
CA PRO Y 407 40.61 -27.61 68.54
C PRO Y 407 39.31 -28.11 69.16
N GLY Y 408 39.03 -27.73 70.39
CA GLY Y 408 37.80 -28.17 71.03
C GLY Y 408 37.63 -27.57 72.40
N LEU Y 409 36.59 -28.04 73.08
CA LEU Y 409 36.23 -27.61 74.42
C LEU Y 409 37.05 -28.40 75.44
N ARG Y 410 36.60 -28.44 76.69
CA ARG Y 410 37.38 -28.80 77.88
C ARG Y 410 38.43 -29.89 77.65
N VAL Y 411 38.02 -31.07 77.22
CA VAL Y 411 38.93 -32.21 77.11
C VAL Y 411 38.30 -33.24 76.18
N PRO Y 412 39.07 -33.87 75.30
CA PRO Y 412 38.49 -34.89 74.42
C PRO Y 412 38.09 -36.13 75.21
N ARG Y 413 36.90 -36.63 74.91
CA ARG Y 413 36.40 -37.83 75.58
C ARG Y 413 36.76 -39.06 74.77
N PRO Y 414 37.38 -40.07 75.39
CA PRO Y 414 37.83 -41.23 74.63
C PRO Y 414 36.68 -42.07 74.11
N LEU Y 415 36.97 -42.79 73.02
CA LEU Y 415 36.11 -43.85 72.53
C LEU Y 415 36.62 -45.18 73.07
N LEU Y 416 35.75 -45.94 73.71
CA LEU Y 416 36.13 -47.19 74.36
C LEU Y 416 35.77 -48.34 73.43
N LEU Y 417 36.78 -48.85 72.72
CA LEU Y 417 36.57 -49.98 71.82
C LEU Y 417 36.34 -51.24 72.64
N VAL Y 418 35.28 -51.98 72.30
CA VAL Y 418 34.93 -53.19 73.04
C VAL Y 418 34.81 -54.34 72.06
N PRO Y 419 35.91 -54.94 71.62
CA PRO Y 419 35.82 -56.10 70.73
C PRO Y 419 35.09 -57.25 71.39
N HIS Y 420 34.27 -57.94 70.61
CA HIS Y 420 33.57 -59.11 71.10
C HIS Y 420 34.51 -60.31 71.14
N GLU Y 421 34.13 -61.33 71.92
CA GLU Y 421 34.96 -62.51 72.04
C GLU Y 421 35.11 -63.23 70.70
N ASN Y 422 34.12 -63.08 69.81
CA ASN Y 422 34.17 -63.67 68.48
C ASN Y 422 34.85 -62.72 67.50
N SER Y 423 36.11 -62.41 67.81
CA SER Y 423 36.93 -61.52 66.98
C SER Y 423 38.22 -62.22 66.61
N ASP Y 424 38.71 -61.92 65.40
CA ASP Y 424 39.92 -62.55 64.87
C ASP Y 424 41.10 -61.59 64.81
N SER Y 425 41.05 -60.47 65.53
CA SER Y 425 42.14 -59.51 65.52
C SER Y 425 42.30 -58.90 66.90
N THR Y 426 43.49 -58.37 67.16
CA THR Y 426 43.79 -57.75 68.44
C THR Y 426 43.28 -56.33 68.48
N ILE Y 427 43.20 -55.78 69.69
CA ILE Y 427 42.68 -54.42 69.87
C ILE Y 427 43.62 -53.41 69.25
N LEU Y 428 44.93 -53.66 69.29
CA LEU Y 428 45.90 -52.72 68.73
C LEU Y 428 45.69 -52.55 67.23
N THR Y 429 45.49 -53.65 66.51
CA THR Y 429 45.18 -53.55 65.08
C THR Y 429 43.83 -52.89 64.86
N LEU Y 430 42.84 -53.23 65.68
CA LEU Y 430 41.50 -52.69 65.51
C LEU Y 430 41.46 -51.19 65.78
N ALA Y 431 42.19 -50.74 66.81
CA ALA Y 431 42.25 -49.31 67.09
C ALA Y 431 42.95 -48.56 65.97
N LYS Y 432 43.98 -49.17 65.37
CA LYS Y 432 44.68 -48.53 64.25
C LYS Y 432 43.75 -48.32 63.07
N ASP Y 433 42.93 -49.32 62.76
CA ASP Y 433 41.94 -49.17 61.69
C ASP Y 433 40.88 -48.14 62.06
N VAL Y 434 40.44 -48.13 63.33
CA VAL Y 434 39.43 -47.19 63.77
C VAL Y 434 39.91 -45.76 63.64
N LEU Y 435 41.17 -45.51 64.05
CA LEU Y 435 41.72 -44.17 63.93
C LEU Y 435 41.79 -43.72 62.48
N ALA Y 436 42.13 -44.63 61.58
CA ALA Y 436 42.20 -44.29 60.15
C ALA Y 436 40.82 -43.92 59.62
N LEU Y 437 39.78 -44.63 60.05
CA LEU Y 437 38.44 -44.39 59.53
C LEU Y 437 37.93 -43.00 59.88
N THR Y 438 38.43 -42.40 60.97
CA THR Y 438 37.96 -41.09 61.39
C THR Y 438 38.42 -39.98 60.44
N LYS Y 439 39.45 -40.23 59.64
CA LYS Y 439 40.04 -39.20 58.79
C LYS Y 439 39.45 -39.17 57.38
N VAL Y 440 38.39 -39.94 57.12
CA VAL Y 440 37.88 -40.06 55.76
C VAL Y 440 36.42 -39.63 55.70
N ASN Y 441 35.98 -38.90 56.72
CA ASN Y 441 34.63 -38.33 56.73
C ASN Y 441 34.66 -37.10 55.83
N TRP Y 442 34.01 -37.20 54.67
CA TRP Y 442 34.14 -36.17 53.64
C TRP Y 442 33.26 -34.96 53.90
N ASN Y 443 32.28 -35.06 54.80
CA ASN Y 443 31.39 -33.94 55.05
C ASN Y 443 32.14 -32.75 55.64
N THR Y 444 33.27 -32.99 56.29
CA THR Y 444 34.14 -31.93 56.81
C THR Y 444 35.50 -32.03 56.11
N THR Y 445 36.43 -31.19 56.53
CA THR Y 445 37.77 -31.20 55.97
C THR Y 445 38.88 -31.28 57.02
N GLN Y 446 38.58 -31.08 58.30
CA GLN Y 446 39.52 -31.39 59.36
C GLN Y 446 39.63 -32.90 59.52
N PHE Y 447 40.73 -33.36 60.10
CA PHE Y 447 40.95 -34.78 60.27
C PHE Y 447 40.90 -35.24 61.72
N ASP Y 448 40.56 -34.35 62.66
CA ASP Y 448 40.45 -34.73 64.06
C ASP Y 448 39.01 -35.09 64.46
N GLN Y 449 38.40 -35.98 63.68
CA GLN Y 449 37.02 -36.39 63.94
C GLN Y 449 36.98 -37.48 65.00
N LYS Y 450 35.99 -37.37 65.90
CA LYS Y 450 35.89 -38.31 67.01
C LYS Y 450 35.41 -39.68 66.55
N LEU Y 451 34.40 -39.72 65.69
CA LEU Y 451 33.85 -41.02 65.36
C LEU Y 451 34.39 -41.53 64.04
N PRO Y 452 34.60 -42.83 63.92
CA PRO Y 452 34.96 -43.41 62.62
C PRO Y 452 33.81 -43.26 61.63
N ALA Y 453 34.15 -43.13 60.36
CA ALA Y 453 33.16 -42.79 59.35
C ALA Y 453 32.00 -43.77 59.25
N PRO Y 454 32.20 -45.10 59.23
CA PRO Y 454 31.05 -45.99 59.06
C PRO Y 454 29.96 -45.82 60.11
N ILE Y 455 30.34 -45.64 61.37
CA ILE Y 455 29.34 -45.34 62.40
C ILE Y 455 28.82 -43.92 62.24
N LYS Y 456 29.70 -42.98 61.90
CA LYS Y 456 29.25 -41.61 61.64
C LYS Y 456 28.31 -41.57 60.45
N ALA Y 457 28.62 -42.31 59.38
CA ALA Y 457 27.74 -42.35 58.22
C ALA Y 457 26.45 -43.08 58.53
N ALA Y 458 26.50 -44.12 59.37
CA ALA Y 458 25.29 -44.83 59.74
C ALA Y 458 24.32 -43.93 60.48
N ARG Y 459 24.85 -43.00 61.28
CA ARG Y 459 23.99 -42.01 61.93
C ARG Y 459 23.32 -41.10 60.91
N GLU Y 460 24.08 -40.65 59.90
CA GLU Y 460 23.55 -39.71 58.93
C GLU Y 460 22.42 -40.32 58.11
N VAL Y 461 22.58 -41.57 57.67
CA VAL Y 461 21.53 -42.21 56.89
C VAL Y 461 20.29 -42.46 57.74
N GLY Y 462 20.47 -42.64 59.05
CA GLY Y 462 19.32 -42.82 59.92
C GLY Y 462 18.45 -41.59 60.01
N ARG Y 463 19.08 -40.40 60.00
CA ARG Y 463 18.32 -39.16 60.04
C ARG Y 463 17.42 -39.01 58.82
N ILE Y 464 17.97 -39.24 57.63
CA ILE Y 464 17.20 -39.07 56.40
C ILE Y 464 16.16 -40.17 56.27
N LEU Y 465 16.55 -41.42 56.54
CA LEU Y 465 15.66 -42.55 56.36
C LEU Y 465 14.51 -42.59 57.36
N LYS Y 466 14.55 -41.74 58.39
CA LYS Y 466 13.45 -41.69 59.35
C LYS Y 466 12.13 -41.32 58.68
N HIS Y 467 12.18 -40.53 57.61
CA HIS Y 467 10.98 -40.09 56.91
C HIS Y 467 10.73 -40.88 55.62
N VAL Y 468 11.45 -41.97 55.41
CA VAL Y 468 11.25 -42.82 54.25
C VAL Y 468 10.49 -44.06 54.71
N GLU Y 469 9.31 -44.28 54.12
CA GLU Y 469 8.49 -45.42 54.49
C GLU Y 469 9.20 -46.73 54.14
N PHE Y 470 9.07 -47.71 55.03
CA PHE Y 470 9.71 -49.00 54.80
C PHE Y 470 9.18 -49.65 53.54
N GLY Y 471 10.07 -50.33 52.81
CA GLY Y 471 9.75 -50.91 51.53
C GLY Y 471 10.05 -50.03 50.34
N THR Y 472 10.22 -48.73 50.55
CA THR Y 472 10.59 -47.83 49.46
C THR Y 472 12.06 -48.03 49.13
N ALA Y 473 12.36 -48.17 47.84
CA ALA Y 473 13.74 -48.36 47.37
C ALA Y 473 14.37 -46.99 47.13
N VAL Y 474 15.50 -46.73 47.78
CA VAL Y 474 16.20 -45.47 47.66
C VAL Y 474 17.66 -45.74 47.34
N SER Y 475 18.31 -44.73 46.78
CA SER Y 475 19.72 -44.85 46.42
C SER Y 475 20.57 -44.99 47.67
N SER Y 476 21.54 -45.90 47.62
CA SER Y 476 22.45 -46.14 48.73
C SER Y 476 23.67 -45.24 48.69
N ASP Y 477 23.79 -44.39 47.67
CA ASP Y 477 24.92 -43.47 47.59
C ASP Y 477 24.90 -42.51 48.78
N PHE Y 478 26.06 -42.36 49.42
CA PHE Y 478 26.15 -41.50 50.60
C PHE Y 478 26.07 -40.03 50.25
N ARG Y 479 26.26 -39.66 48.98
CA ARG Y 479 26.17 -38.26 48.59
C ARG Y 479 24.78 -37.70 48.81
N ARG Y 480 23.76 -38.57 48.82
CA ARG Y 480 22.39 -38.14 49.03
C ARG Y 480 22.03 -37.99 50.51
N TYR Y 481 22.95 -38.34 51.41
CA TYR Y 481 22.70 -38.25 52.84
C TYR Y 481 23.64 -37.30 53.58
N THR Y 482 24.79 -36.97 53.00
CA THR Y 482 25.75 -36.10 53.66
C THR Y 482 25.45 -34.62 53.39
N LEU Z 174 57.20 -33.84 68.85
CA LEU Z 174 58.58 -33.80 68.40
C LEU Z 174 59.54 -34.06 69.56
N ASN Z 175 58.99 -34.15 70.76
CA ASN Z 175 59.79 -34.38 71.96
C ASN Z 175 60.04 -35.88 72.13
N LYS Z 176 60.71 -36.24 73.22
CA LYS Z 176 61.12 -37.62 73.44
C LYS Z 176 60.02 -38.49 74.05
N GLY Z 177 59.37 -38.01 75.11
CA GLY Z 177 58.33 -38.80 75.74
C GLY Z 177 57.77 -38.07 76.95
N GLU Z 178 56.72 -38.66 77.52
CA GLU Z 178 56.06 -38.11 78.68
C GLU Z 178 55.24 -39.21 79.35
N ASP Z 179 54.68 -38.88 80.51
CA ASP Z 179 53.84 -39.80 81.26
C ASP Z 179 52.51 -39.13 81.56
N ALA Z 180 51.49 -39.96 81.76
CA ALA Z 180 50.13 -39.48 81.97
C ALA Z 180 49.52 -40.19 83.17
N ILE Z 181 48.55 -39.53 83.80
CA ILE Z 181 47.88 -40.03 84.99
C ILE Z 181 46.45 -40.43 84.61
N ILE Z 182 46.10 -41.67 84.89
CA ILE Z 182 44.76 -42.18 84.60
C ILE Z 182 43.88 -41.93 85.81
N ASN Z 183 42.57 -41.78 85.57
CA ASN Z 183 41.64 -41.42 86.62
C ASN Z 183 41.09 -42.63 87.38
N LEU Z 184 41.52 -43.85 87.05
CA LEU Z 184 41.05 -45.03 87.74
C LEU Z 184 41.98 -45.38 88.90
N LEU Z 185 41.42 -46.05 89.90
CA LEU Z 185 42.16 -46.48 91.07
C LEU Z 185 41.93 -47.98 91.28
N ARG Z 186 42.98 -48.66 91.73
CA ARG Z 186 42.91 -50.09 91.99
C ARG Z 186 42.40 -50.34 93.41
N ILE Z 187 41.35 -51.14 93.52
CA ILE Z 187 40.77 -51.51 94.80
C ILE Z 187 41.28 -52.90 95.15
N ARG Z 188 42.12 -53.00 96.18
CA ARG Z 188 42.60 -54.28 96.68
C ARG Z 188 41.68 -54.71 97.82
N LEU Z 189 40.69 -55.54 97.49
CA LEU Z 189 39.65 -55.94 98.42
C LEU Z 189 40.23 -56.81 99.54
N PRO Z 190 39.62 -56.74 100.73
CA PRO Z 190 40.05 -57.63 101.82
C PRO Z 190 39.78 -59.09 101.47
N ASP Z 191 40.61 -59.97 102.03
CA ASP Z 191 40.67 -61.36 101.60
C ASP Z 191 39.46 -62.18 102.05
N GLU Z 192 38.58 -61.64 102.89
CA GLU Z 192 37.47 -62.42 103.42
C GLU Z 192 36.16 -61.70 103.15
N ILE Z 193 35.14 -62.47 102.75
CA ILE Z 193 33.81 -61.93 102.45
C ILE Z 193 32.81 -62.81 103.20
N PHE Z 194 31.70 -62.20 103.62
CA PHE Z 194 30.69 -62.88 104.42
C PHE Z 194 29.41 -63.04 103.62
N ILE Z 195 28.80 -64.21 103.72
CA ILE Z 195 27.52 -64.51 103.07
C ILE Z 195 26.59 -65.16 104.07
N SER Z 196 25.29 -65.02 103.83
CA SER Z 196 24.26 -65.59 104.69
C SER Z 196 22.94 -65.58 103.93
N THR Z 197 21.86 -65.92 104.63
CA THR Z 197 20.52 -65.90 104.08
C THR Z 197 19.61 -65.14 105.03
N SER Z 198 18.63 -64.43 104.47
CA SER Z 198 17.76 -63.58 105.27
C SER Z 198 16.38 -63.51 104.63
N PRO Z 199 15.32 -63.52 105.43
CA PRO Z 199 13.97 -63.30 104.88
C PRO Z 199 13.73 -61.83 104.57
N PHE Z 200 14.40 -60.96 105.30
CA PHE Z 200 14.26 -59.52 105.17
C PHE Z 200 15.62 -58.91 104.84
N GLY Z 201 15.61 -57.81 104.11
CA GLY Z 201 16.86 -57.12 103.86
C GLY Z 201 17.07 -56.49 102.50
N SER Z 202 16.33 -56.91 101.48
CA SER Z 202 16.48 -56.31 100.16
C SER Z 202 16.04 -54.84 100.22
N GLY Z 203 16.13 -54.15 99.08
CA GLY Z 203 15.62 -52.78 99.02
C GLY Z 203 14.17 -52.67 99.40
N ARG Z 204 13.43 -53.78 99.33
CA ARG Z 204 12.08 -53.82 99.88
C ARG Z 204 12.07 -53.57 101.37
N ASP Z 205 12.97 -54.21 102.12
CA ASP Z 205 12.89 -54.21 103.58
C ASP Z 205 14.24 -54.07 104.25
N ALA Z 206 15.14 -53.25 103.70
CA ALA Z 206 16.41 -53.00 104.37
C ALA Z 206 16.23 -52.07 105.56
N VAL Z 207 15.46 -50.99 105.39
CA VAL Z 207 15.29 -49.98 106.43
C VAL Z 207 14.26 -50.35 107.50
N PRO Z 208 13.03 -50.92 107.16
CA PRO Z 208 11.98 -51.06 108.18
C PRO Z 208 12.22 -52.21 109.15
N GLU Z 209 13.42 -52.25 109.73
CA GLU Z 209 13.76 -53.15 110.81
C GLU Z 209 13.96 -52.34 112.07
N LEU Z 210 13.85 -53.01 113.22
CA LEU Z 210 13.96 -52.32 114.50
C LEU Z 210 15.31 -51.61 114.60
N VAL Z 211 15.28 -50.37 115.11
CA VAL Z 211 16.48 -49.55 115.15
C VAL Z 211 17.51 -50.18 116.07
N LYS Z 212 18.71 -50.40 115.54
CA LYS Z 212 19.80 -51.03 116.27
C LYS Z 212 21.07 -50.74 115.50
N HIS Z 213 22.21 -50.89 116.18
CA HIS Z 213 23.50 -50.68 115.52
C HIS Z 213 23.65 -51.77 114.47
N GLY Z 214 23.79 -51.37 113.21
CA GLY Z 214 23.72 -52.28 112.09
C GLY Z 214 22.85 -51.69 111.01
N ASN Z 215 21.80 -50.97 111.43
CA ASN Z 215 21.13 -50.06 110.51
C ASN Z 215 22.05 -48.92 110.11
N VAL Z 216 22.99 -48.55 110.99
CA VAL Z 216 23.99 -47.56 110.65
C VAL Z 216 24.88 -48.05 109.52
N ARG Z 217 25.28 -49.33 109.58
CA ARG Z 217 26.16 -49.93 108.57
C ARG Z 217 25.31 -50.47 107.44
N PHE Z 218 25.05 -49.61 106.45
CA PHE Z 218 24.26 -49.98 105.28
C PHE Z 218 25.10 -50.55 104.15
N ASP Z 219 26.41 -50.71 104.35
CA ASP Z 219 27.32 -51.13 103.28
C ASP Z 219 27.14 -52.61 102.96
N TRP Z 220 26.05 -52.94 102.28
CA TRP Z 220 25.68 -54.33 102.01
C TRP Z 220 24.42 -54.34 101.14
N VAL Z 221 24.15 -55.50 100.56
CA VAL Z 221 23.02 -55.66 99.64
C VAL Z 221 22.51 -57.08 99.77
N ILE Z 222 21.18 -57.23 99.71
CA ILE Z 222 20.52 -58.53 99.72
C ILE Z 222 19.63 -58.62 98.50
N ARG Z 223 19.79 -59.70 97.73
CA ARG Z 223 18.92 -59.98 96.61
C ARG Z 223 18.87 -61.48 96.40
N LYS Z 224 17.70 -62.00 96.04
CA LYS Z 224 17.46 -63.43 95.94
C LYS Z 224 17.81 -64.14 97.24
N ARG Z 225 17.50 -63.47 98.37
CA ARG Z 225 17.76 -64.01 99.71
C ARG Z 225 19.23 -64.36 99.89
N ARG Z 226 20.12 -63.52 99.35
CA ARG Z 226 21.55 -63.71 99.45
C ARG Z 226 22.17 -62.46 100.04
N PHE Z 227 22.92 -62.61 101.13
CA PHE Z 227 23.55 -61.50 101.83
C PHE Z 227 25.04 -61.48 101.54
N VAL Z 228 25.56 -60.31 101.19
CA VAL Z 228 26.99 -60.12 100.94
C VAL Z 228 27.43 -58.83 101.61
N SER Z 229 28.48 -58.91 102.42
CA SER Z 229 28.99 -57.74 103.13
C SER Z 229 30.35 -58.08 103.73
N PHE Z 230 31.21 -57.07 103.81
CA PHE Z 230 32.52 -57.24 104.42
C PHE Z 230 32.52 -57.03 105.93
N PHE Z 231 31.50 -56.34 106.47
CA PHE Z 231 31.36 -56.20 107.90
C PHE Z 231 30.60 -57.41 108.44
N ASP Z 232 30.48 -57.52 109.76
CA ASP Z 232 29.84 -58.65 110.40
C ASP Z 232 28.47 -58.26 110.92
N PRO Z 233 27.39 -58.77 110.34
CA PRO Z 233 26.07 -58.60 110.97
C PRO Z 233 25.98 -59.26 112.33
N ARG Z 234 26.79 -60.30 112.58
CA ARG Z 234 26.74 -60.98 113.87
C ARG Z 234 27.11 -60.05 115.01
N GLU Z 235 28.16 -59.24 114.83
CA GLU Z 235 28.56 -58.30 115.87
C GLU Z 235 27.49 -57.23 116.09
N TYR Z 236 26.87 -56.74 115.02
CA TYR Z 236 25.85 -55.71 115.14
C TYR Z 236 24.93 -55.79 113.93
N GLY Z 237 23.65 -55.50 114.15
CA GLY Z 237 22.66 -55.61 113.09
C GLY Z 237 22.39 -57.04 112.65
N THR Z 238 22.37 -57.99 113.57
CA THR Z 238 22.10 -59.37 113.24
C THR Z 238 20.63 -59.62 112.91
N ARG Z 239 19.76 -58.63 113.12
CA ARG Z 239 18.34 -58.81 112.86
C ARG Z 239 18.09 -58.97 111.35
N ALA Z 240 16.83 -59.27 111.03
CA ALA Z 240 16.31 -59.43 109.67
C ALA Z 240 16.88 -60.64 108.93
N ILE Z 241 17.72 -61.45 109.58
CA ILE Z 241 18.25 -62.66 108.95
C ILE Z 241 17.58 -63.86 109.60
N VAL Z 242 17.52 -64.97 108.84
CA VAL Z 242 16.77 -66.13 109.28
C VAL Z 242 17.47 -66.79 110.47
N ASP Z 243 18.79 -66.83 110.47
CA ASP Z 243 19.54 -67.40 111.57
C ASP Z 243 20.96 -66.86 111.55
N LEU Z 244 21.66 -67.03 112.67
CA LEU Z 244 23.01 -66.52 112.80
C LEU Z 244 24.06 -67.51 112.27
N ASP Z 245 23.73 -68.80 112.26
CA ASP Z 245 24.73 -69.81 111.93
C ASP Z 245 25.17 -69.73 110.47
N GLN Z 246 24.24 -69.44 109.56
CA GLN Z 246 24.57 -69.50 108.14
C GLN Z 246 25.52 -68.39 107.70
N VAL Z 247 25.76 -67.38 108.54
CA VAL Z 247 26.74 -66.35 108.21
C VAL Z 247 28.12 -67.00 108.19
N GLU Z 248 28.69 -67.17 106.99
CA GLU Z 248 29.91 -67.94 106.82
C GLU Z 248 30.91 -67.10 106.03
N ALA Z 249 32.12 -66.95 106.58
CA ALA Z 249 33.17 -66.24 105.88
C ALA Z 249 33.75 -67.09 104.76
N VAL Z 250 33.86 -66.51 103.57
CA VAL Z 250 34.31 -67.22 102.38
C VAL Z 250 35.41 -66.37 101.71
N ASP Z 251 36.20 -67.04 100.87
CA ASP Z 251 37.21 -66.34 100.09
C ASP Z 251 36.56 -65.34 99.14
N THR Z 252 37.12 -64.13 99.09
CA THR Z 252 36.54 -63.09 98.25
C THR Z 252 36.77 -63.37 96.77
N LYS Z 253 37.93 -63.95 96.42
CA LYS Z 253 38.24 -64.21 95.02
C LYS Z 253 37.32 -65.25 94.41
N LEU Z 254 36.66 -66.07 95.23
CA LEU Z 254 35.60 -66.95 94.73
C LEU Z 254 34.36 -66.16 94.34
N ILE Z 255 34.25 -64.91 94.80
CA ILE Z 255 33.11 -64.06 94.47
C ILE Z 255 33.55 -62.86 93.64
N ALA Z 256 34.69 -62.26 93.97
CA ALA Z 256 35.16 -61.09 93.24
C ALA Z 256 35.46 -61.40 91.77
N PHE Z 257 35.80 -62.64 91.47
CA PHE Z 257 36.12 -63.06 90.11
C PHE Z 257 35.33 -64.33 89.79
N ASN Z 258 34.23 -64.17 89.07
CA ASN Z 258 33.42 -65.32 88.65
C ASN Z 258 32.57 -64.89 87.45
N ASP Z 259 31.96 -65.89 86.81
CA ASP Z 259 31.21 -65.66 85.59
C ASP Z 259 29.84 -65.03 85.84
N GLU Z 260 29.22 -65.34 86.98
CA GLU Z 260 27.84 -64.89 87.24
C GLU Z 260 27.77 -63.38 87.29
N GLN Z 261 26.92 -62.80 86.43
CA GLN Z 261 26.80 -61.34 86.39
C GLN Z 261 25.97 -60.82 87.56
N ASP Z 262 24.95 -61.58 87.99
CA ASP Z 262 24.17 -61.16 89.15
C ASP Z 262 25.03 -61.10 90.39
N ASP Z 263 26.04 -61.98 90.49
CA ASP Z 263 27.03 -61.84 91.54
C ASP Z 263 27.83 -60.56 91.37
N LEU Z 264 28.16 -60.19 90.13
CA LEU Z 264 28.98 -59.00 89.89
C LEU Z 264 28.28 -57.75 90.39
N ASN Z 265 27.01 -57.55 90.03
CA ASN Z 265 26.30 -56.35 90.48
C ASN Z 265 26.20 -56.30 91.99
N ASP Z 266 26.18 -57.46 92.65
CA ASP Z 266 26.15 -57.49 94.11
C ASP Z 266 27.42 -56.90 94.69
N THR Z 267 28.58 -57.32 94.21
CA THR Z 267 29.84 -56.75 94.68
C THR Z 267 29.94 -55.27 94.29
N MET Z 268 29.53 -54.93 93.07
CA MET Z 268 29.56 -53.54 92.64
C MET Z 268 28.65 -52.68 93.51
N ASP Z 269 27.44 -53.16 93.80
CA ASP Z 269 26.57 -52.45 94.73
C ASP Z 269 27.18 -52.42 96.13
N LEU Z 270 27.77 -53.54 96.55
CA LEU Z 270 28.47 -53.56 97.83
C LEU Z 270 29.64 -52.59 97.84
N LEU Z 271 30.47 -52.61 96.78
CA LEU Z 271 31.64 -51.75 96.74
C LEU Z 271 31.26 -50.28 96.84
N ARG Z 272 30.19 -49.88 96.14
CA ARG Z 272 29.75 -48.49 96.21
C ARG Z 272 29.25 -48.13 97.61
N ARG Z 273 28.58 -49.07 98.28
CA ARG Z 273 28.03 -48.74 99.59
C ARG Z 273 29.10 -48.64 100.67
N THR Z 274 30.20 -49.38 100.54
CA THR Z 274 31.28 -49.23 101.53
C THR Z 274 32.11 -47.98 101.27
N VAL Z 275 32.06 -47.43 100.05
CA VAL Z 275 32.73 -46.14 99.85
C VAL Z 275 31.86 -45.00 100.39
N GLU Z 276 30.57 -45.27 100.59
CA GLU Z 276 29.69 -44.30 101.22
C GLU Z 276 30.06 -44.05 102.67
N ARG Z 277 30.81 -44.95 103.30
CA ARG Z 277 31.17 -44.83 104.71
C ARG Z 277 32.64 -44.47 104.94
N GLN Z 278 33.54 -44.97 104.09
CA GLN Z 278 34.96 -44.66 104.27
C GLN Z 278 35.25 -43.17 104.08
N THR Z 279 34.38 -42.45 103.37
CA THR Z 279 34.53 -41.00 103.19
C THR Z 279 33.26 -40.26 103.59
N ALA Z 280 32.40 -40.88 104.42
CA ALA Z 280 31.17 -40.22 104.85
C ALA Z 280 31.45 -38.96 105.64
N THR Z 281 32.56 -38.94 106.38
CA THR Z 281 32.91 -37.74 107.14
C THR Z 281 33.21 -36.56 106.20
N GLN Z 282 33.89 -36.83 105.10
CA GLN Z 282 34.32 -35.79 104.17
C GLN Z 282 33.27 -35.44 103.12
N LEU Z 283 32.39 -36.38 102.76
CA LEU Z 283 31.46 -36.13 101.67
C LEU Z 283 30.18 -36.92 101.89
N SER Z 284 29.12 -36.44 101.26
CA SER Z 284 27.84 -37.15 101.16
C SER Z 284 27.71 -37.73 99.76
N PHE Z 285 26.54 -38.29 99.47
CA PHE Z 285 26.29 -38.92 98.18
C PHE Z 285 24.82 -38.72 97.83
N LEU Z 286 24.55 -37.87 96.84
CA LEU Z 286 23.19 -37.73 96.33
C LEU Z 286 22.81 -38.99 95.57
N ARG Z 287 21.66 -39.56 95.93
CA ARG Z 287 21.34 -40.93 95.53
C ARG Z 287 21.06 -41.02 94.03
N LYS Z 288 20.02 -40.32 93.56
CA LYS Z 288 19.63 -40.44 92.16
C LYS Z 288 20.66 -39.82 91.23
N ASP Z 289 21.28 -38.71 91.64
CA ASP Z 289 22.27 -38.06 90.79
C ASP Z 289 23.52 -38.92 90.60
N ARG Z 290 23.89 -39.69 91.62
CA ARG Z 290 25.09 -40.53 91.65
C ARG Z 290 26.38 -39.71 91.73
N LEU Z 291 26.29 -38.44 92.12
CA LEU Z 291 27.46 -37.63 92.42
C LEU Z 291 27.71 -37.63 93.93
N PHE Z 292 28.95 -37.93 94.32
CA PHE Z 292 29.34 -37.91 95.73
C PHE Z 292 29.80 -36.50 96.10
N HIS Z 293 28.82 -35.59 96.14
CA HIS Z 293 29.12 -34.18 96.33
C HIS Z 293 29.71 -33.93 97.71
N PHE Z 294 30.64 -32.97 97.79
CA PHE Z 294 31.32 -32.64 99.03
C PHE Z 294 30.41 -31.89 99.98
N LYS Z 295 29.82 -32.61 100.94
CA LYS Z 295 28.92 -31.98 101.90
C LYS Z 295 29.65 -31.31 103.04
N ALA Z 296 30.95 -31.54 103.19
CA ALA Z 296 31.71 -30.99 104.32
C ALA Z 296 31.89 -29.50 104.10
N VAL Z 297 31.00 -28.70 104.70
CA VAL Z 297 31.02 -27.25 104.55
C VAL Z 297 30.13 -26.64 105.63
N GLY Z 298 30.44 -25.41 106.03
CA GLY Z 298 29.53 -24.68 106.88
C GLY Z 298 28.27 -24.27 106.13
N VAL Z 299 27.27 -23.85 106.90
CA VAL Z 299 25.99 -23.46 106.31
C VAL Z 299 26.21 -22.16 105.53
N GLY Z 300 26.21 -22.26 104.21
CA GLY Z 300 26.48 -21.11 103.36
C GLY Z 300 27.89 -20.57 103.49
N LYS Z 301 28.88 -21.45 103.56
CA LYS Z 301 30.27 -21.05 103.70
C LYS Z 301 31.09 -21.62 102.53
N SER Z 302 32.38 -21.31 102.54
CA SER Z 302 33.30 -21.74 101.48
C SER Z 302 34.39 -22.59 102.11
N ARG Z 303 34.14 -23.90 102.19
CA ARG Z 303 35.12 -24.84 102.68
C ARG Z 303 36.20 -25.10 101.63
N SER Z 304 37.30 -25.70 102.07
CA SER Z 304 38.43 -25.96 101.17
C SER Z 304 39.11 -27.26 101.57
N TYR Z 305 39.87 -27.82 100.62
CA TYR Z 305 40.64 -29.03 100.83
C TYR Z 305 42.09 -28.75 100.48
N ARG Z 306 42.99 -29.29 101.29
CA ARG Z 306 44.42 -29.03 101.16
C ARG Z 306 45.15 -30.30 100.74
N TYR Z 307 46.08 -30.16 99.79
CA TYR Z 307 46.92 -31.26 99.36
C TYR Z 307 48.20 -30.72 98.73
N MET Z 308 49.30 -31.40 98.99
CA MET Z 308 50.58 -31.06 98.37
C MET Z 308 51.54 -32.24 98.46
N VAL Z 319 47.76 -24.12 96.51
CA VAL Z 319 47.82 -25.55 96.21
C VAL Z 319 46.58 -26.24 96.77
N SER Z 320 45.85 -25.53 97.63
CA SER Z 320 44.64 -26.07 98.22
C SER Z 320 43.48 -25.99 97.23
N ALA Z 321 42.66 -27.02 97.21
CA ALA Z 321 41.49 -27.09 96.34
C ALA Z 321 40.25 -26.72 97.12
N TYR Z 322 39.45 -25.81 96.56
CA TYR Z 322 38.23 -25.36 97.22
C TYR Z 322 37.13 -26.37 96.96
N SER Z 323 36.88 -27.23 97.95
CA SER Z 323 35.82 -28.23 97.82
C SER Z 323 34.46 -27.57 97.65
N SER Z 324 34.21 -26.51 98.40
CA SER Z 324 32.98 -25.74 98.28
C SER Z 324 33.34 -24.28 98.04
N LYS Z 325 32.43 -23.56 97.38
CA LYS Z 325 32.61 -22.15 97.09
C LYS Z 325 31.38 -21.38 97.56
N LYS Z 326 31.61 -20.10 97.89
CA LYS Z 326 30.54 -19.27 98.42
C LYS Z 326 29.43 -19.08 97.39
N LYS Z 327 28.22 -18.84 97.88
CA LYS Z 327 27.07 -18.62 97.02
C LYS Z 327 26.96 -17.17 96.57
N ASP Z 328 27.87 -16.31 97.01
CA ASP Z 328 27.92 -14.87 96.74
C ASP Z 328 26.78 -14.10 97.40
N GLY Z 329 25.82 -14.78 98.02
CA GLY Z 329 24.63 -14.15 98.53
C GLY Z 329 23.39 -14.37 97.70
N TRP Z 330 23.52 -14.89 96.48
CA TRP Z 330 22.36 -15.28 95.68
C TRP Z 330 22.10 -16.77 95.64
N GLY Z 331 23.13 -17.60 95.53
CA GLY Z 331 22.93 -19.03 95.53
C GLY Z 331 24.03 -19.75 94.77
N TYR Z 332 23.69 -20.94 94.29
CA TYR Z 332 24.59 -21.85 93.57
C TYR Z 332 25.91 -22.05 94.33
N VAL Z 333 25.80 -22.65 95.51
CA VAL Z 333 26.98 -23.10 96.23
C VAL Z 333 27.67 -24.20 95.43
N ARG Z 334 28.96 -24.04 95.19
CA ARG Z 334 29.71 -24.92 94.29
C ARG Z 334 30.27 -26.09 95.07
N HIS Z 335 29.50 -27.18 95.14
CA HIS Z 335 29.96 -28.41 95.78
C HIS Z 335 30.65 -29.28 94.75
N HIS Z 336 31.93 -29.59 94.99
CA HIS Z 336 32.65 -30.51 94.13
C HIS Z 336 32.02 -31.90 94.19
N ALA Z 337 32.00 -32.58 93.06
CA ALA Z 337 31.34 -33.88 92.98
C ALA Z 337 31.94 -34.69 91.85
N ALA Z 338 31.69 -36.00 91.91
CA ALA Z 338 32.15 -36.91 90.87
C ALA Z 338 31.27 -38.15 90.90
N ARG Z 339 31.25 -38.87 89.78
CA ARG Z 339 30.51 -40.12 89.69
C ARG Z 339 31.45 -41.30 89.82
N LEU Z 340 31.02 -42.31 90.56
CA LEU Z 340 31.85 -43.45 90.93
C LEU Z 340 31.27 -44.72 90.33
N ARG Z 341 32.12 -45.49 89.64
CA ARG Z 341 31.69 -46.74 89.04
C ARG Z 341 32.87 -47.70 88.96
N PHE Z 342 32.58 -48.99 89.04
CA PHE Z 342 33.60 -50.03 89.10
C PHE Z 342 33.56 -50.89 87.85
N GLU Z 343 34.74 -51.32 87.40
CA GLU Z 343 34.87 -52.23 86.28
C GLU Z 343 35.83 -53.35 86.65
N ARG Z 344 35.43 -54.59 86.39
CA ARG Z 344 36.28 -55.75 86.64
C ARG Z 344 37.13 -56.00 85.39
N LEU Z 345 38.45 -55.85 85.53
CA LEU Z 345 39.37 -55.95 84.41
C LEU Z 345 40.17 -57.24 84.43
N ALA Z 346 39.65 -58.27 85.10
CA ALA Z 346 40.23 -59.61 85.22
C ALA Z 346 41.48 -59.66 86.08
N ASP Z 347 41.97 -58.52 86.59
CA ASP Z 347 43.07 -58.50 87.54
C ASP Z 347 42.64 -57.92 88.88
N GLU Z 348 41.95 -56.78 88.87
CA GLU Z 348 41.47 -56.16 90.11
C GLU Z 348 40.16 -55.45 89.80
N TRP Z 349 39.50 -54.98 90.86
CA TRP Z 349 38.24 -54.26 90.73
C TRP Z 349 38.53 -52.77 90.76
N PHE Z 350 38.93 -52.25 89.61
CA PHE Z 350 39.32 -50.85 89.51
C PHE Z 350 38.11 -49.94 89.65
N LEU Z 351 38.36 -48.74 90.19
CA LEU Z 351 37.33 -47.73 90.38
C LEU Z 351 37.72 -46.48 89.61
N VAL Z 352 36.80 -45.97 88.80
CA VAL Z 352 37.04 -44.80 87.96
C VAL Z 352 36.26 -43.62 88.54
N ILE Z 353 36.77 -42.41 88.28
CA ILE Z 353 36.14 -41.18 88.73
C ILE Z 353 35.98 -40.24 87.55
N ASP Z 354 34.84 -39.58 87.48
CA ASP Z 354 34.60 -38.54 86.48
C ASP Z 354 34.19 -37.28 87.22
N PRO Z 355 35.03 -36.26 87.29
CA PRO Z 355 34.69 -35.07 88.07
C PRO Z 355 33.44 -34.38 87.54
N ASP Z 356 32.64 -33.87 88.46
CA ASP Z 356 31.39 -33.19 88.13
C ASP Z 356 31.22 -32.02 89.08
N PHE Z 357 30.01 -31.45 89.11
CA PHE Z 357 29.72 -30.32 89.99
C PHE Z 357 28.26 -30.38 90.41
N HIS Z 358 28.03 -30.42 91.72
CA HIS Z 358 26.69 -30.32 92.27
C HIS Z 358 26.51 -28.93 92.87
N PHE Z 359 25.42 -28.26 92.50
CA PHE Z 359 25.19 -26.87 92.89
C PHE Z 359 23.98 -26.80 93.81
N THR Z 360 24.16 -26.18 94.96
CA THR Z 360 23.11 -26.03 95.95
C THR Z 360 22.85 -24.56 96.22
N THR Z 361 21.58 -24.23 96.48
CA THR Z 361 21.23 -22.86 96.83
C THR Z 361 21.46 -22.54 98.31
N ASP Z 362 21.65 -23.56 99.14
CA ASP Z 362 21.90 -23.34 100.56
C ASP Z 362 23.00 -24.22 101.14
N GLY Z 363 23.47 -25.25 100.44
CA GLY Z 363 24.46 -26.17 100.94
C GLY Z 363 23.91 -27.55 101.27
N PHE Z 364 22.60 -27.68 101.43
CA PHE Z 364 21.96 -28.97 101.70
C PHE Z 364 21.07 -29.43 100.57
N GLN Z 365 20.11 -28.60 100.15
CA GLN Z 365 19.25 -28.96 99.04
C GLN Z 365 19.79 -28.40 97.73
N PRO Z 366 19.68 -29.14 96.63
CA PRO Z 366 20.26 -28.68 95.37
C PRO Z 366 19.59 -27.41 94.87
N HIS Z 367 20.39 -26.56 94.24
CA HIS Z 367 19.87 -25.35 93.61
C HIS Z 367 18.95 -25.73 92.45
N ARG Z 368 17.77 -25.12 92.42
CA ARG Z 368 16.82 -25.41 91.36
C ARG Z 368 17.34 -24.86 90.03
N TYR Z 369 17.30 -25.69 88.99
CA TYR Z 369 17.71 -25.34 87.63
C TYR Z 369 19.15 -24.85 87.62
N PRO Z 370 20.12 -25.73 87.86
CA PRO Z 370 21.53 -25.34 87.83
C PRO Z 370 22.22 -25.52 86.47
N GLU Z 371 21.48 -25.68 85.38
CA GLU Z 371 22.10 -25.89 84.09
C GLU Z 371 22.86 -24.65 83.61
N ALA Z 372 22.43 -23.47 84.06
CA ALA Z 372 23.12 -22.24 83.66
C ALA Z 372 24.53 -22.18 84.26
N LEU Z 373 24.65 -22.45 85.56
CA LEU Z 373 25.95 -22.39 86.21
C LEU Z 373 26.81 -23.61 85.90
N LEU Z 374 26.18 -24.75 85.58
CA LEU Z 374 26.93 -25.95 85.23
C LEU Z 374 27.76 -25.73 83.97
N ALA Z 375 27.10 -25.40 82.86
CA ALA Z 375 27.82 -25.22 81.61
C ALA Z 375 28.78 -24.05 81.67
N GLY Z 376 28.39 -22.96 82.35
CA GLY Z 376 29.25 -21.80 82.43
C GLY Z 376 30.57 -22.10 83.12
N LYS Z 377 30.51 -22.80 84.26
CA LYS Z 377 31.73 -23.19 84.95
C LYS Z 377 32.51 -24.23 84.15
N LYS Z 378 31.80 -25.23 83.60
CA LYS Z 378 32.47 -26.30 82.88
C LYS Z 378 33.17 -25.79 81.62
N ARG Z 379 32.50 -24.89 80.87
CA ARG Z 379 33.06 -24.42 79.61
C ARG Z 379 34.41 -23.74 79.79
N LEU Z 380 34.66 -23.16 80.97
CA LEU Z 380 35.94 -22.53 81.25
C LEU Z 380 37.01 -23.52 81.68
N GLU Z 381 36.65 -24.77 81.96
CA GLU Z 381 37.63 -25.76 82.38
C GLU Z 381 38.55 -26.15 81.23
N ARG Z 382 39.73 -26.66 81.58
CA ARG Z 382 40.70 -27.13 80.61
C ARG Z 382 41.34 -28.41 81.16
N ASN Z 383 42.40 -28.86 80.50
CA ASN Z 383 43.05 -30.10 80.92
C ASN Z 383 43.67 -29.98 82.30
N ALA Z 384 44.29 -28.84 82.59
CA ALA Z 384 44.93 -28.65 83.90
C ALA Z 384 43.90 -28.69 85.02
N ALA Z 385 42.74 -28.08 84.80
CA ALA Z 385 41.71 -28.06 85.85
C ALA Z 385 41.14 -29.46 86.09
N VAL Z 386 40.77 -30.17 85.02
CA VAL Z 386 40.10 -31.45 85.19
C VAL Z 386 41.05 -32.48 85.80
N ARG Z 387 42.34 -32.40 85.48
CA ARG Z 387 43.30 -33.33 86.08
C ARG Z 387 43.40 -33.12 87.59
N GLY Z 388 43.36 -31.86 88.03
CA GLY Z 388 43.40 -31.58 89.46
C GLY Z 388 42.21 -32.15 90.20
N GLN Z 389 41.01 -31.97 89.64
CA GLN Z 389 39.81 -32.52 90.27
C GLN Z 389 39.90 -34.04 90.35
N VAL Z 390 40.61 -34.68 89.42
CA VAL Z 390 40.86 -36.11 89.51
C VAL Z 390 41.77 -36.41 90.68
N THR Z 391 42.87 -35.66 90.80
CA THR Z 391 43.91 -36.00 91.78
C THR Z 391 43.43 -35.74 93.21
N MET Z 392 42.76 -34.62 93.45
CA MET Z 392 42.19 -34.37 94.77
C MET Z 392 41.16 -35.43 95.13
N TRP Z 393 40.31 -35.80 94.17
CA TRP Z 393 39.44 -36.96 94.38
C TRP Z 393 40.25 -38.23 94.54
N GLN Z 394 41.35 -38.36 93.78
CA GLN Z 394 42.21 -39.53 93.90
C GLN Z 394 42.95 -39.54 95.24
N HIS Z 395 43.50 -38.39 95.64
CA HIS Z 395 44.26 -38.33 96.89
C HIS Z 395 43.35 -38.59 98.08
N LEU Z 396 42.16 -37.98 98.09
CA LEU Z 396 41.25 -38.13 99.24
C LEU Z 396 40.81 -39.59 99.40
N LEU Z 397 40.48 -40.24 98.29
CA LEU Z 397 40.00 -41.62 98.37
C LEU Z 397 41.08 -42.55 98.91
N VAL Z 398 42.32 -42.39 98.45
CA VAL Z 398 43.40 -43.26 98.89
C VAL Z 398 43.76 -43.01 100.34
N GLU Z 399 43.87 -41.75 100.73
CA GLU Z 399 44.38 -41.41 102.06
C GLU Z 399 43.29 -41.40 103.13
N SER Z 400 42.27 -40.57 102.98
CA SER Z 400 41.22 -40.48 103.98
C SER Z 400 40.30 -41.68 103.99
N GLY Z 401 40.11 -42.35 102.83
CA GLY Z 401 39.27 -43.51 102.78
C GLY Z 401 39.91 -44.77 103.31
N LYS Z 402 41.23 -44.77 103.50
CA LYS Z 402 41.95 -45.94 103.98
C LYS Z 402 42.70 -45.69 105.28
N HIS Z 403 43.49 -44.63 105.36
CA HIS Z 403 44.46 -44.45 106.44
C HIS Z 403 43.77 -43.79 107.63
N GLU Z 404 43.35 -44.61 108.59
CA GLU Z 404 42.81 -44.15 109.86
C GLU Z 404 43.63 -44.81 110.96
N VAL Z 405 44.68 -44.13 111.41
CA VAL Z 405 45.59 -44.68 112.41
C VAL Z 405 45.00 -44.53 113.81
N LYS Z 412 41.12 -50.36 113.49
CA LYS Z 412 39.82 -50.38 112.81
C LYS Z 412 39.94 -50.85 111.37
N PRO Z 413 39.66 -52.13 111.12
CA PRO Z 413 39.63 -52.63 109.74
C PRO Z 413 38.53 -52.03 108.88
N ALA Z 414 37.73 -51.10 109.41
CA ALA Z 414 36.63 -50.53 108.63
C ALA Z 414 37.06 -49.93 107.30
N PRO Z 415 38.13 -49.13 107.20
CA PRO Z 415 38.62 -48.74 105.87
C PRO Z 415 39.35 -49.90 105.20
N LEU Z 416 38.60 -50.79 104.57
CA LEU Z 416 39.14 -52.03 104.02
C LEU Z 416 39.31 -52.02 102.51
N LEU Z 417 38.97 -50.92 101.82
CA LEU Z 417 39.13 -50.85 100.37
C LEU Z 417 40.51 -50.25 100.08
N GLN Z 418 41.51 -51.12 99.98
CA GLN Z 418 42.87 -50.65 99.70
C GLN Z 418 42.93 -49.98 98.34
N PHE Z 419 43.13 -48.67 98.34
CA PHE Z 419 43.31 -47.89 97.12
C PHE Z 419 44.78 -47.58 96.94
N GLU Z 420 45.30 -47.83 95.74
CA GLU Z 420 46.69 -47.56 95.42
C GLU Z 420 46.78 -46.86 94.07
N ARG Z 421 47.69 -45.91 93.97
CA ARG Z 421 47.87 -45.17 92.73
C ARG Z 421 48.59 -46.02 91.70
N LEU Z 422 47.97 -46.21 90.55
CA LEU Z 422 48.58 -47.02 89.50
C LEU Z 422 49.79 -46.29 88.90
N PRO Z 423 50.78 -47.03 88.41
CA PRO Z 423 51.96 -46.39 87.83
C PRO Z 423 51.60 -45.56 86.61
N VAL Z 424 52.36 -44.48 86.41
CA VAL Z 424 52.11 -43.59 85.28
C VAL Z 424 52.40 -44.33 83.99
N ILE Z 425 51.45 -44.28 83.05
CA ILE Z 425 51.62 -44.92 81.76
C ILE Z 425 52.61 -44.13 80.92
N GLN Z 426 53.44 -44.84 80.18
CA GLN Z 426 54.48 -44.22 79.34
C GLN Z 426 53.96 -44.08 77.92
N LEU Z 427 54.09 -42.87 77.38
CA LEU Z 427 53.65 -42.56 76.02
C LEU Z 427 54.88 -42.25 75.18
N SER Z 428 55.02 -42.96 74.05
CA SER Z 428 56.22 -42.82 73.24
C SER Z 428 56.36 -41.43 72.66
N GLN Z 429 55.27 -40.82 72.19
CA GLN Z 429 55.31 -39.50 71.59
C GLN Z 429 54.79 -38.48 72.60
N ALA Z 430 55.43 -37.31 72.62
CA ALA Z 430 55.17 -36.31 73.64
C ALA Z 430 54.55 -35.06 73.02
N VAL Z 431 53.69 -34.41 73.80
CA VAL Z 431 52.99 -33.20 73.33
C VAL Z 431 53.97 -32.02 73.34
N PRO Z 432 54.14 -31.30 72.22
CA PRO Z 432 54.90 -30.04 72.22
C PRO Z 432 54.15 -28.89 72.88
N GLU Z 433 53.73 -29.11 74.13
CA GLU Z 433 52.91 -28.11 74.82
C GLU Z 433 53.67 -26.81 75.05
N SER Z 434 54.94 -26.90 75.45
CA SER Z 434 55.72 -25.70 75.75
C SER Z 434 55.99 -24.88 74.48
N SER Z 435 56.23 -25.55 73.36
CA SER Z 435 56.57 -24.83 72.13
C SER Z 435 55.41 -23.99 71.63
N TRP Z 436 54.18 -24.38 71.94
CA TRP Z 436 53.01 -23.66 71.46
C TRP Z 436 52.83 -22.34 72.22
N ASN Z 437 52.12 -21.41 71.58
CA ASN Z 437 52.00 -20.06 72.11
C ASN Z 437 51.29 -20.05 73.45
N ARG Z 438 50.23 -20.84 73.59
CA ARG Z 438 49.39 -20.85 74.78
C ARG Z 438 48.80 -19.46 75.03
N LYS CA 17 7.56 8.59 -12.21
CA LYS CA 17 6.17 8.47 -11.80
C LYS CA 17 5.54 7.22 -12.39
N ARG CA 18 5.26 7.23 -13.69
CA ARG CA 18 4.77 6.04 -14.36
C ARG CA 18 5.86 5.01 -14.55
N ILE CA 19 7.06 5.45 -14.91
CA ILE CA 19 8.26 4.61 -14.92
C ILE CA 19 9.30 5.35 -14.09
N THR CA 20 9.37 5.03 -12.80
CA THR CA 20 10.23 5.75 -11.88
C THR CA 20 11.70 5.52 -12.21
N ASP CA 21 12.54 6.47 -11.80
CA ASP CA 21 13.97 6.37 -12.03
C ASP CA 21 14.57 5.16 -11.33
N SER CA 22 13.94 4.72 -10.23
CA SER CA 22 14.41 3.51 -9.56
C SER CA 22 14.26 2.28 -10.46
N GLN CA 23 13.14 2.18 -11.18
CA GLN CA 23 12.94 1.07 -12.10
C GLN CA 23 13.95 1.13 -13.25
N VAL CA 24 14.22 2.32 -13.77
CA VAL CA 24 15.20 2.47 -14.84
C VAL CA 24 16.59 2.07 -14.34
N LEU CA 25 16.92 2.48 -13.11
CA LEU CA 25 18.22 2.12 -12.55
C LEU CA 25 18.39 0.61 -12.43
N GLY CA 26 17.30 -0.12 -12.15
CA GLY CA 26 17.40 -1.56 -12.06
C GLY CA 26 17.78 -2.20 -13.38
N GLU CA 27 17.14 -1.77 -14.46
CA GLU CA 27 17.50 -2.27 -15.79
C GLU CA 27 18.89 -1.81 -16.20
N LEU CA 28 19.25 -0.57 -15.85
CA LEU CA 28 20.58 -0.07 -16.18
C LEU CA 28 21.66 -0.85 -15.45
N GLY CA 29 21.43 -1.16 -14.17
CA GLY CA 29 22.41 -1.91 -13.41
C GLY CA 29 22.65 -3.30 -13.96
N GLU CA 30 21.56 -4.00 -14.31
CA GLU CA 30 21.70 -5.32 -14.90
C GLU CA 30 22.38 -5.26 -16.26
N THR CA 31 22.04 -4.24 -17.06
CA THR CA 31 22.67 -4.09 -18.36
C THR CA 31 24.17 -3.82 -18.23
N ALA CA 32 24.55 -2.99 -17.27
CA ALA CA 32 25.96 -2.72 -17.04
C ALA CA 32 26.72 -3.95 -16.59
N ILE CA 33 26.06 -4.86 -15.87
CA ILE CA 33 26.72 -6.10 -15.47
C ILE CA 33 26.86 -7.03 -16.67
N LYS CA 34 25.84 -7.09 -17.53
CA LYS CA 34 25.94 -7.90 -18.73
C LYS CA 34 27.07 -7.42 -19.63
N LYS CA 35 27.29 -6.10 -19.69
CA LYS CA 35 28.40 -5.56 -20.45
C LYS CA 35 29.73 -6.00 -19.87
N ILE CA 36 29.85 -6.04 -18.54
CA ILE CA 36 31.12 -6.38 -17.90
C ILE CA 36 31.47 -7.85 -18.15
N VAL CA 37 30.52 -8.75 -17.95
CA VAL CA 37 30.79 -10.17 -18.11
C VAL CA 37 31.06 -10.50 -19.57
N LEU CA 38 30.37 -9.84 -20.50
CA LEU CA 38 30.67 -10.02 -21.91
C LEU CA 38 32.07 -9.51 -22.24
N GLU CA 39 32.46 -8.38 -21.63
CA GLU CA 39 33.83 -7.91 -21.79
C GLU CA 39 34.83 -8.89 -21.21
N THR CA 40 34.44 -9.61 -20.15
CA THR CA 40 35.30 -10.65 -19.59
C THR CA 40 35.54 -11.76 -20.60
N GLY CA 41 34.50 -12.15 -21.33
CA GLY CA 41 34.56 -13.27 -22.26
C GLY CA 41 33.56 -14.36 -22.00
N PHE CA 42 32.73 -14.25 -20.97
CA PHE CA 42 31.73 -15.24 -20.64
C PHE CA 42 30.38 -14.86 -21.24
N LEU CA 43 29.48 -15.83 -21.28
CA LEU CA 43 28.14 -15.61 -21.80
C LEU CA 43 27.18 -15.26 -20.67
N TYR CA 44 26.26 -14.34 -20.96
CA TYR CA 44 25.30 -13.85 -19.98
C TYR CA 44 23.90 -13.92 -20.56
N GLU CA 45 22.94 -14.23 -19.70
CA GLU CA 45 21.53 -14.33 -20.10
C GLU CA 45 20.69 -13.59 -19.07
N GLN CA 46 20.12 -12.46 -19.46
CA GLN CA 46 19.24 -11.72 -18.56
C GLN CA 46 17.97 -12.52 -18.30
N ARG CA 47 17.41 -12.35 -17.11
CA ARG CA 47 16.27 -13.15 -16.71
C ARG CA 47 14.96 -12.50 -17.18
N GLY CA 48 13.90 -13.30 -17.16
CA GLY CA 48 12.64 -12.90 -17.75
C GLY CA 48 11.86 -11.92 -16.88
N ARG CA 49 10.61 -11.68 -17.32
CA ARG CA 49 9.76 -10.71 -16.63
C ARG CA 49 9.43 -11.17 -15.21
N LEU CA 50 9.16 -12.46 -15.03
CA LEU CA 50 8.84 -13.00 -13.72
C LEU CA 50 10.05 -12.89 -12.81
N GLU CA 51 9.98 -11.98 -11.83
CA GLU CA 51 11.11 -11.74 -10.95
C GLU CA 51 11.36 -12.94 -10.06
N ALA CA 52 12.62 -13.38 -10.01
CA ALA CA 52 13.02 -14.50 -9.17
C ALA CA 52 14.16 -14.08 -8.27
N GLY CA 53 14.79 -15.06 -7.59
CA GLY CA 53 15.89 -14.72 -6.70
C GLY CA 53 17.06 -14.08 -7.43
N THR CA 54 17.45 -14.67 -8.56
CA THR CA 54 18.58 -14.17 -9.32
C THR CA 54 18.11 -13.22 -10.42
N ASP CA 55 19.02 -12.37 -10.87
CA ASP CA 55 18.76 -11.42 -11.94
C ASP CA 55 19.41 -11.80 -13.26
N GLY CA 56 20.34 -12.74 -13.25
CA GLY CA 56 20.98 -13.18 -14.49
C GLY CA 56 21.81 -14.42 -14.23
N ILE CA 57 22.21 -15.06 -15.33
CA ILE CA 57 22.98 -16.30 -15.29
C ILE CA 57 24.24 -16.09 -16.10
N ILE CA 58 25.40 -16.36 -15.48
CA ILE CA 58 26.68 -16.29 -16.16
C ILE CA 58 27.09 -17.69 -16.58
N GLU CA 59 27.39 -17.86 -17.86
CA GLU CA 59 27.85 -19.12 -18.40
C GLU CA 59 29.32 -19.00 -18.81
N LEU CA 60 30.16 -19.89 -18.30
CA LEU CA 60 31.58 -19.82 -18.57
C LEU CA 60 31.88 -20.16 -20.03
N ARG CA 61 33.00 -19.62 -20.52
CA ARG CA 61 33.43 -19.85 -21.89
C ARG CA 61 34.94 -19.65 -21.95
N ASP CA 62 35.63 -20.60 -22.56
CA ASP CA 62 37.09 -20.53 -22.64
C ASP CA 62 37.51 -19.40 -23.56
N PRO CA 63 38.29 -18.43 -23.07
CA PRO CA 63 38.69 -17.31 -23.94
C PRO CA 63 39.57 -17.72 -25.12
N LYS CA 64 40.25 -18.86 -25.04
CA LYS CA 64 41.17 -19.25 -26.11
C LYS CA 64 40.41 -19.85 -27.29
N SER CA 65 39.72 -20.97 -27.07
CA SER CA 65 39.01 -21.67 -28.13
C SER CA 65 37.59 -21.16 -28.34
N GLY CA 66 37.04 -20.40 -27.40
CA GLY CA 66 35.67 -19.95 -27.50
C GLY CA 66 34.63 -20.99 -27.13
N ALA CA 67 35.05 -22.16 -26.68
CA ALA CA 67 34.10 -23.23 -26.36
C ALA CA 67 33.36 -22.92 -25.08
N PRO CA 68 32.02 -22.91 -25.08
CA PRO CA 68 31.28 -22.69 -23.83
C PRO CA 68 31.37 -23.92 -22.94
N LEU CA 69 31.92 -23.73 -21.74
CA LEU CA 69 32.12 -24.84 -20.82
C LEU CA 69 30.81 -25.41 -20.27
N GLY CA 70 29.70 -24.70 -20.44
CA GLY CA 70 28.41 -25.17 -19.97
C GLY CA 70 28.17 -24.99 -18.49
N LYS CA 71 29.11 -24.43 -17.74
CA LYS CA 71 28.94 -24.23 -16.32
C LYS CA 71 28.20 -22.92 -16.07
N LEU CA 72 27.04 -23.01 -15.43
CA LEU CA 72 26.24 -21.83 -15.15
C LEU CA 72 26.64 -21.22 -13.80
N LEU CA 73 26.21 -19.98 -13.61
CA LEU CA 73 26.57 -19.23 -12.40
C LEU CA 73 25.52 -18.15 -12.19
N GLY CA 74 24.73 -18.30 -11.12
CA GLY CA 74 23.67 -17.34 -10.87
C GLY CA 74 24.22 -16.00 -10.41
N VAL CA 75 23.53 -14.94 -10.81
CA VAL CA 75 23.95 -13.57 -10.52
C VAL CA 75 22.74 -12.75 -10.08
N GLN CA 76 22.86 -12.07 -8.95
CA GLN CA 76 21.90 -11.07 -8.52
C GLN CA 76 22.59 -9.71 -8.48
N VAL CA 77 21.96 -8.71 -9.07
CA VAL CA 77 22.55 -7.38 -9.21
C VAL CA 77 21.72 -6.40 -8.40
N LYS CA 78 22.39 -5.69 -7.49
CA LYS CA 78 21.78 -4.58 -6.75
C LYS CA 78 22.40 -3.29 -7.27
N SER CA 79 21.55 -2.38 -7.74
CA SER CA 79 21.99 -1.12 -8.34
C SER CA 79 21.60 0.03 -7.44
N THR CA 80 22.56 0.92 -7.16
CA THR CA 80 22.33 2.09 -6.34
C THR CA 80 22.73 3.34 -7.11
N GLU CA 81 22.17 4.48 -6.71
CA GLU CA 81 22.40 5.76 -7.36
C GLU CA 81 23.04 6.71 -6.35
N SER CA 82 24.35 6.91 -6.46
CA SER CA 82 25.09 7.86 -5.63
C SER CA 82 24.90 7.57 -4.14
N GLY CA 83 24.85 6.29 -3.79
CA GLY CA 83 24.70 5.87 -2.42
C GLY CA 83 26.03 5.75 -1.70
N GLN CA 84 25.96 5.22 -0.48
CA GLN CA 84 27.15 4.97 0.32
C GLN CA 84 26.86 3.74 1.16
N TYR CA 85 27.61 2.65 0.90
CA TYR CA 85 27.35 1.39 1.59
C TYR CA 85 27.68 1.52 3.07
N VAL CA 86 27.16 0.56 3.85
CA VAL CA 86 27.27 0.64 5.29
C VAL CA 86 28.73 0.52 5.71
N ARG CA 87 29.21 1.53 6.43
CA ARG CA 87 30.58 1.58 6.93
C ARG CA 87 31.59 1.42 5.80
N GLU CA 88 31.56 2.39 4.88
CA GLU CA 88 32.40 2.38 3.69
C GLU CA 88 33.63 3.24 3.92
N ASN CA 89 34.78 2.59 4.04
CA ASN CA 89 36.06 3.29 4.09
C ASN CA 89 36.53 3.56 2.66
N ASP CA 90 37.78 3.98 2.52
CA ASP CA 90 38.39 4.12 1.20
C ASP CA 90 38.93 2.81 0.66
N ASN CA 91 38.83 1.72 1.43
CA ASN CA 91 39.36 0.44 1.01
C ASN CA 91 38.40 -0.72 1.23
N SER CA 92 37.30 -0.53 1.95
CA SER CA 92 36.39 -1.62 2.23
C SER CA 92 35.02 -1.06 2.61
N PHE CA 93 34.00 -1.91 2.50
CA PHE CA 93 32.66 -1.58 2.94
C PHE CA 93 31.93 -2.88 3.23
N GLU CA 94 30.67 -2.75 3.67
CA GLU CA 94 29.86 -3.89 4.06
C GLU CA 94 28.53 -3.86 3.31
N TYR CA 95 27.78 -4.95 3.44
CA TYR CA 95 26.47 -5.07 2.83
C TYR CA 95 25.65 -6.09 3.61
N LEU CA 96 24.37 -5.81 3.79
CA LEU CA 96 23.46 -6.65 4.55
C LEU CA 96 22.50 -7.35 3.60
N LEU CA 97 22.57 -8.68 3.57
CA LEU CA 97 21.68 -9.47 2.73
C LEU CA 97 20.32 -9.63 3.38
N LYS CA 98 19.27 -9.57 2.58
CA LYS CA 98 17.93 -9.83 3.08
C LYS CA 98 17.81 -11.29 3.48
N PRO CA 99 17.10 -11.59 4.59
CA PRO CA 99 17.01 -12.99 5.04
C PRO CA 99 16.35 -13.91 4.04
N ASP CA 100 15.36 -13.42 3.28
CA ASP CA 100 14.70 -14.27 2.30
C ASP CA 100 15.61 -14.62 1.13
N ASP CA 101 16.52 -13.71 0.77
CA ASP CA 101 17.47 -13.98 -0.30
C ASP CA 101 18.40 -15.13 0.07
N LEU CA 102 18.82 -15.19 1.34
CA LEU CA 102 19.70 -16.27 1.77
C LEU CA 102 19.02 -17.62 1.64
N LYS CA 103 17.74 -17.71 2.01
CA LYS CA 103 17.02 -18.98 1.93
C LYS CA 103 16.92 -19.47 0.49
N TYR CA 104 16.64 -18.56 -0.45
CA TYR CA 104 16.56 -18.94 -1.86
C TYR CA 104 17.91 -19.43 -2.37
N TRP CA 105 18.99 -18.74 -2.00
CA TRP CA 105 20.31 -19.08 -2.54
C TRP CA 105 20.80 -20.43 -2.04
N ARG CA 106 20.45 -20.81 -0.81
CA ARG CA 106 20.85 -22.11 -0.29
C ARG CA 106 20.22 -23.24 -1.10
N THR CA 107 18.96 -23.07 -1.50
CA THR CA 107 18.27 -24.11 -2.27
C THR CA 107 18.76 -24.18 -3.71
N SER CA 108 19.43 -23.15 -4.20
CA SER CA 108 19.90 -23.13 -5.58
C SER CA 108 20.94 -24.23 -5.81
N ASN CA 109 20.87 -24.84 -6.99
CA ASN CA 109 21.78 -25.91 -7.38
C ASN CA 109 23.01 -25.40 -8.13
N ILE CA 110 23.15 -24.09 -8.27
CA ILE CA 110 24.30 -23.49 -8.94
C ILE CA 110 24.91 -22.45 -8.02
N PRO CA 111 26.19 -22.13 -8.16
CA PRO CA 111 26.76 -21.03 -7.36
C PRO CA 111 26.10 -19.71 -7.70
N VAL CA 112 26.01 -18.84 -6.70
CA VAL CA 112 25.39 -17.53 -6.84
C VAL CA 112 26.37 -16.48 -6.35
N ILE CA 113 26.54 -15.42 -7.14
CA ILE CA 113 27.34 -14.28 -6.73
C ILE CA 113 26.44 -13.06 -6.64
N ILE CA 114 26.81 -12.13 -5.76
CA ILE CA 114 26.10 -10.88 -5.58
C ILE CA 114 26.98 -9.76 -6.13
N VAL CA 115 26.42 -8.96 -7.03
CA VAL CA 115 27.16 -7.90 -7.70
C VAL CA 115 26.51 -6.57 -7.34
N LEU CA 116 27.30 -5.65 -6.79
CA LEU CA 116 26.84 -4.33 -6.41
C LEU CA 116 27.36 -3.32 -7.44
N TRP CA 117 26.45 -2.56 -8.03
CA TRP CA 117 26.79 -1.60 -9.07
C TRP CA 117 26.32 -0.22 -8.64
N ARG CA 118 27.21 0.76 -8.72
CA ARG CA 118 26.90 2.15 -8.36
C ARG CA 118 27.02 3.00 -9.61
N LYS CA 119 25.96 3.74 -9.93
CA LYS CA 119 25.93 4.53 -11.16
C LYS CA 119 26.80 5.78 -11.04
N SER CA 120 26.95 6.33 -9.83
CA SER CA 120 27.66 7.59 -9.67
C SER CA 120 29.12 7.49 -10.11
N ASP CA 121 29.80 6.42 -9.73
CA ASP CA 121 31.21 6.24 -10.06
C ASP CA 121 31.46 5.04 -10.97
N GLU CA 122 30.41 4.40 -11.48
CA GLU CA 122 30.53 3.26 -12.38
C GLU CA 122 31.40 2.15 -11.78
N THR CA 123 31.23 1.92 -10.49
CA THR CA 123 31.99 0.90 -9.78
C THR CA 123 31.15 -0.35 -9.58
N ALA CA 124 31.78 -1.50 -9.81
CA ALA CA 124 31.10 -2.79 -9.67
C ALA CA 124 31.93 -3.67 -8.74
N TYR CA 125 31.27 -4.28 -7.75
CA TYR CA 125 31.90 -5.18 -6.82
C TYR CA 125 31.12 -6.48 -6.75
N TRP CA 126 31.83 -7.58 -6.53
CA TRP CA 126 31.21 -8.90 -6.51
C TRP CA 126 31.74 -9.70 -5.34
N LYS CA 127 30.96 -10.70 -4.94
CA LYS CA 127 31.32 -11.57 -3.82
C LYS CA 127 30.39 -12.79 -3.84
N ASP CA 128 30.95 -13.96 -3.53
CA ASP CA 128 30.13 -15.16 -3.42
C ASP CA 128 29.18 -15.03 -2.23
N VAL CA 129 27.92 -15.41 -2.45
CA VAL CA 129 26.91 -15.25 -1.41
C VAL CA 129 27.19 -16.18 -0.23
N SER CA 130 27.68 -17.38 -0.51
CA SER CA 130 28.04 -18.29 0.57
C SER CA 130 29.17 -17.73 1.42
N ASP CA 131 30.15 -17.09 0.79
CA ASP CA 131 31.18 -16.39 1.53
C ASP CA 131 30.55 -15.23 2.31
N CYS CA 132 30.92 -15.11 3.58
CA CYS CA 132 30.34 -14.10 4.44
C CYS CA 132 31.23 -13.91 5.65
N VAL CA 133 30.97 -12.84 6.41
CA VAL CA 133 31.67 -12.61 7.66
C VAL CA 133 31.38 -13.76 8.62
N ARG CA 134 32.41 -14.19 9.36
CA ARG CA 134 32.27 -15.32 10.27
C ARG CA 134 31.18 -15.06 11.31
N GLY CA 135 30.93 -13.80 11.65
CA GLY CA 135 29.96 -13.47 12.68
C GLY CA 135 28.52 -13.61 12.24
N GLU CA 136 28.11 -12.82 11.26
CA GLU CA 136 26.72 -12.75 10.82
C GLU CA 136 26.57 -13.43 9.47
N GLU CA 137 25.55 -14.28 9.34
CA GLU CA 137 25.28 -14.94 8.07
C GLU CA 137 24.74 -13.97 7.02
N ARG CA 138 24.18 -12.84 7.44
CA ARG CA 138 23.57 -11.87 6.53
C ARG CA 138 24.50 -10.71 6.21
N ARG CA 139 25.75 -10.76 6.65
CA ARG CA 139 26.69 -9.65 6.51
C ARG CA 139 27.85 -10.07 5.62
N LEU CA 140 28.16 -9.24 4.63
CA LEU CA 140 29.30 -9.45 3.75
C LEU CA 140 30.24 -8.26 3.86
N LYS CA 141 31.55 -8.54 3.89
CA LYS CA 141 32.57 -7.51 3.99
C LYS CA 141 33.31 -7.44 2.66
N PHE CA 142 32.99 -6.42 1.87
CA PHE CA 142 33.62 -6.23 0.58
C PHE CA 142 34.94 -5.49 0.74
N ASP CA 143 35.91 -5.83 -0.10
CA ASP CA 143 37.18 -5.12 -0.18
C ASP CA 143 37.28 -4.44 -1.53
N LYS CA 144 37.53 -3.13 -1.52
CA LYS CA 144 37.56 -2.36 -2.76
C LYS CA 144 38.74 -2.72 -3.65
N GLY CA 145 39.70 -3.49 -3.16
CA GLY CA 145 40.84 -3.88 -3.97
C GLY CA 145 40.70 -5.20 -4.68
N THR CA 146 40.18 -6.20 -3.97
CA THR CA 146 40.13 -7.56 -4.51
C THR CA 146 38.76 -7.96 -5.04
N ASP CA 147 37.71 -7.19 -4.74
CA ASP CA 147 36.35 -7.56 -5.13
C ASP CA 147 35.83 -6.77 -6.32
N VAL CA 148 36.71 -6.07 -7.04
CA VAL CA 148 36.28 -5.28 -8.19
C VAL CA 148 35.81 -6.23 -9.29
N PHE CA 149 34.61 -5.97 -9.81
CA PHE CA 149 34.03 -6.82 -10.85
C PHE CA 149 34.47 -6.28 -12.21
N ASP CA 150 35.25 -7.08 -12.93
CA ASP CA 150 35.90 -6.65 -14.17
C ASP CA 150 36.51 -7.86 -14.84
N PRO CA 151 36.99 -7.73 -16.08
CA PRO CA 151 37.63 -8.88 -16.74
C PRO CA 151 38.86 -9.41 -16.02
N ARG CA 152 39.49 -8.62 -15.15
CA ARG CA 152 40.63 -9.10 -14.38
C ARG CA 152 40.25 -10.19 -13.38
N SER CA 153 38.96 -10.38 -13.11
CA SER CA 153 38.49 -11.37 -12.14
C SER CA 153 37.88 -12.60 -12.82
N ALA CA 154 38.26 -12.87 -14.06
CA ALA CA 154 37.71 -14.03 -14.78
C ALA CA 154 38.09 -15.33 -14.10
N ASP CA 155 39.35 -15.45 -13.67
CA ASP CA 155 39.82 -16.71 -13.09
C ASP CA 155 39.09 -17.05 -11.81
N ARG CA 156 38.90 -16.06 -10.94
CA ARG CA 156 38.24 -16.33 -9.65
C ARG CA 156 36.75 -16.53 -9.81
N ILE CA 157 36.13 -15.92 -10.82
CA ILE CA 157 34.70 -16.10 -11.07
C ILE CA 157 34.42 -17.54 -11.46
N GLY CA 158 35.23 -18.09 -12.36
CA GLY CA 158 35.00 -19.45 -12.83
C GLY CA 158 35.39 -20.54 -11.86
N ALA CA 159 36.22 -20.21 -10.86
CA ALA CA 159 36.64 -21.20 -9.89
C ALA CA 159 35.51 -21.66 -8.98
N LEU CA 160 34.41 -20.91 -8.91
CA LEU CA 160 33.32 -21.29 -8.03
C LEU CA 160 32.51 -22.46 -8.58
N THR CA 161 32.50 -22.65 -9.90
CA THR CA 161 31.62 -23.64 -10.50
C THR CA 161 32.11 -25.07 -10.25
N ILE CA 162 33.36 -25.27 -9.85
CA ILE CA 162 33.87 -26.60 -9.60
C ILE CA 162 33.51 -27.02 -8.17
N ASP CA 163 33.36 -28.33 -7.98
CA ASP CA 163 33.07 -28.87 -6.66
C ASP CA 163 34.36 -28.90 -5.85
N ARG CA 164 34.48 -28.00 -4.88
CA ARG CA 164 35.69 -27.92 -4.07
C ARG CA 164 35.91 -29.19 -3.28
N ARG CA 165 34.86 -29.74 -2.68
CA ARG CA 165 34.94 -30.96 -1.89
C ARG CA 165 33.88 -31.94 -2.37
N THR CA 166 34.31 -33.15 -2.70
CA THR CA 166 33.37 -34.19 -3.08
C THR CA 166 32.65 -34.71 -1.85
N PRO CA 167 31.32 -34.67 -1.81
CA PRO CA 167 30.60 -35.13 -0.62
C PRO CA 167 30.84 -36.61 -0.34
N GLY CA 168 30.96 -36.94 0.95
CA GLY CA 168 31.18 -38.30 1.38
C GLY CA 168 32.64 -38.74 1.40
N VAL CA 169 33.57 -37.90 0.94
CA VAL CA 169 34.97 -38.27 0.97
C VAL CA 169 35.50 -38.26 2.40
N PHE CA 170 35.12 -37.25 3.18
CA PHE CA 170 35.48 -37.05 4.58
C PHE CA 170 36.96 -36.71 4.76
N LEU CA 171 37.74 -36.63 3.69
CA LEU CA 171 39.18 -36.36 3.73
C LEU CA 171 39.88 -37.32 4.69
N PRO CA 172 39.97 -38.60 4.34
CA PRO CA 172 40.54 -39.58 5.27
C PRO CA 172 42.04 -39.44 5.37
N PRO CA 173 42.58 -39.40 6.60
CA PRO CA 173 44.04 -39.38 6.76
C PRO CA 173 44.66 -40.74 6.46
N LEU CA 174 45.97 -40.87 6.68
CA LEU CA 174 46.68 -42.10 6.42
C LEU CA 174 47.52 -42.47 7.64
N ASN CA 175 47.71 -43.77 7.83
CA ASN CA 175 48.50 -44.30 8.94
C ASN CA 175 49.32 -45.47 8.45
N LYS CA 176 50.18 -46.00 9.33
CA LYS CA 176 50.94 -47.19 9.01
C LYS CA 176 50.00 -48.39 8.88
N GLY CA 177 50.28 -49.23 7.90
CA GLY CA 177 49.43 -50.39 7.64
C GLY CA 177 50.27 -51.58 7.19
N GLU CA 178 49.80 -52.76 7.58
CA GLU CA 178 50.42 -54.01 7.20
C GLU CA 178 49.37 -54.99 6.72
N ASP CA 179 49.74 -55.80 5.73
CA ASP CA 179 48.87 -56.81 5.17
C ASP CA 179 49.49 -58.19 5.37
N ALA CA 180 48.63 -59.19 5.51
CA ALA CA 180 49.06 -60.56 5.71
C ALA CA 180 48.10 -61.49 5.01
N ILE CA 181 48.58 -62.69 4.68
CA ILE CA 181 47.80 -63.66 3.93
C ILE CA 181 47.68 -64.94 4.76
N ILE CA 182 46.44 -65.36 4.98
CA ILE CA 182 46.14 -66.65 5.60
C ILE CA 182 46.55 -67.80 4.67
N ASN CA 183 46.77 -68.98 5.27
CA ASN CA 183 46.89 -70.23 4.54
C ASN CA 183 45.56 -70.95 4.42
N LEU CA 184 44.46 -70.20 4.42
CA LEU CA 184 43.11 -70.70 4.57
C LEU CA 184 42.37 -70.57 3.24
N LEU CA 185 41.47 -71.50 2.96
CA LEU CA 185 40.76 -71.44 1.70
C LEU CA 185 39.28 -71.77 1.90
N ARG CA 186 38.41 -70.91 1.39
CA ARG CA 186 36.97 -71.11 1.49
C ARG CA 186 36.51 -72.14 0.47
N ILE CA 187 35.36 -72.73 0.76
CA ILE CA 187 34.74 -73.73 -0.11
C ILE CA 187 33.31 -73.31 -0.39
N ARG CA 188 33.00 -73.03 -1.66
CA ARG CA 188 31.61 -73.00 -2.09
C ARG CA 188 31.20 -74.43 -2.40
N LEU CA 189 30.39 -75.00 -1.50
CA LEU CA 189 30.03 -76.41 -1.55
C LEU CA 189 29.07 -76.68 -2.71
N PRO CA 190 28.95 -77.95 -3.11
CA PRO CA 190 27.90 -78.30 -4.07
C PRO CA 190 26.52 -77.95 -3.53
N ASP CA 191 25.64 -77.54 -4.44
CA ASP CA 191 24.31 -77.09 -4.04
C ASP CA 191 23.53 -78.20 -3.34
N GLU CA 192 23.64 -79.43 -3.84
CA GLU CA 192 22.98 -80.58 -3.25
C GLU CA 192 24.04 -81.61 -2.81
N ILE CA 193 23.57 -82.62 -2.10
CA ILE CA 193 24.41 -83.73 -1.66
C ILE CA 193 23.77 -85.02 -2.14
N PHE CA 194 24.60 -85.98 -2.56
CA PHE CA 194 24.13 -87.24 -3.12
C PHE CA 194 24.13 -88.36 -2.10
N ILE CA 195 23.81 -88.04 -0.84
CA ILE CA 195 23.73 -89.06 0.20
C ILE CA 195 22.65 -90.07 -0.14
N SER CA 196 22.95 -91.35 0.10
CA SER CA 196 22.01 -92.43 -0.21
C SER CA 196 22.25 -93.59 0.73
N THR CA 197 21.25 -94.48 0.80
CA THR CA 197 21.25 -95.60 1.74
C THR CA 197 21.79 -96.84 1.05
N SER CA 198 23.08 -97.11 1.24
CA SER CA 198 23.69 -98.30 0.66
C SER CA 198 23.37 -99.53 1.49
N PRO CA 199 22.78 -100.58 0.90
CA PRO CA 199 22.54 -101.82 1.66
C PRO CA 199 23.80 -102.50 2.15
N PHE CA 200 24.96 -102.21 1.56
CA PHE CA 200 26.24 -102.74 2.02
C PHE CA 200 26.75 -101.81 3.12
N GLY CA 201 26.46 -102.17 4.38
CA GLY CA 201 26.80 -101.30 5.48
C GLY CA 201 28.30 -101.14 5.69
N SER CA 202 29.05 -102.25 5.60
CA SER CA 202 30.47 -102.20 5.88
C SER CA 202 31.20 -101.41 4.80
N GLY CA 203 32.24 -100.69 5.22
CA GLY CA 203 32.98 -99.82 4.32
C GLY CA 203 34.26 -100.44 3.78
N ARG CA 204 34.92 -101.27 4.59
CA ARG CA 204 36.18 -101.88 4.17
C ARG CA 204 35.97 -102.86 3.02
N ASP CA 205 34.83 -103.54 2.99
CA ASP CA 205 34.55 -104.55 1.97
C ASP CA 205 33.64 -104.03 0.87
N ALA CA 206 33.42 -102.71 0.79
CA ALA CA 206 32.57 -102.15 -0.24
C ALA CA 206 33.30 -101.97 -1.57
N VAL CA 207 34.63 -101.89 -1.56
CA VAL CA 207 35.43 -101.69 -2.76
C VAL CA 207 35.32 -102.84 -3.75
N PRO CA 208 35.45 -104.12 -3.33
CA PRO CA 208 35.55 -105.20 -4.34
C PRO CA 208 34.38 -105.28 -5.29
N GLU CA 209 33.15 -105.03 -4.83
CA GLU CA 209 32.00 -105.13 -5.72
C GLU CA 209 31.75 -103.86 -6.52
N LEU CA 210 32.51 -102.79 -6.26
CA LEU CA 210 32.30 -101.52 -6.91
C LEU CA 210 33.35 -101.19 -7.97
N VAL CA 211 34.52 -101.83 -7.90
CA VAL CA 211 35.64 -101.45 -8.75
C VAL CA 211 35.42 -101.75 -10.23
N LYS CA 212 34.43 -102.58 -10.57
CA LYS CA 212 34.27 -103.05 -11.95
C LYS CA 212 33.52 -102.04 -12.82
N HIS CA 213 32.57 -101.32 -12.24
CA HIS CA 213 31.64 -100.48 -13.00
C HIS CA 213 32.36 -99.39 -13.79
N GLY CA 214 33.06 -98.48 -13.11
CA GLY CA 214 33.69 -97.35 -13.76
C GLY CA 214 35.13 -97.19 -13.30
N ASN CA 215 35.72 -96.06 -13.72
CA ASN CA 215 37.09 -95.71 -13.35
C ASN CA 215 37.14 -94.21 -13.03
N VAL CA 216 36.17 -93.71 -12.28
CA VAL CA 216 36.07 -92.28 -11.98
C VAL CA 216 36.22 -92.07 -10.48
N ARG CA 217 37.08 -92.88 -9.86
CA ARG CA 217 37.57 -92.67 -8.50
C ARG CA 217 36.52 -93.00 -7.43
N PHE CA 218 36.82 -92.66 -6.18
CA PHE CA 218 36.14 -93.18 -5.00
C PHE CA 218 35.56 -92.06 -4.15
N ASP CA 219 34.83 -91.14 -4.78
CA ASP CA 219 34.16 -90.06 -4.03
C ASP CA 219 32.88 -90.57 -3.38
N TRP CA 220 33.03 -91.58 -2.53
CA TRP CA 220 31.93 -92.13 -1.73
C TRP CA 220 32.45 -92.40 -0.33
N VAL CA 221 31.82 -91.78 0.66
CA VAL CA 221 32.20 -91.93 2.07
C VAL CA 221 31.13 -92.78 2.72
N ILE CA 222 31.53 -93.95 3.21
CA ILE CA 222 30.60 -94.98 3.66
C ILE CA 222 30.80 -95.22 5.15
N ARG CA 223 29.73 -95.04 5.92
CA ARG CA 223 29.63 -95.48 7.31
C ARG CA 223 28.21 -95.19 7.80
N LYS CA 224 27.85 -95.66 9.00
CA LYS CA 224 26.51 -95.50 9.55
C LYS CA 224 25.47 -96.28 8.71
N ARG CA 225 25.92 -97.41 8.13
CA ARG CA 225 25.14 -98.18 7.16
C ARG CA 225 24.73 -97.36 5.96
N ARG CA 226 25.54 -96.39 5.55
CA ARG CA 226 25.18 -95.52 4.43
C ARG CA 226 26.45 -94.99 3.78
N PHE CA 227 26.33 -94.57 2.53
CA PHE CA 227 27.44 -93.99 1.80
C PHE CA 227 27.09 -92.58 1.34
N VAL CA 228 28.05 -91.67 1.44
CA VAL CA 228 27.85 -90.26 1.15
C VAL CA 228 28.58 -89.93 -0.15
N SER CA 229 27.87 -89.28 -1.07
CA SER CA 229 28.45 -88.89 -2.35
C SER CA 229 27.97 -87.48 -2.70
N PHE CA 230 28.50 -86.95 -3.80
CA PHE CA 230 28.11 -85.64 -4.29
C PHE CA 230 28.02 -85.56 -5.80
N PHE CA 231 28.17 -86.66 -6.52
CA PHE CA 231 28.23 -86.65 -7.97
C PHE CA 231 27.29 -87.71 -8.53
N ASP CA 232 27.20 -87.75 -9.86
CA ASP CA 232 26.28 -88.66 -10.53
C ASP CA 232 26.75 -90.11 -10.39
N PRO CA 233 25.80 -91.05 -10.31
CA PRO CA 233 26.18 -92.46 -10.11
C PRO CA 233 26.77 -93.10 -11.36
N ARG CA 234 26.13 -92.85 -12.51
CA ARG CA 234 26.54 -93.44 -13.78
C ARG CA 234 27.92 -93.01 -14.25
N GLU CA 235 28.51 -91.99 -13.64
CA GLU CA 235 29.90 -91.70 -13.96
C GLU CA 235 30.82 -92.84 -13.52
N TYR CA 236 30.70 -93.28 -12.27
CA TYR CA 236 31.51 -94.39 -11.76
C TYR CA 236 30.73 -95.67 -11.52
N GLY CA 237 29.42 -95.60 -11.34
CA GLY CA 237 28.63 -96.81 -11.13
C GLY CA 237 28.38 -97.14 -9.68
N THR CA 238 27.88 -96.16 -8.92
CA THR CA 238 27.68 -96.32 -7.48
C THR CA 238 26.57 -97.29 -7.13
N ARG CA 239 25.74 -97.70 -8.09
CA ARG CA 239 24.67 -98.65 -7.79
C ARG CA 239 25.18 -100.05 -7.50
N ALA CA 240 26.47 -100.31 -7.70
CA ALA CA 240 27.00 -101.61 -7.30
C ALA CA 240 26.92 -101.81 -5.79
N ILE CA 241 26.92 -100.72 -5.02
CA ILE CA 241 26.76 -100.81 -3.58
C ILE CA 241 25.36 -100.40 -3.12
N VAL CA 242 24.67 -99.54 -3.87
CA VAL CA 242 23.40 -98.98 -3.44
C VAL CA 242 22.32 -99.32 -4.46
N ASP CA 243 21.08 -99.39 -3.99
CA ASP CA 243 19.94 -99.60 -4.88
C ASP CA 243 19.45 -98.25 -5.38
N LEU CA 244 18.80 -98.29 -6.55
CA LEU CA 244 18.34 -97.04 -7.19
C LEU CA 244 17.29 -96.35 -6.34
N ASP CA 245 16.36 -97.11 -5.75
CA ASP CA 245 15.30 -96.51 -4.95
C ASP CA 245 15.84 -95.83 -3.70
N GLN CA 246 16.93 -96.34 -3.14
CA GLN CA 246 17.49 -95.75 -1.93
C GLN CA 246 18.12 -94.38 -2.17
N VAL CA 247 18.36 -94.02 -3.42
CA VAL CA 247 19.09 -92.79 -3.74
C VAL CA 247 18.12 -91.61 -3.70
N GLU CA 248 18.37 -90.67 -2.80
CA GLU CA 248 17.59 -89.43 -2.69
C GLU CA 248 18.57 -88.27 -2.56
N ALA CA 249 18.71 -87.49 -3.63
CA ALA CA 249 19.60 -86.34 -3.66
C ALA CA 249 18.89 -85.04 -3.32
N VAL CA 250 17.65 -85.11 -2.85
CA VAL CA 250 16.92 -83.90 -2.50
C VAL CA 250 17.60 -83.16 -1.35
N ASP CA 251 18.29 -83.89 -0.48
CA ASP CA 251 19.03 -83.26 0.61
C ASP CA 251 20.07 -82.31 0.05
N THR CA 252 20.20 -81.14 0.68
CA THR CA 252 21.09 -80.09 0.22
C THR CA 252 21.89 -79.57 1.42
N LYS CA 253 23.07 -80.14 1.64
CA LYS CA 253 24.05 -79.67 2.62
C LYS CA 253 23.56 -79.84 4.06
N LEU CA 254 22.37 -80.41 4.26
CA LEU CA 254 21.75 -80.45 5.59
C LEU CA 254 22.64 -81.15 6.61
N ILE CA 255 23.18 -82.32 6.24
CA ILE CA 255 23.99 -83.07 7.18
C ILE CA 255 25.38 -82.47 7.34
N ALA CA 256 25.77 -81.54 6.46
CA ALA CA 256 27.11 -80.97 6.53
C ALA CA 256 27.25 -80.02 7.71
N PHE CA 257 26.23 -79.19 7.96
CA PHE CA 257 26.31 -78.13 8.97
C PHE CA 257 25.54 -78.49 10.24
N ASN CA 258 25.34 -79.78 10.51
CA ASN CA 258 24.62 -80.23 11.69
C ASN CA 258 25.56 -80.19 12.90
N ASP CA 259 25.12 -80.78 14.01
CA ASP CA 259 25.87 -80.76 15.26
C ASP CA 259 26.49 -82.08 15.65
N GLU CA 260 25.94 -83.21 15.19
CA GLU CA 260 26.45 -84.51 15.59
C GLU CA 260 27.85 -84.74 15.02
N GLN CA 261 28.77 -85.20 15.87
CA GLN CA 261 30.18 -85.25 15.50
C GLN CA 261 30.41 -86.16 14.30
N ASP CA 262 29.70 -87.29 14.24
CA ASP CA 262 29.94 -88.26 13.17
C ASP CA 262 29.67 -87.63 11.81
N ASP CA 263 28.56 -86.92 11.67
CA ASP CA 263 28.22 -86.33 10.38
C ASP CA 263 29.20 -85.23 9.99
N LEU CA 264 29.74 -84.50 10.96
CA LEU CA 264 30.86 -83.61 10.66
C LEU CA 264 32.06 -84.40 10.17
N ASN CA 265 32.35 -85.54 10.81
CA ASN CA 265 33.48 -86.36 10.38
C ASN CA 265 33.24 -86.95 8.99
N ASP CA 266 32.00 -87.31 8.69
CA ASP CA 266 31.69 -87.81 7.34
C ASP CA 266 31.80 -86.70 6.31
N THR CA 267 31.54 -85.45 6.70
CA THR CA 267 31.45 -84.38 5.73
C THR CA 267 32.82 -84.03 5.14
N MET CA 268 33.83 -83.83 5.98
CA MET CA 268 35.16 -83.50 5.46
C MET CA 268 35.99 -84.72 5.13
N ASP CA 269 35.49 -85.92 5.45
CA ASP CA 269 36.09 -87.12 4.89
C ASP CA 269 35.90 -87.14 3.37
N LEU CA 270 34.78 -86.59 2.90
CA LEU CA 270 34.54 -86.48 1.46
C LEU CA 270 35.52 -85.52 0.79
N LEU CA 271 35.76 -84.35 1.40
CA LEU CA 271 36.67 -83.37 0.81
C LEU CA 271 38.07 -83.93 0.66
N ARG CA 272 38.46 -84.87 1.53
CA ARG CA 272 39.74 -85.54 1.33
C ARG CA 272 39.72 -86.36 0.05
N ARG CA 273 38.68 -87.18 -0.13
CA ARG CA 273 38.56 -87.96 -1.36
C ARG CA 273 38.35 -87.07 -2.57
N THR CA 274 37.57 -86.00 -2.41
CA THR CA 274 37.23 -85.14 -3.54
C THR CA 274 38.44 -84.34 -4.03
N VAL CA 275 39.22 -83.79 -3.10
CA VAL CA 275 40.29 -82.87 -3.49
C VAL CA 275 41.37 -83.59 -4.29
N GLU CA 276 41.66 -84.85 -3.98
CA GLU CA 276 42.78 -85.53 -4.61
C GLU CA 276 42.54 -85.73 -6.10
N ARG CA 277 41.38 -86.29 -6.46
CA ARG CA 277 41.08 -86.45 -7.89
C ARG CA 277 40.79 -85.12 -8.56
N GLN CA 278 40.30 -84.13 -7.80
CA GLN CA 278 40.11 -82.79 -8.34
C GLN CA 278 41.46 -82.16 -8.69
N THR CA 279 42.50 -82.47 -7.92
CA THR CA 279 43.84 -81.93 -8.15
C THR CA 279 44.83 -83.02 -8.59
N ALA CA 280 44.33 -84.14 -9.12
CA ALA CA 280 45.20 -85.23 -9.51
C ALA CA 280 46.12 -84.87 -10.68
N THR CA 281 45.80 -83.79 -11.41
CA THR CA 281 46.64 -83.40 -12.53
C THR CA 281 48.04 -82.99 -12.05
N GLN CA 282 48.12 -82.28 -10.93
CA GLN CA 282 49.39 -81.77 -10.43
C GLN CA 282 49.77 -82.32 -9.07
N LEU CA 283 48.95 -83.19 -8.48
CA LEU CA 283 49.18 -83.69 -7.13
C LEU CA 283 49.08 -85.20 -7.08
N SER CA 284 49.89 -85.79 -6.21
CA SER CA 284 49.83 -87.20 -5.89
C SER CA 284 49.87 -87.36 -4.38
N PHE CA 285 49.20 -88.39 -3.87
CA PHE CA 285 49.01 -88.56 -2.44
C PHE CA 285 49.73 -89.81 -1.94
N LEU CA 286 50.47 -89.66 -0.85
CA LEU CA 286 51.09 -90.79 -0.16
C LEU CA 286 50.23 -91.18 1.04
N ARG CA 287 49.85 -92.45 1.10
CA ARG CA 287 48.92 -92.89 2.14
C ARG CA 287 49.58 -92.89 3.53
N LYS CA 288 50.89 -93.12 3.59
CA LYS CA 288 51.58 -93.18 4.88
C LYS CA 288 51.46 -91.85 5.62
N ASP CA 289 51.64 -90.74 4.90
CA ASP CA 289 51.45 -89.42 5.46
C ASP CA 289 50.07 -88.88 5.10
N ARG CA 290 49.77 -87.68 5.56
CA ARG CA 290 48.61 -86.92 5.11
C ARG CA 290 48.99 -85.85 4.10
N LEU CA 291 50.03 -86.11 3.31
CA LEU CA 291 50.70 -85.10 2.50
C LEU CA 291 50.28 -85.24 1.04
N PHE CA 292 49.96 -84.11 0.42
CA PHE CA 292 49.71 -84.04 -1.02
C PHE CA 292 50.98 -83.47 -1.67
N HIS CA 293 51.71 -84.33 -2.38
CA HIS CA 293 52.97 -83.93 -3.01
C HIS CA 293 52.75 -83.65 -4.49
N PHE CA 294 53.42 -82.61 -4.98
CA PHE CA 294 53.24 -82.18 -6.36
C PHE CA 294 53.74 -83.23 -7.35
N LYS CA 295 53.09 -83.29 -8.50
CA LYS CA 295 53.50 -84.18 -9.57
C LYS CA 295 54.89 -83.83 -10.09
N ARG CA 303 59.92 -80.53 -12.49
CA ARG CA 303 59.20 -79.48 -13.19
C ARG CA 303 59.02 -78.25 -12.31
N SER CA 304 58.55 -77.16 -12.90
CA SER CA 304 58.30 -75.92 -12.18
C SER CA 304 56.87 -75.47 -12.45
N TYR CA 305 56.21 -75.00 -11.39
CA TYR CA 305 54.82 -74.53 -11.48
C TYR CA 305 54.77 -73.02 -11.30
N ARG CA 306 54.04 -72.35 -12.19
CA ARG CA 306 53.88 -70.91 -12.14
C ARG CA 306 52.42 -70.56 -11.88
N TYR CA 307 52.19 -69.65 -10.95
CA TYR CA 307 50.83 -69.23 -10.62
C TYR CA 307 50.39 -68.11 -11.55
N SER CA 320 56.39 -69.26 -10.62
CA SER CA 320 57.60 -69.39 -11.43
C SER CA 320 58.64 -70.24 -10.72
N ALA CA 321 58.39 -70.55 -9.45
CA ALA CA 321 59.32 -71.36 -8.68
C ALA CA 321 59.26 -72.82 -9.11
N TYR CA 322 60.28 -73.56 -8.71
CA TYR CA 322 60.36 -74.98 -9.03
C TYR CA 322 59.28 -75.76 -8.27
N SER CA 323 58.91 -76.91 -8.83
CA SER CA 323 57.98 -77.82 -8.15
C SER CA 323 58.65 -79.14 -7.83
N SER CA 324 59.16 -79.86 -8.83
CA SER CA 324 59.83 -81.14 -8.62
C SER CA 324 61.04 -81.27 -9.53
N LYS CA 325 61.84 -80.21 -9.63
CA LYS CA 325 63.01 -80.23 -10.50
C LYS CA 325 64.02 -81.28 -10.03
N LYS CA 326 64.54 -82.05 -10.98
CA LYS CA 326 65.50 -83.11 -10.68
C LYS CA 326 66.94 -82.64 -10.81
N LYS CA 327 67.18 -81.38 -11.16
CA LYS CA 327 68.54 -80.88 -11.33
C LYS CA 327 69.25 -80.81 -9.99
N ASP CA 328 70.51 -81.23 -9.98
CA ASP CA 328 71.39 -81.19 -8.81
C ASP CA 328 70.87 -82.08 -7.69
N GLY CA 329 69.80 -82.84 -7.94
CA GLY CA 329 69.27 -83.71 -6.91
C GLY CA 329 70.19 -84.89 -6.60
N TRP CA 330 70.69 -85.55 -7.64
CA TRP CA 330 71.44 -86.80 -7.49
C TRP CA 330 70.57 -87.87 -6.85
N GLY CA 331 69.42 -88.12 -7.46
CA GLY CA 331 68.47 -89.06 -6.90
C GLY CA 331 67.78 -88.58 -5.65
N TYR CA 332 67.65 -87.26 -5.47
CA TYR CA 332 67.14 -86.67 -4.24
C TYR CA 332 66.03 -85.68 -4.52
N VAL CA 333 65.26 -85.93 -5.59
CA VAL CA 333 64.25 -84.98 -6.03
C VAL CA 333 63.16 -84.82 -4.98
N ARG CA 334 62.59 -83.62 -4.90
CA ARG CA 334 61.53 -83.33 -3.94
C ARG CA 334 60.44 -82.52 -4.62
N HIS CA 335 59.20 -82.78 -4.22
CA HIS CA 335 58.05 -82.03 -4.72
C HIS CA 335 57.75 -80.85 -3.80
N HIS CA 336 56.63 -80.20 -4.03
CA HIS CA 336 56.06 -79.27 -3.06
C HIS CA 336 55.10 -80.03 -2.16
N ALA CA 337 55.26 -79.87 -0.85
CA ALA CA 337 54.55 -80.67 0.12
C ALA CA 337 53.49 -79.84 0.83
N ALA CA 338 52.25 -80.33 0.81
CA ALA CA 338 51.16 -79.71 1.54
C ALA CA 338 50.34 -80.81 2.23
N ARG CA 339 50.02 -80.58 3.50
CA ARG CA 339 49.19 -81.48 4.29
C ARG CA 339 47.83 -80.80 4.48
N LEU CA 340 46.80 -81.36 3.86
CA LEU CA 340 45.49 -80.72 3.83
C LEU CA 340 44.63 -81.23 4.98
N ARG CA 341 44.03 -80.30 5.72
CA ARG CA 341 43.12 -80.59 6.80
C ARG CA 341 41.90 -79.70 6.67
N PHE CA 342 40.79 -80.13 7.26
CA PHE CA 342 39.53 -79.41 7.17
C PHE CA 342 38.93 -79.27 8.55
N GLU CA 343 38.25 -78.14 8.76
CA GLU CA 343 37.57 -77.88 10.03
C GLU CA 343 36.41 -76.94 9.77
N ARG CA 344 35.39 -77.05 10.61
CA ARG CA 344 34.16 -76.27 10.45
C ARG CA 344 34.30 -74.97 11.22
N LEU CA 345 34.46 -73.87 10.48
CA LEU CA 345 34.70 -72.56 11.06
C LEU CA 345 33.58 -71.62 10.64
N ALA CA 346 32.96 -70.96 11.61
CA ALA CA 346 31.87 -70.01 11.36
C ALA CA 346 30.76 -70.64 10.53
N ASP CA 347 30.37 -71.86 10.92
CA ASP CA 347 29.32 -72.63 10.27
C ASP CA 347 29.71 -73.04 8.85
N GLU CA 348 30.91 -72.69 8.43
CA GLU CA 348 31.39 -73.01 7.09
C GLU CA 348 32.60 -73.93 7.16
N TRP CA 349 32.80 -74.68 6.08
CA TRP CA 349 33.91 -75.62 5.98
C TRP CA 349 35.09 -74.90 5.35
N PHE CA 350 36.29 -75.13 5.89
CA PHE CA 350 37.45 -74.38 5.41
C PHE CA 350 38.65 -75.31 5.30
N LEU CA 351 39.58 -74.94 4.42
CA LEU CA 351 40.74 -75.74 4.08
C LEU CA 351 42.02 -75.04 4.50
N VAL CA 352 42.95 -75.81 5.07
CA VAL CA 352 44.26 -75.30 5.49
C VAL CA 352 45.33 -76.04 4.71
N ILE CA 353 46.44 -75.36 4.43
CA ILE CA 353 47.58 -75.92 3.73
C ILE CA 353 48.82 -75.74 4.60
N ASP CA 354 49.63 -76.79 4.69
CA ASP CA 354 50.88 -76.75 5.46
C ASP CA 354 52.06 -76.87 4.50
N PRO CA 355 52.73 -75.78 4.18
CA PRO CA 355 53.85 -75.85 3.23
C PRO CA 355 55.01 -76.65 3.79
N ASP CA 356 55.65 -77.41 2.92
CA ASP CA 356 56.82 -78.22 3.28
C ASP CA 356 57.45 -78.70 1.97
N PHE CA 357 58.42 -79.62 2.08
CA PHE CA 357 59.07 -80.23 0.92
C PHE CA 357 59.09 -81.74 1.11
N HIS CA 358 58.48 -82.46 0.18
CA HIS CA 358 58.42 -83.93 0.24
C HIS CA 358 59.32 -84.51 -0.85
N PHE CA 359 60.19 -85.43 -0.47
CA PHE CA 359 61.23 -85.95 -1.34
C PHE CA 359 60.75 -87.22 -2.07
N THR CA 360 61.51 -87.59 -3.10
CA THR CA 360 61.27 -88.81 -3.85
C THR CA 360 62.60 -89.32 -4.39
N THR CA 361 62.67 -90.62 -4.67
CA THR CA 361 63.92 -91.23 -5.10
C THR CA 361 64.27 -90.81 -6.53
N ASP CA 362 63.41 -91.17 -7.49
CA ASP CA 362 63.68 -90.92 -8.90
C ASP CA 362 62.61 -90.06 -9.56
N GLY CA 363 61.75 -89.41 -8.77
CA GLY CA 363 60.68 -88.59 -9.27
C GLY CA 363 59.32 -89.24 -9.21
N PHE CA 364 59.26 -90.58 -9.06
CA PHE CA 364 58.00 -91.29 -8.99
C PHE CA 364 58.02 -92.41 -7.94
N GLN CA 365 59.06 -92.49 -7.12
CA GLN CA 365 59.18 -93.51 -6.09
C GLN CA 365 59.51 -92.86 -4.76
N PRO CA 366 58.94 -93.36 -3.66
CA PRO CA 366 59.22 -92.76 -2.34
C PRO CA 366 60.71 -92.77 -2.02
N HIS CA 367 61.17 -91.68 -1.40
CA HIS CA 367 62.59 -91.54 -1.10
C HIS CA 367 63.02 -92.46 0.03
N ARG CA 368 62.22 -92.52 1.10
CA ARG CA 368 62.48 -93.36 2.27
C ARG CA 368 63.81 -93.06 2.93
N TYR CA 369 64.32 -91.84 2.78
CA TYR CA 369 65.52 -91.43 3.51
C TYR CA 369 65.47 -89.95 3.86
N PRO CA 370 64.43 -89.47 4.54
CA PRO CA 370 64.30 -88.02 4.82
C PRO CA 370 64.82 -87.58 6.18
N GLU CA 371 65.58 -88.42 6.89
CA GLU CA 371 65.91 -88.16 8.29
C GLU CA 371 66.60 -86.81 8.46
N ALA CA 372 67.65 -86.55 7.70
CA ALA CA 372 68.38 -85.28 7.76
C ALA CA 372 68.16 -84.43 6.52
N LEU CA 373 67.10 -84.70 5.76
CA LEU CA 373 66.89 -84.05 4.48
C LEU CA 373 66.07 -82.77 4.60
N LEU CA 374 64.85 -82.90 5.11
CA LEU CA 374 63.89 -81.80 5.04
C LEU CA 374 64.32 -80.63 5.93
N ALA CA 375 65.06 -80.91 7.00
CA ALA CA 375 65.57 -79.83 7.85
C ALA CA 375 66.50 -78.92 7.05
N GLY CA 376 67.36 -79.51 6.20
CA GLY CA 376 68.19 -78.70 5.33
C GLY CA 376 67.37 -77.88 4.35
N LYS CA 377 66.23 -78.42 3.91
CA LYS CA 377 65.35 -77.70 2.99
C LYS CA 377 64.47 -76.67 3.69
N LYS CA 378 64.45 -76.66 5.02
CA LYS CA 378 63.59 -75.74 5.77
C LYS CA 378 64.35 -74.69 6.55
N ARG CA 379 65.59 -74.97 6.97
CA ARG CA 379 66.36 -74.00 7.75
C ARG CA 379 66.66 -72.75 6.93
N LEU CA 380 67.01 -72.92 5.65
CA LEU CA 380 67.28 -71.77 4.80
C LEU CA 380 66.02 -70.97 4.48
N GLU CA 381 64.84 -71.55 4.70
CA GLU CA 381 63.59 -70.86 4.44
C GLU CA 381 63.38 -69.73 5.46
N ARG CA 382 62.60 -68.74 5.04
CA ARG CA 382 62.23 -67.63 5.90
C ARG CA 382 60.77 -67.29 5.62
N ASN CA 383 60.32 -66.14 6.08
CA ASN CA 383 58.92 -65.75 5.90
C ASN CA 383 58.60 -65.64 4.41
N ALA CA 384 59.49 -65.05 3.62
CA ALA CA 384 59.26 -64.92 2.19
C ALA CA 384 59.23 -66.29 1.51
N ALA CA 385 60.14 -67.18 1.88
CA ALA CA 385 60.17 -68.50 1.26
C ALA CA 385 58.90 -69.29 1.56
N VAL CA 386 58.43 -69.25 2.81
CA VAL CA 386 57.18 -69.92 3.15
C VAL CA 386 56.00 -69.21 2.51
N ARG CA 387 56.04 -67.87 2.44
CA ARG CA 387 54.96 -67.14 1.80
C ARG CA 387 54.84 -67.51 0.32
N GLY CA 388 55.96 -67.79 -0.33
CA GLY CA 388 55.91 -68.26 -1.70
C GLY CA 388 55.19 -69.59 -1.83
N GLN CA 389 55.41 -70.48 -0.86
CA GLN CA 389 54.79 -71.80 -0.92
C GLN CA 389 53.27 -71.72 -0.81
N VAL CA 390 52.77 -70.92 0.15
CA VAL CA 390 51.33 -70.87 0.39
C VAL CA 390 50.61 -70.19 -0.77
N THR CA 391 51.19 -69.12 -1.32
CA THR CA 391 50.52 -68.38 -2.38
C THR CA 391 50.31 -69.23 -3.62
N MET CA 392 51.35 -69.95 -4.06
CA MET CA 392 51.20 -70.82 -5.22
C MET CA 392 50.33 -72.04 -4.91
N TRP CA 393 50.44 -72.56 -3.67
CA TRP CA 393 49.65 -73.73 -3.31
C TRP CA 393 48.16 -73.43 -3.36
N GLN CA 394 47.76 -72.25 -2.86
CA GLN CA 394 46.34 -71.88 -2.92
C GLN CA 394 45.86 -71.74 -4.35
N HIS CA 395 46.70 -71.18 -5.23
CA HIS CA 395 46.31 -71.03 -6.63
C HIS CA 395 46.13 -72.38 -7.30
N LEU CA 396 46.91 -73.39 -6.89
CA LEU CA 396 46.73 -74.73 -7.44
C LEU CA 396 45.32 -75.24 -7.16
N LEU CA 397 44.83 -75.03 -5.94
CA LEU CA 397 43.47 -75.42 -5.61
C LEU CA 397 42.45 -74.62 -6.40
N VAL CA 398 42.69 -73.32 -6.59
CA VAL CA 398 41.83 -72.52 -7.44
C VAL CA 398 41.93 -72.96 -8.89
N GLU CA 399 43.14 -73.36 -9.32
CA GLU CA 399 43.32 -73.85 -10.68
C GLU CA 399 42.50 -75.10 -10.96
N SER CA 400 42.14 -75.85 -9.93
CA SER CA 400 41.33 -77.07 -10.06
C SER CA 400 39.87 -76.82 -9.75
N GLY CA 401 39.36 -75.65 -10.13
CA GLY CA 401 37.98 -75.30 -9.84
C GLY CA 401 36.96 -76.19 -10.53
N LYS CA 402 36.90 -76.13 -11.86
CA LYS CA 402 35.95 -76.91 -12.62
C LYS CA 402 36.49 -78.32 -12.89
N LEU CA 416 30.84 -80.33 -9.18
CA LEU CA 416 32.10 -80.58 -8.52
C LEU CA 416 32.38 -79.57 -7.41
N LEU CA 417 33.60 -79.64 -6.89
CA LEU CA 417 34.04 -78.78 -5.79
C LEU CA 417 34.46 -77.40 -6.29
N GLN CA 418 34.34 -76.41 -5.40
CA GLN CA 418 34.71 -75.03 -5.72
C GLN CA 418 35.42 -74.39 -4.53
N PHE CA 419 36.48 -73.62 -4.83
CA PHE CA 419 37.29 -72.91 -3.85
C PHE CA 419 37.33 -71.42 -4.15
N GLU CA 420 37.51 -70.62 -3.10
CA GLU CA 420 37.63 -69.16 -3.20
C GLU CA 420 38.73 -68.67 -2.28
N ARG CA 421 39.33 -67.53 -2.62
CA ARG CA 421 40.31 -66.89 -1.77
C ARG CA 421 39.63 -66.11 -0.64
N LEU CA 422 40.43 -65.65 0.31
CA LEU CA 422 39.94 -64.89 1.45
C LEU CA 422 40.47 -63.46 1.44
N PRO CA 423 39.74 -62.51 2.02
CA PRO CA 423 40.23 -61.12 2.05
C PRO CA 423 41.52 -60.99 2.85
N VAL CA 424 42.33 -60.01 2.46
CA VAL CA 424 43.63 -59.81 3.08
C VAL CA 424 43.46 -59.22 4.48
N ILE CA 425 44.35 -59.63 5.39
CA ILE CA 425 44.35 -59.08 6.74
C ILE CA 425 44.90 -57.66 6.71
N GLN CA 426 44.42 -56.83 7.64
CA GLN CA 426 44.78 -55.41 7.70
C GLN CA 426 45.29 -55.05 9.08
N LEU CA 427 46.21 -55.85 9.61
CA LEU CA 427 46.78 -55.57 10.92
C LEU CA 427 47.55 -54.25 10.90
N SER CA 428 47.51 -53.53 12.03
CA SER CA 428 48.08 -52.19 12.10
C SER CA 428 49.59 -52.23 12.23
N GLN CA 429 50.10 -52.92 13.25
CA GLN CA 429 51.54 -52.95 13.51
C GLN CA 429 52.27 -53.63 12.36
N ALA CA 430 53.36 -53.00 11.92
CA ALA CA 430 54.15 -53.48 10.79
C ALA CA 430 55.62 -53.53 11.17
N VAL CA 431 56.30 -54.56 10.68
CA VAL CA 431 57.76 -54.67 10.90
C VAL CA 431 58.46 -53.55 10.12
N PRO CA 432 59.38 -52.81 10.74
CA PRO CA 432 60.15 -51.81 9.98
C PRO CA 432 61.15 -52.46 9.04
N GLU CA 433 60.66 -53.29 8.11
CA GLU CA 433 61.53 -54.05 7.23
C GLU CA 433 62.41 -53.13 6.38
N SER CA 434 61.97 -51.90 6.13
CA SER CA 434 62.77 -50.96 5.37
C SER CA 434 64.09 -50.67 6.07
N SER CA 435 64.05 -50.47 7.38
CA SER CA 435 65.24 -50.20 8.17
C SER CA 435 65.74 -51.41 8.94
N TRP CA 436 65.16 -52.60 8.70
CA TRP CA 436 65.56 -53.80 9.41
C TRP CA 436 66.36 -54.77 8.57
N ASN CA 437 66.33 -54.66 7.24
CA ASN CA 437 67.07 -55.55 6.36
C ASN CA 437 68.55 -55.13 6.29
N ARG CA 438 69.19 -55.17 7.45
CA ARG CA 438 70.60 -54.78 7.60
C ARG CA 438 70.87 -53.40 7.02
N PHE DA 3 37.25 -62.45 9.26
CA PHE DA 3 38.09 -62.80 10.41
C PHE DA 3 38.78 -61.57 10.96
N LYS DA 4 38.42 -61.20 12.18
CA LYS DA 4 38.95 -60.02 12.84
C LYS DA 4 40.34 -60.31 13.39
N ALA DA 5 41.26 -59.36 13.20
CA ALA DA 5 42.61 -59.47 13.69
C ALA DA 5 43.00 -58.21 14.44
N HIS DA 6 43.94 -58.37 15.38
CA HIS DA 6 44.39 -57.24 16.19
C HIS DA 6 45.78 -57.55 16.73
N VAL DA 7 46.51 -56.49 17.05
CA VAL DA 7 47.85 -56.60 17.61
C VAL DA 7 47.84 -55.98 19.00
N PHE DA 8 48.50 -56.64 19.95
CA PHE DA 8 48.55 -56.18 21.33
C PHE DA 8 49.87 -55.49 21.62
N ASP DA 9 49.81 -54.45 22.44
CA ASP DA 9 51.01 -53.80 22.91
C ASP DA 9 51.74 -54.69 23.92
N GLU DA 10 52.98 -54.33 24.22
CA GLU DA 10 53.79 -55.15 25.12
C GLU DA 10 53.22 -55.06 26.54
N PRO DA 11 52.93 -56.19 27.19
CA PRO DA 11 52.52 -56.15 28.59
C PRO DA 11 53.61 -55.59 29.48
N MET DA 12 53.34 -54.44 30.09
CA MET DA 12 54.36 -53.75 30.87
C MET DA 12 54.65 -54.53 32.15
N LEU DA 13 55.92 -54.55 32.54
CA LEU DA 13 56.39 -55.30 33.70
C LEU DA 13 56.82 -54.35 34.80
N GLU DA 14 56.96 -54.91 36.01
CA GLU DA 14 57.35 -54.15 37.19
C GLU DA 14 58.63 -54.74 37.78
N PHE DA 15 59.55 -53.87 38.19
CA PHE DA 15 60.86 -54.29 38.70
C PHE DA 15 61.16 -53.68 40.06
N GLY DA 16 60.12 -53.45 40.87
CA GLY DA 16 60.32 -52.92 42.20
C GLY DA 16 60.62 -51.44 42.19
N ASP DA 17 60.51 -50.84 43.38
CA ASP DA 17 60.74 -49.40 43.57
C ASP DA 17 59.84 -48.57 42.65
N GLY DA 18 58.68 -49.13 42.29
CA GLY DA 18 57.85 -48.48 41.29
C GLY DA 18 58.42 -48.49 39.90
N GLY DA 19 59.38 -49.38 39.62
CA GLY DA 19 60.08 -49.41 38.36
C GLY DA 19 59.36 -50.22 37.29
N GLN DA 20 59.06 -49.57 36.17
CA GLN DA 20 58.37 -50.19 35.05
C GLN DA 20 59.27 -50.10 33.82
N HIS DA 21 59.24 -51.14 32.99
CA HIS DA 21 59.96 -51.13 31.70
C HIS DA 21 59.44 -52.30 30.88
N CYS DA 22 59.83 -52.29 29.60
CA CYS DA 22 59.31 -53.30 28.68
C CYS DA 22 60.13 -54.58 28.76
N ASP DA 23 61.44 -54.48 28.55
CA ASP DA 23 62.34 -55.65 28.58
C ASP DA 23 62.85 -55.88 29.99
N PRO DA 24 62.74 -57.10 30.52
CA PRO DA 24 63.44 -57.40 31.79
C PRO DA 24 64.93 -57.14 31.72
N ARG DA 25 65.58 -57.45 30.59
CA ARG DA 25 67.02 -57.23 30.48
C ARG DA 25 67.37 -55.76 30.64
N GLN DA 26 66.65 -54.88 29.94
CA GLN DA 26 66.86 -53.45 30.11
C GLN DA 26 66.29 -52.95 31.42
N GLY DA 27 65.07 -53.38 31.76
CA GLY DA 27 64.40 -52.83 32.92
C GLY DA 27 65.05 -53.23 34.24
N LEU DA 28 65.41 -54.52 34.37
CA LEU DA 28 65.95 -55.00 35.63
C LEU DA 28 67.28 -54.34 35.94
N ARG DA 29 68.07 -54.03 34.90
CA ARG DA 29 69.26 -53.21 35.08
C ARG DA 29 68.90 -51.79 35.48
N GLU DA 30 67.89 -51.20 34.82
CA GLU DA 30 67.60 -49.78 34.98
C GLU DA 30 67.15 -49.46 36.40
N HIS DA 31 66.21 -50.25 36.93
CA HIS DA 31 65.62 -49.98 38.25
C HIS DA 31 66.19 -50.88 39.34
N GLY DA 32 66.22 -52.18 39.10
CA GLY DA 32 66.70 -53.13 40.09
C GLY DA 32 65.74 -54.28 40.24
N PRO DA 33 65.99 -55.15 41.23
CA PRO DA 33 65.11 -56.30 41.44
C PRO DA 33 63.78 -55.89 42.06
N LEU DA 34 62.74 -56.65 41.75
CA LEU DA 34 61.43 -56.41 42.35
C LEU DA 34 61.44 -56.76 43.83
N GLN DA 35 62.06 -57.88 44.19
CA GLN DA 35 62.18 -58.32 45.58
C GLN DA 35 63.65 -58.28 45.97
N PRO DA 36 64.16 -57.12 46.41
CA PRO DA 36 65.56 -57.05 46.82
C PRO DA 36 65.82 -57.91 48.06
N ARG DA 37 67.02 -58.48 48.11
CA ARG DA 37 67.40 -59.30 49.26
C ARG DA 37 67.73 -58.44 50.47
N SER DA 38 68.22 -57.21 50.25
CA SER DA 38 68.56 -56.21 51.26
C SER DA 38 69.74 -56.63 52.13
N GLY DA 39 70.32 -57.81 51.91
CA GLY DA 39 71.50 -58.22 52.65
C GLY DA 39 72.78 -57.98 51.87
N ASP DA 40 72.66 -57.97 50.55
CA ASP DA 40 73.75 -57.71 49.61
C ASP DA 40 74.88 -58.72 49.71
N VAL DA 41 74.67 -59.83 50.41
CA VAL DA 41 75.65 -60.91 50.52
C VAL DA 41 74.97 -62.22 50.18
N ILE DA 42 75.55 -62.98 49.26
CA ILE DA 42 74.98 -64.24 48.79
C ILE DA 42 76.08 -65.29 48.81
N ARG DA 43 75.71 -66.54 49.12
CA ARG DA 43 76.61 -67.68 49.09
C ARG DA 43 76.23 -68.57 47.92
N VAL DA 44 77.18 -68.85 47.05
CA VAL DA 44 76.96 -69.68 45.87
C VAL DA 44 77.96 -70.83 45.94
N GLY DA 45 77.54 -71.94 46.55
CA GLY DA 45 78.37 -73.12 46.58
C GLY DA 45 78.35 -73.87 45.26
N VAL DA 46 79.48 -74.51 44.94
CA VAL DA 46 79.64 -75.23 43.69
C VAL DA 46 80.18 -76.63 43.99
N ILE DA 47 79.58 -77.64 43.35
CA ILE DA 47 79.97 -79.03 43.51
C ILE DA 47 80.45 -79.57 42.17
N GLY DA 48 81.61 -80.20 42.18
CA GLY DA 48 82.17 -80.74 40.96
C GLY DA 48 83.67 -80.89 41.10
N THR DA 49 84.31 -81.23 39.99
CA THR DA 49 85.75 -81.35 39.96
C THR DA 49 86.41 -79.97 40.13
N ASP DA 50 87.68 -79.99 40.51
CA ASP DA 50 88.36 -78.74 40.86
C ASP DA 50 88.42 -77.78 39.67
N ASP DA 51 88.71 -78.29 38.48
CA ASP DA 51 88.71 -77.43 37.30
C ASP DA 51 87.32 -76.87 37.04
N THR DA 52 86.29 -77.69 37.18
CA THR DA 52 84.92 -77.20 37.06
C THR DA 52 84.57 -76.27 38.23
N VAL DA 53 85.06 -76.59 39.44
CA VAL DA 53 84.81 -75.73 40.58
C VAL DA 53 85.49 -74.39 40.40
N ALA DA 54 86.77 -74.40 40.01
CA ALA DA 54 87.50 -73.16 39.83
C ALA DA 54 86.98 -72.39 38.62
N GLY DA 55 86.54 -73.11 37.58
CA GLY DA 55 86.05 -72.44 36.38
C GLY DA 55 84.83 -71.57 36.64
N PHE DA 56 83.93 -72.03 37.51
CA PHE DA 56 82.76 -71.23 37.84
C PHE DA 56 83.15 -70.00 38.64
N THR DA 57 84.10 -70.14 39.56
CA THR DA 57 84.52 -69.01 40.38
C THR DA 57 85.11 -67.89 39.54
N GLU DA 58 86.03 -68.24 38.62
CA GLU DA 58 86.62 -67.22 37.75
C GLU DA 58 85.59 -66.66 36.79
N PHE DA 59 84.64 -67.49 36.34
CA PHE DA 59 83.56 -66.99 35.49
C PHE DA 59 82.71 -65.97 36.23
N LEU DA 60 82.44 -66.21 37.52
CA LEU DA 60 81.75 -65.22 38.33
C LEU DA 60 82.56 -63.94 38.45
N ALA DA 61 83.90 -64.05 38.41
CA ALA DA 61 84.74 -62.87 38.49
C ALA DA 61 84.63 -62.04 37.20
N GLU DA 62 84.61 -62.69 36.04
CA GLU DA 62 84.46 -61.94 34.79
C GLU DA 62 83.06 -61.35 34.67
N THR DA 63 82.04 -62.04 35.17
CA THR DA 63 80.74 -61.41 35.28
C THR DA 63 80.75 -60.26 36.29
N GLY DA 64 81.67 -60.29 37.25
CA GLY DA 64 81.90 -59.14 38.09
C GLY DA 64 82.44 -57.94 37.34
N ARG DA 65 83.06 -58.17 36.18
CA ARG DA 65 83.45 -57.10 35.27
C ARG DA 65 82.52 -56.97 34.08
N GLY DA 66 81.81 -58.02 33.72
CA GLY DA 66 80.84 -57.97 32.64
C GLY DA 66 81.35 -58.69 31.40
N ILE DA 67 80.40 -59.19 30.61
CA ILE DA 67 80.68 -59.85 29.34
C ILE DA 67 80.04 -59.01 28.24
N GLU DA 68 80.85 -58.61 27.26
CA GLU DA 68 80.38 -57.70 26.23
C GLU DA 68 79.49 -58.42 25.22
N SER DA 69 78.77 -57.64 24.44
CA SER DA 69 77.81 -58.18 23.49
C SER DA 69 78.51 -58.98 22.40
N GLY DA 70 77.94 -60.12 22.05
CA GLY DA 70 78.47 -60.92 20.96
C GLY DA 70 78.31 -60.23 19.62
N ASN DA 71 77.19 -59.54 19.41
CA ASN DA 71 76.93 -58.80 18.19
C ASN DA 71 76.77 -57.34 18.52
N LYS DA 72 77.63 -56.50 17.94
CA LYS DA 72 77.57 -55.06 18.19
C LYS DA 72 76.41 -54.39 17.46
N GLN DA 73 75.98 -54.97 16.33
CA GLN DA 73 74.91 -54.36 15.55
C GLN DA 73 73.60 -54.30 16.32
N LEU DA 74 73.28 -55.36 17.05
CA LEU DA 74 72.01 -55.48 17.77
C LEU DA 74 72.31 -55.68 19.24
N ILE DA 75 72.48 -54.57 19.96
CA ILE DA 75 72.80 -54.65 21.39
C ILE DA 75 71.62 -55.19 22.19
N ASN DA 76 70.40 -54.83 21.77
CA ASN DA 76 69.22 -55.15 22.58
C ASN DA 76 69.02 -56.65 22.72
N LEU DA 77 69.26 -57.41 21.64
CA LEU DA 77 69.05 -58.85 21.68
C LEU DA 77 69.98 -59.52 22.69
N ASN DA 78 71.25 -59.16 22.68
CA ASN DA 78 72.26 -59.74 23.57
C ASN DA 78 73.01 -58.61 24.26
N PRO DA 79 72.38 -57.96 25.24
CA PRO DA 79 73.04 -56.84 25.92
C PRO DA 79 74.27 -57.30 26.69
N ASP DA 80 75.28 -56.43 26.72
CA ASP DA 80 76.46 -56.69 27.52
C ASP DA 80 76.10 -56.67 29.01
N PHE DA 81 76.80 -57.50 29.78
CA PHE DA 81 76.54 -57.52 31.21
C PHE DA 81 76.90 -56.17 31.81
N PRO DA 82 76.05 -55.62 32.67
CA PRO DA 82 76.28 -54.25 33.17
C PRO DA 82 77.60 -54.07 33.91
N GLY DA 83 78.05 -55.10 34.62
CA GLY DA 83 79.21 -54.96 35.48
C GLY DA 83 78.80 -54.86 36.93
N LEU DA 84 79.53 -55.52 37.83
CA LEU DA 84 79.14 -55.62 39.22
C LEU DA 84 79.45 -54.31 39.93
N GLY DA 85 78.40 -53.62 40.38
CA GLY DA 85 78.58 -52.45 41.23
C GLY DA 85 78.12 -51.14 40.64
N ASN DA 86 78.43 -50.89 39.37
CA ASN DA 86 78.07 -49.61 38.76
C ASN DA 86 76.57 -49.52 38.52
N GLN DA 87 76.04 -50.39 37.66
CA GLN DA 87 74.61 -50.51 37.41
C GLN DA 87 74.23 -51.98 37.36
N ASN DA 88 74.73 -52.75 38.33
CA ASN DA 88 74.51 -54.19 38.33
C ASN DA 88 73.02 -54.49 38.45
N PRO DA 89 72.51 -55.48 37.71
CA PRO DA 89 71.06 -55.69 37.65
C PRO DA 89 70.42 -56.07 38.98
N PHE DA 90 71.11 -56.84 39.82
CA PHE DA 90 70.50 -57.39 41.02
C PHE DA 90 70.72 -56.55 42.26
N ARG DA 91 71.51 -55.49 42.18
CA ARG DA 91 71.85 -54.65 43.34
C ARG DA 91 72.43 -55.50 44.48
N CYS DA 92 73.21 -56.52 44.10
CA CYS DA 92 73.79 -57.43 45.06
C CYS DA 92 75.13 -57.92 44.52
N LYS DA 93 75.95 -58.46 45.42
CA LYS DA 93 77.29 -58.91 45.08
C LYS DA 93 77.31 -60.44 45.05
N PHE DA 94 77.51 -61.00 43.86
CA PHE DA 94 77.56 -62.45 43.68
C PHE DA 94 79.02 -62.89 43.82
N GLU DA 95 79.37 -63.49 44.95
CA GLU DA 95 80.73 -63.92 45.23
C GLU DA 95 80.73 -65.36 45.72
N VAL DA 96 81.83 -66.05 45.44
CA VAL DA 96 82.00 -67.44 45.87
C VAL DA 96 82.35 -67.47 47.36
N PRO DA 97 81.55 -68.13 48.19
CA PRO DA 97 81.85 -68.17 49.62
C PRO DA 97 83.12 -68.96 49.92
N ASP DA 98 83.78 -68.59 51.01
CA ASP DA 98 84.99 -69.25 51.45
C ASP DA 98 84.62 -70.35 52.44
N GLY DA 99 85.04 -71.58 52.14
CA GLY DA 99 84.73 -72.73 52.97
C GLY DA 99 83.40 -73.38 52.69
N ALA DA 100 82.57 -72.80 51.83
CA ALA DA 100 81.30 -73.38 51.43
C ALA DA 100 81.37 -74.00 50.04
N THR DA 101 82.56 -74.18 49.49
CA THR DA 101 82.76 -74.78 48.19
C THR DA 101 83.36 -76.17 48.37
N VAL DA 102 82.72 -77.17 47.78
CA VAL DA 102 83.09 -78.57 47.94
C VAL DA 102 83.46 -79.13 46.58
N THR DA 103 84.61 -79.77 46.49
CA THR DA 103 85.07 -80.42 45.27
C THR DA 103 84.75 -81.92 45.31
N ILE DA 104 84.94 -82.58 44.18
CA ILE DA 104 84.75 -84.02 44.07
C ILE DA 104 86.05 -84.64 43.61
N SER DA 105 86.22 -85.92 43.95
CA SER DA 105 87.46 -86.64 43.68
C SER DA 105 87.46 -87.23 42.27
N ARG DA 106 88.63 -87.26 41.66
CA ARG DA 106 88.78 -87.95 40.38
C ARG DA 106 88.50 -89.44 40.53
N ARG DA 107 88.75 -90.01 41.72
CA ARG DA 107 88.44 -91.40 41.98
C ARG DA 107 86.94 -91.69 41.83
N GLN DA 108 86.10 -90.74 42.24
CA GLN DA 108 84.66 -90.93 42.13
C GLN DA 108 84.21 -91.00 40.68
N VAL DA 109 84.85 -90.21 39.81
CA VAL DA 109 84.42 -90.16 38.40
C VAL DA 109 84.62 -91.52 37.74
N ASN DA 110 85.81 -92.11 37.89
CA ASN DA 110 86.05 -93.41 37.28
C ASN DA 110 85.19 -94.49 37.93
N ASP DA 111 84.81 -94.30 39.19
CA ASP DA 111 83.87 -95.23 39.82
C ASP DA 111 82.51 -95.19 39.14
N ILE DA 112 82.03 -93.99 38.80
CA ILE DA 112 80.78 -93.88 38.08
C ILE DA 112 80.91 -94.40 36.66
N THR DA 113 81.99 -94.00 35.97
CA THR DA 113 82.21 -94.49 34.60
C THR DA 113 82.62 -95.94 34.57
N GLY DA 114 83.08 -96.50 35.70
CA GLY DA 114 83.38 -97.92 35.75
C GLY DA 114 82.16 -98.77 35.50
N ILE DA 115 80.99 -98.32 35.97
CA ILE DA 115 79.75 -99.01 35.70
C ILE DA 115 79.41 -98.91 34.22
N GLY DA 116 79.04 -100.03 33.61
CA GLY DA 116 78.80 -100.07 32.19
C GLY DA 116 77.39 -99.67 31.78
N ARG DA 117 76.39 -100.14 32.54
CA ARG DA 117 75.01 -99.88 32.19
C ARG DA 117 74.68 -98.41 32.39
N HIS DA 118 74.03 -97.81 31.37
CA HIS DA 118 73.72 -96.38 31.41
C HIS DA 118 72.75 -96.06 32.54
N ASP DA 119 71.69 -96.85 32.68
CA ASP DA 119 70.66 -96.54 33.67
C ASP DA 119 71.20 -96.67 35.09
N GLU DA 120 72.05 -97.67 35.34
CA GLU DA 120 72.60 -97.84 36.67
C GLU DA 120 73.72 -96.85 36.96
N ALA DA 121 74.50 -96.47 35.94
CA ALA DA 121 75.59 -95.51 36.16
C ALA DA 121 75.05 -94.16 36.60
N VAL DA 122 73.99 -93.67 35.95
CA VAL DA 122 73.40 -92.40 36.35
C VAL DA 122 72.72 -92.53 37.71
N ARG DA 123 72.21 -93.72 38.04
CA ARG DA 123 71.61 -93.95 39.35
C ARG DA 123 72.66 -93.83 40.45
N HIS DA 124 73.87 -94.32 40.19
CA HIS DA 124 74.94 -94.23 41.18
C HIS DA 124 75.40 -92.78 41.37
N ALA DA 125 75.44 -92.01 40.28
CA ALA DA 125 75.96 -90.65 40.35
C ALA DA 125 75.09 -89.77 41.24
N VAL DA 126 73.76 -89.88 41.10
CA VAL DA 126 72.88 -89.02 41.87
C VAL DA 126 72.94 -89.34 43.36
N GLU DA 127 73.25 -90.60 43.70
CA GLU DA 127 73.34 -90.98 45.11
C GLU DA 127 74.50 -90.29 45.81
N LEU DA 128 75.69 -90.36 45.20
CA LEU DA 128 76.86 -89.75 45.82
C LEU DA 128 76.79 -88.23 45.77
N ILE DA 129 76.25 -87.67 44.69
CA ILE DA 129 76.12 -86.22 44.57
C ILE DA 129 75.16 -85.68 45.63
N SER DA 130 74.07 -86.42 45.89
CA SER DA 130 73.15 -86.01 46.95
C SER DA 130 73.85 -85.99 48.31
N SER DA 131 74.67 -87.02 48.59
CA SER DA 131 75.48 -87.00 49.80
C SER DA 131 76.50 -85.87 49.77
N GLN DA 132 77.07 -85.59 48.59
CA GLN DA 132 77.93 -84.42 48.45
C GLN DA 132 77.16 -83.14 48.72
N LEU DA 133 75.94 -83.05 48.19
CA LEU DA 133 75.08 -81.92 48.51
C LEU DA 133 74.70 -81.92 49.98
N SER DA 134 74.38 -83.11 50.52
CA SER DA 134 74.03 -83.21 51.93
C SER DA 134 75.20 -82.82 52.82
N ALA DA 135 76.43 -83.08 52.38
CA ALA DA 135 77.60 -82.66 53.16
C ALA DA 135 77.68 -81.15 53.27
N LEU DA 136 77.39 -80.44 52.17
CA LEU DA 136 77.50 -78.98 52.17
C LEU DA 136 76.36 -78.35 52.96
N VAL DA 137 75.13 -78.81 52.74
CA VAL DA 137 73.97 -78.16 53.34
C VAL DA 137 73.94 -78.40 54.86
N GLU DA 138 74.32 -79.60 55.30
CA GLU DA 138 74.27 -79.90 56.72
C GLU DA 138 75.42 -79.24 57.48
N GLY DA 139 76.43 -78.72 56.77
CA GLY DA 139 77.51 -78.04 57.43
C GLY DA 139 77.11 -76.65 57.91
N SER DA 140 78.01 -76.05 58.69
CA SER DA 140 77.77 -74.73 59.25
C SER DA 140 78.01 -73.60 58.25
N ALA DA 141 78.49 -73.91 57.04
CA ALA DA 141 78.69 -72.89 56.03
C ALA DA 141 77.37 -72.22 55.65
N LYS DA 142 76.31 -73.01 55.53
CA LYS DA 142 74.94 -72.55 55.30
C LYS DA 142 74.83 -71.62 54.09
N PRO DA 143 74.97 -72.15 52.86
CA PRO DA 143 74.68 -71.32 51.68
C PRO DA 143 73.18 -71.30 51.39
N ASP DA 144 72.79 -70.65 50.29
CA ASP DA 144 71.40 -70.58 49.89
C ASP DA 144 71.11 -71.32 48.59
N VAL DA 145 72.02 -71.29 47.62
CA VAL DA 145 71.90 -72.06 46.39
C VAL DA 145 73.22 -72.78 46.13
N ILE DA 146 73.13 -74.01 45.66
CA ILE DA 146 74.29 -74.82 45.29
C ILE DA 146 74.17 -75.17 43.82
N VAL DA 147 75.23 -74.91 43.06
CA VAL DA 147 75.25 -75.19 41.63
C VAL DA 147 76.19 -76.37 41.40
N LEU DA 148 75.68 -77.42 40.75
CA LEU DA 148 76.44 -78.63 40.49
C LEU DA 148 77.24 -78.45 39.20
N ALA DA 149 78.54 -78.22 39.33
CA ALA DA 149 79.40 -78.20 38.17
C ALA DA 149 79.52 -79.59 37.57
N LEU DA 150 79.53 -79.65 36.24
CA LEU DA 150 79.49 -80.92 35.54
C LEU DA 150 80.86 -81.27 34.97
N PRO DA 151 81.48 -82.36 35.42
CA PRO DA 151 82.73 -82.80 34.80
C PRO DA 151 82.46 -83.32 33.39
N ILE DA 152 83.36 -82.99 32.47
CA ILE DA 152 83.23 -83.40 31.07
C ILE DA 152 83.18 -84.93 30.96
N PRO DA 153 84.07 -85.70 31.63
CA PRO DA 153 83.92 -87.17 31.59
C PRO DA 153 82.58 -87.64 32.15
N LEU DA 154 82.11 -87.00 33.23
CA LEU DA 154 80.81 -87.36 33.76
C LEU DA 154 79.68 -86.92 32.84
N ILE DA 155 79.88 -85.82 32.12
CA ILE DA 155 78.90 -85.42 31.10
C ILE DA 155 78.80 -86.50 30.03
N GLU DA 156 79.94 -87.04 29.61
CA GLU DA 156 79.94 -88.07 28.58
C GLU DA 156 79.27 -89.35 29.07
N LYS DA 157 79.62 -89.81 30.27
CA LYS DA 157 79.12 -91.10 30.73
C LYS DA 157 77.63 -91.03 31.11
N LEU DA 158 77.25 -89.98 31.85
CA LEU DA 158 75.87 -89.92 32.35
C LEU DA 158 74.88 -89.59 31.23
N VAL DA 159 75.24 -88.64 30.37
CA VAL DA 159 74.31 -88.22 29.33
C VAL DA 159 74.45 -89.10 28.09
N ASN DA 160 75.65 -89.13 27.50
CA ASN DA 160 75.87 -89.88 26.27
C ASN DA 160 75.95 -91.37 26.58
N ALA DA 161 75.28 -92.17 25.74
CA ALA DA 161 75.28 -93.61 25.94
C ALA DA 161 76.66 -94.24 25.73
N LYS DA 162 77.58 -93.52 25.09
CA LYS DA 162 78.92 -94.01 24.82
C LYS DA 162 78.91 -95.33 24.05
N ASP DA 176 63.65 -95.70 27.96
CA ASP DA 176 64.48 -96.26 29.02
C ASP DA 176 65.49 -95.20 29.47
N MET DA 177 65.42 -94.03 28.84
CA MET DA 177 66.37 -92.96 29.09
C MET DA 177 66.11 -92.36 30.47
N LEU DA 178 67.12 -92.42 31.34
CA LEU DA 178 66.99 -91.91 32.71
C LEU DA 178 67.89 -90.68 32.82
N ASN DA 179 67.31 -89.50 32.61
CA ASN DA 179 68.09 -88.27 32.58
C ASN DA 179 68.73 -88.02 33.94
N PHE DA 180 70.05 -87.82 33.94
CA PHE DA 180 70.77 -87.57 35.19
C PHE DA 180 70.31 -86.26 35.82
N ARG DA 181 70.15 -85.22 35.02
CA ARG DA 181 69.67 -83.94 35.54
C ARG DA 181 68.27 -84.06 36.12
N ASP DA 182 67.40 -84.78 35.42
CA ASP DA 182 66.04 -84.99 35.92
C ASP DA 182 66.05 -85.86 37.18
N LEU DA 183 66.99 -86.79 37.27
CA LEU DA 183 66.94 -87.78 38.34
C LEU DA 183 67.25 -87.17 39.71
N LEU DA 184 68.33 -86.42 39.83
CA LEU DA 184 68.72 -85.97 41.16
C LEU DA 184 67.77 -84.89 41.67
N LYS DA 185 67.20 -84.09 40.77
CA LYS DA 185 66.21 -83.10 41.18
C LYS DA 185 65.03 -83.79 41.86
N ALA DA 186 64.63 -84.95 41.34
CA ALA DA 186 63.59 -85.75 41.99
C ALA DA 186 64.05 -86.29 43.34
N LYS DA 187 65.36 -86.39 43.56
CA LYS DA 187 65.89 -86.91 44.82
C LYS DA 187 66.49 -85.82 45.71
N THR DA 188 66.85 -84.67 45.14
CA THR DA 188 67.41 -83.56 45.91
C THR DA 188 66.36 -82.50 46.24
N LEU DA 189 65.09 -82.76 45.96
CA LEU DA 189 64.05 -81.78 46.24
C LEU DA 189 63.86 -81.58 47.74
N HIS DA 190 64.11 -82.61 48.55
CA HIS DA 190 63.96 -82.48 49.99
C HIS DA 190 65.08 -81.70 50.65
N LEU DA 191 66.16 -81.42 49.92
CA LEU DA 191 67.24 -80.62 50.48
C LEU DA 191 66.75 -79.20 50.72
N PRO DA 192 67.14 -78.55 51.81
CA PRO DA 192 66.63 -77.21 52.12
C PRO DA 192 67.07 -76.12 51.15
N VAL DA 193 67.87 -76.46 50.15
CA VAL DA 193 68.31 -75.46 49.16
C VAL DA 193 68.05 -76.01 47.77
N PRO DA 194 67.84 -75.14 46.79
CA PRO DA 194 67.72 -75.59 45.40
C PRO DA 194 69.09 -75.81 44.77
N THR DA 195 69.14 -76.77 43.85
CA THR DA 195 70.37 -77.15 43.19
C THR DA 195 70.31 -76.73 41.73
N GLN DA 196 71.47 -76.32 41.20
CA GLN DA 196 71.58 -75.84 39.83
C GLN DA 196 72.57 -76.72 39.07
N ILE DA 197 72.25 -76.98 37.80
CA ILE DA 197 73.07 -77.82 36.93
C ILE DA 197 73.68 -76.93 35.85
N VAL DA 198 75.00 -76.97 35.72
CA VAL DA 198 75.73 -76.07 34.83
C VAL DA 198 76.75 -76.88 34.05
N TRP DA 199 77.09 -76.40 32.86
CA TRP DA 199 78.03 -77.08 31.97
C TRP DA 199 79.28 -76.24 31.74
N PRO DA 200 80.41 -76.88 31.41
CA PRO DA 200 81.64 -76.10 31.18
C PRO DA 200 81.54 -75.10 30.05
N ASP DA 201 80.71 -75.35 29.04
CA ASP DA 201 80.54 -74.40 27.94
C ASP DA 201 79.97 -73.07 28.43
N THR DA 202 79.37 -73.05 29.62
CA THR DA 202 78.81 -71.81 30.15
C THR DA 202 79.88 -70.98 30.85
N TRP DA 203 80.48 -71.53 31.91
CA TRP DA 203 81.44 -70.75 32.68
C TRP DA 203 82.76 -70.57 31.92
N ASP DA 204 83.13 -71.53 31.09
CA ASP DA 204 84.38 -71.50 30.35
C ASP DA 204 84.08 -71.29 28.87
N ASP DA 205 84.67 -70.27 28.27
CA ASP DA 205 84.51 -70.01 26.84
C ASP DA 205 85.42 -70.88 25.98
N ALA DA 206 86.30 -71.67 26.59
CA ALA DA 206 87.21 -72.54 25.85
C ALA DA 206 86.78 -74.01 25.89
N ALA DA 207 86.37 -74.50 27.05
CA ALA DA 207 85.95 -75.90 27.16
C ALA DA 207 84.72 -76.16 26.32
N LYS DA 208 84.70 -77.31 25.66
CA LYS DA 208 83.63 -77.68 24.73
C LYS DA 208 83.10 -79.07 25.06
N ILE DA 209 81.84 -79.30 24.71
CA ILE DA 209 81.16 -80.56 24.98
C ILE DA 209 80.66 -81.14 23.65
N PRO DA 210 81.17 -82.28 23.20
CA PRO DA 210 80.57 -82.94 22.04
C PRO DA 210 79.22 -83.54 22.39
N ARG DA 211 78.39 -83.69 21.36
CA ARG DA 211 77.03 -84.17 21.56
C ARG DA 211 77.00 -85.70 21.68
N LYS DA 212 75.79 -86.22 21.90
CA LYS DA 212 75.63 -87.63 22.26
C LYS DA 212 75.65 -88.53 21.04
N ILE DA 213 74.67 -88.39 20.14
CA ILE DA 213 74.61 -89.25 18.97
C ILE DA 213 75.70 -88.86 17.97
N LYS DA 214 75.83 -87.56 17.70
CA LYS DA 214 76.88 -87.05 16.81
C LYS DA 214 78.09 -86.70 17.67
N ARG DA 215 78.89 -87.73 17.96
CA ARG DA 215 80.04 -87.56 18.85
C ARG DA 215 81.06 -86.60 18.26
N ASP DA 216 81.29 -86.68 16.95
CA ASP DA 216 82.31 -85.85 16.31
C ASP DA 216 81.90 -84.38 16.23
N SER DA 217 80.65 -84.04 16.52
CA SER DA 217 80.17 -82.67 16.38
C SER DA 217 80.17 -81.99 17.75
N ASN DA 218 80.58 -80.74 17.78
CA ASN DA 218 80.59 -79.95 19.01
C ASN DA 218 79.22 -79.30 19.22
N ARG DA 219 78.72 -79.36 20.45
CA ARG DA 219 77.44 -78.76 20.77
C ARG DA 219 77.52 -77.25 20.69
N GLN DA 220 76.79 -76.65 19.75
CA GLN DA 220 76.82 -75.20 19.59
C GLN DA 220 76.17 -74.53 20.80
N THR DA 221 76.79 -73.44 21.25
CA THR DA 221 76.37 -72.73 22.44
C THR DA 221 76.00 -71.29 22.09
N GLN DA 222 75.34 -70.62 23.02
CA GLN DA 222 74.95 -69.23 22.87
C GLN DA 222 76.08 -68.30 23.28
N VAL DA 223 75.91 -67.02 22.96
CA VAL DA 223 76.88 -66.01 23.36
C VAL DA 223 76.94 -65.91 24.87
N LYS DA 224 78.15 -65.69 25.40
CA LYS DA 224 78.33 -65.55 26.84
C LYS DA 224 77.55 -64.36 27.40
N ALA DA 225 77.23 -63.38 26.56
CA ALA DA 225 76.46 -62.22 27.01
C ALA DA 225 75.07 -62.64 27.49
N THR DA 226 74.27 -63.22 26.59
CA THR DA 226 72.96 -63.72 26.97
C THR DA 226 73.08 -64.83 28.00
N ARG DA 227 74.07 -65.71 27.84
CA ARG DA 227 74.29 -66.79 28.80
C ARG DA 227 74.53 -66.26 30.20
N ALA DA 228 75.19 -65.10 30.33
CA ALA DA 228 75.40 -64.51 31.64
C ALA DA 228 74.08 -64.13 32.30
N TRP DA 229 73.15 -63.53 31.53
CA TRP DA 229 71.87 -63.12 32.09
C TRP DA 229 71.05 -64.32 32.53
N ASN DA 230 70.87 -65.29 31.64
CA ASN DA 230 69.97 -66.42 31.93
C ASN DA 230 70.49 -67.25 33.10
N LEU DA 231 71.80 -67.48 33.14
CA LEU DA 231 72.38 -68.21 34.28
C LEU DA 231 72.20 -67.44 35.58
N LEU DA 232 72.47 -66.14 35.56
CA LEU DA 232 72.41 -65.35 36.80
C LEU DA 232 70.98 -65.04 37.19
N ASN DA 233 70.08 -64.87 36.21
CA ASN DA 233 68.67 -64.62 36.54
C ASN DA 233 68.07 -65.79 37.29
N ALA DA 234 68.29 -67.01 36.78
CA ALA DA 234 67.77 -68.19 37.47
C ALA DA 234 68.41 -68.35 38.84
N LEU DA 235 69.72 -68.15 38.94
CA LEU DA 235 70.40 -68.30 40.22
C LEU DA 235 69.88 -67.32 41.25
N PHE DA 236 69.63 -66.08 40.83
CA PHE DA 236 69.02 -65.10 41.73
C PHE DA 236 67.64 -65.55 42.19
N TYR DA 237 66.83 -66.07 41.26
CA TYR DA 237 65.53 -66.59 41.63
C TYR DA 237 65.65 -67.90 42.40
N LYS DA 238 66.67 -68.72 42.11
CA LYS DA 238 66.91 -69.92 42.91
C LYS DA 238 67.25 -69.57 44.35
N ALA DA 239 67.85 -68.40 44.57
CA ALA DA 239 68.17 -67.98 45.94
C ALA DA 239 66.91 -67.76 46.77
N GLY DA 240 65.81 -67.40 46.12
CA GLY DA 240 64.55 -67.25 46.84
C GLY DA 240 63.94 -65.86 46.73
N LYS DA 241 64.30 -65.13 45.67
CA LYS DA 241 63.78 -63.78 45.46
C LYS DA 241 63.19 -63.68 44.06
N VAL DA 242 62.09 -62.93 43.95
CA VAL DA 242 61.38 -62.76 42.69
C VAL DA 242 62.15 -61.78 41.81
N PRO DA 243 62.54 -62.17 40.59
CA PRO DA 243 63.28 -61.25 39.72
C PRO DA 243 62.44 -60.06 39.26
N TRP DA 244 61.25 -60.33 38.73
CA TRP DA 244 60.35 -59.28 38.28
C TRP DA 244 58.94 -59.82 38.24
N ARG DA 245 58.00 -58.96 37.85
CA ARG DA 245 56.58 -59.30 37.84
C ARG DA 245 55.88 -58.39 36.84
N LEU DA 246 54.70 -58.83 36.40
CA LEU DA 246 53.87 -58.02 35.53
C LEU DA 246 53.38 -56.78 36.28
N LEU DA 247 53.12 -55.71 35.52
CA LEU DA 247 52.54 -54.51 36.09
C LEU DA 247 51.02 -54.64 36.03
N PRO DA 248 50.36 -54.94 37.15
CA PRO DA 248 48.91 -55.19 37.10
C PRO DA 248 48.14 -53.92 36.79
N ASP DA 249 46.99 -54.11 36.13
CA ASP DA 249 46.09 -53.00 35.86
C ASP DA 249 45.46 -52.54 37.17
N GLN DA 250 45.27 -51.22 37.30
CA GLN DA 250 44.81 -50.68 38.57
C GLN DA 250 43.38 -51.13 38.89
N ALA DA 251 42.59 -51.42 37.87
CA ALA DA 251 41.23 -51.94 38.01
C ALA DA 251 41.19 -53.29 37.31
N GLU DA 252 41.58 -54.34 38.02
CA GLU DA 252 41.64 -55.68 37.48
C GLU DA 252 41.12 -56.66 38.52
N TYR DA 253 40.39 -57.67 38.05
CA TYR DA 253 39.88 -58.70 38.94
C TYR DA 253 41.03 -59.53 39.51
N ARG DA 254 40.82 -60.08 40.70
CA ARG DA 254 41.79 -60.98 41.31
C ARG DA 254 41.83 -62.26 40.50
N THR DA 255 42.85 -62.40 39.66
CA THR DA 255 42.95 -63.51 38.73
C THR DA 255 43.87 -64.58 39.27
N SER DA 256 43.40 -65.82 39.25
CA SER DA 256 44.19 -66.99 39.65
C SER DA 256 44.45 -67.83 38.41
N PHE DA 257 45.70 -67.83 37.94
CA PHE DA 257 46.08 -68.60 36.78
C PHE DA 257 46.53 -69.99 37.20
N LEU DA 258 45.90 -71.01 36.63
CA LEU DA 258 46.24 -72.40 36.93
C LEU DA 258 46.49 -73.14 35.62
N GLY DA 259 47.62 -73.82 35.53
CA GLY DA 259 48.00 -74.57 34.34
C GLY DA 259 47.87 -76.06 34.57
N ILE DA 260 47.49 -76.78 33.52
CA ILE DA 260 47.34 -78.23 33.55
C ILE DA 260 48.24 -78.84 32.49
N GLY DA 261 49.02 -79.84 32.86
CA GLY DA 261 49.91 -80.50 31.93
C GLY DA 261 50.07 -81.97 32.29
N PHE DA 262 50.29 -82.78 31.27
CA PHE DA 262 50.42 -84.23 31.43
C PHE DA 262 51.82 -84.67 31.02
N TYR DA 263 52.28 -85.77 31.62
CA TYR DA 263 53.59 -86.31 31.31
C TYR DA 263 53.51 -87.83 31.34
N ARG DA 264 54.39 -88.47 30.57
CA ARG DA 264 54.43 -89.93 30.55
C ARG DA 264 55.24 -90.46 31.72
N ASP DA 265 54.86 -91.64 32.19
CA ASP DA 265 55.52 -92.26 33.34
C ASP DA 265 56.84 -92.91 32.90
N LEU DA 266 57.57 -93.44 33.87
CA LEU DA 266 58.83 -94.11 33.56
C LEU DA 266 58.60 -95.34 32.69
N ASP DA 267 57.52 -96.08 32.97
CA ASP DA 267 57.17 -97.24 32.16
C ASP DA 267 56.75 -96.88 30.74
N GLY DA 268 56.51 -95.60 30.46
CA GLY DA 268 56.12 -95.18 29.14
C GLY DA 268 54.68 -95.46 28.77
N GLN DA 269 53.83 -95.75 29.74
CA GLN DA 269 52.43 -96.08 29.48
C GLN DA 269 51.47 -95.18 30.24
N GLN DA 270 51.79 -94.81 31.48
CA GLN DA 270 50.87 -94.03 32.28
C GLN DA 270 51.08 -92.53 32.06
N LEU DA 271 49.97 -91.80 32.09
CA LEU DA 271 49.98 -90.34 32.05
C LEU DA 271 49.57 -89.82 33.42
N TRP DA 272 50.32 -88.85 33.93
CA TRP DA 272 50.00 -88.18 35.19
C TRP DA 272 49.99 -86.68 34.94
N THR DA 273 49.14 -85.97 35.68
CA THR DA 273 48.93 -84.54 35.47
C THR DA 273 49.64 -83.73 36.54
N SER DA 274 50.38 -82.72 36.11
CA SER DA 274 51.06 -81.78 36.99
C SER DA 274 50.55 -80.37 36.70
N THR DA 275 50.52 -79.53 37.73
CA THR DA 275 49.90 -78.22 37.64
C THR DA 275 50.83 -77.13 38.16
N ALA DA 276 50.64 -75.93 37.64
CA ALA DA 276 51.36 -74.74 38.08
C ALA DA 276 50.36 -73.61 38.30
N GLN DA 277 50.63 -72.78 39.30
CA GLN DA 277 49.71 -71.71 39.69
C GLN DA 277 50.49 -70.42 39.89
N MET DA 278 49.77 -69.31 39.76
CA MET DA 278 50.36 -67.98 39.99
C MET DA 278 49.37 -67.13 40.78
N PHE DA 279 49.89 -66.36 41.71
CA PHE DA 279 49.12 -65.47 42.57
C PHE DA 279 49.64 -64.04 42.42
N ASP DA 280 49.13 -63.15 43.28
CA ASP DA 280 49.65 -61.80 43.40
C ASP DA 280 50.17 -61.50 44.79
N GLU DA 281 50.09 -62.45 45.72
CA GLU DA 281 50.64 -62.30 47.07
C GLU DA 281 50.13 -61.03 47.74
N ARG DA 282 48.81 -60.82 47.64
CA ARG DA 282 48.16 -59.64 48.21
C ARG DA 282 48.74 -58.35 47.63
N GLY DA 283 49.11 -58.39 46.34
CA GLY DA 283 49.64 -57.24 45.66
C GLY DA 283 51.12 -57.00 45.81
N ARG DA 284 51.82 -57.85 46.57
CA ARG DA 284 53.25 -57.62 46.78
C ARG DA 284 54.07 -58.18 45.62
N GLY DA 285 53.99 -59.48 45.38
CA GLY DA 285 54.79 -60.10 44.33
C GLY DA 285 54.08 -61.18 43.55
N LEU DA 286 54.84 -62.12 42.99
CA LEU DA 286 54.30 -63.24 42.24
C LEU DA 286 55.03 -64.51 42.66
N ILE DA 287 54.27 -65.55 42.98
CA ILE DA 287 54.84 -66.84 43.34
C ILE DA 287 54.25 -67.90 42.44
N LEU DA 288 55.01 -68.97 42.21
CA LEU DA 288 54.57 -70.10 41.41
C LEU DA 288 54.61 -71.36 42.25
N ARG DA 289 53.58 -72.19 42.12
CA ARG DA 289 53.45 -73.40 42.92
C ARG DA 289 53.24 -74.60 41.99
N GLY DA 290 54.26 -75.43 41.86
CA GLY DA 290 54.08 -76.71 41.22
C GLY DA 290 53.33 -77.69 42.12
N ALA DA 291 52.58 -78.58 41.49
CA ALA DA 291 51.75 -79.51 42.26
C ALA DA 291 51.59 -80.80 41.47
N ARG DA 292 51.12 -81.82 42.17
CA ARG DA 292 50.96 -83.17 41.64
C ARG DA 292 49.47 -83.51 41.57
N ALA DA 293 49.18 -84.70 41.08
CA ALA DA 293 47.82 -85.20 41.05
C ALA DA 293 47.52 -85.95 42.34
N GLN DA 294 46.52 -85.47 43.08
CA GLN DA 294 46.16 -86.12 44.35
C GLN DA 294 45.70 -87.55 44.12
N THR DA 295 44.90 -87.77 43.08
CA THR DA 295 44.42 -89.11 42.73
C THR DA 295 45.53 -89.93 42.10
N GLU DA 296 45.46 -91.24 42.31
CA GLU DA 296 46.37 -92.19 41.68
C GLU DA 296 45.73 -92.89 40.48
N THR DA 297 44.72 -92.26 39.87
CA THR DA 297 44.05 -92.82 38.70
C THR DA 297 45.03 -92.96 37.55
N ARG DA 298 45.26 -94.20 37.11
CA ARG DA 298 46.25 -94.52 36.10
C ARG DA 298 45.59 -94.72 34.74
N GLY DA 299 46.32 -94.37 33.69
CA GLY DA 299 45.82 -94.51 32.33
C GLY DA 299 46.68 -93.82 31.28
N ARG DA 300 46.59 -94.29 30.03
CA ARG DA 300 47.34 -93.68 28.94
C ARG DA 300 46.71 -92.38 28.44
N HIS DA 301 45.48 -92.07 28.85
CA HIS DA 301 44.63 -91.01 28.35
C HIS DA 301 44.88 -89.69 29.08
N PRO DA 302 44.88 -88.56 28.35
CA PRO DA 302 45.04 -87.24 28.95
C PRO DA 302 43.74 -86.59 29.43
N TYR DA 303 42.91 -87.38 30.11
CA TYR DA 303 41.70 -86.85 30.72
C TYR DA 303 41.95 -86.24 32.09
N LEU DA 304 40.95 -85.50 32.55
CA LEU DA 304 40.69 -85.26 33.97
C LEU DA 304 39.29 -85.78 34.24
N THR DA 305 39.18 -86.71 35.19
CA THR DA 305 37.90 -87.36 35.41
C THR DA 305 36.91 -86.39 36.07
N ALA DA 306 35.67 -86.85 36.23
CA ALA DA 306 34.62 -85.98 36.74
C ALA DA 306 34.92 -85.50 38.14
N LYS DA 307 35.41 -86.40 39.01
CA LYS DA 307 35.70 -86.03 40.38
C LYS DA 307 37.13 -85.53 40.58
N ASP DA 308 38.07 -85.97 39.74
CA ASP DA 308 39.44 -85.52 39.88
C ASP DA 308 39.63 -84.08 39.41
N ALA DA 309 38.70 -83.56 38.61
CA ALA DA 309 38.73 -82.14 38.28
C ALA DA 309 38.33 -81.29 39.48
N GLU DA 310 37.49 -81.82 40.37
CA GLU DA 310 37.13 -81.12 41.58
C GLU DA 310 38.36 -80.86 42.45
N ASP DA 311 39.01 -81.93 42.90
CA ASP DA 311 40.12 -81.80 43.83
C ASP DA 311 41.33 -81.12 43.19
N LEU DA 312 41.37 -81.01 41.86
CA LEU DA 312 42.52 -80.38 41.22
C LEU DA 312 42.54 -78.88 41.48
N VAL DA 313 41.39 -78.21 41.33
CA VAL DA 313 41.32 -76.78 41.56
C VAL DA 313 40.95 -76.43 43.00
N VAL DA 314 40.40 -77.37 43.77
CA VAL DA 314 40.17 -77.14 45.19
C VAL DA 314 41.51 -76.89 45.90
N GLN DA 315 42.51 -77.71 45.58
CA GLN DA 315 43.86 -77.44 46.08
C GLN DA 315 44.38 -76.11 45.56
N SER DA 316 44.08 -75.80 44.29
CA SER DA 316 44.48 -74.51 43.73
C SER DA 316 43.79 -73.35 44.44
N ILE DA 317 42.49 -73.50 44.72
CA ILE DA 317 41.75 -72.44 45.40
C ILE DA 317 42.24 -72.29 46.83
N ALA DA 318 42.44 -73.42 47.52
CA ALA DA 318 42.96 -73.37 48.88
C ALA DA 318 44.34 -72.73 48.93
N ALA DA 319 45.16 -72.97 47.90
CA ALA DA 319 46.46 -72.30 47.83
C ALA DA 319 46.29 -70.79 47.71
N TYR DA 320 45.33 -70.35 46.89
CA TYR DA 320 45.06 -68.92 46.79
C TYR DA 320 44.57 -68.35 48.11
N LYS DA 321 43.71 -69.11 48.81
CA LYS DA 321 43.18 -68.65 50.09
C LYS DA 321 44.28 -68.51 51.13
N ALA DA 322 45.38 -69.26 50.99
CA ALA DA 322 46.46 -69.18 51.96
C ALA DA 322 47.17 -67.83 51.89
N HIS DA 323 47.46 -67.35 50.68
CA HIS DA 323 48.23 -66.12 50.51
C HIS DA 323 47.35 -64.88 50.37
N HIS DA 324 46.06 -65.03 50.11
CA HIS DA 324 45.18 -63.89 49.90
C HIS DA 324 44.02 -63.80 50.90
N ARG DA 325 43.67 -64.89 51.57
CA ARG DA 325 42.60 -64.98 52.56
C ARG DA 325 41.21 -64.80 51.95
N HIS DA 326 41.10 -64.62 50.64
CA HIS DA 326 39.82 -64.50 49.98
C HIS DA 326 39.82 -65.36 48.72
N VAL DA 327 38.66 -65.96 48.42
CA VAL DA 327 38.53 -66.76 47.20
C VAL DA 327 38.71 -65.87 45.99
N PRO DA 328 39.50 -66.27 44.99
CA PRO DA 328 39.79 -65.36 43.87
C PRO DA 328 38.55 -65.06 43.05
N ALA DA 329 38.60 -63.91 42.36
CA ALA DA 329 37.47 -63.48 41.53
C ALA DA 329 37.43 -64.25 40.22
N ARG DA 330 38.48 -64.15 39.41
CA ARG DA 330 38.59 -64.89 38.15
C ARG DA 330 39.61 -66.00 38.31
N LEU DA 331 39.26 -67.19 37.84
CA LEU DA 331 40.13 -68.36 37.92
C LEU DA 331 40.28 -68.93 36.51
N VAL DA 332 41.38 -68.56 35.85
CA VAL DA 332 41.64 -68.99 34.48
C VAL DA 332 42.40 -70.31 34.54
N VAL DA 333 41.83 -71.34 33.91
CA VAL DA 333 42.43 -72.67 33.90
C VAL DA 333 43.17 -72.80 32.58
N LEU DA 334 44.50 -72.71 32.64
CA LEU DA 334 45.31 -72.98 31.46
C LEU DA 334 45.26 -74.46 31.13
N LYS DA 335 45.14 -74.76 29.84
CA LYS DA 335 44.81 -76.12 29.42
C LYS DA 335 45.76 -76.55 28.31
N THR DA 336 46.25 -77.78 28.39
CA THR DA 336 47.20 -78.32 27.42
C THR DA 336 46.57 -79.25 26.39
N SER DA 337 45.28 -79.58 26.54
CA SER DA 337 44.62 -80.46 25.59
C SER DA 337 43.15 -80.06 25.50
N ARG DA 338 42.51 -80.49 24.42
CA ARG DA 338 41.09 -80.20 24.23
C ARG DA 338 40.28 -81.05 25.21
N PHE DA 339 39.99 -80.50 26.38
CA PHE DA 339 39.36 -81.26 27.44
C PHE DA 339 37.88 -81.45 27.14
N ARG DA 340 37.38 -82.65 27.42
CA ARG DA 340 36.04 -83.06 27.05
C ARG DA 340 35.02 -82.37 27.98
N SER DA 341 33.75 -82.76 27.84
CA SER DA 341 32.69 -82.15 28.64
C SER DA 341 32.69 -82.66 30.07
N GLU DA 342 32.98 -83.96 30.27
CA GLU DA 342 32.80 -84.57 31.58
C GLU DA 342 33.67 -83.94 32.65
N GLU DA 343 34.76 -83.27 32.27
CA GLU DA 343 35.57 -82.54 33.24
C GLU DA 343 35.16 -81.09 33.39
N ALA DA 344 34.42 -80.53 32.43
CA ALA DA 344 33.99 -79.15 32.53
C ALA DA 344 33.09 -78.95 33.76
N GLU DA 345 32.14 -79.85 33.97
CA GLU DA 345 31.34 -79.80 35.20
C GLU DA 345 32.17 -80.15 36.42
N GLY DA 346 33.32 -80.80 36.24
CA GLY DA 346 34.22 -81.02 37.36
C GLY DA 346 34.76 -79.72 37.92
N ILE DA 347 35.20 -78.83 37.04
CA ILE DA 347 35.59 -77.49 37.47
C ILE DA 347 34.38 -76.73 37.98
N ASP DA 348 33.26 -76.80 37.25
CA ASP DA 348 32.09 -75.99 37.59
C ASP DA 348 31.55 -76.33 38.97
N ALA DA 349 31.49 -77.62 39.31
CA ALA DA 349 31.02 -78.00 40.63
C ALA DA 349 31.97 -77.54 41.72
N ALA DA 350 33.28 -77.60 41.46
CA ALA DA 350 34.26 -77.13 42.43
C ALA DA 350 34.14 -75.63 42.65
N LEU DA 351 33.93 -74.86 41.57
CA LEU DA 351 33.74 -73.42 41.73
C LEU DA 351 32.46 -73.12 42.50
N GLY DA 352 31.39 -73.88 42.24
CA GLY DA 352 30.16 -73.67 42.99
C GLY DA 352 30.34 -73.89 44.48
N LYS DA 353 31.12 -74.92 44.85
CA LYS DA 353 31.42 -75.15 46.25
C LYS DA 353 32.22 -74.01 46.85
N SER DA 354 33.18 -73.48 46.09
CA SER DA 354 34.08 -72.44 46.58
C SER DA 354 33.57 -71.03 46.33
N GLY DA 355 32.47 -70.86 45.60
CA GLY DA 355 31.92 -69.54 45.35
C GLY DA 355 32.64 -68.72 44.31
N ILE DA 356 33.44 -69.34 43.44
CA ILE DA 356 34.11 -68.60 42.38
C ILE DA 356 33.07 -67.97 41.46
N GLU DA 357 33.28 -66.70 41.12
CA GLU DA 357 32.33 -65.96 40.30
C GLU DA 357 32.58 -66.15 38.80
N MET DA 358 33.80 -65.89 38.35
CA MET DA 358 34.16 -65.99 36.94
C MET DA 358 35.32 -66.94 36.76
N SER DA 359 35.34 -67.62 35.62
CA SER DA 359 36.42 -68.54 35.30
C SER DA 359 36.49 -68.72 33.78
N ASP DA 360 37.68 -69.05 33.31
CA ASP DA 360 37.92 -69.31 31.89
C ASP DA 360 38.60 -70.66 31.72
N LEU DA 361 38.13 -71.43 30.74
CA LEU DA 361 38.66 -72.76 30.43
C LEU DA 361 39.07 -72.75 28.97
N VAL DA 362 40.33 -72.37 28.71
CA VAL DA 362 40.84 -72.18 27.35
C VAL DA 362 41.99 -73.13 27.13
N TRP DA 363 41.96 -73.84 26.00
CA TRP DA 363 43.01 -74.79 25.65
C TRP DA 363 44.02 -74.13 24.73
N VAL DA 364 45.30 -74.28 25.05
CA VAL DA 364 46.38 -73.78 24.22
C VAL DA 364 46.86 -74.91 23.32
N GLN DA 365 46.71 -74.73 22.02
CA GLN DA 365 47.07 -75.74 21.04
C GLN DA 365 48.46 -75.41 20.48
N GLU DA 366 49.46 -76.20 20.88
CA GLU DA 366 50.81 -75.99 20.37
C GLU DA 366 50.92 -76.35 18.90
N SER DA 367 50.20 -77.38 18.47
CA SER DA 367 50.25 -77.88 17.09
C SER DA 367 49.00 -77.43 16.35
N SER DA 368 49.14 -76.39 15.52
CA SER DA 368 48.03 -75.87 14.76
C SER DA 368 48.46 -75.51 13.35
N PRO DA 369 47.82 -76.09 12.32
CA PRO DA 369 48.21 -75.77 10.94
C PRO DA 369 47.93 -74.32 10.55
N ILE DA 370 47.05 -73.62 11.27
CA ILE DA 370 46.64 -72.29 10.86
C ILE DA 370 47.74 -71.29 11.20
N ALA DA 371 48.06 -70.43 10.23
CA ALA DA 371 49.06 -69.38 10.41
C ALA DA 371 48.81 -68.30 9.38
N ILE DA 372 49.55 -67.19 9.51
CA ILE DA 372 49.50 -66.12 8.52
C ILE DA 372 50.92 -65.67 8.24
N PHE DA 373 51.11 -65.08 7.06
CA PHE DA 373 52.41 -64.61 6.62
C PHE DA 373 52.26 -63.24 5.97
N ARG DA 374 53.33 -62.46 6.01
CA ARG DA 374 53.33 -61.08 5.55
C ARG DA 374 54.29 -60.91 4.38
N ASP DA 375 54.48 -59.66 3.97
CA ASP DA 375 55.39 -59.31 2.90
C ASP DA 375 56.69 -58.77 3.51
N GLY DA 376 57.82 -59.33 3.11
CA GLY DA 376 59.10 -59.02 3.69
C GLY DA 376 59.87 -60.29 4.05
N ASN DA 377 61.05 -60.06 4.63
CA ASN DA 377 61.91 -61.15 5.04
C ASN DA 377 61.80 -61.46 6.53
N TYR DA 378 60.83 -60.88 7.22
CA TYR DA 378 60.66 -61.08 8.65
C TYR DA 378 59.24 -61.54 8.95
N PRO DA 379 59.03 -62.31 10.02
CA PRO DA 379 57.67 -62.71 10.39
C PRO DA 379 56.88 -61.55 10.99
N VAL DA 380 55.62 -61.80 11.34
CA VAL DA 380 54.75 -60.77 11.88
C VAL DA 380 55.16 -60.45 13.32
N LEU DA 381 54.60 -59.37 13.85
CA LEU DA 381 55.02 -58.87 15.16
C LEU DA 381 54.61 -59.84 16.26
N ARG DA 382 55.29 -59.72 17.40
CA ARG DA 382 54.83 -60.38 18.61
C ARG DA 382 53.66 -59.62 19.18
N GLY DA 383 52.57 -60.33 19.49
CA GLY DA 383 51.37 -59.72 20.00
C GLY DA 383 50.23 -59.59 19.01
N THR DA 384 50.38 -60.09 17.79
CA THR DA 384 49.32 -60.07 16.80
C THR DA 384 48.37 -61.23 17.05
N PHE DA 385 47.07 -60.95 17.01
CA PHE DA 385 46.03 -61.93 17.29
C PHE DA 385 44.94 -61.83 16.26
N VAL DA 386 44.40 -62.98 15.87
CA VAL DA 386 43.28 -63.05 14.94
C VAL DA 386 42.26 -64.05 15.47
N ASP DA 387 40.99 -63.67 15.44
CA ASP DA 387 39.91 -64.51 15.97
C ASP DA 387 39.34 -65.36 14.83
N LEU DA 388 39.20 -66.66 15.09
CA LEU DA 388 38.67 -67.61 14.12
C LEU DA 388 37.51 -68.34 14.78
N ASP DA 389 36.32 -67.73 14.73
CA ASP DA 389 35.09 -68.29 15.31
C ASP DA 389 35.33 -68.78 16.73
N GLY DA 390 35.66 -67.83 17.59
CA GLY DA 390 35.94 -68.14 18.99
C GLY DA 390 37.36 -68.58 19.22
N LYS DA 391 37.82 -69.59 18.48
CA LYS DA 391 39.21 -70.01 18.58
C LYS DA 391 40.12 -68.94 18.00
N GLY DA 392 41.16 -68.59 18.73
CA GLY DA 392 42.02 -67.48 18.36
C GLY DA 392 43.46 -67.89 18.17
N LEU DA 393 44.11 -67.30 17.17
CA LEU DA 393 45.52 -67.54 16.90
C LEU DA 393 46.36 -66.47 17.59
N LEU DA 394 47.30 -66.91 18.42
CA LEU DA 394 48.17 -66.00 19.16
C LEU DA 394 49.59 -66.15 18.65
N TYR DA 395 50.21 -65.03 18.30
CA TYR DA 395 51.59 -65.00 17.81
C TYR DA 395 52.47 -64.48 18.94
N THR DA 396 52.89 -65.40 19.81
CA THR DA 396 53.76 -65.03 20.92
C THR DA 396 55.17 -64.75 20.42
N ARG DA 397 55.82 -65.75 19.84
CA ARG DA 397 57.14 -65.54 19.26
C ARG DA 397 57.02 -64.80 17.94
N GLY DA 398 57.90 -63.83 17.73
CA GLY DA 398 57.85 -63.04 16.51
C GLY DA 398 58.82 -61.88 16.60
N SER DA 399 58.74 -61.02 15.58
CA SER DA 399 59.62 -59.87 15.52
C SER DA 399 59.34 -58.92 16.68
N VAL DA 400 60.41 -58.50 17.35
CA VAL DA 400 60.32 -57.60 18.50
C VAL DA 400 60.85 -56.24 18.08
N PRO DA 401 59.99 -55.20 18.00
CA PRO DA 401 60.49 -53.88 17.63
C PRO DA 401 61.56 -53.35 18.55
N PHE DA 402 61.47 -53.62 19.86
CA PHE DA 402 62.51 -53.21 20.78
C PHE DA 402 63.83 -53.91 20.48
N TYR DA 403 63.78 -55.22 20.27
CA TYR DA 403 64.98 -55.98 19.94
C TYR DA 403 65.56 -55.58 18.58
N GLY DA 404 64.72 -55.09 17.67
CA GLY DA 404 65.16 -54.64 16.37
C GLY DA 404 65.16 -55.71 15.29
N THR DA 405 65.10 -56.99 15.66
CA THR DA 405 65.03 -58.09 14.69
C THR DA 405 64.09 -59.14 15.23
N PHE DA 406 64.14 -60.32 14.61
CA PHE DA 406 63.32 -61.46 15.02
C PHE DA 406 64.19 -62.48 15.74
N PRO DA 407 63.96 -62.73 17.04
CA PRO DA 407 64.77 -63.71 17.79
C PRO DA 407 64.26 -65.14 17.61
N GLY DA 408 64.41 -65.67 16.42
CA GLY DA 408 63.92 -67.02 16.13
C GLY DA 408 64.64 -67.64 14.96
N LEU DA 409 64.67 -68.98 14.94
CA LEU DA 409 65.29 -69.69 13.84
C LEU DA 409 64.53 -69.48 12.54
N ARG DA 410 63.19 -69.48 12.61
CA ARG DA 410 62.35 -69.31 11.43
C ARG DA 410 60.99 -68.85 11.92
N VAL DA 411 60.04 -68.72 10.98
CA VAL DA 411 58.69 -68.30 11.36
C VAL DA 411 58.10 -69.30 12.35
N PRO DA 412 57.56 -68.85 13.47
CA PRO DA 412 57.14 -69.78 14.52
C PRO DA 412 55.78 -70.41 14.26
N ARG DA 413 55.32 -71.24 15.18
CA ARG DA 413 54.00 -71.84 15.09
C ARG DA 413 53.08 -71.11 16.06
N PRO DA 414 52.13 -70.31 15.59
CA PRO DA 414 51.30 -69.54 16.50
C PRO DA 414 50.45 -70.43 17.40
N LEU DA 415 50.25 -69.98 18.64
CA LEU DA 415 49.40 -70.71 19.56
C LEU DA 415 47.94 -70.54 19.17
N LEU DA 416 47.18 -71.63 19.31
CA LEU DA 416 45.74 -71.61 19.08
C LEU DA 416 45.03 -71.74 20.42
N LEU DA 417 44.22 -70.74 20.76
CA LEU DA 417 43.47 -70.73 22.01
C LEU DA 417 42.07 -71.28 21.72
N VAL DA 418 41.73 -72.41 22.34
CA VAL DA 418 40.41 -72.99 22.16
C VAL DA 418 39.68 -72.86 23.49
N PRO DA 419 38.73 -71.93 23.60
CA PRO DA 419 37.99 -71.77 24.85
C PRO DA 419 36.83 -72.74 24.91
N HIS DA 420 36.72 -73.45 26.03
CA HIS DA 420 35.52 -74.25 26.29
C HIS DA 420 34.32 -73.31 26.40
N GLU DA 421 33.16 -73.80 25.96
CA GLU DA 421 31.98 -72.93 25.94
C GLU DA 421 31.56 -72.48 27.33
N ASN DA 422 32.06 -73.13 28.38
CA ASN DA 422 31.85 -72.66 29.75
C ASN DA 422 32.97 -71.72 30.19
N SER DA 423 33.22 -70.68 29.40
CA SER DA 423 34.24 -69.68 29.70
C SER DA 423 33.60 -68.30 29.71
N ASP DA 424 34.00 -67.47 30.68
CA ASP DA 424 33.40 -66.16 30.85
C ASP DA 424 34.03 -65.12 29.93
N SER DA 425 35.33 -64.90 30.07
CA SER DA 425 36.00 -63.84 29.34
C SER DA 425 36.03 -64.12 27.84
N THR DA 426 36.08 -63.05 27.05
CA THR DA 426 36.17 -63.18 25.61
C THR DA 426 37.56 -63.64 25.20
N ILE DA 427 37.66 -64.12 23.97
CA ILE DA 427 38.93 -64.66 23.48
C ILE DA 427 39.99 -63.57 23.37
N LEU DA 428 39.58 -62.36 23.00
CA LEU DA 428 40.54 -61.26 22.87
C LEU DA 428 41.18 -60.93 24.20
N THR DA 429 40.37 -60.86 25.27
CA THR DA 429 40.93 -60.65 26.60
C THR DA 429 41.75 -61.85 27.05
N LEU DA 430 41.28 -63.07 26.75
CA LEU DA 430 42.00 -64.27 27.11
C LEU DA 430 43.36 -64.33 26.44
N ALA DA 431 43.42 -63.99 25.15
CA ALA DA 431 44.69 -63.97 24.44
C ALA DA 431 45.61 -62.89 24.99
N LYS DA 432 45.04 -61.74 25.38
CA LYS DA 432 45.85 -60.67 25.95
C LYS DA 432 46.52 -61.11 27.25
N ASP DA 433 45.81 -61.89 28.07
CA ASP DA 433 46.40 -62.36 29.33
C ASP DA 433 47.33 -63.54 29.09
N VAL DA 434 46.99 -64.44 28.16
CA VAL DA 434 47.86 -65.57 27.86
C VAL DA 434 49.20 -65.09 27.31
N LEU DA 435 49.16 -64.11 26.40
CA LEU DA 435 50.40 -63.54 25.89
C LEU DA 435 51.16 -62.82 27.00
N ALA DA 436 50.44 -62.12 27.89
CA ALA DA 436 51.09 -61.45 29.00
C ALA DA 436 51.74 -62.44 29.98
N LEU DA 437 51.33 -63.70 29.95
CA LEU DA 437 51.87 -64.71 30.83
C LEU DA 437 53.21 -65.26 30.34
N THR DA 438 53.60 -64.96 29.11
CA THR DA 438 54.87 -65.46 28.58
C THR DA 438 56.07 -64.71 29.15
N LYS DA 439 55.91 -63.41 29.41
CA LYS DA 439 57.01 -62.55 29.84
C LYS DA 439 57.26 -62.60 31.34
N VAL DA 440 56.76 -63.63 32.04
CA VAL DA 440 56.97 -63.76 33.47
C VAL DA 440 57.82 -64.98 33.81
N ASN DA 441 58.21 -65.76 32.82
CA ASN DA 441 59.09 -66.90 33.03
C ASN DA 441 60.51 -66.38 33.24
N TRP DA 442 61.07 -66.63 34.42
CA TRP DA 442 62.36 -66.10 34.79
C TRP DA 442 63.53 -67.02 34.43
N ASN DA 443 63.25 -68.24 34.01
CA ASN DA 443 64.32 -69.11 33.52
C ASN DA 443 64.90 -68.62 32.20
N THR DA 444 64.16 -67.77 31.48
CA THR DA 444 64.62 -67.19 30.23
C THR DA 444 64.39 -65.70 30.26
N THR DA 445 65.44 -64.93 29.98
CA THR DA 445 65.35 -63.47 29.93
C THR DA 445 65.30 -62.96 28.49
N GLN DA 446 65.07 -63.84 27.51
CA GLN DA 446 65.06 -63.46 26.11
C GLN DA 446 63.79 -62.75 25.69
N PHE DA 447 62.80 -62.63 26.57
CA PHE DA 447 61.63 -61.77 26.43
C PHE DA 447 60.64 -62.33 25.41
N ASP DA 448 61.02 -63.31 24.60
CA ASP DA 448 60.22 -63.75 23.47
C ASP DA 448 59.93 -65.24 23.56
N GLN DA 449 59.44 -65.67 24.71
CA GLN DA 449 59.04 -67.07 24.88
C GLN DA 449 57.81 -67.37 24.03
N LYS DA 450 57.44 -68.65 23.98
CA LYS DA 450 56.27 -69.09 23.22
C LYS DA 450 55.16 -69.58 24.13
N LEU DA 451 55.43 -70.56 24.97
CA LEU DA 451 54.41 -71.07 25.88
C LEU DA 451 54.36 -70.22 27.14
N PRO DA 452 53.17 -69.79 27.57
CA PRO DA 452 53.07 -68.98 28.80
C PRO DA 452 53.49 -69.80 30.02
N ALA DA 453 53.77 -69.05 31.10
CA ALA DA 453 54.32 -69.68 32.30
C ALA DA 453 53.42 -70.75 32.91
N PRO DA 454 52.11 -70.53 33.13
CA PRO DA 454 51.33 -71.56 33.83
C PRO DA 454 51.30 -72.91 33.13
N ILE DA 455 51.30 -72.94 31.80
CA ILE DA 455 51.30 -74.21 31.09
C ILE DA 455 52.71 -74.77 30.95
N LYS DA 456 53.71 -73.90 30.77
CA LYS DA 456 55.09 -74.37 30.65
C LYS DA 456 55.59 -74.91 31.98
N ALA DA 457 55.35 -74.19 33.07
CA ALA DA 457 55.82 -74.64 34.37
C ALA DA 457 55.17 -75.95 34.80
N ALA DA 458 54.00 -76.27 34.24
CA ALA DA 458 53.42 -77.59 34.49
C ALA DA 458 54.30 -78.70 33.94
N ARG DA 459 54.86 -78.49 32.75
CA ARG DA 459 55.82 -79.45 32.20
C ARG DA 459 57.12 -79.46 33.01
N GLU DA 460 57.61 -78.28 33.37
CA GLU DA 460 58.88 -78.19 34.09
C GLU DA 460 58.79 -78.87 35.45
N VAL DA 461 57.72 -78.60 36.19
CA VAL DA 461 57.52 -79.30 37.46
C VAL DA 461 57.22 -80.78 37.20
N GLY DA 462 56.52 -81.08 36.11
CA GLY DA 462 56.08 -82.44 35.88
C GLY DA 462 57.21 -83.41 35.60
N ARG DA 463 58.21 -82.97 34.84
CA ARG DA 463 59.30 -83.87 34.45
C ARG DA 463 60.07 -84.35 35.68
N ILE DA 464 60.27 -83.46 36.65
CA ILE DA 464 60.93 -83.86 37.90
C ILE DA 464 60.07 -84.85 38.67
N LEU DA 465 58.74 -84.70 38.59
CA LEU DA 465 57.81 -85.56 39.30
C LEU DA 465 57.80 -86.99 38.77
N LYS DA 466 58.45 -87.26 37.64
CA LYS DA 466 58.45 -88.61 37.08
C LYS DA 466 58.99 -89.63 38.08
N HIS DA 467 60.20 -89.39 38.60
CA HIS DA 467 60.82 -90.34 39.52
C HIS DA 467 60.28 -90.22 40.94
N VAL DA 468 59.64 -89.11 41.28
CA VAL DA 468 59.08 -88.95 42.62
C VAL DA 468 57.86 -89.86 42.74
N GLU DA 469 57.98 -90.89 43.58
CA GLU DA 469 56.88 -91.83 43.75
C GLU DA 469 55.68 -91.13 44.37
N PHE DA 470 54.49 -91.44 43.87
CA PHE DA 470 53.28 -90.79 44.33
C PHE DA 470 52.96 -91.21 45.76
N GLY DA 471 52.34 -90.29 46.49
CA GLY DA 471 52.09 -90.47 47.91
C GLY DA 471 53.14 -89.84 48.81
N THR DA 472 54.21 -89.29 48.25
CA THR DA 472 55.27 -88.65 49.02
C THR DA 472 55.15 -87.14 48.90
N ALA DA 473 55.16 -86.46 50.05
CA ALA DA 473 55.07 -85.01 50.06
C ALA DA 473 56.30 -84.40 49.41
N VAL DA 474 56.08 -83.29 48.71
CA VAL DA 474 57.12 -82.60 47.96
C VAL DA 474 57.14 -81.13 48.38
N SER DA 475 58.04 -80.37 47.76
CA SER DA 475 58.14 -78.93 47.98
C SER DA 475 57.42 -78.22 46.83
N SER DA 476 56.34 -77.51 47.15
CA SER DA 476 55.52 -76.86 46.13
C SER DA 476 56.23 -75.68 45.49
N ASP DA 477 57.35 -75.23 46.04
CA ASP DA 477 58.06 -74.09 45.46
C ASP DA 477 58.58 -74.44 44.06
N PHE DA 478 58.44 -73.48 43.14
CA PHE DA 478 58.88 -73.69 41.77
C PHE DA 478 60.40 -73.58 41.61
N ARG DA 479 61.09 -73.01 42.59
CA ARG DA 479 62.54 -72.89 42.51
C ARG DA 479 63.21 -74.26 42.41
N ARG DA 480 62.66 -75.27 43.08
CA ARG DA 480 63.19 -76.63 43.02
C ARG DA 480 62.81 -77.37 41.75
N TYR DA 481 62.19 -76.68 40.78
CA TYR DA 481 61.85 -77.28 39.51
C TYR DA 481 62.25 -76.42 38.31
N THR DA 482 62.90 -75.28 38.53
CA THR DA 482 63.29 -74.40 37.43
C THR DA 482 64.45 -74.98 36.64
CA CA IA . 20.53 -8.66 -32.56
CA CA JA . 23.61 -6.01 -35.57
CA CA KA . -8.46 42.52 -31.62
CA CA LA . 7.75 14.40 20.05
CA CA MA . -44.47 45.89 -24.09
CA CA NA . -36.68 47.70 -84.56
CA CA OA . 16.40 -20.54 -29.28
CA CA PA . 13.69 -46.67 23.79
CA CA QA . -23.90 -1.10 8.82
CA CA RA . 26.96 -31.49 54.84
CA CA SA . 67.97 -72.70 34.11
CA CA TA . 16.72 -25.21 -30.39
#